data_5VEU
#
_entry.id   5VEU
#
_cell.length_a   148.988
_cell.length_b   198.384
_cell.length_c   234.881
_cell.angle_alpha   90.00
_cell.angle_beta   90.00
_cell.angle_gamma   90.00
#
_symmetry.space_group_name_H-M   'P 21 21 21'
#
loop_
_entity.id
_entity.type
_entity.pdbx_description
1 polymer 'Cytochrome P450 3A5'
2 non-polymer 'PROTOPORPHYRIN IX CONTAINING FE'
3 non-polymer RITONAVIR
#
_entity_poly.entity_id   1
_entity_poly.type   'polypeptide(L)'
_entity_poly.pdbx_seq_one_letter_code
;MALYGTRTHGLFKRLGIPGPTPLPLLGNVLSYRQGLWKFDTECYKKYGKMWGTYEGQLPVLAITDPDVIRTVLVKECYSV
FTNRRSLGPVGFMKSAISLAEDEEWKRIRSLLSPTFTSGKLKEMFPIIAQYGDVLVRNLRREAEKGKPVTLKDIFGAYSM
DVITGTSFGVNIDSLNNPQDPFVESTKKFLKFGFLDPLFLSIILFPFLTPVFEALNVSLFPKDTINFLSKSVNRMKKSRL
NDKQKHRLDFLQLMIDSQNSKETESHKALSDLELAAQSIIFIFAGYETTSSVLSFTLYELATHPDVQQKLQKEIDAVLPN
KAPPTYDAVVQMEYLDMVVNETLRLFPVAIRLERTCKKDVEINGVFIPKGSMVVIPTYALHHDPKYWTEPEEFRPERFSK
KKDSIDPYIYTPFGTGPRNCIGMRFALMNMKLALIRVLQNFSFKPCKETQIPLKLDTQGLLQPEKPIVLKVDSRDGHHHH
;
_entity_poly.pdbx_strand_id   A,B,C,D,E,F,G,H,I,J,K,L
#
# COMPACT_ATOMS: atom_id res chain seq x y z
N THR A 6 9.18 -33.85 -19.38
CA THR A 6 8.50 -33.15 -20.47
C THR A 6 7.42 -32.22 -19.90
N ARG A 7 7.20 -32.33 -18.59
CA ARG A 7 6.17 -31.53 -17.94
C ARG A 7 6.52 -30.05 -17.96
N THR A 8 7.74 -29.70 -17.57
CA THR A 8 8.18 -28.31 -17.53
C THR A 8 8.99 -27.90 -18.76
N HIS A 9 9.13 -28.77 -19.75
CA HIS A 9 9.98 -28.48 -20.90
C HIS A 9 9.40 -27.46 -21.87
N GLY A 10 8.35 -26.73 -21.49
CA GLY A 10 7.84 -25.66 -22.32
C GLY A 10 7.85 -24.33 -21.60
N LEU A 11 8.53 -24.27 -20.45
CA LEU A 11 8.49 -23.07 -19.63
C LEU A 11 9.25 -21.92 -20.27
N PHE A 12 10.41 -22.20 -20.86
CA PHE A 12 11.22 -21.12 -21.39
C PHE A 12 10.71 -20.61 -22.74
N LYS A 13 10.18 -21.51 -23.58
CA LYS A 13 9.49 -21.05 -24.77
C LYS A 13 8.24 -20.26 -24.40
N ARG A 14 7.62 -20.61 -23.27
CA ARG A 14 6.45 -19.90 -22.79
C ARG A 14 6.77 -18.45 -22.41
N LEU A 15 8.03 -18.18 -22.05
CA LEU A 15 8.46 -16.86 -21.64
C LEU A 15 9.30 -16.14 -22.69
N GLY A 16 9.42 -16.72 -23.88
CA GLY A 16 10.23 -16.11 -24.91
C GLY A 16 11.71 -16.06 -24.60
N ILE A 17 12.20 -17.01 -23.83
CA ILE A 17 13.61 -17.07 -23.44
C ILE A 17 14.32 -18.09 -24.31
N PRO A 18 15.48 -17.77 -24.90
CA PRO A 18 16.18 -18.73 -25.76
C PRO A 18 16.73 -19.90 -24.98
N GLY A 19 17.37 -20.85 -25.66
CA GLY A 19 18.00 -21.96 -25.00
C GLY A 19 17.95 -23.22 -25.83
N PRO A 20 18.80 -24.20 -25.48
CA PRO A 20 18.83 -25.45 -26.25
C PRO A 20 17.56 -26.26 -26.04
N THR A 21 17.20 -27.03 -27.05
CA THR A 21 16.00 -27.86 -26.98
C THR A 21 16.24 -29.03 -26.03
N PRO A 22 15.43 -29.18 -24.99
CA PRO A 22 15.68 -30.22 -23.99
C PRO A 22 15.20 -31.60 -24.45
N LEU A 23 15.99 -32.62 -24.12
CA LEU A 23 15.60 -33.99 -24.39
C LEU A 23 14.53 -34.41 -23.38
N PRO A 24 13.58 -35.26 -23.81
CA PRO A 24 12.37 -35.50 -22.99
C PRO A 24 12.62 -35.88 -21.54
N LEU A 25 13.48 -36.85 -21.28
CA LEU A 25 13.70 -37.27 -19.91
C LEU A 25 14.88 -36.57 -19.26
N LEU A 26 15.91 -36.26 -20.04
CA LEU A 26 17.17 -35.77 -19.49
C LEU A 26 17.26 -34.26 -19.46
N GLY A 27 16.43 -33.56 -20.22
CA GLY A 27 16.60 -32.12 -20.36
C GLY A 27 17.85 -31.83 -21.17
N ASN A 28 18.74 -31.01 -20.61
CA ASN A 28 19.98 -30.65 -21.27
C ASN A 28 21.20 -31.28 -20.61
N VAL A 29 21.00 -32.18 -19.64
CA VAL A 29 22.12 -32.75 -18.89
C VAL A 29 23.07 -33.50 -19.81
N LEU A 30 22.57 -34.03 -20.93
CA LEU A 30 23.44 -34.74 -21.86
C LEU A 30 24.49 -33.81 -22.45
N SER A 31 24.25 -32.50 -22.46
CA SER A 31 25.22 -31.54 -22.96
C SER A 31 26.30 -31.21 -21.93
N TYR A 32 26.20 -31.73 -20.71
CA TYR A 32 27.26 -31.55 -19.71
C TYR A 32 28.46 -32.42 -19.96
N ARG A 33 28.39 -33.34 -20.94
CA ARG A 33 29.46 -34.31 -21.14
C ARG A 33 30.78 -33.64 -21.46
N GLN A 34 30.74 -32.49 -22.15
CA GLN A 34 31.95 -31.76 -22.49
C GLN A 34 32.52 -31.03 -21.29
N GLY A 35 31.71 -30.82 -20.26
CA GLY A 35 32.10 -30.08 -19.07
C GLY A 35 31.05 -28.99 -18.92
N LEU A 36 30.64 -28.76 -17.67
CA LEU A 36 29.67 -27.72 -17.39
C LEU A 36 30.20 -26.34 -17.75
N TRP A 37 31.53 -26.15 -17.65
CA TRP A 37 32.15 -24.90 -18.09
C TRP A 37 32.00 -24.72 -19.60
N LYS A 38 32.16 -25.79 -20.36
CA LYS A 38 32.09 -25.69 -21.82
C LYS A 38 30.66 -25.45 -22.29
N PHE A 39 29.69 -26.07 -21.61
CA PHE A 39 28.29 -25.88 -21.98
C PHE A 39 27.84 -24.45 -21.73
N ASP A 40 28.28 -23.85 -20.62
CA ASP A 40 27.94 -22.44 -20.36
C ASP A 40 28.62 -21.50 -21.35
N THR A 41 29.84 -21.84 -21.79
CA THR A 41 30.52 -21.02 -22.77
C THR A 41 29.81 -21.08 -24.13
N GLU A 42 29.50 -22.30 -24.60
CA GLU A 42 28.80 -22.44 -25.88
C GLU A 42 27.43 -21.77 -25.83
N CYS A 43 26.70 -21.93 -24.72
CA CYS A 43 25.40 -21.27 -24.62
C CYS A 43 25.52 -19.77 -24.56
N TYR A 44 26.60 -19.25 -23.95
CA TYR A 44 26.77 -17.80 -23.87
C TYR A 44 27.02 -17.20 -25.25
N LYS A 45 27.85 -17.87 -26.06
CA LYS A 45 28.11 -17.38 -27.40
C LYS A 45 26.91 -17.58 -28.31
N LYS A 46 26.21 -18.71 -28.16
CA LYS A 46 25.08 -19.00 -29.05
C LYS A 46 23.87 -18.12 -28.72
N TYR A 47 23.49 -18.06 -27.45
CA TYR A 47 22.33 -17.29 -27.02
C TYR A 47 22.78 -15.95 -26.43
N GLY A 48 21.80 -15.12 -26.08
CA GLY A 48 22.11 -13.77 -25.66
C GLY A 48 22.66 -13.63 -24.25
N LYS A 49 22.18 -12.61 -23.54
CA LYS A 49 22.53 -12.38 -22.16
C LYS A 49 21.72 -13.22 -21.18
N MET A 50 20.81 -14.05 -21.68
CA MET A 50 19.94 -14.83 -20.81
C MET A 50 19.45 -16.04 -21.60
N TRP A 51 19.74 -17.23 -21.10
CA TRP A 51 19.26 -18.45 -21.74
C TRP A 51 18.76 -19.42 -20.67
N GLY A 52 17.93 -20.35 -21.10
CA GLY A 52 17.31 -21.31 -20.20
C GLY A 52 17.64 -22.74 -20.59
N THR A 53 17.95 -23.56 -19.59
CA THR A 53 18.23 -24.96 -19.77
C THR A 53 17.37 -25.77 -18.79
N TYR A 54 17.47 -27.09 -18.89
CA TYR A 54 16.69 -27.98 -18.04
C TYR A 54 17.58 -29.10 -17.54
N GLU A 55 17.70 -29.24 -16.22
CA GLU A 55 18.33 -30.40 -15.61
C GLU A 55 17.20 -31.36 -15.27
N GLY A 56 16.93 -32.28 -16.19
CA GLY A 56 15.75 -33.11 -16.03
C GLY A 56 14.53 -32.22 -16.14
N GLN A 57 13.75 -32.15 -15.07
CA GLN A 57 12.58 -31.29 -15.02
C GLN A 57 12.91 -29.89 -14.52
N LEU A 58 14.03 -29.74 -13.83
CA LEU A 58 14.35 -28.48 -13.15
C LEU A 58 14.69 -27.40 -14.18
N PRO A 59 13.94 -26.30 -14.24
CA PRO A 59 14.30 -25.21 -15.15
C PRO A 59 15.40 -24.34 -14.56
N VAL A 60 16.38 -24.01 -15.40
CA VAL A 60 17.58 -23.29 -14.98
C VAL A 60 17.76 -22.06 -15.87
N LEU A 61 17.67 -20.88 -15.26
CA LEU A 61 17.81 -19.61 -15.97
C LEU A 61 19.23 -19.08 -15.75
N ALA A 62 19.97 -18.88 -16.83
CA ALA A 62 21.30 -18.31 -16.78
C ALA A 62 21.24 -16.83 -17.13
N ILE A 63 21.86 -16.00 -16.29
CA ILE A 63 21.85 -14.56 -16.45
C ILE A 63 23.29 -14.05 -16.53
N THR A 64 23.52 -13.05 -17.39
CA THR A 64 24.83 -12.44 -17.53
C THR A 64 24.83 -10.92 -17.44
N ASP A 65 23.66 -10.31 -17.31
CA ASP A 65 23.59 -8.85 -17.17
C ASP A 65 24.05 -8.47 -15.77
N PRO A 66 25.11 -7.67 -15.62
CA PRO A 66 25.57 -7.30 -14.27
C PRO A 66 24.50 -6.62 -13.43
N ASP A 67 23.57 -5.90 -14.06
CA ASP A 67 22.47 -5.32 -13.30
C ASP A 67 21.55 -6.41 -12.76
N VAL A 68 21.28 -7.43 -13.56
CA VAL A 68 20.43 -8.53 -13.10
C VAL A 68 21.16 -9.36 -12.06
N ILE A 69 22.43 -9.66 -12.29
CA ILE A 69 23.22 -10.44 -11.33
C ILE A 69 23.23 -9.76 -9.97
N ARG A 70 23.33 -8.41 -9.96
CA ARG A 70 23.29 -7.70 -8.69
C ARG A 70 21.96 -7.91 -7.97
N THR A 71 20.87 -8.04 -8.72
CA THR A 71 19.57 -8.21 -8.10
C THR A 71 19.44 -9.56 -7.40
N VAL A 72 19.92 -10.63 -8.06
CA VAL A 72 19.73 -11.95 -7.47
C VAL A 72 20.74 -12.23 -6.36
N LEU A 73 21.93 -11.66 -6.43
CA LEU A 73 22.97 -11.95 -5.45
C LEU A 73 22.98 -10.99 -4.26
N VAL A 74 22.46 -9.78 -4.43
CA VAL A 74 22.59 -8.74 -3.40
C VAL A 74 21.23 -8.20 -2.98
N LYS A 75 20.54 -7.56 -3.91
CA LYS A 75 19.33 -6.82 -3.56
C LYS A 75 18.21 -7.74 -3.10
N GLU A 76 17.90 -8.78 -3.88
CA GLU A 76 16.84 -9.73 -3.55
C GLU A 76 17.38 -11.07 -3.05
N CYS A 77 18.53 -11.06 -2.38
CA CYS A 77 19.08 -12.28 -1.80
C CYS A 77 18.19 -12.80 -0.68
N TYR A 78 17.86 -11.95 0.29
CA TYR A 78 16.93 -12.34 1.35
C TYR A 78 15.50 -12.42 0.86
N SER A 79 15.12 -11.60 -0.13
CA SER A 79 13.75 -11.60 -0.62
C SER A 79 13.41 -12.92 -1.29
N VAL A 80 14.26 -13.39 -2.20
CA VAL A 80 13.97 -14.57 -3.00
C VAL A 80 15.13 -15.54 -2.96
N PHE A 81 16.28 -15.12 -3.48
CA PHE A 81 17.38 -16.04 -3.78
C PHE A 81 18.23 -16.29 -2.53
N THR A 82 17.56 -16.86 -1.51
CA THR A 82 18.21 -17.12 -0.24
C THR A 82 18.98 -18.43 -0.25
N ASN A 83 18.44 -19.44 -0.93
CA ASN A 83 19.02 -20.78 -0.91
C ASN A 83 19.82 -21.05 -2.17
N ARG A 84 20.86 -21.87 -2.04
CA ARG A 84 21.73 -22.16 -3.18
C ARG A 84 21.09 -23.19 -4.11
N ARG A 85 21.02 -24.44 -3.65
CA ARG A 85 20.45 -25.51 -4.46
C ARG A 85 19.91 -26.63 -3.58
N SER A 86 18.71 -27.10 -3.91
CA SER A 86 18.09 -28.18 -3.14
C SER A 86 18.75 -29.49 -3.55
N LEU A 87 19.69 -29.94 -2.74
CA LEU A 87 20.46 -31.12 -3.09
C LEU A 87 19.66 -32.39 -2.79
N GLY A 88 20.13 -33.50 -3.33
CA GLY A 88 19.47 -34.77 -3.17
C GLY A 88 19.61 -35.34 -1.76
N PRO A 89 19.58 -36.67 -1.65
CA PRO A 89 19.72 -37.29 -0.33
C PRO A 89 21.10 -37.03 0.25
N VAL A 90 21.14 -36.23 1.31
CA VAL A 90 22.40 -35.88 1.96
C VAL A 90 22.45 -36.24 3.45
N GLY A 91 21.31 -36.54 4.07
CA GLY A 91 21.37 -36.85 5.48
C GLY A 91 21.55 -35.65 6.39
N PHE A 92 22.30 -35.81 7.48
CA PHE A 92 22.49 -34.71 8.41
C PHE A 92 23.26 -33.53 7.80
N MET A 93 23.86 -33.71 6.62
CA MET A 93 24.68 -32.70 5.98
C MET A 93 23.78 -31.57 5.51
N LYS A 94 22.47 -31.72 5.65
CA LYS A 94 21.56 -30.64 5.30
C LYS A 94 21.79 -29.39 6.14
N SER A 95 22.40 -29.53 7.31
CA SER A 95 22.64 -28.39 8.19
C SER A 95 23.97 -27.69 7.90
N ALA A 96 24.77 -28.23 6.98
CA ALA A 96 26.00 -27.56 6.59
C ALA A 96 25.70 -26.19 5.98
N ILE A 97 26.60 -25.25 6.23
CA ILE A 97 26.35 -23.85 5.87
C ILE A 97 26.12 -23.71 4.36
N SER A 98 26.91 -24.42 3.55
CA SER A 98 26.73 -24.35 2.10
C SER A 98 25.48 -25.08 1.62
N LEU A 99 24.81 -25.84 2.48
CA LEU A 99 23.59 -26.53 2.12
C LEU A 99 22.37 -26.06 2.90
N ALA A 100 22.55 -25.30 3.98
CA ALA A 100 21.42 -24.86 4.80
C ALA A 100 20.51 -23.94 4.00
N GLU A 101 19.33 -23.68 4.56
CA GLU A 101 18.32 -22.87 3.89
C GLU A 101 17.68 -21.91 4.88
N ASP A 102 17.28 -20.74 4.37
CA ASP A 102 16.36 -19.80 5.03
C ASP A 102 16.92 -19.39 6.39
N GLU A 103 16.12 -19.41 7.46
CA GLU A 103 16.58 -18.88 8.74
C GLU A 103 17.67 -19.73 9.35
N GLU A 104 17.66 -21.04 9.09
CA GLU A 104 18.72 -21.90 9.60
C GLU A 104 20.08 -21.50 9.04
N TRP A 105 20.10 -21.07 7.77
CA TRP A 105 21.36 -20.61 7.18
C TRP A 105 21.82 -19.30 7.81
N LYS A 106 20.89 -18.35 8.00
CA LYS A 106 21.25 -17.09 8.64
C LYS A 106 21.87 -17.33 10.01
N ARG A 107 21.32 -18.29 10.76
CA ARG A 107 21.86 -18.61 12.07
C ARG A 107 23.27 -19.17 11.97
N ILE A 108 23.47 -20.14 11.09
CA ILE A 108 24.80 -20.76 10.93
C ILE A 108 25.80 -19.73 10.42
N ARG A 109 25.40 -18.93 9.44
CA ARG A 109 26.31 -17.93 8.86
C ARG A 109 26.70 -16.89 9.90
N SER A 110 25.72 -16.39 10.67
CA SER A 110 26.03 -15.40 11.69
C SER A 110 26.96 -15.97 12.75
N LEU A 111 26.71 -17.22 13.17
CA LEU A 111 27.54 -17.84 14.20
C LEU A 111 28.97 -18.04 13.71
N LEU A 112 29.15 -18.40 12.44
CA LEU A 112 30.46 -18.68 11.89
C LEU A 112 31.15 -17.46 11.32
N SER A 113 30.45 -16.34 11.16
CA SER A 113 31.07 -15.15 10.57
C SER A 113 32.29 -14.63 11.31
N PRO A 114 32.35 -14.62 12.65
CA PRO A 114 33.57 -14.13 13.32
C PRO A 114 34.81 -14.98 13.11
N THR A 115 34.74 -16.05 12.30
CA THR A 115 35.88 -16.94 12.14
C THR A 115 37.05 -16.24 11.46
N PHE A 116 36.76 -15.36 10.50
CA PHE A 116 37.82 -14.79 9.67
C PHE A 116 37.84 -13.27 9.69
N THR A 117 37.91 -12.67 10.88
CA THR A 117 38.09 -11.23 10.97
C THR A 117 39.55 -10.86 10.77
N SER A 118 39.81 -9.56 10.58
CA SER A 118 41.16 -9.11 10.33
C SER A 118 42.10 -9.47 11.48
N GLY A 119 41.60 -9.45 12.71
CA GLY A 119 42.43 -9.82 13.84
C GLY A 119 42.69 -11.31 13.89
N LYS A 120 41.66 -12.12 13.63
CA LYS A 120 41.85 -13.57 13.65
C LYS A 120 42.74 -14.04 12.52
N LEU A 121 42.68 -13.38 11.36
CA LEU A 121 43.63 -13.69 10.29
C LEU A 121 45.06 -13.37 10.72
N LYS A 122 45.23 -12.28 11.46
CA LYS A 122 46.56 -11.89 11.93
C LYS A 122 47.11 -12.89 12.94
N GLU A 123 46.24 -13.45 13.79
CA GLU A 123 46.70 -14.38 14.82
C GLU A 123 47.10 -15.74 14.27
N MET A 124 46.40 -16.24 13.24
CA MET A 124 46.73 -17.54 12.69
C MET A 124 47.87 -17.49 11.68
N PHE A 125 48.39 -16.30 11.37
CA PHE A 125 49.51 -16.20 10.44
C PHE A 125 50.74 -16.98 10.90
N PRO A 126 51.18 -16.90 12.17
CA PRO A 126 52.32 -17.72 12.58
C PRO A 126 52.07 -19.22 12.44
N ILE A 127 50.82 -19.66 12.60
CA ILE A 127 50.51 -21.06 12.38
C ILE A 127 50.74 -21.43 10.91
N ILE A 128 50.20 -20.62 10.00
CA ILE A 128 50.36 -20.90 8.57
C ILE A 128 51.83 -20.83 8.17
N ALA A 129 52.55 -19.83 8.66
CA ALA A 129 53.95 -19.67 8.30
C ALA A 129 54.78 -20.89 8.72
N GLN A 130 54.44 -21.51 9.85
CA GLN A 130 55.18 -22.68 10.30
C GLN A 130 55.01 -23.84 9.33
N TYR A 131 53.77 -24.07 8.87
CA TYR A 131 53.54 -25.10 7.87
C TYR A 131 54.28 -24.80 6.58
N GLY A 132 54.39 -23.53 6.21
CA GLY A 132 55.15 -23.17 5.03
C GLY A 132 56.61 -23.57 5.12
N ASP A 133 57.20 -23.44 6.31
CA ASP A 133 58.57 -23.90 6.50
C ASP A 133 58.69 -25.39 6.24
N VAL A 134 57.72 -26.18 6.72
CA VAL A 134 57.72 -27.61 6.44
C VAL A 134 57.52 -27.85 4.95
N LEU A 135 56.68 -27.03 4.32
CA LEU A 135 56.46 -27.15 2.88
C LEU A 135 57.76 -26.94 2.11
N VAL A 136 58.53 -25.92 2.48
CA VAL A 136 59.79 -25.67 1.79
C VAL A 136 60.80 -26.77 2.08
N ARG A 137 60.78 -27.31 3.29
CA ARG A 137 61.72 -28.37 3.65
C ARG A 137 61.44 -29.64 2.87
N ASN A 138 60.17 -30.03 2.76
CA ASN A 138 59.83 -31.26 2.04
C ASN A 138 59.97 -31.09 0.53
N LEU A 139 59.70 -29.89 0.00
CA LEU A 139 59.86 -29.65 -1.42
C LEU A 139 61.32 -29.64 -1.83
N ARG A 140 62.21 -29.30 -0.88
CA ARG A 140 63.65 -29.32 -1.17
C ARG A 140 64.14 -30.73 -1.40
N ARG A 141 63.59 -31.71 -0.67
CA ARG A 141 64.02 -33.10 -0.84
C ARG A 141 63.74 -33.61 -2.24
N GLU A 142 62.57 -33.26 -2.80
CA GLU A 142 62.26 -33.68 -4.16
C GLU A 142 63.09 -32.94 -5.18
N ALA A 143 63.54 -31.71 -4.86
CA ALA A 143 64.38 -30.94 -5.78
C ALA A 143 65.80 -31.50 -5.81
N GLU A 144 66.42 -31.70 -4.65
CA GLU A 144 67.77 -32.23 -4.60
C GLU A 144 67.84 -33.62 -5.23
N LYS A 145 66.76 -34.40 -5.15
CA LYS A 145 66.74 -35.69 -5.83
C LYS A 145 66.62 -35.53 -7.34
N GLY A 146 66.02 -34.44 -7.81
CA GLY A 146 65.80 -34.24 -9.22
C GLY A 146 64.58 -34.92 -9.79
N LYS A 147 63.61 -35.28 -8.96
CA LYS A 147 62.40 -35.95 -9.40
C LYS A 147 61.28 -34.93 -9.64
N PRO A 148 60.39 -35.23 -10.58
CA PRO A 148 59.22 -34.36 -10.78
C PRO A 148 58.32 -34.39 -9.56
N VAL A 149 57.63 -33.28 -9.31
CA VAL A 149 56.77 -33.11 -8.15
C VAL A 149 55.33 -33.05 -8.61
N THR A 150 54.50 -33.94 -8.08
CA THR A 150 53.06 -33.88 -8.28
C THR A 150 52.50 -32.80 -7.36
N LEU A 151 52.09 -31.68 -7.95
CA LEU A 151 51.76 -30.51 -7.16
C LEU A 151 50.60 -30.76 -6.20
N LYS A 152 49.58 -31.49 -6.66
CA LYS A 152 48.39 -31.71 -5.83
C LYS A 152 48.67 -32.54 -4.59
N ASP A 153 49.77 -33.30 -4.57
CA ASP A 153 50.11 -34.09 -3.40
C ASP A 153 50.69 -33.22 -2.29
N ILE A 154 51.85 -32.61 -2.53
CA ILE A 154 52.53 -31.89 -1.47
C ILE A 154 51.80 -30.61 -1.10
N PHE A 155 51.23 -29.92 -2.09
CA PHE A 155 50.43 -28.73 -1.78
C PHE A 155 49.07 -29.08 -1.23
N GLY A 156 48.57 -30.29 -1.50
CA GLY A 156 47.38 -30.76 -0.82
C GLY A 156 47.64 -31.06 0.64
N ALA A 157 48.80 -31.65 0.94
CA ALA A 157 49.17 -31.89 2.33
C ALA A 157 49.33 -30.58 3.10
N TYR A 158 49.93 -29.57 2.45
CA TYR A 158 50.06 -28.26 3.06
C TYR A 158 48.69 -27.66 3.36
N SER A 159 47.77 -27.73 2.40
CA SER A 159 46.44 -27.16 2.60
C SER A 159 45.69 -27.90 3.71
N MET A 160 45.78 -29.23 3.73
CA MET A 160 45.11 -29.98 4.79
C MET A 160 45.70 -29.65 6.15
N ASP A 161 47.02 -29.47 6.23
CA ASP A 161 47.64 -29.07 7.48
C ASP A 161 47.18 -27.68 7.92
N VAL A 162 47.12 -26.73 6.98
CA VAL A 162 46.75 -25.36 7.33
C VAL A 162 45.32 -25.30 7.84
N ILE A 163 44.39 -25.97 7.16
CA ILE A 163 42.99 -25.86 7.55
C ILE A 163 42.73 -26.52 8.89
N THR A 164 43.33 -27.68 9.13
CA THR A 164 43.12 -28.36 10.41
C THR A 164 43.80 -27.62 11.55
N GLY A 165 44.99 -27.07 11.29
CA GLY A 165 45.74 -26.40 12.34
C GLY A 165 45.10 -25.09 12.77
N THR A 166 44.51 -24.36 11.83
CA THR A 166 43.90 -23.08 12.15
C THR A 166 42.44 -23.18 12.58
N SER A 167 41.77 -24.28 12.25
CA SER A 167 40.37 -24.42 12.61
C SER A 167 40.13 -25.27 13.84
N PHE A 168 40.98 -26.27 14.09
CA PHE A 168 40.84 -27.14 15.24
C PHE A 168 42.04 -27.12 16.18
N GLY A 169 43.08 -26.34 15.87
CA GLY A 169 44.25 -26.27 16.72
C GLY A 169 44.98 -27.58 16.88
N VAL A 170 44.96 -28.43 15.86
CA VAL A 170 45.56 -29.76 15.93
C VAL A 170 46.51 -29.92 14.77
N ASN A 171 47.68 -30.48 15.03
CA ASN A 171 48.70 -30.73 14.01
C ASN A 171 48.65 -32.21 13.65
N ILE A 172 47.95 -32.54 12.55
CA ILE A 172 47.89 -33.92 12.06
C ILE A 172 49.11 -34.30 11.24
N ASP A 173 50.01 -33.35 10.97
CA ASP A 173 51.25 -33.60 10.23
C ASP A 173 51.00 -34.33 8.91
N SER A 174 50.14 -33.72 8.08
CA SER A 174 49.86 -34.30 6.78
C SER A 174 51.03 -34.12 5.82
N LEU A 175 51.85 -33.08 6.02
CA LEU A 175 53.00 -32.88 5.15
C LEU A 175 54.04 -33.98 5.31
N ASN A 176 54.11 -34.61 6.48
CA ASN A 176 55.06 -35.69 6.73
C ASN A 176 54.36 -37.03 6.92
N ASN A 177 53.19 -37.21 6.29
CA ASN A 177 52.43 -38.45 6.38
C ASN A 177 52.09 -38.90 4.98
N PRO A 178 52.79 -39.91 4.44
CA PRO A 178 52.47 -40.38 3.09
C PRO A 178 51.08 -40.98 2.97
N GLN A 179 50.56 -41.55 4.06
CA GLN A 179 49.20 -42.08 4.07
C GLN A 179 48.35 -41.31 5.07
N ASP A 180 48.23 -40.01 4.89
CA ASP A 180 47.43 -39.19 5.80
C ASP A 180 45.95 -39.54 5.66
N PRO A 181 45.26 -39.85 6.75
CA PRO A 181 43.86 -40.27 6.63
C PRO A 181 42.93 -39.15 6.20
N PHE A 182 43.25 -37.89 6.55
CA PHE A 182 42.36 -36.78 6.21
C PHE A 182 42.34 -36.51 4.72
N VAL A 183 43.50 -36.58 4.06
CA VAL A 183 43.55 -36.38 2.62
C VAL A 183 42.87 -37.53 1.89
N GLU A 184 43.14 -38.76 2.31
CA GLU A 184 42.52 -39.93 1.68
C GLU A 184 41.01 -39.87 1.79
N SER A 185 40.49 -39.43 2.93
CA SER A 185 39.05 -39.29 3.09
C SER A 185 38.51 -38.16 2.22
N THR A 186 39.15 -36.99 2.30
CA THR A 186 38.56 -35.80 1.70
C THR A 186 38.53 -35.87 0.18
N LYS A 187 39.57 -36.45 -0.43
CA LYS A 187 39.62 -36.47 -1.89
C LYS A 187 38.57 -37.38 -2.50
N LYS A 188 37.79 -38.09 -1.70
CA LYS A 188 36.69 -38.89 -2.23
C LYS A 188 35.49 -38.04 -2.61
N PHE A 189 35.45 -36.78 -2.14
CA PHE A 189 34.36 -35.89 -2.55
C PHE A 189 34.46 -35.52 -4.01
N LEU A 190 35.65 -35.60 -4.61
CA LEU A 190 35.88 -35.16 -5.98
C LEU A 190 35.49 -36.21 -7.02
N LYS A 191 35.28 -37.46 -6.62
CA LYS A 191 35.08 -38.52 -7.60
C LYS A 191 33.71 -38.44 -8.25
N PHE A 192 32.68 -38.06 -7.48
CA PHE A 192 31.32 -38.05 -8.02
C PHE A 192 31.20 -37.06 -9.16
N GLY A 193 30.41 -37.42 -10.18
CA GLY A 193 30.18 -36.58 -11.33
C GLY A 193 28.71 -36.55 -11.70
N PHE A 194 28.42 -35.76 -12.74
CA PHE A 194 27.03 -35.56 -13.15
C PHE A 194 26.41 -36.83 -13.73
N LEU A 195 27.21 -37.68 -14.35
CA LEU A 195 26.71 -38.92 -14.96
C LEU A 195 26.83 -40.12 -14.04
N ASP A 196 26.96 -39.91 -12.72
CA ASP A 196 26.96 -41.00 -11.76
C ASP A 196 25.53 -41.54 -11.60
N PRO A 197 25.36 -42.86 -11.57
CA PRO A 197 24.00 -43.43 -11.52
C PRO A 197 23.15 -42.93 -10.36
N LEU A 198 23.70 -42.86 -9.15
CA LEU A 198 22.93 -42.36 -8.02
C LEU A 198 22.58 -40.89 -8.20
N PHE A 199 23.56 -40.07 -8.59
CA PHE A 199 23.30 -38.64 -8.75
C PHE A 199 22.40 -38.39 -9.95
N LEU A 200 22.62 -39.12 -11.05
CA LEU A 200 21.81 -38.89 -12.25
C LEU A 200 20.35 -39.24 -12.00
N SER A 201 20.09 -40.26 -11.19
CA SER A 201 18.72 -40.61 -10.88
C SER A 201 18.03 -39.50 -10.09
N ILE A 202 18.77 -38.81 -9.22
CA ILE A 202 18.19 -37.71 -8.47
C ILE A 202 17.85 -36.53 -9.38
N ILE A 203 18.67 -36.30 -10.41
CA ILE A 203 18.39 -35.25 -11.36
C ILE A 203 17.14 -35.58 -12.17
N LEU A 204 17.07 -36.80 -12.70
CA LEU A 204 15.96 -37.17 -13.57
C LEU A 204 14.68 -37.40 -12.77
N PHE A 205 14.78 -38.00 -11.59
CA PHE A 205 13.65 -38.34 -10.75
C PHE A 205 13.87 -37.73 -9.38
N PRO A 206 13.59 -36.43 -9.22
CA PRO A 206 13.85 -35.78 -7.92
C PRO A 206 13.00 -36.33 -6.79
N PHE A 207 11.88 -37.00 -7.10
CA PHE A 207 11.05 -37.61 -6.07
C PHE A 207 11.73 -38.78 -5.38
N LEU A 208 12.89 -39.23 -5.89
CA LEU A 208 13.64 -40.30 -5.24
C LEU A 208 14.44 -39.83 -4.04
N THR A 209 14.63 -38.51 -3.89
CA THR A 209 15.41 -38.00 -2.77
C THR A 209 14.81 -38.35 -1.41
N PRO A 210 13.51 -38.21 -1.16
CA PRO A 210 12.95 -38.71 0.10
C PRO A 210 13.08 -40.22 0.25
N VAL A 211 13.03 -40.96 -0.86
CA VAL A 211 13.15 -42.40 -0.81
C VAL A 211 14.52 -42.82 -0.29
N PHE A 212 15.58 -42.29 -0.92
CA PHE A 212 16.94 -42.62 -0.48
C PHE A 212 17.20 -42.09 0.93
N GLU A 213 16.53 -40.99 1.31
CA GLU A 213 16.69 -40.48 2.66
C GLU A 213 16.16 -41.47 3.68
N ALA A 214 14.96 -42.01 3.43
CA ALA A 214 14.41 -43.04 4.31
C ALA A 214 15.28 -44.28 4.34
N LEU A 215 15.92 -44.61 3.22
CA LEU A 215 16.83 -45.75 3.15
C LEU A 215 18.23 -45.43 3.66
N ASN A 216 18.46 -44.20 4.14
CA ASN A 216 19.75 -43.79 4.70
C ASN A 216 20.87 -43.88 3.67
N VAL A 217 20.57 -43.49 2.43
CA VAL A 217 21.56 -43.40 1.37
C VAL A 217 21.89 -41.92 1.14
N SER A 218 23.17 -41.63 0.98
CA SER A 218 23.64 -40.26 0.84
C SER A 218 24.47 -40.12 -0.43
N LEU A 219 24.43 -38.92 -1.02
CA LEU A 219 25.31 -38.60 -2.12
C LEU A 219 26.77 -38.49 -1.69
N PHE A 220 27.02 -38.27 -0.39
CA PHE A 220 28.37 -38.13 0.12
C PHE A 220 28.97 -39.49 0.43
N PRO A 221 30.29 -39.65 0.26
CA PRO A 221 30.94 -40.92 0.62
C PRO A 221 30.81 -41.17 2.11
N LYS A 222 30.11 -42.26 2.46
CA LYS A 222 29.78 -42.50 3.86
C LYS A 222 31.03 -42.79 4.68
N ASP A 223 32.02 -43.46 4.10
CA ASP A 223 33.25 -43.70 4.85
C ASP A 223 33.95 -42.39 5.17
N THR A 224 33.97 -41.46 4.22
CA THR A 224 34.56 -40.15 4.47
C THR A 224 33.75 -39.37 5.49
N ILE A 225 32.42 -39.34 5.34
CA ILE A 225 31.58 -38.61 6.29
C ILE A 225 31.78 -39.12 7.71
N ASN A 226 31.82 -40.45 7.87
CA ASN A 226 31.94 -41.00 9.22
C ASN A 226 33.32 -40.72 9.81
N PHE A 227 34.39 -40.87 9.02
CA PHE A 227 35.72 -40.63 9.55
C PHE A 227 35.88 -39.19 10.02
N LEU A 228 35.46 -38.24 9.19
CA LEU A 228 35.59 -36.83 9.57
C LEU A 228 34.71 -36.48 10.76
N SER A 229 33.46 -36.96 10.76
CA SER A 229 32.58 -36.73 11.91
C SER A 229 33.20 -37.30 13.18
N LYS A 230 33.67 -38.54 13.12
CA LYS A 230 34.29 -39.16 14.29
C LYS A 230 35.57 -38.42 14.67
N SER A 231 36.41 -38.10 13.69
CA SER A 231 37.68 -37.45 13.99
C SER A 231 37.48 -36.04 14.55
N VAL A 232 36.49 -35.31 14.03
CA VAL A 232 36.19 -33.99 14.56
C VAL A 232 35.65 -34.09 15.98
N ASN A 233 34.84 -35.12 16.25
CA ASN A 233 34.28 -35.29 17.59
C ASN A 233 35.37 -35.59 18.62
N ARG A 234 36.47 -36.19 18.19
CA ARG A 234 37.59 -36.41 19.11
C ARG A 234 38.31 -35.11 19.43
N MET A 235 38.50 -34.25 18.42
CA MET A 235 39.14 -32.96 18.65
C MET A 235 38.29 -32.06 19.54
N LYS A 236 36.96 -32.18 19.46
CA LYS A 236 36.10 -31.38 20.30
C LYS A 236 36.13 -31.84 21.75
N LYS A 237 36.07 -33.16 21.98
CA LYS A 237 36.12 -33.67 23.35
C LYS A 237 37.48 -33.36 23.99
N SER A 238 38.56 -33.44 23.21
CA SER A 238 39.87 -33.10 23.74
C SER A 238 40.01 -31.60 23.99
N ARG A 239 39.14 -30.78 23.40
CA ARG A 239 39.17 -29.34 23.63
C ARG A 239 38.52 -28.97 24.96
N LEU A 240 37.53 -29.74 25.40
CA LEU A 240 36.86 -29.44 26.67
C LEU A 240 37.67 -29.92 27.86
N ASN A 241 38.22 -31.13 27.78
CA ASN A 241 39.03 -31.66 28.88
C ASN A 241 40.32 -30.86 29.06
N ASP A 242 40.91 -30.36 27.97
CA ASP A 242 42.16 -29.61 28.01
C ASP A 242 41.83 -28.13 27.85
N LYS A 243 41.88 -27.40 28.97
CA LYS A 243 41.66 -25.95 28.93
C LYS A 243 42.91 -25.17 28.57
N GLN A 244 44.10 -25.79 28.71
CA GLN A 244 45.33 -25.12 28.30
C GLN A 244 45.40 -24.96 26.78
N LYS A 245 44.92 -25.95 26.04
CA LYS A 245 44.89 -25.90 24.57
C LYS A 245 43.66 -25.15 24.06
N HIS A 246 43.45 -23.94 24.56
CA HIS A 246 42.29 -23.12 24.20
C HIS A 246 42.74 -21.97 23.31
N ARG A 247 42.23 -21.93 22.09
CA ARG A 247 42.40 -20.79 21.20
C ARG A 247 41.03 -20.39 20.67
N LEU A 248 40.84 -19.10 20.43
CA LEU A 248 39.58 -18.59 19.88
C LEU A 248 39.63 -18.78 18.37
N ASP A 249 39.10 -19.90 17.90
CA ASP A 249 39.21 -20.28 16.50
C ASP A 249 37.86 -20.81 16.02
N PHE A 250 37.88 -21.55 14.91
CA PHE A 250 36.65 -22.05 14.30
C PHE A 250 35.97 -23.09 15.20
N LEU A 251 36.72 -24.10 15.63
CA LEU A 251 36.13 -25.14 16.46
C LEU A 251 35.60 -24.57 17.77
N GLN A 252 36.36 -23.68 18.40
CA GLN A 252 35.92 -23.10 19.67
C GLN A 252 34.64 -22.29 19.49
N LEU A 253 34.53 -21.58 18.37
CA LEU A 253 33.36 -20.75 18.14
C LEU A 253 32.09 -21.60 18.11
N MET A 254 32.18 -22.83 17.62
CA MET A 254 31.03 -23.72 17.59
C MET A 254 30.79 -24.38 18.94
N ILE A 255 31.85 -24.58 19.72
CA ILE A 255 31.68 -25.12 21.08
C ILE A 255 30.94 -24.12 21.96
N ASP A 256 31.27 -22.83 21.84
CA ASP A 256 30.57 -21.80 22.61
C ASP A 256 29.11 -21.71 22.22
N SER A 257 28.72 -22.24 21.05
CA SER A 257 27.32 -22.16 20.63
C SER A 257 26.42 -23.03 21.49
N GLN A 258 26.97 -24.10 22.07
CA GLN A 258 26.17 -25.03 22.86
C GLN A 258 25.84 -24.53 24.26
N ASN A 259 26.36 -23.36 24.65
CA ASN A 259 26.02 -22.79 25.95
C ASN A 259 24.67 -22.09 25.96
N SER A 260 24.12 -21.75 24.80
CA SER A 260 22.83 -21.07 24.71
C SER A 260 21.67 -21.95 25.16
N ALA A 268 22.00 -22.58 19.14
CA ALA A 268 22.50 -23.81 19.74
C ALA A 268 22.86 -24.81 18.65
N LEU A 269 24.13 -25.21 18.60
CA LEU A 269 24.65 -26.07 17.54
C LEU A 269 24.67 -27.52 18.00
N SER A 270 24.06 -28.39 17.22
CA SER A 270 24.05 -29.82 17.50
C SER A 270 25.42 -30.44 17.22
N ASP A 271 25.61 -31.66 17.71
CA ASP A 271 26.84 -32.39 17.39
C ASP A 271 26.90 -32.75 15.91
N LEU A 272 25.74 -33.05 15.32
CA LEU A 272 25.69 -33.27 13.88
C LEU A 272 25.90 -31.97 13.12
N GLU A 273 25.25 -30.89 13.57
CA GLU A 273 25.45 -29.59 12.94
C GLU A 273 26.90 -29.15 13.03
N LEU A 274 27.55 -29.40 14.16
CA LEU A 274 28.97 -29.06 14.30
C LEU A 274 29.81 -29.89 13.34
N ALA A 275 29.47 -31.17 13.19
CA ALA A 275 30.20 -32.02 12.25
C ALA A 275 29.98 -31.58 10.81
N ALA A 276 28.77 -31.12 10.50
CA ALA A 276 28.47 -30.68 9.14
C ALA A 276 29.30 -29.46 8.75
N GLN A 277 29.42 -28.48 9.64
CA GLN A 277 30.24 -27.32 9.30
C GLN A 277 31.71 -27.67 9.21
N SER A 278 32.18 -28.62 10.01
CA SER A 278 33.59 -28.97 9.98
C SER A 278 33.96 -29.66 8.67
N ILE A 279 33.05 -30.47 8.13
CA ILE A 279 33.32 -31.19 6.89
C ILE A 279 33.45 -30.23 5.72
N ILE A 280 32.62 -29.19 5.68
CA ILE A 280 32.72 -28.18 4.62
C ILE A 280 34.07 -27.46 4.70
N PHE A 281 34.49 -27.09 5.91
CA PHE A 281 35.75 -26.35 6.06
C PHE A 281 36.95 -27.20 5.70
N ILE A 282 36.96 -28.46 6.12
CA ILE A 282 38.07 -29.35 5.78
C ILE A 282 38.16 -29.55 4.27
N PHE A 283 37.01 -29.76 3.61
CA PHE A 283 37.03 -29.95 2.17
C PHE A 283 37.42 -28.66 1.44
N ALA A 284 36.82 -27.53 1.84
CA ALA A 284 37.15 -26.27 1.21
C ALA A 284 38.62 -25.89 1.44
N GLY A 285 39.10 -26.04 2.67
CA GLY A 285 40.47 -25.67 2.96
C GLY A 285 41.49 -26.53 2.25
N TYR A 286 41.16 -27.80 2.01
CA TYR A 286 42.09 -28.70 1.36
C TYR A 286 42.02 -28.56 -0.17
N GLU A 287 40.82 -28.76 -0.72
CA GLU A 287 40.70 -28.91 -2.17
C GLU A 287 40.90 -27.60 -2.92
N THR A 288 40.14 -26.57 -2.56
CA THR A 288 40.19 -25.32 -3.31
C THR A 288 41.57 -24.68 -3.24
N THR A 289 42.14 -24.60 -2.04
CA THR A 289 43.46 -23.99 -1.87
C THR A 289 44.51 -24.71 -2.71
N SER A 290 44.55 -26.04 -2.63
CA SER A 290 45.57 -26.79 -3.37
C SER A 290 45.32 -26.78 -4.87
N SER A 291 44.06 -26.75 -5.30
CA SER A 291 43.77 -26.72 -6.72
C SER A 291 44.26 -25.43 -7.36
N VAL A 292 43.83 -24.29 -6.79
CA VAL A 292 44.24 -23.00 -7.36
C VAL A 292 45.75 -22.82 -7.28
N LEU A 293 46.37 -23.29 -6.19
CA LEU A 293 47.83 -23.25 -6.11
C LEU A 293 48.48 -24.04 -7.22
N SER A 294 47.89 -25.20 -7.56
CA SER A 294 48.45 -26.02 -8.64
C SER A 294 48.26 -25.35 -9.99
N PHE A 295 47.19 -24.57 -10.17
CA PHE A 295 47.02 -23.83 -11.41
C PHE A 295 47.99 -22.65 -11.47
N THR A 296 48.13 -21.93 -10.36
CA THR A 296 49.06 -20.80 -10.32
C THR A 296 50.47 -21.26 -10.66
N LEU A 297 50.92 -22.36 -10.07
CA LEU A 297 52.26 -22.85 -10.37
C LEU A 297 52.37 -23.41 -11.78
N TYR A 298 51.26 -23.94 -12.32
CA TYR A 298 51.26 -24.35 -13.72
C TYR A 298 51.42 -23.14 -14.64
N GLU A 299 50.65 -22.08 -14.38
CA GLU A 299 50.76 -20.87 -15.19
C GLU A 299 52.13 -20.20 -15.04
N LEU A 300 52.74 -20.28 -13.86
CA LEU A 300 54.05 -19.68 -13.66
C LEU A 300 55.13 -20.48 -14.39
N ALA A 301 55.03 -21.81 -14.39
CA ALA A 301 56.02 -22.61 -15.08
C ALA A 301 55.91 -22.48 -16.60
N THR A 302 54.69 -22.30 -17.10
CA THR A 302 54.49 -22.12 -18.54
C THR A 302 54.66 -20.68 -18.99
N HIS A 303 54.85 -19.74 -18.06
CA HIS A 303 55.12 -18.34 -18.36
C HIS A 303 56.31 -17.91 -17.53
N PRO A 304 57.53 -18.25 -17.97
CA PRO A 304 58.72 -17.95 -17.15
C PRO A 304 58.95 -16.47 -16.91
N ASP A 305 58.53 -15.62 -17.84
CA ASP A 305 58.66 -14.18 -17.63
C ASP A 305 57.80 -13.73 -16.45
N VAL A 306 56.62 -14.32 -16.28
CA VAL A 306 55.76 -13.95 -15.16
C VAL A 306 56.32 -14.46 -13.84
N GLN A 307 56.88 -15.69 -13.85
CA GLN A 307 57.44 -16.24 -12.63
C GLN A 307 58.65 -15.45 -12.17
N GLN A 308 59.62 -15.24 -13.07
CA GLN A 308 60.82 -14.48 -12.70
C GLN A 308 60.46 -13.04 -12.30
N LYS A 309 59.49 -12.45 -13.00
CA LYS A 309 59.03 -11.12 -12.59
C LYS A 309 58.34 -11.15 -11.24
N LEU A 310 57.63 -12.25 -10.93
CA LEU A 310 57.02 -12.38 -9.61
C LEU A 310 58.09 -12.59 -8.54
N GLN A 311 59.14 -13.35 -8.87
CA GLN A 311 60.24 -13.54 -7.94
C GLN A 311 61.01 -12.25 -7.70
N LYS A 312 61.14 -11.42 -8.74
CA LYS A 312 61.81 -10.13 -8.57
C LYS A 312 61.10 -9.28 -7.52
N GLU A 313 59.76 -9.31 -7.52
CA GLU A 313 59.01 -8.55 -6.53
C GLU A 313 59.20 -9.12 -5.14
N ILE A 314 59.29 -10.44 -5.02
CA ILE A 314 59.42 -11.07 -3.71
C ILE A 314 60.77 -10.77 -3.10
N ASP A 315 61.85 -10.93 -3.87
CA ASP A 315 63.19 -10.66 -3.37
C ASP A 315 63.36 -9.19 -2.98
N ALA A 316 62.52 -8.31 -3.52
CA ALA A 316 62.64 -6.90 -3.18
C ALA A 316 61.90 -6.58 -1.88
N VAL A 317 60.69 -7.12 -1.72
CA VAL A 317 59.93 -6.87 -0.50
C VAL A 317 60.50 -7.66 0.68
N LEU A 318 61.07 -8.84 0.41
CA LEU A 318 61.63 -9.71 1.44
C LEU A 318 63.07 -10.03 1.05
N PRO A 319 64.01 -9.13 1.37
CA PRO A 319 65.41 -9.37 0.97
C PRO A 319 66.03 -10.51 1.74
N ASN A 320 66.89 -11.27 1.05
CA ASN A 320 67.64 -12.38 1.63
C ASN A 320 66.71 -13.46 2.20
N LYS A 321 65.72 -13.85 1.40
CA LYS A 321 64.77 -14.90 1.77
C LYS A 321 64.15 -14.67 3.14
N ALA A 322 63.91 -13.40 3.46
CA ALA A 322 63.37 -13.05 4.77
C ALA A 322 62.00 -13.70 4.96
N PRO A 323 61.67 -14.14 6.17
CA PRO A 323 60.34 -14.71 6.42
C PRO A 323 59.25 -13.67 6.20
N PRO A 324 58.15 -14.04 5.55
CA PRO A 324 57.11 -13.05 5.23
C PRO A 324 56.40 -12.58 6.49
N THR A 325 55.70 -11.46 6.32
CA THR A 325 54.86 -10.88 7.36
C THR A 325 53.44 -10.80 6.82
N TYR A 326 52.47 -10.65 7.73
CA TYR A 326 51.08 -10.53 7.32
C TYR A 326 50.87 -9.34 6.39
N ASP A 327 51.44 -8.19 6.75
CA ASP A 327 51.27 -6.99 5.93
C ASP A 327 52.02 -7.12 4.60
N ALA A 328 53.20 -7.73 4.62
CA ALA A 328 53.96 -7.89 3.38
C ALA A 328 53.23 -8.83 2.41
N VAL A 329 52.40 -9.74 2.92
CA VAL A 329 51.65 -10.62 2.05
C VAL A 329 50.56 -9.86 1.30
N VAL A 330 49.88 -8.94 2.00
CA VAL A 330 48.80 -8.17 1.38
C VAL A 330 49.29 -6.94 0.63
N GLN A 331 50.58 -6.61 0.73
CA GLN A 331 51.10 -5.46 0.00
C GLN A 331 51.46 -5.80 -1.43
N MET A 332 51.81 -7.05 -1.69
CA MET A 332 52.43 -7.41 -2.96
C MET A 332 51.48 -7.17 -4.13
N GLU A 333 51.87 -6.26 -5.03
CA GLU A 333 51.04 -5.92 -6.17
C GLU A 333 50.97 -7.09 -7.16
N TYR A 334 52.13 -7.51 -7.67
CA TYR A 334 52.15 -8.52 -8.73
C TYR A 334 51.66 -9.87 -8.23
N LEU A 335 51.91 -10.22 -6.96
CA LEU A 335 51.42 -11.48 -6.43
C LEU A 335 49.90 -11.53 -6.43
N ASP A 336 49.25 -10.44 -6.02
CA ASP A 336 47.80 -10.38 -6.07
C ASP A 336 47.28 -10.47 -7.49
N MET A 337 48.04 -9.93 -8.45
CA MET A 337 47.64 -10.01 -9.85
C MET A 337 47.75 -11.44 -10.37
N VAL A 338 48.79 -12.17 -9.95
CA VAL A 338 48.98 -13.55 -10.40
C VAL A 338 47.88 -14.44 -9.87
N VAL A 339 47.48 -14.25 -8.60
CA VAL A 339 46.43 -15.07 -8.01
C VAL A 339 45.08 -14.73 -8.63
N ASN A 340 44.78 -13.44 -8.78
CA ASN A 340 43.50 -13.05 -9.36
C ASN A 340 43.36 -13.54 -10.80
N GLU A 341 44.46 -13.60 -11.55
CA GLU A 341 44.39 -14.09 -12.92
C GLU A 341 44.19 -15.60 -12.97
N THR A 342 44.83 -16.32 -12.04
CA THR A 342 44.57 -17.76 -11.94
C THR A 342 43.09 -18.02 -11.66
N LEU A 343 42.50 -17.28 -10.73
CA LEU A 343 41.09 -17.43 -10.43
C LEU A 343 40.18 -16.96 -11.57
N ARG A 344 40.71 -16.19 -12.52
CA ARG A 344 39.91 -15.86 -13.69
C ARG A 344 39.87 -17.01 -14.69
N LEU A 345 41.02 -17.61 -14.98
CA LEU A 345 41.07 -18.75 -15.88
C LEU A 345 40.43 -19.98 -15.25
N PHE A 346 40.60 -20.16 -13.94
CA PHE A 346 40.16 -21.38 -13.26
C PHE A 346 39.32 -21.03 -12.04
N PRO A 347 38.10 -20.51 -12.24
CA PRO A 347 37.19 -20.34 -11.11
C PRO A 347 36.64 -21.71 -10.72
N VAL A 348 36.99 -22.18 -9.52
CA VAL A 348 36.75 -23.58 -9.16
C VAL A 348 35.26 -23.93 -9.14
N ALA A 349 34.40 -22.96 -8.81
CA ALA A 349 32.96 -23.14 -8.92
C ALA A 349 32.57 -22.60 -10.29
N ILE A 350 32.18 -23.51 -11.20
CA ILE A 350 31.84 -23.11 -12.57
C ILE A 350 30.81 -21.99 -12.57
N ARG A 351 29.81 -22.10 -11.71
CA ARG A 351 28.69 -21.15 -11.69
C ARG A 351 28.33 -20.84 -10.26
N LEU A 352 27.60 -19.74 -10.08
CA LEU A 352 26.97 -19.42 -8.81
C LEU A 352 25.50 -19.79 -8.93
N GLU A 353 24.98 -20.50 -7.92
CA GLU A 353 23.66 -21.09 -8.00
C GLU A 353 22.76 -20.52 -6.92
N ARG A 354 21.57 -20.07 -7.33
CA ARG A 354 20.54 -19.61 -6.42
C ARG A 354 19.22 -20.25 -6.81
N THR A 355 18.35 -20.44 -5.82
CA THR A 355 17.05 -21.06 -6.03
C THR A 355 15.96 -20.06 -5.69
N CYS A 356 14.96 -19.98 -6.57
CA CYS A 356 13.80 -19.11 -6.34
C CYS A 356 13.01 -19.64 -5.15
N LYS A 357 12.97 -18.86 -4.08
CA LYS A 357 12.16 -19.24 -2.92
C LYS A 357 10.67 -19.10 -3.21
N LYS A 358 10.30 -18.11 -4.01
CA LYS A 358 8.92 -17.88 -4.43
C LYS A 358 8.91 -17.60 -5.92
N ASP A 359 7.72 -17.29 -6.45
CA ASP A 359 7.62 -16.80 -7.82
C ASP A 359 8.14 -15.36 -7.86
N VAL A 360 8.92 -15.06 -8.90
CA VAL A 360 9.53 -13.74 -9.02
C VAL A 360 9.73 -13.43 -10.51
N GLU A 361 9.58 -12.16 -10.85
CA GLU A 361 10.02 -11.66 -12.14
C GLU A 361 11.44 -11.16 -12.00
N ILE A 362 12.34 -11.68 -12.84
CA ILE A 362 13.75 -11.40 -12.70
C ILE A 362 14.16 -10.29 -13.66
N ASN A 363 14.09 -10.57 -14.96
CA ASN A 363 14.38 -9.58 -15.99
C ASN A 363 13.14 -9.18 -16.77
N GLY A 364 11.97 -9.30 -16.16
CA GLY A 364 10.72 -9.05 -16.85
C GLY A 364 9.85 -10.29 -16.95
N VAL A 365 10.46 -11.43 -17.29
CA VAL A 365 9.75 -12.69 -17.32
C VAL A 365 9.51 -13.19 -15.90
N PHE A 366 8.37 -13.83 -15.67
CA PHE A 366 8.05 -14.39 -14.37
C PHE A 366 8.61 -15.81 -14.26
N ILE A 367 9.37 -16.05 -13.21
CA ILE A 367 10.06 -17.32 -12.98
C ILE A 367 9.34 -18.06 -11.87
N PRO A 368 8.92 -19.31 -12.08
CA PRO A 368 8.16 -20.01 -11.04
C PRO A 368 9.03 -20.41 -9.86
N LYS A 369 8.36 -20.60 -8.72
CA LYS A 369 9.03 -21.01 -7.49
C LYS A 369 9.71 -22.37 -7.68
N GLY A 370 10.92 -22.48 -7.14
CA GLY A 370 11.70 -23.70 -7.21
C GLY A 370 12.71 -23.75 -8.35
N SER A 371 12.60 -22.85 -9.30
CA SER A 371 13.54 -22.82 -10.41
C SER A 371 14.90 -22.34 -9.91
N MET A 372 15.94 -22.68 -10.67
CA MET A 372 17.31 -22.34 -10.32
C MET A 372 17.80 -21.22 -11.22
N VAL A 373 18.48 -20.25 -10.62
CA VAL A 373 19.12 -19.15 -11.34
C VAL A 373 20.62 -19.33 -11.23
N VAL A 374 21.32 -19.20 -12.36
CA VAL A 374 22.73 -19.54 -12.45
C VAL A 374 23.51 -18.35 -13.01
N ILE A 375 24.58 -17.97 -12.32
CA ILE A 375 25.52 -16.97 -12.82
C ILE A 375 26.72 -17.71 -13.38
N PRO A 376 26.87 -17.82 -14.70
CA PRO A 376 27.98 -18.59 -15.27
C PRO A 376 29.32 -17.93 -15.05
N THR A 377 29.90 -18.14 -13.87
CA THR A 377 31.18 -17.51 -13.52
C THR A 377 32.25 -17.82 -14.56
N TYR A 378 32.39 -19.09 -14.93
CA TYR A 378 33.44 -19.46 -15.87
C TYR A 378 33.25 -18.77 -17.22
N ALA A 379 32.00 -18.73 -17.71
CA ALA A 379 31.74 -18.13 -19.02
C ALA A 379 32.07 -16.64 -19.00
N LEU A 380 31.61 -15.92 -17.98
CA LEU A 380 31.90 -14.49 -17.88
C LEU A 380 33.40 -14.23 -17.67
N HIS A 381 34.11 -15.16 -17.04
CA HIS A 381 35.56 -15.02 -16.90
C HIS A 381 36.29 -15.25 -18.20
N HIS A 382 35.67 -15.91 -19.18
CA HIS A 382 36.30 -16.17 -20.47
C HIS A 382 35.64 -15.39 -21.60
N ASP A 383 34.88 -14.36 -21.26
CA ASP A 383 34.17 -13.56 -22.26
C ASP A 383 35.16 -12.66 -22.98
N PRO A 384 35.29 -12.75 -24.31
CA PRO A 384 36.17 -11.81 -25.03
C PRO A 384 35.70 -10.37 -24.96
N LYS A 385 34.45 -10.12 -24.56
CA LYS A 385 33.99 -8.75 -24.41
C LYS A 385 34.62 -8.07 -23.20
N TYR A 386 34.89 -8.80 -22.13
CA TYR A 386 35.49 -8.22 -20.93
C TYR A 386 36.99 -8.45 -20.83
N TRP A 387 37.53 -9.47 -21.48
CA TRP A 387 38.93 -9.83 -21.36
C TRP A 387 39.50 -10.09 -22.75
N THR A 388 40.49 -9.29 -23.13
CA THR A 388 41.12 -9.47 -24.43
C THR A 388 41.92 -10.75 -24.44
N GLU A 389 41.60 -11.64 -25.39
CA GLU A 389 42.21 -12.96 -25.51
C GLU A 389 42.09 -13.69 -24.18
N PRO A 390 40.89 -14.16 -23.84
CA PRO A 390 40.64 -14.63 -22.46
C PRO A 390 41.34 -15.93 -22.10
N GLU A 391 41.78 -16.71 -23.08
CA GLU A 391 42.43 -17.97 -22.78
C GLU A 391 43.91 -17.83 -22.47
N GLU A 392 44.45 -16.61 -22.50
CA GLU A 392 45.86 -16.39 -22.21
C GLU A 392 46.03 -15.91 -20.77
N PHE A 393 47.18 -16.25 -20.19
CA PHE A 393 47.51 -15.91 -18.81
C PHE A 393 48.25 -14.57 -18.83
N ARG A 394 47.58 -13.51 -18.42
CA ARG A 394 48.17 -12.18 -18.36
C ARG A 394 47.79 -11.52 -17.04
N PRO A 395 48.62 -11.69 -16.00
CA PRO A 395 48.36 -10.99 -14.74
C PRO A 395 48.23 -9.47 -14.89
N GLU A 396 48.75 -8.91 -15.97
CA GLU A 396 48.69 -7.47 -16.21
C GLU A 396 47.26 -6.96 -16.33
N ARG A 397 46.31 -7.83 -16.69
CA ARG A 397 44.90 -7.44 -16.71
C ARG A 397 44.50 -6.83 -15.38
N PHE A 398 44.89 -7.47 -14.29
CA PHE A 398 44.49 -7.05 -12.97
C PHE A 398 45.51 -6.10 -12.36
N SER A 399 45.05 -5.34 -11.38
CA SER A 399 45.91 -4.64 -10.45
C SER A 399 45.39 -4.96 -9.05
N LYS A 400 46.22 -4.69 -8.04
CA LYS A 400 45.76 -4.93 -6.67
C LYS A 400 44.52 -4.10 -6.35
N LYS A 401 44.43 -2.91 -6.92
CA LYS A 401 43.19 -2.13 -6.84
C LYS A 401 42.19 -2.71 -7.82
N LYS A 402 41.02 -3.10 -7.32
CA LYS A 402 39.96 -3.69 -8.13
C LYS A 402 38.80 -2.73 -8.34
N ASP A 403 39.09 -1.43 -8.40
CA ASP A 403 38.03 -0.44 -8.58
C ASP A 403 37.37 -0.58 -9.94
N SER A 404 38.15 -0.90 -10.97
CA SER A 404 37.62 -1.03 -12.33
C SER A 404 36.92 -2.37 -12.57
N ILE A 405 37.26 -3.40 -11.80
CA ILE A 405 36.71 -4.73 -12.01
C ILE A 405 35.26 -4.75 -11.55
N ASP A 406 34.37 -5.20 -12.42
CA ASP A 406 32.96 -5.29 -12.06
C ASP A 406 32.77 -6.42 -11.03
N PRO A 407 32.15 -6.13 -9.88
CA PRO A 407 31.97 -7.18 -8.85
C PRO A 407 31.05 -8.30 -9.28
N TYR A 408 30.33 -8.15 -10.39
CA TYR A 408 29.35 -9.14 -10.81
C TYR A 408 29.77 -9.90 -12.06
N ILE A 409 30.79 -9.44 -12.77
CA ILE A 409 31.36 -10.20 -13.86
C ILE A 409 32.46 -11.12 -13.37
N TYR A 410 33.34 -10.60 -12.50
CA TYR A 410 34.45 -11.35 -11.92
C TYR A 410 34.01 -11.79 -10.53
N THR A 411 33.55 -13.04 -10.43
CA THR A 411 32.95 -13.58 -9.20
C THR A 411 33.59 -14.90 -8.81
N PRO A 412 34.91 -14.91 -8.52
CA PRO A 412 35.55 -16.18 -8.11
C PRO A 412 35.17 -16.61 -6.72
N PHE A 413 34.70 -15.69 -5.87
CA PHE A 413 34.23 -16.01 -4.53
C PHE A 413 32.76 -15.64 -4.34
N GLY A 414 32.04 -15.39 -5.42
CA GLY A 414 30.65 -14.95 -5.32
C GLY A 414 30.54 -13.56 -4.71
N THR A 415 29.31 -13.08 -4.67
CA THR A 415 29.01 -11.76 -4.12
C THR A 415 27.68 -11.83 -3.39
N GLY A 416 27.54 -10.97 -2.38
CA GLY A 416 26.32 -10.92 -1.61
C GLY A 416 26.47 -11.67 -0.31
N PRO A 417 25.38 -11.73 0.46
CA PRO A 417 25.44 -12.43 1.75
C PRO A 417 25.91 -13.87 1.64
N ARG A 418 25.70 -14.53 0.50
CA ARG A 418 26.05 -15.93 0.31
C ARG A 418 27.44 -16.12 -0.28
N ASN A 419 28.25 -15.07 -0.34
CA ASN A 419 29.58 -15.18 -0.91
C ASN A 419 30.46 -16.08 -0.04
N CYS A 420 31.67 -16.33 -0.52
CA CYS A 420 32.59 -17.23 0.16
C CYS A 420 32.97 -16.68 1.52
N ILE A 421 32.65 -17.44 2.58
CA ILE A 421 32.97 -16.99 3.93
C ILE A 421 34.46 -17.05 4.21
N GLY A 422 35.23 -17.76 3.38
CA GLY A 422 36.65 -17.95 3.63
C GLY A 422 37.54 -17.39 2.55
N MET A 423 37.12 -16.28 1.93
CA MET A 423 37.89 -15.70 0.84
C MET A 423 39.22 -15.14 1.35
N ARG A 424 39.18 -14.36 2.43
CA ARG A 424 40.41 -13.74 2.94
C ARG A 424 41.36 -14.79 3.49
N PHE A 425 40.81 -15.83 4.13
CA PHE A 425 41.65 -16.93 4.60
C PHE A 425 42.31 -17.64 3.42
N ALA A 426 41.54 -17.93 2.37
CA ALA A 426 42.09 -18.66 1.24
C ALA A 426 43.14 -17.85 0.50
N LEU A 427 42.95 -16.54 0.39
CA LEU A 427 43.95 -15.71 -0.30
C LEU A 427 45.22 -15.57 0.51
N MET A 428 45.13 -15.58 1.85
CA MET A 428 46.32 -15.45 2.68
C MET A 428 47.24 -16.66 2.55
N ASN A 429 46.74 -17.86 2.84
CA ASN A 429 47.62 -19.01 2.87
C ASN A 429 48.08 -19.45 1.48
N MET A 430 47.34 -19.08 0.44
CA MET A 430 47.85 -19.32 -0.91
C MET A 430 49.03 -18.39 -1.22
N LYS A 431 48.90 -17.11 -0.86
CA LYS A 431 50.00 -16.17 -1.08
C LYS A 431 51.20 -16.52 -0.20
N LEU A 432 50.96 -16.96 1.03
CA LEU A 432 52.06 -17.35 1.90
C LEU A 432 52.82 -18.54 1.32
N ALA A 433 52.09 -19.54 0.82
CA ALA A 433 52.74 -20.69 0.21
C ALA A 433 53.55 -20.27 -1.01
N LEU A 434 52.95 -19.44 -1.87
CA LEU A 434 53.64 -19.00 -3.08
C LEU A 434 54.90 -18.21 -2.75
N ILE A 435 54.81 -17.26 -1.80
CA ILE A 435 55.97 -16.47 -1.42
C ILE A 435 57.09 -17.38 -0.92
N ARG A 436 56.77 -18.30 -0.02
CA ARG A 436 57.77 -19.19 0.56
C ARG A 436 58.44 -20.05 -0.51
N VAL A 437 57.65 -20.66 -1.38
CA VAL A 437 58.23 -21.57 -2.35
C VAL A 437 58.95 -20.83 -3.48
N LEU A 438 58.46 -19.66 -3.87
CA LEU A 438 59.08 -18.93 -4.98
C LEU A 438 60.38 -18.25 -4.56
N GLN A 439 60.49 -17.83 -3.30
CA GLN A 439 61.76 -17.30 -2.83
C GLN A 439 62.79 -18.39 -2.60
N ASN A 440 62.40 -19.66 -2.71
CA ASN A 440 63.34 -20.77 -2.58
C ASN A 440 63.44 -21.64 -3.83
N PHE A 441 62.49 -21.55 -4.76
CA PHE A 441 62.46 -22.48 -5.88
C PHE A 441 62.00 -21.78 -7.16
N SER A 442 62.24 -22.46 -8.28
CA SER A 442 61.75 -22.09 -9.59
C SER A 442 61.13 -23.32 -10.24
N PHE A 443 59.98 -23.12 -10.90
CA PHE A 443 59.19 -24.23 -11.44
C PHE A 443 59.30 -24.24 -12.96
N LYS A 444 59.55 -25.41 -13.51
CA LYS A 444 59.70 -25.61 -14.94
C LYS A 444 58.79 -26.74 -15.39
N PRO A 445 58.30 -26.67 -16.63
CA PRO A 445 57.57 -27.82 -17.18
C PRO A 445 58.53 -28.93 -17.56
N CYS A 446 58.06 -30.16 -17.44
CA CYS A 446 58.87 -31.33 -17.76
C CYS A 446 58.15 -32.20 -18.80
N LYS A 447 58.70 -33.39 -19.03
CA LYS A 447 58.15 -34.29 -20.05
C LYS A 447 56.72 -34.69 -19.73
N GLU A 448 56.43 -34.99 -18.46
CA GLU A 448 55.09 -35.39 -18.05
C GLU A 448 54.11 -34.22 -17.99
N THR A 449 54.59 -32.99 -18.08
CA THR A 449 53.71 -31.82 -18.00
C THR A 449 52.80 -31.78 -19.23
N GLN A 450 51.49 -31.67 -18.98
CA GLN A 450 50.49 -31.60 -20.04
C GLN A 450 50.33 -30.15 -20.48
N ILE A 451 50.70 -29.84 -21.72
CA ILE A 451 50.56 -28.51 -22.28
C ILE A 451 49.95 -28.64 -23.67
N PRO A 452 48.82 -27.98 -23.96
CA PRO A 452 48.06 -27.14 -23.04
C PRO A 452 47.27 -27.95 -22.02
N LEU A 453 46.90 -27.31 -20.91
CA LEU A 453 46.22 -27.99 -19.82
C LEU A 453 44.76 -28.24 -20.19
N LYS A 454 44.35 -29.49 -20.20
CA LYS A 454 42.97 -29.87 -20.50
C LYS A 454 42.20 -29.98 -19.20
N LEU A 455 41.00 -29.39 -19.17
CA LEU A 455 40.14 -29.45 -18.00
C LEU A 455 39.36 -30.76 -17.98
N ASP A 456 39.12 -31.27 -16.78
CA ASP A 456 38.27 -32.45 -16.62
C ASP A 456 36.82 -32.08 -16.93
N THR A 457 36.00 -33.10 -17.12
CA THR A 457 34.63 -32.93 -17.59
C THR A 457 33.59 -33.23 -16.52
N GLN A 458 33.99 -33.37 -15.25
CA GLN A 458 33.07 -33.74 -14.19
C GLN A 458 33.35 -32.92 -12.95
N GLY A 459 32.31 -32.30 -12.39
CA GLY A 459 32.43 -31.68 -11.08
C GLY A 459 33.25 -30.39 -11.12
N LEU A 460 34.01 -30.17 -10.06
CA LEU A 460 34.82 -28.96 -9.92
C LEU A 460 35.90 -28.91 -11.00
N LEU A 461 36.47 -27.73 -11.18
CA LEU A 461 37.55 -27.54 -12.13
C LEU A 461 38.77 -28.34 -11.70
N GLN A 462 39.15 -29.32 -12.50
CA GLN A 462 40.28 -30.17 -12.22
C GLN A 462 41.03 -30.43 -13.52
N PRO A 463 42.36 -30.59 -13.45
CA PRO A 463 43.10 -30.98 -14.64
C PRO A 463 42.74 -32.41 -15.05
N GLU A 464 42.75 -32.65 -16.36
CA GLU A 464 42.50 -34.00 -16.85
C GLU A 464 43.54 -34.98 -16.33
N LYS A 465 44.80 -34.55 -16.31
CA LYS A 465 45.90 -35.28 -15.72
C LYS A 465 46.52 -34.44 -14.61
N PRO A 466 47.00 -35.06 -13.54
CA PRO A 466 47.56 -34.28 -12.42
C PRO A 466 48.75 -33.44 -12.87
N ILE A 467 48.79 -32.20 -12.37
CA ILE A 467 49.86 -31.28 -12.74
C ILE A 467 51.15 -31.72 -12.06
N VAL A 468 52.16 -32.06 -12.86
CA VAL A 468 53.47 -32.43 -12.38
C VAL A 468 54.49 -31.47 -12.98
N LEU A 469 55.39 -30.94 -12.14
CA LEU A 469 56.40 -30.00 -12.56
C LEU A 469 57.74 -30.39 -11.96
N LYS A 470 58.80 -29.88 -12.54
CA LYS A 470 60.15 -30.01 -11.98
C LYS A 470 60.48 -28.76 -11.18
N VAL A 471 61.14 -28.96 -10.04
CA VAL A 471 61.43 -27.89 -9.09
C VAL A 471 62.93 -27.85 -8.85
N ASP A 472 63.52 -26.66 -9.01
CA ASP A 472 64.93 -26.42 -8.73
C ASP A 472 65.04 -25.31 -7.68
N SER A 473 66.22 -25.18 -7.10
CA SER A 473 66.47 -24.16 -6.10
C SER A 473 66.56 -22.77 -6.75
N ARG A 474 66.70 -21.76 -5.90
CA ARG A 474 66.75 -20.34 -6.31
C ARG A 474 65.43 -19.87 -6.95
N THR B 6 -44.33 6.98 57.79
CA THR B 6 -44.71 6.02 58.82
C THR B 6 -46.05 5.37 58.49
N ARG B 7 -46.50 5.51 57.24
CA ARG B 7 -47.78 4.92 56.85
C ARG B 7 -47.72 3.41 56.78
N THR B 8 -46.54 2.84 56.45
CA THR B 8 -46.38 1.41 56.34
C THR B 8 -45.66 0.78 57.53
N HIS B 9 -45.21 1.58 58.49
CA HIS B 9 -44.34 1.09 59.56
C HIS B 9 -45.12 0.32 60.61
N GLY B 10 -46.31 -0.12 60.26
CA GLY B 10 -47.14 -0.89 61.19
C GLY B 10 -47.58 -2.19 60.57
N LEU B 11 -47.06 -2.51 59.38
CA LEU B 11 -47.50 -3.69 58.66
C LEU B 11 -47.02 -4.98 59.32
N PHE B 12 -45.72 -5.06 59.63
CA PHE B 12 -45.20 -6.27 60.24
C PHE B 12 -45.72 -6.45 61.67
N LYS B 13 -46.06 -5.36 62.36
CA LYS B 13 -46.67 -5.49 63.67
C LYS B 13 -48.10 -6.00 63.55
N ARG B 14 -48.86 -5.48 62.58
CA ARG B 14 -50.22 -5.93 62.36
C ARG B 14 -50.26 -7.40 61.94
N LEU B 15 -49.22 -7.87 61.25
CA LEU B 15 -49.13 -9.26 60.82
C LEU B 15 -48.43 -10.16 61.83
N GLY B 16 -47.96 -9.60 62.95
CA GLY B 16 -47.27 -10.41 63.94
C GLY B 16 -45.88 -10.86 63.54
N ILE B 17 -45.24 -10.13 62.63
CA ILE B 17 -43.89 -10.47 62.14
C ILE B 17 -42.88 -9.67 62.95
N PRO B 18 -41.87 -10.31 63.54
CA PRO B 18 -40.88 -9.56 64.33
C PRO B 18 -40.02 -8.68 63.45
N GLY B 19 -39.39 -7.69 64.08
CA GLY B 19 -38.53 -6.76 63.39
C GLY B 19 -38.11 -5.61 64.27
N PRO B 20 -36.97 -5.00 63.94
CA PRO B 20 -36.52 -3.83 64.72
C PRO B 20 -37.44 -2.65 64.50
N THR B 21 -37.62 -1.86 65.54
CA THR B 21 -38.52 -0.71 65.47
C THR B 21 -38.00 0.30 64.47
N PRO B 22 -38.74 0.60 63.40
CA PRO B 22 -38.23 1.51 62.38
C PRO B 22 -38.32 2.97 62.82
N LEU B 23 -37.33 3.74 62.38
CA LEU B 23 -37.32 5.17 62.64
C LEU B 23 -38.29 5.87 61.69
N PRO B 24 -38.88 7.00 62.10
CA PRO B 24 -39.98 7.59 61.33
C PRO B 24 -39.72 7.83 59.85
N LEU B 25 -38.61 8.48 59.50
CA LEU B 25 -38.39 8.77 58.09
C LEU B 25 -37.48 7.73 57.42
N LEU B 26 -36.46 7.27 58.13
CA LEU B 26 -35.47 6.36 57.58
C LEU B 26 -35.91 4.91 57.59
N GLY B 27 -36.62 4.49 58.62
CA GLY B 27 -36.91 3.06 58.80
C GLY B 27 -35.81 2.37 59.58
N ASN B 28 -35.18 1.36 58.98
CA ASN B 28 -34.05 0.67 59.58
C ASN B 28 -32.75 0.94 58.82
N VAL B 29 -32.73 1.94 57.94
CA VAL B 29 -31.60 2.17 57.05
C VAL B 29 -30.33 2.49 57.85
N LEU B 30 -30.47 3.20 58.96
CA LEU B 30 -29.30 3.53 59.78
C LEU B 30 -28.55 2.27 60.21
N SER B 31 -29.26 1.16 60.37
CA SER B 31 -28.61 -0.07 60.82
C SER B 31 -27.73 -0.70 59.75
N TYR B 32 -27.77 -0.19 58.52
CA TYR B 32 -26.88 -0.66 57.47
C TYR B 32 -25.47 -0.13 57.61
N ARG B 33 -25.25 0.88 58.48
CA ARG B 33 -23.96 1.53 58.55
C ARG B 33 -22.87 0.56 59.03
N GLN B 34 -23.23 -0.43 59.84
CA GLN B 34 -22.29 -1.45 60.30
C GLN B 34 -22.10 -2.57 59.28
N GLY B 35 -22.65 -2.41 58.08
CA GLY B 35 -22.58 -3.44 57.07
C GLY B 35 -23.89 -4.20 56.95
N LEU B 36 -24.41 -4.31 55.73
CA LEU B 36 -25.65 -5.04 55.52
C LEU B 36 -25.50 -6.52 55.88
N TRP B 37 -24.33 -7.09 55.63
CA TRP B 37 -24.09 -8.48 56.00
C TRP B 37 -24.22 -8.67 57.51
N LYS B 38 -23.75 -7.70 58.29
CA LYS B 38 -23.84 -7.81 59.75
C LYS B 38 -25.27 -7.59 60.25
N PHE B 39 -26.02 -6.70 59.58
CA PHE B 39 -27.39 -6.43 60.01
C PHE B 39 -28.28 -7.66 59.83
N ASP B 40 -28.11 -8.39 58.72
CA ASP B 40 -28.87 -9.62 58.53
C ASP B 40 -28.48 -10.69 59.54
N THR B 41 -27.20 -10.74 59.93
CA THR B 41 -26.77 -11.75 60.89
C THR B 41 -27.37 -11.49 62.27
N GLU B 42 -27.36 -10.22 62.71
CA GLU B 42 -27.97 -9.89 64.00
C GLU B 42 -29.46 -10.15 64.00
N CYS B 43 -30.14 -9.75 62.91
CA CYS B 43 -31.58 -10.00 62.82
C CYS B 43 -31.89 -11.48 62.77
N TYR B 44 -31.00 -12.29 62.19
CA TYR B 44 -31.26 -13.72 62.10
C TYR B 44 -31.10 -14.41 63.44
N LYS B 45 -30.29 -13.85 64.34
CA LYS B 45 -30.10 -14.45 65.65
C LYS B 45 -31.08 -13.91 66.69
N LYS B 46 -31.45 -12.63 66.59
CA LYS B 46 -32.39 -12.05 67.55
C LYS B 46 -33.81 -12.56 67.30
N TYR B 47 -34.23 -12.54 66.04
CA TYR B 47 -35.52 -13.07 65.63
C TYR B 47 -35.28 -14.35 64.85
N GLY B 48 -36.03 -15.40 65.19
CA GLY B 48 -35.83 -16.72 64.61
C GLY B 48 -35.69 -16.71 63.10
N LYS B 49 -36.81 -16.53 62.41
CA LYS B 49 -36.79 -16.35 60.97
C LYS B 49 -37.98 -15.51 60.57
N MET B 50 -38.00 -15.10 59.31
CA MET B 50 -39.08 -14.28 58.76
C MET B 50 -39.24 -12.98 59.55
N TRP B 51 -38.20 -12.16 59.54
CA TRP B 51 -38.25 -10.86 60.19
C TRP B 51 -38.52 -9.77 59.17
N GLY B 52 -39.15 -8.68 59.62
CA GLY B 52 -39.44 -7.57 58.75
C GLY B 52 -38.73 -6.27 59.09
N THR B 53 -38.22 -5.59 58.07
CA THR B 53 -37.57 -4.30 58.23
C THR B 53 -38.13 -3.32 57.20
N TYR B 54 -37.76 -2.06 57.34
CA TYR B 54 -38.27 -1.01 56.47
C TYR B 54 -37.10 -0.21 55.95
N GLU B 55 -37.05 -0.03 54.62
CA GLU B 55 -36.12 0.89 53.99
C GLU B 55 -36.96 2.12 53.65
N GLY B 56 -37.06 3.04 54.60
CA GLY B 56 -37.98 4.14 54.47
C GLY B 56 -39.41 3.71 54.68
N GLN B 57 -40.23 3.79 53.64
CA GLN B 57 -41.60 3.28 53.66
C GLN B 57 -41.70 1.86 53.12
N LEU B 58 -40.67 1.36 52.44
CA LEU B 58 -40.73 0.06 51.80
C LEU B 58 -40.60 -1.05 52.83
N PRO B 59 -41.59 -1.94 52.97
CA PRO B 59 -41.44 -3.07 53.89
C PRO B 59 -40.64 -4.19 53.24
N VAL B 60 -39.78 -4.82 54.03
CA VAL B 60 -38.85 -5.84 53.56
C VAL B 60 -39.00 -7.08 54.44
N LEU B 61 -39.31 -8.22 53.83
CA LEU B 61 -39.46 -9.48 54.53
C LEU B 61 -38.28 -10.37 54.18
N ALA B 62 -37.57 -10.88 55.20
CA ALA B 62 -36.40 -11.72 55.01
C ALA B 62 -36.74 -13.14 55.46
N ILE B 63 -36.75 -14.08 54.50
CA ILE B 63 -37.15 -15.45 54.75
C ILE B 63 -35.91 -16.33 54.79
N THR B 64 -35.92 -17.33 55.68
CA THR B 64 -34.83 -18.30 55.77
C THR B 64 -35.29 -19.76 55.68
N ASP B 65 -36.57 -20.01 55.45
CA ASP B 65 -37.08 -21.37 55.30
C ASP B 65 -36.83 -21.83 53.87
N PRO B 66 -36.09 -22.93 53.66
CA PRO B 66 -35.77 -23.33 52.28
C PRO B 66 -36.96 -23.65 51.41
N ASP B 67 -38.09 -24.06 52.01
CA ASP B 67 -39.29 -24.28 51.21
C ASP B 67 -39.91 -22.95 50.77
N VAL B 68 -39.91 -21.96 51.67
CA VAL B 68 -40.37 -20.63 51.30
C VAL B 68 -39.42 -20.02 50.27
N ILE B 69 -38.11 -20.22 50.44
CA ILE B 69 -37.13 -19.73 49.49
C ILE B 69 -37.38 -20.33 48.11
N ARG B 70 -37.72 -21.63 48.07
CA ARG B 70 -38.00 -22.29 46.81
C ARG B 70 -39.21 -21.67 46.13
N THR B 71 -40.21 -21.27 46.92
CA THR B 71 -41.43 -20.72 46.33
C THR B 71 -41.18 -19.37 45.68
N VAL B 72 -40.36 -18.53 46.30
CA VAL B 72 -40.13 -17.16 45.82
C VAL B 72 -39.06 -17.07 44.74
N LEU B 73 -38.14 -18.03 44.66
CA LEU B 73 -37.06 -17.97 43.69
C LEU B 73 -37.25 -18.89 42.50
N VAL B 74 -37.98 -19.98 42.67
CA VAL B 74 -38.15 -20.95 41.59
C VAL B 74 -39.61 -21.01 41.14
N LYS B 75 -40.49 -21.43 42.05
CA LYS B 75 -41.87 -21.73 41.67
C LYS B 75 -42.59 -20.49 41.18
N GLU B 76 -42.78 -19.50 42.05
CA GLU B 76 -43.57 -18.32 41.75
C GLU B 76 -42.71 -17.15 41.28
N CYS B 77 -41.64 -17.45 40.54
CA CYS B 77 -40.83 -16.40 39.95
C CYS B 77 -41.62 -15.62 38.91
N TYR B 78 -42.11 -16.31 37.87
CA TYR B 78 -42.97 -15.67 36.88
C TYR B 78 -44.31 -15.25 37.48
N SER B 79 -44.72 -15.87 38.58
CA SER B 79 -46.03 -15.57 39.17
C SER B 79 -46.03 -14.24 39.90
N VAL B 80 -45.14 -14.10 40.89
CA VAL B 80 -45.13 -12.96 41.79
C VAL B 80 -43.78 -12.25 41.81
N PHE B 81 -42.68 -13.00 41.85
CA PHE B 81 -41.38 -12.40 42.10
C PHE B 81 -40.52 -12.34 40.86
N THR B 82 -40.99 -11.64 39.82
CA THR B 82 -40.27 -11.58 38.56
C THR B 82 -39.08 -10.63 38.63
N ASN B 83 -39.25 -9.50 39.30
CA ASN B 83 -38.24 -8.44 39.30
C ASN B 83 -37.43 -8.48 40.58
N ARG B 84 -36.20 -7.98 40.48
CA ARG B 84 -35.26 -8.08 41.60
C ARG B 84 -35.47 -6.99 42.64
N ARG B 85 -35.52 -5.75 42.21
CA ARG B 85 -35.77 -4.65 43.11
C ARG B 85 -36.17 -3.38 42.35
N SER B 86 -37.04 -2.55 42.91
CA SER B 86 -37.37 -1.29 42.28
C SER B 86 -36.15 -0.41 42.08
N LEU B 87 -35.97 0.07 40.85
CA LEU B 87 -34.78 0.82 40.48
C LEU B 87 -35.00 2.31 40.64
N GLY B 88 -33.96 3.02 41.05
CA GLY B 88 -33.97 4.45 41.08
C GLY B 88 -33.69 5.04 39.71
N PRO B 89 -33.28 6.31 39.66
CA PRO B 89 -32.88 6.89 38.38
C PRO B 89 -31.67 6.19 37.78
N VAL B 90 -31.90 5.39 36.74
CA VAL B 90 -30.82 4.63 36.11
C VAL B 90 -30.62 5.00 34.64
N GLY B 91 -31.62 5.52 33.95
CA GLY B 91 -31.44 5.91 32.56
C GLY B 91 -31.55 4.75 31.62
N PHE B 92 -30.70 4.72 30.59
CA PHE B 92 -30.79 3.66 29.59
C PHE B 92 -30.39 2.30 30.16
N MET B 93 -29.69 2.27 31.29
CA MET B 93 -29.36 1.00 31.92
C MET B 93 -30.58 0.28 32.52
N LYS B 94 -31.79 0.79 32.30
CA LYS B 94 -33.00 0.07 32.67
C LYS B 94 -33.17 -1.22 31.87
N SER B 95 -32.55 -1.31 30.68
CA SER B 95 -32.63 -2.49 29.85
C SER B 95 -31.51 -3.49 30.11
N ALA B 96 -30.59 -3.17 31.02
CA ALA B 96 -29.58 -4.14 31.42
C ALA B 96 -30.27 -5.33 32.07
N ILE B 97 -29.78 -6.53 31.74
CA ILE B 97 -30.47 -7.76 32.12
C ILE B 97 -30.74 -7.93 33.61
N SER B 98 -29.79 -7.54 34.45
CA SER B 98 -30.00 -7.64 35.90
C SER B 98 -30.96 -6.56 36.44
N LEU B 99 -31.21 -5.52 35.64
CA LEU B 99 -32.08 -4.43 36.04
C LEU B 99 -33.39 -4.49 35.27
N ALA B 100 -33.44 -5.18 34.14
CA ALA B 100 -34.64 -5.25 33.33
C ALA B 100 -35.75 -5.99 34.10
N GLU B 101 -36.98 -5.77 33.65
CA GLU B 101 -38.15 -6.28 34.37
C GLU B 101 -39.14 -6.92 33.40
N ASP B 102 -39.80 -7.97 33.87
CA ASP B 102 -40.99 -8.55 33.23
C ASP B 102 -40.63 -9.01 31.80
N GLU B 103 -41.51 -8.78 30.82
CA GLU B 103 -41.33 -9.38 29.50
C GLU B 103 -40.10 -8.83 28.78
N GLU B 104 -39.69 -7.61 29.10
CA GLU B 104 -38.44 -7.09 28.55
C GLU B 104 -37.25 -7.89 29.05
N TRP B 105 -37.30 -8.34 30.31
CA TRP B 105 -36.20 -9.13 30.85
C TRP B 105 -36.14 -10.51 30.22
N LYS B 106 -37.29 -11.15 30.01
CA LYS B 106 -37.31 -12.49 29.42
C LYS B 106 -36.73 -12.49 28.02
N ARG B 107 -36.93 -11.40 27.26
CA ARG B 107 -36.35 -11.30 25.93
C ARG B 107 -34.84 -11.09 26.00
N ILE B 108 -34.37 -10.26 26.95
CA ILE B 108 -32.94 -10.03 27.08
C ILE B 108 -32.23 -11.28 27.61
N ARG B 109 -32.84 -11.95 28.59
CA ARG B 109 -32.24 -13.18 29.11
C ARG B 109 -32.15 -14.25 28.03
N SER B 110 -33.21 -14.41 27.24
CA SER B 110 -33.21 -15.44 26.21
C SER B 110 -32.27 -15.09 25.05
N LEU B 111 -32.07 -13.80 24.79
CA LEU B 111 -31.11 -13.40 23.77
C LEU B 111 -29.67 -13.55 24.24
N LEU B 112 -29.41 -13.37 25.54
CA LEU B 112 -28.06 -13.43 26.07
C LEU B 112 -27.66 -14.83 26.54
N SER B 113 -28.64 -15.71 26.79
CA SER B 113 -28.31 -17.04 27.29
C SER B 113 -27.36 -17.85 26.41
N PRO B 114 -27.43 -17.80 25.07
CA PRO B 114 -26.48 -18.58 24.26
C PRO B 114 -25.02 -18.18 24.41
N THR B 115 -24.72 -17.11 25.17
CA THR B 115 -23.34 -16.66 25.29
C THR B 115 -22.50 -17.67 26.07
N PHE B 116 -23.08 -18.29 27.10
CA PHE B 116 -22.30 -19.15 28.00
C PHE B 116 -22.72 -20.61 27.93
N THR B 117 -22.91 -21.13 26.72
CA THR B 117 -23.14 -22.55 26.54
C THR B 117 -21.84 -23.32 26.69
N SER B 118 -21.95 -24.64 26.83
CA SER B 118 -20.76 -25.46 27.03
C SER B 118 -19.80 -25.33 25.86
N GLY B 119 -20.32 -25.23 24.64
CA GLY B 119 -19.45 -25.14 23.48
C GLY B 119 -18.70 -23.81 23.42
N LYS B 120 -19.38 -22.72 23.76
CA LYS B 120 -18.73 -21.41 23.73
C LYS B 120 -17.65 -21.31 24.79
N LEU B 121 -17.89 -21.90 25.97
CA LEU B 121 -16.89 -21.86 27.03
C LEU B 121 -15.62 -22.58 26.61
N LYS B 122 -15.75 -23.75 26.00
CA LYS B 122 -14.57 -24.53 25.59
C LYS B 122 -13.72 -23.77 24.58
N GLU B 123 -14.33 -22.91 23.77
CA GLU B 123 -13.59 -22.23 22.71
C GLU B 123 -12.91 -20.95 23.18
N MET B 124 -13.42 -20.29 24.21
CA MET B 124 -12.75 -19.14 24.79
C MET B 124 -11.70 -19.53 25.81
N PHE B 125 -11.59 -20.82 26.13
CA PHE B 125 -10.53 -21.30 27.01
C PHE B 125 -9.13 -20.90 26.55
N PRO B 126 -8.75 -21.01 25.27
CA PRO B 126 -7.45 -20.48 24.86
C PRO B 126 -7.29 -18.99 25.07
N ILE B 127 -8.37 -18.22 24.95
CA ILE B 127 -8.29 -16.79 25.19
C ILE B 127 -7.93 -16.51 26.65
N ILE B 128 -8.65 -17.14 27.56
CA ILE B 128 -8.40 -16.96 28.99
C ILE B 128 -7.01 -17.45 29.35
N ALA B 129 -6.61 -18.60 28.80
CA ALA B 129 -5.30 -19.17 29.12
C ALA B 129 -4.17 -18.25 28.67
N GLN B 130 -4.33 -17.59 27.52
CA GLN B 130 -3.32 -16.64 27.07
C GLN B 130 -3.21 -15.46 28.02
N TYR B 131 -4.33 -15.02 28.58
CA TYR B 131 -4.27 -14.00 29.62
C TYR B 131 -3.68 -14.54 30.92
N GLY B 132 -3.87 -15.83 31.19
CA GLY B 132 -3.26 -16.44 32.36
C GLY B 132 -1.75 -16.46 32.30
N ASP B 133 -1.18 -16.57 31.09
CA ASP B 133 0.27 -16.57 30.96
C ASP B 133 0.87 -15.22 31.32
N VAL B 134 0.26 -14.13 30.84
CA VAL B 134 0.72 -12.79 31.23
C VAL B 134 0.56 -12.57 32.72
N LEU B 135 -0.47 -13.18 33.33
CA LEU B 135 -0.65 -13.10 34.77
C LEU B 135 0.51 -13.76 35.50
N VAL B 136 0.88 -14.97 35.09
CA VAL B 136 2.00 -15.67 35.71
C VAL B 136 3.30 -14.90 35.53
N ARG B 137 3.47 -14.27 34.36
CA ARG B 137 4.71 -13.55 34.11
C ARG B 137 4.78 -12.25 34.92
N ASN B 138 3.69 -11.50 35.00
CA ASN B 138 3.70 -10.26 35.77
C ASN B 138 3.80 -10.53 37.26
N LEU B 139 3.16 -11.60 37.72
CA LEU B 139 3.25 -11.96 39.14
C LEU B 139 4.65 -12.47 39.48
N ARG B 140 5.36 -13.04 38.50
CA ARG B 140 6.73 -13.49 38.72
C ARG B 140 7.65 -12.33 39.04
N ARG B 141 7.46 -11.20 38.36
CA ARG B 141 8.35 -10.04 38.56
C ARG B 141 8.25 -9.51 39.99
N GLU B 142 7.03 -9.36 40.49
CA GLU B 142 6.85 -8.91 41.87
C GLU B 142 7.39 -9.92 42.87
N ALA B 143 7.32 -11.21 42.54
CA ALA B 143 7.86 -12.23 43.43
C ALA B 143 9.39 -12.22 43.41
N GLU B 144 9.99 -11.98 42.25
CA GLU B 144 11.45 -11.91 42.17
C GLU B 144 11.98 -10.63 42.81
N LYS B 145 11.25 -9.53 42.68
CA LYS B 145 11.62 -8.31 43.40
C LYS B 145 11.48 -8.45 44.91
N GLY B 146 10.70 -9.42 45.38
CA GLY B 146 10.48 -9.59 46.80
C GLY B 146 9.48 -8.64 47.41
N LYS B 147 8.70 -7.93 46.59
CA LYS B 147 7.76 -6.92 47.07
C LYS B 147 6.41 -7.55 47.38
N PRO B 148 5.68 -7.00 48.36
CA PRO B 148 4.33 -7.49 48.63
C PRO B 148 3.44 -7.25 47.41
N VAL B 149 2.39 -8.06 47.29
CA VAL B 149 1.50 -8.03 46.15
C VAL B 149 0.10 -7.72 46.63
N THR B 150 -0.45 -6.60 46.15
CA THR B 150 -1.86 -6.27 46.35
C THR B 150 -2.68 -7.07 45.34
N LEU B 151 -3.52 -7.97 45.85
CA LEU B 151 -4.16 -8.95 44.98
C LEU B 151 -5.16 -8.30 44.03
N LYS B 152 -5.99 -7.38 44.55
CA LYS B 152 -7.05 -6.80 43.73
C LYS B 152 -6.49 -6.06 42.52
N ASP B 153 -5.25 -5.58 42.60
CA ASP B 153 -4.69 -4.83 41.48
C ASP B 153 -4.36 -5.76 40.31
N ILE B 154 -3.54 -6.78 40.55
CA ILE B 154 -3.11 -7.64 39.45
C ILE B 154 -4.20 -8.63 39.05
N PHE B 155 -4.91 -9.19 40.02
CA PHE B 155 -6.00 -10.09 39.67
C PHE B 155 -7.21 -9.35 39.14
N GLY B 156 -7.37 -8.07 39.49
CA GLY B 156 -8.43 -7.28 38.88
C GLY B 156 -8.12 -6.94 37.44
N ALA B 157 -6.85 -6.63 37.14
CA ALA B 157 -6.46 -6.39 35.76
C ALA B 157 -6.61 -7.65 34.91
N TYR B 158 -6.33 -8.82 35.51
CA TYR B 158 -6.55 -10.08 34.81
C TYR B 158 -8.02 -10.26 34.47
N SER B 159 -8.91 -10.06 35.44
CA SER B 159 -10.33 -10.26 35.19
C SER B 159 -10.85 -9.30 34.12
N MET B 160 -10.38 -8.06 34.14
CA MET B 160 -10.78 -7.11 33.11
C MET B 160 -10.32 -7.56 31.73
N ASP B 161 -9.10 -8.09 31.64
CA ASP B 161 -8.61 -8.61 30.36
C ASP B 161 -9.46 -9.79 29.89
N VAL B 162 -9.87 -10.65 30.81
CA VAL B 162 -10.63 -11.84 30.43
C VAL B 162 -12.02 -11.46 29.92
N ILE B 163 -12.68 -10.51 30.59
CA ILE B 163 -14.04 -10.16 30.20
C ILE B 163 -14.04 -9.38 28.88
N THR B 164 -13.03 -8.54 28.65
CA THR B 164 -12.99 -7.79 27.41
C THR B 164 -12.60 -8.68 26.23
N GLY B 165 -11.61 -9.56 26.42
CA GLY B 165 -11.14 -10.37 25.32
C GLY B 165 -12.16 -11.41 24.87
N THR B 166 -12.89 -12.00 25.82
CA THR B 166 -13.86 -13.03 25.46
C THR B 166 -15.18 -12.45 24.98
N SER B 167 -15.57 -11.29 25.49
CA SER B 167 -16.87 -10.74 25.16
C SER B 167 -16.84 -9.78 23.98
N PHE B 168 -15.70 -9.13 23.72
CA PHE B 168 -15.60 -8.16 22.64
C PHE B 168 -14.49 -8.45 21.65
N GLY B 169 -13.69 -9.49 21.86
CA GLY B 169 -12.60 -9.78 20.96
C GLY B 169 -11.57 -8.68 20.87
N VAL B 170 -11.30 -8.01 21.97
CA VAL B 170 -10.36 -6.88 22.02
C VAL B 170 -9.40 -7.11 23.18
N ASN B 171 -8.10 -7.00 22.89
CA ASN B 171 -7.06 -7.13 23.92
C ASN B 171 -6.70 -5.72 24.37
N ILE B 172 -7.34 -5.26 25.45
CA ILE B 172 -7.04 -3.94 26.00
C ILE B 172 -5.73 -3.92 26.79
N ASP B 173 -5.11 -5.08 26.99
CA ASP B 173 -3.83 -5.19 27.69
C ASP B 173 -3.89 -4.55 29.07
N SER B 174 -4.91 -4.93 29.84
CA SER B 174 -5.07 -4.38 31.19
C SER B 174 -3.95 -4.84 32.11
N LEU B 175 -3.43 -6.05 31.90
CA LEU B 175 -2.39 -6.57 32.78
C LEU B 175 -1.08 -5.81 32.65
N ASN B 176 -0.81 -5.23 31.47
CA ASN B 176 0.42 -4.48 31.25
C ASN B 176 0.22 -2.97 31.21
N ASN B 177 -0.98 -2.50 31.54
CA ASN B 177 -1.27 -1.06 31.53
C ASN B 177 -1.43 -0.61 32.97
N PRO B 178 -0.51 0.20 33.50
CA PRO B 178 -0.64 0.62 34.91
C PRO B 178 -1.83 1.53 35.16
N GLN B 179 -2.26 2.30 34.17
CA GLN B 179 -3.41 3.18 34.31
C GLN B 179 -4.49 2.79 33.31
N ASP B 180 -4.94 1.54 33.38
CA ASP B 180 -5.94 1.05 32.45
C ASP B 180 -7.23 1.85 32.56
N PRO B 181 -7.69 2.50 31.50
CA PRO B 181 -8.92 3.30 31.61
C PRO B 181 -10.15 2.47 31.96
N PHE B 182 -10.18 1.21 31.53
CA PHE B 182 -11.33 0.36 31.82
C PHE B 182 -11.42 0.04 33.31
N VAL B 183 -10.29 -0.36 33.91
CA VAL B 183 -10.30 -0.65 35.34
C VAL B 183 -10.53 0.63 36.15
N GLU B 184 -9.92 1.74 35.73
CA GLU B 184 -10.04 2.99 36.47
C GLU B 184 -11.49 3.46 36.52
N SER B 185 -12.22 3.28 35.42
CA SER B 185 -13.63 3.69 35.41
C SER B 185 -14.52 2.67 36.10
N THR B 186 -14.26 1.37 35.90
CA THR B 186 -15.16 0.34 36.41
C THR B 186 -15.16 0.30 37.93
N LYS B 187 -13.99 0.50 38.56
CA LYS B 187 -13.94 0.44 40.01
C LYS B 187 -14.70 1.57 40.69
N LYS B 188 -15.13 2.59 39.94
CA LYS B 188 -15.99 3.62 40.50
C LYS B 188 -17.38 3.10 40.85
N PHE B 189 -17.77 1.95 40.29
CA PHE B 189 -19.04 1.33 40.65
C PHE B 189 -19.08 0.88 42.11
N LEU B 190 -17.93 0.75 42.76
CA LEU B 190 -17.86 0.24 44.12
C LEU B 190 -17.93 1.32 45.19
N LYS B 191 -17.67 2.58 44.84
CA LYS B 191 -17.58 3.63 45.85
C LYS B 191 -18.93 3.99 46.46
N PHE B 192 -20.04 3.63 45.81
CA PHE B 192 -21.35 4.06 46.27
C PHE B 192 -21.90 3.14 47.35
N GLY B 193 -22.58 3.73 48.33
CA GLY B 193 -23.17 2.98 49.41
C GLY B 193 -24.62 3.33 49.65
N PHE B 194 -25.21 2.79 50.72
CA PHE B 194 -26.62 3.03 51.00
C PHE B 194 -26.87 4.44 51.52
N LEU B 195 -25.89 5.04 52.20
CA LEU B 195 -26.07 6.34 52.83
C LEU B 195 -25.60 7.49 51.95
N ASP B 196 -25.45 7.27 50.65
CA ASP B 196 -25.08 8.36 49.75
C ASP B 196 -26.26 9.31 49.56
N PRO B 197 -25.98 10.59 49.28
CA PRO B 197 -27.09 11.56 49.16
C PRO B 197 -28.09 11.20 48.07
N LEU B 198 -27.62 10.88 46.86
CA LEU B 198 -28.54 10.60 45.76
C LEU B 198 -29.34 9.34 46.02
N PHE B 199 -28.69 8.30 46.54
CA PHE B 199 -29.38 7.02 46.73
C PHE B 199 -30.33 7.06 47.91
N LEU B 200 -29.94 7.75 48.98
CA LEU B 200 -30.79 7.78 50.18
C LEU B 200 -32.10 8.50 49.89
N SER B 201 -32.06 9.57 49.10
CA SER B 201 -33.28 10.29 48.78
C SER B 201 -34.25 9.40 48.00
N ILE B 202 -33.71 8.52 47.16
CA ILE B 202 -34.56 7.59 46.41
C ILE B 202 -35.24 6.60 47.37
N ILE B 203 -34.52 6.17 48.41
CA ILE B 203 -35.10 5.25 49.39
C ILE B 203 -36.22 5.93 50.16
N LEU B 204 -35.94 7.10 50.74
CA LEU B 204 -36.92 7.78 51.57
C LEU B 204 -38.07 8.35 50.74
N PHE B 205 -37.76 8.86 49.55
CA PHE B 205 -38.73 9.51 48.67
C PHE B 205 -38.69 8.81 47.32
N PRO B 206 -39.34 7.65 47.20
CA PRO B 206 -39.31 6.92 45.92
C PRO B 206 -39.96 7.68 44.78
N PHE B 207 -40.86 8.63 45.07
CA PHE B 207 -41.48 9.42 44.01
C PHE B 207 -40.47 10.30 43.27
N LEU B 208 -39.28 10.53 43.84
CA LEU B 208 -38.27 11.34 43.18
C LEU B 208 -37.64 10.63 41.99
N THR B 209 -37.86 9.33 41.82
CA THR B 209 -37.20 8.61 40.73
C THR B 209 -37.56 9.13 39.34
N PRO B 210 -38.84 9.31 38.97
CA PRO B 210 -39.13 9.90 37.66
C PRO B 210 -38.66 11.33 37.52
N VAL B 211 -38.47 12.05 38.63
CA VAL B 211 -37.94 13.40 38.58
C VAL B 211 -36.51 13.39 38.04
N PHE B 212 -35.62 12.65 38.72
CA PHE B 212 -34.24 12.56 38.26
C PHE B 212 -34.14 11.90 36.90
N GLU B 213 -35.09 11.03 36.56
CA GLU B 213 -35.04 10.37 35.27
C GLU B 213 -35.32 11.35 34.14
N ALA B 214 -36.17 12.35 34.39
CA ALA B 214 -36.42 13.39 33.39
C ALA B 214 -35.28 14.39 33.31
N LEU B 215 -34.54 14.57 34.41
CA LEU B 215 -33.38 15.44 34.44
C LEU B 215 -32.09 14.75 34.01
N ASN B 216 -32.18 13.50 33.55
CA ASN B 216 -31.01 12.74 33.07
C ASN B 216 -29.96 12.53 34.15
N VAL B 217 -30.39 12.43 35.41
CA VAL B 217 -29.52 12.13 36.54
C VAL B 217 -29.62 10.64 36.82
N SER B 218 -28.47 9.99 37.02
CA SER B 218 -28.40 8.55 37.20
C SER B 218 -27.62 8.20 38.46
N LEU B 219 -27.95 7.03 39.04
CA LEU B 219 -27.20 6.52 40.18
C LEU B 219 -25.78 6.15 39.80
N PHE B 220 -25.52 5.83 38.54
CA PHE B 220 -24.23 5.36 38.06
C PHE B 220 -23.30 6.54 37.77
N PRO B 221 -21.99 6.32 37.87
CA PRO B 221 -21.01 7.37 37.50
C PRO B 221 -21.14 7.68 36.02
N LYS B 222 -21.50 8.92 35.71
CA LYS B 222 -21.76 9.28 34.33
C LYS B 222 -20.50 9.16 33.47
N ASP B 223 -19.34 9.46 34.05
CA ASP B 223 -18.09 9.32 33.31
C ASP B 223 -17.75 7.86 33.06
N THR B 224 -18.05 6.99 34.02
CA THR B 224 -17.83 5.56 33.83
C THR B 224 -18.81 4.99 32.81
N ILE B 225 -20.08 5.37 32.90
CA ILE B 225 -21.08 4.90 31.95
C ILE B 225 -20.77 5.40 30.54
N ASN B 226 -20.34 6.66 30.43
CA ASN B 226 -20.08 7.22 29.10
C ASN B 226 -18.82 6.64 28.48
N PHE B 227 -17.76 6.45 29.28
CA PHE B 227 -16.53 5.90 28.72
C PHE B 227 -16.75 4.48 28.20
N LEU B 228 -17.43 3.65 28.99
CA LEU B 228 -17.70 2.28 28.56
C LEU B 228 -18.58 2.25 27.32
N SER B 229 -19.70 2.97 27.35
CA SER B 229 -20.61 2.99 26.21
C SER B 229 -19.92 3.57 24.97
N LYS B 230 -19.11 4.60 25.16
CA LYS B 230 -18.37 5.16 24.02
C LYS B 230 -17.32 4.19 23.53
N SER B 231 -16.64 3.51 24.45
CA SER B 231 -15.60 2.56 24.04
C SER B 231 -16.22 1.27 23.51
N VAL B 232 -17.40 0.88 24.02
CA VAL B 232 -18.09 -0.28 23.47
C VAL B 232 -18.52 -0.01 22.04
N ASN B 233 -18.92 1.22 21.75
CA ASN B 233 -19.32 1.57 20.39
C ASN B 233 -18.13 1.49 19.43
N ARG B 234 -16.95 1.93 19.88
CA ARG B 234 -15.76 1.85 19.03
C ARG B 234 -15.40 0.42 18.69
N MET B 235 -15.65 -0.52 19.60
CA MET B 235 -15.33 -1.92 19.35
C MET B 235 -16.33 -2.57 18.40
N LYS B 236 -17.59 -2.10 18.37
CA LYS B 236 -18.57 -2.70 17.48
C LYS B 236 -18.32 -2.30 16.02
N LYS B 237 -17.91 -1.06 15.79
CA LYS B 237 -17.63 -0.61 14.44
C LYS B 237 -16.37 -1.27 13.87
N SER B 238 -15.40 -1.60 14.74
CA SER B 238 -14.23 -2.35 14.29
C SER B 238 -14.59 -3.78 13.91
N ARG B 239 -15.55 -4.38 14.63
CA ARG B 239 -16.04 -5.70 14.24
C ARG B 239 -16.75 -5.65 12.89
N LEU B 240 -17.45 -4.55 12.61
CA LEU B 240 -18.13 -4.38 11.33
C LEU B 240 -17.19 -3.95 10.21
N ASN B 241 -16.02 -3.41 10.55
CA ASN B 241 -15.08 -2.95 9.53
C ASN B 241 -14.35 -4.12 8.89
N ASP B 242 -13.77 -5.01 9.70
CA ASP B 242 -13.00 -6.14 9.22
C ASP B 242 -13.87 -7.38 9.23
N LYS B 243 -14.03 -8.01 8.06
CA LYS B 243 -14.84 -9.23 7.94
C LYS B 243 -14.12 -10.47 8.45
N GLN B 244 -12.79 -10.43 8.55
CA GLN B 244 -12.03 -11.61 8.94
C GLN B 244 -12.11 -11.87 10.44
N LYS B 245 -12.02 -10.83 11.25
CA LYS B 245 -12.07 -10.97 12.71
C LYS B 245 -13.48 -11.35 13.16
N HIS B 246 -13.90 -12.56 12.84
CA HIS B 246 -15.24 -13.04 13.17
C HIS B 246 -15.13 -14.15 14.21
N ARG B 247 -15.75 -13.94 15.37
CA ARG B 247 -15.87 -14.97 16.38
C ARG B 247 -17.25 -14.82 17.02
N LEU B 248 -18.00 -15.92 17.08
CA LEU B 248 -19.34 -15.91 17.66
C LEU B 248 -19.22 -15.72 19.17
N ASP B 249 -19.11 -14.45 19.58
CA ASP B 249 -18.94 -14.14 20.99
C ASP B 249 -20.06 -13.25 21.51
N PHE B 250 -19.84 -12.63 22.68
CA PHE B 250 -20.88 -11.82 23.31
C PHE B 250 -21.23 -10.60 22.46
N LEU B 251 -20.22 -9.92 21.91
CA LEU B 251 -20.48 -8.76 21.08
C LEU B 251 -21.16 -9.14 19.78
N GLN B 252 -20.68 -10.22 19.12
CA GLN B 252 -21.26 -10.63 17.85
C GLN B 252 -22.69 -11.11 18.01
N LEU B 253 -22.99 -11.78 19.13
CA LEU B 253 -24.35 -12.25 19.36
C LEU B 253 -25.32 -11.08 19.46
N MET B 254 -24.87 -9.95 19.99
CA MET B 254 -25.74 -8.77 20.06
C MET B 254 -25.83 -8.05 18.72
N ILE B 255 -24.79 -8.15 17.89
CA ILE B 255 -24.84 -7.53 16.56
C ILE B 255 -25.90 -8.18 15.70
N ASP B 256 -26.13 -9.48 15.87
CA ASP B 256 -27.16 -10.16 15.09
C ASP B 256 -28.57 -9.75 15.48
N SER B 257 -28.74 -9.09 16.62
CA SER B 257 -30.08 -8.83 17.14
C SER B 257 -30.79 -7.72 16.38
N GLN B 258 -30.04 -6.78 15.80
CA GLN B 258 -30.68 -5.67 15.08
C GLN B 258 -31.49 -6.15 13.88
N ASN B 259 -31.10 -7.29 13.29
CA ASN B 259 -31.78 -7.83 12.11
C ASN B 259 -33.03 -8.60 12.55
N SER B 260 -34.05 -7.83 12.96
CA SER B 260 -35.33 -8.41 13.38
C SER B 260 -36.50 -7.50 13.01
N ALA B 268 -34.60 -7.97 19.04
CA ALA B 268 -34.25 -6.66 18.50
C ALA B 268 -33.60 -5.82 19.59
N LEU B 269 -32.32 -5.51 19.39
CA LEU B 269 -31.52 -4.81 20.39
C LEU B 269 -31.12 -3.44 19.84
N SER B 270 -31.40 -2.39 20.61
CA SER B 270 -30.99 -1.05 20.23
C SER B 270 -29.51 -0.84 20.53
N ASP B 271 -28.98 0.29 20.04
CA ASP B 271 -27.59 0.61 20.33
C ASP B 271 -27.38 0.94 21.80
N LEU B 272 -28.37 1.54 22.45
CA LEU B 272 -28.25 1.78 23.89
C LEU B 272 -28.45 0.49 24.68
N GLU B 273 -29.37 -0.36 24.24
CA GLU B 273 -29.54 -1.66 24.88
C GLU B 273 -28.31 -2.54 24.72
N LEU B 274 -27.57 -2.35 23.62
CA LEU B 274 -26.34 -3.10 23.41
C LEU B 274 -25.28 -2.70 24.43
N ALA B 275 -25.13 -1.39 24.67
CA ALA B 275 -24.15 -0.92 25.65
C ALA B 275 -24.55 -1.32 27.06
N ALA B 276 -25.86 -1.40 27.34
CA ALA B 276 -26.30 -1.74 28.70
C ALA B 276 -25.85 -3.14 29.09
N GLN B 277 -26.03 -4.12 28.20
CA GLN B 277 -25.57 -5.47 28.49
C GLN B 277 -24.05 -5.51 28.57
N SER B 278 -23.38 -4.71 27.73
CA SER B 278 -21.92 -4.70 27.75
C SER B 278 -21.38 -4.13 29.07
N ILE B 279 -22.08 -3.17 29.66
CA ILE B 279 -21.59 -2.54 30.89
C ILE B 279 -21.79 -3.47 32.09
N ILE B 280 -22.96 -4.10 32.18
CA ILE B 280 -23.20 -5.02 33.29
C ILE B 280 -22.27 -6.23 33.21
N PHE B 281 -21.88 -6.63 32.00
CA PHE B 281 -20.94 -7.74 31.85
C PHE B 281 -19.53 -7.36 32.25
N ILE B 282 -19.07 -6.18 31.83
CA ILE B 282 -17.72 -5.73 32.19
C ILE B 282 -17.57 -5.61 33.70
N PHE B 283 -18.57 -5.05 34.37
CA PHE B 283 -18.48 -4.88 35.82
C PHE B 283 -18.46 -6.22 36.53
N ALA B 284 -19.43 -7.09 36.24
CA ALA B 284 -19.49 -8.37 36.92
C ALA B 284 -18.27 -9.21 36.62
N GLY B 285 -17.77 -9.16 35.38
CA GLY B 285 -16.59 -9.94 35.03
C GLY B 285 -15.33 -9.42 35.70
N TYR B 286 -15.31 -8.15 36.09
CA TYR B 286 -14.15 -7.55 36.72
C TYR B 286 -14.20 -7.66 38.24
N GLU B 287 -15.30 -7.22 38.87
CA GLU B 287 -15.34 -7.13 40.32
C GLU B 287 -15.52 -8.49 40.98
N THR B 288 -16.58 -9.21 40.62
CA THR B 288 -16.88 -10.48 41.30
C THR B 288 -15.75 -11.48 41.14
N THR B 289 -15.17 -11.58 39.94
CA THR B 289 -14.09 -12.52 39.71
C THR B 289 -12.89 -12.22 40.62
N SER B 290 -12.43 -10.97 40.60
CA SER B 290 -11.20 -10.63 41.32
C SER B 290 -11.43 -10.60 42.83
N SER B 291 -12.61 -10.15 43.27
CA SER B 291 -12.89 -10.11 44.69
C SER B 291 -12.85 -11.50 45.31
N VAL B 292 -13.49 -12.48 44.65
CA VAL B 292 -13.49 -13.85 45.17
C VAL B 292 -12.11 -14.49 45.02
N LEU B 293 -11.40 -14.17 43.94
CA LEU B 293 -10.03 -14.66 43.79
C LEU B 293 -9.15 -14.15 44.93
N SER B 294 -9.28 -12.88 45.29
CA SER B 294 -8.53 -12.35 46.43
C SER B 294 -8.90 -13.06 47.71
N PHE B 295 -10.20 -13.33 47.91
CA PHE B 295 -10.63 -14.05 49.11
C PHE B 295 -10.10 -15.48 49.10
N THR B 296 -10.08 -16.13 47.94
CA THR B 296 -9.54 -17.48 47.85
C THR B 296 -8.08 -17.51 48.25
N LEU B 297 -7.28 -16.60 47.69
CA LEU B 297 -5.84 -16.61 47.95
C LEU B 297 -5.53 -16.22 49.40
N TYR B 298 -6.31 -15.30 49.98
CA TYR B 298 -6.15 -15.01 51.40
C TYR B 298 -6.37 -16.25 52.24
N GLU B 299 -7.40 -17.03 51.92
CA GLU B 299 -7.66 -18.25 52.68
C GLU B 299 -6.55 -19.27 52.47
N LEU B 300 -6.00 -19.34 51.26
CA LEU B 300 -4.91 -20.28 51.00
C LEU B 300 -3.64 -19.85 51.73
N ALA B 301 -3.41 -18.54 51.84
CA ALA B 301 -2.23 -18.06 52.55
C ALA B 301 -2.33 -18.33 54.05
N THR B 302 -3.53 -18.28 54.61
CA THR B 302 -3.72 -18.51 56.03
C THR B 302 -3.99 -19.97 56.37
N HIS B 303 -4.19 -20.82 55.36
CA HIS B 303 -4.37 -22.26 55.55
C HIS B 303 -3.38 -22.98 54.64
N PRO B 304 -2.09 -23.00 55.01
CA PRO B 304 -1.08 -23.57 54.11
C PRO B 304 -1.31 -25.03 53.79
N ASP B 305 -1.94 -25.78 54.68
CA ASP B 305 -2.30 -27.17 54.40
C ASP B 305 -3.20 -27.27 53.18
N VAL B 306 -4.27 -26.45 53.14
CA VAL B 306 -5.18 -26.46 52.00
C VAL B 306 -4.47 -26.02 50.73
N GLN B 307 -3.61 -25.00 50.85
CA GLN B 307 -2.83 -24.57 49.69
C GLN B 307 -1.91 -25.68 49.20
N GLN B 308 -1.36 -26.46 50.14
CA GLN B 308 -0.50 -27.57 49.76
C GLN B 308 -1.31 -28.72 49.17
N LYS B 309 -2.45 -29.05 49.78
CA LYS B 309 -3.30 -30.10 49.25
C LYS B 309 -3.84 -29.77 47.88
N LEU B 310 -4.12 -28.48 47.63
CA LEU B 310 -4.58 -28.06 46.31
C LEU B 310 -3.45 -28.05 45.30
N GLN B 311 -2.25 -27.60 45.70
CA GLN B 311 -1.11 -27.65 44.79
C GLN B 311 -0.74 -29.08 44.43
N LYS B 312 -0.98 -30.03 45.35
CA LYS B 312 -0.70 -31.43 45.04
C LYS B 312 -1.69 -31.97 44.01
N GLU B 313 -2.97 -31.63 44.14
CA GLU B 313 -3.96 -32.11 43.18
C GLU B 313 -3.71 -31.52 41.79
N ILE B 314 -3.26 -30.27 41.73
CA ILE B 314 -2.96 -29.67 40.44
C ILE B 314 -1.80 -30.39 39.77
N ASP B 315 -0.76 -30.70 40.55
CA ASP B 315 0.40 -31.40 39.99
C ASP B 315 0.08 -32.86 39.66
N ALA B 316 -0.90 -33.46 40.34
CA ALA B 316 -1.29 -34.82 40.01
C ALA B 316 -2.04 -34.89 38.68
N VAL B 317 -2.80 -33.86 38.35
CA VAL B 317 -3.56 -33.84 37.10
C VAL B 317 -2.79 -33.19 35.96
N LEU B 318 -1.95 -32.20 36.26
CA LEU B 318 -1.15 -31.49 35.27
C LEU B 318 0.32 -31.58 35.66
N PRO B 319 0.97 -32.72 35.40
CA PRO B 319 2.38 -32.85 35.80
C PRO B 319 3.29 -31.95 34.98
N ASN B 320 4.36 -31.51 35.62
CA ASN B 320 5.40 -30.67 34.99
C ASN B 320 4.84 -29.34 34.51
N LYS B 321 3.99 -28.70 35.33
CA LYS B 321 3.36 -27.44 34.99
C LYS B 321 2.65 -27.50 33.64
N ALA B 322 1.96 -28.61 33.40
CA ALA B 322 1.26 -28.80 32.14
C ALA B 322 0.17 -27.74 32.01
N PRO B 323 0.02 -27.12 30.84
CA PRO B 323 -1.00 -26.08 30.66
C PRO B 323 -2.39 -26.66 30.86
N PRO B 324 -3.30 -25.89 31.45
CA PRO B 324 -4.62 -26.43 31.77
C PRO B 324 -5.47 -26.63 30.53
N THR B 325 -6.40 -27.57 30.63
CA THR B 325 -7.42 -27.79 29.61
C THR B 325 -8.80 -27.66 30.25
N TYR B 326 -9.81 -27.50 29.40
CA TYR B 326 -11.18 -27.45 29.91
C TYR B 326 -11.50 -28.68 30.74
N ASP B 327 -11.15 -29.86 30.23
CA ASP B 327 -11.44 -31.09 30.95
C ASP B 327 -10.61 -31.21 32.22
N ALA B 328 -9.42 -30.59 32.25
CA ALA B 328 -8.60 -30.65 33.45
C ALA B 328 -9.17 -29.77 34.56
N VAL B 329 -9.70 -28.60 34.19
CA VAL B 329 -10.23 -27.68 35.19
C VAL B 329 -11.48 -28.25 35.86
N VAL B 330 -12.40 -28.79 35.06
CA VAL B 330 -13.61 -29.39 35.61
C VAL B 330 -13.34 -30.70 36.34
N GLN B 331 -12.12 -31.24 36.21
CA GLN B 331 -11.82 -32.54 36.81
C GLN B 331 -11.39 -32.40 38.27
N MET B 332 -10.73 -31.30 38.62
CA MET B 332 -10.15 -31.14 39.95
C MET B 332 -11.27 -30.97 40.98
N GLU B 333 -11.43 -31.96 41.86
CA GLU B 333 -12.49 -31.91 42.86
C GLU B 333 -12.13 -30.98 44.02
N TYR B 334 -10.89 -31.09 44.52
CA TYR B 334 -10.50 -30.24 45.64
C TYR B 334 -10.47 -28.77 45.26
N LEU B 335 -10.14 -28.46 44.00
CA LEU B 335 -10.21 -27.07 43.54
C LEU B 335 -11.64 -26.56 43.59
N ASP B 336 -12.60 -27.39 43.22
CA ASP B 336 -13.99 -27.00 43.29
C ASP B 336 -14.46 -26.86 44.74
N MET B 337 -13.89 -27.66 45.65
CA MET B 337 -14.24 -27.53 47.06
C MET B 337 -13.68 -26.26 47.66
N VAL B 338 -12.46 -25.88 47.26
CA VAL B 338 -11.85 -24.65 47.75
C VAL B 338 -12.63 -23.44 47.26
N VAL B 339 -12.99 -23.42 45.98
CA VAL B 339 -13.74 -22.29 45.43
C VAL B 339 -15.11 -22.19 46.08
N ASN B 340 -15.77 -23.34 46.33
CA ASN B 340 -17.10 -23.30 46.94
C ASN B 340 -17.04 -22.79 48.37
N GLU B 341 -16.00 -23.17 49.13
CA GLU B 341 -15.90 -22.69 50.50
C GLU B 341 -15.62 -21.20 50.57
N THR B 342 -14.84 -20.67 49.61
CA THR B 342 -14.65 -19.24 49.55
C THR B 342 -15.98 -18.52 49.31
N LEU B 343 -16.80 -19.05 48.40
CA LEU B 343 -18.10 -18.45 48.14
C LEU B 343 -19.03 -18.57 49.33
N ARG B 344 -18.85 -19.60 50.17
CA ARG B 344 -19.65 -19.71 51.38
C ARG B 344 -19.30 -18.61 52.37
N LEU B 345 -18.01 -18.46 52.68
CA LEU B 345 -17.59 -17.39 53.58
C LEU B 345 -17.88 -16.02 52.98
N PHE B 346 -17.64 -15.85 51.68
CA PHE B 346 -17.69 -14.53 51.04
C PHE B 346 -18.55 -14.56 49.78
N PRO B 347 -19.87 -14.55 49.93
CA PRO B 347 -20.75 -14.37 48.77
C PRO B 347 -20.74 -12.94 48.24
N VAL B 348 -20.58 -12.80 46.92
CA VAL B 348 -20.53 -11.46 46.32
C VAL B 348 -21.80 -10.68 46.65
N ALA B 349 -22.95 -11.33 46.55
CA ALA B 349 -24.21 -10.75 46.97
C ALA B 349 -24.52 -11.12 48.41
N ILE B 350 -24.68 -10.10 49.27
CA ILE B 350 -24.97 -10.37 50.67
C ILE B 350 -26.32 -11.07 50.81
N ARG B 351 -27.28 -10.72 49.95
CA ARG B 351 -28.61 -11.30 50.04
C ARG B 351 -29.28 -11.23 48.67
N LEU B 352 -30.17 -12.19 48.42
CA LEU B 352 -30.99 -12.19 47.22
C LEU B 352 -32.27 -11.43 47.51
N GLU B 353 -32.77 -10.71 46.50
CA GLU B 353 -33.89 -9.81 46.69
C GLU B 353 -34.89 -9.93 45.55
N ARG B 354 -36.17 -9.93 45.90
CA ARG B 354 -37.25 -10.01 44.93
C ARG B 354 -38.34 -9.01 45.31
N THR B 355 -39.11 -8.59 44.30
CA THR B 355 -40.17 -7.62 44.49
C THR B 355 -41.52 -8.27 44.18
N CYS B 356 -42.50 -8.06 45.06
CA CYS B 356 -43.84 -8.61 44.89
C CYS B 356 -44.57 -7.87 43.77
N LYS B 357 -44.85 -8.57 42.67
CA LYS B 357 -45.59 -7.97 41.57
C LYS B 357 -47.06 -7.74 41.92
N LYS B 358 -47.57 -8.44 42.94
CA LYS B 358 -48.94 -8.27 43.38
C LYS B 358 -49.01 -8.70 44.85
N ASP B 359 -50.20 -8.61 45.42
CA ASP B 359 -50.42 -9.14 46.76
C ASP B 359 -50.27 -10.66 46.73
N VAL B 360 -49.51 -11.20 47.68
CA VAL B 360 -49.20 -12.62 47.71
C VAL B 360 -49.10 -13.08 49.16
N GLU B 361 -49.41 -14.35 49.39
CA GLU B 361 -49.32 -14.98 50.69
C GLU B 361 -48.02 -15.76 50.80
N ILE B 362 -47.23 -15.47 51.84
CA ILE B 362 -45.98 -16.17 52.09
C ILE B 362 -46.26 -17.35 53.01
N ASN B 363 -45.28 -17.75 53.83
CA ASN B 363 -45.42 -18.95 54.64
C ASN B 363 -46.64 -18.87 55.55
N GLY B 364 -46.86 -17.73 56.19
CA GLY B 364 -48.00 -17.60 57.07
C GLY B 364 -48.65 -16.24 57.02
N VAL B 365 -48.13 -15.33 56.19
CA VAL B 365 -48.63 -13.97 56.16
C VAL B 365 -48.96 -13.56 54.73
N PHE B 366 -49.68 -12.45 54.62
CA PHE B 366 -50.08 -11.85 53.34
C PHE B 366 -49.27 -10.57 53.17
N ILE B 367 -48.53 -10.49 52.09
CA ILE B 367 -47.59 -9.39 51.85
C ILE B 367 -48.13 -8.53 50.71
N PRO B 368 -48.17 -7.22 50.85
CA PRO B 368 -48.79 -6.37 49.83
C PRO B 368 -47.91 -6.18 48.62
N LYS B 369 -48.56 -5.78 47.52
CA LYS B 369 -47.86 -5.46 46.28
C LYS B 369 -46.86 -4.34 46.52
N GLY B 370 -45.67 -4.49 45.91
CA GLY B 370 -44.62 -3.50 46.00
C GLY B 370 -43.56 -3.81 47.04
N SER B 371 -43.86 -4.66 48.01
CA SER B 371 -42.89 -4.99 49.06
C SER B 371 -41.76 -5.82 48.47
N MET B 372 -40.77 -6.12 49.32
CA MET B 372 -39.55 -6.80 48.90
C MET B 372 -39.30 -8.01 49.80
N VAL B 373 -38.98 -9.14 49.18
CA VAL B 373 -38.62 -10.36 49.90
C VAL B 373 -37.12 -10.56 49.77
N VAL B 374 -36.47 -10.95 50.87
CA VAL B 374 -35.02 -11.00 50.95
C VAL B 374 -34.59 -12.37 51.46
N ILE B 375 -33.64 -12.99 50.78
CA ILE B 375 -33.04 -14.24 51.24
C ILE B 375 -31.65 -13.92 51.76
N PRO B 376 -31.46 -13.84 53.09
CA PRO B 376 -30.15 -13.43 53.62
C PRO B 376 -29.08 -14.47 53.39
N THR B 377 -28.47 -14.43 52.20
CA THR B 377 -27.49 -15.44 51.83
C THR B 377 -26.30 -15.45 52.79
N TYR B 378 -25.79 -14.27 53.16
CA TYR B 378 -24.66 -14.23 54.09
C TYR B 378 -25.04 -14.79 55.45
N ALA B 379 -26.25 -14.48 55.93
CA ALA B 379 -26.68 -15.00 57.22
C ALA B 379 -26.83 -16.52 57.18
N LEU B 380 -27.35 -17.05 56.06
CA LEU B 380 -27.54 -18.50 55.95
C LEU B 380 -26.22 -19.21 55.71
N HIS B 381 -25.31 -18.60 54.96
CA HIS B 381 -23.99 -19.20 54.76
C HIS B 381 -23.17 -19.26 56.04
N HIS B 382 -23.51 -18.47 57.05
CA HIS B 382 -22.82 -18.50 58.33
C HIS B 382 -23.69 -19.04 59.46
N ASP B 383 -24.81 -19.66 59.12
CA ASP B 383 -25.72 -20.21 60.12
C ASP B 383 -25.10 -21.43 60.77
N PRO B 384 -24.90 -21.44 62.09
CA PRO B 384 -24.36 -22.65 62.74
C PRO B 384 -25.26 -23.86 62.61
N LYS B 385 -26.56 -23.67 62.38
CA LYS B 385 -27.47 -24.81 62.26
C LYS B 385 -27.18 -25.63 61.01
N TYR B 386 -26.74 -24.98 59.92
CA TYR B 386 -26.44 -25.68 58.68
C TYR B 386 -24.96 -26.02 58.53
N TRP B 387 -24.07 -25.28 59.16
CA TRP B 387 -22.63 -25.46 58.98
C TRP B 387 -21.97 -25.59 60.35
N THR B 388 -21.11 -26.59 60.50
CA THR B 388 -20.40 -26.82 61.74
C THR B 388 -19.22 -25.86 61.81
N GLU B 389 -19.21 -25.00 62.84
CA GLU B 389 -18.20 -23.96 63.02
C GLU B 389 -18.09 -23.15 61.74
N PRO B 390 -19.07 -22.28 61.47
CA PRO B 390 -19.16 -21.66 60.13
C PRO B 390 -18.04 -20.68 59.83
N GLU B 391 -17.38 -20.13 60.84
CA GLU B 391 -16.35 -19.13 60.58
C GLU B 391 -15.02 -19.74 60.15
N GLU B 392 -14.86 -21.05 60.26
CA GLU B 392 -13.61 -21.69 59.88
C GLU B 392 -13.64 -22.06 58.40
N PHE B 393 -12.47 -22.04 57.78
CA PHE B 393 -12.33 -22.36 56.35
C PHE B 393 -12.05 -23.86 56.24
N ARG B 394 -13.08 -24.63 55.87
CA ARG B 394 -12.97 -26.08 55.76
C ARG B 394 -13.44 -26.53 54.38
N PRO B 395 -12.53 -26.61 53.41
CA PRO B 395 -12.95 -27.06 52.07
C PRO B 395 -13.54 -28.47 52.05
N GLU B 396 -13.09 -29.34 52.96
CA GLU B 396 -13.61 -30.71 53.04
C GLU B 396 -15.11 -30.75 53.32
N ARG B 397 -15.69 -29.63 53.77
CA ARG B 397 -17.13 -29.57 54.01
C ARG B 397 -17.93 -29.80 52.73
N PHE B 398 -17.34 -29.51 51.57
CA PHE B 398 -18.01 -29.66 50.28
C PHE B 398 -17.66 -30.98 49.62
N SER B 399 -17.66 -32.07 50.38
CA SER B 399 -17.34 -33.38 49.82
C SER B 399 -18.52 -34.34 49.90
N SER B 404 -25.13 -34.03 52.81
CA SER B 404 -25.85 -33.34 51.75
C SER B 404 -26.10 -31.86 52.09
N ILE B 405 -25.84 -30.99 51.12
CA ILE B 405 -25.95 -29.55 51.30
C ILE B 405 -27.23 -29.06 50.65
N ASP B 406 -28.00 -28.26 51.40
CA ASP B 406 -29.28 -27.76 50.90
C ASP B 406 -29.06 -26.75 49.79
N PRO B 407 -29.65 -26.94 48.60
CA PRO B 407 -29.42 -25.99 47.50
C PRO B 407 -30.17 -24.67 47.65
N TYR B 408 -31.03 -24.54 48.66
CA TYR B 408 -31.73 -23.28 48.92
C TYR B 408 -31.12 -22.50 50.07
N ILE B 409 -30.23 -23.10 50.85
CA ILE B 409 -29.50 -22.37 51.89
C ILE B 409 -28.16 -21.86 51.35
N TYR B 410 -27.50 -22.67 50.53
CA TYR B 410 -26.23 -22.31 49.91
C TYR B 410 -26.53 -21.80 48.51
N THR B 411 -26.61 -20.48 48.35
CA THR B 411 -27.01 -19.84 47.10
C THR B 411 -25.99 -18.78 46.71
N PRO B 412 -24.79 -19.19 46.30
CA PRO B 412 -23.79 -18.20 45.89
C PRO B 412 -24.12 -17.57 44.55
N PHE B 413 -24.85 -18.28 43.70
CA PHE B 413 -25.29 -17.76 42.41
C PHE B 413 -26.80 -17.68 42.32
N GLY B 414 -27.50 -17.88 43.43
CA GLY B 414 -28.96 -17.91 43.40
C GLY B 414 -29.49 -19.13 42.67
N THR B 415 -30.82 -19.24 42.67
CA THR B 415 -31.52 -20.32 41.97
C THR B 415 -32.69 -19.72 41.19
N GLY B 416 -33.33 -20.58 40.40
CA GLY B 416 -34.49 -20.17 39.63
C GLY B 416 -34.10 -19.49 38.34
N PRO B 417 -35.08 -18.91 37.66
CA PRO B 417 -34.81 -18.24 36.38
C PRO B 417 -33.94 -17.01 36.50
N ARG B 418 -33.88 -16.38 37.67
CA ARG B 418 -33.07 -15.20 37.88
C ARG B 418 -31.68 -15.51 38.41
N ASN B 419 -31.25 -16.77 38.35
CA ASN B 419 -29.93 -17.12 38.86
C ASN B 419 -28.84 -16.48 38.00
N CYS B 420 -27.60 -16.66 38.42
CA CYS B 420 -26.47 -16.03 37.75
C CYS B 420 -26.27 -16.66 36.38
N ILE B 421 -26.28 -15.81 35.34
CA ILE B 421 -26.09 -16.29 33.98
C ILE B 421 -24.62 -16.51 33.65
N GLY B 422 -23.71 -15.95 34.44
CA GLY B 422 -22.29 -16.08 34.20
C GLY B 422 -21.60 -17.00 35.18
N MET B 423 -22.39 -17.89 35.81
CA MET B 423 -21.86 -18.79 36.83
C MET B 423 -20.74 -19.65 36.27
N ARG B 424 -21.00 -20.36 35.16
CA ARG B 424 -20.01 -21.27 34.62
C ARG B 424 -18.81 -20.54 34.05
N PHE B 425 -19.03 -19.36 33.45
CA PHE B 425 -17.89 -18.55 33.02
C PHE B 425 -17.06 -18.08 34.20
N ALA B 426 -17.72 -17.65 35.28
CA ALA B 426 -16.99 -17.20 36.46
C ALA B 426 -16.22 -18.35 37.09
N LEU B 427 -16.83 -19.53 37.17
CA LEU B 427 -16.15 -20.66 37.79
C LEU B 427 -14.95 -21.11 36.97
N MET B 428 -14.99 -20.89 35.65
CA MET B 428 -13.87 -21.31 34.81
C MET B 428 -12.65 -20.42 35.02
N ASN B 429 -12.75 -19.14 34.66
CA ASN B 429 -11.57 -18.29 34.64
C ASN B 429 -11.00 -18.10 36.04
N MET B 430 -11.82 -18.23 37.08
CA MET B 430 -11.30 -18.22 38.44
C MET B 430 -10.44 -19.45 38.69
N LYS B 431 -10.96 -20.64 38.39
CA LYS B 431 -10.18 -21.86 38.54
C LYS B 431 -8.94 -21.84 37.66
N LEU B 432 -9.07 -21.30 36.45
CA LEU B 432 -7.93 -21.24 35.54
C LEU B 432 -6.83 -20.35 36.11
N ALA B 433 -7.21 -19.20 36.66
CA ALA B 433 -6.21 -18.33 37.29
C ALA B 433 -5.61 -18.99 38.52
N LEU B 434 -6.44 -19.64 39.33
CA LEU B 434 -5.93 -20.32 40.52
C LEU B 434 -4.92 -21.41 40.15
N ILE B 435 -5.26 -22.23 39.14
CA ILE B 435 -4.36 -23.29 38.73
C ILE B 435 -3.03 -22.72 38.25
N ARG B 436 -3.09 -21.71 37.37
CA ARG B 436 -1.89 -21.17 36.76
C ARG B 436 -0.95 -20.55 37.80
N VAL B 437 -1.51 -19.84 38.78
CA VAL B 437 -0.65 -19.20 39.78
C VAL B 437 -0.18 -20.19 40.84
N LEU B 438 -0.97 -21.22 41.13
CA LEU B 438 -0.58 -22.18 42.16
C LEU B 438 0.46 -23.18 41.64
N GLN B 439 0.42 -23.52 40.36
CA GLN B 439 1.47 -24.37 39.81
C GLN B 439 2.80 -23.64 39.63
N ASN B 440 2.86 -22.35 39.94
CA ASN B 440 4.08 -21.57 39.83
C ASN B 440 4.45 -20.80 41.09
N PHE B 441 3.56 -20.68 42.06
CA PHE B 441 3.80 -19.82 43.22
C PHE B 441 3.21 -20.44 44.47
N SER B 442 3.61 -19.86 45.61
CA SER B 442 3.02 -20.15 46.91
C SER B 442 2.81 -18.84 47.64
N PHE B 443 1.64 -18.67 48.23
CA PHE B 443 1.24 -17.41 48.84
C PHE B 443 1.33 -17.51 50.36
N LYS B 444 1.85 -16.45 50.97
CA LYS B 444 2.08 -16.38 52.41
C LYS B 444 1.55 -15.06 52.96
N PRO B 445 1.22 -15.03 54.24
CA PRO B 445 0.88 -13.75 54.88
C PRO B 445 2.14 -12.96 55.21
N CYS B 446 2.05 -11.64 55.05
CA CYS B 446 3.15 -10.74 55.37
C CYS B 446 2.66 -9.72 56.41
N LYS B 447 3.48 -8.69 56.63
CA LYS B 447 3.15 -7.68 57.64
C LYS B 447 1.88 -6.92 57.26
N GLU B 448 1.65 -6.70 55.97
CA GLU B 448 0.47 -5.97 55.52
C GLU B 448 -0.80 -6.80 55.53
N THR B 449 -0.71 -8.10 55.77
CA THR B 449 -1.89 -8.95 55.77
C THR B 449 -2.72 -8.69 57.03
N GLN B 450 -4.01 -8.44 56.85
CA GLN B 450 -4.89 -8.15 57.98
C GLN B 450 -5.39 -9.45 58.59
N ILE B 451 -5.02 -9.68 59.85
CA ILE B 451 -5.47 -10.86 60.59
C ILE B 451 -5.96 -10.40 61.96
N PRO B 452 -7.23 -10.60 62.30
CA PRO B 452 -8.22 -11.26 61.44
C PRO B 452 -8.75 -10.31 60.35
N LEU B 453 -9.48 -10.86 59.38
CA LEU B 453 -9.92 -10.10 58.23
C LEU B 453 -11.21 -9.37 58.55
N LYS B 454 -11.23 -8.07 58.28
CA LYS B 454 -12.41 -7.23 58.49
C LYS B 454 -13.08 -6.95 57.17
N LEU B 455 -14.40 -7.09 57.13
CA LEU B 455 -15.18 -6.80 55.93
C LEU B 455 -15.61 -5.34 55.92
N ASP B 456 -15.72 -4.78 54.72
CA ASP B 456 -16.18 -3.41 54.58
C ASP B 456 -17.66 -3.32 54.94
N THR B 457 -18.12 -2.09 55.17
CA THR B 457 -19.49 -1.83 55.56
C THR B 457 -20.33 -1.24 54.45
N GLN B 458 -19.83 -1.22 53.22
CA GLN B 458 -20.51 -0.59 52.11
C GLN B 458 -20.36 -1.42 50.85
N GLY B 459 -21.44 -1.52 50.07
CA GLY B 459 -21.37 -2.16 48.79
C GLY B 459 -21.25 -3.67 48.88
N LEU B 460 -20.77 -4.26 47.78
CA LEU B 460 -20.56 -5.70 47.70
C LEU B 460 -19.58 -6.15 48.78
N LEU B 461 -19.55 -7.46 49.00
CA LEU B 461 -18.70 -8.02 50.06
C LEU B 461 -17.24 -7.81 49.67
N GLN B 462 -16.60 -6.85 50.32
CA GLN B 462 -15.23 -6.47 50.03
C GLN B 462 -14.45 -6.45 51.32
N PRO B 463 -13.13 -6.59 51.25
CA PRO B 463 -12.31 -6.44 52.45
C PRO B 463 -12.21 -4.98 52.85
N GLU B 464 -11.97 -4.76 54.15
CA GLU B 464 -11.83 -3.40 54.64
C GLU B 464 -10.58 -2.74 54.07
N LYS B 465 -9.43 -3.41 54.20
CA LYS B 465 -8.15 -3.08 53.58
C LYS B 465 -7.94 -3.97 52.37
N PRO B 466 -7.31 -3.45 51.31
CA PRO B 466 -6.95 -4.31 50.18
C PRO B 466 -6.08 -5.46 50.65
N ILE B 467 -6.46 -6.67 50.28
CA ILE B 467 -5.73 -7.86 50.70
C ILE B 467 -4.34 -7.84 50.05
N VAL B 468 -3.30 -7.97 50.88
CA VAL B 468 -1.93 -7.99 50.44
C VAL B 468 -1.29 -9.28 50.93
N LEU B 469 -0.61 -10.00 50.03
CA LEU B 469 0.07 -11.23 50.37
C LEU B 469 1.48 -11.21 49.78
N LYS B 470 2.37 -11.98 50.40
CA LYS B 470 3.68 -12.23 49.83
C LYS B 470 3.63 -13.51 49.02
N VAL B 471 4.24 -13.47 47.83
CA VAL B 471 4.21 -14.59 46.90
C VAL B 471 5.64 -14.96 46.54
N ASP B 472 5.95 -16.26 46.58
CA ASP B 472 7.25 -16.78 46.27
C ASP B 472 7.13 -17.82 45.16
N SER B 473 8.26 -18.14 44.54
CA SER B 473 8.27 -19.15 43.49
C SER B 473 7.98 -20.54 44.08
N ARG B 474 7.79 -21.51 43.18
CA ARG B 474 7.37 -22.88 43.52
C ARG B 474 5.96 -22.94 44.09
N THR C 6 31.00 7.79 -37.75
CA THR C 6 31.23 6.38 -37.99
C THR C 6 32.05 6.14 -39.25
N ARG C 7 32.76 7.16 -39.71
CA ARG C 7 33.49 7.08 -40.97
C ARG C 7 34.75 6.23 -40.82
N THR C 8 35.57 6.54 -39.83
CA THR C 8 36.87 5.91 -39.67
C THR C 8 36.91 4.89 -38.54
N HIS C 9 35.75 4.51 -37.99
CA HIS C 9 35.71 3.66 -36.79
C HIS C 9 36.07 2.20 -37.06
N GLY C 10 36.57 1.83 -38.22
CA GLY C 10 37.01 0.47 -38.42
C GLY C 10 38.50 0.39 -38.69
N LEU C 11 39.15 1.56 -38.66
CA LEU C 11 40.56 1.65 -39.04
C LEU C 11 41.43 0.72 -38.21
N PHE C 12 41.30 0.79 -36.87
CA PHE C 12 42.15 -0.03 -36.02
C PHE C 12 41.81 -1.51 -36.12
N LYS C 13 40.55 -1.84 -36.40
CA LYS C 13 40.19 -3.23 -36.67
C LYS C 13 40.81 -3.71 -37.99
N ARG C 14 40.95 -2.83 -38.97
CA ARG C 14 41.59 -3.19 -40.22
C ARG C 14 43.11 -3.35 -40.08
N LEU C 15 43.72 -2.72 -39.08
CA LEU C 15 45.14 -2.85 -38.83
C LEU C 15 45.46 -3.88 -37.77
N GLY C 16 44.45 -4.59 -37.26
CA GLY C 16 44.67 -5.57 -36.23
C GLY C 16 45.07 -5.00 -34.89
N ILE C 17 44.87 -3.70 -34.68
CA ILE C 17 45.23 -3.04 -33.44
C ILE C 17 44.04 -3.10 -32.48
N PRO C 18 44.24 -3.55 -31.23
CA PRO C 18 43.12 -3.64 -30.30
C PRO C 18 42.58 -2.27 -29.88
N GLY C 19 41.56 -2.25 -29.04
CA GLY C 19 41.03 -1.01 -28.53
C GLY C 19 39.57 -1.08 -28.18
N PRO C 20 39.08 -0.11 -27.42
CA PRO C 20 37.65 -0.08 -27.07
C PRO C 20 36.83 0.21 -28.31
N THR C 21 35.67 -0.43 -28.39
CA THR C 21 34.78 -0.20 -29.52
C THR C 21 34.22 1.22 -29.43
N PRO C 22 34.35 2.03 -30.48
CA PRO C 22 33.88 3.41 -30.41
C PRO C 22 32.38 3.52 -30.64
N LEU C 23 31.75 4.46 -29.93
CA LEU C 23 30.36 4.78 -30.17
C LEU C 23 30.23 5.56 -31.48
N PRO C 24 29.09 5.45 -32.16
CA PRO C 24 29.02 5.92 -33.56
C PRO C 24 29.43 7.37 -33.79
N LEU C 25 29.14 8.28 -32.87
CA LEU C 25 29.52 9.67 -33.13
C LEU C 25 30.55 10.21 -32.14
N LEU C 26 30.43 9.87 -30.87
CA LEU C 26 31.39 10.32 -29.87
C LEU C 26 32.70 9.56 -29.93
N GLY C 27 32.72 8.40 -30.58
CA GLY C 27 33.91 7.55 -30.50
C GLY C 27 34.07 7.03 -29.09
N ASN C 28 35.27 7.19 -28.53
CA ASN C 28 35.57 6.72 -27.18
C ASN C 28 35.56 7.85 -26.15
N VAL C 29 35.01 9.00 -26.51
CA VAL C 29 35.07 10.18 -25.65
C VAL C 29 34.34 9.96 -24.33
N LEU C 30 33.28 9.15 -24.34
CA LEU C 30 32.54 8.89 -23.11
C LEU C 30 33.44 8.26 -22.05
N SER C 31 34.46 7.52 -22.47
CA SER C 31 35.34 6.86 -21.51
C SER C 31 36.25 7.85 -20.79
N TYR C 32 36.26 9.12 -21.18
CA TYR C 32 37.08 10.13 -20.53
C TYR C 32 36.53 10.60 -19.20
N ARG C 33 35.26 10.29 -18.89
CA ARG C 33 34.64 10.80 -17.67
C ARG C 33 35.41 10.34 -16.44
N GLN C 34 35.94 9.12 -16.47
CA GLN C 34 36.63 8.56 -15.32
C GLN C 34 37.99 9.19 -15.09
N GLY C 35 38.48 10.00 -16.02
CA GLY C 35 39.81 10.58 -15.90
C GLY C 35 40.68 10.02 -17.00
N LEU C 36 41.37 10.93 -17.70
CA LEU C 36 42.26 10.52 -18.79
C LEU C 36 43.38 9.63 -18.28
N TRP C 37 43.83 9.85 -17.04
CA TRP C 37 44.84 8.98 -16.45
C TRP C 37 44.29 7.57 -16.23
N LYS C 38 43.04 7.46 -15.77
CA LYS C 38 42.46 6.14 -15.53
C LYS C 38 42.13 5.43 -16.83
N PHE C 39 41.68 6.18 -17.84
CA PHE C 39 41.39 5.58 -19.13
C PHE C 39 42.64 4.95 -19.74
N ASP C 40 43.76 5.68 -19.75
CA ASP C 40 44.99 5.11 -20.30
C ASP C 40 45.46 3.90 -19.50
N THR C 41 45.31 3.95 -18.17
CA THR C 41 45.72 2.83 -17.33
C THR C 41 44.88 1.59 -17.62
N GLU C 42 43.56 1.76 -17.68
CA GLU C 42 42.67 0.62 -17.91
C GLU C 42 42.87 0.04 -19.32
N CYS C 43 43.09 0.89 -20.31
CA CYS C 43 43.36 0.41 -21.66
C CYS C 43 44.67 -0.37 -21.72
N TYR C 44 45.69 0.06 -20.96
CA TYR C 44 46.97 -0.65 -20.97
C TYR C 44 46.81 -2.03 -20.36
N LYS C 45 45.97 -2.17 -19.34
CA LYS C 45 45.78 -3.47 -18.71
C LYS C 45 44.91 -4.38 -19.58
N LYS C 46 43.83 -3.83 -20.15
CA LYS C 46 42.92 -4.65 -20.93
C LYS C 46 43.53 -5.06 -22.26
N TYR C 47 44.11 -4.12 -22.99
CA TYR C 47 44.69 -4.39 -24.29
C TYR C 47 46.20 -4.52 -24.18
N GLY C 48 46.86 -4.80 -25.30
CA GLY C 48 48.29 -5.06 -25.27
C GLY C 48 49.19 -3.86 -25.00
N LYS C 49 50.40 -3.92 -25.56
CA LYS C 49 51.33 -2.81 -25.48
C LYS C 49 50.93 -1.65 -26.39
N MET C 50 49.87 -1.81 -27.17
CA MET C 50 49.45 -0.80 -28.13
C MET C 50 47.95 -0.93 -28.31
N TRP C 51 47.24 0.20 -28.25
CA TRP C 51 45.80 0.20 -28.43
C TRP C 51 45.38 1.45 -29.19
N GLY C 52 44.21 1.38 -29.80
CA GLY C 52 43.67 2.47 -30.59
C GLY C 52 42.31 2.90 -30.09
N THR C 53 42.09 4.20 -30.02
CA THR C 53 40.81 4.79 -29.63
C THR C 53 40.39 5.81 -30.68
N TYR C 54 39.16 6.30 -30.54
CA TYR C 54 38.62 7.29 -31.46
C TYR C 54 38.04 8.43 -30.64
N GLU C 55 38.40 9.65 -31.01
CA GLU C 55 37.89 10.87 -30.39
C GLU C 55 37.07 11.52 -31.52
N GLY C 56 35.75 11.31 -31.48
CA GLY C 56 34.95 11.56 -32.65
C GLY C 56 35.37 10.68 -33.81
N GLN C 57 35.79 11.29 -34.91
CA GLN C 57 36.33 10.56 -36.03
C GLN C 57 37.85 10.49 -36.03
N LEU C 58 38.50 11.14 -35.07
CA LEU C 58 39.94 11.23 -35.02
C LEU C 58 40.55 9.98 -34.40
N PRO C 59 41.29 9.19 -35.18
CA PRO C 59 41.93 7.99 -34.61
C PRO C 59 43.09 8.38 -33.72
N VAL C 60 43.23 7.66 -32.62
CA VAL C 60 44.24 7.93 -31.60
C VAL C 60 44.95 6.61 -31.29
N LEU C 61 46.25 6.56 -31.54
CA LEU C 61 47.05 5.36 -31.34
C LEU C 61 47.97 5.57 -30.14
N ALA C 62 47.84 4.71 -29.14
CA ALA C 62 48.69 4.73 -27.96
C ALA C 62 49.79 3.69 -28.10
N ILE C 63 51.02 4.09 -27.79
CA ILE C 63 52.17 3.20 -27.90
C ILE C 63 52.90 3.16 -26.55
N THR C 64 53.38 1.98 -26.19
CA THR C 64 54.16 1.83 -24.97
C THR C 64 55.55 1.24 -25.20
N ASP C 65 55.95 1.04 -26.45
CA ASP C 65 57.26 0.47 -26.75
C ASP C 65 58.31 1.56 -26.71
N PRO C 66 59.34 1.43 -25.88
CA PRO C 66 60.32 2.53 -25.75
C PRO C 66 61.06 2.85 -27.04
N ASP C 67 61.18 1.90 -27.96
CA ASP C 67 61.84 2.19 -29.22
C ASP C 67 60.91 2.90 -30.20
N VAL C 68 59.61 2.57 -30.14
CA VAL C 68 58.65 3.30 -30.96
C VAL C 68 58.46 4.71 -30.42
N ILE C 69 58.41 4.85 -29.09
CA ILE C 69 58.33 6.17 -28.47
C ILE C 69 59.51 7.03 -28.87
N ARG C 70 60.72 6.44 -28.85
CA ARG C 70 61.92 7.19 -29.22
C ARG C 70 61.84 7.70 -30.65
N THR C 71 61.18 6.96 -31.54
CA THR C 71 61.10 7.36 -32.94
C THR C 71 60.18 8.56 -33.12
N VAL C 72 59.00 8.54 -32.48
CA VAL C 72 58.05 9.62 -32.70
C VAL C 72 58.43 10.89 -31.96
N LEU C 73 59.14 10.78 -30.83
CA LEU C 73 59.46 11.94 -30.03
C LEU C 73 60.78 12.58 -30.40
N VAL C 74 61.73 11.80 -30.92
CA VAL C 74 63.07 12.34 -31.19
C VAL C 74 63.43 12.21 -32.66
N LYS C 75 63.56 10.97 -33.14
CA LYS C 75 64.15 10.74 -34.46
C LYS C 75 63.30 11.35 -35.57
N GLU C 76 61.98 11.13 -35.52
CA GLU C 76 61.09 11.60 -36.57
C GLU C 76 60.23 12.79 -36.10
N CYS C 77 60.73 13.57 -35.15
CA CYS C 77 59.96 14.69 -34.61
C CYS C 77 59.71 15.74 -35.67
N TYR C 78 60.77 16.30 -36.25
CA TYR C 78 60.58 17.33 -37.27
C TYR C 78 59.94 16.77 -38.54
N SER C 79 60.11 15.47 -38.78
CA SER C 79 59.65 14.87 -40.03
C SER C 79 58.13 14.66 -40.02
N VAL C 80 57.64 13.90 -39.03
CA VAL C 80 56.26 13.44 -39.02
C VAL C 80 55.50 13.98 -37.81
N PHE C 81 56.10 13.87 -36.63
CA PHE C 81 55.41 14.18 -35.38
C PHE C 81 55.91 15.51 -34.82
N THR C 82 55.60 16.59 -35.53
CA THR C 82 56.07 17.92 -35.16
C THR C 82 55.09 18.67 -34.26
N ASN C 83 53.79 18.48 -34.48
CA ASN C 83 52.77 19.24 -33.77
C ASN C 83 52.10 18.37 -32.72
N ARG C 84 51.52 19.02 -31.72
CA ARG C 84 50.90 18.32 -30.59
C ARG C 84 49.44 17.97 -30.90
N ARG C 85 48.58 18.98 -30.96
CA ARG C 85 47.15 18.73 -31.10
C ARG C 85 46.46 20.01 -31.55
N SER C 86 45.36 19.83 -32.28
CA SER C 86 44.50 20.95 -32.65
C SER C 86 43.36 21.02 -31.62
N LEU C 87 43.37 22.08 -30.81
CA LEU C 87 42.44 22.16 -29.69
C LEU C 87 41.00 22.32 -30.17
N GLY C 88 40.77 23.21 -31.13
CA GLY C 88 39.44 23.54 -31.55
C GLY C 88 39.36 25.03 -31.82
N PRO C 89 38.25 25.65 -31.46
CA PRO C 89 38.18 27.12 -31.49
C PRO C 89 38.88 27.69 -30.26
N VAL C 90 40.02 28.35 -30.49
CA VAL C 90 40.84 28.90 -29.42
C VAL C 90 41.08 30.39 -29.58
N GLY C 91 40.67 30.99 -30.69
CA GLY C 91 40.92 32.41 -30.87
C GLY C 91 42.39 32.66 -31.16
N PHE C 92 42.91 33.73 -30.56
CA PHE C 92 44.31 34.07 -30.79
C PHE C 92 45.26 33.16 -30.04
N MET C 93 44.76 32.31 -29.14
CA MET C 93 45.63 31.39 -28.43
C MET C 93 46.28 30.36 -29.35
N LYS C 94 45.92 30.33 -30.63
CA LYS C 94 46.57 29.43 -31.56
C LYS C 94 48.07 29.71 -31.64
N SER C 95 48.46 30.96 -31.46
CA SER C 95 49.88 31.33 -31.55
C SER C 95 50.66 31.04 -30.29
N ALA C 96 50.02 30.47 -29.26
CA ALA C 96 50.76 30.03 -28.08
C ALA C 96 51.72 28.91 -28.44
N ILE C 97 52.87 28.87 -27.76
CA ILE C 97 53.91 27.93 -28.11
C ILE C 97 53.41 26.49 -28.07
N SER C 98 52.59 26.16 -27.06
CA SER C 98 52.09 24.79 -26.93
C SER C 98 51.11 24.41 -28.02
N LEU C 99 50.55 25.40 -28.72
CA LEU C 99 49.58 25.15 -29.77
C LEU C 99 50.08 25.49 -31.17
N ALA C 100 51.20 26.20 -31.29
CA ALA C 100 51.74 26.53 -32.60
C ALA C 100 52.18 25.27 -33.33
N GLU C 101 52.39 25.40 -34.65
CA GLU C 101 52.68 24.26 -35.49
C GLU C 101 53.83 24.58 -36.45
N ASP C 102 54.59 23.54 -36.78
CA ASP C 102 55.54 23.53 -37.90
C ASP C 102 56.57 24.66 -37.73
N GLU C 103 56.85 25.44 -38.78
CA GLU C 103 57.88 26.46 -38.67
C GLU C 103 57.47 27.57 -37.71
N GLU C 104 56.18 27.79 -37.54
CA GLU C 104 55.71 28.80 -36.59
C GLU C 104 56.07 28.43 -35.16
N TRP C 105 55.93 27.14 -34.82
CA TRP C 105 56.32 26.71 -33.48
C TRP C 105 57.83 26.78 -33.30
N LYS C 106 58.60 26.35 -34.31
CA LYS C 106 60.05 26.39 -34.21
C LYS C 106 60.55 27.80 -33.96
N ARG C 107 59.91 28.80 -34.58
CA ARG C 107 60.30 30.19 -34.33
C ARG C 107 59.95 30.60 -32.90
N ILE C 108 58.71 30.39 -32.49
CA ILE C 108 58.28 30.84 -31.17
C ILE C 108 59.08 30.14 -30.08
N ARG C 109 59.36 28.85 -30.26
CA ARG C 109 60.18 28.14 -29.28
C ARG C 109 61.60 28.71 -29.23
N SER C 110 62.19 28.98 -30.40
CA SER C 110 63.54 29.54 -30.44
C SER C 110 63.59 30.90 -29.74
N LEU C 111 62.55 31.72 -29.93
CA LEU C 111 62.53 33.04 -29.32
C LEU C 111 62.49 32.94 -27.80
N LEU C 112 61.68 32.02 -27.27
CA LEU C 112 61.47 31.91 -25.84
C LEU C 112 62.50 31.04 -25.14
N SER C 113 63.29 30.27 -25.89
CA SER C 113 64.24 29.36 -25.27
C SER C 113 65.27 30.03 -24.35
N PRO C 114 65.80 31.22 -24.64
CA PRO C 114 66.79 31.82 -23.71
C PRO C 114 66.23 32.15 -22.33
N THR C 115 64.91 32.08 -22.13
CA THR C 115 64.34 32.47 -20.84
C THR C 115 64.89 31.62 -19.70
N PHE C 116 65.14 30.33 -19.95
CA PHE C 116 65.52 29.42 -18.89
C PHE C 116 66.87 28.76 -19.12
N THR C 117 67.88 29.56 -19.49
CA THR C 117 69.25 29.06 -19.52
C THR C 117 69.83 29.05 -18.12
N SER C 118 70.91 28.29 -17.95
CA SER C 118 71.56 28.18 -16.64
C SER C 118 71.91 29.55 -16.07
N GLY C 119 72.23 30.51 -16.93
CA GLY C 119 72.57 31.84 -16.44
C GLY C 119 71.38 32.57 -15.88
N LYS C 120 70.29 32.64 -16.64
CA LYS C 120 69.10 33.34 -16.18
C LYS C 120 68.39 32.62 -15.04
N LEU C 121 68.60 31.32 -14.90
CA LEU C 121 68.07 30.61 -13.73
C LEU C 121 68.77 31.08 -12.45
N LYS C 122 70.10 31.24 -12.51
CA LYS C 122 70.82 31.77 -11.35
C LYS C 122 70.43 33.21 -11.07
N GLU C 123 70.13 33.99 -12.11
CA GLU C 123 69.73 35.38 -11.90
C GLU C 123 68.43 35.48 -11.12
N MET C 124 67.45 34.64 -11.44
CA MET C 124 66.15 34.74 -10.79
C MET C 124 66.10 34.05 -9.44
N PHE C 125 67.17 33.37 -9.05
CA PHE C 125 67.20 32.69 -7.75
C PHE C 125 66.90 33.62 -6.58
N PRO C 126 67.49 34.83 -6.49
CA PRO C 126 67.12 35.73 -5.38
C PRO C 126 65.64 36.09 -5.34
N ILE C 127 65.01 36.26 -6.51
CA ILE C 127 63.59 36.57 -6.54
C ILE C 127 62.79 35.43 -5.92
N ILE C 128 63.12 34.19 -6.29
CA ILE C 128 62.39 33.03 -5.79
C ILE C 128 62.63 32.88 -4.29
N ALA C 129 63.86 33.11 -3.84
CA ALA C 129 64.17 32.98 -2.42
C ALA C 129 63.38 33.97 -1.59
N GLN C 130 63.23 35.20 -2.08
CA GLN C 130 62.44 36.19 -1.37
C GLN C 130 61.01 35.72 -1.18
N TYR C 131 60.40 35.19 -2.26
CA TYR C 131 59.07 34.62 -2.14
C TYR C 131 59.06 33.41 -1.20
N GLY C 132 60.15 32.65 -1.18
CA GLY C 132 60.23 31.53 -0.25
C GLY C 132 60.17 31.97 1.20
N ASP C 133 60.79 33.11 1.52
CA ASP C 133 60.71 33.65 2.88
C ASP C 133 59.27 34.02 3.23
N VAL C 134 58.54 34.63 2.30
CA VAL C 134 57.14 34.95 2.54
C VAL C 134 56.33 33.69 2.75
N LEU C 135 56.69 32.61 2.04
CA LEU C 135 55.99 31.34 2.22
C LEU C 135 56.22 30.79 3.63
N VAL C 136 57.47 30.81 4.09
CA VAL C 136 57.77 30.32 5.44
C VAL C 136 57.07 31.16 6.49
N ARG C 137 57.06 32.49 6.30
CA ARG C 137 56.42 33.36 7.27
C ARG C 137 54.92 33.07 7.36
N ASN C 138 54.23 33.07 6.22
CA ASN C 138 52.79 32.84 6.22
C ASN C 138 52.44 31.40 6.62
N LEU C 139 53.30 30.44 6.27
CA LEU C 139 53.06 29.07 6.69
C LEU C 139 53.19 28.92 8.21
N ARG C 140 54.07 29.72 8.83
CA ARG C 140 54.21 29.69 10.27
C ARG C 140 52.96 30.21 10.97
N ARG C 141 52.35 31.28 10.43
CA ARG C 141 51.15 31.85 11.04
C ARG C 141 50.05 30.80 11.16
N GLU C 142 49.90 29.95 10.15
CA GLU C 142 48.86 28.94 10.20
C GLU C 142 49.20 27.82 11.17
N ALA C 143 50.49 27.61 11.42
CA ALA C 143 50.90 26.59 12.40
C ALA C 143 50.73 27.10 13.82
N GLU C 144 51.14 28.34 14.10
CA GLU C 144 50.97 28.90 15.43
C GLU C 144 49.49 29.00 15.81
N LYS C 145 48.62 29.23 14.84
CA LYS C 145 47.18 29.19 15.08
C LYS C 145 46.63 27.78 15.05
N GLY C 146 47.48 26.77 14.89
CA GLY C 146 47.04 25.38 14.92
C GLY C 146 46.06 25.01 13.83
N LYS C 147 46.07 25.75 12.73
CA LYS C 147 45.11 25.49 11.65
C LYS C 147 45.71 24.50 10.66
N PRO C 148 44.96 23.47 10.25
CA PRO C 148 45.42 22.64 9.13
C PRO C 148 45.50 23.47 7.86
N VAL C 149 46.52 23.21 7.06
CA VAL C 149 46.82 24.01 5.88
C VAL C 149 46.37 23.27 4.63
N THR C 150 45.51 23.91 3.83
CA THR C 150 45.20 23.42 2.49
C THR C 150 46.40 23.72 1.61
N LEU C 151 47.14 22.67 1.25
CA LEU C 151 48.43 22.87 0.57
C LEU C 151 48.28 23.63 -0.73
N LYS C 152 47.27 23.28 -1.53
CA LYS C 152 47.12 23.89 -2.85
C LYS C 152 46.90 25.40 -2.77
N ASP C 153 46.33 25.89 -1.68
CA ASP C 153 46.03 27.31 -1.58
C ASP C 153 47.30 28.14 -1.42
N ILE C 154 48.04 27.92 -0.32
CA ILE C 154 49.20 28.75 -0.04
C ILE C 154 50.32 28.49 -1.04
N PHE C 155 50.54 27.23 -1.39
CA PHE C 155 51.58 26.93 -2.38
C PHE C 155 51.20 27.40 -3.77
N GLY C 156 49.90 27.49 -4.06
CA GLY C 156 49.48 28.06 -5.32
C GLY C 156 49.79 29.54 -5.40
N ALA C 157 49.56 30.27 -4.30
CA ALA C 157 49.94 31.67 -4.27
C ALA C 157 51.45 31.84 -4.39
N TYR C 158 52.21 30.88 -3.85
CA TYR C 158 53.66 30.92 -3.99
C TYR C 158 54.06 30.75 -5.46
N SER C 159 53.51 29.74 -6.13
CA SER C 159 53.89 29.49 -7.52
C SER C 159 53.44 30.65 -8.40
N MET C 160 52.26 31.21 -8.13
CA MET C 160 51.81 32.36 -8.89
C MET C 160 52.68 33.59 -8.64
N ASP C 161 53.20 33.75 -7.42
CA ASP C 161 54.12 34.84 -7.15
C ASP C 161 55.45 34.64 -7.86
N VAL C 162 55.98 33.41 -7.83
CA VAL C 162 57.29 33.14 -8.44
C VAL C 162 57.24 33.35 -9.94
N ILE C 163 56.17 32.90 -10.60
CA ILE C 163 56.11 32.99 -12.05
C ILE C 163 55.93 34.43 -12.52
N THR C 164 55.19 35.24 -11.77
CA THR C 164 54.98 36.63 -12.16
C THR C 164 56.21 37.49 -11.90
N GLY C 165 56.86 37.29 -10.75
CA GLY C 165 58.02 38.12 -10.42
C GLY C 165 59.22 37.85 -11.30
N THR C 166 59.43 36.58 -11.68
CA THR C 166 60.58 36.24 -12.49
C THR C 166 60.34 36.50 -13.97
N SER C 167 59.09 36.43 -14.43
CA SER C 167 58.79 36.58 -15.85
C SER C 167 58.42 38.01 -16.24
N PHE C 168 57.78 38.76 -15.35
CA PHE C 168 57.33 40.11 -15.67
C PHE C 168 57.95 41.18 -14.78
N GLY C 169 58.78 40.79 -13.80
CA GLY C 169 59.40 41.75 -12.91
C GLY C 169 58.43 42.58 -12.10
N VAL C 170 57.31 41.99 -11.69
CA VAL C 170 56.29 42.69 -10.92
C VAL C 170 55.86 41.78 -9.78
N ASN C 171 55.72 42.35 -8.59
CA ASN C 171 55.31 41.60 -7.41
C ASN C 171 53.81 41.85 -7.19
N ILE C 172 53.00 40.86 -7.58
CA ILE C 172 51.55 40.94 -7.33
C ILE C 172 51.19 40.55 -5.90
N ASP C 173 52.16 40.06 -5.12
CA ASP C 173 51.95 39.71 -3.72
C ASP C 173 50.77 38.77 -3.53
N SER C 174 50.76 37.68 -4.31
CA SER C 174 49.69 36.70 -4.21
C SER C 174 49.71 35.94 -2.89
N LEU C 175 50.86 35.86 -2.25
CA LEU C 175 50.95 35.15 -0.97
C LEU C 175 50.23 35.89 0.15
N ASN C 176 50.08 37.21 0.03
CA ASN C 176 49.43 38.01 1.07
C ASN C 176 48.10 38.59 0.62
N ASN C 177 47.54 38.11 -0.49
CA ASN C 177 46.23 38.56 -0.96
C ASN C 177 45.31 37.34 -1.05
N PRO C 178 44.39 37.17 -0.10
CA PRO C 178 43.52 35.99 -0.14
C PRO C 178 42.57 35.96 -1.32
N GLN C 179 42.29 37.13 -1.93
CA GLN C 179 41.41 37.19 -3.08
C GLN C 179 42.21 37.64 -4.28
N ASP C 180 43.31 36.94 -4.57
CA ASP C 180 44.21 37.34 -5.64
C ASP C 180 43.53 37.13 -6.99
N PRO C 181 43.41 38.17 -7.82
CA PRO C 181 42.75 37.99 -9.12
C PRO C 181 43.50 37.06 -10.06
N PHE C 182 44.83 36.96 -9.93
CA PHE C 182 45.60 36.09 -10.80
C PHE C 182 45.28 34.62 -10.54
N VAL C 183 45.24 34.22 -9.27
CA VAL C 183 44.94 32.84 -8.95
C VAL C 183 43.49 32.50 -9.26
N GLU C 184 42.58 33.45 -9.00
CA GLU C 184 41.17 33.23 -9.33
C GLU C 184 40.99 33.02 -10.84
N SER C 185 41.61 33.89 -11.64
CA SER C 185 41.46 33.78 -13.09
C SER C 185 42.00 32.44 -13.60
N THR C 186 43.21 32.08 -13.16
CA THR C 186 43.87 30.91 -13.73
C THR C 186 43.19 29.61 -13.32
N LYS C 187 42.53 29.59 -12.16
CA LYS C 187 41.81 28.39 -11.73
C LYS C 187 40.67 28.03 -12.67
N LYS C 188 40.17 29.01 -13.44
CA LYS C 188 39.08 28.74 -14.37
C LYS C 188 39.53 27.87 -15.55
N PHE C 189 40.83 27.78 -15.81
CA PHE C 189 41.32 26.85 -16.82
C PHE C 189 41.04 25.41 -16.42
N LEU C 190 40.97 25.13 -15.12
CA LEU C 190 40.77 23.77 -14.64
C LEU C 190 39.30 23.35 -14.64
N LYS C 191 38.38 24.29 -14.82
CA LYS C 191 36.96 23.95 -14.85
C LYS C 191 36.54 23.27 -16.15
N PHE C 192 37.43 23.15 -17.12
CA PHE C 192 37.09 22.47 -18.37
C PHE C 192 36.92 20.98 -18.13
N GLY C 193 35.80 20.44 -18.59
CA GLY C 193 35.54 19.02 -18.48
C GLY C 193 35.36 18.37 -19.84
N PHE C 194 35.48 17.05 -19.90
CA PHE C 194 35.31 16.36 -21.18
C PHE C 194 33.85 16.23 -21.58
N LEU C 195 32.92 16.58 -20.70
CA LEU C 195 31.50 16.39 -20.97
C LEU C 195 30.73 17.68 -21.20
N ASP C 196 31.34 18.85 -20.99
CA ASP C 196 30.59 20.08 -21.17
C ASP C 196 30.18 20.23 -22.64
N PRO C 197 29.00 20.79 -22.91
CA PRO C 197 28.43 20.68 -24.26
C PRO C 197 29.26 21.32 -25.36
N LEU C 198 30.04 22.37 -25.02
CA LEU C 198 30.83 23.02 -26.06
C LEU C 198 31.85 22.05 -26.66
N PHE C 199 32.52 21.25 -25.83
CA PHE C 199 33.48 20.29 -26.35
C PHE C 199 32.78 19.15 -27.09
N LEU C 200 31.66 18.66 -26.56
CA LEU C 200 30.96 17.55 -27.20
C LEU C 200 30.40 17.95 -28.56
N SER C 201 30.04 19.23 -28.73
CA SER C 201 29.48 19.66 -30.01
C SER C 201 30.52 19.61 -31.12
N ILE C 202 31.78 19.90 -30.81
CA ILE C 202 32.85 19.78 -31.80
C ILE C 202 33.11 18.32 -32.13
N ILE C 203 32.94 17.43 -31.16
CA ILE C 203 33.09 15.99 -31.43
C ILE C 203 32.02 15.52 -32.39
N LEU C 204 30.75 15.83 -32.09
CA LEU C 204 29.65 15.39 -32.95
C LEU C 204 29.70 16.10 -34.31
N PHE C 205 30.04 17.38 -34.32
CA PHE C 205 30.02 18.20 -35.53
C PHE C 205 31.32 18.99 -35.61
N PRO C 206 32.38 18.37 -36.11
CA PRO C 206 33.67 19.08 -36.21
C PRO C 206 33.64 20.29 -37.13
N PHE C 207 32.64 20.41 -38.01
CA PHE C 207 32.54 21.60 -38.85
C PHE C 207 32.15 22.85 -38.08
N LEU C 208 31.74 22.71 -36.82
CA LEU C 208 31.41 23.86 -35.99
C LEU C 208 32.64 24.62 -35.52
N THR C 209 33.82 24.02 -35.57
CA THR C 209 35.03 24.72 -35.11
C THR C 209 35.28 26.04 -35.83
N PRO C 210 35.29 26.10 -37.16
CA PRO C 210 35.44 27.42 -37.81
C PRO C 210 34.28 28.36 -37.55
N VAL C 211 33.10 27.83 -37.28
CA VAL C 211 31.94 28.68 -36.99
C VAL C 211 32.12 29.36 -35.65
N PHE C 212 32.44 28.58 -34.61
CA PHE C 212 32.65 29.17 -33.30
C PHE C 212 33.85 30.11 -33.31
N GLU C 213 34.86 29.79 -34.11
CA GLU C 213 36.02 30.68 -34.23
C GLU C 213 35.61 32.02 -34.81
N ALA C 214 34.74 32.01 -35.82
CA ALA C 214 34.25 33.24 -36.43
C ALA C 214 33.24 33.96 -35.55
N LEU C 215 32.52 33.23 -34.70
CA LEU C 215 31.63 33.85 -33.73
C LEU C 215 32.34 34.29 -32.46
N ASN C 216 33.65 34.18 -32.41
CA ASN C 216 34.44 34.44 -31.20
C ASN C 216 33.93 33.62 -30.01
N VAL C 217 34.02 32.31 -30.17
CA VAL C 217 33.69 31.36 -29.12
C VAL C 217 34.91 30.47 -28.91
N SER C 218 35.31 30.29 -27.65
CA SER C 218 36.56 29.62 -27.33
C SER C 218 36.33 28.56 -26.26
N LEU C 219 37.13 27.50 -26.32
CA LEU C 219 37.14 26.50 -25.26
C LEU C 219 37.73 27.04 -23.97
N PHE C 220 38.48 28.15 -24.04
CA PHE C 220 39.14 28.82 -22.92
C PHE C 220 38.18 29.81 -22.27
N PRO C 221 38.29 29.99 -20.95
CA PRO C 221 37.48 31.00 -20.26
C PRO C 221 37.85 32.40 -20.74
N LYS C 222 36.88 33.11 -21.32
CA LYS C 222 37.18 34.40 -21.95
C LYS C 222 37.60 35.42 -20.91
N ASP C 223 36.86 35.52 -19.81
CA ASP C 223 37.20 36.53 -18.80
C ASP C 223 38.61 36.34 -18.24
N THR C 224 39.06 35.09 -18.14
CA THR C 224 40.43 34.83 -17.73
C THR C 224 41.42 35.28 -18.81
N ILE C 225 41.14 34.94 -20.07
CA ILE C 225 42.00 35.36 -21.17
C ILE C 225 42.11 36.87 -21.23
N ASN C 226 40.99 37.57 -21.04
CA ASN C 226 40.99 39.02 -21.10
C ASN C 226 41.80 39.62 -19.95
N PHE C 227 41.57 39.13 -18.72
CA PHE C 227 42.24 39.72 -17.57
C PHE C 227 43.75 39.52 -17.64
N LEU C 228 44.19 38.31 -17.98
CA LEU C 228 45.61 38.06 -18.11
C LEU C 228 46.22 38.91 -19.22
N SER C 229 45.51 39.03 -20.35
CA SER C 229 45.99 39.90 -21.42
C SER C 229 45.99 41.36 -20.98
N LYS C 230 44.93 41.78 -20.27
CA LYS C 230 44.87 43.15 -19.79
C LYS C 230 45.98 43.42 -18.78
N SER C 231 46.28 42.44 -17.92
CA SER C 231 47.33 42.60 -16.94
C SER C 231 48.71 42.60 -17.61
N VAL C 232 48.93 41.66 -18.53
CA VAL C 232 50.22 41.60 -19.23
C VAL C 232 50.49 42.88 -20.00
N ASN C 233 49.44 43.48 -20.56
CA ASN C 233 49.63 44.71 -21.32
C ASN C 233 50.00 45.87 -20.40
N ARG C 234 49.42 45.90 -19.18
CA ARG C 234 49.80 46.94 -18.22
C ARG C 234 51.26 46.80 -17.81
N MET C 235 51.70 45.57 -17.55
CA MET C 235 53.09 45.34 -17.18
C MET C 235 54.04 45.72 -18.31
N LYS C 236 53.63 45.54 -19.56
CA LYS C 236 54.48 45.94 -20.68
C LYS C 236 54.54 47.47 -20.80
N LYS C 237 53.39 48.13 -20.72
CA LYS C 237 53.39 49.60 -20.73
C LYS C 237 54.10 50.15 -19.51
N SER C 238 54.14 49.39 -18.42
CA SER C 238 54.94 49.79 -17.26
C SER C 238 56.42 49.83 -17.56
N ARG C 239 56.87 49.18 -18.64
CA ARG C 239 58.28 49.19 -19.01
C ARG C 239 58.62 50.43 -19.83
N LEU C 240 57.99 51.56 -19.50
CA LEU C 240 58.42 52.86 -19.99
C LEU C 240 59.35 53.57 -19.01
N ASN C 241 59.44 53.09 -17.77
CA ASN C 241 60.36 53.66 -16.81
C ASN C 241 61.79 53.54 -17.30
N ASP C 242 62.61 54.55 -17.00
CA ASP C 242 64.01 54.55 -17.39
C ASP C 242 64.92 53.94 -16.33
N LYS C 243 64.37 53.09 -15.45
CA LYS C 243 65.21 52.37 -14.50
C LYS C 243 66.19 51.45 -15.23
N GLN C 244 65.81 50.95 -16.40
CA GLN C 244 66.63 50.05 -17.21
C GLN C 244 67.00 48.77 -16.46
N LYS C 245 66.31 48.48 -15.36
CA LYS C 245 66.50 47.25 -14.60
C LYS C 245 65.67 46.10 -15.17
N HIS C 246 65.58 46.04 -16.50
CA HIS C 246 64.70 45.07 -17.14
C HIS C 246 65.15 43.65 -16.86
N ARG C 247 66.43 43.47 -16.51
CA ARG C 247 67.05 42.18 -16.21
C ARG C 247 67.08 41.22 -17.39
N LEU C 248 66.48 41.57 -18.52
CA LEU C 248 66.30 40.64 -19.64
C LEU C 248 65.56 39.37 -19.18
N ASP C 249 64.32 39.58 -18.75
CA ASP C 249 63.48 38.51 -18.27
C ASP C 249 62.56 38.03 -19.39
N PHE C 250 61.60 37.17 -19.04
CA PHE C 250 60.67 36.65 -20.01
C PHE C 250 59.93 37.78 -20.73
N LEU C 251 59.42 38.75 -19.98
CA LEU C 251 58.68 39.85 -20.58
C LEU C 251 59.58 40.67 -21.50
N GLN C 252 60.78 41.03 -21.02
CA GLN C 252 61.69 41.82 -21.83
C GLN C 252 62.11 41.07 -23.10
N LEU C 253 62.25 39.74 -23.01
CA LEU C 253 62.59 38.96 -24.20
C LEU C 253 61.53 39.10 -25.28
N MET C 254 60.26 39.24 -24.89
CA MET C 254 59.19 39.42 -25.86
C MET C 254 59.04 40.87 -26.27
N ILE C 255 59.37 41.80 -25.39
CA ILE C 255 59.34 43.22 -25.75
C ILE C 255 60.35 43.50 -26.85
N ASP C 256 61.57 42.99 -26.69
CA ASP C 256 62.60 43.15 -27.72
C ASP C 256 62.20 42.52 -29.04
N SER C 257 61.25 41.57 -29.02
CA SER C 257 60.80 40.90 -30.24
C SER C 257 59.86 41.77 -31.07
N GLN C 258 59.13 42.69 -30.44
CA GLN C 258 58.11 43.44 -31.17
C GLN C 258 58.67 44.46 -32.13
N ASN C 259 59.92 44.91 -31.94
CA ASN C 259 60.58 45.84 -32.86
C ASN C 259 61.72 45.15 -33.61
N SER C 260 61.49 43.91 -34.02
CA SER C 260 62.48 43.11 -34.71
C SER C 260 62.11 43.00 -36.19
N LYS C 261 62.93 42.22 -36.93
CA LYS C 261 62.79 42.14 -38.38
C LYS C 261 61.55 41.36 -38.83
N GLU C 262 61.18 40.30 -38.09
CA GLU C 262 60.12 39.38 -38.50
C GLU C 262 60.52 38.61 -39.76
N THR C 263 61.61 37.85 -39.65
CA THR C 263 62.05 36.95 -40.71
C THR C 263 61.55 35.55 -40.43
N GLU C 264 61.74 34.66 -41.41
CA GLU C 264 61.31 33.28 -41.24
C GLU C 264 62.18 32.52 -40.24
N SER C 265 63.33 33.07 -39.86
CA SER C 265 64.17 32.45 -38.85
C SER C 265 63.93 33.01 -37.45
N HIS C 266 63.38 34.23 -37.35
CA HIS C 266 63.19 34.90 -36.07
C HIS C 266 61.79 35.48 -36.04
N LYS C 267 60.99 35.05 -35.06
CA LYS C 267 59.61 35.50 -34.94
C LYS C 267 59.55 36.84 -34.23
N ALA C 268 58.66 37.72 -34.72
CA ALA C 268 58.41 39.01 -34.09
C ALA C 268 56.98 39.01 -33.57
N LEU C 269 56.83 39.01 -32.25
CA LEU C 269 55.52 38.81 -31.64
C LEU C 269 54.66 40.06 -31.76
N SER C 270 53.39 39.85 -32.04
CA SER C 270 52.39 40.91 -31.92
C SER C 270 51.94 41.01 -30.47
N ASP C 271 51.07 41.99 -30.20
CA ASP C 271 50.50 42.11 -28.85
C ASP C 271 49.72 40.87 -28.47
N LEU C 272 48.94 40.32 -29.40
CA LEU C 272 48.18 39.10 -29.12
C LEU C 272 49.11 37.90 -28.94
N GLU C 273 50.11 37.78 -29.82
CA GLU C 273 51.08 36.68 -29.68
C GLU C 273 51.88 36.79 -28.40
N LEU C 274 52.11 38.02 -27.91
CA LEU C 274 52.83 38.19 -26.65
C LEU C 274 51.98 37.72 -25.48
N ALA C 275 50.70 38.10 -25.45
CA ALA C 275 49.82 37.64 -24.40
C ALA C 275 49.61 36.13 -24.46
N ALA C 276 49.67 35.55 -25.66
CA ALA C 276 49.48 34.11 -25.79
C ALA C 276 50.55 33.34 -25.02
N GLN C 277 51.82 33.66 -25.27
CA GLN C 277 52.88 32.99 -24.53
C GLN C 277 52.83 33.33 -23.05
N SER C 278 52.43 34.56 -22.71
CA SER C 278 52.31 34.94 -21.31
C SER C 278 51.23 34.13 -20.60
N ILE C 279 50.13 33.84 -21.29
CA ILE C 279 49.04 33.08 -20.67
C ILE C 279 49.50 31.66 -20.37
N ILE C 280 50.21 31.03 -21.31
CA ILE C 280 50.72 29.67 -21.07
C ILE C 280 51.69 29.66 -19.91
N PHE C 281 52.60 30.65 -19.86
CA PHE C 281 53.60 30.68 -18.80
C PHE C 281 52.96 30.86 -17.43
N ILE C 282 51.96 31.75 -17.33
CA ILE C 282 51.29 31.97 -16.06
C ILE C 282 50.55 30.70 -15.62
N PHE C 283 49.89 30.03 -16.55
CA PHE C 283 49.15 28.83 -16.19
C PHE C 283 50.08 27.69 -15.80
N ALA C 284 51.15 27.48 -16.58
CA ALA C 284 52.07 26.39 -16.28
C ALA C 284 52.80 26.63 -14.96
N GLY C 285 53.27 27.86 -14.74
CA GLY C 285 53.99 28.15 -13.51
C GLY C 285 53.12 28.05 -12.26
N TYR C 286 51.85 28.43 -12.37
CA TYR C 286 50.95 28.36 -11.22
C TYR C 286 50.51 26.93 -10.94
N GLU C 287 49.98 26.25 -11.96
CA GLU C 287 49.27 24.99 -11.72
C GLU C 287 50.21 23.81 -11.52
N THR C 288 51.15 23.60 -12.44
CA THR C 288 52.00 22.41 -12.35
C THR C 288 52.86 22.43 -11.11
N THR C 289 53.43 23.60 -10.77
CA THR C 289 54.31 23.70 -9.62
C THR C 289 53.56 23.40 -8.32
N SER C 290 52.45 24.09 -8.10
CA SER C 290 51.74 23.94 -6.83
C SER C 290 51.16 22.53 -6.68
N SER C 291 50.75 21.91 -7.79
CA SER C 291 50.23 20.55 -7.70
C SER C 291 51.30 19.57 -7.28
N VAL C 292 52.45 19.59 -7.97
CA VAL C 292 53.51 18.63 -7.66
C VAL C 292 54.04 18.86 -6.25
N LEU C 293 54.13 20.12 -5.83
CA LEU C 293 54.54 20.41 -4.45
C LEU C 293 53.57 19.79 -3.46
N SER C 294 52.27 19.95 -3.68
CA SER C 294 51.28 19.37 -2.77
C SER C 294 51.37 17.85 -2.77
N PHE C 295 51.63 17.25 -3.93
CA PHE C 295 51.79 15.81 -3.98
C PHE C 295 53.04 15.37 -3.23
N THR C 296 54.12 16.14 -3.33
CA THR C 296 55.37 15.80 -2.65
C THR C 296 55.19 15.83 -1.13
N LEU C 297 54.55 16.88 -0.62
CA LEU C 297 54.35 16.97 0.83
C LEU C 297 53.38 15.93 1.34
N TYR C 298 52.38 15.55 0.54
CA TYR C 298 51.49 14.46 0.94
C TYR C 298 52.26 13.16 1.12
N GLU C 299 53.18 12.88 0.20
CA GLU C 299 54.00 11.67 0.33
C GLU C 299 54.96 11.79 1.52
N LEU C 300 55.53 12.97 1.74
CA LEU C 300 56.42 13.16 2.88
C LEU C 300 55.67 13.02 4.19
N ALA C 301 54.42 13.49 4.24
CA ALA C 301 53.63 13.38 5.45
C ALA C 301 53.21 11.95 5.73
N THR C 302 52.83 11.21 4.68
CA THR C 302 52.43 9.81 4.82
C THR C 302 53.61 8.86 4.83
N HIS C 303 54.84 9.36 4.73
CA HIS C 303 56.04 8.55 4.86
C HIS C 303 57.03 9.32 5.72
N PRO C 304 56.83 9.33 7.04
CA PRO C 304 57.74 10.09 7.92
C PRO C 304 59.18 9.63 7.85
N ASP C 305 59.43 8.38 7.43
CA ASP C 305 60.80 7.92 7.25
C ASP C 305 61.51 8.71 6.17
N VAL C 306 60.85 8.93 5.03
CA VAL C 306 61.44 9.69 3.95
C VAL C 306 61.58 11.16 4.34
N GLN C 307 60.55 11.72 4.99
CA GLN C 307 60.62 13.10 5.42
C GLN C 307 61.72 13.33 6.43
N GLN C 308 62.01 12.33 7.27
CA GLN C 308 63.08 12.48 8.25
C GLN C 308 64.45 12.42 7.58
N LYS C 309 64.64 11.46 6.66
CA LYS C 309 65.93 11.35 5.98
C LYS C 309 66.20 12.57 5.12
N LEU C 310 65.17 13.09 4.45
CA LEU C 310 65.34 14.27 3.62
C LEU C 310 65.69 15.50 4.47
N GLN C 311 65.02 15.66 5.61
CA GLN C 311 65.36 16.75 6.51
C GLN C 311 66.79 16.64 7.03
N LYS C 312 67.28 15.42 7.23
CA LYS C 312 68.67 15.26 7.64
C LYS C 312 69.63 15.63 6.52
N GLU C 313 69.25 15.39 5.26
CA GLU C 313 70.12 15.78 4.15
C GLU C 313 70.18 17.30 4.02
N ILE C 314 69.05 17.97 4.19
CA ILE C 314 69.03 19.43 4.09
C ILE C 314 69.87 20.05 5.19
N ASP C 315 69.76 19.54 6.41
CA ASP C 315 70.51 20.08 7.53
C ASP C 315 72.01 19.80 7.40
N ALA C 316 72.41 18.75 6.68
CA ALA C 316 73.83 18.52 6.45
C ALA C 316 74.39 19.48 5.41
N VAL C 317 73.57 19.94 4.47
CA VAL C 317 74.04 20.89 3.46
C VAL C 317 73.78 22.33 3.89
N LEU C 318 72.72 22.58 4.63
CA LEU C 318 72.36 23.92 5.10
C LEU C 318 72.06 23.84 6.59
N PRO C 319 73.09 23.78 7.44
CA PRO C 319 72.86 23.68 8.89
C PRO C 319 72.22 24.94 9.44
N ASN C 320 71.30 24.74 10.39
CA ASN C 320 70.68 25.83 11.14
C ASN C 320 69.88 26.78 10.24
N LYS C 321 69.06 26.19 9.37
CA LYS C 321 68.20 26.94 8.45
C LYS C 321 68.98 27.89 7.54
N ALA C 322 70.21 27.51 7.20
CA ALA C 322 71.04 28.37 6.36
C ALA C 322 70.36 28.59 5.01
N PRO C 323 70.32 29.83 4.51
CA PRO C 323 69.65 30.10 3.23
C PRO C 323 70.33 29.34 2.11
N PRO C 324 69.54 28.75 1.20
CA PRO C 324 70.13 27.97 0.11
C PRO C 324 70.76 28.88 -0.94
N THR C 325 71.60 28.26 -1.76
CA THR C 325 72.17 28.86 -2.95
C THR C 325 71.80 28.00 -4.14
N TYR C 326 72.08 28.52 -5.35
CA TYR C 326 71.74 27.80 -6.57
C TYR C 326 72.38 26.41 -6.58
N ASP C 327 73.70 26.36 -6.45
CA ASP C 327 74.41 25.08 -6.54
C ASP C 327 74.09 24.16 -5.38
N ALA C 328 73.62 24.69 -4.24
CA ALA C 328 73.21 23.83 -3.15
C ALA C 328 71.92 23.09 -3.47
N VAL C 329 71.05 23.69 -4.28
CA VAL C 329 69.77 23.05 -4.62
C VAL C 329 69.99 21.90 -5.60
N VAL C 330 70.90 22.08 -6.56
CA VAL C 330 71.19 21.03 -7.54
C VAL C 330 72.17 19.99 -7.01
N GLN C 331 72.60 20.10 -5.75
CA GLN C 331 73.56 19.18 -5.17
C GLN C 331 72.91 18.09 -4.32
N MET C 332 71.72 18.34 -3.80
CA MET C 332 71.07 17.40 -2.89
C MET C 332 70.51 16.22 -3.68
N GLU C 333 71.00 15.02 -3.36
CA GLU C 333 70.62 13.83 -4.10
C GLU C 333 69.27 13.29 -3.67
N TYR C 334 69.05 13.17 -2.35
CA TYR C 334 67.79 12.62 -1.87
C TYR C 334 66.62 13.55 -2.14
N LEU C 335 66.85 14.87 -2.14
CA LEU C 335 65.79 15.79 -2.54
C LEU C 335 65.40 15.57 -3.99
N ASP C 336 66.37 15.27 -4.86
CA ASP C 336 66.09 15.01 -6.26
C ASP C 336 65.36 13.70 -6.43
N MET C 337 65.73 12.68 -5.66
CA MET C 337 65.05 11.39 -5.72
C MET C 337 63.59 11.52 -5.27
N VAL C 338 63.34 12.34 -4.24
CA VAL C 338 61.97 12.54 -3.76
C VAL C 338 61.12 13.22 -4.83
N VAL C 339 61.67 14.26 -5.46
CA VAL C 339 60.91 14.95 -6.50
C VAL C 339 60.66 14.04 -7.70
N ASN C 340 61.68 13.29 -8.12
CA ASN C 340 61.53 12.40 -9.26
C ASN C 340 60.49 11.31 -9.00
N GLU C 341 60.42 10.82 -7.76
CA GLU C 341 59.42 9.80 -7.43
C GLU C 341 58.03 10.39 -7.38
N THR C 342 57.89 11.61 -6.83
CA THR C 342 56.60 12.27 -6.84
C THR C 342 56.10 12.46 -8.27
N LEU C 343 57.00 12.87 -9.17
CA LEU C 343 56.61 13.04 -10.56
C LEU C 343 56.31 11.70 -11.23
N ARG C 344 56.90 10.61 -10.74
CA ARG C 344 56.54 9.30 -11.28
C ARG C 344 55.10 8.95 -10.92
N LEU C 345 54.73 9.12 -9.65
CA LEU C 345 53.36 8.85 -9.24
C LEU C 345 52.39 9.88 -9.79
N PHE C 346 52.85 11.11 -10.02
CA PHE C 346 51.95 12.21 -10.41
C PHE C 346 52.56 13.03 -11.54
N PRO C 347 52.57 12.50 -12.77
CA PRO C 347 52.95 13.34 -13.91
C PRO C 347 51.76 14.18 -14.34
N VAL C 348 51.69 15.42 -13.85
CA VAL C 348 50.47 16.21 -13.94
C VAL C 348 49.98 16.38 -15.37
N ALA C 349 50.90 16.40 -16.33
CA ALA C 349 50.53 16.29 -17.73
C ALA C 349 50.41 14.79 -17.99
N ILE C 350 49.18 14.31 -18.11
CA ILE C 350 48.92 12.87 -17.99
C ILE C 350 49.63 12.10 -19.10
N ARG C 351 49.69 12.67 -20.30
CA ARG C 351 50.18 11.94 -21.47
C ARG C 351 50.99 12.90 -22.34
N LEU C 352 51.70 12.31 -23.29
CA LEU C 352 52.36 13.04 -24.37
C LEU C 352 51.56 12.81 -25.65
N GLU C 353 51.45 13.85 -26.48
CA GLU C 353 50.58 13.80 -27.65
C GLU C 353 51.28 14.39 -28.85
N ARG C 354 51.20 13.69 -29.98
CA ARG C 354 51.75 14.15 -31.24
C ARG C 354 50.75 13.84 -32.35
N THR C 355 50.76 14.68 -33.38
CA THR C 355 49.92 14.48 -34.55
C THR C 355 50.77 13.96 -35.69
N CYS C 356 50.27 12.93 -36.37
CA CYS C 356 50.99 12.29 -37.48
C CYS C 356 50.68 13.05 -38.78
N LYS C 357 51.73 13.55 -39.43
CA LYS C 357 51.56 14.35 -40.64
C LYS C 357 51.56 13.54 -41.93
N LYS C 358 52.27 12.42 -41.96
CA LYS C 358 52.36 11.59 -43.17
C LYS C 358 52.29 10.12 -42.77
N ASP C 359 51.67 9.32 -43.63
CA ASP C 359 51.64 7.87 -43.40
C ASP C 359 53.07 7.35 -43.25
N VAL C 360 53.28 6.55 -42.21
CA VAL C 360 54.62 6.10 -41.84
C VAL C 360 54.51 4.76 -41.14
N GLU C 361 55.56 3.96 -41.27
CA GLU C 361 55.64 2.65 -40.61
C GLU C 361 56.86 2.66 -39.70
N ILE C 362 56.65 2.27 -38.43
CA ILE C 362 57.69 2.34 -37.41
C ILE C 362 57.67 1.02 -36.63
N ASN C 363 58.75 0.24 -36.75
CA ASN C 363 58.93 -0.98 -35.96
C ASN C 363 57.74 -1.93 -36.07
N GLY C 364 57.30 -2.18 -37.30
CA GLY C 364 56.17 -3.05 -37.52
C GLY C 364 54.82 -2.45 -37.20
N VAL C 365 54.77 -1.16 -36.85
CA VAL C 365 53.52 -0.46 -36.58
C VAL C 365 53.29 0.52 -37.72
N PHE C 366 52.07 0.54 -38.25
CA PHE C 366 51.69 1.47 -39.30
C PHE C 366 50.77 2.53 -38.72
N ILE C 367 51.07 3.79 -38.99
CA ILE C 367 50.33 4.93 -38.48
C ILE C 367 49.85 5.77 -39.66
N PRO C 368 48.55 5.98 -39.82
CA PRO C 368 48.06 6.77 -40.96
C PRO C 368 48.18 8.27 -40.68
N LYS C 369 47.97 9.04 -41.74
CA LYS C 369 48.08 10.50 -41.65
C LYS C 369 46.94 11.07 -40.81
N GLY C 370 47.24 12.14 -40.08
CA GLY C 370 46.25 12.87 -39.33
C GLY C 370 45.91 12.30 -37.97
N SER C 371 46.20 11.02 -37.73
CA SER C 371 45.91 10.43 -36.44
C SER C 371 46.82 11.03 -35.36
N MET C 372 46.40 10.87 -34.11
CA MET C 372 47.14 11.36 -32.96
C MET C 372 47.81 10.19 -32.26
N VAL C 373 49.09 10.35 -31.96
CA VAL C 373 49.85 9.35 -31.21
C VAL C 373 49.95 9.82 -29.77
N VAL C 374 49.75 8.90 -28.84
CA VAL C 374 49.72 9.22 -27.42
C VAL C 374 50.76 8.37 -26.69
N ILE C 375 51.60 9.02 -25.89
CA ILE C 375 52.51 8.33 -24.99
C ILE C 375 51.88 8.34 -23.60
N PRO C 376 51.31 7.24 -23.14
CA PRO C 376 50.62 7.25 -21.84
C PRO C 376 51.60 7.30 -20.69
N THR C 377 52.12 8.50 -20.39
CA THR C 377 53.11 8.64 -19.33
C THR C 377 52.62 8.08 -18.01
N TYR C 378 51.41 8.48 -17.59
CA TYR C 378 50.87 8.00 -16.33
C TYR C 378 50.76 6.47 -16.31
N ALA C 379 50.36 5.88 -17.43
CA ALA C 379 50.25 4.43 -17.48
C ALA C 379 51.61 3.77 -17.41
N LEU C 380 52.61 4.34 -18.08
CA LEU C 380 53.96 3.77 -18.04
C LEU C 380 54.65 4.04 -16.71
N HIS C 381 54.31 5.15 -16.03
CA HIS C 381 54.90 5.44 -14.73
C HIS C 381 54.41 4.47 -13.67
N HIS C 382 53.18 3.98 -13.80
CA HIS C 382 52.61 3.02 -12.86
C HIS C 382 52.72 1.59 -13.33
N ASP C 383 53.47 1.35 -14.40
CA ASP C 383 53.53 0.02 -15.01
C ASP C 383 54.30 -0.94 -14.12
N PRO C 384 53.71 -2.07 -13.70
CA PRO C 384 54.49 -3.06 -12.93
C PRO C 384 55.64 -3.66 -13.72
N LYS C 385 55.62 -3.56 -15.05
CA LYS C 385 56.70 -4.12 -15.86
C LYS C 385 58.02 -3.40 -15.62
N TYR C 386 57.98 -2.11 -15.27
CA TYR C 386 59.19 -1.32 -15.13
C TYR C 386 59.47 -0.85 -13.71
N TRP C 387 58.50 -0.97 -12.79
CA TRP C 387 58.66 -0.46 -11.44
C TRP C 387 58.12 -1.47 -10.45
N THR C 388 58.99 -1.97 -9.58
CA THR C 388 58.56 -2.85 -8.51
C THR C 388 57.79 -2.05 -7.47
N GLU C 389 56.63 -2.56 -7.06
CA GLU C 389 55.71 -1.85 -6.19
C GLU C 389 55.37 -0.47 -6.76
N PRO C 390 54.77 -0.41 -7.94
CA PRO C 390 54.58 0.89 -8.62
C PRO C 390 53.70 1.86 -7.87
N GLU C 391 52.82 1.38 -6.98
CA GLU C 391 51.95 2.27 -6.24
C GLU C 391 52.58 2.79 -4.96
N GLU C 392 53.76 2.30 -4.58
CA GLU C 392 54.41 2.70 -3.35
C GLU C 392 55.40 3.84 -3.63
N PHE C 393 55.53 4.73 -2.64
CA PHE C 393 56.45 5.85 -2.71
C PHE C 393 57.83 5.36 -2.27
N ARG C 394 58.72 5.15 -3.24
CA ARG C 394 60.06 4.62 -2.97
C ARG C 394 61.10 5.48 -3.66
N PRO C 395 61.57 6.55 -3.02
CA PRO C 395 62.59 7.41 -3.64
C PRO C 395 63.87 6.70 -4.02
N GLU C 396 64.19 5.56 -3.41
CA GLU C 396 65.44 4.86 -3.70
C GLU C 396 65.47 4.28 -5.11
N ARG C 397 64.36 4.32 -5.83
CA ARG C 397 64.36 3.90 -7.23
C ARG C 397 65.22 4.81 -8.10
N PHE C 398 65.45 6.05 -7.67
CA PHE C 398 66.14 7.04 -8.49
C PHE C 398 67.58 7.31 -8.04
N SER C 399 68.11 6.51 -7.12
CA SER C 399 69.49 6.69 -6.70
C SER C 399 70.42 6.36 -7.86
N LYS C 400 71.51 7.12 -7.98
CA LYS C 400 72.45 6.92 -9.08
C LYS C 400 73.12 5.56 -9.02
N LYS C 401 73.10 4.89 -7.86
CA LYS C 401 73.70 3.56 -7.76
C LYS C 401 72.90 2.54 -8.57
N LYS C 402 71.58 2.69 -8.65
CA LYS C 402 70.79 1.87 -9.55
C LYS C 402 71.25 2.10 -10.99
N ASP C 403 70.99 1.10 -11.84
CA ASP C 403 71.52 1.09 -13.21
C ASP C 403 71.17 2.37 -13.96
N SER C 404 69.93 2.50 -14.39
CA SER C 404 69.48 3.71 -15.08
C SER C 404 67.96 3.66 -15.22
N ILE C 405 67.40 4.75 -15.73
CA ILE C 405 65.97 4.87 -16.01
C ILE C 405 65.82 5.21 -17.48
N ASP C 406 64.91 4.52 -18.16
CA ASP C 406 64.74 4.72 -19.59
C ASP C 406 64.10 6.08 -19.87
N PRO C 407 64.73 6.95 -20.66
CA PRO C 407 64.17 8.29 -20.89
C PRO C 407 62.83 8.29 -21.61
N TYR C 408 62.43 7.17 -22.21
CA TYR C 408 61.17 7.09 -22.95
C TYR C 408 60.08 6.38 -22.18
N ILE C 409 60.41 5.71 -21.08
CA ILE C 409 59.40 5.16 -20.18
C ILE C 409 59.00 6.19 -19.13
N TYR C 410 60.00 6.84 -18.52
CA TYR C 410 59.79 7.86 -17.51
C TYR C 410 59.85 9.21 -18.20
N THR C 411 58.69 9.83 -18.41
CA THR C 411 58.58 11.04 -19.23
C THR C 411 57.69 12.07 -18.53
N PRO C 412 58.09 12.55 -17.35
CA PRO C 412 57.26 13.58 -16.69
C PRO C 412 57.30 14.92 -17.39
N PHE C 413 58.42 15.24 -18.05
CA PHE C 413 58.57 16.48 -18.81
C PHE C 413 58.66 16.23 -20.30
N GLY C 414 58.47 14.99 -20.74
CA GLY C 414 58.63 14.66 -22.14
C GLY C 414 60.08 14.58 -22.55
N THR C 415 60.28 14.31 -23.83
CA THR C 415 61.62 14.20 -24.40
C THR C 415 61.56 14.70 -25.84
N GLY C 416 62.67 15.25 -26.31
CA GLY C 416 62.77 15.68 -27.68
C GLY C 416 62.50 17.16 -27.83
N PRO C 417 62.49 17.64 -29.08
CA PRO C 417 62.32 19.08 -29.32
C PRO C 417 61.03 19.66 -28.79
N ARG C 418 60.04 18.85 -28.43
CA ARG C 418 58.76 19.34 -27.93
C ARG C 418 58.58 19.11 -26.43
N ASN C 419 59.67 18.89 -25.70
CA ASN C 419 59.56 18.60 -24.28
C ASN C 419 59.30 19.89 -23.50
N CYS C 420 59.15 19.75 -22.15
CA CYS C 420 58.78 20.88 -21.31
C CYS C 420 59.90 21.91 -21.28
N ILE C 421 59.58 23.13 -21.74
CA ILE C 421 60.60 24.18 -21.78
C ILE C 421 60.87 24.76 -20.41
N GLY C 422 59.99 24.53 -19.43
CA GLY C 422 60.18 25.05 -18.10
C GLY C 422 60.57 23.98 -17.09
N MET C 423 61.16 22.89 -17.57
CA MET C 423 61.50 21.78 -16.70
C MET C 423 62.50 22.20 -15.63
N ARG C 424 63.64 22.77 -16.03
CA ARG C 424 64.67 23.12 -15.06
C ARG C 424 64.20 24.22 -14.12
N PHE C 425 63.44 25.19 -14.64
CA PHE C 425 62.86 26.23 -13.79
C PHE C 425 61.92 25.61 -12.76
N ALA C 426 61.00 24.74 -13.22
CA ALA C 426 60.05 24.12 -12.30
C ALA C 426 60.76 23.25 -11.27
N LEU C 427 61.75 22.47 -11.70
CA LEU C 427 62.52 21.68 -10.74
C LEU C 427 63.23 22.58 -9.73
N MET C 428 63.62 23.78 -10.14
CA MET C 428 64.29 24.71 -9.24
C MET C 428 63.37 25.18 -8.13
N ASN C 429 62.34 25.96 -8.47
CA ASN C 429 61.55 26.59 -7.40
C ASN C 429 60.74 25.58 -6.61
N MET C 430 60.52 24.38 -7.13
CA MET C 430 59.92 23.33 -6.30
C MET C 430 60.90 22.86 -5.24
N LYS C 431 62.15 22.62 -5.63
CA LYS C 431 63.16 22.23 -4.66
C LYS C 431 63.45 23.35 -3.67
N LEU C 432 63.51 24.60 -4.14
CA LEU C 432 63.71 25.72 -3.25
C LEU C 432 62.59 25.82 -2.23
N ALA C 433 61.35 25.74 -2.69
CA ALA C 433 60.21 25.78 -1.77
C ALA C 433 60.27 24.63 -0.77
N LEU C 434 60.66 23.44 -1.25
CA LEU C 434 60.73 22.29 -0.37
C LEU C 434 61.80 22.48 0.70
N ILE C 435 62.97 22.99 0.30
CA ILE C 435 64.06 23.18 1.26
C ILE C 435 63.65 24.15 2.36
N ARG C 436 63.02 25.26 1.99
CA ARG C 436 62.67 26.29 2.97
C ARG C 436 61.63 25.76 3.96
N VAL C 437 60.57 25.12 3.47
CA VAL C 437 59.53 24.67 4.38
C VAL C 437 60.00 23.47 5.20
N LEU C 438 60.87 22.63 4.66
CA LEU C 438 61.30 21.43 5.37
C LEU C 438 62.32 21.73 6.45
N GLN C 439 63.15 22.76 6.27
CA GLN C 439 64.08 23.15 7.31
C GLN C 439 63.43 23.96 8.42
N ASN C 440 62.17 24.37 8.24
CA ASN C 440 61.42 25.09 9.26
C ASN C 440 60.25 24.30 9.82
N PHE C 441 59.72 23.35 9.07
CA PHE C 441 58.49 22.68 9.46
C PHE C 441 58.57 21.20 9.18
N SER C 442 57.67 20.46 9.82
CA SER C 442 57.41 19.06 9.50
C SER C 442 55.94 18.91 9.17
N PHE C 443 55.65 17.97 8.27
CA PHE C 443 54.31 17.80 7.74
C PHE C 443 53.79 16.43 8.14
N LYS C 444 52.58 16.40 8.70
CA LYS C 444 51.94 15.19 9.18
C LYS C 444 50.45 15.27 8.87
N PRO C 445 49.80 14.14 8.60
CA PRO C 445 48.38 14.18 8.24
C PRO C 445 47.50 14.44 9.46
N CYS C 446 46.48 15.28 9.25
CA CYS C 446 45.42 15.45 10.22
C CYS C 446 44.34 14.40 9.95
N LYS C 447 43.20 14.51 10.65
CA LYS C 447 42.15 13.51 10.46
C LYS C 447 41.47 13.66 9.10
N GLU C 448 41.28 14.91 8.65
CA GLU C 448 40.62 15.15 7.37
C GLU C 448 41.47 14.74 6.16
N THR C 449 42.73 14.35 6.37
CA THR C 449 43.60 13.97 5.27
C THR C 449 43.10 12.67 4.65
N GLN C 450 42.86 12.70 3.34
CA GLN C 450 42.36 11.55 2.61
C GLN C 450 43.50 10.55 2.42
N ILE C 451 43.44 9.43 3.13
CA ILE C 451 44.42 8.36 3.00
C ILE C 451 43.66 7.06 2.74
N PRO C 452 43.93 6.37 1.62
CA PRO C 452 44.89 6.81 0.60
C PRO C 452 44.32 7.92 -0.28
N LEU C 453 45.18 8.55 -1.07
CA LEU C 453 44.77 9.68 -1.88
C LEU C 453 44.04 9.20 -3.12
N LYS C 454 42.84 9.73 -3.33
CA LYS C 454 42.05 9.46 -4.54
C LYS C 454 42.21 10.62 -5.51
N LEU C 455 42.35 10.28 -6.79
CA LEU C 455 42.58 11.28 -7.82
C LEU C 455 41.27 11.74 -8.45
N ASP C 456 41.26 13.01 -8.87
CA ASP C 456 40.08 13.59 -9.49
C ASP C 456 39.90 13.03 -10.91
N THR C 457 38.66 13.08 -11.38
CA THR C 457 38.32 12.67 -12.73
C THR C 457 38.41 13.80 -13.75
N GLN C 458 38.76 15.01 -13.32
CA GLN C 458 38.73 16.18 -14.19
C GLN C 458 40.04 16.94 -14.12
N GLY C 459 40.42 17.51 -15.26
CA GLY C 459 41.59 18.36 -15.37
C GLY C 459 42.89 17.58 -15.28
N LEU C 460 43.96 18.34 -15.12
CA LEU C 460 45.27 17.75 -14.88
C LEU C 460 45.27 16.98 -13.55
N LEU C 461 46.33 16.22 -13.31
CA LEU C 461 46.41 15.38 -12.12
C LEU C 461 46.15 16.17 -10.85
N GLN C 462 45.02 15.91 -10.20
CA GLN C 462 44.58 16.65 -9.03
C GLN C 462 43.91 15.70 -8.06
N PRO C 463 44.02 15.98 -6.76
CA PRO C 463 43.36 15.11 -5.78
C PRO C 463 41.85 15.27 -5.83
N GLU C 464 41.14 14.23 -5.40
CA GLU C 464 39.69 14.29 -5.36
C GLU C 464 39.23 15.38 -4.40
N LYS C 465 39.67 15.30 -3.15
CA LYS C 465 39.50 16.34 -2.14
C LYS C 465 40.83 17.03 -1.90
N PRO C 466 40.84 18.32 -1.57
CA PRO C 466 42.10 19.06 -1.41
C PRO C 466 42.98 18.44 -0.34
N ILE C 467 44.26 18.35 -0.64
CA ILE C 467 45.24 17.84 0.33
C ILE C 467 45.37 18.82 1.48
N VAL C 468 45.03 18.37 2.68
CA VAL C 468 45.09 19.18 3.89
C VAL C 468 46.01 18.47 4.88
N LEU C 469 47.02 19.18 5.37
CA LEU C 469 48.01 18.60 6.26
C LEU C 469 48.14 19.46 7.52
N LYS C 470 48.78 18.90 8.53
CA LYS C 470 49.08 19.60 9.77
C LYS C 470 50.56 19.94 9.78
N VAL C 471 50.88 21.20 10.05
CA VAL C 471 52.25 21.70 9.98
C VAL C 471 52.68 22.14 11.38
N ASP C 472 53.82 21.61 11.83
CA ASP C 472 54.41 21.99 13.11
C ASP C 472 55.82 22.50 12.86
N SER C 473 56.32 23.30 13.79
CA SER C 473 57.66 23.86 13.67
C SER C 473 58.71 22.77 13.80
N ARG C 474 59.95 23.13 13.45
CA ARG C 474 61.09 22.22 13.43
C ARG C 474 60.90 21.07 12.44
N THR D 6 1.27 -60.82 -2.80
CA THR D 6 0.40 -61.90 -2.34
C THR D 6 0.38 -63.05 -3.36
N ARG D 7 1.45 -63.16 -4.16
CA ARG D 7 1.47 -64.14 -5.24
C ARG D 7 1.60 -65.56 -4.70
N THR D 8 2.45 -65.76 -3.70
CA THR D 8 2.77 -67.10 -3.21
C THR D 8 2.20 -67.38 -1.82
N HIS D 9 1.33 -66.53 -1.31
CA HIS D 9 0.83 -66.65 0.06
C HIS D 9 -0.22 -67.75 0.22
N GLY D 10 -0.36 -68.64 -0.75
CA GLY D 10 -1.28 -69.76 -0.61
C GLY D 10 -0.59 -71.10 -0.77
N LEU D 11 0.74 -71.09 -0.83
CA LEU D 11 1.49 -72.31 -1.07
C LEU D 11 1.36 -73.28 0.10
N PHE D 12 1.49 -72.75 1.33
CA PHE D 12 1.43 -73.61 2.51
C PHE D 12 0.03 -74.05 2.86
N LYS D 13 -1.00 -73.31 2.41
CA LYS D 13 -2.37 -73.78 2.59
C LYS D 13 -2.68 -74.92 1.63
N ARG D 14 -2.18 -74.83 0.39
CA ARG D 14 -2.43 -75.86 -0.60
C ARG D 14 -1.70 -77.16 -0.26
N LEU D 15 -0.53 -77.07 0.37
CA LEU D 15 0.24 -78.24 0.75
C LEU D 15 -0.17 -78.82 2.10
N GLY D 16 -1.19 -78.26 2.74
CA GLY D 16 -1.61 -78.78 4.04
C GLY D 16 -0.57 -78.66 5.12
N ILE D 17 0.22 -77.59 5.09
CA ILE D 17 1.27 -77.34 6.07
C ILE D 17 0.82 -76.18 6.96
N PRO D 18 0.85 -76.34 8.28
CA PRO D 18 0.40 -75.27 9.17
C PRO D 18 1.35 -74.07 9.13
N GLY D 19 0.91 -72.99 9.75
CA GLY D 19 1.70 -71.79 9.82
C GLY D 19 0.83 -70.55 10.00
N PRO D 20 1.43 -69.45 10.43
CA PRO D 20 0.65 -68.23 10.65
C PRO D 20 0.16 -67.66 9.32
N THR D 21 -0.98 -66.98 9.39
CA THR D 21 -1.58 -66.39 8.20
C THR D 21 -0.74 -65.19 7.76
N PRO D 22 -0.25 -65.16 6.52
CA PRO D 22 0.62 -64.06 6.11
C PRO D 22 -0.18 -62.81 5.78
N LEU D 23 0.28 -61.67 6.30
CA LEU D 23 -0.28 -60.39 5.90
C LEU D 23 0.02 -60.16 4.41
N PRO D 24 -0.83 -59.39 3.72
CA PRO D 24 -0.74 -59.32 2.26
C PRO D 24 0.63 -58.99 1.71
N LEU D 25 1.17 -57.82 2.04
CA LEU D 25 2.45 -57.40 1.47
C LEU D 25 3.64 -57.90 2.28
N LEU D 26 3.51 -57.97 3.61
CA LEU D 26 4.60 -58.31 4.52
C LEU D 26 4.85 -59.81 4.62
N GLY D 27 3.81 -60.62 4.64
CA GLY D 27 3.98 -62.01 5.04
C GLY D 27 3.98 -62.09 6.55
N ASN D 28 5.02 -62.71 7.11
CA ASN D 28 5.12 -62.88 8.56
C ASN D 28 6.25 -62.07 9.17
N VAL D 29 6.78 -61.10 8.43
CA VAL D 29 7.93 -60.33 8.91
C VAL D 29 7.57 -59.52 10.15
N LEU D 30 6.31 -59.09 10.25
CA LEU D 30 5.90 -58.29 11.42
C LEU D 30 6.07 -59.06 12.72
N SER D 31 5.99 -60.39 12.67
CA SER D 31 6.16 -61.19 13.87
C SER D 31 7.61 -61.27 14.33
N TYR D 32 8.57 -60.84 13.50
CA TYR D 32 9.97 -60.90 13.88
C TYR D 32 10.34 -59.83 14.91
N ARG D 33 9.46 -58.86 15.17
CA ARG D 33 9.79 -57.78 16.08
C ARG D 33 9.96 -58.28 17.51
N GLN D 34 9.31 -59.38 17.87
CA GLN D 34 9.48 -59.96 19.20
C GLN D 34 10.81 -60.68 19.34
N GLY D 35 11.52 -60.90 18.24
CA GLY D 35 12.76 -61.68 18.26
C GLY D 35 12.52 -62.93 17.45
N LEU D 36 13.45 -63.22 16.55
CA LEU D 36 13.31 -64.40 15.70
C LEU D 36 13.36 -65.68 16.53
N TRP D 37 14.12 -65.67 17.64
CA TRP D 37 14.12 -66.81 18.53
C TRP D 37 12.76 -67.01 19.18
N LYS D 38 12.09 -65.92 19.55
CA LYS D 38 10.77 -66.04 20.17
C LYS D 38 9.74 -66.52 19.16
N PHE D 39 9.85 -66.06 17.91
CA PHE D 39 8.87 -66.44 16.90
C PHE D 39 8.99 -67.91 16.55
N ASP D 40 10.22 -68.43 16.49
CA ASP D 40 10.40 -69.86 16.18
C ASP D 40 9.95 -70.73 17.35
N THR D 41 10.17 -70.27 18.58
CA THR D 41 9.71 -71.03 19.74
C THR D 41 8.19 -71.13 19.77
N GLU D 42 7.51 -69.99 19.54
CA GLU D 42 6.06 -70.02 19.54
C GLU D 42 5.51 -70.85 18.38
N CYS D 43 6.11 -70.72 17.19
CA CYS D 43 5.67 -71.52 16.05
C CYS D 43 5.87 -73.01 16.31
N TYR D 44 6.95 -73.37 17.01
CA TYR D 44 7.21 -74.78 17.30
C TYR D 44 6.17 -75.34 18.26
N LYS D 45 5.73 -74.53 19.23
CA LYS D 45 4.76 -75.01 20.21
C LYS D 45 3.34 -75.01 19.64
N LYS D 46 3.00 -74.05 18.79
CA LYS D 46 1.64 -74.00 18.23
C LYS D 46 1.47 -75.02 17.12
N TYR D 47 2.42 -75.09 16.20
CA TYR D 47 2.36 -76.00 15.07
C TYR D 47 3.22 -77.23 15.34
N GLY D 48 3.22 -78.16 14.39
CA GLY D 48 3.86 -79.46 14.62
C GLY D 48 5.34 -79.50 14.31
N LYS D 49 5.78 -80.63 13.75
CA LYS D 49 7.18 -80.79 13.35
C LYS D 49 7.53 -79.94 12.14
N MET D 50 6.55 -79.37 11.46
CA MET D 50 6.76 -78.56 10.26
C MET D 50 5.77 -77.41 10.26
N TRP D 51 6.24 -76.24 9.84
CA TRP D 51 5.38 -75.08 9.70
C TRP D 51 5.98 -74.15 8.66
N GLY D 52 5.09 -73.36 8.03
CA GLY D 52 5.50 -72.49 6.95
C GLY D 52 5.17 -71.02 7.17
N THR D 53 6.17 -70.17 6.99
CA THR D 53 6.01 -68.72 7.07
C THR D 53 6.48 -68.10 5.76
N TYR D 54 6.20 -66.80 5.60
CA TYR D 54 6.58 -66.07 4.40
C TYR D 54 7.32 -64.81 4.82
N GLU D 55 8.55 -64.64 4.33
CA GLU D 55 9.28 -63.38 4.47
C GLU D 55 8.99 -62.59 3.21
N GLY D 56 7.91 -61.81 3.24
CA GLY D 56 7.44 -61.15 2.05
C GLY D 56 6.78 -62.15 1.12
N GLN D 57 7.41 -62.41 -0.02
CA GLN D 57 6.96 -63.45 -0.93
C GLN D 57 7.70 -64.76 -0.76
N LEU D 58 8.85 -64.75 -0.09
CA LEU D 58 9.68 -65.93 0.04
C LEU D 58 9.01 -66.94 0.99
N PRO D 59 8.69 -68.14 0.52
CA PRO D 59 8.16 -69.16 1.44
C PRO D 59 9.28 -69.82 2.23
N VAL D 60 9.02 -70.02 3.52
CA VAL D 60 10.01 -70.54 4.46
C VAL D 60 9.43 -71.77 5.13
N LEU D 61 10.08 -72.91 4.96
CA LEU D 61 9.66 -74.17 5.56
C LEU D 61 10.62 -74.49 6.71
N ALA D 62 10.09 -74.55 7.93
CA ALA D 62 10.88 -74.92 9.09
C ALA D 62 10.65 -76.39 9.42
N ILE D 63 11.74 -77.12 9.65
CA ILE D 63 11.68 -78.55 9.91
C ILE D 63 12.35 -78.83 11.25
N THR D 64 11.73 -79.72 12.04
CA THR D 64 12.28 -80.13 13.32
C THR D 64 12.55 -81.63 13.42
N ASP D 65 12.35 -82.37 12.34
CA ASP D 65 12.58 -83.81 12.34
C ASP D 65 14.06 -84.09 12.13
N PRO D 66 14.74 -84.79 13.04
CA PRO D 66 16.18 -85.02 12.88
C PRO D 66 16.55 -85.79 11.62
N ASP D 67 15.66 -86.64 11.10
CA ASP D 67 15.98 -87.35 9.86
C ASP D 67 15.81 -86.45 8.65
N VAL D 68 14.83 -85.56 8.66
CA VAL D 68 14.71 -84.57 7.60
C VAL D 68 15.83 -83.55 7.68
N ILE D 69 16.27 -83.22 8.91
CA ILE D 69 17.42 -82.32 9.08
C ILE D 69 18.67 -82.93 8.46
N ARG D 70 18.88 -84.23 8.69
CA ARG D 70 20.08 -84.89 8.16
C ARG D 70 20.10 -84.86 6.63
N THR D 71 18.93 -84.96 6.00
CA THR D 71 18.87 -84.97 4.56
C THR D 71 19.16 -83.59 3.99
N VAL D 72 18.69 -82.54 4.66
CA VAL D 72 18.87 -81.18 4.16
C VAL D 72 20.28 -80.67 4.44
N LEU D 73 20.85 -81.03 5.59
CA LEU D 73 22.15 -80.49 5.96
C LEU D 73 23.31 -81.34 5.46
N VAL D 74 23.16 -82.66 5.40
CA VAL D 74 24.26 -83.58 5.09
C VAL D 74 24.08 -84.26 3.74
N LYS D 75 22.99 -85.01 3.56
CA LYS D 75 22.85 -85.84 2.37
C LYS D 75 22.74 -84.98 1.12
N GLU D 76 21.72 -84.14 1.03
CA GLU D 76 21.46 -83.35 -0.17
C GLU D 76 22.00 -81.93 -0.05
N CYS D 77 23.19 -81.76 0.52
CA CYS D 77 23.79 -80.43 0.62
C CYS D 77 24.35 -79.98 -0.72
N TYR D 78 25.20 -80.81 -1.34
CA TYR D 78 25.78 -80.42 -2.62
C TYR D 78 24.76 -80.47 -3.74
N SER D 79 23.70 -81.25 -3.57
CA SER D 79 22.76 -81.44 -4.66
C SER D 79 21.67 -80.38 -4.65
N VAL D 80 21.14 -80.04 -3.48
CA VAL D 80 19.98 -79.16 -3.41
C VAL D 80 20.23 -77.95 -2.50
N PHE D 81 20.72 -78.20 -1.30
CA PHE D 81 20.81 -77.18 -0.26
C PHE D 81 22.26 -76.77 -0.05
N THR D 82 22.83 -76.15 -1.09
CA THR D 82 24.20 -75.67 -1.02
C THR D 82 24.28 -74.23 -0.53
N ASN D 83 23.45 -73.35 -1.08
CA ASN D 83 23.49 -71.94 -0.71
C ASN D 83 22.74 -71.70 0.58
N ARG D 84 23.23 -70.75 1.38
CA ARG D 84 22.61 -70.47 2.67
C ARG D 84 21.40 -69.54 2.53
N ARG D 85 21.52 -68.48 1.73
CA ARG D 85 20.45 -67.51 1.64
C ARG D 85 20.73 -66.57 0.49
N SER D 86 19.67 -66.15 -0.21
CA SER D 86 19.79 -65.14 -1.25
C SER D 86 19.80 -63.77 -0.57
N LEU D 87 20.96 -63.13 -0.53
CA LEU D 87 21.11 -61.85 0.14
C LEU D 87 21.12 -60.71 -0.86
N GLY D 88 20.66 -59.54 -0.41
CA GLY D 88 20.50 -58.38 -1.26
C GLY D 88 21.80 -57.72 -1.67
N PRO D 89 21.76 -56.40 -1.86
CA PRO D 89 22.95 -55.66 -2.31
C PRO D 89 24.09 -55.79 -1.31
N VAL D 90 25.21 -56.31 -1.79
CA VAL D 90 26.28 -56.76 -0.91
C VAL D 90 27.62 -56.27 -1.45
N GLY D 91 27.63 -55.80 -2.69
CA GLY D 91 28.88 -55.35 -3.28
C GLY D 91 29.85 -56.50 -3.47
N PHE D 92 31.13 -56.21 -3.20
CA PHE D 92 32.15 -57.25 -3.36
C PHE D 92 32.12 -58.28 -2.24
N MET D 93 31.27 -58.09 -1.23
CA MET D 93 31.16 -59.06 -0.17
C MET D 93 30.42 -60.33 -0.59
N LYS D 94 29.98 -60.41 -1.86
CA LYS D 94 29.39 -61.65 -2.34
C LYS D 94 30.42 -62.78 -2.36
N SER D 95 31.70 -62.44 -2.50
CA SER D 95 32.76 -63.43 -2.52
C SER D 95 33.07 -63.99 -1.13
N ALA D 96 32.50 -63.40 -0.08
CA ALA D 96 32.75 -63.88 1.26
C ALA D 96 32.26 -65.32 1.40
N ILE D 97 32.98 -66.11 2.20
CA ILE D 97 32.74 -67.55 2.23
C ILE D 97 31.34 -67.86 2.74
N SER D 98 30.87 -67.12 3.75
CA SER D 98 29.52 -67.36 4.24
C SER D 98 28.44 -66.88 3.29
N LEU D 99 28.79 -66.08 2.29
CA LEU D 99 27.83 -65.61 1.30
C LEU D 99 28.05 -66.20 -0.08
N ALA D 100 29.20 -66.83 -0.32
CA ALA D 100 29.47 -67.45 -1.62
C ALA D 100 28.50 -68.60 -1.86
N GLU D 101 28.42 -69.02 -3.12
CA GLU D 101 27.46 -70.04 -3.53
C GLU D 101 28.11 -70.97 -4.53
N ASP D 102 27.60 -72.21 -4.56
CA ASP D 102 27.84 -73.19 -5.63
C ASP D 102 29.34 -73.49 -5.73
N GLU D 103 29.92 -73.48 -6.94
CA GLU D 103 31.30 -73.92 -7.10
C GLU D 103 32.30 -72.91 -6.54
N GLU D 104 31.94 -71.63 -6.54
CA GLU D 104 32.82 -70.63 -5.91
C GLU D 104 32.96 -70.91 -4.42
N TRP D 105 31.85 -71.18 -3.74
CA TRP D 105 31.93 -71.53 -2.32
C TRP D 105 32.81 -72.75 -2.09
N LYS D 106 32.72 -73.75 -2.97
CA LYS D 106 33.53 -74.95 -2.82
C LYS D 106 35.01 -74.62 -2.93
N ARG D 107 35.38 -73.75 -3.86
CA ARG D 107 36.78 -73.38 -3.98
C ARG D 107 37.23 -72.50 -2.82
N ILE D 108 36.37 -71.57 -2.38
CA ILE D 108 36.73 -70.70 -1.26
C ILE D 108 36.88 -71.51 0.03
N ARG D 109 35.90 -72.39 0.30
CA ARG D 109 35.96 -73.19 1.52
C ARG D 109 37.16 -74.11 1.51
N SER D 110 37.47 -74.71 0.36
CA SER D 110 38.63 -75.60 0.29
C SER D 110 39.92 -74.84 0.52
N LEU D 111 40.00 -73.60 0.02
CA LEU D 111 41.20 -72.81 0.21
C LEU D 111 41.38 -72.37 1.66
N LEU D 112 40.28 -72.12 2.36
CA LEU D 112 40.34 -71.58 3.72
C LEU D 112 40.33 -72.65 4.80
N SER D 113 39.89 -73.87 4.48
CA SER D 113 39.82 -74.92 5.50
C SER D 113 41.15 -75.24 6.19
N PRO D 114 42.30 -75.27 5.50
CA PRO D 114 43.56 -75.58 6.21
C PRO D 114 43.92 -74.58 7.29
N THR D 115 43.14 -73.51 7.45
CA THR D 115 43.47 -72.49 8.44
C THR D 115 43.36 -73.03 9.86
N PHE D 116 42.30 -73.78 10.15
CA PHE D 116 42.02 -74.22 11.51
C PHE D 116 42.12 -75.73 11.68
N THR D 117 43.21 -76.32 11.18
CA THR D 117 43.44 -77.73 11.42
C THR D 117 44.07 -77.92 12.79
N SER D 118 44.07 -79.18 13.26
CA SER D 118 44.57 -79.47 14.60
C SER D 118 45.99 -78.98 14.78
N GLY D 119 46.79 -78.99 13.72
CA GLY D 119 48.16 -78.52 13.84
C GLY D 119 48.25 -77.02 13.99
N LYS D 120 47.45 -76.28 13.22
CA LYS D 120 47.53 -74.82 13.28
C LYS D 120 46.97 -74.27 14.58
N LEU D 121 45.98 -74.95 15.17
CA LEU D 121 45.46 -74.51 16.47
C LEU D 121 46.55 -74.57 17.53
N LYS D 122 47.33 -75.64 17.55
CA LYS D 122 48.39 -75.76 18.54
C LYS D 122 49.50 -74.74 18.28
N GLU D 123 49.63 -74.30 17.03
CA GLU D 123 50.61 -73.27 16.70
C GLU D 123 50.20 -71.92 17.27
N MET D 124 48.90 -71.61 17.24
CA MET D 124 48.40 -70.34 17.76
C MET D 124 48.40 -70.27 19.28
N PHE D 125 48.68 -71.39 19.95
CA PHE D 125 48.61 -71.42 21.42
C PHE D 125 49.48 -70.36 22.08
N PRO D 126 50.76 -70.18 21.72
CA PRO D 126 51.53 -69.10 22.35
C PRO D 126 50.97 -67.71 22.09
N ILE D 127 50.37 -67.48 20.92
CA ILE D 127 49.79 -66.17 20.64
C ILE D 127 48.58 -65.91 21.51
N ILE D 128 47.65 -66.88 21.56
CA ILE D 128 46.44 -66.71 22.35
C ILE D 128 46.77 -66.60 23.84
N ALA D 129 47.74 -67.38 24.31
CA ALA D 129 48.12 -67.33 25.72
C ALA D 129 48.74 -65.98 26.08
N GLN D 130 49.48 -65.37 25.16
CA GLN D 130 50.06 -64.06 25.43
C GLN D 130 48.98 -62.99 25.55
N TYR D 131 47.97 -63.04 24.67
CA TYR D 131 46.83 -62.15 24.81
C TYR D 131 46.05 -62.44 26.08
N GLY D 132 46.01 -63.71 26.52
CA GLY D 132 45.34 -64.04 27.76
C GLY D 132 46.01 -63.44 28.98
N ASP D 133 47.35 -63.30 28.93
CA ASP D 133 48.06 -62.65 30.04
C ASP D 133 47.67 -61.19 30.16
N VAL D 134 47.56 -60.49 29.03
CA VAL D 134 47.12 -59.10 29.05
C VAL D 134 45.69 -59.00 29.56
N LEU D 135 44.84 -59.96 29.18
CA LEU D 135 43.46 -59.97 29.66
C LEU D 135 43.39 -60.08 31.17
N VAL D 136 44.22 -60.96 31.76
CA VAL D 136 44.23 -61.11 33.22
C VAL D 136 44.71 -59.83 33.88
N ARG D 137 45.72 -59.16 33.29
CA ARG D 137 46.26 -57.95 33.89
C ARG D 137 45.23 -56.82 33.91
N ASN D 138 44.65 -56.52 32.74
CA ASN D 138 43.64 -55.46 32.68
C ASN D 138 42.43 -55.79 33.55
N LEU D 139 42.07 -57.07 33.63
CA LEU D 139 40.96 -57.48 34.50
C LEU D 139 41.33 -57.34 35.97
N ARG D 140 42.60 -57.55 36.31
CA ARG D 140 43.07 -57.36 37.67
C ARG D 140 42.92 -55.90 38.11
N ARG D 141 43.14 -54.97 37.18
CA ARG D 141 43.02 -53.55 37.51
C ARG D 141 41.61 -53.23 38.00
N GLU D 142 40.59 -53.69 37.27
CA GLU D 142 39.21 -53.40 37.66
C GLU D 142 38.82 -54.13 38.93
N ALA D 143 39.40 -55.30 39.17
CA ALA D 143 39.11 -56.04 40.40
C ALA D 143 39.63 -55.28 41.62
N GLU D 144 40.91 -54.90 41.60
CA GLU D 144 41.48 -54.15 42.70
C GLU D 144 40.88 -52.74 42.80
N LYS D 145 40.46 -52.17 41.66
CA LYS D 145 39.74 -50.91 41.68
C LYS D 145 38.31 -51.07 42.20
N GLY D 146 37.84 -52.30 42.36
CA GLY D 146 36.49 -52.54 42.82
C GLY D 146 35.40 -52.18 41.84
N LYS D 147 35.75 -51.93 40.58
CA LYS D 147 34.77 -51.53 39.57
C LYS D 147 34.13 -52.75 38.94
N PRO D 148 32.81 -52.69 38.69
CA PRO D 148 32.18 -53.73 37.88
C PRO D 148 32.69 -53.70 36.45
N VAL D 149 32.78 -54.88 35.85
CA VAL D 149 33.38 -55.05 34.53
C VAL D 149 32.27 -55.28 33.52
N THR D 150 32.25 -54.46 32.47
CA THR D 150 31.41 -54.71 31.32
C THR D 150 32.06 -55.80 30.48
N LEU D 151 31.46 -56.99 30.48
CA LEU D 151 32.12 -58.16 29.90
C LEU D 151 32.39 -57.98 28.42
N LYS D 152 31.40 -57.46 27.68
CA LYS D 152 31.54 -57.36 26.23
C LYS D 152 32.67 -56.41 25.84
N ASP D 153 32.99 -55.44 26.70
CA ASP D 153 34.05 -54.49 26.37
C ASP D 153 35.42 -55.15 26.39
N ILE D 154 35.82 -55.70 27.53
CA ILE D 154 37.18 -56.24 27.65
C ILE D 154 37.32 -57.58 26.96
N PHE D 155 36.27 -58.42 27.00
CA PHE D 155 36.34 -59.70 26.31
C PHE D 155 36.20 -59.52 24.80
N GLY D 156 35.50 -58.47 24.37
CA GLY D 156 35.48 -58.14 22.96
C GLY D 156 36.84 -57.70 22.46
N ALA D 157 37.57 -56.93 23.27
CA ALA D 157 38.93 -56.56 22.91
C ALA D 157 39.84 -57.77 22.88
N TYR D 158 39.63 -58.73 23.79
CA TYR D 158 40.38 -59.97 23.75
C TYR D 158 40.11 -60.74 22.47
N SER D 159 38.82 -60.90 22.12
CA SER D 159 38.47 -61.62 20.91
C SER D 159 39.07 -60.95 19.67
N MET D 160 38.97 -59.63 19.59
CA MET D 160 39.50 -58.91 18.44
C MET D 160 41.01 -59.04 18.36
N ASP D 161 41.69 -59.03 19.51
CA ASP D 161 43.13 -59.21 19.51
C ASP D 161 43.52 -60.61 19.05
N VAL D 162 42.77 -61.62 19.48
CA VAL D 162 43.11 -63.00 19.12
C VAL D 162 42.93 -63.22 17.62
N ILE D 163 41.81 -62.78 17.07
CA ILE D 163 41.55 -63.02 15.65
C ILE D 163 42.54 -62.25 14.78
N THR D 164 42.93 -61.05 15.21
CA THR D 164 43.84 -60.24 14.40
C THR D 164 45.28 -60.68 14.56
N GLY D 165 45.68 -61.07 15.77
CA GLY D 165 47.06 -61.46 15.99
C GLY D 165 47.43 -62.79 15.36
N THR D 166 46.50 -63.74 15.38
CA THR D 166 46.77 -65.07 14.83
C THR D 166 46.53 -65.15 13.34
N SER D 167 45.66 -64.31 12.78
CA SER D 167 45.33 -64.41 11.37
C SER D 167 46.18 -63.52 10.49
N PHE D 168 46.59 -62.35 10.99
CA PHE D 168 47.36 -61.41 10.20
C PHE D 168 48.74 -61.14 10.77
N GLY D 169 49.10 -61.75 11.89
CA GLY D 169 50.42 -61.54 12.47
C GLY D 169 50.66 -60.12 12.90
N VAL D 170 49.62 -59.41 13.32
CA VAL D 170 49.69 -58.01 13.70
C VAL D 170 49.05 -57.85 15.07
N ASN D 171 49.75 -57.19 15.98
CA ASN D 171 49.25 -56.93 17.33
C ASN D 171 48.68 -55.51 17.35
N ILE D 172 47.37 -55.40 17.12
CA ILE D 172 46.71 -54.10 17.17
C ILE D 172 46.47 -53.62 18.59
N ASP D 173 46.75 -54.45 19.59
CA ASP D 173 46.66 -54.09 21.00
C ASP D 173 45.27 -53.52 21.35
N SER D 174 44.24 -54.26 20.95
CA SER D 174 42.88 -53.81 21.23
C SER D 174 42.60 -53.78 22.72
N LEU D 175 43.24 -54.65 23.49
CA LEU D 175 43.00 -54.72 24.94
C LEU D 175 43.46 -53.47 25.67
N ASN D 176 44.39 -52.70 25.10
CA ASN D 176 44.92 -51.50 25.73
C ASN D 176 44.55 -50.23 24.98
N ASN D 177 43.76 -50.33 23.92
CA ASN D 177 43.28 -49.17 23.18
C ASN D 177 41.82 -48.92 23.56
N PRO D 178 41.52 -47.89 24.35
CA PRO D 178 40.11 -47.63 24.70
C PRO D 178 39.24 -47.24 23.51
N GLN D 179 39.84 -46.75 22.43
CA GLN D 179 39.09 -46.41 21.22
C GLN D 179 39.64 -47.17 20.02
N ASP D 180 39.64 -48.50 20.10
CA ASP D 180 40.20 -49.32 19.04
C ASP D 180 39.37 -49.20 17.78
N PRO D 181 39.96 -48.80 16.65
CA PRO D 181 39.15 -48.65 15.42
C PRO D 181 38.59 -49.97 14.91
N PHE D 182 39.25 -51.10 15.19
CA PHE D 182 38.73 -52.38 14.74
C PHE D 182 37.44 -52.75 15.46
N VAL D 183 37.39 -52.55 16.79
CA VAL D 183 36.17 -52.84 17.53
C VAL D 183 35.08 -51.84 17.19
N GLU D 184 35.43 -50.56 17.09
CA GLU D 184 34.44 -49.53 16.79
C GLU D 184 33.72 -49.81 15.48
N SER D 185 34.48 -50.16 14.45
CA SER D 185 33.87 -50.42 13.14
C SER D 185 33.13 -51.74 13.13
N THR D 186 33.73 -52.80 13.69
CA THR D 186 33.14 -54.13 13.58
C THR D 186 31.80 -54.20 14.29
N LYS D 187 31.64 -53.51 15.41
CA LYS D 187 30.36 -53.59 16.13
C LYS D 187 29.22 -52.87 15.42
N LYS D 188 29.45 -52.29 14.24
CA LYS D 188 28.36 -51.73 13.46
C LYS D 188 27.55 -52.79 12.75
N PHE D 189 28.09 -54.00 12.60
CA PHE D 189 27.32 -55.08 11.99
C PHE D 189 26.14 -55.49 12.85
N LEU D 190 26.22 -55.29 14.16
CA LEU D 190 25.17 -55.73 15.07
C LEU D 190 23.98 -54.79 15.07
N LYS D 191 24.20 -53.52 14.71
CA LYS D 191 23.12 -52.53 14.79
C LYS D 191 22.03 -52.80 13.76
N PHE D 192 22.31 -53.59 12.73
CA PHE D 192 21.33 -53.89 11.70
C PHE D 192 20.49 -55.10 12.08
N GLY D 193 19.20 -55.01 11.80
CA GLY D 193 18.29 -56.12 12.01
C GLY D 193 17.12 -56.03 11.06
N PHE D 194 16.09 -56.82 11.36
CA PHE D 194 14.87 -56.73 10.57
C PHE D 194 14.16 -55.40 10.85
N LEU D 195 13.30 -55.02 9.89
CA LEU D 195 12.56 -53.76 9.87
C LEU D 195 13.45 -52.55 9.57
N ASP D 196 14.75 -52.74 9.37
CA ASP D 196 15.59 -51.68 8.84
C ASP D 196 15.07 -51.31 7.45
N PRO D 197 14.93 -50.01 7.14
CA PRO D 197 14.32 -49.63 5.86
C PRO D 197 14.96 -50.29 4.64
N LEU D 198 16.30 -50.31 4.58
CA LEU D 198 16.97 -50.90 3.43
C LEU D 198 16.77 -52.41 3.38
N PHE D 199 16.99 -53.09 4.51
CA PHE D 199 16.85 -54.54 4.53
C PHE D 199 15.39 -54.96 4.32
N LEU D 200 14.45 -54.19 4.85
CA LEU D 200 13.05 -54.54 4.72
C LEU D 200 12.59 -54.42 3.27
N SER D 201 13.11 -53.44 2.54
CA SER D 201 12.74 -53.27 1.13
C SER D 201 13.24 -54.44 0.29
N ILE D 202 14.34 -55.07 0.69
CA ILE D 202 14.83 -56.24 -0.04
C ILE D 202 13.94 -57.45 0.21
N ILE D 203 13.41 -57.58 1.44
CA ILE D 203 12.55 -58.71 1.74
C ILE D 203 11.24 -58.61 0.97
N LEU D 204 10.61 -57.44 1.01
CA LEU D 204 9.32 -57.28 0.34
C LEU D 204 9.49 -57.22 -1.17
N PHE D 205 10.55 -56.56 -1.65
CA PHE D 205 10.78 -56.37 -3.09
C PHE D 205 12.17 -56.87 -3.42
N PRO D 206 12.35 -58.19 -3.55
CA PRO D 206 13.68 -58.73 -3.85
C PRO D 206 14.22 -58.33 -5.21
N PHE D 207 13.39 -57.79 -6.10
CA PHE D 207 13.89 -57.28 -7.38
C PHE D 207 14.70 -55.99 -7.22
N LEU D 208 14.66 -55.35 -6.05
CA LEU D 208 15.44 -54.15 -5.82
C LEU D 208 16.92 -54.41 -5.64
N THR D 209 17.31 -55.66 -5.35
CA THR D 209 18.73 -55.98 -5.15
C THR D 209 19.63 -55.56 -6.30
N PRO D 210 19.34 -55.91 -7.57
CA PRO D 210 20.21 -55.42 -8.66
C PRO D 210 20.20 -53.91 -8.81
N VAL D 211 19.16 -53.23 -8.32
CA VAL D 211 19.10 -51.78 -8.42
C VAL D 211 20.11 -51.13 -7.48
N PHE D 212 19.99 -51.43 -6.18
CA PHE D 212 20.95 -50.91 -5.20
C PHE D 212 22.35 -51.36 -5.53
N GLU D 213 22.50 -52.54 -6.14
CA GLU D 213 23.82 -52.97 -6.56
C GLU D 213 24.41 -52.01 -7.59
N ALA D 214 23.59 -51.59 -8.56
CA ALA D 214 24.04 -50.62 -9.56
C ALA D 214 24.33 -49.26 -8.92
N LEU D 215 23.56 -48.88 -7.90
CA LEU D 215 23.79 -47.64 -7.19
C LEU D 215 24.90 -47.74 -6.15
N ASN D 216 25.59 -48.88 -6.07
CA ASN D 216 26.67 -49.11 -5.12
C ASN D 216 26.22 -49.06 -3.66
N VAL D 217 24.92 -49.25 -3.42
CA VAL D 217 24.38 -49.34 -2.07
C VAL D 217 24.54 -50.77 -1.56
N SER D 218 24.82 -50.91 -0.26
CA SER D 218 25.09 -52.20 0.34
C SER D 218 24.41 -52.28 1.71
N LEU D 219 24.09 -53.51 2.12
CA LEU D 219 23.52 -53.73 3.44
C LEU D 219 24.55 -53.54 4.54
N PHE D 220 25.84 -53.75 4.25
CA PHE D 220 26.88 -53.60 5.24
C PHE D 220 27.27 -52.14 5.39
N PRO D 221 27.77 -51.75 6.57
CA PRO D 221 28.24 -50.36 6.76
C PRO D 221 29.44 -50.08 5.85
N LYS D 222 29.26 -49.10 4.95
CA LYS D 222 30.33 -48.78 4.01
C LYS D 222 31.58 -48.28 4.72
N ASP D 223 31.42 -47.58 5.84
CA ASP D 223 32.59 -47.09 6.57
C ASP D 223 33.35 -48.24 7.23
N THR D 224 32.62 -49.21 7.78
CA THR D 224 33.29 -50.35 8.41
C THR D 224 33.94 -51.23 7.36
N ILE D 225 33.25 -51.50 6.26
CA ILE D 225 33.81 -52.35 5.21
C ILE D 225 35.08 -51.73 4.64
N ASN D 226 35.01 -50.44 4.30
CA ASN D 226 36.16 -49.77 3.71
C ASN D 226 37.34 -49.70 4.67
N PHE D 227 37.08 -49.40 5.96
CA PHE D 227 38.16 -49.36 6.93
C PHE D 227 38.82 -50.73 7.06
N LEU D 228 38.02 -51.80 7.16
CA LEU D 228 38.58 -53.14 7.22
C LEU D 228 39.27 -53.51 5.91
N SER D 229 38.75 -53.06 4.77
CA SER D 229 39.40 -53.32 3.50
C SER D 229 40.77 -52.66 3.44
N LYS D 230 40.85 -51.36 3.75
CA LYS D 230 42.11 -50.66 3.68
C LYS D 230 43.09 -51.18 4.73
N SER D 231 42.58 -51.48 5.92
CA SER D 231 43.45 -51.96 6.99
C SER D 231 44.04 -53.33 6.64
N VAL D 232 43.24 -54.21 6.04
CA VAL D 232 43.75 -55.52 5.63
C VAL D 232 44.82 -55.36 4.56
N ASN D 233 44.59 -54.46 3.60
CA ASN D 233 45.56 -54.24 2.52
C ASN D 233 46.89 -53.72 3.07
N ARG D 234 46.83 -52.87 4.11
CA ARG D 234 48.07 -52.41 4.74
C ARG D 234 48.85 -53.57 5.33
N MET D 235 48.15 -54.54 5.93
CA MET D 235 48.83 -55.69 6.50
C MET D 235 49.35 -56.63 5.42
N LYS D 236 48.66 -56.71 4.29
CA LYS D 236 49.12 -57.57 3.19
C LYS D 236 50.43 -57.04 2.60
N LYS D 237 50.49 -55.73 2.34
CA LYS D 237 51.73 -55.15 1.81
C LYS D 237 52.84 -55.17 2.85
N SER D 238 52.49 -54.95 4.12
CA SER D 238 53.49 -55.02 5.17
C SER D 238 54.05 -56.43 5.32
N ARG D 239 53.22 -57.45 5.05
CA ARG D 239 53.70 -58.83 5.11
C ARG D 239 54.71 -59.11 3.99
N LEU D 240 54.43 -58.60 2.78
CA LEU D 240 55.33 -58.83 1.66
C LEU D 240 56.65 -58.10 1.81
N ASN D 241 56.71 -57.08 2.66
CA ASN D 241 57.97 -56.37 2.90
C ASN D 241 58.91 -57.19 3.78
N ASP D 242 58.43 -57.58 4.96
CA ASP D 242 59.27 -58.29 5.94
C ASP D 242 59.38 -59.75 5.53
N LYS D 243 60.59 -60.17 5.13
CA LYS D 243 60.84 -61.58 4.86
C LYS D 243 61.20 -62.33 6.13
N GLN D 244 61.74 -61.63 7.13
CA GLN D 244 62.17 -62.28 8.37
C GLN D 244 60.97 -62.76 9.19
N LYS D 245 59.93 -61.94 9.31
CA LYS D 245 58.80 -62.23 10.18
C LYS D 245 57.66 -62.78 9.34
N HIS D 246 57.43 -64.09 9.44
CA HIS D 246 56.30 -64.72 8.77
C HIS D 246 55.99 -66.05 9.44
N ARG D 247 54.71 -66.32 9.61
CA ARG D 247 54.23 -67.64 9.97
C ARG D 247 53.06 -67.96 9.05
N LEU D 248 52.95 -69.24 8.69
CA LEU D 248 51.91 -69.66 7.74
C LEU D 248 50.55 -69.56 8.43
N ASP D 249 49.99 -68.35 8.40
CA ASP D 249 48.73 -68.02 9.07
C ASP D 249 47.62 -67.83 8.05
N PHE D 250 46.52 -67.22 8.49
CA PHE D 250 45.36 -67.03 7.63
C PHE D 250 45.67 -66.05 6.50
N LEU D 251 46.41 -64.99 6.81
CA LEU D 251 46.77 -64.02 5.77
C LEU D 251 47.71 -64.63 4.75
N GLN D 252 48.76 -65.31 5.22
CA GLN D 252 49.73 -65.90 4.31
C GLN D 252 49.10 -67.00 3.46
N LEU D 253 48.07 -67.66 3.99
CA LEU D 253 47.40 -68.70 3.21
C LEU D 253 46.68 -68.11 2.00
N MET D 254 46.11 -66.92 2.16
CA MET D 254 45.47 -66.26 1.02
C MET D 254 46.49 -65.57 0.13
N ILE D 255 47.62 -65.14 0.69
CA ILE D 255 48.68 -64.55 -0.12
C ILE D 255 49.25 -65.59 -1.08
N ASP D 256 49.47 -66.81 -0.60
CA ASP D 256 49.94 -67.87 -1.47
C ASP D 256 48.91 -68.23 -2.54
N SER D 257 47.64 -67.90 -2.35
CA SER D 257 46.60 -68.29 -3.29
C SER D 257 46.63 -67.45 -4.55
N GLN D 258 47.33 -66.33 -4.56
CA GLN D 258 47.31 -65.40 -5.67
C GLN D 258 48.33 -65.74 -6.75
N ASN D 259 48.86 -66.96 -6.75
CA ASN D 259 49.85 -67.41 -7.73
C ASN D 259 49.31 -68.54 -8.59
N SER D 260 48.05 -68.45 -8.99
CA SER D 260 47.42 -69.44 -9.86
C SER D 260 46.95 -68.81 -11.17
N ALA D 268 42.73 -69.08 -6.78
CA ALA D 268 43.08 -67.72 -7.19
C ALA D 268 42.13 -66.71 -6.54
N LEU D 269 42.67 -65.85 -5.68
CA LEU D 269 41.89 -64.93 -4.86
C LEU D 269 42.23 -63.51 -5.25
N SER D 270 41.23 -62.72 -5.64
CA SER D 270 41.49 -61.33 -5.98
C SER D 270 41.69 -60.52 -4.71
N ASP D 271 42.12 -59.26 -4.88
CA ASP D 271 42.28 -58.40 -3.72
C ASP D 271 40.97 -58.13 -3.02
N LEU D 272 39.87 -58.05 -3.77
CA LEU D 272 38.55 -57.91 -3.15
C LEU D 272 38.16 -59.18 -2.42
N GLU D 273 38.36 -60.34 -3.06
CA GLU D 273 38.06 -61.62 -2.42
C GLU D 273 38.89 -61.81 -1.16
N LEU D 274 40.18 -61.46 -1.21
CA LEU D 274 41.02 -61.56 -0.03
C LEU D 274 40.48 -60.68 1.09
N ALA D 275 39.93 -59.51 0.75
CA ALA D 275 39.37 -58.63 1.77
C ALA D 275 38.05 -59.18 2.30
N ALA D 276 37.24 -59.77 1.42
CA ALA D 276 35.93 -60.28 1.85
C ALA D 276 36.08 -61.37 2.89
N GLN D 277 37.04 -62.28 2.69
CA GLN D 277 37.24 -63.35 3.66
C GLN D 277 37.78 -62.81 4.98
N SER D 278 38.63 -61.79 4.90
CA SER D 278 39.21 -61.21 6.11
C SER D 278 38.16 -60.49 6.95
N ILE D 279 37.13 -59.95 6.30
CA ILE D 279 36.10 -59.22 7.03
C ILE D 279 35.25 -60.16 7.89
N ILE D 280 34.84 -61.29 7.32
CA ILE D 280 34.04 -62.26 8.06
C ILE D 280 34.82 -62.82 9.25
N PHE D 281 36.06 -63.26 9.00
CA PHE D 281 36.88 -63.80 10.07
C PHE D 281 37.06 -62.79 11.19
N ILE D 282 37.31 -61.52 10.83
CA ILE D 282 37.44 -60.48 11.85
C ILE D 282 36.12 -60.31 12.61
N PHE D 283 35.00 -60.32 11.88
CA PHE D 283 33.71 -60.18 12.53
C PHE D 283 33.37 -61.41 13.36
N ALA D 284 33.54 -62.60 12.77
CA ALA D 284 33.20 -63.82 13.50
C ALA D 284 34.14 -64.04 14.68
N GLY D 285 35.45 -63.85 14.46
CA GLY D 285 36.41 -64.04 15.53
C GLY D 285 36.23 -63.07 16.68
N TYR D 286 35.54 -61.95 16.45
CA TYR D 286 35.28 -60.96 17.49
C TYR D 286 33.92 -61.13 18.15
N GLU D 287 32.85 -61.18 17.34
CA GLU D 287 31.51 -61.08 17.92
C GLU D 287 31.08 -62.38 18.59
N THR D 288 31.21 -63.52 17.90
CA THR D 288 30.74 -64.78 18.47
C THR D 288 31.51 -65.14 19.73
N THR D 289 32.85 -65.03 19.68
CA THR D 289 33.68 -65.41 20.82
C THR D 289 33.36 -64.56 22.05
N SER D 290 33.23 -63.25 21.89
CA SER D 290 32.97 -62.38 23.03
C SER D 290 31.53 -62.49 23.54
N SER D 291 30.56 -62.72 22.67
CA SER D 291 29.18 -62.89 23.14
C SER D 291 29.05 -64.16 23.98
N VAL D 292 29.51 -65.29 23.45
CA VAL D 292 29.39 -66.56 24.17
C VAL D 292 30.22 -66.54 25.45
N LEU D 293 31.38 -65.90 25.42
CA LEU D 293 32.17 -65.74 26.65
C LEU D 293 31.39 -64.93 27.69
N SER D 294 30.64 -63.92 27.25
CA SER D 294 29.84 -63.15 28.18
C SER D 294 28.66 -63.94 28.71
N PHE D 295 28.06 -64.80 27.87
CA PHE D 295 26.96 -65.64 28.35
C PHE D 295 27.45 -66.67 29.36
N THR D 296 28.62 -67.26 29.11
CA THR D 296 29.14 -68.27 30.04
C THR D 296 29.45 -67.66 31.40
N LEU D 297 30.11 -66.50 31.41
CA LEU D 297 30.42 -65.85 32.68
C LEU D 297 29.16 -65.40 33.41
N TYR D 298 28.10 -65.06 32.67
CA TYR D 298 26.84 -64.75 33.33
C TYR D 298 26.28 -65.98 34.03
N GLU D 299 26.36 -67.14 33.37
CA GLU D 299 25.88 -68.37 34.00
C GLU D 299 26.73 -68.73 35.22
N LEU D 300 28.05 -68.60 35.10
CA LEU D 300 28.93 -68.93 36.23
C LEU D 300 28.72 -67.96 37.39
N ALA D 301 28.38 -66.71 37.10
CA ALA D 301 28.13 -65.74 38.17
C ALA D 301 26.82 -66.02 38.88
N THR D 302 25.80 -66.48 38.16
CA THR D 302 24.50 -66.78 38.74
C THR D 302 24.36 -68.23 39.16
N HIS D 303 25.40 -69.05 39.00
CA HIS D 303 25.41 -70.44 39.45
C HIS D 303 26.75 -70.68 40.15
N PRO D 304 26.90 -70.17 41.38
CA PRO D 304 28.21 -70.25 42.05
C PRO D 304 28.70 -71.67 42.26
N ASP D 305 27.81 -72.61 42.53
CA ASP D 305 28.21 -74.00 42.64
C ASP D 305 28.86 -74.49 41.35
N VAL D 306 28.32 -74.08 40.20
CA VAL D 306 28.90 -74.46 38.92
C VAL D 306 30.28 -73.83 38.75
N GLN D 307 30.40 -72.54 39.09
CA GLN D 307 31.68 -71.86 38.96
C GLN D 307 32.73 -72.49 39.86
N GLN D 308 32.35 -72.81 41.11
CA GLN D 308 33.31 -73.37 42.05
C GLN D 308 33.75 -74.77 41.64
N LYS D 309 32.81 -75.58 41.15
CA LYS D 309 33.18 -76.92 40.67
C LYS D 309 34.08 -76.84 39.45
N LEU D 310 33.90 -75.81 38.60
CA LEU D 310 34.77 -75.64 37.44
C LEU D 310 36.14 -75.11 37.86
N GLN D 311 36.18 -74.21 38.85
CA GLN D 311 37.45 -73.72 39.34
C GLN D 311 38.29 -74.84 39.97
N LYS D 312 37.62 -75.89 40.45
CA LYS D 312 38.37 -77.01 41.04
C LYS D 312 38.95 -77.92 39.96
N GLU D 313 38.22 -78.15 38.88
CA GLU D 313 38.78 -78.91 37.77
C GLU D 313 39.98 -78.19 37.15
N ILE D 314 39.99 -76.86 37.19
CA ILE D 314 41.13 -76.10 36.72
C ILE D 314 42.25 -76.12 37.74
N ASP D 315 41.93 -75.91 39.02
CA ASP D 315 42.95 -75.93 40.05
C ASP D 315 43.55 -77.31 40.24
N ALA D 316 42.76 -78.37 40.07
CA ALA D 316 43.29 -79.73 40.19
C ALA D 316 44.16 -80.14 39.02
N VAL D 317 44.31 -79.29 38.01
CA VAL D 317 45.18 -79.53 36.88
C VAL D 317 46.29 -78.50 36.78
N LEU D 318 45.99 -77.24 37.08
CA LEU D 318 46.95 -76.13 36.97
C LEU D 318 46.97 -75.34 38.27
N PRO D 319 47.54 -75.90 39.33
CA PRO D 319 47.63 -75.17 40.60
C PRO D 319 48.60 -73.99 40.49
N ASN D 320 48.40 -73.03 41.39
CA ASN D 320 49.24 -71.83 41.47
C ASN D 320 49.25 -71.05 40.16
N LYS D 321 48.11 -71.04 39.47
CA LYS D 321 47.94 -70.30 38.21
C LYS D 321 48.92 -70.78 37.14
N ALA D 322 49.00 -72.11 36.98
CA ALA D 322 49.94 -72.67 36.02
C ALA D 322 49.48 -72.37 34.60
N PRO D 323 50.41 -72.01 33.71
CA PRO D 323 50.03 -71.70 32.33
C PRO D 323 49.42 -72.92 31.65
N PRO D 324 48.41 -72.71 30.80
CA PRO D 324 47.72 -73.84 30.18
C PRO D 324 48.53 -74.47 29.06
N THR D 325 48.16 -75.71 28.76
CA THR D 325 48.72 -76.47 27.65
C THR D 325 47.58 -76.87 26.73
N TYR D 326 47.93 -77.26 25.49
CA TYR D 326 46.90 -77.70 24.55
C TYR D 326 46.16 -78.92 25.06
N ASP D 327 46.90 -79.89 25.59
CA ASP D 327 46.25 -81.10 26.11
C ASP D 327 45.46 -80.81 27.38
N ALA D 328 45.89 -79.83 28.18
CA ALA D 328 45.15 -79.49 29.38
C ALA D 328 43.77 -78.93 29.07
N VAL D 329 43.62 -78.32 27.89
CA VAL D 329 42.32 -77.77 27.51
C VAL D 329 41.38 -78.88 27.06
N VAL D 330 41.84 -79.74 26.15
CA VAL D 330 40.97 -80.77 25.59
C VAL D 330 40.62 -81.87 26.58
N GLN D 331 41.30 -81.92 27.73
CA GLN D 331 41.01 -82.97 28.72
C GLN D 331 40.00 -82.54 29.76
N MET D 332 39.86 -81.23 30.00
CA MET D 332 38.88 -80.75 30.98
C MET D 332 37.47 -81.05 30.53
N GLU D 333 36.86 -82.10 31.08
CA GLU D 333 35.51 -82.49 30.68
C GLU D 333 34.49 -81.46 31.13
N TYR D 334 34.57 -81.04 32.40
CA TYR D 334 33.56 -80.13 32.93
C TYR D 334 33.59 -78.78 32.23
N LEU D 335 34.78 -78.31 31.86
CA LEU D 335 34.87 -77.08 31.08
C LEU D 335 34.17 -77.23 29.73
N ASP D 336 34.30 -78.40 29.10
CA ASP D 336 33.57 -78.65 27.86
C ASP D 336 32.08 -78.78 28.11
N MET D 337 31.69 -79.26 29.29
CA MET D 337 30.27 -79.35 29.63
C MET D 337 29.68 -77.95 29.80
N VAL D 338 30.39 -77.06 30.49
CA VAL D 338 29.89 -75.71 30.72
C VAL D 338 29.74 -74.96 29.41
N VAL D 339 30.75 -75.05 28.53
CA VAL D 339 30.71 -74.32 27.27
C VAL D 339 29.58 -74.84 26.38
N ASN D 340 29.42 -76.17 26.30
CA ASN D 340 28.37 -76.73 25.45
C ASN D 340 26.98 -76.37 25.95
N GLU D 341 26.81 -76.17 27.26
CA GLU D 341 25.50 -75.80 27.77
C GLU D 341 25.20 -74.33 27.48
N THR D 342 26.20 -73.46 27.55
CA THR D 342 26.01 -72.08 27.15
C THR D 342 25.55 -72.00 25.70
N LEU D 343 26.17 -72.80 24.83
CA LEU D 343 25.78 -72.79 23.42
C LEU D 343 24.40 -73.40 23.22
N ARG D 344 23.96 -74.27 24.13
CA ARG D 344 22.60 -74.79 24.05
C ARG D 344 21.59 -73.71 24.44
N LEU D 345 21.89 -72.93 25.47
CA LEU D 345 20.99 -71.84 25.86
C LEU D 345 21.04 -70.70 24.86
N PHE D 346 22.23 -70.35 24.37
CA PHE D 346 22.43 -69.16 23.56
C PHE D 346 23.15 -69.53 22.25
N PRO D 347 22.44 -70.19 21.34
CA PRO D 347 23.03 -70.42 20.01
C PRO D 347 22.92 -69.14 19.20
N VAL D 348 24.04 -68.41 19.08
CA VAL D 348 24.02 -67.04 18.58
C VAL D 348 23.38 -66.93 17.19
N ALA D 349 23.51 -67.97 16.38
CA ALA D 349 22.76 -68.06 15.13
C ALA D 349 21.45 -68.73 15.50
N ILE D 350 20.34 -68.00 15.40
CA ILE D 350 19.06 -68.51 15.86
C ILE D 350 18.67 -69.76 15.09
N ARG D 351 18.88 -69.76 13.78
CA ARG D 351 18.43 -70.82 12.90
C ARG D 351 19.46 -71.06 11.81
N LEU D 352 19.49 -72.29 11.31
CA LEU D 352 20.24 -72.62 10.12
C LEU D 352 19.34 -72.40 8.91
N GLU D 353 19.91 -71.90 7.82
CA GLU D 353 19.14 -71.51 6.65
C GLU D 353 19.75 -72.12 5.40
N ARG D 354 18.92 -72.74 4.59
CA ARG D 354 19.33 -73.31 3.31
C ARG D 354 18.31 -72.92 2.26
N THR D 355 18.74 -72.89 1.01
CA THR D 355 17.90 -72.45 -0.11
C THR D 355 17.83 -73.58 -1.13
N CYS D 356 16.61 -73.83 -1.63
CA CYS D 356 16.39 -74.88 -2.63
C CYS D 356 17.00 -74.45 -3.95
N LYS D 357 18.05 -75.16 -4.39
CA LYS D 357 18.67 -74.84 -5.67
C LYS D 357 17.75 -75.19 -6.83
N LYS D 358 16.86 -76.16 -6.64
CA LYS D 358 15.84 -76.49 -7.62
C LYS D 358 14.61 -76.99 -6.88
N ASP D 359 13.62 -77.45 -7.63
CA ASP D 359 12.45 -78.06 -7.02
C ASP D 359 12.85 -79.35 -6.30
N VAL D 360 12.34 -79.54 -5.09
CA VAL D 360 12.72 -80.68 -4.27
C VAL D 360 11.53 -81.14 -3.45
N GLU D 361 11.51 -82.42 -3.12
CA GLU D 361 10.50 -83.03 -2.27
C GLU D 361 11.13 -83.23 -0.89
N ILE D 362 10.61 -82.53 0.11
CA ILE D 362 11.13 -82.59 1.47
C ILE D 362 10.12 -83.30 2.34
N ASN D 363 10.50 -84.47 2.86
CA ASN D 363 9.65 -85.24 3.78
C ASN D 363 8.27 -85.50 3.18
N GLY D 364 8.24 -85.76 1.87
CA GLY D 364 7.01 -86.05 1.17
C GLY D 364 6.20 -84.85 0.73
N VAL D 365 6.68 -83.63 0.98
CA VAL D 365 5.99 -82.44 0.50
C VAL D 365 6.87 -81.74 -0.54
N PHE D 366 6.20 -81.12 -1.50
CA PHE D 366 6.87 -80.52 -2.66
C PHE D 366 7.18 -79.06 -2.35
N ILE D 367 8.45 -78.68 -2.45
CA ILE D 367 8.91 -77.33 -2.16
C ILE D 367 9.49 -76.75 -3.45
N PRO D 368 9.01 -75.59 -3.90
CA PRO D 368 9.46 -75.05 -5.19
C PRO D 368 10.86 -74.44 -5.09
N LYS D 369 11.45 -74.22 -6.27
CA LYS D 369 12.79 -73.66 -6.36
C LYS D 369 12.83 -72.27 -5.76
N GLY D 370 13.95 -71.94 -5.12
CA GLY D 370 14.13 -70.63 -4.52
C GLY D 370 13.61 -70.49 -3.11
N SER D 371 12.84 -71.46 -2.62
CA SER D 371 12.32 -71.38 -1.27
C SER D 371 13.42 -71.68 -0.26
N MET D 372 13.18 -71.30 0.99
CA MET D 372 14.16 -71.44 2.06
C MET D 372 13.69 -72.44 3.09
N VAL D 373 14.62 -73.25 3.59
CA VAL D 373 14.36 -74.23 4.63
C VAL D 373 15.13 -73.82 5.88
N VAL D 374 14.45 -73.81 7.01
CA VAL D 374 14.99 -73.31 8.27
C VAL D 374 15.09 -74.46 9.26
N ILE D 375 16.22 -74.57 9.93
CA ILE D 375 16.36 -75.49 11.06
C ILE D 375 16.42 -74.65 12.33
N PRO D 376 15.31 -74.53 13.06
CA PRO D 376 15.30 -73.64 14.24
C PRO D 376 16.18 -74.14 15.37
N THR D 377 17.46 -73.81 15.32
CA THR D 377 18.39 -74.28 16.35
C THR D 377 17.97 -73.82 17.74
N TYR D 378 17.55 -72.55 17.87
CA TYR D 378 17.16 -72.06 19.20
C TYR D 378 15.93 -72.79 19.72
N ALA D 379 14.94 -73.03 18.84
CA ALA D 379 13.72 -73.71 19.28
C ALA D 379 14.01 -75.15 19.68
N LEU D 380 14.81 -75.87 18.88
CA LEU D 380 15.19 -77.23 19.23
C LEU D 380 16.06 -77.28 20.47
N HIS D 381 16.88 -76.25 20.69
CA HIS D 381 17.72 -76.20 21.89
C HIS D 381 16.90 -75.92 23.14
N HIS D 382 15.69 -75.40 23.00
CA HIS D 382 14.80 -75.11 24.12
C HIS D 382 13.55 -75.97 24.12
N ASP D 383 13.55 -77.04 23.33
CA ASP D 383 12.41 -77.94 23.24
C ASP D 383 12.30 -78.76 24.51
N PRO D 384 11.20 -78.67 25.26
CA PRO D 384 11.06 -79.50 26.47
C PRO D 384 11.03 -80.99 26.19
N LYS D 385 10.74 -81.40 24.95
CA LYS D 385 10.73 -82.81 24.60
C LYS D 385 12.14 -83.41 24.52
N TYR D 386 13.18 -82.57 24.50
CA TYR D 386 14.55 -83.06 24.43
C TYR D 386 15.40 -82.73 25.64
N TRP D 387 15.02 -81.75 26.44
CA TRP D 387 15.84 -81.28 27.54
C TRP D 387 14.97 -81.11 28.77
N THR D 388 15.30 -81.83 29.84
CA THR D 388 14.56 -81.72 31.09
C THR D 388 14.78 -80.33 31.67
N GLU D 389 13.69 -79.55 31.75
CA GLU D 389 13.74 -78.16 32.22
C GLU D 389 14.73 -77.38 31.36
N PRO D 390 14.36 -77.06 30.13
CA PRO D 390 15.35 -76.58 29.15
C PRO D 390 15.82 -75.15 29.36
N GLU D 391 15.17 -74.39 30.23
CA GLU D 391 15.57 -73.00 30.47
C GLU D 391 16.64 -72.87 31.54
N GLU D 392 17.07 -73.97 32.14
CA GLU D 392 18.05 -73.94 33.21
C GLU D 392 19.44 -74.28 32.69
N PHE D 393 20.45 -73.78 33.41
CA PHE D 393 21.85 -74.02 33.08
C PHE D 393 22.30 -75.26 33.84
N ARG D 394 22.31 -76.40 33.14
CA ARG D 394 22.67 -77.70 33.73
C ARG D 394 23.84 -78.27 32.94
N PRO D 395 25.07 -77.87 33.26
CA PRO D 395 26.23 -78.42 32.52
C PRO D 395 26.33 -79.93 32.59
N GLU D 396 25.72 -80.57 33.60
CA GLU D 396 25.74 -82.02 33.71
C GLU D 396 25.04 -82.71 32.56
N ARG D 397 24.28 -81.97 31.74
CA ARG D 397 23.59 -82.56 30.59
C ARG D 397 24.57 -83.30 29.68
N PHE D 398 25.68 -82.65 29.35
CA PHE D 398 26.63 -83.16 28.34
C PHE D 398 27.63 -84.07 29.05
N SER D 399 27.25 -85.33 29.22
CA SER D 399 28.09 -86.29 29.90
C SER D 399 27.95 -87.69 29.30
N ASP D 403 24.68 -90.19 28.35
CA ASP D 403 24.26 -91.02 27.21
C ASP D 403 24.82 -90.48 25.90
N SER D 404 23.93 -90.02 25.01
CA SER D 404 24.34 -89.45 23.74
C SER D 404 23.32 -88.39 23.32
N ILE D 405 23.80 -87.40 22.58
CA ILE D 405 23.00 -86.25 22.15
C ILE D 405 22.99 -86.19 20.63
N ASP D 406 21.81 -85.94 20.07
CA ASP D 406 21.63 -85.99 18.62
C ASP D 406 22.37 -84.84 17.95
N PRO D 407 23.24 -85.12 16.98
CA PRO D 407 23.97 -84.04 16.29
C PRO D 407 23.10 -83.18 15.38
N TYR D 408 21.79 -83.43 15.29
CA TYR D 408 20.90 -82.64 14.47
C TYR D 408 19.85 -81.88 15.27
N ILE D 409 19.68 -82.21 16.55
CA ILE D 409 18.87 -81.39 17.44
C ILE D 409 19.72 -80.31 18.11
N TYR D 410 20.95 -80.66 18.47
CA TYR D 410 21.92 -79.74 19.05
C TYR D 410 22.90 -79.37 17.93
N THR D 411 22.72 -78.19 17.36
CA THR D 411 23.52 -77.71 16.22
C THR D 411 23.98 -76.27 16.46
N PRO D 412 24.85 -76.05 17.44
CA PRO D 412 25.36 -74.69 17.67
C PRO D 412 26.25 -74.18 16.56
N PHE D 413 26.87 -75.09 15.80
CA PHE D 413 27.73 -74.75 14.68
C PHE D 413 27.21 -75.32 13.37
N GLY D 414 26.02 -75.90 13.36
CA GLY D 414 25.52 -76.58 12.19
C GLY D 414 26.26 -77.87 11.92
N THR D 415 25.83 -78.57 10.87
CA THR D 415 26.47 -79.80 10.43
C THR D 415 26.54 -79.80 8.91
N GLY D 416 27.22 -80.81 8.38
CA GLY D 416 27.37 -80.93 6.95
C GLY D 416 28.50 -80.08 6.42
N PRO D 417 28.60 -79.98 5.10
CA PRO D 417 29.70 -79.19 4.51
C PRO D 417 29.65 -77.72 4.84
N ARG D 418 28.47 -77.16 5.11
CA ARG D 418 28.31 -75.74 5.40
C ARG D 418 28.40 -75.41 6.88
N ASN D 419 28.92 -76.32 7.70
CA ASN D 419 29.03 -76.05 9.13
C ASN D 419 30.02 -74.91 9.38
N CYS D 420 30.14 -74.52 10.64
CA CYS D 420 31.07 -73.46 11.02
C CYS D 420 32.50 -73.91 10.80
N ILE D 421 33.23 -73.17 9.97
CA ILE D 421 34.63 -73.49 9.70
C ILE D 421 35.54 -73.14 10.89
N GLY D 422 35.09 -72.29 11.81
CA GLY D 422 35.94 -71.90 12.92
C GLY D 422 35.48 -72.47 14.25
N MET D 423 34.73 -73.57 14.20
CA MET D 423 34.18 -74.17 15.41
C MET D 423 35.28 -74.50 16.42
N ARG D 424 36.31 -75.24 15.99
CA ARG D 424 37.36 -75.62 16.93
C ARG D 424 38.24 -74.45 17.33
N PHE D 425 38.43 -73.48 16.43
CA PHE D 425 39.14 -72.26 16.81
C PHE D 425 38.37 -71.52 17.89
N ALA D 426 37.05 -71.40 17.74
CA ALA D 426 36.24 -70.69 18.72
C ALA D 426 36.30 -71.38 20.07
N LEU D 427 36.18 -72.72 20.08
CA LEU D 427 36.14 -73.45 21.34
C LEU D 427 37.45 -73.30 22.10
N MET D 428 38.58 -73.37 21.41
CA MET D 428 39.87 -73.36 22.10
C MET D 428 40.12 -72.04 22.82
N ASN D 429 40.14 -70.93 22.07
CA ASN D 429 40.44 -69.64 22.71
C ASN D 429 39.33 -69.18 23.64
N MET D 430 38.12 -69.74 23.50
CA MET D 430 37.11 -69.52 24.53
C MET D 430 37.48 -70.23 25.83
N LYS D 431 37.83 -71.52 25.73
CA LYS D 431 38.27 -72.25 26.92
C LYS D 431 39.53 -71.64 27.51
N LEU D 432 40.48 -71.24 26.64
CA LEU D 432 41.73 -70.67 27.12
C LEU D 432 41.47 -69.39 27.90
N ALA D 433 40.58 -68.54 27.41
CA ALA D 433 40.24 -67.32 28.13
C ALA D 433 39.54 -67.65 29.45
N LEU D 434 38.61 -68.61 29.42
CA LEU D 434 37.92 -69.02 30.65
C LEU D 434 38.90 -69.59 31.66
N ILE D 435 39.85 -70.41 31.21
CA ILE D 435 40.82 -71.01 32.12
C ILE D 435 41.63 -69.93 32.82
N ARG D 436 42.15 -68.97 32.05
CA ARG D 436 43.01 -67.94 32.62
C ARG D 436 42.25 -67.09 33.63
N VAL D 437 41.03 -66.67 33.29
CA VAL D 437 40.32 -65.76 34.18
C VAL D 437 39.80 -66.48 35.43
N LEU D 438 39.41 -67.75 35.30
CA LEU D 438 38.87 -68.48 36.43
C LEU D 438 39.95 -68.90 37.42
N GLN D 439 41.13 -69.26 36.92
CA GLN D 439 42.24 -69.55 37.82
C GLN D 439 42.83 -68.30 38.43
N ASN D 440 42.19 -67.16 38.23
CA ASN D 440 42.66 -65.89 38.77
C ASN D 440 41.54 -65.15 39.48
N PHE D 441 40.29 -65.33 39.04
CA PHE D 441 39.21 -64.48 39.48
C PHE D 441 37.95 -65.28 39.74
N SER D 442 37.04 -64.67 40.50
CA SER D 442 35.68 -65.17 40.70
C SER D 442 34.71 -64.08 40.28
N PHE D 443 33.66 -64.48 39.56
CA PHE D 443 32.72 -63.54 38.96
C PHE D 443 31.41 -63.54 39.75
N LYS D 444 31.06 -62.38 40.30
CA LYS D 444 29.87 -62.19 41.11
C LYS D 444 28.91 -61.21 40.45
N PRO D 445 27.61 -61.40 40.61
CA PRO D 445 26.66 -60.39 40.16
C PRO D 445 26.67 -59.16 41.08
N CYS D 446 26.26 -58.03 40.51
CA CYS D 446 26.21 -56.79 41.26
C CYS D 446 24.82 -56.18 41.09
N LYS D 447 24.69 -54.91 41.47
CA LYS D 447 23.40 -54.21 41.37
C LYS D 447 22.96 -54.08 39.92
N GLU D 448 23.85 -53.64 39.04
CA GLU D 448 23.50 -53.43 37.64
C GLU D 448 23.25 -54.73 36.87
N THR D 449 23.58 -55.88 37.47
CA THR D 449 23.41 -57.15 36.76
C THR D 449 21.94 -57.43 36.54
N GLN D 450 21.56 -57.64 35.29
CA GLN D 450 20.18 -57.91 34.92
C GLN D 450 19.91 -59.39 35.15
N ILE D 451 19.07 -59.71 36.13
CA ILE D 451 18.67 -61.08 36.43
C ILE D 451 17.16 -61.12 36.58
N PRO D 452 16.44 -61.94 35.80
CA PRO D 452 17.01 -62.82 34.77
C PRO D 452 17.42 -62.05 33.51
N LEU D 453 18.27 -62.66 32.69
CA LEU D 453 18.78 -62.01 31.49
C LEU D 453 17.70 -62.00 30.41
N LYS D 454 17.51 -60.83 29.80
CA LYS D 454 16.53 -60.67 28.72
C LYS D 454 17.28 -60.57 27.40
N LEU D 455 16.80 -61.28 26.38
CA LEU D 455 17.42 -61.25 25.07
C LEU D 455 16.92 -60.07 24.26
N ASP D 456 17.78 -59.58 23.37
CA ASP D 456 17.39 -58.52 22.47
C ASP D 456 16.49 -59.08 21.37
N THR D 457 15.69 -58.19 20.77
CA THR D 457 14.73 -58.59 19.76
C THR D 457 15.28 -58.50 18.34
N GLN D 458 16.55 -58.15 18.16
CA GLN D 458 17.12 -57.90 16.85
C GLN D 458 18.46 -58.61 16.72
N GLY D 459 18.78 -59.01 15.50
CA GLY D 459 20.05 -59.60 15.15
C GLY D 459 20.37 -60.87 15.92
N LEU D 460 21.67 -61.15 16.00
CA LEU D 460 22.17 -62.32 16.70
C LEU D 460 21.80 -62.25 18.19
N LEU D 461 21.96 -63.38 18.87
CA LEU D 461 21.61 -63.44 20.29
C LEU D 461 22.45 -62.46 21.10
N GLN D 462 21.82 -61.42 21.61
CA GLN D 462 22.48 -60.39 22.40
C GLN D 462 21.67 -60.10 23.65
N PRO D 463 22.33 -59.72 24.74
CA PRO D 463 21.59 -59.29 25.93
C PRO D 463 20.90 -57.97 25.69
N GLU D 464 19.71 -57.82 26.28
CA GLU D 464 18.98 -56.56 26.17
C GLU D 464 19.81 -55.40 26.73
N LYS D 465 20.41 -55.61 27.89
CA LYS D 465 21.34 -54.67 28.51
C LYS D 465 22.69 -55.33 28.66
N PRO D 466 23.78 -54.57 28.52
CA PRO D 466 25.12 -55.17 28.60
C PRO D 466 25.35 -55.89 29.92
N ILE D 467 25.89 -57.10 29.84
CA ILE D 467 26.15 -57.90 31.04
C ILE D 467 27.28 -57.25 31.83
N VAL D 468 27.02 -56.96 33.10
CA VAL D 468 28.00 -56.33 33.98
C VAL D 468 28.11 -57.18 35.24
N LEU D 469 29.35 -57.52 35.62
CA LEU D 469 29.61 -58.35 36.79
C LEU D 469 30.70 -57.71 37.63
N LYS D 470 30.80 -58.17 38.87
CA LYS D 470 31.90 -57.81 39.74
C LYS D 470 32.93 -58.94 39.75
N VAL D 471 34.21 -58.57 39.74
CA VAL D 471 35.30 -59.53 39.61
C VAL D 471 36.22 -59.37 40.83
N ASP D 472 36.46 -60.47 41.53
CA ASP D 472 37.30 -60.48 42.72
C ASP D 472 38.49 -61.38 42.48
N SER D 473 39.52 -61.21 43.31
CA SER D 473 40.70 -62.05 43.23
C SER D 473 40.37 -63.46 43.75
N ARG D 474 41.30 -64.39 43.51
CA ARG D 474 41.13 -65.79 43.87
C ARG D 474 39.94 -66.44 43.17
N THR E 6 6.94 -47.15 13.68
CA THR E 6 6.69 -46.71 15.06
C THR E 6 7.17 -45.27 15.29
N ARG E 7 7.29 -44.50 14.20
CA ARG E 7 7.79 -43.13 14.31
C ARG E 7 6.83 -42.27 15.13
N THR E 8 5.53 -42.41 14.89
CA THR E 8 4.53 -41.58 15.55
C THR E 8 3.58 -42.38 16.43
N HIS E 9 3.85 -43.68 16.64
CA HIS E 9 2.90 -44.53 17.34
C HIS E 9 2.75 -44.16 18.81
N GLY E 10 3.68 -43.40 19.37
CA GLY E 10 3.58 -42.92 20.73
C GLY E 10 2.97 -41.55 20.87
N LEU E 11 2.38 -40.99 19.81
CA LEU E 11 1.87 -39.63 19.88
C LEU E 11 0.62 -39.54 20.74
N PHE E 12 -0.26 -40.54 20.65
CA PHE E 12 -1.49 -40.50 21.43
C PHE E 12 -1.29 -40.90 22.88
N LYS E 13 -0.35 -41.81 23.15
CA LYS E 13 -0.12 -42.23 24.53
C LYS E 13 0.51 -41.13 25.37
N ARG E 14 1.35 -40.29 24.76
CA ARG E 14 1.93 -39.17 25.50
C ARG E 14 0.91 -38.05 25.68
N LEU E 15 -0.04 -37.93 24.76
CA LEU E 15 -1.09 -36.91 24.85
C LEU E 15 -2.30 -37.38 25.63
N GLY E 16 -2.30 -38.62 26.13
CA GLY E 16 -3.42 -39.13 26.90
C GLY E 16 -4.68 -39.35 26.11
N ILE E 17 -4.56 -39.69 24.84
CA ILE E 17 -5.71 -39.95 23.97
C ILE E 17 -5.89 -41.47 23.85
N PRO E 18 -7.08 -41.99 24.11
CA PRO E 18 -7.29 -43.44 24.02
C PRO E 18 -7.23 -43.91 22.57
N GLY E 19 -7.13 -45.23 22.41
CA GLY E 19 -7.13 -45.83 21.11
C GLY E 19 -6.51 -47.21 21.08
N PRO E 20 -6.87 -48.00 20.05
CA PRO E 20 -6.29 -49.35 19.92
C PRO E 20 -4.79 -49.28 19.72
N THR E 21 -4.09 -50.22 20.35
CA THR E 21 -2.64 -50.27 20.24
C THR E 21 -2.25 -50.49 18.78
N PRO E 22 -1.39 -49.64 18.20
CA PRO E 22 -1.09 -49.75 16.78
C PRO E 22 0.00 -50.77 16.50
N LEU E 23 -0.16 -51.50 15.40
CA LEU E 23 0.92 -52.35 14.93
C LEU E 23 2.04 -51.49 14.35
N PRO E 24 3.29 -51.95 14.47
CA PRO E 24 4.44 -51.09 14.13
C PRO E 24 4.40 -50.42 12.77
N LEU E 25 4.30 -51.19 11.69
CA LEU E 25 4.37 -50.59 10.37
C LEU E 25 3.00 -50.32 9.77
N LEU E 26 2.00 -51.12 10.13
CA LEU E 26 0.66 -50.98 9.58
C LEU E 26 -0.18 -49.96 10.35
N GLY E 27 0.07 -49.80 11.64
CA GLY E 27 -0.85 -49.03 12.47
C GLY E 27 -2.04 -49.89 12.82
N ASN E 28 -3.24 -49.38 12.58
CA ASN E 28 -4.48 -50.09 12.87
C ASN E 28 -5.22 -50.49 11.59
N VAL E 29 -4.47 -50.67 10.50
CA VAL E 29 -5.10 -50.94 9.21
C VAL E 29 -5.74 -52.33 9.19
N LEU E 30 -5.18 -53.29 9.92
CA LEU E 30 -5.72 -54.64 9.92
C LEU E 30 -7.15 -54.68 10.41
N SER E 31 -7.50 -53.82 11.36
CA SER E 31 -8.86 -53.79 11.88
C SER E 31 -9.89 -53.31 10.87
N TYR E 32 -9.46 -52.82 9.71
CA TYR E 32 -10.41 -52.40 8.69
C TYR E 32 -11.04 -53.58 7.97
N ARG E 33 -10.48 -54.78 8.12
CA ARG E 33 -10.93 -55.91 7.31
C ARG E 33 -12.34 -56.34 7.68
N GLN E 34 -12.77 -56.07 8.92
CA GLN E 34 -14.11 -56.41 9.35
C GLN E 34 -15.15 -55.36 8.97
N GLY E 35 -14.73 -54.26 8.36
CA GLY E 35 -15.69 -53.23 7.98
C GLY E 35 -15.35 -51.93 8.66
N LEU E 36 -15.19 -50.88 7.86
CA LEU E 36 -14.89 -49.56 8.39
C LEU E 36 -16.01 -49.07 9.30
N TRP E 37 -17.25 -49.45 9.01
CA TRP E 37 -18.37 -49.06 9.85
C TRP E 37 -18.33 -49.76 11.20
N LYS E 38 -17.93 -51.03 11.21
CA LYS E 38 -17.89 -51.77 12.48
C LYS E 38 -16.74 -51.29 13.35
N PHE E 39 -15.60 -50.97 12.75
CA PHE E 39 -14.43 -50.53 13.52
C PHE E 39 -14.73 -49.22 14.24
N ASP E 40 -15.38 -48.27 13.57
CA ASP E 40 -15.72 -47.01 14.20
C ASP E 40 -16.76 -47.20 15.31
N THR E 41 -17.65 -48.17 15.15
CA THR E 41 -18.66 -48.41 16.18
C THR E 41 -18.04 -48.98 17.44
N GLU E 42 -17.16 -49.98 17.29
CA GLU E 42 -16.52 -50.57 18.45
C GLU E 42 -15.66 -49.55 19.19
N CYS E 43 -14.89 -48.75 18.45
CA CYS E 43 -14.04 -47.75 19.07
C CYS E 43 -14.84 -46.67 19.78
N TYR E 44 -16.07 -46.41 19.32
CA TYR E 44 -16.89 -45.40 19.99
C TYR E 44 -17.37 -45.89 21.36
N LYS E 45 -17.70 -47.17 21.48
CA LYS E 45 -18.12 -47.68 22.78
C LYS E 45 -16.95 -48.08 23.65
N LYS E 46 -15.83 -48.50 23.05
CA LYS E 46 -14.67 -48.88 23.84
C LYS E 46 -13.95 -47.66 24.42
N TYR E 47 -13.99 -46.54 23.71
CA TYR E 47 -13.29 -45.32 24.11
C TYR E 47 -14.29 -44.18 24.28
N GLY E 48 -13.78 -43.04 24.75
CA GLY E 48 -14.64 -41.90 25.05
C GLY E 48 -15.14 -41.18 23.82
N LYS E 49 -15.29 -39.86 23.95
CA LYS E 49 -15.72 -39.02 22.84
C LYS E 49 -14.60 -38.75 21.84
N MET E 50 -13.37 -39.14 22.16
CA MET E 50 -12.23 -38.97 21.27
C MET E 50 -11.33 -40.19 21.40
N TRP E 51 -10.86 -40.69 20.26
CA TRP E 51 -9.89 -41.78 20.25
C TRP E 51 -9.02 -41.64 19.00
N GLY E 52 -7.87 -42.29 19.04
CA GLY E 52 -6.87 -42.17 17.99
C GLY E 52 -6.51 -43.50 17.37
N THR E 53 -6.27 -43.48 16.05
CA THR E 53 -5.83 -44.64 15.30
C THR E 53 -4.68 -44.21 14.38
N TYR E 54 -4.05 -45.19 13.75
CA TYR E 54 -2.91 -44.94 12.88
C TYR E 54 -3.09 -45.75 11.61
N GLU E 55 -3.02 -45.09 10.47
CA GLU E 55 -2.86 -45.77 9.21
C GLU E 55 -1.39 -45.54 8.94
N GLY E 56 -0.60 -46.58 9.12
CA GLY E 56 0.84 -46.43 8.96
C GLY E 56 1.39 -45.48 10.00
N GLN E 57 2.19 -44.52 9.55
CA GLN E 57 2.68 -43.47 10.44
C GLN E 57 1.71 -42.31 10.59
N LEU E 58 0.61 -42.31 9.85
CA LEU E 58 -0.33 -41.19 9.85
C LEU E 58 -1.26 -41.30 11.05
N PRO E 59 -1.20 -40.36 12.00
CA PRO E 59 -2.15 -40.40 13.12
C PRO E 59 -3.54 -39.97 12.66
N VAL E 60 -4.55 -40.63 13.21
CA VAL E 60 -5.95 -40.40 12.84
C VAL E 60 -6.76 -40.22 14.11
N LEU E 61 -7.39 -39.05 14.25
CA LEU E 61 -8.17 -38.71 15.43
C LEU E 61 -9.64 -38.64 15.05
N ALA E 62 -10.49 -39.27 15.86
CA ALA E 62 -11.93 -39.27 15.63
C ALA E 62 -12.62 -38.55 16.78
N ILE E 63 -13.59 -37.70 16.44
CA ILE E 63 -14.28 -36.87 17.41
C ILE E 63 -15.78 -37.10 17.30
N THR E 64 -16.47 -36.96 18.44
CA THR E 64 -17.91 -37.10 18.50
C THR E 64 -18.62 -35.96 19.21
N ASP E 65 -17.89 -34.97 19.71
CA ASP E 65 -18.49 -33.80 20.34
C ASP E 65 -19.00 -32.86 19.25
N PRO E 66 -20.32 -32.62 19.16
CA PRO E 66 -20.83 -31.77 18.08
C PRO E 66 -20.30 -30.34 18.10
N ASP E 67 -19.93 -29.82 19.27
CA ASP E 67 -19.26 -28.52 19.31
C ASP E 67 -17.86 -28.60 18.70
N VAL E 68 -17.16 -29.71 18.94
CA VAL E 68 -15.84 -29.92 18.33
C VAL E 68 -15.98 -30.23 16.85
N ILE E 69 -17.05 -30.94 16.46
CA ILE E 69 -17.32 -31.18 15.04
C ILE E 69 -17.57 -29.86 14.30
N ARG E 70 -18.14 -28.87 15.00
CA ARG E 70 -18.42 -27.58 14.37
C ARG E 70 -17.12 -26.89 13.94
N THR E 71 -16.07 -27.01 14.74
CA THR E 71 -14.83 -26.32 14.44
C THR E 71 -14.15 -26.90 13.20
N VAL E 72 -14.20 -28.23 13.03
CA VAL E 72 -13.49 -28.87 11.93
C VAL E 72 -14.26 -28.82 10.62
N LEU E 73 -15.59 -28.71 10.67
CA LEU E 73 -16.41 -28.72 9.46
C LEU E 73 -16.86 -27.34 9.02
N VAL E 74 -17.05 -26.40 9.94
CA VAL E 74 -17.62 -25.11 9.61
C VAL E 74 -16.61 -23.99 9.81
N LYS E 75 -16.35 -23.64 11.08
CA LYS E 75 -15.55 -22.47 11.41
C LYS E 75 -14.18 -22.50 10.77
N GLU E 76 -13.32 -23.40 11.25
CA GLU E 76 -11.93 -23.48 10.78
C GLU E 76 -11.78 -24.35 9.54
N CYS E 77 -12.80 -24.41 8.68
CA CYS E 77 -12.70 -25.23 7.49
C CYS E 77 -11.70 -24.68 6.50
N TYR E 78 -11.54 -23.35 6.44
CA TYR E 78 -10.59 -22.76 5.51
C TYR E 78 -9.22 -22.55 6.11
N SER E 79 -9.13 -22.40 7.43
CA SER E 79 -7.84 -22.13 8.06
C SER E 79 -7.00 -23.39 8.24
N VAL E 80 -7.61 -24.56 8.39
CA VAL E 80 -6.88 -25.79 8.67
C VAL E 80 -7.48 -27.01 7.98
N PHE E 81 -8.74 -27.32 8.26
CA PHE E 81 -9.37 -28.56 7.77
C PHE E 81 -10.05 -28.30 6.43
N THR E 82 -9.23 -28.26 5.38
CA THR E 82 -9.69 -27.87 4.05
C THR E 82 -9.63 -28.98 3.00
N ASN E 83 -8.71 -29.93 3.13
CA ASN E 83 -8.35 -30.81 2.03
C ASN E 83 -8.79 -32.26 2.21
N ARG E 84 -9.67 -32.54 3.17
CA ARG E 84 -10.23 -33.88 3.35
C ARG E 84 -9.17 -34.96 3.52
N ARG E 85 -8.91 -35.72 2.46
CA ARG E 85 -8.01 -36.87 2.53
C ARG E 85 -7.19 -36.95 1.26
N SER E 86 -5.89 -37.18 1.42
CA SER E 86 -5.00 -37.44 0.29
C SER E 86 -5.09 -38.92 -0.06
N LEU E 87 -5.51 -39.23 -1.29
CA LEU E 87 -5.77 -40.61 -1.67
C LEU E 87 -4.46 -41.38 -1.86
N GLY E 88 -3.50 -40.78 -2.56
CA GLY E 88 -2.31 -41.48 -2.98
C GLY E 88 -2.16 -41.37 -4.47
N PRO E 89 -1.49 -42.35 -5.09
CA PRO E 89 -1.34 -42.30 -6.56
C PRO E 89 -2.66 -42.47 -7.29
N VAL E 90 -3.18 -41.38 -7.85
CA VAL E 90 -4.47 -41.40 -8.54
C VAL E 90 -4.38 -40.81 -9.94
N GLY E 91 -3.24 -40.30 -10.37
CA GLY E 91 -3.13 -39.83 -11.73
C GLY E 91 -3.74 -38.46 -11.90
N PHE E 92 -4.39 -38.24 -13.04
CA PHE E 92 -5.04 -36.98 -13.33
C PHE E 92 -6.31 -36.75 -12.52
N MET E 93 -6.82 -37.79 -11.87
CA MET E 93 -7.95 -37.63 -10.96
C MET E 93 -7.62 -36.74 -9.75
N LYS E 94 -6.37 -36.26 -9.60
CA LYS E 94 -6.06 -35.36 -8.51
C LYS E 94 -6.85 -34.06 -8.61
N SER E 95 -7.23 -33.66 -9.82
CA SER E 95 -8.00 -32.45 -10.03
C SER E 95 -9.50 -32.67 -9.89
N ALA E 96 -9.94 -33.88 -9.53
CA ALA E 96 -11.35 -34.12 -9.29
C ALA E 96 -11.80 -33.36 -8.04
N ILE E 97 -13.10 -33.04 -7.99
CA ILE E 97 -13.61 -32.14 -6.97
C ILE E 97 -13.45 -32.75 -5.58
N SER E 98 -13.85 -34.01 -5.42
CA SER E 98 -13.74 -34.67 -4.12
C SER E 98 -12.29 -34.87 -3.70
N LEU E 99 -11.35 -34.78 -4.64
CA LEU E 99 -9.94 -35.00 -4.36
C LEU E 99 -9.10 -33.74 -4.50
N ALA E 100 -9.69 -32.62 -4.90
CA ALA E 100 -8.94 -31.39 -5.05
C ALA E 100 -8.64 -30.76 -3.70
N GLU E 101 -7.63 -29.89 -3.68
CA GLU E 101 -7.13 -29.31 -2.44
C GLU E 101 -6.97 -27.81 -2.57
N ASP E 102 -7.17 -27.12 -1.46
CA ASP E 102 -6.79 -25.71 -1.27
C ASP E 102 -7.49 -24.83 -2.31
N GLU E 103 -6.77 -23.89 -2.93
CA GLU E 103 -7.39 -22.94 -3.85
C GLU E 103 -7.86 -23.61 -5.13
N GLU E 104 -7.17 -24.65 -5.59
CA GLU E 104 -7.64 -25.40 -6.75
C GLU E 104 -9.04 -25.96 -6.50
N TRP E 105 -9.28 -26.49 -5.30
CA TRP E 105 -10.62 -26.97 -4.97
C TRP E 105 -11.62 -25.82 -4.90
N LYS E 106 -11.20 -24.68 -4.35
CA LYS E 106 -12.10 -23.53 -4.26
C LYS E 106 -12.55 -23.09 -5.64
N ARG E 107 -11.65 -23.11 -6.62
CA ARG E 107 -12.03 -22.77 -7.99
C ARG E 107 -12.91 -23.85 -8.59
N ILE E 108 -12.56 -25.13 -8.39
CA ILE E 108 -13.35 -26.21 -8.96
C ILE E 108 -14.73 -26.26 -8.33
N ARG E 109 -14.80 -26.18 -6.99
CA ARG E 109 -16.08 -26.22 -6.31
C ARG E 109 -16.97 -25.05 -6.73
N SER E 110 -16.38 -23.86 -6.88
CA SER E 110 -17.16 -22.69 -7.26
C SER E 110 -17.71 -22.82 -8.68
N LEU E 111 -16.89 -23.34 -9.60
CA LEU E 111 -17.33 -23.50 -10.99
C LEU E 111 -18.40 -24.57 -11.13
N LEU E 112 -18.32 -25.64 -10.32
CA LEU E 112 -19.29 -26.72 -10.42
C LEU E 112 -20.57 -26.46 -9.62
N SER E 113 -20.53 -25.56 -8.64
CA SER E 113 -21.69 -25.32 -7.80
C SER E 113 -22.95 -24.88 -8.55
N PRO E 114 -22.89 -23.99 -9.56
CA PRO E 114 -24.13 -23.61 -10.27
C PRO E 114 -24.84 -24.75 -10.97
N THR E 115 -24.24 -25.95 -11.03
CA THR E 115 -24.93 -27.09 -11.64
C THR E 115 -26.24 -27.40 -10.95
N PHE E 116 -26.29 -27.22 -9.64
CA PHE E 116 -27.44 -27.63 -8.83
C PHE E 116 -27.98 -26.42 -8.07
N THR E 117 -28.63 -25.52 -8.79
CA THR E 117 -29.40 -24.43 -8.20
C THR E 117 -30.89 -24.73 -8.33
N SER E 118 -31.70 -23.86 -7.73
CA SER E 118 -33.15 -24.09 -7.69
C SER E 118 -33.74 -24.14 -9.09
N GLY E 119 -33.23 -23.32 -10.00
CA GLY E 119 -33.77 -23.30 -11.35
C GLY E 119 -33.38 -24.53 -12.16
N LYS E 120 -32.09 -24.87 -12.15
CA LYS E 120 -31.61 -25.99 -12.96
C LYS E 120 -32.15 -27.32 -12.43
N LEU E 121 -32.45 -27.41 -11.13
CA LEU E 121 -33.02 -28.63 -10.59
C LEU E 121 -34.41 -28.88 -11.14
N LYS E 122 -35.28 -27.86 -11.10
CA LYS E 122 -36.63 -28.01 -11.62
C LYS E 122 -36.63 -28.17 -13.14
N GLU E 123 -35.61 -27.64 -13.81
CA GLU E 123 -35.56 -27.75 -15.27
C GLU E 123 -35.24 -29.17 -15.73
N MET E 124 -34.46 -29.90 -14.96
CA MET E 124 -34.20 -31.31 -15.26
C MET E 124 -35.23 -32.24 -14.62
N PHE E 125 -36.23 -31.69 -13.93
CA PHE E 125 -37.33 -32.51 -13.44
C PHE E 125 -38.06 -33.26 -14.55
N PRO E 126 -38.38 -32.66 -15.70
CA PRO E 126 -38.98 -33.48 -16.78
C PRO E 126 -38.04 -34.52 -17.34
N ILE E 127 -36.74 -34.22 -17.41
CA ILE E 127 -35.77 -35.19 -17.91
C ILE E 127 -35.74 -36.42 -17.02
N ILE E 128 -35.68 -36.21 -15.71
CA ILE E 128 -35.70 -37.32 -14.77
C ILE E 128 -37.03 -38.05 -14.83
N ALA E 129 -38.12 -37.31 -15.04
CA ALA E 129 -39.44 -37.93 -15.13
C ALA E 129 -39.52 -38.90 -16.29
N GLN E 130 -38.84 -38.61 -17.39
CA GLN E 130 -38.84 -39.52 -18.53
C GLN E 130 -38.11 -40.82 -18.19
N TYR E 131 -36.96 -40.73 -17.54
CA TYR E 131 -36.23 -41.92 -17.12
C TYR E 131 -37.04 -42.70 -16.09
N GLY E 132 -37.78 -42.00 -15.22
CA GLY E 132 -38.59 -42.68 -14.23
C GLY E 132 -39.71 -43.50 -14.84
N ASP E 133 -40.25 -43.06 -15.97
CA ASP E 133 -41.29 -43.83 -16.64
C ASP E 133 -40.72 -45.03 -17.39
N VAL E 134 -39.45 -44.96 -17.81
CA VAL E 134 -38.81 -46.12 -18.40
C VAL E 134 -38.53 -47.17 -17.33
N LEU E 135 -38.40 -46.74 -16.08
CA LEU E 135 -38.16 -47.67 -14.98
C LEU E 135 -39.35 -48.61 -14.79
N VAL E 136 -40.55 -48.03 -14.61
CA VAL E 136 -41.75 -48.84 -14.44
C VAL E 136 -42.04 -49.65 -15.71
N ARG E 137 -41.64 -49.14 -16.87
CA ARG E 137 -41.84 -49.87 -18.12
C ARG E 137 -41.13 -51.21 -18.10
N ASN E 138 -39.93 -51.26 -17.52
CA ASN E 138 -39.20 -52.52 -17.38
C ASN E 138 -39.42 -53.19 -16.03
N LEU E 139 -39.89 -52.44 -15.03
CA LEU E 139 -40.14 -53.03 -13.72
C LEU E 139 -41.38 -53.92 -13.74
N ARG E 140 -42.35 -53.60 -14.59
CA ARG E 140 -43.58 -54.40 -14.67
C ARG E 140 -43.35 -55.75 -15.33
N ARG E 141 -42.27 -55.89 -16.12
CA ARG E 141 -42.05 -57.13 -16.86
C ARG E 141 -41.66 -58.27 -15.91
N GLU E 142 -40.65 -58.04 -15.08
CA GLU E 142 -40.17 -59.08 -14.17
C GLU E 142 -41.10 -59.31 -12.98
N ALA E 143 -42.09 -58.42 -12.78
CA ALA E 143 -43.00 -58.61 -11.65
C ALA E 143 -43.87 -59.84 -11.84
N GLU E 144 -44.39 -60.05 -13.05
CA GLU E 144 -45.21 -61.22 -13.34
C GLU E 144 -44.48 -62.17 -14.30
N PRO E 148 -38.38 -62.81 -8.51
CA PRO E 148 -37.46 -62.07 -7.64
C PRO E 148 -36.63 -61.06 -8.45
N VAL E 149 -36.40 -59.88 -7.87
CA VAL E 149 -35.73 -58.78 -8.56
C VAL E 149 -34.50 -58.38 -7.76
N THR E 150 -33.34 -58.40 -8.41
CA THR E 150 -32.12 -57.85 -7.83
C THR E 150 -32.18 -56.33 -7.96
N LEU E 151 -32.44 -55.64 -6.84
CA LEU E 151 -32.74 -54.21 -6.89
C LEU E 151 -31.56 -53.41 -7.42
N LYS E 152 -30.34 -53.80 -7.08
CA LYS E 152 -29.16 -53.03 -7.49
C LYS E 152 -28.99 -52.99 -9.00
N ASP E 153 -29.51 -53.98 -9.72
CA ASP E 153 -29.38 -54.02 -11.18
C ASP E 153 -30.22 -52.96 -11.86
N ILE E 154 -31.55 -53.09 -11.77
CA ILE E 154 -32.43 -52.19 -12.50
C ILE E 154 -32.35 -50.77 -11.94
N PHE E 155 -32.33 -50.63 -10.61
CA PHE E 155 -32.21 -49.29 -10.03
C PHE E 155 -30.83 -48.70 -10.28
N GLY E 156 -29.80 -49.54 -10.38
CA GLY E 156 -28.49 -49.04 -10.80
C GLY E 156 -28.50 -48.57 -12.24
N ALA E 157 -29.25 -49.29 -13.10
CA ALA E 157 -29.40 -48.83 -14.47
C ALA E 157 -30.15 -47.50 -14.52
N TYR E 158 -31.15 -47.34 -13.65
CA TYR E 158 -31.84 -46.06 -13.53
C TYR E 158 -30.87 -44.97 -13.09
N SER E 159 -30.06 -45.26 -12.07
CA SER E 159 -29.13 -44.25 -11.55
C SER E 159 -28.07 -43.88 -12.58
N MET E 160 -27.63 -44.86 -13.39
CA MET E 160 -26.65 -44.57 -14.43
C MET E 160 -27.25 -43.71 -15.53
N ASP E 161 -28.52 -43.96 -15.89
CA ASP E 161 -29.14 -43.19 -16.96
C ASP E 161 -29.41 -41.75 -16.54
N VAL E 162 -29.96 -41.57 -15.33
CA VAL E 162 -30.38 -40.24 -14.90
C VAL E 162 -29.18 -39.29 -14.79
N ILE E 163 -28.07 -39.78 -14.25
CA ILE E 163 -26.91 -38.91 -14.04
C ILE E 163 -26.26 -38.54 -15.37
N THR E 164 -26.30 -39.44 -16.37
CA THR E 164 -25.72 -39.12 -17.67
C THR E 164 -26.64 -38.21 -18.48
N GLY E 165 -27.95 -38.43 -18.40
CA GLY E 165 -28.87 -37.61 -19.17
C GLY E 165 -28.94 -36.17 -18.68
N THR E 166 -28.94 -35.98 -17.36
CA THR E 166 -29.03 -34.63 -16.80
C THR E 166 -27.71 -33.88 -16.87
N SER E 167 -26.59 -34.58 -17.03
CA SER E 167 -25.28 -33.95 -17.06
C SER E 167 -24.63 -33.92 -18.43
N PHE E 168 -24.98 -34.86 -19.32
CA PHE E 168 -24.39 -34.92 -20.64
C PHE E 168 -25.41 -34.91 -21.78
N GLY E 169 -26.70 -35.04 -21.49
CA GLY E 169 -27.71 -34.98 -22.52
C GLY E 169 -27.66 -36.13 -23.51
N VAL E 170 -27.25 -37.31 -23.08
CA VAL E 170 -27.16 -38.49 -23.93
C VAL E 170 -27.91 -39.63 -23.25
N ASN E 171 -28.73 -40.33 -24.01
CA ASN E 171 -29.50 -41.47 -23.50
C ASN E 171 -28.72 -42.74 -23.84
N ILE E 172 -27.96 -43.25 -22.87
CA ILE E 172 -27.17 -44.46 -23.09
C ILE E 172 -28.00 -45.73 -22.96
N ASP E 173 -29.28 -45.61 -22.58
CA ASP E 173 -30.20 -46.75 -22.51
C ASP E 173 -29.70 -47.84 -21.56
N SER E 174 -29.29 -47.41 -20.36
CA SER E 174 -28.84 -48.38 -19.36
C SER E 174 -29.99 -49.23 -18.84
N LEU E 175 -31.19 -48.67 -18.79
CA LEU E 175 -32.34 -49.41 -18.29
C LEU E 175 -32.69 -50.58 -19.19
N ASN E 176 -32.45 -50.46 -20.49
CA ASN E 176 -32.79 -51.49 -21.47
C ASN E 176 -31.56 -52.14 -22.09
N ASN E 177 -30.44 -52.16 -21.36
CA ASN E 177 -29.22 -52.82 -21.82
C ASN E 177 -28.77 -53.81 -20.76
N PRO E 178 -28.85 -55.11 -21.02
CA PRO E 178 -28.42 -56.09 -20.02
C PRO E 178 -26.91 -56.11 -19.79
N GLN E 179 -26.12 -55.57 -20.73
CA GLN E 179 -24.68 -55.50 -20.60
C GLN E 179 -24.21 -54.06 -20.85
N ASP E 180 -24.75 -53.15 -20.05
CA ASP E 180 -24.45 -51.73 -20.21
C ASP E 180 -22.96 -51.48 -19.96
N PRO E 181 -22.21 -50.97 -20.94
CA PRO E 181 -20.79 -50.73 -20.70
C PRO E 181 -20.52 -49.69 -19.62
N PHE E 182 -21.44 -48.75 -19.42
CA PHE E 182 -21.23 -47.72 -18.40
C PHE E 182 -21.40 -48.26 -17.00
N VAL E 183 -22.29 -49.24 -16.81
CA VAL E 183 -22.47 -49.82 -15.48
C VAL E 183 -21.36 -50.81 -15.16
N GLU E 184 -20.96 -51.64 -16.13
CA GLU E 184 -19.91 -52.62 -15.88
C GLU E 184 -18.60 -51.97 -15.49
N SER E 185 -18.28 -50.82 -16.11
CA SER E 185 -17.03 -50.15 -15.81
C SER E 185 -17.07 -49.50 -14.41
N THR E 186 -18.14 -48.75 -14.13
CA THR E 186 -18.21 -48.01 -12.88
C THR E 186 -18.18 -48.93 -11.67
N LYS E 187 -18.83 -50.10 -11.77
CA LYS E 187 -18.85 -51.03 -10.65
C LYS E 187 -17.48 -51.62 -10.33
N LYS E 188 -16.48 -51.41 -11.20
CA LYS E 188 -15.13 -51.85 -10.89
C LYS E 188 -14.45 -50.97 -9.86
N PHE E 189 -14.98 -49.76 -9.61
CA PHE E 189 -14.44 -48.92 -8.56
C PHE E 189 -14.57 -49.59 -7.20
N LEU E 190 -15.67 -50.30 -6.97
CA LEU E 190 -15.96 -50.88 -5.67
C LEU E 190 -15.10 -52.11 -5.36
N LYS E 191 -14.58 -52.79 -6.38
CA LYS E 191 -13.88 -54.05 -6.14
C LYS E 191 -12.66 -53.85 -5.27
N PHE E 192 -11.93 -52.76 -5.46
CA PHE E 192 -10.74 -52.51 -4.66
C PHE E 192 -11.12 -51.96 -3.30
N GLY E 193 -10.29 -52.24 -2.32
CA GLY E 193 -10.49 -51.76 -0.98
C GLY E 193 -9.18 -51.81 -0.22
N PHE E 194 -9.28 -51.94 1.10
CA PHE E 194 -8.09 -52.04 1.93
C PHE E 194 -7.41 -53.39 1.69
N LEU E 195 -6.26 -53.59 2.35
CA LEU E 195 -5.40 -54.76 2.17
C LEU E 195 -5.02 -55.03 0.72
N ASP E 196 -5.32 -54.10 -0.17
CA ASP E 196 -4.89 -54.23 -1.56
C ASP E 196 -3.39 -53.96 -1.64
N PRO E 197 -2.63 -54.80 -2.35
CA PRO E 197 -1.16 -54.69 -2.31
C PRO E 197 -0.61 -53.31 -2.65
N LEU E 198 -1.26 -52.57 -3.55
CA LEU E 198 -0.78 -51.24 -3.89
C LEU E 198 -1.12 -50.23 -2.81
N PHE E 199 -2.36 -50.25 -2.29
CA PHE E 199 -2.72 -49.34 -1.22
C PHE E 199 -1.90 -49.62 0.03
N LEU E 200 -1.66 -50.90 0.33
CA LEU E 200 -0.90 -51.24 1.53
C LEU E 200 0.54 -50.74 1.43
N SER E 201 1.09 -50.75 0.22
CA SER E 201 2.46 -50.27 0.03
C SER E 201 2.55 -48.77 0.28
N ILE E 202 1.50 -48.01 -0.09
CA ILE E 202 1.48 -46.59 0.20
C ILE E 202 1.38 -46.35 1.70
N ILE E 203 0.66 -47.20 2.42
CA ILE E 203 0.53 -47.06 3.87
C ILE E 203 1.89 -47.25 4.55
N LEU E 204 2.59 -48.34 4.21
CA LEU E 204 3.88 -48.61 4.82
C LEU E 204 4.93 -47.60 4.38
N PHE E 205 4.97 -47.28 3.08
CA PHE E 205 5.99 -46.44 2.50
C PHE E 205 5.31 -45.29 1.76
N PRO E 206 4.88 -44.25 2.49
CA PRO E 206 4.18 -43.14 1.84
C PRO E 206 5.03 -42.39 0.83
N PHE E 207 6.36 -42.50 0.92
CA PHE E 207 7.23 -41.84 -0.05
C PHE E 207 7.22 -42.52 -1.41
N LEU E 208 6.55 -43.67 -1.55
CA LEU E 208 6.41 -44.29 -2.86
C LEU E 208 5.34 -43.63 -3.72
N THR E 209 4.51 -42.75 -3.15
CA THR E 209 3.43 -42.16 -3.91
C THR E 209 3.90 -41.43 -5.17
N PRO E 210 4.92 -40.57 -5.14
CA PRO E 210 5.38 -39.95 -6.39
C PRO E 210 6.05 -40.93 -7.33
N VAL E 211 6.55 -42.06 -6.85
CA VAL E 211 7.11 -43.07 -7.73
C VAL E 211 6.03 -43.65 -8.64
N PHE E 212 4.94 -44.15 -8.03
CA PHE E 212 3.85 -44.70 -8.83
C PHE E 212 3.17 -43.64 -9.66
N GLU E 213 3.14 -42.39 -9.18
CA GLU E 213 2.53 -41.31 -9.95
C GLU E 213 3.32 -41.06 -11.23
N ALA E 214 4.65 -41.12 -11.16
CA ALA E 214 5.47 -40.97 -12.35
C ALA E 214 5.42 -42.20 -13.25
N LEU E 215 5.09 -43.36 -12.70
CA LEU E 215 5.02 -44.59 -13.47
C LEU E 215 3.62 -44.87 -14.02
N ASN E 216 2.70 -43.90 -13.93
CA ASN E 216 1.36 -44.03 -14.48
C ASN E 216 0.59 -45.19 -13.84
N VAL E 217 0.81 -45.41 -12.55
CA VAL E 217 0.12 -46.43 -11.77
C VAL E 217 -0.87 -45.74 -10.85
N SER E 218 -2.12 -46.18 -10.88
CA SER E 218 -3.19 -45.53 -10.14
C SER E 218 -3.94 -46.53 -9.27
N LEU E 219 -4.50 -46.03 -8.17
CA LEU E 219 -5.39 -46.84 -7.35
C LEU E 219 -6.62 -47.26 -8.13
N PHE E 220 -7.16 -46.36 -8.95
CA PHE E 220 -8.38 -46.65 -9.67
C PHE E 220 -8.11 -47.63 -10.81
N PRO E 221 -9.13 -48.37 -11.24
CA PRO E 221 -8.96 -49.28 -12.38
C PRO E 221 -8.66 -48.50 -13.65
N LYS E 222 -7.59 -48.92 -14.35
CA LYS E 222 -7.16 -48.20 -15.53
C LYS E 222 -8.17 -48.31 -16.66
N ASP E 223 -8.73 -49.50 -16.88
CA ASP E 223 -9.69 -49.67 -17.97
C ASP E 223 -10.98 -48.92 -17.70
N THR E 224 -11.42 -48.88 -16.44
CA THR E 224 -12.62 -48.11 -16.08
C THR E 224 -12.41 -46.63 -16.35
N ILE E 225 -11.27 -46.10 -15.92
CA ILE E 225 -10.99 -44.68 -16.12
C ILE E 225 -10.89 -44.36 -17.60
N ASN E 226 -10.18 -45.21 -18.36
CA ASN E 226 -9.96 -44.94 -19.78
C ASN E 226 -11.27 -45.02 -20.56
N PHE E 227 -12.10 -46.03 -20.29
CA PHE E 227 -13.39 -46.12 -20.98
C PHE E 227 -14.24 -44.89 -20.71
N LEU E 228 -14.38 -44.53 -19.44
CA LEU E 228 -15.17 -43.34 -19.09
C LEU E 228 -14.56 -42.08 -19.69
N SER E 229 -13.23 -41.95 -19.63
CA SER E 229 -12.60 -40.73 -20.11
C SER E 229 -12.80 -40.57 -21.62
N LYS E 230 -12.83 -41.68 -22.35
CA LYS E 230 -13.01 -41.61 -23.80
C LYS E 230 -14.49 -41.60 -24.20
N SER E 231 -15.34 -42.32 -23.47
CA SER E 231 -16.77 -42.30 -23.79
C SER E 231 -17.40 -40.96 -23.44
N VAL E 232 -16.92 -40.32 -22.37
CA VAL E 232 -17.36 -38.96 -22.05
C VAL E 232 -16.79 -37.93 -23.02
N ASN E 233 -15.62 -38.20 -23.62
CA ASN E 233 -15.08 -37.28 -24.61
C ASN E 233 -15.91 -37.28 -25.88
N ARG E 234 -16.50 -38.42 -26.23
CA ARG E 234 -17.40 -38.46 -27.39
C ARG E 234 -18.60 -37.55 -27.20
N MET E 235 -19.07 -37.40 -25.95
CA MET E 235 -20.24 -36.57 -25.69
C MET E 235 -19.92 -35.09 -25.84
N LYS E 236 -18.69 -34.69 -25.59
CA LYS E 236 -18.33 -33.27 -25.72
C LYS E 236 -18.24 -32.87 -27.18
N LYS E 237 -17.58 -33.68 -28.01
CA LYS E 237 -17.48 -33.38 -29.43
C LYS E 237 -18.84 -33.51 -30.12
N SER E 238 -19.63 -34.49 -29.71
CA SER E 238 -20.98 -34.63 -30.27
C SER E 238 -21.86 -33.45 -29.89
N ARG E 239 -21.65 -32.88 -28.70
CA ARG E 239 -22.40 -31.68 -28.30
C ARG E 239 -21.97 -30.46 -29.12
N LEU E 240 -20.69 -30.37 -29.47
CA LEU E 240 -20.22 -29.24 -30.26
C LEU E 240 -20.89 -29.19 -31.63
N ASN E 241 -21.06 -30.36 -32.25
CA ASN E 241 -21.72 -30.42 -33.56
C ASN E 241 -23.24 -30.41 -33.41
N LEU E 248 -29.43 -27.42 -21.53
CA LEU E 248 -28.36 -27.06 -20.61
C LEU E 248 -28.11 -28.18 -19.61
N ASP E 249 -26.85 -28.50 -19.36
CA ASP E 249 -26.49 -29.62 -18.52
C ASP E 249 -25.16 -29.34 -17.83
N PHE E 250 -24.72 -30.31 -17.02
CA PHE E 250 -23.46 -30.18 -16.29
C PHE E 250 -22.25 -30.17 -17.21
N LEU E 251 -22.33 -30.87 -18.35
CA LEU E 251 -21.24 -30.84 -19.31
C LEU E 251 -21.06 -29.45 -19.91
N GLN E 252 -22.16 -28.78 -20.24
CA GLN E 252 -22.08 -27.47 -20.88
C GLN E 252 -21.39 -26.45 -19.99
N LEU E 253 -21.63 -26.53 -18.67
CA LEU E 253 -21.00 -25.60 -17.75
C LEU E 253 -19.49 -25.74 -17.77
N MET E 254 -18.99 -26.95 -18.02
CA MET E 254 -17.55 -27.15 -18.17
C MET E 254 -17.06 -26.73 -19.54
N ILE E 255 -17.87 -26.92 -20.58
CA ILE E 255 -17.51 -26.45 -21.91
C ILE E 255 -17.42 -24.92 -21.93
N ASP E 256 -18.33 -24.26 -21.23
CA ASP E 256 -18.33 -22.79 -21.17
C ASP E 256 -17.19 -22.25 -20.30
N SER E 257 -16.43 -23.11 -19.63
CA SER E 257 -15.35 -22.64 -18.77
C SER E 257 -14.27 -21.92 -19.56
N GLN E 258 -13.91 -22.46 -20.73
CA GLN E 258 -12.87 -21.86 -21.56
C GLN E 258 -13.35 -20.57 -22.21
N ALA E 268 -11.19 -21.87 -15.51
CA ALA E 268 -10.26 -22.42 -16.49
C ALA E 268 -10.07 -23.92 -16.29
N LEU E 269 -10.75 -24.71 -17.12
CA LEU E 269 -10.77 -26.15 -16.99
C LEU E 269 -10.16 -26.78 -18.24
N SER E 270 -9.25 -27.74 -18.05
CA SER E 270 -8.65 -28.44 -19.16
C SER E 270 -9.54 -29.61 -19.58
N ASP E 271 -9.05 -30.42 -20.53
CA ASP E 271 -9.82 -31.57 -20.98
C ASP E 271 -9.70 -32.73 -20.01
N LEU E 272 -8.53 -32.94 -19.42
CA LEU E 272 -8.38 -33.97 -18.40
C LEU E 272 -9.19 -33.63 -17.15
N GLU E 273 -9.14 -32.37 -16.72
CA GLU E 273 -9.93 -31.96 -15.56
C GLU E 273 -11.42 -32.08 -15.83
N LEU E 274 -11.84 -31.95 -17.10
CA LEU E 274 -13.25 -32.13 -17.43
C LEU E 274 -13.67 -33.59 -17.25
N ALA E 275 -12.77 -34.52 -17.58
CA ALA E 275 -13.09 -35.93 -17.40
C ALA E 275 -13.10 -36.33 -15.92
N ALA E 276 -12.27 -35.67 -15.10
CA ALA E 276 -12.21 -36.00 -13.69
C ALA E 276 -13.54 -35.76 -13.01
N GLN E 277 -14.16 -34.59 -13.25
CA GLN E 277 -15.46 -34.31 -12.67
C GLN E 277 -16.53 -35.25 -13.24
N SER E 278 -16.45 -35.55 -14.53
CA SER E 278 -17.44 -36.43 -15.16
C SER E 278 -17.37 -37.83 -14.57
N ILE E 279 -16.16 -38.32 -14.26
CA ILE E 279 -16.01 -39.65 -13.70
C ILE E 279 -16.66 -39.73 -12.32
N ILE E 280 -16.50 -38.69 -11.51
CA ILE E 280 -17.10 -38.68 -10.18
C ILE E 280 -18.62 -38.69 -10.27
N PHE E 281 -19.18 -37.82 -11.11
CA PHE E 281 -20.63 -37.73 -11.24
C PHE E 281 -21.22 -39.06 -11.71
N ILE E 282 -20.58 -39.72 -12.68
CA ILE E 282 -21.07 -41.01 -13.14
C ILE E 282 -21.01 -42.04 -12.01
N PHE E 283 -19.95 -41.99 -11.20
CA PHE E 283 -19.82 -42.94 -10.09
C PHE E 283 -20.78 -42.59 -8.96
N ALA E 284 -20.74 -41.34 -8.50
CA ALA E 284 -21.60 -40.93 -7.39
C ALA E 284 -23.07 -40.97 -7.78
N GLY E 285 -23.39 -40.61 -9.02
CA GLY E 285 -24.77 -40.67 -9.47
C GLY E 285 -25.30 -42.08 -9.65
N TYR E 286 -24.42 -43.07 -9.77
CA TYR E 286 -24.85 -44.43 -9.96
C TYR E 286 -24.91 -45.21 -8.65
N GLU E 287 -23.81 -45.20 -7.89
CA GLU E 287 -23.69 -46.10 -6.74
C GLU E 287 -24.53 -45.61 -5.57
N THR E 288 -24.32 -44.37 -5.13
CA THR E 288 -25.02 -43.87 -3.95
C THR E 288 -26.52 -43.81 -4.17
N THR E 289 -26.95 -43.48 -5.39
CA THR E 289 -28.38 -43.34 -5.67
C THR E 289 -29.09 -44.69 -5.56
N SER E 290 -28.58 -45.71 -6.24
CA SER E 290 -29.25 -47.00 -6.25
C SER E 290 -29.10 -47.74 -4.92
N SER E 291 -28.02 -47.46 -4.17
CA SER E 291 -27.83 -48.12 -2.88
C SER E 291 -28.85 -47.64 -1.86
N VAL E 292 -29.01 -46.33 -1.73
CA VAL E 292 -29.96 -45.78 -0.76
C VAL E 292 -31.39 -46.18 -1.12
N LEU E 293 -31.72 -46.18 -2.41
CA LEU E 293 -33.04 -46.60 -2.84
C LEU E 293 -33.27 -48.08 -2.56
N SER E 294 -32.24 -48.90 -2.74
CA SER E 294 -32.36 -50.32 -2.40
C SER E 294 -32.52 -50.52 -0.90
N PHE E 295 -31.90 -49.65 -0.09
CA PHE E 295 -32.09 -49.72 1.35
C PHE E 295 -33.48 -49.23 1.75
N THR E 296 -33.95 -48.17 1.11
CA THR E 296 -35.30 -47.66 1.41
C THR E 296 -36.37 -48.69 1.09
N LEU E 297 -36.26 -49.36 -0.06
CA LEU E 297 -37.24 -50.36 -0.43
C LEU E 297 -37.10 -51.64 0.38
N TYR E 298 -35.89 -51.93 0.87
CA TYR E 298 -35.72 -53.06 1.77
C TYR E 298 -36.47 -52.82 3.08
N GLU E 299 -36.38 -51.60 3.61
CA GLU E 299 -37.11 -51.29 4.84
C GLU E 299 -38.62 -51.38 4.63
N LEU E 300 -39.10 -50.94 3.48
CA LEU E 300 -40.53 -50.99 3.20
C LEU E 300 -41.04 -52.42 3.10
N ALA E 301 -40.18 -53.37 2.69
CA ALA E 301 -40.60 -54.76 2.63
C ALA E 301 -40.80 -55.34 4.03
N THR E 302 -39.89 -55.04 4.96
CA THR E 302 -39.98 -55.50 6.33
C THR E 302 -40.77 -54.56 7.23
N HIS E 303 -41.16 -53.38 6.73
CA HIS E 303 -42.05 -52.46 7.43
C HIS E 303 -43.26 -52.18 6.56
N PRO E 304 -44.17 -53.14 6.40
CA PRO E 304 -45.33 -52.90 5.54
C PRO E 304 -46.25 -51.81 6.04
N ASP E 305 -46.30 -51.58 7.36
CA ASP E 305 -47.12 -50.49 7.90
C ASP E 305 -46.57 -49.14 7.50
N VAL E 306 -45.24 -49.01 7.43
CA VAL E 306 -44.62 -47.77 6.96
C VAL E 306 -44.86 -47.58 5.46
N GLN E 307 -44.91 -48.69 4.72
CA GLN E 307 -45.12 -48.59 3.27
C GLN E 307 -46.51 -48.10 2.93
N GLN E 308 -47.51 -48.50 3.72
CA GLN E 308 -48.88 -48.06 3.46
C GLN E 308 -49.09 -46.59 3.78
N LYS E 309 -48.41 -46.06 4.80
CA LYS E 309 -48.57 -44.65 5.14
C LYS E 309 -47.93 -43.74 4.10
N LEU E 310 -46.84 -44.17 3.48
CA LEU E 310 -46.24 -43.39 2.40
C LEU E 310 -47.02 -43.52 1.09
N GLN E 311 -47.60 -44.69 0.83
CA GLN E 311 -48.45 -44.84 -0.35
C GLN E 311 -49.70 -43.98 -0.26
N LYS E 312 -50.29 -43.90 0.94
CA LYS E 312 -51.45 -43.04 1.13
C LYS E 312 -51.09 -41.56 1.01
N GLU E 313 -49.87 -41.18 1.41
CA GLU E 313 -49.46 -39.80 1.29
C GLU E 313 -49.25 -39.40 -0.17
N ILE E 314 -48.71 -40.32 -0.97
CA ILE E 314 -48.44 -40.02 -2.38
C ILE E 314 -49.72 -40.12 -3.21
N ASP E 315 -50.55 -41.13 -2.95
CA ASP E 315 -51.80 -41.29 -3.69
C ASP E 315 -52.82 -40.21 -3.37
N ALA E 316 -52.63 -39.45 -2.30
CA ALA E 316 -53.52 -38.35 -1.97
C ALA E 316 -53.10 -37.03 -2.62
N VAL E 317 -51.80 -36.81 -2.79
CA VAL E 317 -51.32 -35.58 -3.43
C VAL E 317 -51.40 -35.70 -4.95
N LEU E 318 -51.14 -36.88 -5.49
CA LEU E 318 -51.14 -37.13 -6.94
C LEU E 318 -52.12 -38.27 -7.21
N PRO E 319 -53.42 -37.97 -7.25
CA PRO E 319 -54.41 -39.04 -7.39
C PRO E 319 -54.42 -39.66 -8.78
N ASN E 320 -54.77 -40.95 -8.82
CA ASN E 320 -54.90 -41.70 -10.07
C ASN E 320 -53.59 -41.73 -10.87
N LYS E 321 -52.51 -42.12 -10.18
CA LYS E 321 -51.20 -42.27 -10.80
C LYS E 321 -50.74 -41.01 -11.53
N ALA E 322 -50.97 -39.86 -10.90
CA ALA E 322 -50.54 -38.59 -11.47
C ALA E 322 -49.03 -38.46 -11.37
N PRO E 323 -48.31 -38.23 -12.47
CA PRO E 323 -46.87 -38.08 -12.38
C PRO E 323 -46.50 -36.87 -11.54
N PRO E 324 -45.32 -36.87 -10.92
CA PRO E 324 -45.01 -35.87 -9.90
C PRO E 324 -44.66 -34.52 -10.49
N THR E 325 -44.64 -33.52 -9.62
CA THR E 325 -44.17 -32.18 -9.90
C THR E 325 -43.06 -31.81 -8.92
N TYR E 326 -42.45 -30.65 -9.14
CA TYR E 326 -41.37 -30.22 -8.26
C TYR E 326 -41.89 -29.82 -6.88
N ASP E 327 -43.03 -29.12 -6.84
CA ASP E 327 -43.56 -28.65 -5.56
C ASP E 327 -44.22 -29.75 -4.76
N ALA E 328 -44.75 -30.78 -5.43
CA ALA E 328 -45.36 -31.89 -4.70
C ALA E 328 -44.30 -32.73 -3.96
N VAL E 329 -43.09 -32.79 -4.50
CA VAL E 329 -42.03 -33.59 -3.88
C VAL E 329 -41.55 -32.96 -2.58
N VAL E 330 -41.33 -31.64 -2.59
CA VAL E 330 -40.70 -30.98 -1.45
C VAL E 330 -41.64 -30.81 -0.25
N GLN E 331 -42.96 -30.96 -0.45
CA GLN E 331 -43.90 -30.79 0.65
C GLN E 331 -44.21 -32.09 1.38
N MET E 332 -44.20 -33.22 0.68
CA MET E 332 -44.45 -34.51 1.30
C MET E 332 -43.40 -34.80 2.37
N GLU E 333 -43.73 -34.51 3.63
CA GLU E 333 -42.75 -34.66 4.70
C GLU E 333 -42.46 -36.13 5.00
N TYR E 334 -43.48 -36.99 4.93
CA TYR E 334 -43.27 -38.40 5.23
C TYR E 334 -42.33 -39.06 4.23
N LEU E 335 -42.33 -38.60 2.98
CA LEU E 335 -41.32 -39.05 2.03
C LEU E 335 -39.94 -38.57 2.43
N ASP E 336 -39.84 -37.33 2.94
CA ASP E 336 -38.58 -36.83 3.47
C ASP E 336 -38.20 -37.53 4.77
N MET E 337 -39.19 -38.01 5.54
CA MET E 337 -38.90 -38.74 6.75
C MET E 337 -38.35 -40.13 6.44
N VAL E 338 -38.96 -40.83 5.47
CA VAL E 338 -38.51 -42.17 5.11
C VAL E 338 -37.09 -42.12 4.55
N VAL E 339 -36.80 -41.10 3.74
CA VAL E 339 -35.46 -40.98 3.16
C VAL E 339 -34.44 -40.65 4.24
N ASN E 340 -34.78 -39.74 5.16
CA ASN E 340 -33.84 -39.33 6.20
C ASN E 340 -33.54 -40.47 7.17
N GLU E 341 -34.53 -41.32 7.45
CA GLU E 341 -34.29 -42.45 8.35
C GLU E 341 -33.48 -43.54 7.68
N THR E 342 -33.65 -43.73 6.37
CA THR E 342 -32.83 -44.69 5.65
C THR E 342 -31.37 -44.21 5.56
N LEU E 343 -31.17 -42.93 5.28
CA LEU E 343 -29.83 -42.36 5.26
C LEU E 343 -29.22 -42.27 6.66
N ARG E 344 -30.05 -42.21 7.70
CA ARG E 344 -29.54 -42.32 9.06
C ARG E 344 -29.02 -43.73 9.33
N LEU E 345 -29.80 -44.74 8.97
CA LEU E 345 -29.38 -46.12 9.17
C LEU E 345 -28.26 -46.53 8.21
N PHE E 346 -28.20 -45.91 7.03
CA PHE E 346 -27.25 -46.31 5.99
C PHE E 346 -26.59 -45.09 5.37
N PRO E 347 -25.64 -44.46 6.08
CA PRO E 347 -24.79 -43.46 5.42
C PRO E 347 -23.74 -44.18 4.60
N VAL E 348 -23.95 -44.26 3.28
CA VAL E 348 -23.09 -45.06 2.42
C VAL E 348 -21.62 -44.63 2.51
N ALA E 349 -21.39 -43.33 2.69
CA ALA E 349 -20.07 -42.85 3.10
C ALA E 349 -20.03 -43.09 4.60
N ILE E 350 -19.17 -44.02 5.02
CA ILE E 350 -19.18 -44.46 6.41
C ILE E 350 -18.89 -43.30 7.36
N ARG E 351 -18.05 -42.38 6.93
CA ARG E 351 -17.64 -41.29 7.80
C ARG E 351 -17.20 -40.09 6.97
N LEU E 352 -16.93 -38.98 7.66
CA LEU E 352 -16.38 -37.78 7.07
C LEU E 352 -14.94 -37.63 7.52
N GLU E 353 -14.10 -37.10 6.64
CA GLU E 353 -12.66 -37.03 6.87
C GLU E 353 -12.12 -35.66 6.52
N ARG E 354 -11.17 -35.19 7.33
CA ARG E 354 -10.51 -33.91 7.11
C ARG E 354 -9.04 -34.03 7.46
N THR E 355 -8.22 -33.16 6.88
CA THR E 355 -6.78 -33.15 7.13
C THR E 355 -6.36 -31.76 7.62
N CYS E 356 -5.42 -31.74 8.57
CA CYS E 356 -4.94 -30.49 9.13
C CYS E 356 -3.93 -29.86 8.19
N LYS E 357 -4.19 -28.63 7.77
CA LYS E 357 -3.24 -27.92 6.92
C LYS E 357 -2.01 -27.48 7.72
N LYS E 358 -2.17 -27.28 9.03
CA LYS E 358 -1.07 -26.92 9.91
C LYS E 358 -1.32 -27.57 11.27
N ASP E 359 -0.48 -27.24 12.25
CA ASP E 359 -0.69 -27.75 13.60
C ASP E 359 -1.93 -27.11 14.21
N VAL E 360 -2.82 -27.95 14.72
CA VAL E 360 -4.11 -27.50 15.27
C VAL E 360 -4.21 -27.97 16.71
N GLU E 361 -4.96 -27.21 17.51
CA GLU E 361 -5.39 -27.65 18.83
C GLU E 361 -6.90 -27.89 18.77
N ILE E 362 -7.28 -29.16 18.72
CA ILE E 362 -8.67 -29.57 18.74
C ILE E 362 -9.00 -30.05 20.15
N ASN E 363 -10.13 -29.59 20.69
CA ASN E 363 -10.42 -29.72 22.11
C ASN E 363 -9.28 -29.09 22.90
N GLY E 364 -8.46 -29.93 23.53
CA GLY E 364 -7.31 -29.42 24.26
C GLY E 364 -6.00 -30.05 23.84
N VAL E 365 -6.04 -30.88 22.81
CA VAL E 365 -4.89 -31.67 22.37
C VAL E 365 -4.37 -31.13 21.05
N PHE E 366 -3.06 -30.93 20.97
CA PHE E 366 -2.42 -30.57 19.71
C PHE E 366 -2.19 -31.82 18.88
N ILE E 367 -2.48 -31.74 17.59
CA ILE E 367 -2.18 -32.83 16.68
C ILE E 367 -1.29 -32.31 15.56
N PRO E 368 -0.34 -33.10 15.07
CA PRO E 368 0.67 -32.57 14.14
C PRO E 368 0.09 -32.23 12.78
N LYS E 369 0.89 -31.52 12.00
CA LYS E 369 0.50 -31.12 10.66
C LYS E 369 0.30 -32.36 9.78
N GLY E 370 -0.80 -32.36 9.02
CA GLY E 370 -1.08 -33.45 8.11
C GLY E 370 -1.89 -34.58 8.69
N SER E 371 -2.22 -34.54 9.98
CA SER E 371 -3.03 -35.58 10.58
C SER E 371 -4.46 -35.51 10.04
N MET E 372 -5.17 -36.64 10.16
CA MET E 372 -6.53 -36.74 9.66
C MET E 372 -7.52 -36.74 10.81
N VAL E 373 -8.62 -36.01 10.62
CA VAL E 373 -9.69 -35.91 11.61
C VAL E 373 -10.91 -36.65 11.06
N VAL E 374 -11.54 -37.45 11.91
CA VAL E 374 -12.61 -38.35 11.50
C VAL E 374 -13.89 -37.96 12.23
N ILE E 375 -14.99 -37.85 11.49
CA ILE E 375 -16.32 -37.77 12.07
C ILE E 375 -17.01 -39.10 11.79
N PRO E 376 -17.06 -40.02 12.77
CA PRO E 376 -17.68 -41.33 12.51
C PRO E 376 -19.18 -41.22 12.31
N THR E 377 -19.58 -40.97 11.05
CA THR E 377 -20.99 -40.74 10.76
C THR E 377 -21.83 -41.97 11.09
N TYR E 378 -21.40 -43.15 10.67
CA TYR E 378 -22.19 -44.35 10.92
C TYR E 378 -22.32 -44.60 12.42
N ALA E 379 -21.24 -44.38 13.17
CA ALA E 379 -21.30 -44.59 14.61
C ALA E 379 -22.25 -43.61 15.28
N LEU E 380 -22.11 -42.32 14.97
CA LEU E 380 -22.98 -41.31 15.56
C LEU E 380 -24.41 -41.45 15.07
N HIS E 381 -24.61 -42.05 13.90
CA HIS E 381 -25.98 -42.28 13.43
C HIS E 381 -26.67 -43.39 14.22
N HIS E 382 -25.88 -44.30 14.80
CA HIS E 382 -26.43 -45.39 15.60
C HIS E 382 -26.15 -45.22 17.09
N ASP E 383 -25.74 -44.03 17.51
CA ASP E 383 -25.44 -43.78 18.92
C ASP E 383 -26.73 -43.79 19.72
N PRO E 384 -26.90 -44.71 20.68
CA PRO E 384 -28.15 -44.76 21.45
C PRO E 384 -28.42 -43.51 22.28
N LYS E 385 -27.40 -42.71 22.56
CA LYS E 385 -27.60 -41.47 23.31
C LYS E 385 -28.45 -40.49 22.51
N TYR E 386 -28.20 -40.35 21.21
CA TYR E 386 -28.93 -39.40 20.38
C TYR E 386 -30.17 -40.02 19.74
N TRP E 387 -30.17 -41.33 19.50
CA TRP E 387 -31.27 -42.01 18.83
C TRP E 387 -31.70 -43.20 19.67
N THR E 388 -32.93 -43.16 20.17
CA THR E 388 -33.48 -44.28 20.91
C THR E 388 -33.89 -45.38 19.96
N GLU E 389 -33.61 -46.64 20.34
CA GLU E 389 -33.78 -47.81 19.49
C GLU E 389 -33.08 -47.54 18.16
N PRO E 390 -31.74 -47.50 18.16
CA PRO E 390 -31.04 -47.04 16.95
C PRO E 390 -31.19 -47.95 15.74
N GLU E 391 -31.39 -49.25 15.94
CA GLU E 391 -31.44 -50.17 14.82
C GLU E 391 -32.80 -50.20 14.13
N GLU E 392 -33.84 -49.67 14.77
CA GLU E 392 -35.18 -49.71 14.21
C GLU E 392 -35.39 -48.58 13.22
N PHE E 393 -36.23 -48.85 12.21
CA PHE E 393 -36.54 -47.88 11.16
C PHE E 393 -37.79 -47.10 11.60
N ARG E 394 -37.55 -45.92 12.18
CA ARG E 394 -38.62 -45.06 12.72
C ARG E 394 -38.67 -43.77 11.92
N PRO E 395 -39.50 -43.69 10.87
CA PRO E 395 -39.61 -42.42 10.13
C PRO E 395 -40.15 -41.28 10.97
N GLU E 396 -40.82 -41.57 12.08
CA GLU E 396 -41.40 -40.54 12.94
C GLU E 396 -40.34 -39.70 13.64
N ARG E 397 -39.06 -39.97 13.43
CA ARG E 397 -38.01 -39.23 14.13
C ARG E 397 -37.96 -37.77 13.68
N PHE E 398 -38.08 -37.52 12.39
CA PHE E 398 -37.89 -36.19 11.82
C PHE E 398 -39.24 -35.50 11.67
N SER E 399 -39.65 -34.79 12.72
CA SER E 399 -40.91 -34.05 12.71
C SER E 399 -40.89 -32.93 13.75
N ILE E 405 -32.94 -32.02 15.53
CA ILE E 405 -31.83 -32.86 15.08
C ILE E 405 -30.55 -32.03 14.93
N ASP E 406 -29.47 -32.51 15.53
CA ASP E 406 -28.22 -31.77 15.51
C ASP E 406 -27.56 -31.91 14.15
N PRO E 407 -27.19 -30.81 13.49
CA PRO E 407 -26.53 -30.91 12.18
C PRO E 407 -25.11 -31.44 12.22
N TYR E 408 -24.58 -31.78 13.41
CA TYR E 408 -23.24 -32.34 13.52
C TYR E 408 -23.24 -33.79 13.96
N ILE E 409 -24.36 -34.30 14.48
CA ILE E 409 -24.48 -35.72 14.79
C ILE E 409 -25.08 -36.48 13.62
N TYR E 410 -26.07 -35.89 12.94
CA TYR E 410 -26.72 -36.48 11.78
C TYR E 410 -26.15 -35.78 10.55
N THR E 411 -25.19 -36.43 9.88
CA THR E 411 -24.48 -35.84 8.74
C THR E 411 -24.39 -36.86 7.62
N PRO E 412 -25.51 -37.18 6.95
CA PRO E 412 -25.43 -38.09 5.80
C PRO E 412 -24.81 -37.45 4.57
N PHE E 413 -24.94 -36.13 4.43
CA PHE E 413 -24.36 -35.38 3.32
C PHE E 413 -23.26 -34.43 3.77
N GLY E 414 -22.84 -34.50 5.03
CA GLY E 414 -21.83 -33.62 5.54
C GLY E 414 -22.38 -32.24 5.84
N THR E 415 -21.48 -31.36 6.29
CA THR E 415 -21.84 -29.99 6.61
C THR E 415 -20.60 -29.11 6.43
N GLY E 416 -20.82 -27.89 5.94
CA GLY E 416 -19.74 -26.95 5.74
C GLY E 416 -19.45 -26.73 4.27
N PRO E 417 -18.32 -26.10 3.97
CA PRO E 417 -17.94 -25.87 2.57
C PRO E 417 -17.67 -27.15 1.80
N ARG E 418 -17.32 -28.24 2.48
CA ARG E 418 -17.00 -29.52 1.84
C ARG E 418 -18.19 -30.47 1.84
N ASN E 419 -19.41 -29.97 2.08
CA ASN E 419 -20.57 -30.85 2.12
C ASN E 419 -20.89 -31.39 0.73
N CYS E 420 -21.86 -32.30 0.68
CA CYS E 420 -22.22 -32.92 -0.59
C CYS E 420 -22.80 -31.87 -1.53
N ILE E 421 -22.12 -31.67 -2.67
CA ILE E 421 -22.57 -30.71 -3.66
C ILE E 421 -23.79 -31.19 -4.43
N GLY E 422 -24.02 -32.50 -4.49
CA GLY E 422 -25.18 -33.03 -5.17
C GLY E 422 -26.23 -33.57 -4.22
N MET E 423 -26.37 -32.91 -3.06
CA MET E 423 -27.33 -33.36 -2.06
C MET E 423 -28.76 -33.16 -2.54
N ARG E 424 -29.10 -31.93 -2.93
CA ARG E 424 -30.46 -31.65 -3.37
C ARG E 424 -30.79 -32.40 -4.65
N PHE E 425 -29.80 -32.60 -5.53
CA PHE E 425 -30.05 -33.36 -6.75
C PHE E 425 -30.28 -34.84 -6.44
N ALA E 426 -29.51 -35.40 -5.50
CA ALA E 426 -29.70 -36.79 -5.13
C ALA E 426 -31.08 -37.02 -4.53
N LEU E 427 -31.47 -36.18 -3.58
CA LEU E 427 -32.79 -36.33 -2.96
C LEU E 427 -33.91 -36.18 -3.96
N MET E 428 -33.68 -35.44 -5.05
CA MET E 428 -34.71 -35.22 -6.06
C MET E 428 -35.05 -36.51 -6.81
N ASN E 429 -34.10 -37.02 -7.59
CA ASN E 429 -34.38 -38.20 -8.40
C ASN E 429 -34.57 -39.44 -7.55
N MET E 430 -34.05 -39.46 -6.32
CA MET E 430 -34.34 -40.57 -5.42
C MET E 430 -35.83 -40.64 -5.10
N LYS E 431 -36.44 -39.48 -4.83
CA LYS E 431 -37.86 -39.46 -4.51
C LYS E 431 -38.71 -39.73 -5.74
N LEU E 432 -38.32 -39.18 -6.90
CA LEU E 432 -39.09 -39.40 -8.12
C LEU E 432 -39.13 -40.89 -8.48
N ALA E 433 -38.02 -41.61 -8.26
CA ALA E 433 -38.05 -43.05 -8.44
C ALA E 433 -38.94 -43.72 -7.41
N LEU E 434 -38.94 -43.21 -6.17
CA LEU E 434 -39.79 -43.77 -5.14
C LEU E 434 -41.26 -43.47 -5.41
N ILE E 435 -41.57 -42.24 -5.82
CA ILE E 435 -42.96 -41.86 -6.07
C ILE E 435 -43.55 -42.69 -7.21
N ARG E 436 -42.76 -42.96 -8.26
CA ARG E 436 -43.27 -43.70 -9.40
C ARG E 436 -43.47 -45.18 -9.07
N VAL E 437 -42.52 -45.78 -8.34
CA VAL E 437 -42.63 -47.19 -8.04
C VAL E 437 -43.65 -47.48 -6.94
N LEU E 438 -43.95 -46.49 -6.10
CA LEU E 438 -44.88 -46.75 -4.99
C LEU E 438 -46.33 -46.55 -5.39
N GLN E 439 -46.59 -45.61 -6.30
CA GLN E 439 -47.94 -45.44 -6.82
C GLN E 439 -48.29 -46.48 -7.89
N ASN E 440 -47.36 -47.37 -8.21
CA ASN E 440 -47.58 -48.43 -9.18
C ASN E 440 -47.36 -49.84 -8.65
N PHE E 441 -46.59 -50.00 -7.57
CA PHE E 441 -46.23 -51.32 -7.08
C PHE E 441 -46.25 -51.36 -5.55
N SER E 442 -46.16 -52.57 -5.02
CA SER E 442 -46.00 -52.81 -3.59
C SER E 442 -44.92 -53.86 -3.41
N PHE E 443 -43.98 -53.62 -2.49
CA PHE E 443 -42.79 -54.43 -2.33
C PHE E 443 -42.95 -55.38 -1.15
N LYS E 444 -42.72 -56.67 -1.39
CA LYS E 444 -42.83 -57.71 -0.38
C LYS E 444 -41.52 -58.49 -0.28
N PRO E 445 -41.20 -59.00 0.90
CA PRO E 445 -40.05 -59.90 1.04
C PRO E 445 -40.36 -61.27 0.48
N CYS E 446 -39.31 -61.96 0.05
CA CYS E 446 -39.44 -63.29 -0.52
C CYS E 446 -38.47 -64.23 0.19
N LYS E 447 -38.20 -65.39 -0.41
CA LYS E 447 -37.30 -66.36 0.19
C LYS E 447 -35.85 -65.94 0.07
N GLU E 448 -35.50 -65.25 -1.02
CA GLU E 448 -34.13 -64.77 -1.21
C GLU E 448 -33.79 -63.56 -0.34
N THR E 449 -34.79 -62.91 0.27
CA THR E 449 -34.53 -61.73 1.07
C THR E 449 -33.80 -62.11 2.35
N GLN E 450 -32.74 -61.37 2.65
CA GLN E 450 -31.90 -61.63 3.82
C GLN E 450 -32.51 -60.90 5.03
N ILE E 451 -32.83 -61.66 6.08
CA ILE E 451 -33.34 -61.11 7.32
C ILE E 451 -32.64 -61.82 8.48
N PRO E 452 -31.91 -61.10 9.34
CA PRO E 452 -31.70 -59.65 9.24
C PRO E 452 -30.63 -59.31 8.22
N LEU E 453 -30.58 -58.04 7.79
CA LEU E 453 -29.64 -57.60 6.77
C LEU E 453 -28.24 -57.50 7.35
N LYS E 454 -27.29 -58.22 6.76
CA LYS E 454 -25.88 -58.14 7.13
C LYS E 454 -25.17 -57.22 6.14
N LEU E 455 -24.39 -56.28 6.67
CA LEU E 455 -23.64 -55.34 5.85
C LEU E 455 -22.30 -55.94 5.44
N ASP E 456 -21.93 -55.74 4.18
CA ASP E 456 -20.65 -56.24 3.70
C ASP E 456 -19.51 -55.54 4.41
N THR E 457 -18.33 -56.18 4.37
CA THR E 457 -17.18 -55.75 5.15
C THR E 457 -16.15 -55.01 4.31
N GLN E 458 -16.52 -54.52 3.12
CA GLN E 458 -15.54 -53.93 2.21
C GLN E 458 -16.06 -52.65 1.59
N GLY E 459 -15.25 -51.60 1.68
CA GLY E 459 -15.50 -50.39 0.91
C GLY E 459 -16.75 -49.65 1.35
N LEU E 460 -17.44 -49.07 0.37
CA LEU E 460 -18.67 -48.34 0.62
C LEU E 460 -19.72 -49.27 1.22
N LEU E 461 -20.72 -48.65 1.85
CA LEU E 461 -21.75 -49.40 2.55
C LEU E 461 -22.57 -50.22 1.56
N GLN E 462 -22.50 -51.54 1.69
CA GLN E 462 -23.20 -52.46 0.81
C GLN E 462 -23.78 -53.59 1.62
N PRO E 463 -24.91 -54.15 1.21
CA PRO E 463 -25.40 -55.38 1.82
C PRO E 463 -24.47 -56.54 1.49
N GLU E 464 -24.33 -57.47 2.45
CA GLU E 464 -23.43 -58.60 2.24
C GLU E 464 -23.89 -59.46 1.07
N LYS E 465 -25.19 -59.66 0.93
CA LYS E 465 -25.78 -60.33 -0.22
C LYS E 465 -26.74 -59.38 -0.92
N PRO E 466 -26.84 -59.47 -2.26
CA PRO E 466 -27.66 -58.50 -2.99
C PRO E 466 -29.11 -58.53 -2.55
N ILE E 467 -29.71 -57.35 -2.44
CA ILE E 467 -31.10 -57.23 -2.03
C ILE E 467 -31.99 -57.81 -3.11
N VAL E 468 -32.80 -58.81 -2.75
CA VAL E 468 -33.68 -59.49 -3.69
C VAL E 468 -35.09 -59.43 -3.11
N LEU E 469 -35.91 -58.51 -3.60
CA LEU E 469 -37.29 -58.37 -3.15
C LEU E 469 -38.27 -58.96 -4.15
N THR F 8 -43.54 38.06 39.76
CA THR F 8 -42.69 39.21 39.43
C THR F 8 -42.95 39.72 38.00
N HIS F 9 -43.92 39.09 37.31
CA HIS F 9 -44.19 39.38 35.91
C HIS F 9 -45.01 40.65 35.69
N GLY F 10 -45.10 41.52 36.69
CA GLY F 10 -45.76 42.80 36.51
C GLY F 10 -44.81 43.96 36.73
N LEU F 11 -43.51 43.63 36.85
CA LEU F 11 -42.51 44.64 37.16
C LEU F 11 -42.36 45.64 36.02
N PHE F 12 -42.06 45.15 34.81
CA PHE F 12 -41.84 46.04 33.68
C PHE F 12 -43.12 46.75 33.22
N LYS F 13 -44.29 46.17 33.48
CA LYS F 13 -45.54 46.90 33.24
C LYS F 13 -45.74 48.00 34.27
N ARG F 14 -45.32 47.77 35.51
CA ARG F 14 -45.47 48.79 36.54
C ARG F 14 -44.51 49.96 36.31
N LEU F 15 -43.29 49.67 35.88
CA LEU F 15 -42.29 50.70 35.61
C LEU F 15 -42.50 51.38 34.26
N GLY F 16 -43.51 50.97 33.50
CA GLY F 16 -43.76 51.57 32.20
C GLY F 16 -42.73 51.20 31.14
N ILE F 17 -42.19 50.00 31.20
CA ILE F 17 -41.16 49.55 30.27
C ILE F 17 -41.81 48.60 29.26
N PRO F 18 -41.58 48.77 27.96
CA PRO F 18 -42.17 47.86 26.97
C PRO F 18 -41.57 46.47 27.07
N GLY F 19 -42.21 45.54 26.35
CA GLY F 19 -41.73 44.17 26.29
C GLY F 19 -42.82 43.18 25.96
N PRO F 20 -42.43 41.98 25.52
CA PRO F 20 -43.42 40.96 25.19
C PRO F 20 -44.17 40.49 26.44
N THR F 21 -45.41 40.08 26.22
CA THR F 21 -46.23 39.57 27.33
C THR F 21 -45.70 38.21 27.76
N PRO F 22 -45.21 38.07 28.99
CA PRO F 22 -44.59 36.81 29.41
C PRO F 22 -45.64 35.75 29.77
N LEU F 23 -45.18 34.49 29.74
CA LEU F 23 -45.94 33.32 30.17
C LEU F 23 -45.72 33.09 31.67
N PRO F 24 -46.74 32.57 32.36
CA PRO F 24 -46.70 32.61 33.83
C PRO F 24 -45.55 31.86 34.48
N LEU F 25 -45.28 30.63 34.07
CA LEU F 25 -44.22 29.85 34.72
C LEU F 25 -42.87 30.04 34.04
N LEU F 26 -42.85 30.16 32.72
CA LEU F 26 -41.61 30.21 31.97
C LEU F 26 -41.21 31.61 31.53
N GLY F 27 -42.17 32.52 31.39
CA GLY F 27 -41.84 33.87 30.96
C GLY F 27 -41.71 33.91 29.46
N ASN F 28 -40.66 34.58 28.97
CA ASN F 28 -40.41 34.71 27.54
C ASN F 28 -39.35 33.73 27.04
N VAL F 29 -39.02 32.71 27.84
CA VAL F 29 -38.03 31.72 27.42
C VAL F 29 -38.44 31.03 26.14
N LEU F 30 -39.75 30.87 25.91
CA LEU F 30 -40.23 30.22 24.69
C LEU F 30 -39.77 30.95 23.44
N SER F 31 -39.54 32.27 23.54
CA SER F 31 -39.11 33.04 22.39
C SER F 31 -37.65 32.79 22.02
N TYR F 32 -36.88 32.12 22.89
CA TYR F 32 -35.48 31.82 22.59
C TYR F 32 -35.34 30.70 21.56
N ARG F 33 -36.43 30.02 21.20
CA ARG F 33 -36.35 28.95 20.21
C ARG F 33 -36.08 29.49 18.82
N GLN F 34 -36.53 30.71 18.52
CA GLN F 34 -36.19 31.36 17.26
C GLN F 34 -34.70 31.60 17.15
N GLY F 35 -33.98 31.60 18.26
CA GLY F 35 -32.60 32.00 18.31
C GLY F 35 -32.45 33.27 19.12
N LEU F 36 -31.49 33.29 20.04
CA LEU F 36 -31.30 34.47 20.89
C LEU F 36 -30.85 35.69 20.09
N TRP F 37 -30.22 35.49 18.94
CA TRP F 37 -29.88 36.59 18.06
C TRP F 37 -31.11 37.17 17.38
N LYS F 38 -32.08 36.33 17.02
CA LYS F 38 -33.30 36.80 16.39
C LYS F 38 -34.27 37.44 17.37
N PHE F 39 -34.33 36.92 18.61
CA PHE F 39 -35.22 37.50 19.61
C PHE F 39 -34.78 38.90 20.02
N ASP F 40 -33.46 39.13 20.10
CA ASP F 40 -32.96 40.48 20.37
C ASP F 40 -33.29 41.42 19.22
N THR F 41 -33.14 40.97 17.98
CA THR F 41 -33.39 41.83 16.82
C THR F 41 -34.84 42.28 16.77
N GLU F 42 -35.78 41.35 16.99
CA GLU F 42 -37.19 41.69 16.92
C GLU F 42 -37.59 42.63 18.05
N CYS F 43 -37.13 42.36 19.27
CA CYS F 43 -37.48 43.21 20.40
C CYS F 43 -36.90 44.61 20.25
N TYR F 44 -35.72 44.74 19.66
CA TYR F 44 -35.12 46.06 19.50
C TYR F 44 -35.86 46.88 18.45
N LYS F 45 -36.40 46.24 17.42
CA LYS F 45 -37.10 46.97 16.38
C LYS F 45 -38.57 47.19 16.69
N LYS F 46 -39.19 46.30 17.46
CA LYS F 46 -40.60 46.44 17.82
C LYS F 46 -40.80 47.35 19.03
N TYR F 47 -39.90 47.30 20.00
CA TYR F 47 -39.96 48.12 21.20
C TYR F 47 -38.85 49.18 21.18
N GLY F 48 -38.86 50.06 22.16
CA GLY F 48 -37.94 51.18 22.19
C GLY F 48 -36.49 50.83 22.50
N LYS F 49 -35.76 51.82 23.03
CA LYS F 49 -34.35 51.60 23.39
C LYS F 49 -34.24 50.58 24.52
N MET F 50 -35.22 50.53 25.41
CA MET F 50 -35.24 49.60 26.53
C MET F 50 -36.49 48.72 26.45
N TRP F 51 -36.32 47.45 26.81
CA TRP F 51 -37.44 46.51 26.90
C TRP F 51 -37.08 45.42 27.89
N GLY F 52 -38.10 44.87 28.54
CA GLY F 52 -37.92 43.87 29.58
C GLY F 52 -38.55 42.54 29.21
N THR F 53 -37.81 41.46 29.47
CA THR F 53 -38.33 40.10 29.35
C THR F 53 -38.04 39.36 30.65
N TYR F 54 -38.66 38.20 30.78
CA TYR F 54 -38.50 37.37 31.96
C TYR F 54 -38.03 35.99 31.51
N GLU F 55 -37.01 35.47 32.18
CA GLU F 55 -36.60 34.09 32.01
C GLU F 55 -37.05 33.38 33.26
N GLY F 56 -38.09 32.58 33.16
CA GLY F 56 -38.74 32.04 34.34
C GLY F 56 -39.34 33.14 35.19
N GLN F 57 -38.79 33.37 36.37
CA GLN F 57 -39.18 34.48 37.21
C GLN F 57 -38.20 35.65 37.16
N LEU F 58 -37.06 35.46 36.51
CA LEU F 58 -35.99 36.46 36.53
C LEU F 58 -36.26 37.56 35.52
N PRO F 59 -36.38 38.82 35.94
CA PRO F 59 -36.54 39.90 34.97
C PRO F 59 -35.23 40.27 34.30
N VAL F 60 -35.34 40.66 33.03
CA VAL F 60 -34.18 40.99 32.21
C VAL F 60 -34.40 42.37 31.60
N LEU F 61 -33.40 43.24 31.74
CA LEU F 61 -33.46 44.60 31.23
C LEU F 61 -32.46 44.76 30.08
N ALA F 62 -32.94 45.22 28.94
CA ALA F 62 -32.14 45.41 27.74
C ALA F 62 -31.93 46.90 27.51
N ILE F 63 -30.69 47.29 27.22
CA ILE F 63 -30.30 48.68 27.09
C ILE F 63 -29.51 48.88 25.80
N THR F 64 -29.79 49.97 25.08
CA THR F 64 -29.12 50.27 23.83
C THR F 64 -28.54 51.67 23.78
N ASP F 65 -28.53 52.39 24.90
CA ASP F 65 -27.99 53.74 24.95
C ASP F 65 -26.49 53.67 25.26
N PRO F 66 -25.61 54.22 24.42
CA PRO F 66 -24.17 54.13 24.69
C PRO F 66 -23.75 54.73 26.02
N ASP F 67 -24.50 55.71 26.55
CA ASP F 67 -24.19 56.23 27.87
C ASP F 67 -24.62 55.27 28.98
N VAL F 68 -25.81 54.68 28.84
CA VAL F 68 -26.27 53.70 29.84
C VAL F 68 -25.45 52.43 29.76
N ILE F 69 -25.01 52.04 28.55
CA ILE F 69 -24.09 50.92 28.42
C ILE F 69 -22.74 51.23 29.06
N ARG F 70 -22.30 52.49 28.99
CA ARG F 70 -21.04 52.88 29.60
C ARG F 70 -21.06 52.74 31.12
N THR F 71 -22.24 52.91 31.73
CA THR F 71 -22.32 52.89 33.19
C THR F 71 -22.29 51.47 33.74
N VAL F 72 -22.97 50.53 33.08
CA VAL F 72 -23.10 49.18 33.59
C VAL F 72 -21.91 48.29 33.27
N LEU F 73 -21.15 48.60 32.22
CA LEU F 73 -19.95 47.85 31.88
C LEU F 73 -18.67 48.46 32.43
N VAL F 74 -18.57 49.78 32.51
CA VAL F 74 -17.31 50.43 32.85
C VAL F 74 -17.42 51.15 34.19
N LYS F 75 -18.26 52.18 34.25
CA LYS F 75 -18.36 53.03 35.43
C LYS F 75 -18.75 52.24 36.68
N GLU F 76 -19.98 51.73 36.71
CA GLU F 76 -20.52 51.04 37.89
C GLU F 76 -20.35 49.52 37.79
N CYS F 77 -19.23 49.05 37.26
CA CYS F 77 -18.99 47.62 37.17
C CYS F 77 -18.66 47.03 38.54
N TYR F 78 -17.67 47.62 39.23
CA TYR F 78 -17.25 47.08 40.52
C TYR F 78 -18.28 47.31 41.63
N SER F 79 -19.18 48.28 41.44
CA SER F 79 -20.16 48.61 42.48
C SER F 79 -21.43 47.77 42.37
N VAL F 80 -21.92 47.51 41.15
CA VAL F 80 -23.18 46.80 40.97
C VAL F 80 -23.01 45.63 40.00
N PHE F 81 -22.58 45.93 38.78
CA PHE F 81 -22.59 44.94 37.69
C PHE F 81 -21.24 44.25 37.55
N THR F 82 -20.79 43.65 38.66
CA THR F 82 -19.54 42.90 38.67
C THR F 82 -19.71 41.54 38.00
N ASN F 83 -20.74 40.81 38.37
CA ASN F 83 -20.92 39.43 37.93
C ASN F 83 -21.73 39.38 36.64
N ARG F 84 -21.50 38.31 35.87
CA ARG F 84 -22.11 38.20 34.55
C ARG F 84 -23.50 37.60 34.64
N ARG F 85 -23.58 36.40 35.19
CA ARG F 85 -24.85 35.77 35.45
C ARG F 85 -24.73 34.92 36.68
N SER F 86 -25.82 34.82 37.43
CA SER F 86 -25.94 33.80 38.45
C SER F 86 -26.24 32.46 37.79
N LEU F 87 -25.36 31.49 37.99
CA LEU F 87 -25.43 30.23 37.28
C LEU F 87 -25.82 29.08 38.20
N GLY F 88 -26.40 28.04 37.60
CA GLY F 88 -26.83 26.87 38.33
C GLY F 88 -25.67 25.99 38.78
N PRO F 89 -25.97 24.72 39.02
CA PRO F 89 -24.94 23.78 39.52
C PRO F 89 -23.83 23.58 38.50
N VAL F 90 -22.61 23.92 38.90
CA VAL F 90 -21.44 23.74 38.06
C VAL F 90 -20.33 22.96 38.76
N GLY F 91 -20.54 22.55 40.02
CA GLY F 91 -19.50 21.82 40.72
C GLY F 91 -18.33 22.73 41.07
N PHE F 92 -17.12 22.20 40.87
CA PHE F 92 -15.91 23.00 41.05
C PHE F 92 -15.74 24.06 39.97
N MET F 93 -16.51 23.99 38.88
CA MET F 93 -16.40 24.98 37.81
C MET F 93 -16.93 26.35 38.19
N LYS F 94 -17.32 26.56 39.46
CA LYS F 94 -17.65 27.90 39.93
C LYS F 94 -16.41 28.77 40.08
N SER F 95 -15.23 28.15 40.18
CA SER F 95 -13.97 28.86 40.27
C SER F 95 -13.39 29.23 38.91
N ALA F 96 -14.11 28.94 37.83
CA ALA F 96 -13.67 29.36 36.51
C ALA F 96 -13.78 30.88 36.38
N ILE F 97 -12.86 31.45 35.60
CA ILE F 97 -12.77 32.91 35.50
C ILE F 97 -14.07 33.50 34.96
N SER F 98 -14.71 32.80 34.03
CA SER F 98 -15.96 33.30 33.48
C SER F 98 -17.14 33.07 34.41
N LEU F 99 -16.99 32.20 35.42
CA LEU F 99 -18.08 31.89 36.33
C LEU F 99 -17.83 32.38 37.75
N ALA F 100 -16.61 32.78 38.09
CA ALA F 100 -16.33 33.30 39.41
C ALA F 100 -17.04 34.64 39.62
N GLU F 101 -17.08 35.07 40.88
CA GLU F 101 -17.83 36.27 41.26
C GLU F 101 -17.04 37.11 42.23
N ASP F 102 -17.25 38.43 42.14
CA ASP F 102 -16.86 39.41 43.17
C ASP F 102 -15.35 39.36 43.39
N GLU F 103 -14.86 39.18 44.63
CA GLU F 103 -13.43 39.26 44.90
C GLU F 103 -12.68 38.05 44.36
N GLU F 104 -13.33 36.87 44.33
CA GLU F 104 -12.67 35.71 43.74
C GLU F 104 -12.46 35.90 42.23
N TRP F 105 -13.36 36.61 41.56
CA TRP F 105 -13.17 36.90 40.15
C TRP F 105 -12.00 37.85 39.93
N LYS F 106 -11.91 38.92 40.72
CA LYS F 106 -10.84 39.90 40.55
C LYS F 106 -9.48 39.27 40.75
N ARG F 107 -9.36 38.35 41.72
CA ARG F 107 -8.07 37.70 41.96
C ARG F 107 -7.71 36.73 40.85
N ILE F 108 -8.71 36.03 40.29
CA ILE F 108 -8.46 35.13 39.17
C ILE F 108 -8.07 35.91 37.93
N ARG F 109 -8.82 36.98 37.63
CA ARG F 109 -8.52 37.78 36.44
C ARG F 109 -7.15 38.42 36.54
N SER F 110 -6.82 38.96 37.72
CA SER F 110 -5.50 39.56 37.92
C SER F 110 -4.41 38.51 37.77
N LEU F 111 -4.65 37.29 38.26
CA LEU F 111 -3.66 36.23 38.14
C LEU F 111 -3.48 35.79 36.68
N LEU F 112 -4.54 35.87 35.88
CA LEU F 112 -4.51 35.39 34.51
C LEU F 112 -4.18 36.48 33.50
N SER F 113 -4.30 37.75 33.90
CA SER F 113 -4.05 38.84 32.95
C SER F 113 -2.67 38.83 32.30
N PRO F 114 -1.57 38.44 32.96
CA PRO F 114 -0.28 38.38 32.25
C PRO F 114 -0.25 37.43 31.08
N THR F 115 -1.24 36.55 30.92
CA THR F 115 -1.19 35.54 29.86
C THR F 115 -1.15 36.18 28.48
N PHE F 116 -1.95 37.23 28.27
CA PHE F 116 -2.14 37.74 26.93
C PHE F 116 -1.68 39.17 26.76
N THR F 117 -0.47 39.49 27.22
CA THR F 117 0.11 40.79 26.97
C THR F 117 0.80 40.79 25.61
N SER F 118 1.14 41.99 25.13
CA SER F 118 1.77 42.11 23.82
C SER F 118 3.10 41.38 23.76
N GLY F 119 3.81 41.28 24.89
CA GLY F 119 5.07 40.56 24.90
C GLY F 119 4.88 39.06 24.79
N LYS F 120 4.02 38.50 25.63
CA LYS F 120 3.81 37.05 25.60
C LYS F 120 3.07 36.60 24.34
N LEU F 121 2.30 37.49 23.70
CA LEU F 121 1.72 37.16 22.41
C LEU F 121 2.78 37.02 21.33
N LYS F 122 3.66 38.02 21.22
CA LYS F 122 4.76 37.95 20.26
C LYS F 122 5.70 36.78 20.59
N GLU F 123 5.75 36.37 21.85
CA GLU F 123 6.62 35.27 22.25
C GLU F 123 6.11 33.92 21.74
N MET F 124 4.79 33.74 21.68
CA MET F 124 4.20 32.49 21.20
C MET F 124 4.00 32.48 19.68
N PHE F 125 4.32 33.58 19.00
CA PHE F 125 4.22 33.63 17.55
C PHE F 125 4.93 32.48 16.84
N PRO F 126 6.13 32.04 17.24
CA PRO F 126 6.72 30.85 16.58
C PRO F 126 5.89 29.59 16.73
N ILE F 127 5.14 29.45 17.82
CA ILE F 127 4.33 28.25 18.02
C ILE F 127 3.11 28.28 17.11
N ILE F 128 2.43 29.42 17.05
CA ILE F 128 1.21 29.53 16.25
C ILE F 128 1.53 29.42 14.76
N ALA F 129 2.65 30.02 14.33
CA ALA F 129 3.05 29.92 12.93
C ALA F 129 3.47 28.49 12.57
N GLN F 130 3.97 27.73 13.53
CA GLN F 130 4.33 26.34 13.27
C GLN F 130 3.09 25.51 12.95
N TYR F 131 2.02 25.67 13.73
CA TYR F 131 0.76 25.02 13.38
C TYR F 131 0.18 25.57 12.09
N GLY F 132 0.44 26.85 11.80
CA GLY F 132 -0.01 27.42 10.54
C GLY F 132 0.63 26.77 9.34
N ASP F 133 1.87 26.31 9.47
CA ASP F 133 2.53 25.58 8.38
C ASP F 133 1.90 24.20 8.18
N VAL F 134 1.52 23.54 9.28
CA VAL F 134 0.83 22.26 9.18
C VAL F 134 -0.58 22.45 8.64
N LEU F 135 -1.19 23.62 8.89
CA LEU F 135 -2.52 23.89 8.37
C LEU F 135 -2.51 23.96 6.85
N VAL F 136 -1.53 24.67 6.28
CA VAL F 136 -1.44 24.78 4.82
C VAL F 136 -1.12 23.43 4.19
N ARG F 137 -0.41 22.56 4.91
CA ARG F 137 -0.04 21.26 4.36
C ARG F 137 -1.25 20.35 4.22
N ASN F 138 -2.01 20.17 5.30
CA ASN F 138 -3.17 19.29 5.25
C ASN F 138 -4.29 19.91 4.41
N LEU F 139 -4.33 21.23 4.30
CA LEU F 139 -5.27 21.88 3.40
C LEU F 139 -4.86 21.73 1.94
N ARG F 140 -3.59 21.43 1.68
CA ARG F 140 -3.15 21.16 0.32
C ARG F 140 -3.67 19.81 -0.17
N ARG F 141 -3.73 18.82 0.73
CA ARG F 141 -4.20 17.50 0.33
C ARG F 141 -5.67 17.53 -0.08
N GLU F 142 -6.49 18.31 0.63
CA GLU F 142 -7.90 18.42 0.29
C GLU F 142 -8.14 19.30 -0.92
N ALA F 143 -7.20 20.18 -1.26
CA ALA F 143 -7.33 21.00 -2.47
C ALA F 143 -6.86 20.24 -3.70
N GLU F 144 -5.75 19.50 -3.59
CA GLU F 144 -5.26 18.70 -4.71
C GLU F 144 -6.20 17.54 -5.00
N LYS F 145 -6.82 16.97 -3.97
CA LYS F 145 -7.84 15.94 -4.17
C LYS F 145 -9.08 16.47 -4.87
N GLY F 146 -9.25 17.79 -4.95
CA GLY F 146 -10.42 18.38 -5.55
C GLY F 146 -11.67 18.32 -4.71
N LYS F 147 -11.65 17.64 -3.55
CA LYS F 147 -12.82 17.50 -2.69
C LYS F 147 -13.09 18.81 -1.96
N PRO F 148 -14.36 19.19 -1.80
CA PRO F 148 -14.68 20.36 -0.98
C PRO F 148 -14.27 20.14 0.47
N VAL F 149 -14.05 21.23 1.18
CA VAL F 149 -13.53 21.20 2.54
C VAL F 149 -14.59 21.75 3.48
N THR F 150 -14.86 21.01 4.55
CA THR F 150 -15.67 21.52 5.66
C THR F 150 -14.76 22.35 6.56
N LEU F 151 -15.02 23.66 6.60
CA LEU F 151 -14.07 24.57 7.24
C LEU F 151 -13.93 24.30 8.73
N LYS F 152 -15.05 24.01 9.42
CA LYS F 152 -15.01 23.79 10.85
C LYS F 152 -14.21 22.56 11.25
N ASP F 153 -14.00 21.63 10.32
CA ASP F 153 -13.24 20.42 10.64
C ASP F 153 -11.75 20.71 10.76
N ILE F 154 -11.17 21.30 9.72
CA ILE F 154 -9.72 21.51 9.70
C ILE F 154 -9.32 22.75 10.51
N PHE F 155 -10.13 23.81 10.43
CA PHE F 155 -9.81 25.01 11.20
C PHE F 155 -10.08 24.83 12.69
N GLY F 156 -11.04 23.97 13.04
CA GLY F 156 -11.20 23.60 14.44
C GLY F 156 -10.02 22.83 14.96
N ALA F 157 -9.39 22.00 14.12
CA ALA F 157 -8.20 21.28 14.53
C ALA F 157 -7.03 22.24 14.71
N TYR F 158 -6.89 23.21 13.82
CA TYR F 158 -5.87 24.23 13.99
C TYR F 158 -6.09 25.03 15.27
N SER F 159 -7.33 25.46 15.51
CA SER F 159 -7.62 26.25 16.69
C SER F 159 -7.41 25.45 17.96
N MET F 160 -7.75 24.16 17.94
CA MET F 160 -7.51 23.32 19.11
C MET F 160 -6.02 23.11 19.33
N ASP F 161 -5.25 22.99 18.25
CA ASP F 161 -3.80 22.86 18.37
C ASP F 161 -3.17 24.12 18.91
N VAL F 162 -3.63 25.29 18.45
CA VAL F 162 -3.04 26.56 18.87
C VAL F 162 -3.26 26.78 20.37
N ILE F 163 -4.49 26.56 20.84
CA ILE F 163 -4.81 26.85 22.24
C ILE F 163 -4.09 25.88 23.17
N THR F 164 -3.97 24.62 22.77
CA THR F 164 -3.32 23.63 23.62
C THR F 164 -1.81 23.80 23.64
N GLY F 165 -1.22 24.11 22.48
CA GLY F 165 0.23 24.24 22.42
C GLY F 165 0.75 25.49 23.10
N THR F 166 0.06 26.61 22.93
CA THR F 166 0.54 27.86 23.51
C THR F 166 0.26 27.93 25.01
N SER F 167 -0.89 27.43 25.45
CA SER F 167 -1.26 27.56 26.85
C SER F 167 -0.64 26.48 27.73
N PHE F 168 -0.43 25.28 27.19
CA PHE F 168 0.07 24.17 27.98
C PHE F 168 1.43 23.65 27.53
N GLY F 169 1.97 24.15 26.42
CA GLY F 169 3.26 23.68 25.95
C GLY F 169 3.26 22.22 25.55
N VAL F 170 2.15 21.72 25.02
CA VAL F 170 2.01 20.32 24.63
C VAL F 170 1.33 20.28 23.27
N ASN F 171 1.97 19.62 22.30
CA ASN F 171 1.41 19.44 20.97
C ASN F 171 0.60 18.16 20.97
N ILE F 172 -0.73 18.29 20.90
CA ILE F 172 -1.61 17.12 20.88
C ILE F 172 -1.91 16.62 19.48
N ASP F 173 -1.37 17.28 18.45
CA ASP F 173 -1.55 16.86 17.06
C ASP F 173 -3.03 16.78 16.67
N SER F 174 -3.72 17.91 16.85
CA SER F 174 -5.14 17.94 16.53
C SER F 174 -5.37 18.00 15.02
N LEU F 175 -4.45 18.62 14.29
CA LEU F 175 -4.61 18.74 12.84
C LEU F 175 -4.48 17.40 12.14
N ASN F 176 -3.61 16.52 12.64
CA ASN F 176 -3.42 15.21 12.02
C ASN F 176 -4.03 14.12 12.90
N ASN F 177 -5.33 14.21 13.15
CA ASN F 177 -6.06 13.24 13.96
C ASN F 177 -7.56 13.41 13.70
N PRO F 178 -8.18 12.52 12.92
CA PRO F 178 -9.62 12.68 12.65
C PRO F 178 -10.49 12.45 13.87
N GLN F 179 -10.04 11.66 14.83
CA GLN F 179 -10.79 11.41 16.05
C GLN F 179 -10.04 11.99 17.25
N ASP F 180 -9.81 13.29 17.24
CA ASP F 180 -9.07 13.94 18.31
C ASP F 180 -9.91 13.93 19.59
N PRO F 181 -9.42 13.37 20.70
CA PRO F 181 -10.24 13.32 21.91
C PRO F 181 -10.52 14.69 22.50
N PHE F 182 -9.65 15.67 22.27
CA PHE F 182 -9.91 17.02 22.77
C PHE F 182 -11.05 17.68 22.01
N VAL F 183 -11.09 17.51 20.69
CA VAL F 183 -12.16 18.12 19.90
C VAL F 183 -13.50 17.44 20.16
N GLU F 184 -13.51 16.11 20.23
CA GLU F 184 -14.76 15.40 20.52
C GLU F 184 -15.33 15.82 21.86
N SER F 185 -14.46 16.03 22.86
CA SER F 185 -14.94 16.45 24.18
C SER F 185 -15.52 17.86 24.12
N THR F 186 -14.79 18.80 23.51
CA THR F 186 -15.20 20.20 23.54
C THR F 186 -16.47 20.44 22.72
N LYS F 187 -16.68 19.67 21.65
CA LYS F 187 -17.90 19.84 20.87
C LYS F 187 -19.15 19.55 21.68
N LYS F 188 -19.03 18.79 22.78
CA LYS F 188 -20.17 18.53 23.64
C LYS F 188 -20.68 19.79 24.32
N PHE F 189 -19.83 20.81 24.48
CA PHE F 189 -20.31 22.10 24.98
C PHE F 189 -21.26 22.78 24.01
N LEU F 190 -21.19 22.43 22.72
CA LEU F 190 -21.99 23.12 21.71
C LEU F 190 -23.41 22.59 21.64
N LYS F 191 -23.63 21.33 22.02
CA LYS F 191 -24.95 20.73 21.87
C LYS F 191 -25.95 21.29 22.87
N PHE F 192 -25.50 21.63 24.07
CA PHE F 192 -26.42 22.11 25.11
C PHE F 192 -26.95 23.49 24.76
N GLY F 193 -28.25 23.68 24.94
CA GLY F 193 -28.89 24.96 24.77
C GLY F 193 -30.12 25.08 25.64
N PHE F 194 -30.97 26.08 25.37
CA PHE F 194 -32.22 26.18 26.10
C PHE F 194 -33.16 25.04 25.70
N LEU F 195 -34.21 24.86 26.50
CA LEU F 195 -35.16 23.76 26.42
C LEU F 195 -34.55 22.43 26.85
N ASP F 196 -33.27 22.40 27.22
CA ASP F 196 -32.65 21.19 27.77
C ASP F 196 -33.21 20.91 29.16
N PRO F 197 -33.52 19.65 29.48
CA PRO F 197 -34.17 19.35 30.78
C PRO F 197 -33.48 19.95 31.99
N LEU F 198 -32.15 19.76 32.12
CA LEU F 198 -31.47 20.26 33.31
C LEU F 198 -31.30 21.78 33.29
N PHE F 199 -30.94 22.35 32.14
CA PHE F 199 -30.74 23.79 32.07
C PHE F 199 -32.07 24.54 32.20
N LEU F 200 -33.13 24.04 31.56
CA LEU F 200 -34.42 24.72 31.65
C LEU F 200 -34.98 24.68 33.07
N SER F 201 -34.71 23.62 33.83
CA SER F 201 -35.21 23.55 35.20
C SER F 201 -34.55 24.58 36.10
N ILE F 202 -33.31 24.98 35.78
CA ILE F 202 -32.64 26.02 36.53
C ILE F 202 -33.23 27.39 36.22
N ILE F 203 -33.62 27.62 34.96
CA ILE F 203 -34.21 28.89 34.56
C ILE F 203 -35.54 29.10 35.25
N LEU F 204 -36.39 28.07 35.24
CA LEU F 204 -37.72 28.19 35.82
C LEU F 204 -37.67 28.14 37.35
N PHE F 205 -36.89 27.21 37.91
CA PHE F 205 -36.78 27.00 39.35
C PHE F 205 -35.31 27.19 39.74
N PRO F 206 -34.85 28.43 39.89
CA PRO F 206 -33.43 28.65 40.21
C PRO F 206 -33.04 28.19 41.61
N PHE F 207 -34.01 27.98 42.50
CA PHE F 207 -33.73 27.48 43.84
C PHE F 207 -33.30 26.01 43.85
N LEU F 208 -33.48 25.28 42.74
CA LEU F 208 -33.00 23.91 42.65
C LEU F 208 -31.50 23.83 42.42
N THR F 209 -30.82 24.97 42.28
CA THR F 209 -29.36 24.95 42.08
C THR F 209 -28.61 24.30 43.24
N PRO F 210 -28.83 24.69 44.50
CA PRO F 210 -28.11 24.01 45.59
C PRO F 210 -28.45 22.53 45.71
N VAL F 211 -29.60 22.09 45.19
CA VAL F 211 -29.95 20.68 45.27
C VAL F 211 -29.05 19.84 44.36
N PHE F 212 -28.95 20.24 43.09
CA PHE F 212 -28.07 19.52 42.17
C PHE F 212 -26.61 19.65 42.58
N GLU F 213 -26.26 20.71 43.31
CA GLU F 213 -24.89 20.88 43.78
C GLU F 213 -24.54 19.84 44.84
N ALA F 214 -25.46 19.59 45.78
CA ALA F 214 -25.26 18.58 46.80
C ALA F 214 -25.35 17.16 46.26
N LEU F 215 -26.08 16.96 45.15
CA LEU F 215 -26.21 15.65 44.52
C LEU F 215 -25.16 15.42 43.43
N ASN F 216 -24.19 16.34 43.29
CA ASN F 216 -23.10 16.22 42.33
C ASN F 216 -23.58 16.26 40.89
N VAL F 217 -24.67 16.99 40.64
CA VAL F 217 -25.23 17.14 39.30
C VAL F 217 -24.78 18.48 38.73
N SER F 218 -24.39 18.49 37.46
CA SER F 218 -23.83 19.68 36.83
C SER F 218 -24.41 19.86 35.44
N LEU F 219 -24.45 21.11 34.98
CA LEU F 219 -24.90 21.43 33.62
C LEU F 219 -23.88 21.01 32.57
N PHE F 220 -22.64 20.79 32.96
CA PHE F 220 -21.56 20.46 32.04
C PHE F 220 -21.51 18.97 31.78
N PRO F 221 -20.95 18.56 30.64
CA PRO F 221 -20.73 17.12 30.39
C PRO F 221 -19.66 16.60 31.34
N LYS F 222 -20.04 15.61 32.16
CA LYS F 222 -19.10 15.05 33.12
C LYS F 222 -18.02 14.20 32.47
N ASP F 223 -18.26 13.73 31.24
CA ASP F 223 -17.20 13.01 30.51
C ASP F 223 -16.22 13.98 29.88
N THR F 224 -16.71 15.11 29.39
CA THR F 224 -15.83 16.13 28.82
C THR F 224 -14.93 16.73 29.89
N ILE F 225 -15.51 17.15 31.02
CA ILE F 225 -14.73 17.73 32.11
C ILE F 225 -13.70 16.73 32.62
N ASN F 226 -14.09 15.46 32.77
CA ASN F 226 -13.19 14.46 33.31
C ASN F 226 -11.95 14.30 32.43
N PHE F 227 -12.14 14.20 31.12
CA PHE F 227 -11.01 14.06 30.22
C PHE F 227 -10.12 15.31 30.25
N LEU F 228 -10.74 16.49 30.17
CA LEU F 228 -9.97 17.73 30.20
C LEU F 228 -9.21 17.86 31.51
N SER F 229 -9.86 17.57 32.64
CA SER F 229 -9.19 17.67 33.93
C SER F 229 -8.03 16.69 34.04
N LYS F 230 -8.23 15.46 33.55
CA LYS F 230 -7.15 14.48 33.57
C LYS F 230 -6.01 14.88 32.65
N SER F 231 -6.33 15.36 31.44
CA SER F 231 -5.28 15.73 30.50
C SER F 231 -4.49 16.94 30.99
N VAL F 232 -5.16 17.90 31.64
CA VAL F 232 -4.46 19.07 32.14
C VAL F 232 -3.47 18.69 33.23
N ASN F 233 -3.85 17.76 34.11
CA ASN F 233 -2.95 17.33 35.16
C ASN F 233 -1.76 16.55 34.62
N ARG F 234 -1.96 15.78 33.54
CA ARG F 234 -0.84 15.09 32.91
C ARG F 234 0.15 16.09 32.34
N MET F 235 -0.35 17.13 31.66
CA MET F 235 0.52 18.17 31.15
C MET F 235 1.13 18.98 32.28
N LYS F 236 0.47 19.01 33.44
CA LYS F 236 1.01 19.74 34.58
C LYS F 236 2.16 18.98 35.22
N LYS F 237 2.04 17.65 35.34
CA LYS F 237 3.08 16.87 35.99
C LYS F 237 4.29 16.62 35.09
N SER F 238 4.07 16.55 33.77
CA SER F 238 5.19 16.36 32.85
C SER F 238 6.14 17.56 32.87
N ARG F 239 5.58 18.78 32.95
CA ARG F 239 6.41 19.96 33.02
C ARG F 239 7.13 20.06 34.36
N LEU F 240 6.53 19.56 35.44
CA LEU F 240 7.15 19.63 36.75
C LEU F 240 8.44 18.81 36.82
N ASN F 241 8.51 17.71 36.08
CA ASN F 241 9.65 16.80 36.22
C ASN F 241 10.87 17.30 35.45
N ASP F 242 10.68 17.75 34.21
CA ASP F 242 11.79 18.14 33.36
C ASP F 242 12.20 19.58 33.64
N LYS F 243 13.51 19.78 33.86
CA LYS F 243 14.05 21.11 34.06
C LYS F 243 14.22 21.87 32.73
N GLN F 244 14.45 21.14 31.64
CA GLN F 244 14.62 21.75 30.33
C GLN F 244 13.29 22.10 29.67
N LYS F 245 12.21 21.42 30.04
CA LYS F 245 10.88 21.68 29.51
C LYS F 245 10.27 22.84 30.28
N HIS F 246 10.68 24.05 29.90
CA HIS F 246 10.24 25.26 30.59
C HIS F 246 9.89 26.34 29.58
N ARG F 247 8.72 26.96 29.78
CA ARG F 247 8.34 28.16 29.06
C ARG F 247 7.25 28.84 29.87
N LEU F 248 7.42 30.13 30.12
CA LEU F 248 6.42 30.88 30.89
C LEU F 248 5.14 31.05 30.08
N ASP F 249 4.26 30.05 30.17
CA ASP F 249 3.00 30.05 29.42
C ASP F 249 1.82 30.06 30.39
N PHE F 250 0.62 29.83 29.85
CA PHE F 250 -0.57 29.85 30.68
C PHE F 250 -0.56 28.76 31.73
N LEU F 251 0.05 27.61 31.42
CA LEU F 251 0.18 26.54 32.41
C LEU F 251 1.13 26.94 33.53
N GLN F 252 2.33 27.42 33.17
CA GLN F 252 3.31 27.78 34.19
C GLN F 252 2.82 28.95 35.04
N LEU F 253 1.97 29.82 34.48
CA LEU F 253 1.42 30.92 35.25
C LEU F 253 0.55 30.42 36.41
N MET F 254 -0.14 29.30 36.22
CA MET F 254 -0.94 28.71 37.29
C MET F 254 -0.16 27.76 38.18
N ILE F 255 0.93 27.17 37.68
CA ILE F 255 1.78 26.34 38.52
C ILE F 255 2.54 27.21 39.52
N ASP F 256 2.97 28.41 39.09
CA ASP F 256 3.57 29.35 40.03
C ASP F 256 2.55 29.89 41.03
N SER F 257 1.26 29.85 40.69
CA SER F 257 0.23 30.32 41.60
C SER F 257 0.01 29.41 42.80
N GLN F 258 0.60 28.20 42.80
CA GLN F 258 0.45 27.28 43.90
C GLN F 258 1.11 27.77 45.18
N ASN F 259 1.92 28.82 45.11
CA ASN F 259 2.61 29.38 46.26
C ASN F 259 1.97 30.71 46.64
N SER F 260 1.59 30.84 47.90
CA SER F 260 1.00 32.08 48.40
C SER F 260 1.19 32.22 49.91
N ALA F 268 -3.61 32.35 44.59
CA ALA F 268 -3.49 30.96 45.00
C ALA F 268 -4.51 30.09 44.28
N LEU F 269 -4.03 29.02 43.63
CA LEU F 269 -4.85 28.20 42.76
C LEU F 269 -4.70 26.74 43.17
N SER F 270 -5.83 26.06 43.34
CA SER F 270 -5.83 24.65 43.73
C SER F 270 -5.67 23.78 42.48
N ASP F 271 -5.76 22.46 42.65
CA ASP F 271 -5.73 21.58 41.48
C ASP F 271 -7.06 21.61 40.73
N LEU F 272 -8.17 21.77 41.44
CA LEU F 272 -9.46 21.92 40.78
C LEU F 272 -9.57 23.26 40.07
N GLU F 273 -9.11 24.33 40.73
CA GLU F 273 -9.20 25.66 40.13
C GLU F 273 -8.29 25.79 38.91
N LEU F 274 -7.14 25.13 38.93
CA LEU F 274 -6.23 25.17 37.78
C LEU F 274 -6.89 24.55 36.55
N ALA F 275 -7.50 23.37 36.72
CA ALA F 275 -8.24 22.75 35.64
C ALA F 275 -9.50 23.53 35.29
N ALA F 276 -10.02 24.32 36.22
CA ALA F 276 -11.23 25.12 35.94
C ALA F 276 -10.95 26.20 34.90
N GLN F 277 -9.75 26.80 34.95
CA GLN F 277 -9.42 27.82 33.98
C GLN F 277 -9.08 27.22 32.62
N SER F 278 -8.41 26.06 32.62
CA SER F 278 -8.01 25.43 31.36
C SER F 278 -9.22 25.06 30.51
N ILE F 279 -10.31 24.65 31.17
CA ILE F 279 -11.51 24.28 30.43
C ILE F 279 -12.07 25.49 29.68
N ILE F 280 -12.09 26.65 30.33
CA ILE F 280 -12.63 27.84 29.68
C ILE F 280 -11.73 28.27 28.53
N PHE F 281 -10.41 28.19 28.72
CA PHE F 281 -9.48 28.59 27.67
C PHE F 281 -9.55 27.63 26.48
N ILE F 282 -9.63 26.33 26.76
CA ILE F 282 -9.69 25.34 25.68
C ILE F 282 -10.96 25.53 24.85
N PHE F 283 -12.08 25.80 25.52
CA PHE F 283 -13.32 25.98 24.78
C PHE F 283 -13.33 27.28 24.00
N ALA F 284 -12.90 28.39 24.63
CA ALA F 284 -12.93 29.67 23.96
C ALA F 284 -11.91 29.73 22.83
N GLY F 285 -10.71 29.18 23.05
CA GLY F 285 -9.68 29.18 22.02
C GLY F 285 -10.00 28.30 20.84
N TYR F 286 -10.86 27.29 21.02
CA TYR F 286 -11.21 26.37 19.93
C TYR F 286 -12.47 26.78 19.19
N GLU F 287 -13.55 27.07 19.92
CA GLU F 287 -14.83 27.34 19.27
C GLU F 287 -14.86 28.71 18.60
N THR F 288 -14.52 29.77 19.34
CA THR F 288 -14.63 31.11 18.78
C THR F 288 -13.66 31.32 17.62
N THR F 289 -12.44 30.80 17.74
CA THR F 289 -11.43 31.01 16.71
C THR F 289 -11.85 30.38 15.38
N SER F 290 -12.17 29.09 15.40
CA SER F 290 -12.52 28.39 14.16
C SER F 290 -13.87 28.83 13.60
N SER F 291 -14.80 29.24 14.47
CA SER F 291 -16.11 29.68 14.00
C SER F 291 -15.99 31.00 13.25
N VAL F 292 -15.29 31.97 13.82
CA VAL F 292 -15.14 33.27 13.15
C VAL F 292 -14.24 33.14 11.92
N LEU F 293 -13.26 32.22 11.95
CA LEU F 293 -12.46 31.95 10.76
C LEU F 293 -13.33 31.39 9.64
N SER F 294 -14.22 30.44 9.96
CA SER F 294 -15.09 29.87 8.95
C SER F 294 -16.07 30.92 8.41
N PHE F 295 -16.59 31.79 9.29
CA PHE F 295 -17.48 32.85 8.85
C PHE F 295 -16.74 33.84 7.95
N THR F 296 -15.47 34.13 8.27
CA THR F 296 -14.71 35.08 7.46
C THR F 296 -14.47 34.54 6.05
N LEU F 297 -14.07 33.27 5.95
CA LEU F 297 -13.81 32.68 4.65
C LEU F 297 -15.09 32.47 3.86
N TYR F 298 -16.22 32.34 4.55
CA TYR F 298 -17.51 32.33 3.86
C TYR F 298 -17.79 33.69 3.22
N GLU F 299 -17.54 34.78 3.96
CA GLU F 299 -17.73 36.11 3.40
C GLU F 299 -16.71 36.42 2.32
N LEU F 300 -15.51 35.86 2.43
CA LEU F 300 -14.52 36.04 1.37
C LEU F 300 -14.89 35.25 0.13
N ALA F 301 -15.52 34.08 0.30
CA ALA F 301 -15.95 33.29 -0.85
C ALA F 301 -17.15 33.92 -1.55
N THR F 302 -18.06 34.51 -0.77
CA THR F 302 -19.24 35.17 -1.35
C THR F 302 -18.95 36.59 -1.82
N HIS F 303 -17.83 37.18 -1.39
CA HIS F 303 -17.39 38.49 -1.86
C HIS F 303 -15.99 38.33 -2.43
N PRO F 304 -15.88 37.82 -3.67
CA PRO F 304 -14.53 37.63 -4.25
C PRO F 304 -13.78 38.92 -4.50
N ASP F 305 -14.47 40.05 -4.66
CA ASP F 305 -13.77 41.33 -4.83
C ASP F 305 -13.08 41.76 -3.54
N VAL F 306 -13.65 41.40 -2.39
CA VAL F 306 -13.00 41.68 -1.10
C VAL F 306 -11.86 40.69 -0.86
N GLN F 307 -12.09 39.40 -1.15
CA GLN F 307 -11.04 38.41 -1.01
C GLN F 307 -9.83 38.75 -1.87
N GLN F 308 -10.06 39.33 -3.05
CA GLN F 308 -8.95 39.71 -3.91
C GLN F 308 -8.21 40.92 -3.35
N LYS F 309 -8.96 41.88 -2.78
CA LYS F 309 -8.33 43.07 -2.20
C LYS F 309 -7.49 42.74 -0.97
N LEU F 310 -7.86 41.68 -0.23
CA LEU F 310 -7.05 41.25 0.90
C LEU F 310 -5.81 40.48 0.47
N GLN F 311 -5.91 39.68 -0.61
CA GLN F 311 -4.73 39.01 -1.13
C GLN F 311 -3.72 40.01 -1.68
N LYS F 312 -4.19 41.14 -2.22
CA LYS F 312 -3.28 42.16 -2.73
C LYS F 312 -2.53 42.86 -1.60
N GLU F 313 -3.17 43.03 -0.43
CA GLU F 313 -2.48 43.64 0.70
C GLU F 313 -1.46 42.68 1.30
N ILE F 314 -1.81 41.39 1.39
CA ILE F 314 -0.89 40.40 1.95
C ILE F 314 0.35 40.24 1.09
N ASP F 315 0.16 40.16 -0.23
CA ASP F 315 1.28 40.04 -1.15
C ASP F 315 2.14 41.30 -1.20
N ALA F 316 1.65 42.42 -0.67
CA ALA F 316 2.43 43.65 -0.63
C ALA F 316 3.22 43.80 0.66
N VAL F 317 2.72 43.26 1.77
CA VAL F 317 3.43 43.33 3.05
C VAL F 317 4.39 42.17 3.22
N LEU F 318 4.02 40.97 2.76
CA LEU F 318 4.84 39.77 2.84
C LEU F 318 5.02 39.22 1.44
N PRO F 319 5.89 39.83 0.65
CA PRO F 319 6.04 39.38 -0.75
C PRO F 319 6.70 38.02 -0.85
N ASN F 320 6.37 37.31 -1.92
CA ASN F 320 6.96 36.00 -2.23
C ASN F 320 6.63 34.96 -1.16
N LYS F 321 5.43 35.05 -0.59
CA LYS F 321 4.96 34.10 0.42
C LYS F 321 5.90 34.03 1.62
N ALA F 322 6.36 35.18 2.09
CA ALA F 322 7.25 35.22 3.23
C ALA F 322 6.48 34.90 4.51
N PRO F 323 7.08 34.17 5.45
CA PRO F 323 6.37 33.84 6.70
C PRO F 323 6.06 35.10 7.48
N PRO F 324 4.89 35.18 8.09
CA PRO F 324 4.49 36.43 8.76
C PRO F 324 5.27 36.66 10.05
N THR F 325 5.25 37.92 10.48
CA THR F 325 5.83 38.34 11.75
C THR F 325 4.75 39.04 12.56
N TYR F 326 5.06 39.31 13.83
CA TYR F 326 4.11 40.02 14.67
C TYR F 326 3.89 41.44 14.18
N ASP F 327 4.98 42.12 13.79
CA ASP F 327 4.86 43.51 13.36
C ASP F 327 4.14 43.65 12.03
N ALA F 328 4.18 42.60 11.20
CA ALA F 328 3.51 42.66 9.90
C ALA F 328 2.02 42.40 10.00
N VAL F 329 1.59 41.61 11.00
CA VAL F 329 0.18 41.29 11.14
C VAL F 329 -0.62 42.51 11.58
N VAL F 330 -0.11 43.22 12.60
CA VAL F 330 -0.79 44.41 13.10
C VAL F 330 -0.68 45.59 12.14
N GLN F 331 0.16 45.49 11.10
CA GLN F 331 0.32 46.58 10.16
C GLN F 331 -0.74 46.55 9.05
N MET F 332 -1.24 45.36 8.71
CA MET F 332 -2.22 45.22 7.64
C MET F 332 -3.55 45.82 8.10
N GLU F 333 -3.90 46.98 7.52
CA GLU F 333 -5.15 47.64 7.91
C GLU F 333 -6.36 46.90 7.38
N TYR F 334 -6.30 46.42 6.13
CA TYR F 334 -7.47 45.78 5.53
C TYR F 334 -7.73 44.40 6.13
N LEU F 335 -6.67 43.67 6.51
CA LEU F 335 -6.86 42.41 7.21
C LEU F 335 -7.56 42.63 8.55
N ASP F 336 -7.26 43.75 9.22
CA ASP F 336 -7.99 44.12 10.43
C ASP F 336 -9.41 44.57 10.11
N MET F 337 -9.63 45.14 8.93
CA MET F 337 -10.98 45.56 8.55
C MET F 337 -11.86 44.36 8.21
N VAL F 338 -11.31 43.36 7.53
CA VAL F 338 -12.08 42.18 7.19
C VAL F 338 -12.54 41.45 8.45
N VAL F 339 -11.63 41.29 9.42
CA VAL F 339 -11.99 40.60 10.65
C VAL F 339 -13.01 41.40 11.45
N ASN F 340 -12.87 42.72 11.49
CA ASN F 340 -13.81 43.55 12.25
C ASN F 340 -15.22 43.45 11.69
N GLU F 341 -15.36 43.43 10.37
CA GLU F 341 -16.69 43.36 9.77
C GLU F 341 -17.31 41.98 9.98
N THR F 342 -16.50 40.93 9.92
CA THR F 342 -17.01 39.60 10.23
C THR F 342 -17.51 39.54 11.67
N LEU F 343 -16.81 40.22 12.59
CA LEU F 343 -17.23 40.25 13.99
C LEU F 343 -18.48 41.11 14.18
N ARG F 344 -18.66 42.15 13.37
CA ARG F 344 -19.90 42.91 13.43
C ARG F 344 -21.08 42.07 12.93
N LEU F 345 -20.85 41.29 11.87
CA LEU F 345 -21.90 40.41 11.38
C LEU F 345 -22.18 39.26 12.35
N PHE F 346 -21.13 38.71 12.96
CA PHE F 346 -21.25 37.48 13.74
C PHE F 346 -20.63 37.63 15.12
N PRO F 347 -21.29 38.37 16.03
CA PRO F 347 -20.86 38.34 17.43
C PRO F 347 -21.31 37.02 18.07
N VAL F 348 -20.40 36.05 18.12
CA VAL F 348 -20.75 34.71 18.59
C VAL F 348 -21.34 34.71 19.99
N ALA F 349 -20.99 35.69 20.81
CA ALA F 349 -21.69 35.94 22.07
C ALA F 349 -22.79 36.93 21.70
N ILE F 350 -24.03 36.45 21.70
CA ILE F 350 -25.15 37.24 21.18
C ILE F 350 -25.28 38.54 21.97
N ARG F 351 -25.18 38.47 23.29
CA ARG F 351 -25.46 39.59 24.16
C ARG F 351 -24.40 39.65 25.27
N LEU F 352 -24.28 40.82 25.88
CA LEU F 352 -23.50 41.00 27.09
C LEU F 352 -24.45 41.01 28.27
N GLU F 353 -24.13 40.25 29.31
CA GLU F 353 -25.03 40.05 30.45
C GLU F 353 -24.36 40.48 31.74
N ARG F 354 -25.12 41.22 32.56
CA ARG F 354 -24.68 41.65 33.87
C ARG F 354 -25.82 41.48 34.86
N THR F 355 -25.47 41.18 36.10
CA THR F 355 -26.42 40.94 37.17
C THR F 355 -26.30 42.03 38.21
N CYS F 356 -27.45 42.58 38.64
CA CYS F 356 -27.48 43.60 39.68
C CYS F 356 -27.14 42.98 41.02
N LYS F 357 -25.97 43.34 41.56
CA LYS F 357 -25.56 42.84 42.86
C LYS F 357 -26.46 43.36 43.99
N LYS F 358 -27.14 44.48 43.76
CA LYS F 358 -28.07 45.06 44.72
C LYS F 358 -29.09 45.90 43.96
N ASP F 359 -30.06 46.44 44.68
CA ASP F 359 -31.09 47.28 44.07
C ASP F 359 -30.44 48.52 43.45
N VAL F 360 -30.62 48.69 42.14
CA VAL F 360 -30.00 49.79 41.41
C VAL F 360 -31.06 50.47 40.56
N GLU F 361 -30.86 51.76 40.31
CA GLU F 361 -31.74 52.55 39.45
C GLU F 361 -30.87 53.09 38.31
N ILE F 362 -31.11 52.58 37.10
CA ILE F 362 -30.34 52.97 35.92
C ILE F 362 -31.27 53.57 34.88
N ASN F 363 -30.89 54.73 34.35
CA ASN F 363 -31.71 55.46 33.37
C ASN F 363 -33.10 55.74 33.91
N GLY F 364 -33.22 55.94 35.22
CA GLY F 364 -34.45 56.32 35.86
C GLY F 364 -35.37 55.19 36.28
N VAL F 365 -35.07 53.95 35.90
CA VAL F 365 -35.90 52.80 36.25
C VAL F 365 -35.26 52.03 37.38
N PHE F 366 -36.08 51.65 38.36
CA PHE F 366 -35.61 50.91 39.53
C PHE F 366 -35.62 49.42 39.22
N ILE F 367 -34.45 48.81 39.21
CA ILE F 367 -34.26 47.40 38.87
C ILE F 367 -33.88 46.65 40.15
N PRO F 368 -34.61 45.62 40.55
CA PRO F 368 -34.34 44.96 41.83
C PRO F 368 -33.08 44.11 41.79
N LYS F 369 -32.62 43.73 42.98
CA LYS F 369 -31.42 42.93 43.13
C LYS F 369 -31.63 41.54 42.54
N GLY F 370 -30.58 41.02 41.91
CA GLY F 370 -30.64 39.73 41.24
C GLY F 370 -31.10 39.79 39.81
N SER F 371 -31.63 40.93 39.36
CA SER F 371 -32.11 41.06 37.99
C SER F 371 -30.93 41.14 37.02
N MET F 372 -31.23 41.00 35.74
CA MET F 372 -30.22 40.96 34.69
C MET F 372 -30.35 42.18 33.79
N VAL F 373 -29.22 42.80 33.48
CA VAL F 373 -29.16 43.92 32.55
C VAL F 373 -28.36 43.46 31.33
N VAL F 374 -29.02 43.44 30.18
CA VAL F 374 -28.48 42.86 28.95
C VAL F 374 -28.16 43.97 27.96
N ILE F 375 -26.96 43.91 27.37
CA ILE F 375 -26.58 44.80 26.28
C ILE F 375 -26.65 44.00 24.98
N PRO F 376 -27.68 44.21 24.16
CA PRO F 376 -27.83 43.40 22.94
C PRO F 376 -26.74 43.68 21.92
N THR F 377 -25.67 42.87 21.98
CA THR F 377 -24.55 43.05 21.06
C THR F 377 -24.97 42.78 19.62
N TYR F 378 -25.57 41.61 19.37
CA TYR F 378 -25.99 41.26 18.03
C TYR F 378 -27.00 42.27 17.48
N ALA F 379 -27.99 42.65 18.29
CA ALA F 379 -29.01 43.59 17.82
C ALA F 379 -28.38 44.93 17.47
N LEU F 380 -27.53 45.46 18.35
CA LEU F 380 -26.88 46.74 18.07
C LEU F 380 -25.90 46.62 16.91
N HIS F 381 -25.36 45.43 16.66
CA HIS F 381 -24.47 45.25 15.53
C HIS F 381 -25.21 45.33 14.20
N HIS F 382 -26.48 44.95 14.18
CA HIS F 382 -27.27 44.93 12.95
C HIS F 382 -28.28 46.06 12.88
N ASP F 383 -28.08 47.13 13.64
CA ASP F 383 -29.02 48.24 13.63
C ASP F 383 -28.78 49.11 12.40
N PRO F 384 -29.77 49.29 11.53
CA PRO F 384 -29.58 50.20 10.38
C PRO F 384 -29.38 51.65 10.78
N LYS F 385 -29.81 52.05 11.99
CA LYS F 385 -29.59 53.41 12.45
C LYS F 385 -28.15 53.69 12.85
N TYR F 386 -27.33 52.65 13.02
CA TYR F 386 -25.91 52.81 13.30
C TYR F 386 -25.00 52.36 12.16
N TRP F 387 -25.50 51.53 11.24
CA TRP F 387 -24.69 50.99 10.17
C TRP F 387 -25.45 51.11 8.85
N THR F 388 -24.75 51.49 7.79
CA THR F 388 -25.34 51.64 6.47
C THR F 388 -25.57 50.26 5.88
N GLU F 389 -26.84 49.85 5.79
CA GLU F 389 -27.23 48.53 5.30
C GLU F 389 -26.47 47.45 6.07
N PRO F 390 -26.86 47.19 7.32
CA PRO F 390 -26.01 46.37 8.21
C PRO F 390 -26.03 44.88 7.91
N GLU F 391 -26.75 44.42 6.90
CA GLU F 391 -26.80 43.00 6.58
C GLU F 391 -25.77 42.60 5.51
N GLU F 392 -25.02 43.54 4.97
CA GLU F 392 -24.07 43.28 3.90
C GLU F 392 -22.64 43.36 4.44
N PHE F 393 -21.74 42.64 3.77
CA PHE F 393 -20.34 42.54 4.18
C PHE F 393 -19.57 43.67 3.50
N ARG F 394 -19.33 44.76 4.23
CA ARG F 394 -18.61 45.93 3.73
C ARG F 394 -17.41 46.17 4.62
N PRO F 395 -16.26 45.54 4.33
CA PRO F 395 -15.06 45.78 5.15
C PRO F 395 -14.49 47.18 5.05
N GLU F 396 -14.96 48.01 4.11
CA GLU F 396 -14.44 49.36 3.97
C GLU F 396 -14.97 50.33 5.03
N ARG F 397 -16.02 49.95 5.76
CA ARG F 397 -16.63 50.83 6.75
C ARG F 397 -15.80 50.96 8.02
N PHE F 398 -14.78 50.12 8.22
CA PHE F 398 -13.90 50.19 9.39
C PHE F 398 -12.65 51.02 9.15
N SER F 399 -12.71 51.99 8.24
CA SER F 399 -11.56 52.85 7.96
C SER F 399 -11.50 54.01 8.96
N SER F 404 -14.78 57.61 13.61
CA SER F 404 -14.56 56.34 14.28
C SER F 404 -15.89 55.72 14.74
N ILE F 405 -15.80 54.62 15.48
CA ILE F 405 -16.95 53.81 15.84
C ILE F 405 -17.12 53.80 17.36
N ASP F 406 -18.38 53.86 17.80
CA ASP F 406 -18.67 53.89 19.23
C ASP F 406 -18.28 52.56 19.87
N PRO F 407 -17.46 52.56 20.92
CA PRO F 407 -17.12 51.30 21.59
C PRO F 407 -18.23 50.70 22.42
N TYR F 408 -19.37 51.39 22.58
CA TYR F 408 -20.49 50.87 23.33
C TYR F 408 -21.63 50.37 22.44
N ILE F 409 -21.48 50.48 21.13
CA ILE F 409 -22.41 49.90 20.18
C ILE F 409 -21.82 48.66 19.50
N TYR F 410 -20.54 48.72 19.15
CA TYR F 410 -19.82 47.61 18.51
C TYR F 410 -19.01 46.93 19.61
N THR F 411 -19.53 45.83 20.14
CA THR F 411 -18.94 45.15 21.30
C THR F 411 -18.80 43.65 21.03
N PRO F 412 -17.95 43.26 20.08
CA PRO F 412 -17.73 41.81 19.87
C PRO F 412 -17.00 41.16 21.04
N PHE F 413 -16.15 41.91 21.74
CA PHE F 413 -15.39 41.40 22.88
C PHE F 413 -15.80 42.01 24.21
N GLY F 414 -16.82 42.86 24.24
CA GLY F 414 -17.21 43.53 25.46
C GLY F 414 -16.26 44.67 25.80
N THR F 415 -16.65 45.51 26.77
CA THR F 415 -15.79 46.62 27.19
C THR F 415 -15.85 46.71 28.71
N GLY F 416 -14.75 47.17 29.30
CA GLY F 416 -14.68 47.32 30.75
C GLY F 416 -13.96 46.18 31.43
N PRO F 417 -14.03 46.15 32.76
CA PRO F 417 -13.30 45.12 33.52
C PRO F 417 -13.75 43.69 33.24
N ARG F 418 -14.91 43.48 32.61
CA ARG F 418 -15.41 42.15 32.31
C ARG F 418 -15.34 41.79 30.83
N ASN F 419 -14.51 42.51 30.06
CA ASN F 419 -14.44 42.27 28.63
C ASN F 419 -13.70 40.97 28.33
N CYS F 420 -13.46 40.69 27.02
CA CYS F 420 -12.79 39.46 26.60
C CYS F 420 -11.31 39.54 26.95
N ILE F 421 -10.87 38.65 27.85
CA ILE F 421 -9.47 38.62 28.24
C ILE F 421 -8.57 38.06 27.14
N GLY F 422 -9.12 37.32 26.18
CA GLY F 422 -8.31 36.76 25.12
C GLY F 422 -8.56 37.42 23.78
N MET F 423 -8.92 38.70 23.81
CA MET F 423 -9.26 39.41 22.58
C MET F 423 -8.06 39.49 21.64
N ARG F 424 -6.94 40.03 22.14
CA ARG F 424 -5.77 40.19 21.27
C ARG F 424 -5.17 38.85 20.87
N PHE F 425 -5.34 37.81 21.70
CA PHE F 425 -4.89 36.49 21.31
C PHE F 425 -5.71 35.94 20.15
N ALA F 426 -7.04 36.05 20.25
CA ALA F 426 -7.91 35.54 19.19
C ALA F 426 -7.74 36.34 17.90
N LEU F 427 -7.46 37.64 18.00
CA LEU F 427 -7.28 38.44 16.80
C LEU F 427 -6.00 38.06 16.05
N MET F 428 -4.96 37.65 16.76
CA MET F 428 -3.69 37.30 16.13
C MET F 428 -3.80 36.02 15.31
N ASN F 429 -3.99 34.88 15.99
CA ASN F 429 -3.98 33.59 15.30
C ASN F 429 -5.07 33.48 14.25
N MET F 430 -6.16 34.24 14.39
CA MET F 430 -7.12 34.34 13.29
C MET F 430 -6.51 35.04 12.09
N LYS F 431 -5.87 36.20 12.33
CA LYS F 431 -5.17 36.88 11.24
C LYS F 431 -4.02 36.04 10.71
N LEU F 432 -3.31 35.35 11.60
CA LEU F 432 -2.18 34.53 11.17
C LEU F 432 -2.63 33.41 10.25
N ALA F 433 -3.69 32.69 10.63
CA ALA F 433 -4.22 31.64 9.78
C ALA F 433 -4.79 32.21 8.49
N LEU F 434 -5.38 33.40 8.55
CA LEU F 434 -5.88 34.04 7.32
C LEU F 434 -4.73 34.39 6.38
N ILE F 435 -3.65 34.97 6.90
CA ILE F 435 -2.50 35.30 6.07
C ILE F 435 -1.93 34.04 5.42
N ARG F 436 -1.78 32.97 6.20
CA ARG F 436 -1.16 31.76 5.68
C ARG F 436 -2.00 31.11 4.60
N VAL F 437 -3.33 31.08 4.76
CA VAL F 437 -4.18 30.40 3.80
C VAL F 437 -4.57 31.27 2.61
N LEU F 438 -4.53 32.60 2.76
CA LEU F 438 -4.90 33.48 1.65
C LEU F 438 -3.75 33.73 0.66
N GLN F 439 -2.50 33.74 1.14
CA GLN F 439 -1.37 33.82 0.23
C GLN F 439 -1.04 32.48 -0.43
N ASN F 440 -1.77 31.42 -0.08
CA ASN F 440 -1.60 30.10 -0.67
C ASN F 440 -2.83 29.58 -1.39
N PHE F 441 -4.01 30.15 -1.16
CA PHE F 441 -5.24 29.58 -1.68
C PHE F 441 -6.23 30.69 -2.00
N SER F 442 -7.30 30.31 -2.72
CA SER F 442 -8.45 31.15 -2.97
C SER F 442 -9.71 30.34 -2.71
N PHE F 443 -10.69 30.97 -2.07
CA PHE F 443 -11.89 30.30 -1.60
C PHE F 443 -13.08 30.65 -2.48
N LYS F 444 -13.84 29.63 -2.87
CA LYS F 444 -14.98 29.76 -3.76
C LYS F 444 -16.18 29.02 -3.19
N PRO F 445 -17.39 29.46 -3.50
CA PRO F 445 -18.58 28.70 -3.13
C PRO F 445 -18.80 27.53 -4.10
N CYS F 446 -19.25 26.40 -3.55
CA CYS F 446 -19.51 25.23 -4.37
C CYS F 446 -20.98 24.82 -4.31
N LYS F 447 -21.27 23.55 -4.59
CA LYS F 447 -22.65 23.08 -4.59
C LYS F 447 -23.23 23.03 -3.18
N GLU F 448 -22.45 22.52 -2.22
CA GLU F 448 -22.90 22.43 -0.84
C GLU F 448 -22.94 23.78 -0.13
N THR F 449 -22.48 24.85 -0.78
CA THR F 449 -22.45 26.16 -0.13
C THR F 449 -23.87 26.66 0.11
N GLN F 450 -24.17 26.98 1.36
CA GLN F 450 -25.50 27.44 1.77
C GLN F 450 -25.57 28.95 1.60
N ILE F 451 -26.28 29.41 0.57
CA ILE F 451 -26.45 30.82 0.29
C ILE F 451 -27.95 31.11 0.17
N PRO F 452 -28.51 32.01 1.01
CA PRO F 452 -27.81 32.73 2.07
C PRO F 452 -27.61 31.86 3.31
N LEU F 453 -26.68 32.27 4.18
CA LEU F 453 -26.34 31.47 5.35
C LEU F 453 -27.40 31.62 6.43
N LYS F 454 -27.89 30.49 6.93
CA LYS F 454 -28.85 30.46 8.03
C LYS F 454 -28.12 30.18 9.34
N LEU F 455 -28.51 30.90 10.37
CA LEU F 455 -27.86 30.79 11.68
C LEU F 455 -28.63 29.82 12.56
N ASP F 456 -27.89 29.01 13.32
CA ASP F 456 -28.50 28.05 14.23
C ASP F 456 -29.10 28.76 15.43
N THR F 457 -30.04 28.08 16.09
CA THR F 457 -30.81 28.65 17.19
C THR F 457 -30.32 28.19 18.56
N GLN F 458 -29.12 27.62 18.65
CA GLN F 458 -28.63 27.02 19.88
C GLN F 458 -27.27 27.59 20.24
N GLY F 459 -27.14 28.03 21.50
CA GLY F 459 -25.86 28.42 22.06
C GLY F 459 -25.20 29.55 21.29
N LEU F 460 -23.87 29.45 21.17
CA LEU F 460 -23.11 30.45 20.45
C LEU F 460 -23.50 30.48 18.98
N LEU F 461 -23.11 31.56 18.30
CA LEU F 461 -23.48 31.75 16.91
C LEU F 461 -22.74 30.74 16.05
N GLN F 462 -23.49 29.86 15.38
CA GLN F 462 -22.94 28.82 14.53
C GLN F 462 -23.75 28.76 13.26
N PRO F 463 -23.17 28.26 12.17
CA PRO F 463 -23.96 28.05 10.96
C PRO F 463 -24.93 26.90 11.17
N GLU F 464 -26.13 27.05 10.61
CA GLU F 464 -27.14 26.00 10.73
C GLU F 464 -26.68 24.74 10.00
N LYS F 465 -26.12 24.88 8.80
CA LYS F 465 -25.47 23.81 8.07
C LYS F 465 -23.97 24.07 8.01
N PRO F 466 -23.15 23.02 8.11
CA PRO F 466 -21.69 23.22 8.12
C PRO F 466 -21.21 23.89 6.83
N ILE F 467 -20.44 24.96 7.01
CA ILE F 467 -19.92 25.72 5.87
C ILE F 467 -18.92 24.86 5.11
N VAL F 468 -19.16 24.67 3.81
CA VAL F 468 -18.29 23.87 2.96
C VAL F 468 -17.94 24.71 1.74
N LEU F 469 -16.65 24.87 1.48
CA LEU F 469 -16.16 25.66 0.37
C LEU F 469 -15.15 24.86 -0.44
N LYS F 470 -14.92 25.30 -1.68
CA LYS F 470 -13.92 24.70 -2.55
C LYS F 470 -12.69 25.60 -2.58
N VAL F 471 -11.52 25.01 -2.34
CA VAL F 471 -10.27 25.73 -2.19
C VAL F 471 -9.31 25.32 -3.29
N ASP F 472 -8.69 26.30 -3.94
CA ASP F 472 -7.75 26.07 -5.03
C ASP F 472 -6.46 26.83 -4.75
N SER F 473 -5.38 26.37 -5.40
CA SER F 473 -4.06 26.96 -5.18
C SER F 473 -4.01 28.39 -5.71
N ARG F 474 -2.87 29.03 -5.50
CA ARG F 474 -2.62 30.42 -5.88
C ARG F 474 -3.61 31.39 -5.25
N THR G 6 22.05 19.47 -20.21
CA THR G 6 21.66 18.89 -18.92
C THR G 6 20.65 19.76 -18.17
N ARG G 7 19.84 20.50 -18.92
CA ARG G 7 18.86 21.38 -18.29
C ARG G 7 17.79 20.59 -17.54
N THR G 8 17.35 19.47 -18.12
CA THR G 8 16.27 18.66 -17.55
C THR G 8 16.72 17.27 -17.14
N HIS G 9 18.02 16.97 -17.23
CA HIS G 9 18.54 15.63 -17.01
C HIS G 9 18.44 15.15 -15.57
N GLY G 10 18.00 16.00 -14.64
CA GLY G 10 17.71 15.59 -13.29
C GLY G 10 16.24 15.45 -12.97
N LEU G 11 15.36 15.49 -13.97
CA LEU G 11 13.93 15.50 -13.68
C LEU G 11 13.42 14.12 -13.27
N PHE G 12 13.90 13.07 -13.95
CA PHE G 12 13.44 11.73 -13.62
C PHE G 12 14.04 11.22 -12.32
N LYS G 13 15.27 11.63 -11.99
CA LYS G 13 15.86 11.22 -10.72
C LYS G 13 15.12 11.85 -9.55
N ARG G 14 14.70 13.11 -9.69
CA ARG G 14 13.99 13.79 -8.62
C ARG G 14 12.62 13.17 -8.38
N LEU G 15 11.93 12.77 -9.46
CA LEU G 15 10.63 12.13 -9.33
C LEU G 15 10.73 10.68 -8.85
N GLY G 16 11.90 10.07 -8.92
CA GLY G 16 12.06 8.67 -8.58
C GLY G 16 11.80 7.70 -9.70
N ILE G 17 11.69 8.19 -10.93
CA ILE G 17 11.38 7.32 -12.07
C ILE G 17 12.67 6.67 -12.56
N PRO G 18 12.70 5.36 -12.75
CA PRO G 18 13.91 4.70 -13.26
C PRO G 18 14.19 5.11 -14.70
N GLY G 19 15.35 4.68 -15.18
CA GLY G 19 15.72 4.89 -16.56
C GLY G 19 17.21 5.04 -16.75
N PRO G 20 17.67 4.87 -17.99
CA PRO G 20 19.11 5.01 -18.27
C PRO G 20 19.56 6.44 -18.06
N THR G 21 20.68 6.61 -17.36
CA THR G 21 21.22 7.93 -17.11
C THR G 21 21.60 8.60 -18.43
N PRO G 22 21.18 9.83 -18.67
CA PRO G 22 21.40 10.45 -19.97
C PRO G 22 22.79 11.06 -20.12
N LEU G 23 23.32 10.96 -21.34
CA LEU G 23 24.53 11.66 -21.68
C LEU G 23 24.28 13.16 -21.70
N PRO G 24 25.31 13.97 -21.40
CA PRO G 24 25.06 15.40 -21.14
C PRO G 24 24.38 16.16 -22.27
N LEU G 25 24.76 15.92 -23.52
CA LEU G 25 24.18 16.69 -24.62
C LEU G 25 23.16 15.91 -25.42
N LEU G 26 23.32 14.59 -25.50
CA LEU G 26 22.52 13.77 -26.40
C LEU G 26 21.37 13.05 -25.71
N GLY G 27 21.40 12.91 -24.38
CA GLY G 27 20.40 12.10 -23.72
C GLY G 27 20.66 10.62 -23.99
N ASN G 28 19.64 9.91 -24.42
CA ASN G 28 19.73 8.47 -24.66
C ASN G 28 19.61 8.10 -26.13
N VAL G 29 19.66 9.08 -27.04
CA VAL G 29 19.39 8.81 -28.45
C VAL G 29 20.44 7.91 -29.08
N LEU G 30 21.62 7.77 -28.48
CA LEU G 30 22.60 6.82 -29.01
C LEU G 30 22.06 5.41 -28.95
N SER G 31 21.34 5.08 -27.87
CA SER G 31 20.76 3.74 -27.71
C SER G 31 19.74 3.41 -28.79
N TYR G 32 19.29 4.40 -29.56
CA TYR G 32 18.40 4.13 -30.68
C TYR G 32 19.13 3.45 -31.85
N ARG G 33 20.46 3.39 -31.82
CA ARG G 33 21.20 2.76 -32.90
C ARG G 33 20.90 1.26 -32.98
N GLN G 34 20.58 0.63 -31.85
CA GLN G 34 20.22 -0.78 -31.82
C GLN G 34 18.85 -1.03 -32.42
N GLY G 35 18.02 -0.01 -32.55
CA GLY G 35 16.66 -0.13 -33.06
C GLY G 35 15.74 0.36 -31.97
N LEU G 36 14.75 1.17 -32.34
CA LEU G 36 13.81 1.69 -31.37
C LEU G 36 13.00 0.59 -30.71
N TRP G 37 12.77 -0.51 -31.43
CA TRP G 37 12.06 -1.65 -30.85
C TRP G 37 12.92 -2.34 -29.79
N LYS G 38 14.21 -2.50 -30.05
CA LYS G 38 15.09 -3.16 -29.08
C LYS G 38 15.27 -2.29 -27.84
N PHE G 39 15.45 -0.99 -28.02
CA PHE G 39 15.65 -0.10 -26.87
C PHE G 39 14.43 -0.06 -25.97
N ASP G 40 13.23 -0.05 -26.55
CA ASP G 40 12.01 -0.05 -25.74
C ASP G 40 11.83 -1.38 -25.01
N THR G 41 12.25 -2.48 -25.62
CA THR G 41 12.15 -3.77 -24.94
C THR G 41 13.14 -3.88 -23.79
N GLU G 42 14.39 -3.47 -24.02
CA GLU G 42 15.40 -3.52 -22.96
C GLU G 42 14.96 -2.69 -21.75
N CYS G 43 14.43 -1.49 -22.00
CA CYS G 43 14.01 -0.64 -20.89
C CYS G 43 12.78 -1.19 -20.18
N TYR G 44 11.88 -1.84 -20.91
CA TYR G 44 10.72 -2.45 -20.26
C TYR G 44 11.12 -3.66 -19.43
N LYS G 45 12.20 -4.35 -19.81
CA LYS G 45 12.66 -5.49 -19.04
C LYS G 45 13.53 -5.07 -17.86
N LYS G 46 14.38 -4.05 -18.05
CA LYS G 46 15.27 -3.62 -16.98
C LYS G 46 14.55 -2.76 -15.96
N TYR G 47 13.59 -1.95 -16.38
CA TYR G 47 12.84 -1.09 -15.48
C TYR G 47 11.39 -1.55 -15.43
N GLY G 48 10.63 -0.97 -14.49
CA GLY G 48 9.30 -1.48 -14.20
C GLY G 48 8.21 -1.12 -15.20
N LYS G 49 7.03 -0.80 -14.69
CA LYS G 49 5.93 -0.36 -15.53
C LYS G 49 6.15 1.03 -16.11
N MET G 50 7.10 1.79 -15.57
CA MET G 50 7.39 3.13 -16.04
C MET G 50 8.90 3.33 -16.08
N TRP G 51 9.36 4.08 -17.07
CA TRP G 51 10.77 4.46 -17.15
C TRP G 51 10.89 5.77 -17.90
N GLY G 52 12.00 6.47 -17.65
CA GLY G 52 12.22 7.77 -18.24
C GLY G 52 13.52 7.86 -19.04
N THR G 53 13.43 8.41 -20.24
CA THR G 53 14.57 8.65 -21.11
C THR G 53 14.57 10.10 -21.54
N TYR G 54 15.61 10.51 -22.25
CA TYR G 54 15.74 11.87 -22.76
C TYR G 54 16.17 11.81 -24.21
N GLU G 55 15.53 12.60 -25.05
CA GLU G 55 15.97 12.82 -26.43
C GLU G 55 16.60 14.20 -26.47
N GLY G 56 17.93 14.24 -26.43
CA GLY G 56 18.62 15.48 -26.18
C GLY G 56 18.29 15.94 -24.78
N GLN G 57 17.42 16.94 -24.66
CA GLN G 57 16.99 17.44 -23.36
C GLN G 57 15.48 17.35 -23.17
N LEU G 58 14.78 16.62 -24.06
CA LEU G 58 13.34 16.45 -23.96
C LEU G 58 13.04 15.21 -23.11
N PRO G 59 12.31 15.36 -22.01
CA PRO G 59 11.99 14.18 -21.20
C PRO G 59 10.95 13.30 -21.88
N VAL G 60 11.16 12.00 -21.80
CA VAL G 60 10.30 11.01 -22.44
C VAL G 60 9.93 9.97 -21.38
N LEU G 61 8.64 9.89 -21.06
CA LEU G 61 8.14 8.93 -20.08
C LEU G 61 7.38 7.83 -20.81
N ALA G 62 7.69 6.58 -20.50
CA ALA G 62 7.05 5.42 -21.10
C ALA G 62 6.16 4.74 -20.07
N ILE G 63 4.94 4.38 -20.48
CA ILE G 63 3.95 3.80 -19.59
C ILE G 63 3.50 2.46 -20.16
N THR G 64 3.26 1.49 -19.26
CA THR G 64 2.76 0.18 -19.66
C THR G 64 1.52 -0.28 -18.89
N ASP G 65 1.11 0.43 -17.85
CA ASP G 65 -0.11 0.11 -17.13
C ASP G 65 -1.29 0.41 -18.04
N PRO G 66 -2.12 -0.59 -18.39
CA PRO G 66 -3.25 -0.32 -19.30
C PRO G 66 -4.19 0.78 -18.82
N ASP G 67 -4.35 0.95 -17.51
CA ASP G 67 -5.20 2.03 -17.01
C ASP G 67 -4.58 3.39 -17.30
N VAL G 68 -3.27 3.53 -17.07
CA VAL G 68 -2.60 4.79 -17.40
C VAL G 68 -2.61 5.02 -18.91
N ILE G 69 -2.48 3.95 -19.69
CA ILE G 69 -2.54 4.07 -21.15
C ILE G 69 -3.89 4.61 -21.59
N ARG G 70 -4.98 4.13 -20.97
CA ARG G 70 -6.31 4.60 -21.33
C ARG G 70 -6.46 6.09 -21.05
N THR G 71 -5.86 6.56 -19.96
CA THR G 71 -5.97 7.98 -19.62
C THR G 71 -5.25 8.85 -20.65
N VAL G 72 -4.14 8.37 -21.18
CA VAL G 72 -3.34 9.16 -22.11
C VAL G 72 -3.92 9.11 -23.52
N LEU G 73 -4.39 7.94 -23.95
CA LEU G 73 -4.83 7.77 -25.33
C LEU G 73 -6.29 8.12 -25.55
N VAL G 74 -7.13 7.98 -24.53
CA VAL G 74 -8.58 8.13 -24.71
C VAL G 74 -9.15 9.21 -23.83
N LYS G 75 -9.08 9.01 -22.50
CA LYS G 75 -9.79 9.89 -21.58
C LYS G 75 -9.33 11.34 -21.72
N GLU G 76 -8.03 11.59 -21.55
CA GLU G 76 -7.49 12.93 -21.61
C GLU G 76 -6.78 13.22 -22.93
N CYS G 77 -7.31 12.67 -24.03
CA CYS G 77 -6.73 12.94 -25.34
C CYS G 77 -6.90 14.39 -25.74
N TYR G 78 -8.10 14.93 -25.57
CA TYR G 78 -8.34 16.34 -25.88
C TYR G 78 -7.89 17.26 -24.75
N SER G 79 -7.71 16.73 -23.54
CA SER G 79 -7.32 17.56 -22.41
C SER G 79 -5.83 17.88 -22.43
N VAL G 80 -4.99 16.85 -22.58
CA VAL G 80 -3.54 17.00 -22.43
C VAL G 80 -2.80 16.46 -23.64
N PHE G 81 -3.06 15.20 -23.99
CA PHE G 81 -2.25 14.49 -24.98
C PHE G 81 -2.93 14.52 -26.36
N THR G 82 -3.07 15.74 -26.89
CA THR G 82 -3.70 15.92 -28.19
C THR G 82 -2.70 15.75 -29.33
N ASN G 83 -1.50 16.29 -29.16
CA ASN G 83 -0.49 16.24 -30.20
C ASN G 83 0.34 14.96 -30.07
N ARG G 84 1.02 14.62 -31.16
CA ARG G 84 1.85 13.42 -31.17
C ARG G 84 3.30 13.78 -30.85
N ARG G 85 4.04 14.24 -31.86
CA ARG G 85 5.47 14.48 -31.71
C ARG G 85 5.79 15.78 -32.42
N SER G 86 6.21 16.79 -31.67
CA SER G 86 6.67 18.04 -32.27
C SER G 86 7.95 17.77 -33.03
N LEU G 87 7.93 18.03 -34.33
CA LEU G 87 9.06 17.74 -35.20
C LEU G 87 9.62 19.03 -35.77
N GLY G 88 10.86 18.96 -36.24
CA GLY G 88 11.60 20.12 -36.65
C GLY G 88 11.13 20.74 -37.95
N PRO G 89 12.06 21.28 -38.72
CA PRO G 89 11.69 21.99 -39.96
C PRO G 89 11.13 21.00 -40.99
N VAL G 90 9.88 21.22 -41.39
CA VAL G 90 9.20 20.35 -42.34
C VAL G 90 8.48 21.17 -43.40
N GLY G 91 8.39 22.48 -43.20
CA GLY G 91 7.82 23.30 -44.24
C GLY G 91 6.31 23.20 -44.21
N PHE G 92 5.70 23.11 -45.40
CA PHE G 92 4.25 23.04 -45.49
C PHE G 92 3.69 21.72 -44.98
N MET G 93 4.55 20.71 -44.78
CA MET G 93 4.09 19.43 -44.25
C MET G 93 3.61 19.52 -42.81
N LYS G 94 3.64 20.71 -42.19
CA LYS G 94 3.13 20.85 -40.83
C LYS G 94 1.64 20.57 -40.77
N SER G 95 0.91 20.88 -41.83
CA SER G 95 -0.54 20.69 -41.86
C SER G 95 -0.93 19.25 -42.18
N ALA G 96 0.02 18.34 -42.34
CA ALA G 96 -0.32 16.93 -42.52
C ALA G 96 -1.02 16.40 -41.28
N ILE G 97 -2.01 15.53 -41.49
CA ILE G 97 -2.88 15.11 -40.41
C ILE G 97 -2.07 14.44 -39.29
N SER G 98 -1.06 13.66 -39.65
CA SER G 98 -0.24 13.01 -38.64
C SER G 98 0.66 14.00 -37.89
N LEU G 99 0.87 15.19 -38.46
CA LEU G 99 1.72 16.20 -37.85
C LEU G 99 0.95 17.41 -37.34
N ALA G 100 -0.30 17.59 -37.75
CA ALA G 100 -1.09 18.73 -37.29
C ALA G 100 -1.29 18.66 -35.79
N GLU G 101 -1.66 19.80 -35.20
CA GLU G 101 -1.78 19.93 -33.76
C GLU G 101 -3.07 20.64 -33.40
N ASP G 102 -3.59 20.31 -32.21
CA ASP G 102 -4.65 21.08 -31.52
C ASP G 102 -5.87 21.23 -32.44
N GLU G 103 -6.41 22.43 -32.60
CA GLU G 103 -7.61 22.61 -33.41
C GLU G 103 -7.31 22.40 -34.89
N GLU G 104 -6.07 22.63 -35.30
CA GLU G 104 -5.70 22.34 -36.68
C GLU G 104 -5.81 20.85 -36.97
N TRP G 105 -5.46 20.01 -35.99
CA TRP G 105 -5.62 18.58 -36.17
C TRP G 105 -7.09 18.17 -36.19
N LYS G 106 -7.90 18.73 -35.28
CA LYS G 106 -9.30 18.33 -35.21
C LYS G 106 -10.02 18.59 -36.52
N ARG G 107 -9.78 19.76 -37.13
CA ARG G 107 -10.48 20.10 -38.37
C ARG G 107 -10.06 19.18 -39.50
N ILE G 108 -8.75 18.93 -39.65
CA ILE G 108 -8.28 18.03 -40.69
C ILE G 108 -8.76 16.61 -40.44
N ARG G 109 -8.79 16.19 -39.17
CA ARG G 109 -9.31 14.87 -38.85
C ARG G 109 -10.79 14.74 -39.21
N SER G 110 -11.56 15.81 -38.98
CA SER G 110 -12.98 15.79 -39.33
C SER G 110 -13.18 15.79 -40.84
N LEU G 111 -12.36 16.53 -41.57
CA LEU G 111 -12.49 16.57 -43.01
C LEU G 111 -12.11 15.23 -43.64
N LEU G 112 -11.10 14.56 -43.09
CA LEU G 112 -10.58 13.33 -43.68
C LEU G 112 -11.28 12.07 -43.19
N SER G 113 -11.89 12.11 -42.01
CA SER G 113 -12.53 10.92 -41.46
C SER G 113 -13.61 10.31 -42.37
N PRO G 114 -14.45 11.06 -43.07
CA PRO G 114 -15.44 10.41 -43.95
C PRO G 114 -14.83 9.54 -45.02
N THR G 115 -13.54 9.68 -45.32
CA THR G 115 -12.91 8.90 -46.38
C THR G 115 -13.06 7.41 -46.14
N PHE G 116 -13.08 6.98 -44.87
CA PHE G 116 -13.07 5.57 -44.55
C PHE G 116 -14.28 5.15 -43.71
N THR G 117 -15.48 5.53 -44.17
CA THR G 117 -16.72 5.04 -43.58
C THR G 117 -17.03 3.65 -44.12
N SER G 118 -18.04 3.01 -43.53
CA SER G 118 -18.43 1.66 -43.94
C SER G 118 -18.82 1.62 -45.41
N GLY G 119 -19.65 2.57 -45.85
CA GLY G 119 -20.09 2.57 -47.24
C GLY G 119 -18.98 2.87 -48.22
N LYS G 120 -18.10 3.82 -47.86
CA LYS G 120 -17.00 4.16 -48.77
C LYS G 120 -15.97 3.04 -48.85
N LEU G 121 -15.80 2.28 -47.76
CA LEU G 121 -14.96 1.10 -47.83
C LEU G 121 -15.53 0.07 -48.80
N LYS G 122 -16.85 -0.15 -48.74
CA LYS G 122 -17.49 -1.11 -49.65
C LYS G 122 -17.42 -0.65 -51.10
N GLU G 123 -17.46 0.66 -51.34
CA GLU G 123 -17.49 1.14 -52.72
C GLU G 123 -16.13 1.02 -53.40
N MET G 124 -15.04 1.09 -52.64
CA MET G 124 -13.71 0.92 -53.22
C MET G 124 -13.26 -0.54 -53.22
N PHE G 125 -14.03 -1.44 -52.61
CA PHE G 125 -13.75 -2.87 -52.70
C PHE G 125 -13.57 -3.35 -54.13
N PRO G 126 -14.40 -2.98 -55.11
CA PRO G 126 -14.12 -3.40 -56.49
C PRO G 126 -12.83 -2.84 -57.04
N ILE G 127 -12.44 -1.63 -56.62
CA ILE G 127 -11.18 -1.05 -57.08
C ILE G 127 -10.01 -1.87 -56.55
N ILE G 128 -10.05 -2.26 -55.28
CA ILE G 128 -8.97 -3.05 -54.71
C ILE G 128 -8.91 -4.42 -55.36
N ALA G 129 -10.07 -5.00 -55.66
CA ALA G 129 -10.11 -6.33 -56.26
C ALA G 129 -9.56 -6.31 -57.68
N GLN G 130 -9.78 -5.22 -58.42
CA GLN G 130 -9.23 -5.12 -59.77
C GLN G 130 -7.71 -5.20 -59.76
N TYR G 131 -7.07 -4.54 -58.78
CA TYR G 131 -5.61 -4.64 -58.65
C TYR G 131 -5.18 -6.03 -58.17
N GLY G 132 -6.09 -6.81 -57.59
CA GLY G 132 -5.73 -8.15 -57.17
C GLY G 132 -5.47 -9.09 -58.33
N ASP G 133 -6.26 -8.96 -59.41
CA ASP G 133 -6.02 -9.78 -60.59
C ASP G 133 -4.67 -9.46 -61.22
N VAL G 134 -4.32 -8.17 -61.28
CA VAL G 134 -3.02 -7.79 -61.82
C VAL G 134 -1.89 -8.33 -60.94
N LEU G 135 -2.11 -8.42 -59.63
CA LEU G 135 -1.11 -8.97 -58.74
C LEU G 135 -0.88 -10.46 -59.01
N VAL G 136 -1.96 -11.21 -59.22
CA VAL G 136 -1.84 -12.65 -59.43
C VAL G 136 -1.09 -12.96 -60.72
N ARG G 137 -1.42 -12.25 -61.81
CA ARG G 137 -0.77 -12.51 -63.09
C ARG G 137 0.73 -12.21 -63.02
N ASN G 138 1.08 -11.06 -62.45
CA ASN G 138 2.50 -10.72 -62.30
C ASN G 138 3.18 -11.69 -61.35
N LEU G 139 2.49 -12.13 -60.30
CA LEU G 139 3.05 -13.12 -59.40
C LEU G 139 3.14 -14.49 -60.06
N ARG G 140 2.24 -14.77 -61.01
CA ARG G 140 2.27 -16.06 -61.70
C ARG G 140 3.51 -16.20 -62.56
N ARG G 141 3.89 -15.13 -63.27
CA ARG G 141 5.06 -15.18 -64.14
C ARG G 141 6.32 -15.51 -63.35
N GLU G 142 6.49 -14.89 -62.19
CA GLU G 142 7.66 -15.17 -61.36
C GLU G 142 7.63 -16.60 -60.84
N ALA G 143 6.44 -17.19 -60.69
CA ALA G 143 6.35 -18.56 -60.20
C ALA G 143 6.60 -19.57 -61.31
N GLU G 144 6.11 -19.29 -62.52
CA GLU G 144 6.35 -20.19 -63.64
C GLU G 144 7.80 -20.14 -64.10
N LYS G 145 8.47 -19.00 -63.94
CA LYS G 145 9.89 -18.92 -64.20
C LYS G 145 10.73 -19.67 -63.16
N GLY G 146 10.12 -20.15 -62.09
CA GLY G 146 10.85 -20.87 -61.05
C GLY G 146 11.79 -20.03 -60.22
N LYS G 147 11.78 -18.68 -60.40
CA LYS G 147 12.69 -17.80 -59.71
C LYS G 147 12.12 -17.40 -58.35
N PRO G 148 12.97 -17.22 -57.34
CA PRO G 148 12.51 -16.70 -56.07
C PRO G 148 11.98 -15.27 -56.22
N VAL G 149 11.10 -14.88 -55.32
CA VAL G 149 10.38 -13.62 -55.40
C VAL G 149 10.75 -12.75 -54.21
N THR G 150 11.22 -11.54 -54.49
CA THR G 150 11.40 -10.52 -53.46
C THR G 150 10.03 -9.92 -53.16
N LEU G 151 9.47 -10.28 -52.00
CA LEU G 151 8.08 -9.93 -51.71
C LEU G 151 7.86 -8.42 -51.70
N LYS G 152 8.85 -7.66 -51.23
CA LYS G 152 8.69 -6.21 -51.12
C LYS G 152 8.53 -5.55 -52.48
N ASP G 153 9.16 -6.12 -53.52
CA ASP G 153 9.14 -5.49 -54.84
C ASP G 153 7.75 -5.53 -55.46
N ILE G 154 7.10 -6.69 -55.42
CA ILE G 154 5.81 -6.84 -56.08
C ILE G 154 4.66 -6.38 -55.18
N PHE G 155 4.70 -6.71 -53.88
CA PHE G 155 3.65 -6.25 -52.98
C PHE G 155 3.72 -4.75 -52.74
N GLY G 156 4.92 -4.17 -52.83
CA GLY G 156 5.03 -2.72 -52.76
C GLY G 156 4.39 -2.05 -53.98
N ALA G 157 4.58 -2.64 -55.15
CA ALA G 157 3.93 -2.12 -56.35
C ALA G 157 2.42 -2.27 -56.23
N TYR G 158 1.94 -3.36 -55.64
CA TYR G 158 0.52 -3.54 -55.40
C TYR G 158 -0.01 -2.45 -54.47
N SER G 159 0.65 -2.26 -53.32
CA SER G 159 0.17 -1.30 -52.34
C SER G 159 0.15 0.12 -52.92
N MET G 160 1.17 0.46 -53.71
CA MET G 160 1.20 1.79 -54.33
C MET G 160 0.04 1.97 -55.30
N ASP G 161 -0.28 0.93 -56.09
CA ASP G 161 -1.38 1.03 -57.04
C ASP G 161 -2.73 1.14 -56.32
N VAL G 162 -2.88 0.42 -55.21
CA VAL G 162 -4.14 0.45 -54.47
C VAL G 162 -4.38 1.84 -53.87
N ILE G 163 -3.36 2.40 -53.22
CA ILE G 163 -3.55 3.69 -52.56
C ILE G 163 -3.81 4.80 -53.56
N THR G 164 -3.21 4.73 -54.74
CA THR G 164 -3.44 5.76 -55.76
C THR G 164 -4.81 5.59 -56.41
N GLY G 165 -5.22 4.36 -56.71
CA GLY G 165 -6.49 4.15 -57.38
C GLY G 165 -7.69 4.44 -56.52
N THR G 166 -7.59 4.20 -55.22
CA THR G 166 -8.71 4.44 -54.31
C THR G 166 -8.76 5.86 -53.78
N SER G 167 -7.64 6.59 -53.80
CA SER G 167 -7.60 7.94 -53.25
C SER G 167 -7.74 9.03 -54.29
N PHE G 168 -7.22 8.81 -55.50
CA PHE G 168 -7.24 9.81 -56.54
C PHE G 168 -7.98 9.37 -57.80
N GLY G 169 -8.44 8.13 -57.86
CA GLY G 169 -9.11 7.63 -59.05
C GLY G 169 -8.21 7.58 -60.27
N VAL G 170 -6.90 7.41 -60.07
CA VAL G 170 -5.92 7.37 -61.16
C VAL G 170 -5.18 6.05 -61.08
N ASN G 171 -4.97 5.42 -62.24
CA ASN G 171 -4.22 4.17 -62.33
C ASN G 171 -2.86 4.48 -62.92
N ILE G 172 -1.82 4.44 -62.07
CA ILE G 172 -0.46 4.65 -62.54
C ILE G 172 0.20 3.36 -63.02
N ASP G 173 -0.44 2.21 -62.83
CA ASP G 173 0.07 0.91 -63.28
C ASP G 173 1.48 0.65 -62.72
N SER G 174 1.59 0.74 -61.40
CA SER G 174 2.89 0.52 -60.75
C SER G 174 3.31 -0.94 -60.81
N LEU G 175 2.35 -1.87 -60.88
CA LEU G 175 2.70 -3.29 -60.97
C LEU G 175 3.42 -3.64 -62.26
N ASN G 176 3.25 -2.85 -63.32
CA ASN G 176 3.87 -3.12 -64.61
C ASN G 176 4.93 -2.08 -64.98
N ASN G 177 5.33 -1.24 -64.04
CA ASN G 177 6.38 -0.25 -64.27
C ASN G 177 7.55 -0.56 -63.38
N PRO G 178 8.64 -1.11 -63.91
CA PRO G 178 9.78 -1.47 -63.03
C PRO G 178 10.45 -0.26 -62.40
N GLN G 179 10.43 0.89 -63.06
CA GLN G 179 11.01 2.10 -62.51
C GLN G 179 9.93 3.15 -62.27
N ASP G 180 8.94 2.80 -61.47
CA ASP G 180 7.83 3.72 -61.20
C ASP G 180 8.34 4.91 -60.41
N PRO G 181 8.07 6.14 -60.86
CA PRO G 181 8.54 7.31 -60.11
C PRO G 181 7.86 7.45 -58.76
N PHE G 182 6.63 6.95 -58.60
CA PHE G 182 5.96 7.05 -57.31
C PHE G 182 6.65 6.19 -56.26
N VAL G 183 6.99 4.95 -56.61
CA VAL G 183 7.67 4.08 -55.66
C VAL G 183 9.08 4.59 -55.36
N GLU G 184 9.81 4.99 -56.41
CA GLU G 184 11.17 5.52 -56.20
C GLU G 184 11.15 6.74 -55.30
N SER G 185 10.19 7.64 -55.51
CA SER G 185 10.05 8.80 -54.63
C SER G 185 9.70 8.38 -53.21
N THR G 186 8.68 7.53 -53.06
CA THR G 186 8.16 7.23 -51.73
C THR G 186 9.15 6.43 -50.89
N LYS G 187 9.97 5.59 -51.51
CA LYS G 187 10.90 4.80 -50.71
C LYS G 187 12.08 5.61 -50.19
N LYS G 188 12.12 6.91 -50.46
CA LYS G 188 13.14 7.77 -49.87
C LYS G 188 12.80 8.17 -48.43
N PHE G 189 11.54 8.08 -48.04
CA PHE G 189 11.17 8.34 -46.65
C PHE G 189 11.78 7.33 -45.68
N LEU G 190 12.11 6.13 -46.14
CA LEU G 190 12.64 5.09 -45.27
C LEU G 190 14.14 5.21 -45.03
N LYS G 191 14.85 5.97 -45.87
CA LYS G 191 16.31 6.00 -45.79
C LYS G 191 16.80 6.73 -44.55
N PHE G 192 16.04 7.71 -44.05
CA PHE G 192 16.53 8.58 -42.99
C PHE G 192 16.68 7.81 -41.68
N GLY G 193 17.82 8.01 -41.01
CA GLY G 193 18.12 7.35 -39.76
C GLY G 193 18.22 8.33 -38.60
N PHE G 194 18.51 7.76 -37.42
CA PHE G 194 18.53 8.56 -36.19
C PHE G 194 19.80 9.38 -36.05
N LEU G 195 20.91 8.90 -36.59
CA LEU G 195 22.19 9.58 -36.48
C LEU G 195 22.47 10.52 -37.64
N ASP G 196 21.45 10.87 -38.43
CA ASP G 196 21.64 11.77 -39.54
C ASP G 196 21.92 13.18 -39.02
N PRO G 197 22.80 13.94 -39.68
CA PRO G 197 23.23 15.23 -39.10
C PRO G 197 22.10 16.23 -38.95
N LEU G 198 21.22 16.35 -39.94
CA LEU G 198 20.14 17.32 -39.85
C LEU G 198 19.16 16.94 -38.75
N PHE G 199 18.78 15.66 -38.69
CA PHE G 199 17.83 15.24 -37.67
C PHE G 199 18.46 15.27 -36.29
N LEU G 200 19.75 14.94 -36.19
CA LEU G 200 20.40 14.92 -34.90
C LEU G 200 20.48 16.32 -34.31
N SER G 201 20.79 17.32 -35.14
CA SER G 201 20.89 18.69 -34.65
C SER G 201 19.55 19.20 -34.16
N ILE G 202 18.44 18.70 -34.71
CA ILE G 202 17.12 19.11 -34.25
C ILE G 202 16.83 18.52 -32.87
N ILE G 203 17.29 17.30 -32.61
CA ILE G 203 17.09 16.69 -31.30
C ILE G 203 17.94 17.40 -30.26
N LEU G 204 19.21 17.65 -30.57
CA LEU G 204 20.11 18.27 -29.61
C LEU G 204 19.81 19.75 -29.44
N PHE G 205 19.48 20.44 -30.54
CA PHE G 205 19.28 21.89 -30.54
C PHE G 205 17.95 22.19 -31.19
N PRO G 206 16.84 21.98 -30.48
CA PRO G 206 15.53 22.19 -31.08
C PRO G 206 15.24 23.63 -31.46
N PHE G 207 16.02 24.59 -30.93
CA PHE G 207 15.86 25.99 -31.31
C PHE G 207 16.27 26.26 -32.76
N LEU G 208 16.98 25.33 -33.39
CA LEU G 208 17.28 25.46 -34.82
C LEU G 208 16.05 25.29 -35.70
N THR G 209 14.94 24.81 -35.16
CA THR G 209 13.75 24.56 -35.98
C THR G 209 13.24 25.81 -36.68
N PRO G 210 13.02 26.95 -36.00
CA PRO G 210 12.64 28.16 -36.75
C PRO G 210 13.74 28.66 -37.66
N VAL G 211 15.00 28.39 -37.34
CA VAL G 211 16.10 28.83 -38.18
C VAL G 211 16.07 28.12 -39.53
N PHE G 212 15.94 26.80 -39.52
CA PHE G 212 15.96 26.05 -40.76
C PHE G 212 14.73 26.34 -41.61
N GLU G 213 13.59 26.61 -40.98
CA GLU G 213 12.39 26.88 -41.77
C GLU G 213 12.45 28.23 -42.45
N ALA G 214 13.11 29.21 -41.82
CA ALA G 214 13.36 30.47 -42.49
C ALA G 214 14.25 30.28 -43.71
N LEU G 215 15.10 29.27 -43.70
CA LEU G 215 16.01 28.98 -44.80
C LEU G 215 15.40 28.00 -45.81
N ASN G 216 14.17 27.55 -45.57
CA ASN G 216 13.48 26.61 -46.46
C ASN G 216 14.16 25.23 -46.49
N VAL G 217 14.64 24.79 -45.33
CA VAL G 217 15.26 23.47 -45.20
C VAL G 217 14.26 22.56 -44.50
N SER G 218 14.15 21.32 -44.98
CA SER G 218 13.14 20.39 -44.47
C SER G 218 13.77 19.03 -44.21
N LEU G 219 13.32 18.38 -43.14
CA LEU G 219 13.73 17.01 -42.84
C LEU G 219 13.34 16.04 -43.95
N PHE G 220 12.33 16.36 -44.75
CA PHE G 220 11.81 15.46 -45.75
C PHE G 220 12.64 15.52 -47.03
N PRO G 221 12.60 14.46 -47.84
CA PRO G 221 13.32 14.50 -49.13
C PRO G 221 12.64 15.51 -50.05
N LYS G 222 13.41 16.53 -50.46
CA LYS G 222 12.82 17.62 -51.23
C LYS G 222 12.32 17.15 -52.59
N ASP G 223 13.09 16.30 -53.28
CA ASP G 223 12.66 15.82 -54.59
C ASP G 223 11.41 14.94 -54.48
N THR G 224 11.32 14.15 -53.40
CA THR G 224 10.12 13.35 -53.18
C THR G 224 8.92 14.24 -52.87
N ILE G 225 9.11 15.22 -52.00
CA ILE G 225 8.02 16.14 -51.65
C ILE G 225 7.57 16.93 -52.87
N ASN G 226 8.51 17.38 -53.70
CA ASN G 226 8.16 18.16 -54.88
C ASN G 226 7.45 17.32 -55.93
N PHE G 227 7.96 16.12 -56.20
CA PHE G 227 7.35 15.28 -57.24
C PHE G 227 5.93 14.87 -56.86
N LEU G 228 5.76 14.37 -55.63
CA LEU G 228 4.43 13.94 -55.21
C LEU G 228 3.44 15.10 -55.17
N SER G 229 3.90 16.28 -54.73
CA SER G 229 3.02 17.44 -54.69
C SER G 229 2.60 17.86 -56.10
N LYS G 230 3.57 17.97 -57.02
CA LYS G 230 3.26 18.33 -58.39
C LYS G 230 2.36 17.28 -59.04
N SER G 231 2.62 16.00 -58.78
CA SER G 231 1.80 14.94 -59.37
C SER G 231 0.37 15.03 -58.85
N VAL G 232 0.19 15.22 -57.54
CA VAL G 232 -1.14 15.33 -56.98
C VAL G 232 -1.86 16.55 -57.53
N ASN G 233 -1.11 17.64 -57.75
CA ASN G 233 -1.72 18.84 -58.33
C ASN G 233 -2.17 18.61 -59.77
N ARG G 234 -1.42 17.82 -60.54
CA ARG G 234 -1.85 17.49 -61.90
C ARG G 234 -3.15 16.69 -61.88
N MET G 235 -3.27 15.74 -60.95
CA MET G 235 -4.51 14.96 -60.86
C MET G 235 -5.69 15.83 -60.49
N LYS G 236 -5.46 16.83 -59.63
CA LYS G 236 -6.55 17.72 -59.22
C LYS G 236 -7.04 18.57 -60.38
N LYS G 237 -6.11 19.09 -61.20
CA LYS G 237 -6.52 19.86 -62.37
C LYS G 237 -7.24 18.98 -63.38
N SER G 238 -6.80 17.72 -63.53
CA SER G 238 -7.49 16.79 -64.41
C SER G 238 -8.87 16.44 -63.86
N ARG G 239 -9.03 16.45 -62.54
CA ARG G 239 -10.33 16.16 -61.94
C ARG G 239 -11.32 17.30 -62.17
N LEU G 240 -10.84 18.54 -62.20
CA LEU G 240 -11.73 19.69 -62.31
C LEU G 240 -12.15 19.97 -63.76
N ASN G 241 -11.37 19.53 -64.74
CA ASN G 241 -11.72 19.79 -66.13
C ASN G 241 -12.83 18.87 -66.63
N ASP G 242 -12.98 17.69 -66.03
CA ASP G 242 -14.03 16.75 -66.38
C ASP G 242 -15.10 16.75 -65.31
N LYS G 243 -16.37 16.77 -65.74
CA LYS G 243 -17.49 16.75 -64.82
C LYS G 243 -17.89 15.32 -64.49
N ARG G 247 -16.24 10.39 -58.84
CA ARG G 247 -16.18 9.52 -57.67
C ARG G 247 -15.89 10.36 -56.42
N LEU G 248 -16.61 10.08 -55.34
CA LEU G 248 -16.41 10.79 -54.07
C LEU G 248 -15.36 10.03 -53.26
N ASP G 249 -14.09 10.39 -53.49
CA ASP G 249 -12.98 9.68 -52.88
C ASP G 249 -12.14 10.60 -51.99
N PHE G 250 -10.90 10.19 -51.72
CA PHE G 250 -10.01 10.99 -50.90
C PHE G 250 -9.66 12.31 -51.58
N LEU G 251 -9.31 12.26 -52.87
CA LEU G 251 -8.93 13.49 -53.58
C LEU G 251 -10.11 14.45 -53.68
N GLN G 252 -11.29 13.94 -54.04
CA GLN G 252 -12.46 14.80 -54.19
C GLN G 252 -12.90 15.40 -52.86
N LEU G 253 -12.81 14.60 -51.79
CA LEU G 253 -13.22 15.09 -50.48
C LEU G 253 -12.40 16.31 -50.05
N MET G 254 -11.13 16.38 -50.47
CA MET G 254 -10.33 17.57 -50.22
C MET G 254 -10.62 18.67 -51.22
N ILE G 255 -11.03 18.31 -52.44
CA ILE G 255 -11.42 19.32 -53.42
C ILE G 255 -12.63 20.10 -52.92
N ASP G 256 -13.62 19.41 -52.37
CA ASP G 256 -14.82 20.08 -51.88
C ASP G 256 -14.50 21.05 -50.73
N SER G 257 -13.43 20.79 -49.99
CA SER G 257 -13.07 21.65 -48.88
C SER G 257 -12.46 22.98 -49.33
N GLN G 258 -11.99 23.05 -50.57
CA GLN G 258 -11.39 24.30 -51.06
C GLN G 258 -12.42 25.37 -51.39
N ASN G 259 -13.72 25.04 -51.31
CA ASN G 259 -14.77 26.03 -51.47
C ASN G 259 -15.15 26.60 -50.10
N SER G 260 -14.24 27.43 -49.58
CA SER G 260 -14.44 28.06 -48.28
C SER G 260 -13.48 29.24 -48.09
N ALA G 268 -11.43 23.97 -44.59
CA ALA G 268 -10.80 24.75 -45.65
C ALA G 268 -9.35 24.32 -45.84
N LEU G 269 -9.05 23.77 -47.02
CA LEU G 269 -7.74 23.21 -47.31
C LEU G 269 -7.09 23.98 -48.46
N SER G 270 -5.81 24.28 -48.31
CA SER G 270 -5.06 24.95 -49.36
C SER G 270 -4.43 23.92 -50.29
N ASP G 271 -3.81 24.41 -51.37
CA ASP G 271 -3.16 23.51 -52.30
C ASP G 271 -2.01 22.76 -51.63
N LEU G 272 -1.21 23.46 -50.84
CA LEU G 272 -0.14 22.78 -50.11
C LEU G 272 -0.71 21.87 -49.04
N GLU G 273 -1.76 22.31 -48.35
CA GLU G 273 -2.39 21.46 -47.34
C GLU G 273 -2.99 20.21 -47.98
N LEU G 274 -3.59 20.34 -49.16
CA LEU G 274 -4.12 19.17 -49.85
C LEU G 274 -3.01 18.21 -50.23
N ALA G 275 -1.86 18.74 -50.67
CA ALA G 275 -0.74 17.88 -51.01
C ALA G 275 -0.13 17.24 -49.77
N ALA G 276 -0.23 17.91 -48.62
CA ALA G 276 0.32 17.36 -47.39
C ALA G 276 -0.41 16.09 -46.99
N GLN G 277 -1.75 16.12 -47.01
CA GLN G 277 -2.53 14.93 -46.71
C GLN G 277 -2.27 13.83 -47.74
N SER G 278 -2.04 14.21 -48.99
CA SER G 278 -1.81 13.22 -50.04
C SER G 278 -0.51 12.46 -49.80
N ILE G 279 0.52 13.14 -49.29
CA ILE G 279 1.82 12.50 -49.11
C ILE G 279 1.78 11.46 -47.99
N ILE G 280 1.12 11.79 -46.87
CA ILE G 280 0.99 10.83 -45.78
C ILE G 280 0.16 9.63 -46.21
N PHE G 281 -0.90 9.86 -46.99
CA PHE G 281 -1.72 8.76 -47.46
C PHE G 281 -0.92 7.88 -48.41
N ILE G 282 -0.18 8.48 -49.34
CA ILE G 282 0.61 7.69 -50.28
C ILE G 282 1.67 6.87 -49.56
N PHE G 283 2.38 7.49 -48.61
CA PHE G 283 3.43 6.77 -47.90
C PHE G 283 2.85 5.64 -47.05
N ALA G 284 1.84 5.95 -46.23
CA ALA G 284 1.26 4.94 -45.36
C ALA G 284 0.63 3.81 -46.18
N GLY G 285 -0.08 4.15 -47.25
CA GLY G 285 -0.73 3.12 -48.05
C GLY G 285 0.24 2.23 -48.79
N TYR G 286 1.44 2.73 -49.08
CA TYR G 286 2.42 1.94 -49.78
C TYR G 286 3.30 1.12 -48.85
N GLU G 287 3.84 1.77 -47.81
CA GLU G 287 4.88 1.14 -46.99
C GLU G 287 4.29 0.13 -46.01
N THR G 288 3.36 0.56 -45.16
CA THR G 288 2.87 -0.32 -44.10
C THR G 288 2.11 -1.51 -44.68
N THR G 289 1.39 -1.30 -45.78
CA THR G 289 0.64 -2.39 -46.38
C THR G 289 1.57 -3.47 -46.93
N SER G 290 2.60 -3.08 -47.67
CA SER G 290 3.51 -4.05 -48.26
C SER G 290 4.44 -4.66 -47.21
N SER G 291 4.75 -3.93 -46.13
CA SER G 291 5.58 -4.49 -45.08
C SER G 291 4.85 -5.60 -44.34
N VAL G 292 3.63 -5.33 -43.86
CA VAL G 292 2.88 -6.33 -43.11
C VAL G 292 2.52 -7.52 -43.99
N LEU G 293 2.24 -7.27 -45.27
CA LEU G 293 1.97 -8.37 -46.20
C LEU G 293 3.18 -9.28 -46.34
N SER G 294 4.39 -8.69 -46.40
CA SER G 294 5.59 -9.50 -46.49
C SER G 294 5.82 -10.29 -45.21
N PHE G 295 5.53 -9.69 -44.05
CA PHE G 295 5.67 -10.42 -42.80
C PHE G 295 4.66 -11.55 -42.71
N THR G 296 3.44 -11.33 -43.20
CA THR G 296 2.41 -12.37 -43.16
C THR G 296 2.80 -13.57 -44.01
N LEU G 297 3.30 -13.31 -45.23
CA LEU G 297 3.69 -14.42 -46.10
C LEU G 297 4.94 -15.13 -45.59
N TYR G 298 5.86 -14.39 -44.94
CA TYR G 298 6.99 -15.05 -44.32
C TYR G 298 6.54 -15.99 -43.20
N GLU G 299 5.62 -15.51 -42.36
CA GLU G 299 5.12 -16.33 -41.27
C GLU G 299 4.31 -17.51 -41.77
N LEU G 300 3.60 -17.36 -42.89
CA LEU G 300 2.89 -18.50 -43.46
C LEU G 300 3.84 -19.50 -44.09
N ALA G 301 4.96 -19.03 -44.64
CA ALA G 301 5.91 -19.94 -45.26
C ALA G 301 6.71 -20.72 -44.24
N THR G 302 6.99 -20.12 -43.08
CA THR G 302 7.67 -20.81 -42.00
C THR G 302 6.72 -21.57 -41.08
N HIS G 303 5.42 -21.53 -41.38
CA HIS G 303 4.41 -22.27 -40.63
C HIS G 303 3.44 -22.87 -41.64
N PRO G 304 3.84 -23.95 -42.31
CA PRO G 304 2.97 -24.52 -43.36
C PRO G 304 1.64 -25.03 -42.85
N ASP G 305 1.57 -25.44 -41.58
CA ASP G 305 0.30 -25.87 -41.00
C ASP G 305 -0.70 -24.72 -40.95
N VAL G 306 -0.23 -23.52 -40.61
CA VAL G 306 -1.11 -22.36 -40.58
C VAL G 306 -1.50 -21.95 -42.00
N GLN G 307 -0.56 -22.01 -42.93
CA GLN G 307 -0.87 -21.66 -44.32
C GLN G 307 -1.90 -22.61 -44.91
N GLN G 308 -1.84 -23.89 -44.55
CA GLN G 308 -2.78 -24.86 -45.10
C GLN G 308 -4.17 -24.67 -44.52
N LYS G 309 -4.27 -24.47 -43.20
CA LYS G 309 -5.58 -24.24 -42.59
C LYS G 309 -6.21 -22.96 -43.11
N LEU G 310 -5.40 -21.92 -43.37
CA LEU G 310 -5.94 -20.67 -43.90
C LEU G 310 -6.41 -20.84 -45.34
N GLN G 311 -5.63 -21.57 -46.15
CA GLN G 311 -6.05 -21.81 -47.53
C GLN G 311 -7.34 -22.62 -47.59
N LYS G 312 -7.62 -23.45 -46.58
CA LYS G 312 -8.86 -24.22 -46.58
C LYS G 312 -10.06 -23.35 -46.23
N GLU G 313 -9.87 -22.34 -45.37
CA GLU G 313 -10.97 -21.43 -45.08
C GLU G 313 -11.31 -20.58 -46.30
N ILE G 314 -10.30 -20.17 -47.07
CA ILE G 314 -10.54 -19.39 -48.27
C ILE G 314 -11.32 -20.20 -49.30
N ASP G 315 -10.96 -21.47 -49.46
CA ASP G 315 -11.67 -22.33 -50.41
C ASP G 315 -13.06 -22.71 -49.90
N ALA G 316 -13.29 -22.69 -48.59
CA ALA G 316 -14.60 -23.01 -48.07
C ALA G 316 -15.58 -21.86 -48.26
N VAL G 317 -15.11 -20.62 -48.12
CA VAL G 317 -15.95 -19.45 -48.28
C VAL G 317 -16.05 -19.01 -49.73
N LEU G 318 -14.95 -19.09 -50.48
CA LEU G 318 -14.88 -18.70 -51.88
C LEU G 318 -14.48 -19.92 -52.71
N PRO G 319 -15.41 -20.83 -52.97
CA PRO G 319 -15.05 -22.08 -53.65
C PRO G 319 -14.62 -21.84 -55.09
N ASN G 320 -13.65 -22.65 -55.53
CA ASN G 320 -13.16 -22.63 -56.91
C ASN G 320 -12.58 -21.27 -57.30
N LYS G 321 -11.81 -20.68 -56.38
CA LYS G 321 -11.18 -19.37 -56.59
C LYS G 321 -12.22 -18.30 -56.91
N ALA G 322 -13.36 -18.35 -56.22
CA ALA G 322 -14.42 -17.39 -56.45
C ALA G 322 -13.93 -15.99 -56.10
N PRO G 323 -14.34 -14.98 -56.85
CA PRO G 323 -13.90 -13.61 -56.57
C PRO G 323 -14.39 -13.15 -55.21
N PRO G 324 -13.56 -12.44 -54.46
CA PRO G 324 -13.95 -12.06 -53.09
C PRO G 324 -15.01 -10.97 -53.09
N THR G 325 -15.83 -11.01 -52.04
CA THR G 325 -16.82 -9.97 -51.79
C THR G 325 -16.55 -9.37 -50.42
N TYR G 326 -17.15 -8.21 -50.17
CA TYR G 326 -16.94 -7.52 -48.90
C TYR G 326 -17.36 -8.40 -47.73
N ASP G 327 -18.54 -9.02 -47.84
CA ASP G 327 -19.03 -9.85 -46.74
C ASP G 327 -18.20 -11.12 -46.57
N ALA G 328 -17.66 -11.66 -47.67
CA ALA G 328 -16.84 -12.87 -47.57
C ALA G 328 -15.55 -12.61 -46.81
N VAL G 329 -15.01 -11.39 -46.89
CA VAL G 329 -13.78 -11.07 -46.19
C VAL G 329 -13.99 -11.13 -44.68
N VAL G 330 -15.05 -10.47 -44.19
CA VAL G 330 -15.29 -10.41 -42.75
C VAL G 330 -15.77 -11.74 -42.20
N GLN G 331 -16.22 -12.66 -43.06
CA GLN G 331 -16.65 -13.97 -42.59
C GLN G 331 -15.47 -14.87 -42.24
N MET G 332 -14.30 -14.60 -42.78
CA MET G 332 -13.13 -15.44 -42.57
C MET G 332 -12.51 -15.09 -41.22
N GLU G 333 -12.74 -15.95 -40.24
CA GLU G 333 -12.18 -15.73 -38.90
C GLU G 333 -10.69 -16.03 -38.87
N TYR G 334 -10.25 -17.10 -39.54
CA TYR G 334 -8.84 -17.45 -39.51
C TYR G 334 -8.00 -16.43 -40.27
N LEU G 335 -8.53 -15.90 -41.37
CA LEU G 335 -7.82 -14.83 -42.06
C LEU G 335 -7.61 -13.64 -41.15
N ASP G 336 -8.57 -13.36 -40.27
CA ASP G 336 -8.43 -12.26 -39.32
C ASP G 336 -7.45 -12.59 -38.20
N MET G 337 -7.34 -13.88 -37.85
CA MET G 337 -6.39 -14.27 -36.80
C MET G 337 -4.95 -14.15 -37.29
N VAL G 338 -4.70 -14.55 -38.54
CA VAL G 338 -3.35 -14.50 -39.07
C VAL G 338 -2.86 -13.06 -39.19
N VAL G 339 -3.72 -12.15 -39.65
CA VAL G 339 -3.31 -10.76 -39.82
C VAL G 339 -3.06 -10.11 -38.47
N ASN G 340 -3.98 -10.30 -37.52
CA ASN G 340 -3.78 -9.73 -36.19
C ASN G 340 -2.53 -10.28 -35.51
N GLU G 341 -2.18 -11.55 -35.78
CA GLU G 341 -0.99 -12.13 -35.17
C GLU G 341 0.28 -11.55 -35.79
N THR G 342 0.29 -11.40 -37.13
CA THR G 342 1.41 -10.72 -37.77
C THR G 342 1.59 -9.32 -37.22
N LEU G 343 0.47 -8.60 -37.00
CA LEU G 343 0.55 -7.26 -36.44
C LEU G 343 1.03 -7.26 -35.00
N ARG G 344 0.80 -8.34 -34.27
CA ARG G 344 1.32 -8.43 -32.91
C ARG G 344 2.84 -8.57 -32.93
N LEU G 345 3.35 -9.50 -33.75
CA LEU G 345 4.79 -9.70 -33.84
C LEU G 345 5.49 -8.51 -34.49
N PHE G 346 4.83 -7.84 -35.43
CA PHE G 346 5.44 -6.76 -36.20
C PHE G 346 4.54 -5.54 -36.23
N PRO G 347 4.43 -4.81 -35.13
CA PRO G 347 3.81 -3.48 -35.19
C PRO G 347 4.76 -2.48 -35.83
N VAL G 348 4.49 -2.11 -37.09
CA VAL G 348 5.48 -1.36 -37.88
C VAL G 348 5.79 -0.01 -37.26
N ALA G 349 4.80 0.63 -36.64
CA ALA G 349 5.04 1.82 -35.84
C ALA G 349 5.36 1.29 -34.45
N ILE G 350 6.66 1.32 -34.09
CA ILE G 350 7.13 0.60 -32.92
C ILE G 350 6.38 1.02 -31.67
N ARG G 351 6.08 2.31 -31.56
CA ARG G 351 5.54 2.87 -30.32
C ARG G 351 4.42 3.84 -30.67
N LEU G 352 3.70 4.26 -29.65
CA LEU G 352 2.76 5.37 -29.75
C LEU G 352 3.31 6.54 -28.95
N GLU G 353 3.16 7.75 -29.48
CA GLU G 353 3.79 8.93 -28.90
C GLU G 353 2.76 10.03 -28.73
N ARG G 354 2.73 10.63 -27.54
CA ARG G 354 1.91 11.80 -27.27
C ARG G 354 2.78 12.85 -26.60
N THR G 355 2.36 14.11 -26.72
CA THR G 355 3.06 15.23 -26.10
C THR G 355 2.14 15.92 -25.10
N CYS G 356 2.68 16.27 -23.94
CA CYS G 356 1.92 17.01 -22.93
C CYS G 356 1.69 18.43 -23.40
N LYS G 357 0.42 18.82 -23.49
CA LYS G 357 0.09 20.20 -23.85
C LYS G 357 0.26 21.14 -22.66
N LYS G 358 0.15 20.60 -21.45
CA LYS G 358 0.34 21.37 -20.23
C LYS G 358 0.92 20.44 -19.18
N ASP G 359 1.28 21.02 -18.03
CA ASP G 359 1.76 20.21 -16.91
C ASP G 359 0.67 19.26 -16.45
N VAL G 360 1.04 18.00 -16.26
CA VAL G 360 0.07 16.94 -16.00
C VAL G 360 0.60 16.02 -14.90
N GLU G 361 -0.33 15.40 -14.17
CA GLU G 361 -0.02 14.35 -13.22
C GLU G 361 -0.73 13.08 -13.69
N ILE G 362 0.04 12.08 -14.08
CA ILE G 362 -0.49 10.78 -14.46
C ILE G 362 0.24 9.72 -13.64
N ASN G 363 -0.52 8.77 -13.09
CA ASN G 363 0.04 7.72 -12.25
C ASN G 363 0.81 8.29 -11.06
N GLY G 364 0.40 9.47 -10.59
CA GLY G 364 1.00 10.07 -9.42
C GLY G 364 2.32 10.77 -9.63
N VAL G 365 2.79 10.92 -10.86
CA VAL G 365 4.05 11.61 -11.15
C VAL G 365 3.75 12.85 -11.98
N PHE G 366 4.40 13.96 -11.62
CA PHE G 366 4.19 15.24 -12.29
C PHE G 366 5.11 15.32 -13.50
N ILE G 367 4.52 15.55 -14.67
CA ILE G 367 5.24 15.59 -15.94
C ILE G 367 5.09 16.99 -16.51
N PRO G 368 6.19 17.68 -16.85
CA PRO G 368 6.08 19.07 -17.30
C PRO G 368 5.53 19.17 -18.71
N LYS G 369 5.11 20.38 -19.06
CA LYS G 369 4.60 20.66 -20.40
C LYS G 369 5.68 20.42 -21.45
N GLY G 370 5.27 19.92 -22.60
CA GLY G 370 6.17 19.65 -23.71
C GLY G 370 6.82 18.29 -23.69
N SER G 371 6.78 17.60 -22.55
CA SER G 371 7.36 16.28 -22.47
C SER G 371 6.58 15.29 -23.33
N MET G 372 7.20 14.17 -23.63
CA MET G 372 6.61 13.14 -24.47
C MET G 372 6.28 11.92 -23.63
N VAL G 373 5.12 11.32 -23.91
CA VAL G 373 4.73 10.05 -23.30
C VAL G 373 4.71 9.00 -24.41
N VAL G 374 5.27 7.83 -24.13
CA VAL G 374 5.43 6.78 -25.12
C VAL G 374 4.72 5.52 -24.64
N ILE G 375 3.88 4.95 -25.50
CA ILE G 375 3.27 3.65 -25.25
C ILE G 375 4.08 2.62 -26.04
N PRO G 376 4.96 1.85 -25.39
CA PRO G 376 5.82 0.92 -26.12
C PRO G 376 5.04 -0.27 -26.67
N THR G 377 4.42 -0.09 -27.83
CA THR G 377 3.58 -1.14 -28.40
C THR G 377 4.37 -2.41 -28.62
N TYR G 378 5.53 -2.32 -29.27
CA TYR G 378 6.31 -3.51 -29.57
C TYR G 378 6.70 -4.25 -28.30
N ALA G 379 7.07 -3.52 -27.25
CA ALA G 379 7.42 -4.15 -25.99
C ALA G 379 6.24 -4.91 -25.40
N LEU G 380 5.07 -4.26 -25.33
CA LEU G 380 3.90 -4.92 -24.79
C LEU G 380 3.43 -6.06 -25.69
N HIS G 381 3.62 -5.94 -27.00
CA HIS G 381 3.25 -7.03 -27.89
C HIS G 381 4.09 -8.29 -27.67
N HIS G 382 5.29 -8.15 -27.09
CA HIS G 382 6.17 -9.29 -26.84
C HIS G 382 6.29 -9.62 -25.36
N ASP G 383 5.40 -9.09 -24.54
CA ASP G 383 5.46 -9.31 -23.10
C ASP G 383 4.95 -10.71 -22.78
N PRO G 384 5.76 -11.55 -22.13
CA PRO G 384 5.27 -12.89 -21.74
C PRO G 384 4.19 -12.85 -20.68
N LYS G 385 4.04 -11.74 -19.96
CA LYS G 385 2.98 -11.64 -18.98
C LYS G 385 1.61 -11.48 -19.61
N TYR G 386 1.54 -11.09 -20.88
CA TYR G 386 0.28 -10.93 -21.61
C TYR G 386 0.08 -11.94 -22.73
N TRP G 387 1.16 -12.50 -23.28
CA TRP G 387 1.08 -13.39 -24.42
C TRP G 387 1.92 -14.63 -24.13
N THR G 388 1.30 -15.80 -24.20
CA THR G 388 2.02 -17.05 -24.01
C THR G 388 2.88 -17.33 -25.23
N GLU G 389 4.13 -17.72 -25.01
CA GLU G 389 5.11 -17.94 -26.07
C GLU G 389 5.15 -16.74 -26.99
N PRO G 390 5.60 -15.57 -26.50
CA PRO G 390 5.40 -14.33 -27.25
C PRO G 390 6.16 -14.26 -28.56
N GLU G 391 7.28 -14.97 -28.70
CA GLU G 391 8.05 -14.92 -29.94
C GLU G 391 7.54 -15.91 -30.98
N GLU G 392 6.43 -16.60 -30.71
CA GLU G 392 5.91 -17.65 -31.57
C GLU G 392 4.69 -17.14 -32.34
N PHE G 393 4.58 -17.55 -33.60
CA PHE G 393 3.47 -17.16 -34.47
C PHE G 393 2.30 -18.12 -34.23
N ARG G 394 1.42 -17.76 -33.30
CA ARG G 394 0.31 -18.59 -32.87
C ARG G 394 -1.00 -17.87 -33.17
N PRO G 395 -1.54 -17.99 -34.38
CA PRO G 395 -2.79 -17.29 -34.70
C PRO G 395 -3.96 -17.65 -33.81
N GLU G 396 -3.92 -18.80 -33.14
CA GLU G 396 -5.05 -19.26 -32.34
C GLU G 396 -5.30 -18.40 -31.11
N ARG G 397 -4.38 -17.52 -30.74
CA ARG G 397 -4.57 -16.71 -29.54
C ARG G 397 -5.66 -15.65 -29.71
N PHE G 398 -6.06 -15.36 -30.95
CA PHE G 398 -7.09 -14.38 -31.22
C PHE G 398 -8.41 -15.13 -31.44
N SER G 399 -9.32 -15.03 -30.46
CA SER G 399 -10.59 -15.73 -30.56
C SER G 399 -11.73 -14.97 -29.87
N SER G 404 -10.89 -12.63 -24.20
CA SER G 404 -10.90 -11.21 -24.51
C SER G 404 -9.49 -10.62 -24.51
N ILE G 405 -9.28 -9.57 -25.29
CA ILE G 405 -7.95 -8.98 -25.49
C ILE G 405 -7.99 -7.50 -25.14
N ASP G 406 -7.04 -7.07 -24.33
CA ASP G 406 -7.00 -5.69 -23.85
C ASP G 406 -6.69 -4.74 -24.99
N PRO G 407 -7.56 -3.77 -25.29
CA PRO G 407 -7.30 -2.86 -26.41
C PRO G 407 -6.15 -1.90 -26.17
N TYR G 408 -5.63 -1.83 -24.96
CA TYR G 408 -4.54 -0.90 -24.65
C TYR G 408 -3.18 -1.57 -24.59
N ILE G 409 -3.14 -2.90 -24.46
CA ILE G 409 -1.89 -3.63 -24.62
C ILE G 409 -1.60 -3.88 -26.08
N TYR G 410 -2.58 -4.40 -26.80
CA TYR G 410 -2.46 -4.69 -28.23
C TYR G 410 -2.89 -3.45 -28.99
N THR G 411 -1.91 -2.66 -29.43
CA THR G 411 -2.17 -1.37 -30.07
C THR G 411 -1.38 -1.23 -31.37
N PRO G 412 -1.58 -2.14 -32.33
CA PRO G 412 -0.88 -1.98 -33.63
C PRO G 412 -1.36 -0.78 -34.41
N PHE G 413 -2.57 -0.29 -34.16
CA PHE G 413 -3.11 0.88 -34.82
C PHE G 413 -3.37 2.02 -33.85
N GLY G 414 -2.99 1.88 -32.59
CA GLY G 414 -3.28 2.89 -31.60
C GLY G 414 -4.70 2.80 -31.08
N THR G 415 -5.05 3.80 -30.27
CA THR G 415 -6.38 3.88 -29.67
C THR G 415 -6.73 5.34 -29.43
N GLY G 416 -8.03 5.62 -29.43
CA GLY G 416 -8.52 6.95 -29.16
C GLY G 416 -8.68 7.77 -30.42
N PRO G 417 -8.98 9.05 -30.26
CA PRO G 417 -9.19 9.92 -31.43
C PRO G 417 -7.98 10.04 -32.33
N ARG G 418 -6.78 9.73 -31.84
CA ARG G 418 -5.55 9.86 -32.62
C ARG G 418 -5.09 8.54 -33.21
N ASN G 419 -5.95 7.52 -33.26
CA ASN G 419 -5.54 6.23 -33.78
C ASN G 419 -5.33 6.30 -35.29
N CYS G 420 -5.03 5.15 -35.89
CA CYS G 420 -4.79 5.07 -37.33
C CYS G 420 -6.10 5.26 -38.09
N ILE G 421 -6.19 6.36 -38.84
CA ILE G 421 -7.40 6.65 -39.60
C ILE G 421 -7.60 5.68 -40.75
N GLY G 422 -6.54 5.00 -41.19
CA GLY G 422 -6.65 4.07 -42.28
C GLY G 422 -6.64 2.61 -41.84
N MET G 423 -7.09 2.36 -40.61
CA MET G 423 -7.04 1.00 -40.07
C MET G 423 -7.94 0.06 -40.87
N ARG G 424 -9.23 0.36 -40.95
CA ARG G 424 -10.15 -0.53 -41.65
C ARG G 424 -9.76 -0.68 -43.11
N PHE G 425 -9.25 0.39 -43.73
CA PHE G 425 -8.81 0.30 -45.11
C PHE G 425 -7.62 -0.65 -45.25
N ALA G 426 -6.64 -0.51 -44.35
CA ALA G 426 -5.43 -1.32 -44.47
C ALA G 426 -5.74 -2.79 -44.24
N LEU G 427 -6.63 -3.09 -43.29
CA LEU G 427 -7.00 -4.48 -43.05
C LEU G 427 -7.69 -5.08 -44.27
N MET G 428 -8.50 -4.27 -44.96
CA MET G 428 -9.27 -4.79 -46.09
C MET G 428 -8.38 -5.17 -47.26
N ASN G 429 -7.59 -4.21 -47.76
CA ASN G 429 -6.79 -4.51 -48.94
C ASN G 429 -5.67 -5.51 -48.64
N MET G 430 -5.23 -5.58 -47.38
CA MET G 430 -4.31 -6.64 -46.99
C MET G 430 -5.00 -8.01 -47.05
N LYS G 431 -6.18 -8.12 -46.44
CA LYS G 431 -6.95 -9.36 -46.51
C LYS G 431 -7.29 -9.70 -47.96
N LEU G 432 -7.66 -8.70 -48.75
CA LEU G 432 -8.00 -8.95 -50.14
C LEU G 432 -6.79 -9.43 -50.92
N ALA G 433 -5.60 -8.91 -50.58
CA ALA G 433 -4.38 -9.36 -51.24
C ALA G 433 -3.99 -10.77 -50.79
N LEU G 434 -4.22 -11.07 -49.51
CA LEU G 434 -3.89 -12.41 -49.02
C LEU G 434 -4.81 -13.47 -49.63
N ILE G 435 -6.11 -13.18 -49.71
CA ILE G 435 -7.05 -14.15 -50.26
C ILE G 435 -6.68 -14.49 -51.69
N ARG G 436 -6.39 -13.49 -52.50
CA ARG G 436 -6.11 -13.73 -53.92
C ARG G 436 -4.85 -14.58 -54.10
N VAL G 437 -3.76 -14.19 -53.45
CA VAL G 437 -2.51 -14.90 -53.67
C VAL G 437 -2.54 -16.29 -53.06
N LEU G 438 -3.27 -16.47 -51.95
CA LEU G 438 -3.30 -17.77 -51.30
C LEU G 438 -4.23 -18.76 -52.00
N GLN G 439 -5.31 -18.28 -52.60
CA GLN G 439 -6.15 -19.16 -53.37
C GLN G 439 -5.56 -19.52 -54.73
N ASN G 440 -4.44 -18.89 -55.11
CA ASN G 440 -3.74 -19.21 -56.34
C ASN G 440 -2.32 -19.73 -56.14
N PHE G 441 -1.75 -19.61 -54.94
CA PHE G 441 -0.35 -19.96 -54.72
C PHE G 441 -0.15 -20.52 -53.33
N SER G 442 1.04 -21.08 -53.12
CA SER G 442 1.56 -21.43 -51.80
C SER G 442 3.01 -20.98 -51.73
N PHE G 443 3.41 -20.44 -50.57
CA PHE G 443 4.71 -19.82 -50.40
C PHE G 443 5.60 -20.72 -49.54
N LYS G 444 6.84 -20.90 -49.99
CA LYS G 444 7.81 -21.77 -49.34
C LYS G 444 9.11 -21.04 -49.11
N PRO G 445 9.85 -21.39 -48.06
CA PRO G 445 11.18 -20.81 -47.87
C PRO G 445 12.17 -21.42 -48.86
N CYS G 446 13.18 -20.64 -49.22
CA CYS G 446 14.20 -21.11 -50.14
C CYS G 446 15.60 -20.98 -49.54
N LYS G 447 16.62 -20.94 -50.40
CA LYS G 447 17.99 -20.83 -49.91
C LYS G 447 18.30 -19.43 -49.38
N GLU G 448 17.85 -18.40 -50.10
CA GLU G 448 18.10 -17.02 -49.67
C GLU G 448 17.27 -16.62 -48.46
N THR G 449 16.25 -17.40 -48.10
CA THR G 449 15.33 -17.00 -47.04
C THR G 449 16.07 -16.95 -45.70
N GLN G 450 16.00 -15.81 -45.04
CA GLN G 450 16.65 -15.62 -43.75
C GLN G 450 15.72 -16.14 -42.66
N ILE G 451 16.15 -17.21 -41.97
CA ILE G 451 15.38 -17.80 -40.89
C ILE G 451 16.32 -18.04 -39.72
N PRO G 452 16.06 -17.47 -38.52
CA PRO G 452 14.92 -16.58 -38.25
C PRO G 452 15.14 -15.17 -38.83
N LEU G 453 14.09 -14.37 -38.83
CA LEU G 453 14.14 -13.05 -39.45
C LEU G 453 14.70 -12.03 -38.47
N LYS G 454 15.76 -11.33 -38.90
CA LYS G 454 16.32 -10.24 -38.12
C LYS G 454 15.66 -8.93 -38.52
N LEU G 455 15.40 -8.07 -37.54
CA LEU G 455 14.72 -6.82 -37.79
C LEU G 455 15.73 -5.70 -38.00
N ASP G 456 15.38 -4.76 -38.88
CA ASP G 456 16.22 -3.61 -39.13
C ASP G 456 16.23 -2.68 -37.91
N THR G 457 17.15 -1.72 -37.93
CA THR G 457 17.39 -0.85 -36.78
C THR G 457 16.93 0.58 -36.99
N GLN G 458 16.40 0.92 -38.16
CA GLN G 458 16.06 2.30 -38.46
C GLN G 458 14.64 2.40 -39.00
N GLY G 459 13.90 3.39 -38.50
CA GLY G 459 12.61 3.73 -39.06
C GLY G 459 11.55 2.67 -38.81
N LEU G 460 10.56 2.63 -39.69
CA LEU G 460 9.47 1.68 -39.56
C LEU G 460 10.00 0.25 -39.61
N LEU G 461 9.24 -0.65 -39.01
CA LEU G 461 9.70 -2.03 -38.84
C LEU G 461 9.86 -2.71 -40.19
N GLN G 462 11.06 -3.20 -40.46
CA GLN G 462 11.42 -3.77 -41.75
C GLN G 462 12.36 -4.94 -41.53
N PRO G 463 12.44 -5.86 -42.50
CA PRO G 463 13.42 -6.94 -42.38
C PRO G 463 14.82 -6.43 -42.66
N GLU G 464 15.81 -7.08 -42.03
CA GLU G 464 17.20 -6.69 -42.23
C GLU G 464 17.62 -6.93 -43.68
N LYS G 465 17.31 -8.10 -44.20
CA LYS G 465 17.50 -8.42 -45.61
C LYS G 465 16.14 -8.60 -46.26
N PRO G 466 16.01 -8.26 -47.55
CA PRO G 466 14.71 -8.39 -48.21
C PRO G 466 14.15 -9.81 -48.13
N ILE G 467 12.90 -9.92 -47.70
CA ILE G 467 12.23 -11.22 -47.61
C ILE G 467 12.07 -11.79 -49.00
N VAL G 468 12.58 -12.99 -49.21
CA VAL G 468 12.52 -13.68 -50.50
C VAL G 468 11.94 -15.07 -50.28
N LEU G 469 10.93 -15.42 -51.08
CA LEU G 469 10.27 -16.72 -50.98
C LEU G 469 10.06 -17.28 -52.38
N LYS G 470 10.01 -18.60 -52.46
CA LYS G 470 9.66 -19.30 -53.69
C LYS G 470 8.17 -19.61 -53.68
N VAL G 471 7.50 -19.27 -54.78
CA VAL G 471 6.04 -19.34 -54.87
C VAL G 471 5.67 -20.35 -55.94
N ASP G 472 4.74 -21.24 -55.62
CA ASP G 472 4.25 -22.27 -56.53
C ASP G 472 2.73 -22.14 -56.66
N SER G 473 2.21 -22.65 -57.78
CA SER G 473 0.77 -22.60 -58.04
C SER G 473 0.01 -23.48 -57.05
N ARG G 474 -1.32 -23.39 -57.12
CA ARG G 474 -2.24 -24.07 -56.20
C ARG G 474 -2.03 -23.62 -54.75
N THR H 6 -40.54 15.87 24.52
CA THR H 6 -40.80 15.84 23.09
C THR H 6 -40.78 14.39 22.60
N ARG H 7 -40.92 13.45 23.53
CA ARG H 7 -40.89 12.04 23.18
C ARG H 7 -42.13 11.63 22.38
N THR H 8 -43.29 12.24 22.67
CA THR H 8 -44.54 11.87 22.03
C THR H 8 -45.05 12.92 21.05
N HIS H 9 -44.34 14.04 20.90
CA HIS H 9 -44.81 15.15 20.05
C HIS H 9 -44.84 14.80 18.56
N GLY H 10 -44.63 13.54 18.17
CA GLY H 10 -44.78 13.14 16.79
C GLY H 10 -45.68 11.93 16.65
N LEU H 11 -46.49 11.68 17.68
CA LEU H 11 -47.36 10.50 17.68
C LEU H 11 -48.49 10.64 16.66
N PHE H 12 -49.16 11.79 16.66
CA PHE H 12 -50.22 12.02 15.67
C PHE H 12 -49.64 12.13 14.27
N LYS H 13 -48.45 12.70 14.13
CA LYS H 13 -47.77 12.71 12.83
C LYS H 13 -47.48 11.30 12.37
N ARG H 14 -47.15 10.40 13.30
CA ARG H 14 -46.90 9.01 12.96
C ARG H 14 -48.17 8.28 12.57
N LEU H 15 -49.32 8.71 13.11
CA LEU H 15 -50.59 8.07 12.84
C LEU H 15 -51.37 8.71 11.69
N GLY H 16 -50.93 9.87 11.20
CA GLY H 16 -51.60 10.52 10.09
C GLY H 16 -52.83 11.32 10.47
N ILE H 17 -52.93 11.76 11.72
CA ILE H 17 -54.06 12.55 12.19
C ILE H 17 -53.64 14.01 12.21
N PRO H 18 -54.46 14.92 11.67
CA PRO H 18 -54.08 16.34 11.65
C PRO H 18 -53.95 16.92 13.05
N GLY H 19 -53.37 18.11 13.12
CA GLY H 19 -53.17 18.78 14.38
C GLY H 19 -52.12 19.88 14.28
N PRO H 20 -52.24 20.90 15.12
CA PRO H 20 -51.26 21.98 15.11
C PRO H 20 -49.91 21.53 15.64
N THR H 21 -48.85 22.09 15.06
CA THR H 21 -47.50 21.70 15.41
C THR H 21 -47.21 22.01 16.87
N PRO H 22 -46.82 21.04 17.69
CA PRO H 22 -46.60 21.30 19.11
C PRO H 22 -45.26 21.98 19.35
N LEU H 23 -45.24 22.80 20.40
CA LEU H 23 -44.01 23.43 20.85
C LEU H 23 -43.18 22.45 21.66
N PRO H 24 -41.87 22.68 21.77
CA PRO H 24 -40.99 21.65 22.36
C PRO H 24 -41.40 21.17 23.75
N LEU H 25 -41.77 22.07 24.65
CA LEU H 25 -42.13 21.69 26.02
C LEU H 25 -43.62 21.76 26.29
N LEU H 26 -44.31 22.77 25.78
CA LEU H 26 -45.71 23.00 26.11
C LEU H 26 -46.67 22.39 25.10
N GLY H 27 -46.18 21.99 23.92
CA GLY H 27 -47.05 21.39 22.92
C GLY H 27 -48.02 22.39 22.33
N ASN H 28 -49.30 22.31 22.72
CA ASN H 28 -50.31 23.23 22.22
C ASN H 28 -50.92 24.11 23.30
N VAL H 29 -50.43 24.03 24.55
CA VAL H 29 -51.03 24.77 25.66
C VAL H 29 -51.00 26.28 25.42
N LEU H 30 -50.08 26.77 24.59
CA LEU H 30 -50.01 28.20 24.30
C LEU H 30 -51.30 28.71 23.66
N SER H 31 -51.97 27.87 22.88
CA SER H 31 -53.23 28.31 22.27
C SER H 31 -54.37 28.41 23.27
N TYR H 32 -54.18 27.90 24.49
CA TYR H 32 -55.25 27.96 25.48
C TYR H 32 -55.44 29.36 26.05
N ARG H 33 -54.44 30.22 25.94
CA ARG H 33 -54.53 31.56 26.53
C ARG H 33 -55.60 32.39 25.85
N GLN H 34 -55.92 32.09 24.58
CA GLN H 34 -56.99 32.78 23.86
C GLN H 34 -58.37 32.26 24.23
N GLY H 35 -58.45 31.17 24.99
CA GLY H 35 -59.72 30.54 25.29
C GLY H 35 -59.80 29.14 24.71
N LEU H 36 -59.99 28.15 25.58
CA LEU H 36 -60.04 26.76 25.11
C LEU H 36 -61.24 26.52 24.21
N TRP H 37 -62.34 27.22 24.43
CA TRP H 37 -63.47 27.14 23.51
C TRP H 37 -63.09 27.62 22.11
N LYS H 38 -62.27 28.68 22.04
CA LYS H 38 -61.85 29.22 20.76
C LYS H 38 -60.83 28.33 20.05
N PHE H 39 -59.97 27.65 20.81
CA PHE H 39 -58.99 26.76 20.20
C PHE H 39 -59.67 25.60 19.49
N ASP H 40 -60.67 24.99 20.13
CA ASP H 40 -61.37 23.87 19.50
C ASP H 40 -62.13 24.33 18.26
N THR H 41 -62.69 25.54 18.30
CA THR H 41 -63.46 26.04 17.16
C THR H 41 -62.58 26.18 15.92
N GLU H 42 -61.38 26.76 16.08
CA GLU H 42 -60.48 26.89 14.95
C GLU H 42 -60.03 25.53 14.45
N CYS H 43 -59.71 24.61 15.37
CA CYS H 43 -59.26 23.29 14.96
C CYS H 43 -60.37 22.51 14.27
N TYR H 44 -61.61 22.66 14.72
CA TYR H 44 -62.72 21.97 14.09
C TYR H 44 -62.99 22.51 12.69
N LYS H 45 -62.68 23.79 12.45
CA LYS H 45 -62.84 24.34 11.11
C LYS H 45 -61.61 24.10 10.24
N LYS H 46 -60.41 24.25 10.81
CA LYS H 46 -59.20 24.02 10.05
C LYS H 46 -59.05 22.54 9.69
N TYR H 47 -59.35 21.65 10.62
CA TYR H 47 -59.16 20.23 10.44
C TYR H 47 -60.51 19.50 10.40
N GLY H 48 -60.46 18.22 10.08
CA GLY H 48 -61.68 17.47 9.85
C GLY H 48 -62.43 17.07 11.11
N LYS H 49 -62.99 15.85 11.09
CA LYS H 49 -63.71 15.32 12.23
C LYS H 49 -62.81 14.86 13.36
N MET H 50 -61.49 14.82 13.14
CA MET H 50 -60.54 14.37 14.14
C MET H 50 -59.29 15.23 14.06
N TRP H 51 -58.68 15.49 15.21
CA TRP H 51 -57.42 16.20 15.28
C TRP H 51 -56.80 15.96 16.64
N GLY H 52 -55.47 16.04 16.69
CA GLY H 52 -54.72 15.73 17.89
C GLY H 52 -53.90 16.91 18.36
N THR H 53 -53.87 17.12 19.67
CA THR H 53 -53.08 18.16 20.30
C THR H 53 -52.28 17.54 21.44
N TYR H 54 -51.44 18.37 22.08
CA TYR H 54 -50.58 17.92 23.16
C TYR H 54 -50.66 18.90 24.32
N GLU H 55 -51.02 18.39 25.50
CA GLU H 55 -50.90 19.16 26.74
C GLU H 55 -49.58 18.74 27.38
N GLY H 56 -48.51 19.40 26.93
CA GLY H 56 -47.17 19.01 27.33
C GLY H 56 -46.78 17.73 26.63
N GLN H 57 -46.70 16.64 27.37
CA GLN H 57 -46.42 15.34 26.77
C GLN H 57 -47.70 14.57 26.43
N LEU H 58 -48.78 14.83 27.15
CA LEU H 58 -50.02 14.07 26.99
C LEU H 58 -50.66 14.35 25.64
N PRO H 59 -50.85 13.36 24.79
CA PRO H 59 -51.57 13.57 23.54
C PRO H 59 -53.08 13.62 23.79
N VAL H 60 -53.76 14.43 22.98
CA VAL H 60 -55.18 14.71 23.15
C VAL H 60 -55.88 14.53 21.80
N LEU H 61 -56.66 13.46 21.67
CA LEU H 61 -57.42 13.20 20.46
C LEU H 61 -58.82 13.80 20.59
N ALA H 62 -59.25 14.50 19.54
CA ALA H 62 -60.55 15.15 19.51
C ALA H 62 -61.43 14.51 18.44
N ILE H 63 -62.64 14.13 18.82
CA ILE H 63 -63.56 13.43 17.94
C ILE H 63 -64.86 14.19 17.85
N THR H 64 -65.41 14.29 16.63
CA THR H 64 -66.71 14.91 16.41
C THR H 64 -67.74 13.98 15.80
N ASP H 65 -67.34 12.83 15.31
CA ASP H 65 -68.28 11.89 14.71
C ASP H 65 -69.20 11.31 15.77
N PRO H 66 -70.53 11.44 15.64
CA PRO H 66 -71.43 10.96 16.71
C PRO H 66 -71.32 9.47 16.98
N ASP H 67 -70.89 8.66 16.01
CA ASP H 67 -70.71 7.24 16.29
C ASP H 67 -69.51 7.00 17.18
N VAL H 68 -68.39 7.69 16.91
CA VAL H 68 -67.20 7.55 17.76
C VAL H 68 -67.48 8.13 19.14
N ILE H 69 -68.22 9.24 19.20
CA ILE H 69 -68.60 9.82 20.50
C ILE H 69 -69.38 8.81 21.33
N ARG H 70 -70.28 8.06 20.68
CA ARG H 70 -71.10 7.07 21.40
C ARG H 70 -70.24 5.96 21.95
N THR H 71 -69.24 5.52 21.19
CA THR H 71 -68.38 4.42 21.65
C THR H 71 -67.51 4.86 22.82
N VAL H 72 -67.06 6.12 22.82
CA VAL H 72 -66.18 6.59 23.88
C VAL H 72 -66.96 6.91 25.15
N LEU H 73 -68.16 7.45 25.01
CA LEU H 73 -68.92 7.93 26.17
C LEU H 73 -69.93 6.92 26.71
N VAL H 74 -70.37 5.96 25.89
CA VAL H 74 -71.44 5.06 26.33
C VAL H 74 -70.98 3.60 26.37
N LYS H 75 -70.71 3.01 25.21
CA LYS H 75 -70.43 1.58 25.13
C LYS H 75 -69.18 1.23 25.92
N GLU H 76 -68.06 1.84 25.58
CA GLU H 76 -66.78 1.50 26.17
C GLU H 76 -66.42 2.36 27.37
N CYS H 77 -67.41 2.82 28.13
CA CYS H 77 -67.12 3.59 29.34
C CYS H 77 -66.40 2.72 30.37
N TYR H 78 -67.01 1.61 30.77
CA TYR H 78 -66.40 0.77 31.80
C TYR H 78 -65.15 0.06 31.28
N SER H 79 -65.05 -0.15 29.97
CA SER H 79 -63.99 -1.00 29.46
C SER H 79 -62.69 -0.21 29.23
N VAL H 80 -62.79 0.99 28.68
CA VAL H 80 -61.60 1.76 28.33
C VAL H 80 -61.64 3.18 28.88
N PHE H 81 -62.79 3.86 28.76
CA PHE H 81 -62.84 5.28 29.07
C PHE H 81 -63.62 5.56 30.35
N THR H 82 -63.16 4.99 31.46
CA THR H 82 -63.90 5.10 32.71
C THR H 82 -63.61 6.39 33.44
N ASN H 83 -62.38 6.88 33.35
CA ASN H 83 -61.94 8.02 34.14
C ASN H 83 -61.93 9.29 33.29
N ARG H 84 -62.30 10.40 33.91
CA ARG H 84 -62.42 11.65 33.17
C ARG H 84 -61.06 12.25 32.84
N ARG H 85 -60.23 12.47 33.86
CA ARG H 85 -58.96 13.14 33.64
C ARG H 85 -58.06 12.85 34.83
N SER H 86 -56.86 12.33 34.56
CA SER H 86 -55.85 12.23 35.60
C SER H 86 -55.49 13.63 36.06
N LEU H 87 -55.46 13.84 37.37
CA LEU H 87 -55.32 15.17 37.92
C LEU H 87 -54.12 15.24 38.86
N GLY H 88 -53.61 16.46 39.02
CA GLY H 88 -52.47 16.70 39.88
C GLY H 88 -52.80 16.55 41.33
N PRO H 89 -51.97 17.13 42.20
CA PRO H 89 -52.19 16.99 43.64
C PRO H 89 -53.53 17.59 44.06
N VAL H 90 -54.40 16.73 44.57
CA VAL H 90 -55.72 17.16 45.02
C VAL H 90 -55.95 16.64 46.43
N GLY H 91 -55.08 15.77 46.91
CA GLY H 91 -55.21 15.27 48.27
C GLY H 91 -56.40 14.36 48.41
N PHE H 92 -57.20 14.57 49.46
CA PHE H 92 -58.36 13.74 49.72
C PHE H 92 -59.47 13.95 48.69
N MET H 93 -59.47 15.08 47.98
CA MET H 93 -60.45 15.31 46.93
C MET H 93 -60.37 14.27 45.80
N LYS H 94 -59.43 13.33 45.84
CA LYS H 94 -59.44 12.23 44.88
C LYS H 94 -60.71 11.38 45.01
N SER H 95 -61.31 11.34 46.19
CA SER H 95 -62.50 10.55 46.43
C SER H 95 -63.78 11.26 46.02
N ALA H 96 -63.71 12.53 45.63
CA ALA H 96 -64.90 13.22 45.16
C ALA H 96 -65.38 12.59 43.86
N ILE H 97 -66.71 12.55 43.69
CA ILE H 97 -67.31 11.79 42.60
C ILE H 97 -66.78 12.16 41.22
N SER H 98 -66.62 13.46 40.97
CA SER H 98 -66.17 13.89 39.65
C SER H 98 -64.69 13.59 39.40
N LEU H 99 -63.92 13.41 40.47
CA LEU H 99 -62.49 13.14 40.37
C LEU H 99 -62.18 11.68 40.65
N ALA H 100 -63.10 10.94 41.27
CA ALA H 100 -62.87 9.55 41.59
C ALA H 100 -62.74 8.71 40.31
N GLU H 101 -62.13 7.54 40.45
CA GLU H 101 -61.81 6.69 39.31
C GLU H 101 -62.15 5.24 39.63
N ASP H 102 -62.48 4.49 38.58
CA ASP H 102 -62.57 3.01 38.59
C ASP H 102 -63.60 2.54 39.60
N GLU H 103 -63.29 1.56 40.44
CA GLU H 103 -64.30 0.98 41.33
C GLU H 103 -64.73 1.98 42.40
N GLU H 104 -63.78 2.80 42.89
CA GLU H 104 -64.14 3.81 43.88
C GLU H 104 -65.19 4.76 43.35
N TRP H 105 -65.13 5.07 42.04
CA TRP H 105 -66.14 5.92 41.44
C TRP H 105 -67.50 5.23 41.42
N LYS H 106 -67.53 3.97 40.94
CA LYS H 106 -68.80 3.25 40.86
C LYS H 106 -69.46 3.14 42.22
N ARG H 107 -68.68 2.91 43.26
CA ARG H 107 -69.23 2.86 44.61
C ARG H 107 -69.82 4.21 45.01
N ILE H 108 -69.10 5.30 44.71
CA ILE H 108 -69.60 6.63 45.03
C ILE H 108 -70.79 6.99 44.15
N ARG H 109 -70.68 6.73 42.86
CA ARG H 109 -71.76 7.05 41.93
C ARG H 109 -73.04 6.33 42.31
N SER H 110 -72.94 5.05 42.70
CA SER H 110 -74.13 4.29 43.08
C SER H 110 -74.72 4.80 44.39
N LEU H 111 -73.89 5.28 45.31
CA LEU H 111 -74.41 5.78 46.58
C LEU H 111 -75.08 7.14 46.41
N LEU H 112 -74.55 7.97 45.52
CA LEU H 112 -75.06 9.33 45.36
C LEU H 112 -76.22 9.43 44.38
N SER H 113 -76.35 8.49 43.45
CA SER H 113 -77.43 8.57 42.46
C SER H 113 -78.83 8.68 43.04
N PRO H 114 -79.19 8.03 44.16
CA PRO H 114 -80.53 8.21 44.71
C PRO H 114 -80.82 9.63 45.22
N THR H 115 -79.84 10.54 45.19
CA THR H 115 -80.06 11.89 45.71
C THR H 115 -81.11 12.63 44.89
N PHE H 116 -81.19 12.37 43.59
CA PHE H 116 -82.06 13.15 42.72
C PHE H 116 -83.13 12.29 42.04
N THR H 117 -83.80 11.44 42.81
CA THR H 117 -84.94 10.71 42.28
C THR H 117 -86.13 11.65 42.14
N SER H 118 -87.13 11.20 41.37
CA SER H 118 -88.32 12.01 41.18
C SER H 118 -89.02 12.30 42.50
N GLY H 119 -88.96 11.36 43.45
CA GLY H 119 -89.61 11.58 44.73
C GLY H 119 -88.97 12.69 45.54
N LYS H 120 -87.63 12.74 45.55
CA LYS H 120 -86.93 13.78 46.29
C LYS H 120 -86.96 15.13 45.58
N LEU H 121 -87.00 15.12 44.24
CA LEU H 121 -87.09 16.39 43.51
C LEU H 121 -88.40 17.10 43.79
N LYS H 122 -89.51 16.36 43.73
CA LYS H 122 -90.81 16.96 44.03
C LYS H 122 -90.90 17.42 45.48
N GLU H 123 -90.11 16.83 46.38
CA GLU H 123 -90.19 17.21 47.80
C GLU H 123 -89.37 18.45 48.10
N MET H 124 -88.33 18.73 47.32
CA MET H 124 -87.56 19.95 47.49
C MET H 124 -88.12 21.13 46.70
N PHE H 125 -89.14 20.90 45.88
CA PHE H 125 -89.82 22.00 45.20
C PHE H 125 -90.31 23.09 46.15
N PRO H 126 -90.91 22.78 47.32
CA PRO H 126 -91.27 23.87 48.24
C PRO H 126 -90.08 24.67 48.73
N ILE H 127 -88.95 24.01 48.98
CA ILE H 127 -87.77 24.71 49.46
C ILE H 127 -87.23 25.66 48.39
N ILE H 128 -87.17 25.19 47.14
CA ILE H 128 -86.67 26.02 46.05
C ILE H 128 -87.58 27.21 45.83
N ALA H 129 -88.89 26.99 45.85
CA ALA H 129 -89.82 28.10 45.65
C ALA H 129 -89.75 29.11 46.78
N GLN H 130 -89.37 28.68 47.99
CA GLN H 130 -89.26 29.60 49.10
C GLN H 130 -88.05 30.52 48.93
N TYR H 131 -86.91 29.97 48.50
CA TYR H 131 -85.75 30.80 48.22
C TYR H 131 -86.02 31.77 47.08
N GLY H 132 -86.86 31.37 46.12
CA GLY H 132 -87.22 32.26 45.04
C GLY H 132 -88.02 33.46 45.50
N ASP H 133 -88.76 33.31 46.61
CA ASP H 133 -89.53 34.44 47.14
C ASP H 133 -88.60 35.52 47.69
N VAL H 134 -87.49 35.11 48.31
CA VAL H 134 -86.47 36.07 48.71
C VAL H 134 -85.79 36.65 47.49
N LEU H 135 -85.68 35.87 46.41
CA LEU H 135 -85.07 36.36 45.19
C LEU H 135 -85.88 37.50 44.58
N VAL H 136 -87.21 37.33 44.50
CA VAL H 136 -88.05 38.38 43.96
C VAL H 136 -88.04 39.60 44.87
N ARG H 137 -88.00 39.39 46.19
CA ARG H 137 -88.04 40.52 47.12
C ARG H 137 -86.76 41.35 47.04
N ASN H 138 -85.60 40.70 47.11
CA ASN H 138 -84.33 41.44 47.03
C ASN H 138 -84.14 42.05 45.65
N LEU H 139 -84.66 41.41 44.61
CA LEU H 139 -84.58 41.98 43.27
C LEU H 139 -85.54 43.15 43.11
N ARG H 140 -86.62 43.17 43.89
CA ARG H 140 -87.57 44.29 43.84
C ARG H 140 -86.92 45.57 44.34
N ARG H 141 -86.14 45.49 45.42
CA ARG H 141 -85.49 46.67 45.97
C ARG H 141 -84.58 47.32 44.94
N GLU H 142 -83.80 46.51 44.22
CA GLU H 142 -82.91 47.05 43.21
C GLU H 142 -83.68 47.63 42.02
N ALA H 143 -84.85 47.07 41.70
CA ALA H 143 -85.67 47.65 40.65
C ALA H 143 -86.28 48.97 41.11
N GLU H 144 -86.81 49.01 42.34
CA GLU H 144 -87.40 50.25 42.85
C GLU H 144 -86.36 51.33 43.03
N LYS H 145 -85.15 50.95 43.46
CA LYS H 145 -84.05 51.92 43.54
C LYS H 145 -83.55 52.34 42.17
N GLY H 146 -83.95 51.63 41.11
CA GLY H 146 -83.53 51.96 39.76
C GLY H 146 -82.09 51.68 39.44
N LYS H 147 -81.38 50.94 40.32
CA LYS H 147 -79.96 50.70 40.12
C LYS H 147 -79.74 49.43 39.30
N PRO H 148 -78.67 49.39 38.51
CA PRO H 148 -78.34 48.16 37.78
C PRO H 148 -78.04 47.01 38.72
N VAL H 149 -78.12 45.80 38.19
CA VAL H 149 -78.00 44.57 38.97
C VAL H 149 -76.89 43.72 38.39
N THR H 150 -75.90 43.37 39.22
CA THR H 150 -74.89 42.38 38.86
C THR H 150 -75.51 40.99 39.02
N LEU H 151 -75.80 40.33 37.89
CA LEU H 151 -76.59 39.10 37.91
C LEU H 151 -75.90 38.01 38.73
N LYS H 152 -74.56 37.92 38.64
CA LYS H 152 -73.86 36.84 39.31
C LYS H 152 -73.92 36.97 40.83
N ASP H 153 -74.09 38.19 41.34
CA ASP H 153 -74.11 38.38 42.78
C ASP H 153 -75.41 37.88 43.39
N ILE H 154 -76.55 38.35 42.88
CA ILE H 154 -77.84 37.98 43.47
C ILE H 154 -78.25 36.57 43.05
N PHE H 155 -78.06 36.22 41.78
CA PHE H 155 -78.43 34.87 41.34
C PHE H 155 -77.42 33.84 41.82
N GLY H 156 -76.17 34.24 42.05
CA GLY H 156 -75.22 33.35 42.67
C GLY H 156 -75.56 33.05 44.11
N ALA H 157 -76.04 34.06 44.85
CA ALA H 157 -76.49 33.84 46.22
C ALA H 157 -77.70 32.92 46.26
N TYR H 158 -78.64 33.10 45.33
CA TYR H 158 -79.80 32.23 45.24
C TYR H 158 -79.37 30.79 45.01
N SER H 159 -78.44 30.57 44.08
CA SER H 159 -77.98 29.21 43.79
C SER H 159 -77.26 28.62 44.98
N MET H 160 -76.48 29.42 45.70
CA MET H 160 -75.84 28.93 46.91
C MET H 160 -76.86 28.63 48.00
N ASP H 161 -77.89 29.48 48.13
CA ASP H 161 -78.94 29.22 49.10
C ASP H 161 -79.70 27.93 48.77
N VAL H 162 -80.01 27.72 47.49
CA VAL H 162 -80.75 26.52 47.09
C VAL H 162 -79.94 25.27 47.35
N ILE H 163 -78.67 25.27 46.94
CA ILE H 163 -77.87 24.05 47.05
C ILE H 163 -77.61 23.69 48.51
N THR H 164 -77.41 24.69 49.36
CA THR H 164 -77.15 24.38 50.77
C THR H 164 -78.43 23.97 51.49
N GLY H 165 -79.57 24.53 51.11
CA GLY H 165 -80.84 24.20 51.71
C GLY H 165 -81.37 22.84 51.34
N THR H 166 -81.27 22.46 50.06
CA THR H 166 -81.84 21.20 49.59
C THR H 166 -80.92 20.02 49.89
N SER H 167 -79.62 20.26 50.00
CA SER H 167 -78.67 19.18 50.21
C SER H 167 -78.36 18.93 51.67
N PHE H 168 -78.52 19.95 52.52
CA PHE H 168 -78.19 19.81 53.93
C PHE H 168 -79.31 20.21 54.88
N GLY H 169 -80.42 20.77 54.38
CA GLY H 169 -81.48 21.24 55.25
C GLY H 169 -81.14 22.45 56.09
N VAL H 170 -80.17 23.25 55.66
CA VAL H 170 -79.69 24.40 56.42
C VAL H 170 -79.80 25.64 55.53
N ASN H 171 -80.41 26.70 56.07
CA ASN H 171 -80.51 27.98 55.37
C ASN H 171 -79.38 28.86 55.86
N ILE H 172 -78.38 29.09 55.00
CA ILE H 172 -77.28 29.97 55.35
C ILE H 172 -77.57 31.43 55.05
N ASP H 173 -78.70 31.72 54.38
CA ASP H 173 -79.13 33.08 54.06
C ASP H 173 -78.08 33.81 53.22
N SER H 174 -77.75 33.21 52.08
CA SER H 174 -76.81 33.83 51.16
C SER H 174 -77.42 35.03 50.45
N LEU H 175 -78.74 35.01 50.23
CA LEU H 175 -79.42 36.09 49.53
C LEU H 175 -79.43 37.40 50.32
N ASN H 176 -79.30 37.32 51.65
CA ASN H 176 -79.36 38.52 52.49
C ASN H 176 -78.05 38.80 53.23
N ASN H 177 -76.97 38.11 52.87
CA ASN H 177 -75.67 38.34 53.49
C ASN H 177 -74.71 38.87 52.42
N PRO H 178 -74.37 40.16 52.45
CA PRO H 178 -73.46 40.69 51.42
C PRO H 178 -72.06 40.11 51.49
N GLN H 179 -71.66 39.56 52.63
CA GLN H 179 -70.37 38.91 52.77
C GLN H 179 -70.54 37.46 53.21
N ASP H 180 -71.34 36.70 52.47
CA ASP H 180 -71.58 35.30 52.81
C ASP H 180 -70.30 34.50 52.67
N PRO H 181 -69.84 33.83 53.72
CA PRO H 181 -68.58 33.06 53.60
C PRO H 181 -68.66 31.92 52.62
N PHE H 182 -69.86 31.38 52.35
CA PHE H 182 -69.98 30.26 51.42
C PHE H 182 -69.73 30.70 49.97
N VAL H 183 -70.28 31.86 49.58
CA VAL H 183 -70.04 32.36 48.23
C VAL H 183 -68.60 32.84 48.07
N GLU H 184 -68.07 33.54 49.08
CA GLU H 184 -66.69 34.01 49.01
C GLU H 184 -65.72 32.84 48.86
N SER H 185 -65.95 31.75 49.60
CA SER H 185 -65.07 30.59 49.51
C SER H 185 -65.21 29.91 48.15
N THR H 186 -66.46 29.65 47.74
CA THR H 186 -66.68 28.82 46.56
C THR H 186 -66.15 29.49 45.29
N LYS H 187 -66.31 30.81 45.17
CA LYS H 187 -65.87 31.47 43.95
C LYS H 187 -64.35 31.50 43.80
N LYS H 188 -63.60 31.06 44.82
CA LYS H 188 -62.16 30.93 44.66
C LYS H 188 -61.77 29.78 43.73
N PHE H 189 -62.65 28.79 43.55
CA PHE H 189 -62.37 27.70 42.61
C PHE H 189 -62.31 28.19 41.18
N LEU H 190 -62.94 29.32 40.86
CA LEU H 190 -63.01 29.81 39.50
C LEU H 190 -61.76 30.60 39.08
N LYS H 191 -61.03 31.15 40.05
CA LYS H 191 -59.92 32.03 39.71
C LYS H 191 -58.79 31.29 39.01
N PHE H 192 -58.67 29.99 39.22
CA PHE H 192 -57.59 29.22 38.64
C PHE H 192 -57.97 28.67 37.28
N GLY H 193 -56.96 28.40 36.46
CA GLY H 193 -57.17 27.87 35.14
C GLY H 193 -55.88 27.31 34.57
N PHE H 194 -55.89 27.06 33.26
CA PHE H 194 -54.65 26.80 32.57
C PHE H 194 -53.74 28.03 32.67
N LEU H 195 -52.45 27.80 32.56
CA LEU H 195 -51.41 28.80 32.78
C LEU H 195 -51.34 29.28 34.22
N ASP H 196 -52.03 28.62 35.14
CA ASP H 196 -51.77 28.83 36.55
C ASP H 196 -50.45 28.18 36.90
N PRO H 197 -49.61 28.84 37.71
CA PRO H 197 -48.26 28.30 37.97
C PRO H 197 -48.21 26.84 38.40
N LEU H 198 -48.99 26.47 39.41
CA LEU H 198 -48.95 25.09 39.90
C LEU H 198 -49.54 24.12 38.89
N PHE H 199 -50.64 24.50 38.23
CA PHE H 199 -51.27 23.61 37.25
C PHE H 199 -50.39 23.43 36.02
N LEU H 200 -49.80 24.51 35.52
CA LEU H 200 -48.95 24.42 34.34
C LEU H 200 -47.73 23.54 34.58
N SER H 201 -47.22 23.53 35.82
CA SER H 201 -46.10 22.65 36.14
C SER H 201 -46.51 21.19 36.07
N ILE H 202 -47.75 20.88 36.47
CA ILE H 202 -48.24 19.50 36.39
C ILE H 202 -48.43 19.09 34.93
N ILE H 203 -48.85 20.03 34.07
CA ILE H 203 -49.01 19.73 32.66
C ILE H 203 -47.66 19.46 32.01
N LEU H 204 -46.65 20.28 32.33
CA LEU H 204 -45.34 20.11 31.72
C LEU H 204 -44.54 18.98 32.37
N PHE H 205 -44.67 18.83 33.69
CA PHE H 205 -43.92 17.85 34.46
C PHE H 205 -44.90 17.04 35.29
N PRO H 206 -45.57 16.05 34.68
CA PRO H 206 -46.57 15.27 35.43
C PRO H 206 -45.99 14.45 36.55
N PHE H 207 -44.70 14.14 36.52
CA PHE H 207 -44.05 13.43 37.62
C PHE H 207 -44.00 14.24 38.90
N LEU H 208 -44.32 15.54 38.85
CA LEU H 208 -44.34 16.36 40.05
C LEU H 208 -45.55 16.05 40.94
N THR H 209 -46.60 15.46 40.38
CA THR H 209 -47.83 15.21 41.13
C THR H 209 -47.62 14.45 42.43
N PRO H 210 -46.89 13.33 42.48
CA PRO H 210 -46.71 12.66 43.78
C PRO H 210 -45.90 13.48 44.77
N VAL H 211 -45.04 14.37 44.28
CA VAL H 211 -44.21 15.18 45.18
C VAL H 211 -45.08 16.09 46.02
N PHE H 212 -45.84 16.98 45.37
CA PHE H 212 -46.72 17.88 46.11
C PHE H 212 -47.72 17.11 46.96
N GLU H 213 -48.15 15.93 46.49
CA GLU H 213 -49.09 15.14 47.26
C GLU H 213 -48.48 14.69 48.58
N ALA H 214 -47.21 14.28 48.55
CA ALA H 214 -46.50 13.97 49.79
C ALA H 214 -46.22 15.22 50.61
N LEU H 215 -46.08 16.37 49.95
CA LEU H 215 -45.87 17.64 50.63
C LEU H 215 -47.19 18.30 51.06
N ASN H 216 -48.32 17.61 50.89
CA ASN H 216 -49.63 18.09 51.31
C ASN H 216 -50.07 19.36 50.60
N VAL H 217 -49.52 19.61 49.42
CA VAL H 217 -49.89 20.76 48.60
C VAL H 217 -50.94 20.31 47.59
N SER H 218 -52.01 21.08 47.47
CA SER H 218 -53.12 20.73 46.58
C SER H 218 -53.35 21.85 45.57
N LEU H 219 -53.99 21.49 44.46
CA LEU H 219 -54.40 22.49 43.49
C LEU H 219 -55.54 23.35 44.01
N PHE H 220 -56.35 22.82 44.91
CA PHE H 220 -57.54 23.52 45.35
C PHE H 220 -57.21 24.53 46.45
N PRO H 221 -57.98 25.63 46.52
CA PRO H 221 -57.75 26.64 47.57
C PRO H 221 -57.85 26.02 48.96
N LYS H 222 -56.74 26.07 49.69
CA LYS H 222 -56.67 25.40 50.98
C LYS H 222 -57.66 25.99 51.98
N ASP H 223 -57.86 27.31 51.94
CA ASP H 223 -58.78 27.93 52.89
C ASP H 223 -60.24 27.63 52.54
N THR H 224 -60.54 27.53 51.24
CA THR H 224 -61.90 27.15 50.84
C THR H 224 -62.19 25.71 51.23
N ILE H 225 -61.24 24.80 51.00
CA ILE H 225 -61.43 23.40 51.37
C ILE H 225 -61.64 23.28 52.88
N ASN H 226 -60.90 24.05 53.67
CA ASN H 226 -61.02 23.92 55.12
C ASN H 226 -62.33 24.49 55.62
N PHE H 227 -62.77 25.63 55.07
CA PHE H 227 -64.03 26.22 55.52
C PHE H 227 -65.21 25.31 55.19
N LEU H 228 -65.26 24.82 53.95
CA LEU H 228 -66.36 23.95 53.55
C LEU H 228 -66.37 22.65 54.35
N SER H 229 -65.19 22.04 54.55
CA SER H 229 -65.11 20.83 55.35
C SER H 229 -65.59 21.09 56.77
N LYS H 230 -65.17 22.21 57.36
CA LYS H 230 -65.63 22.55 58.70
C LYS H 230 -67.14 22.81 58.70
N SER H 231 -67.65 23.49 57.68
CA SER H 231 -69.07 23.82 57.64
C SER H 231 -69.92 22.57 57.45
N VAL H 232 -69.49 21.66 56.57
CA VAL H 232 -70.25 20.44 56.34
C VAL H 232 -70.25 19.55 57.58
N ASN H 233 -69.11 19.49 58.28
CA ASN H 233 -69.06 18.71 59.51
C ASN H 233 -70.02 19.26 60.56
N ARG H 234 -70.14 20.59 60.64
CA ARG H 234 -71.06 21.18 61.61
C ARG H 234 -72.50 20.84 61.29
N MET H 235 -72.86 20.85 60.00
CA MET H 235 -74.22 20.54 59.61
C MET H 235 -74.57 19.06 59.80
N LYS H 236 -73.56 18.19 59.81
CA LYS H 236 -73.83 16.76 60.04
C LYS H 236 -74.05 16.47 61.52
N LYS H 237 -73.22 17.04 62.40
CA LYS H 237 -73.40 16.82 63.84
C LYS H 237 -74.70 17.43 64.32
N SER H 238 -75.09 18.58 63.75
CA SER H 238 -76.39 19.17 64.08
C SER H 238 -77.53 18.25 63.65
N ARG H 239 -77.35 17.49 62.57
CA ARG H 239 -78.37 16.55 62.14
C ARG H 239 -78.48 15.38 63.12
N LEU H 240 -77.34 14.89 63.62
CA LEU H 240 -77.35 13.72 64.48
C LEU H 240 -77.82 14.04 65.89
N ASN H 241 -77.53 15.25 66.38
CA ASN H 241 -77.90 15.66 67.74
C ASN H 241 -79.32 16.21 67.82
N ASP H 242 -80.19 15.88 66.86
CA ASP H 242 -81.57 16.31 66.90
C ASP H 242 -82.36 15.41 65.96
N LYS H 243 -83.22 14.55 66.53
CA LYS H 243 -83.98 13.61 65.73
C LYS H 243 -85.09 14.27 64.92
N GLN H 244 -85.48 15.49 65.28
CA GLN H 244 -86.65 16.12 64.67
C GLN H 244 -86.36 16.70 63.29
N LYS H 245 -85.14 17.13 63.03
CA LYS H 245 -84.78 17.72 61.74
C LYS H 245 -84.32 16.66 60.73
N HIS H 246 -85.08 15.56 60.66
CA HIS H 246 -84.75 14.46 59.77
C HIS H 246 -85.47 14.66 58.43
N ARG H 247 -84.69 14.88 57.38
CA ARG H 247 -85.18 14.90 56.01
C ARG H 247 -84.33 13.93 55.20
N LEU H 248 -84.92 13.37 54.15
CA LEU H 248 -84.21 12.44 53.28
C LEU H 248 -83.56 13.22 52.15
N ASP H 249 -82.41 13.81 52.45
CA ASP H 249 -81.70 14.69 51.53
C ASP H 249 -80.28 14.18 51.28
N PHE H 250 -79.46 15.04 50.67
CA PHE H 250 -78.10 14.67 50.29
C PHE H 250 -77.25 14.36 51.53
N LEU H 251 -77.34 15.20 52.56
CA LEU H 251 -76.58 14.94 53.77
C LEU H 251 -77.02 13.65 54.43
N GLN H 252 -78.32 13.38 54.46
CA GLN H 252 -78.83 12.19 55.14
C GLN H 252 -78.38 10.91 54.45
N LEU H 253 -78.35 10.90 53.11
CA LEU H 253 -77.96 9.70 52.38
C LEU H 253 -76.52 9.30 52.69
N MET H 254 -75.64 10.29 52.87
CA MET H 254 -74.27 9.97 53.26
C MET H 254 -74.17 9.57 54.72
N ILE H 255 -75.02 10.15 55.57
CA ILE H 255 -75.07 9.74 56.97
C ILE H 255 -75.44 8.28 57.09
N ASP H 256 -76.41 7.82 56.29
CA ASP H 256 -76.79 6.41 56.30
C ASP H 256 -75.66 5.52 55.81
N SER H 257 -74.77 6.05 54.97
CA SER H 257 -73.61 5.27 54.54
C SER H 257 -72.61 5.09 55.68
N GLN H 258 -72.56 6.04 56.62
CA GLN H 258 -71.68 5.90 57.78
C GLN H 258 -72.12 4.76 58.68
N ASN H 259 -73.42 4.49 58.74
CA ASN H 259 -73.97 3.41 59.55
C ASN H 259 -73.94 2.05 58.85
N SER H 260 -73.34 1.97 57.67
CA SER H 260 -73.25 0.71 56.93
C SER H 260 -72.30 -0.27 57.62
N ALA H 268 -70.20 2.55 52.31
CA ALA H 268 -69.24 2.82 53.38
C ALA H 268 -68.44 4.08 53.06
N LEU H 269 -68.71 5.15 53.80
CA LEU H 269 -68.11 6.45 53.54
C LEU H 269 -67.28 6.90 54.74
N SER H 270 -66.23 7.67 54.46
CA SER H 270 -65.41 8.26 55.51
C SER H 270 -65.78 9.73 55.67
N ASP H 271 -65.26 10.33 56.75
CA ASP H 271 -65.51 11.76 56.95
C ASP H 271 -64.81 12.60 55.90
N LEU H 272 -63.67 12.14 55.38
CA LEU H 272 -63.04 12.84 54.27
C LEU H 272 -63.81 12.61 52.98
N GLU H 273 -64.29 11.39 52.76
CA GLU H 273 -65.09 11.11 51.57
C GLU H 273 -66.43 11.86 51.61
N LEU H 274 -67.00 12.05 52.80
CA LEU H 274 -68.24 12.81 52.92
C LEU H 274 -68.02 14.27 52.56
N ALA H 275 -66.88 14.84 52.97
CA ALA H 275 -66.60 16.23 52.68
C ALA H 275 -66.24 16.44 51.22
N ALA H 276 -65.60 15.46 50.58
CA ALA H 276 -65.23 15.61 49.18
C ALA H 276 -66.45 15.74 48.29
N GLN H 277 -67.48 14.90 48.52
CA GLN H 277 -68.70 15.00 47.72
C GLN H 277 -69.48 16.27 48.05
N SER H 278 -69.44 16.73 49.30
CA SER H 278 -70.16 17.93 49.67
C SER H 278 -69.57 19.17 49.03
N ILE H 279 -68.25 19.18 48.83
CA ILE H 279 -67.61 20.35 48.21
C ILE H 279 -68.05 20.42 46.76
N ILE H 280 -68.10 19.27 46.08
CA ILE H 280 -68.47 19.26 44.67
C ILE H 280 -69.91 19.73 44.48
N PHE H 281 -70.84 19.19 45.25
CA PHE H 281 -72.22 19.63 45.17
C PHE H 281 -72.42 21.13 45.42
N ILE H 282 -71.70 21.66 46.41
CA ILE H 282 -71.77 23.10 46.68
C ILE H 282 -71.28 23.89 45.48
N PHE H 283 -70.14 23.48 44.90
CA PHE H 283 -69.59 24.20 43.76
C PHE H 283 -70.51 24.07 42.54
N ALA H 284 -70.96 22.86 42.23
CA ALA H 284 -71.78 22.66 41.05
C ALA H 284 -73.13 23.35 41.17
N GLY H 285 -73.75 23.28 42.35
CA GLY H 285 -75.03 23.92 42.54
C GLY H 285 -74.95 25.44 42.54
N TYR H 286 -73.79 25.99 42.87
CA TYR H 286 -73.59 27.44 42.89
C TYR H 286 -73.19 27.98 41.53
N GLU H 287 -72.11 27.44 40.96
CA GLU H 287 -71.49 28.07 39.79
C GLU H 287 -72.30 27.85 38.53
N THR H 288 -72.55 26.58 38.18
CA THR H 288 -73.22 26.30 36.92
C THR H 288 -74.60 26.93 36.87
N THR H 289 -75.36 26.82 37.96
CA THR H 289 -76.72 27.35 37.98
C THR H 289 -76.73 28.85 37.72
N SER H 290 -75.95 29.60 38.49
CA SER H 290 -75.95 31.05 38.37
C SER H 290 -75.36 31.51 37.04
N SER H 291 -74.35 30.81 36.52
CA SER H 291 -73.76 31.18 35.24
C SER H 291 -74.77 31.10 34.11
N VAL H 292 -75.44 29.94 34.00
CA VAL H 292 -76.41 29.76 32.92
C VAL H 292 -77.60 30.69 33.09
N LEU H 293 -78.04 30.91 34.33
CA LEU H 293 -79.08 31.90 34.58
C LEU H 293 -78.65 33.29 34.12
N SER H 294 -77.39 33.65 34.37
CA SER H 294 -76.89 34.95 33.93
C SER H 294 -76.94 35.06 32.40
N PHE H 295 -76.51 34.00 31.71
CA PHE H 295 -76.53 34.04 30.25
C PHE H 295 -77.96 34.10 29.73
N THR H 296 -78.87 33.33 30.33
CA THR H 296 -80.26 33.34 29.89
C THR H 296 -80.85 34.74 29.99
N LEU H 297 -80.67 35.39 31.15
CA LEU H 297 -81.20 36.73 31.32
C LEU H 297 -80.50 37.75 30.42
N TYR H 298 -79.21 37.54 30.15
CA TYR H 298 -78.54 38.40 29.17
C TYR H 298 -79.19 38.25 27.80
N GLU H 299 -79.49 37.02 27.39
CA GLU H 299 -80.15 36.79 26.11
C GLU H 299 -81.58 37.29 26.11
N LEU H 300 -82.30 37.16 27.23
CA LEU H 300 -83.66 37.67 27.29
C LEU H 300 -83.69 39.19 27.19
N ALA H 301 -82.72 39.87 27.80
CA ALA H 301 -82.66 41.33 27.75
C ALA H 301 -82.37 41.81 26.34
N THR H 302 -81.56 41.08 25.59
CA THR H 302 -81.20 41.45 24.23
C THR H 302 -82.13 40.85 23.18
N HIS H 303 -83.12 40.07 23.58
CA HIS H 303 -84.12 39.52 22.67
C HIS H 303 -85.49 39.71 23.31
N PRO H 304 -86.02 40.95 23.29
CA PRO H 304 -87.30 41.20 23.99
C PRO H 304 -88.45 40.38 23.43
N ASP H 305 -88.42 40.05 22.14
CA ASP H 305 -89.46 39.19 21.56
C ASP H 305 -89.50 37.84 22.26
N VAL H 306 -88.33 37.29 22.59
CA VAL H 306 -88.28 36.02 23.30
C VAL H 306 -88.76 36.19 24.74
N GLN H 307 -88.31 37.25 25.41
CA GLN H 307 -88.68 37.47 26.80
C GLN H 307 -90.18 37.71 26.94
N GLN H 308 -90.77 38.42 25.99
CA GLN H 308 -92.21 38.67 26.06
C GLN H 308 -93.00 37.41 25.78
N LYS H 309 -92.55 36.60 24.82
CA LYS H 309 -93.22 35.33 24.54
C LYS H 309 -93.09 34.38 25.73
N LEU H 310 -91.93 34.37 26.39
CA LEU H 310 -91.78 33.51 27.55
C LEU H 310 -92.66 33.99 28.71
N GLN H 311 -92.77 35.30 28.88
CA GLN H 311 -93.65 35.85 29.92
C GLN H 311 -95.11 35.50 29.65
N LYS H 312 -95.52 35.45 28.37
CA LYS H 312 -96.90 35.11 28.05
C LYS H 312 -97.20 33.64 28.30
N GLU H 313 -96.23 32.76 28.07
CA GLU H 313 -96.43 31.35 28.39
C GLU H 313 -96.55 31.13 29.89
N ILE H 314 -95.74 31.85 30.67
CA ILE H 314 -95.86 31.76 32.13
C ILE H 314 -97.19 32.32 32.60
N ASP H 315 -97.61 33.46 32.05
CA ASP H 315 -98.88 34.05 32.44
C ASP H 315 -100.08 33.20 32.01
N ALA H 316 -99.91 32.33 31.03
CA ALA H 316 -101.00 31.44 30.62
C ALA H 316 -101.10 30.23 31.53
N VAL H 317 -99.97 29.67 31.96
CA VAL H 317 -99.99 28.48 32.80
C VAL H 317 -100.21 28.86 34.26
N LEU H 318 -99.64 29.98 34.71
CA LEU H 318 -99.74 30.46 36.08
C LEU H 318 -100.37 31.84 36.09
N PRO H 319 -101.69 31.93 35.94
CA PRO H 319 -102.33 33.24 35.88
C PRO H 319 -102.26 33.98 37.20
N ASN H 320 -102.21 35.32 37.11
CA ASN H 320 -102.20 36.20 38.27
C ASN H 320 -101.04 35.89 39.22
N LYS H 321 -99.84 35.72 38.63
CA LYS H 321 -98.63 35.44 39.40
C LYS H 321 -98.80 34.22 40.29
N ALA H 322 -99.44 33.18 39.76
CA ALA H 322 -99.67 31.98 40.54
C ALA H 322 -98.34 31.30 40.86
N PRO H 323 -98.17 30.83 42.09
CA PRO H 323 -96.93 30.13 42.43
C PRO H 323 -96.79 28.87 41.62
N PRO H 324 -95.57 28.48 41.25
CA PRO H 324 -95.38 27.33 40.37
C PRO H 324 -95.65 26.02 41.08
N THR H 325 -95.88 24.99 40.27
CA THR H 325 -95.96 23.62 40.73
C THR H 325 -95.01 22.78 39.89
N TYR H 326 -94.68 21.59 40.39
CA TYR H 326 -93.80 20.70 39.64
C TYR H 326 -94.38 20.39 38.27
N ASP H 327 -95.70 20.25 38.18
CA ASP H 327 -96.31 19.95 36.89
C ASP H 327 -96.34 21.18 36.00
N ALA H 328 -96.33 22.37 36.58
CA ALA H 328 -96.36 23.59 35.79
C ALA H 328 -95.01 23.90 35.16
N VAL H 329 -93.92 23.50 35.81
CA VAL H 329 -92.58 23.77 35.27
C VAL H 329 -92.31 22.89 34.07
N VAL H 330 -92.59 21.58 34.19
CA VAL H 330 -92.35 20.65 33.09
C VAL H 330 -93.36 20.80 31.96
N GLN H 331 -94.42 21.58 32.17
CA GLN H 331 -95.42 21.76 31.13
C GLN H 331 -95.00 22.79 30.09
N MET H 332 -94.25 23.80 30.50
CA MET H 332 -93.92 24.93 29.63
C MET H 332 -92.90 24.49 28.57
N GLU H 333 -93.34 24.47 27.31
CA GLU H 333 -92.44 24.10 26.23
C GLU H 333 -91.42 25.19 25.95
N TYR H 334 -91.87 26.45 25.93
CA TYR H 334 -90.98 27.56 25.53
C TYR H 334 -89.91 27.82 26.59
N LEU H 335 -90.25 27.69 27.87
CA LEU H 335 -89.24 27.81 28.91
C LEU H 335 -88.17 26.76 28.75
N ASP H 336 -88.56 25.54 28.38
CA ASP H 336 -87.58 24.48 28.13
C ASP H 336 -86.74 24.79 26.90
N MET H 337 -87.32 25.44 25.90
CA MET H 337 -86.54 25.83 24.72
C MET H 337 -85.53 26.92 25.06
N VAL H 338 -85.94 27.89 25.89
CA VAL H 338 -85.04 28.97 26.26
C VAL H 338 -83.81 28.43 27.00
N VAL H 339 -84.03 27.54 27.96
CA VAL H 339 -82.91 26.95 28.70
C VAL H 339 -82.00 26.17 27.76
N ASN H 340 -82.58 25.41 26.84
CA ASN H 340 -81.76 24.61 25.93
C ASN H 340 -80.90 25.50 25.03
N GLU H 341 -81.45 26.62 24.57
CA GLU H 341 -80.67 27.50 23.70
C GLU H 341 -79.55 28.17 24.46
N THR H 342 -79.80 28.55 25.71
CA THR H 342 -78.74 29.11 26.53
C THR H 342 -77.62 28.09 26.74
N LEU H 343 -78.00 26.85 27.04
CA LEU H 343 -77.00 25.79 27.21
C LEU H 343 -76.31 25.44 25.90
N ARG H 344 -76.94 25.70 24.76
CA ARG H 344 -76.26 25.47 23.49
C ARG H 344 -75.19 26.53 23.26
N LEU H 345 -75.54 27.80 23.45
CA LEU H 345 -74.57 28.87 23.25
C LEU H 345 -73.49 28.87 24.32
N PHE H 346 -73.84 28.52 25.56
CA PHE H 346 -72.93 28.61 26.70
C PHE H 346 -72.96 27.32 27.52
N PRO H 347 -72.29 26.26 27.04
CA PRO H 347 -72.14 25.07 27.88
C PRO H 347 -71.16 25.28 29.02
N VAL H 348 -71.55 24.89 30.23
CA VAL H 348 -70.71 25.14 31.39
C VAL H 348 -69.32 24.50 31.21
N ALA H 349 -69.31 23.24 30.78
CA ALA H 349 -68.07 22.54 30.44
C ALA H 349 -67.77 22.66 28.96
N ILE H 350 -66.60 23.22 28.63
CA ILE H 350 -66.25 23.43 27.23
C ILE H 350 -66.15 22.10 26.50
N ARG H 351 -65.54 21.10 27.12
CA ARG H 351 -65.33 19.81 26.49
C ARG H 351 -65.66 18.69 27.47
N LEU H 352 -65.98 17.53 26.93
CA LEU H 352 -66.07 16.29 27.69
C LEU H 352 -64.79 15.51 27.47
N GLU H 353 -64.19 15.00 28.54
CA GLU H 353 -62.86 14.41 28.47
C GLU H 353 -62.85 13.02 29.07
N ARG H 354 -62.14 12.10 28.41
CA ARG H 354 -62.01 10.72 28.85
C ARG H 354 -60.57 10.27 28.67
N THR H 355 -60.12 9.37 29.54
CA THR H 355 -58.76 8.85 29.54
C THR H 355 -58.77 7.38 29.13
N CYS H 356 -57.91 7.01 28.20
CA CYS H 356 -57.77 5.62 27.79
C CYS H 356 -57.17 4.81 28.93
N LYS H 357 -57.89 3.79 29.38
CA LYS H 357 -57.35 2.89 30.39
C LYS H 357 -56.33 1.92 29.81
N LYS H 358 -56.34 1.74 28.49
CA LYS H 358 -55.39 0.87 27.79
C LYS H 358 -55.37 1.29 26.33
N ASP H 359 -54.50 0.64 25.55
CA ASP H 359 -54.43 0.90 24.13
C ASP H 359 -55.74 0.47 23.47
N VAL H 360 -56.32 1.35 22.66
CA VAL H 360 -57.66 1.15 22.14
C VAL H 360 -57.71 1.58 20.68
N GLU H 361 -58.61 0.94 19.93
CA GLU H 361 -58.86 1.27 18.53
C GLU H 361 -59.99 2.30 18.46
N ILE H 362 -59.69 3.49 17.96
CA ILE H 362 -60.66 4.57 17.84
C ILE H 362 -60.71 5.00 16.37
N ASN H 363 -61.86 4.78 15.74
CA ASN H 363 -62.06 5.15 14.33
C ASN H 363 -60.99 4.53 13.43
N GLY H 364 -60.52 3.34 13.79
CA GLY H 364 -59.51 2.65 13.03
C GLY H 364 -58.08 3.02 13.35
N VAL H 365 -57.86 3.97 14.26
CA VAL H 365 -56.50 4.37 14.65
C VAL H 365 -56.28 3.97 16.10
N PHE H 366 -55.05 3.58 16.41
CA PHE H 366 -54.68 3.13 17.74
C PHE H 366 -54.25 4.33 18.57
N ILE H 367 -54.73 4.38 19.81
CA ILE H 367 -54.42 5.47 20.74
C ILE H 367 -53.72 4.86 21.94
N PRO H 368 -52.54 5.35 22.32
CA PRO H 368 -51.79 4.71 23.40
C PRO H 368 -52.45 4.90 24.75
N LYS H 369 -52.18 3.94 25.64
CA LYS H 369 -52.71 3.99 27.00
C LYS H 369 -52.26 5.27 27.69
N GLY H 370 -53.19 5.93 28.37
CA GLY H 370 -52.94 7.15 29.08
C GLY H 370 -53.33 8.41 28.32
N SER H 371 -53.48 8.33 27.01
CA SER H 371 -53.90 9.47 26.22
C SER H 371 -55.33 9.86 26.57
N MET H 372 -55.69 11.08 26.20
CA MET H 372 -56.99 11.65 26.53
C MET H 372 -57.78 11.87 25.25
N VAL H 373 -59.04 11.46 25.27
CA VAL H 373 -59.98 11.72 24.18
C VAL H 373 -60.95 12.81 24.65
N VAL H 374 -61.21 13.78 23.79
CA VAL H 374 -62.04 14.92 24.13
C VAL H 374 -63.15 15.08 23.10
N ILE H 375 -64.35 15.39 23.58
CA ILE H 375 -65.48 15.72 22.73
C ILE H 375 -65.64 17.24 22.75
N PRO H 376 -65.25 17.95 21.69
CA PRO H 376 -65.35 19.42 21.71
C PRO H 376 -66.78 19.91 21.74
N THR H 377 -67.38 19.92 22.94
CA THR H 377 -68.79 20.28 23.09
C THR H 377 -69.07 21.68 22.55
N TYR H 378 -68.22 22.65 22.91
CA TYR H 378 -68.44 24.02 22.45
C TYR H 378 -68.38 24.12 20.93
N ALA H 379 -67.41 23.44 20.32
CA ALA H 379 -67.29 23.49 18.87
C ALA H 379 -68.51 22.87 18.20
N LEU H 380 -69.01 21.77 18.76
CA LEU H 380 -70.17 21.11 18.18
C LEU H 380 -71.44 21.94 18.36
N HIS H 381 -71.57 22.62 19.50
CA HIS H 381 -72.74 23.46 19.74
C HIS H 381 -72.76 24.69 18.83
N HIS H 382 -71.61 25.11 18.32
CA HIS H 382 -71.54 26.26 17.42
C HIS H 382 -71.23 25.84 15.99
N ASP H 383 -71.28 24.55 15.69
CA ASP H 383 -70.98 24.07 14.35
C ASP H 383 -72.10 24.46 13.41
N PRO H 384 -71.82 25.21 12.34
CA PRO H 384 -72.88 25.51 11.37
C PRO H 384 -73.42 24.27 10.66
N LYS H 385 -72.75 23.12 10.76
CA LYS H 385 -73.23 21.92 10.08
C LYS H 385 -74.47 21.36 10.75
N TYR H 386 -74.65 21.62 12.05
CA TYR H 386 -75.82 21.15 12.77
C TYR H 386 -76.82 22.23 13.11
N TRP H 387 -76.40 23.48 13.19
CA TRP H 387 -77.27 24.57 13.62
C TRP H 387 -77.20 25.70 12.61
N THR H 388 -78.37 26.14 12.13
CA THR H 388 -78.42 27.22 11.15
C THR H 388 -78.12 28.54 11.84
N GLU H 389 -77.06 29.22 11.38
CA GLU H 389 -76.59 30.47 11.96
C GLU H 389 -76.39 30.29 13.47
N PRO H 390 -75.33 29.57 13.86
CA PRO H 390 -75.25 29.09 15.26
C PRO H 390 -75.04 30.19 16.30
N GLU H 391 -74.52 31.34 15.93
CA GLU H 391 -74.20 32.36 16.92
C GLU H 391 -75.41 33.17 17.37
N GLU H 392 -76.59 32.94 16.80
CA GLU H 392 -77.79 33.66 17.18
C GLU H 392 -78.59 32.88 18.21
N PHE H 393 -79.41 33.61 18.96
CA PHE H 393 -80.24 33.03 20.02
C PHE H 393 -81.64 32.80 19.45
N ARG H 394 -81.96 31.54 19.17
CA ARG H 394 -83.25 31.16 18.59
C ARG H 394 -83.82 29.97 19.36
N PRO H 395 -84.61 30.22 20.40
CA PRO H 395 -85.21 29.10 21.14
C PRO H 395 -86.10 28.20 20.31
N GLU H 396 -86.68 28.71 19.20
CA GLU H 396 -87.51 27.88 18.34
C GLU H 396 -86.75 26.71 17.74
N ARG H 397 -85.42 26.70 17.84
CA ARG H 397 -84.62 25.62 17.30
C ARG H 397 -84.90 24.29 17.98
N PHE H 398 -85.45 24.30 19.20
CA PHE H 398 -85.72 23.10 19.98
C PHE H 398 -87.23 22.86 20.01
N SER H 399 -87.75 22.19 18.98
CA SER H 399 -89.19 21.88 18.92
C SER H 399 -89.48 20.67 18.05
N ASP H 403 -87.74 18.39 13.60
CA ASP H 403 -86.29 18.25 13.39
C ASP H 403 -85.64 17.71 14.66
N SER H 404 -85.29 16.42 14.65
CA SER H 404 -84.68 15.82 15.83
C SER H 404 -83.24 16.28 15.98
N ILE H 405 -82.82 16.48 17.24
CA ILE H 405 -81.49 16.97 17.57
C ILE H 405 -80.64 15.80 18.07
N ASP H 406 -79.45 15.65 17.50
CA ASP H 406 -78.58 14.53 17.80
C ASP H 406 -78.16 14.54 19.27
N PRO H 407 -78.45 13.47 20.03
CA PRO H 407 -78.07 13.46 21.46
C PRO H 407 -76.58 13.34 21.70
N TYR H 408 -75.78 13.12 20.65
CA TYR H 408 -74.33 13.03 20.79
C TYR H 408 -73.61 14.29 20.33
N ILE H 409 -74.29 15.18 19.61
CA ILE H 409 -73.73 16.49 19.29
C ILE H 409 -74.06 17.50 20.36
N TYR H 410 -75.33 17.56 20.77
CA TYR H 410 -75.81 18.46 21.81
C TYR H 410 -75.67 17.73 23.15
N THR H 411 -74.54 17.96 23.82
CA THR H 411 -74.20 17.27 25.07
C THR H 411 -73.92 18.28 26.17
N PRO H 412 -74.97 18.94 26.69
CA PRO H 412 -74.74 19.95 27.74
C PRO H 412 -74.51 19.30 29.08
N PHE H 413 -75.14 18.15 29.30
CA PHE H 413 -75.00 17.39 30.54
C PHE H 413 -74.21 16.10 30.33
N GLY H 414 -73.64 15.89 29.15
CA GLY H 414 -72.91 14.68 28.89
C GLY H 414 -73.81 13.51 28.53
N THR H 415 -73.18 12.35 28.37
CA THR H 415 -73.89 11.12 28.05
C THR H 415 -73.12 9.94 28.63
N GLY H 416 -73.82 8.83 28.79
CA GLY H 416 -73.20 7.63 29.29
C GLY H 416 -73.22 7.60 30.80
N PRO H 417 -72.56 6.61 31.39
CA PRO H 417 -72.57 6.48 32.85
C PRO H 417 -71.95 7.65 33.58
N ARG H 418 -71.10 8.44 32.92
CA ARG H 418 -70.43 9.57 33.53
C ARG H 418 -71.18 10.88 33.34
N ASN H 419 -72.44 10.83 32.90
CA ASN H 419 -73.19 12.04 32.61
C ASN H 419 -73.48 12.80 33.91
N CYS H 420 -74.12 13.97 33.79
CA CYS H 420 -74.36 14.84 34.93
C CYS H 420 -75.38 14.23 35.88
N ILE H 421 -74.98 14.04 37.11
CA ILE H 421 -75.88 13.49 38.12
C ILE H 421 -76.88 14.53 38.62
N GLY H 422 -76.61 15.81 38.37
CA GLY H 422 -77.47 16.87 38.87
C GLY H 422 -78.23 17.60 37.79
N MET H 423 -78.43 16.95 36.64
CA MET H 423 -79.13 17.58 35.52
C MET H 423 -80.55 17.96 35.92
N ARG H 424 -81.34 16.99 36.39
CA ARG H 424 -82.74 17.25 36.70
C ARG H 424 -82.90 18.27 37.81
N PHE H 425 -81.98 18.27 38.77
CA PHE H 425 -82.03 19.28 39.82
C PHE H 425 -81.70 20.66 39.26
N ALA H 426 -80.69 20.74 38.39
CA ALA H 426 -80.29 22.03 37.84
C ALA H 426 -81.38 22.61 36.95
N LEU H 427 -82.02 21.77 36.14
CA LEU H 427 -83.08 22.26 35.25
C LEU H 427 -84.28 22.78 36.03
N MET H 428 -84.58 22.18 37.19
CA MET H 428 -85.75 22.60 37.95
C MET H 428 -85.56 23.98 38.56
N ASN H 429 -84.51 24.16 39.37
CA ASN H 429 -84.37 25.42 40.11
C ASN H 429 -84.00 26.59 39.19
N MET H 430 -83.34 26.31 38.06
CA MET H 430 -83.14 27.34 37.05
C MET H 430 -84.47 27.79 36.46
N LYS H 431 -85.31 26.83 36.05
CA LYS H 431 -86.62 27.17 35.53
C LYS H 431 -87.48 27.84 36.59
N LEU H 432 -87.41 27.36 37.83
CA LEU H 432 -88.20 27.95 38.90
C LEU H 432 -87.76 29.39 39.15
N ALA H 433 -86.46 29.63 39.22
CA ALA H 433 -85.97 31.01 39.37
C ALA H 433 -86.41 31.88 38.20
N LEU H 434 -86.36 31.33 36.99
CA LEU H 434 -86.76 32.12 35.81
C LEU H 434 -88.24 32.46 35.86
N ILE H 435 -89.08 31.47 36.16
CA ILE H 435 -90.52 31.73 36.24
C ILE H 435 -90.82 32.81 37.27
N ARG H 436 -90.23 32.69 38.46
CA ARG H 436 -90.52 33.64 39.53
C ARG H 436 -90.08 35.05 39.17
N VAL H 437 -88.90 35.20 38.56
CA VAL H 437 -88.43 36.54 38.23
C VAL H 437 -89.14 37.09 37.00
N LEU H 438 -89.57 36.23 36.07
CA LEU H 438 -90.18 36.73 34.85
C LEU H 438 -91.64 37.12 35.06
N GLN H 439 -92.35 36.44 35.96
CA GLN H 439 -93.72 36.85 36.26
C GLN H 439 -93.78 38.12 37.10
N ASN H 440 -92.63 38.67 37.50
CA ASN H 440 -92.57 39.89 38.28
C ASN H 440 -91.72 40.99 37.67
N PHE H 441 -90.83 40.66 36.73
CA PHE H 441 -89.85 41.61 36.26
C PHE H 441 -89.61 41.48 34.76
N SER H 442 -89.09 42.55 34.19
CA SER H 442 -88.56 42.57 32.82
C SER H 442 -87.14 43.10 32.87
N PHE H 443 -86.26 42.47 32.09
CA PHE H 443 -84.84 42.77 32.11
C PHE H 443 -84.45 43.53 30.85
N LYS H 444 -83.66 44.59 31.03
CA LYS H 444 -83.27 45.48 29.95
C LYS H 444 -81.76 45.68 29.95
N PRO H 445 -81.16 45.80 28.77
CA PRO H 445 -79.74 46.19 28.71
C PRO H 445 -79.57 47.65 29.08
N CYS H 446 -78.38 47.98 29.58
CA CYS H 446 -78.08 49.34 30.02
C CYS H 446 -76.63 49.65 29.68
N LYS H 447 -76.13 50.75 30.24
CA LYS H 447 -74.78 51.21 29.90
C LYS H 447 -73.73 50.18 30.32
N GLU H 448 -73.95 49.52 31.46
CA GLU H 448 -73.02 48.52 31.95
C GLU H 448 -73.14 47.17 31.24
N THR H 449 -74.06 47.05 30.29
CA THR H 449 -74.25 45.79 29.56
C THR H 449 -73.25 45.72 28.42
N GLN H 450 -72.52 44.61 28.35
CA GLN H 450 -71.48 44.42 27.34
C GLN H 450 -72.11 43.88 26.06
N ILE H 451 -71.99 44.65 24.97
CA ILE H 451 -72.54 44.29 23.68
C ILE H 451 -71.49 44.60 22.61
N PRO H 452 -71.00 43.61 21.85
CA PRO H 452 -71.35 42.19 22.01
C PRO H 452 -70.65 41.54 23.21
N LEU H 453 -71.23 40.46 23.71
CA LEU H 453 -70.71 39.81 24.90
C LEU H 453 -69.42 39.07 24.59
N LYS H 454 -68.39 39.30 25.39
CA LYS H 454 -67.10 38.63 25.24
C LYS H 454 -66.96 37.58 26.33
N LEU H 455 -66.45 36.42 25.93
CA LEU H 455 -66.24 35.32 26.86
C LEU H 455 -64.83 35.37 27.44
N ASP H 456 -64.70 34.88 28.66
CA ASP H 456 -63.39 34.79 29.30
C ASP H 456 -62.56 33.70 28.64
N THR H 457 -61.25 33.78 28.81
CA THR H 457 -60.31 32.85 28.20
C THR H 457 -59.68 31.91 29.21
N GLN H 458 -60.19 31.86 30.44
CA GLN H 458 -59.58 31.07 31.50
C GLN H 458 -60.67 30.28 32.22
N GLY H 459 -60.38 29.01 32.50
CA GLY H 459 -61.23 28.20 33.33
C GLY H 459 -62.57 27.86 32.67
N LEU H 460 -63.59 27.72 33.50
CA LEU H 460 -64.93 27.45 33.03
C LEU H 460 -65.42 28.61 32.16
N LEU H 461 -66.45 28.33 31.36
CA LEU H 461 -67.00 29.33 30.46
C LEU H 461 -67.69 30.41 31.28
N GLN H 462 -67.13 31.61 31.27
CA GLN H 462 -67.64 32.74 32.02
C GLN H 462 -67.61 33.97 31.12
N PRO H 463 -68.39 35.00 31.45
CA PRO H 463 -68.28 36.26 30.72
C PRO H 463 -66.97 36.95 31.05
N GLU H 464 -66.48 37.75 30.10
CA GLU H 464 -65.26 38.51 30.33
C GLU H 464 -65.45 39.53 31.44
N LYS H 465 -66.56 40.25 31.43
CA LYS H 465 -66.96 41.15 32.48
C LYS H 465 -68.29 40.69 33.08
N PRO H 466 -68.49 40.85 34.38
CA PRO H 466 -69.75 40.41 34.99
C PRO H 466 -70.96 41.04 34.31
N ILE H 467 -71.96 40.21 34.06
CA ILE H 467 -73.15 40.65 33.32
C ILE H 467 -73.98 41.56 34.21
N VAL H 468 -74.32 42.74 33.69
CA VAL H 468 -75.10 43.74 34.41
C VAL H 468 -76.33 44.06 33.57
N LEU H 469 -77.49 44.10 34.21
CA LEU H 469 -78.74 44.44 33.54
C LEU H 469 -79.56 45.36 34.44
N LYS H 470 -80.51 46.05 33.85
CA LYS H 470 -81.50 46.81 34.60
C LYS H 470 -82.80 46.05 34.63
N VAL H 471 -83.50 46.10 35.76
CA VAL H 471 -84.70 45.30 36.00
C VAL H 471 -85.83 46.22 36.43
N ASP H 472 -87.00 46.05 35.82
CA ASP H 472 -88.19 46.82 36.13
C ASP H 472 -89.34 45.87 36.45
N SER H 473 -90.38 46.40 37.07
CA SER H 473 -91.53 45.61 37.46
C SER H 473 -92.30 45.12 36.24
N ARG H 474 -93.34 44.33 36.48
CA ARG H 474 -94.14 43.68 35.44
C ARG H 474 -93.30 42.71 34.59
N THR I 6 28.85 -45.50 -20.67
CA THR I 6 29.97 -45.39 -21.61
C THR I 6 30.90 -46.60 -21.55
N ARG I 7 30.40 -47.70 -20.99
CA ARG I 7 31.25 -48.87 -20.74
C ARG I 7 31.69 -49.53 -22.05
N THR I 8 30.73 -49.93 -22.87
CA THR I 8 31.01 -50.71 -24.09
C THR I 8 31.28 -49.84 -25.30
N HIS I 9 31.28 -48.52 -25.17
CA HIS I 9 31.32 -47.65 -26.34
C HIS I 9 32.69 -47.58 -27.01
N GLY I 10 33.57 -48.53 -26.70
CA GLY I 10 34.87 -48.60 -27.35
C GLY I 10 35.06 -49.90 -28.11
N LEU I 11 34.02 -50.75 -28.09
CA LEU I 11 34.13 -52.07 -28.70
C LEU I 11 34.33 -51.99 -30.21
N PHE I 12 33.43 -51.29 -30.90
CA PHE I 12 33.51 -51.21 -32.36
C PHE I 12 34.77 -50.47 -32.80
N LYS I 13 35.16 -49.42 -32.07
CA LYS I 13 36.43 -48.76 -32.35
C LYS I 13 37.59 -49.71 -32.16
N ARG I 14 37.49 -50.63 -31.19
CA ARG I 14 38.56 -51.60 -30.97
C ARG I 14 38.55 -52.69 -32.02
N LEU I 15 37.40 -52.98 -32.63
CA LEU I 15 37.33 -53.97 -33.69
C LEU I 15 37.62 -53.40 -35.06
N GLY I 16 37.98 -52.11 -35.15
CA GLY I 16 38.22 -51.49 -36.43
C GLY I 16 36.99 -51.31 -37.27
N ILE I 17 35.80 -51.41 -36.67
CA ILE I 17 34.54 -51.31 -37.40
C ILE I 17 34.07 -49.86 -37.39
N PRO I 18 33.73 -49.28 -38.55
CA PRO I 18 33.26 -47.88 -38.58
C PRO I 18 31.93 -47.68 -37.86
N GLY I 19 31.46 -46.44 -37.84
CA GLY I 19 30.21 -46.11 -37.20
C GLY I 19 30.23 -44.77 -36.51
N PRO I 20 29.06 -44.17 -36.31
CA PRO I 20 29.00 -42.88 -35.63
C PRO I 20 29.48 -42.99 -34.19
N THR I 21 30.09 -41.91 -33.73
CA THR I 21 30.59 -41.88 -32.35
C THR I 21 29.41 -41.78 -31.39
N PRO I 22 29.29 -42.69 -30.43
CA PRO I 22 28.10 -42.71 -29.56
C PRO I 22 28.17 -41.67 -28.45
N LEU I 23 27.01 -41.10 -28.13
CA LEU I 23 26.90 -40.25 -26.95
C LEU I 23 26.98 -41.11 -25.69
N PRO I 24 27.41 -40.53 -24.56
CA PRO I 24 27.77 -41.37 -23.41
C PRO I 24 26.65 -42.22 -22.83
N LEU I 25 25.42 -41.72 -22.77
CA LEU I 25 24.37 -42.48 -22.11
C LEU I 25 23.37 -43.10 -23.06
N LEU I 26 23.04 -42.41 -24.15
CA LEU I 26 22.07 -42.91 -25.12
C LEU I 26 22.70 -43.68 -26.26
N GLY I 27 24.01 -43.65 -26.41
CA GLY I 27 24.65 -44.21 -27.59
C GLY I 27 24.30 -43.41 -28.82
N ASN I 28 23.73 -44.06 -29.83
CA ASN I 28 23.30 -43.37 -31.04
C ASN I 28 21.78 -43.23 -31.13
N VAL I 29 21.07 -43.45 -30.02
CA VAL I 29 19.62 -43.43 -30.03
C VAL I 29 19.08 -42.09 -30.50
N LEU I 30 19.81 -41.01 -30.27
CA LEU I 30 19.38 -39.71 -30.78
C LEU I 30 19.24 -39.71 -32.29
N SER I 31 20.01 -40.57 -32.98
CA SER I 31 19.96 -40.61 -34.43
C SER I 31 18.72 -41.31 -34.98
N TYR I 32 17.88 -41.87 -34.11
CA TYR I 32 16.67 -42.55 -34.55
C TYR I 32 15.52 -41.59 -34.79
N ARG I 33 15.65 -40.32 -34.39
CA ARG I 33 14.52 -39.39 -34.44
C ARG I 33 14.10 -39.11 -35.87
N GLN I 34 15.06 -39.07 -36.80
CA GLN I 34 14.76 -38.79 -38.19
C GLN I 34 14.16 -39.99 -38.92
N GLY I 35 14.13 -41.15 -38.29
CA GLY I 35 13.59 -42.34 -38.92
C GLY I 35 14.69 -43.37 -39.04
N LEU I 36 14.40 -44.57 -38.54
CA LEU I 36 15.40 -45.64 -38.56
C LEU I 36 15.77 -46.03 -39.98
N TRP I 37 14.86 -45.81 -40.93
CA TRP I 37 15.15 -46.10 -42.33
C TRP I 37 16.18 -45.13 -42.89
N LYS I 38 16.12 -43.85 -42.51
CA LYS I 38 17.07 -42.89 -43.02
C LYS I 38 18.43 -43.05 -42.33
N PHE I 39 18.43 -43.38 -41.04
CA PHE I 39 19.69 -43.60 -40.33
C PHE I 39 20.47 -44.75 -40.93
N ASP I 40 19.80 -45.85 -41.28
CA ASP I 40 20.49 -46.97 -41.91
C ASP I 40 21.01 -46.60 -43.30
N THR I 41 20.29 -45.71 -44.01
CA THR I 41 20.72 -45.30 -45.34
C THR I 41 21.94 -44.39 -45.25
N GLU I 42 21.89 -43.38 -44.38
CA GLU I 42 23.02 -42.48 -44.22
C GLU I 42 24.26 -43.23 -43.74
N CYS I 43 24.07 -44.20 -42.85
CA CYS I 43 25.21 -45.00 -42.38
C CYS I 43 25.76 -45.89 -43.49
N TYR I 44 24.93 -46.27 -44.45
CA TYR I 44 25.40 -47.09 -45.56
C TYR I 44 26.31 -46.28 -46.50
N LYS I 45 26.05 -44.98 -46.63
CA LYS I 45 26.85 -44.11 -47.49
C LYS I 45 28.13 -43.61 -46.80
N LYS I 46 28.02 -43.06 -45.60
CA LYS I 46 29.19 -42.52 -44.91
C LYS I 46 30.21 -43.61 -44.61
N TYR I 47 29.74 -44.77 -44.16
CA TYR I 47 30.61 -45.87 -43.76
C TYR I 47 30.52 -46.98 -44.79
N GLY I 48 31.35 -48.00 -44.60
CA GLY I 48 31.47 -49.06 -45.60
C GLY I 48 30.27 -49.99 -45.69
N LYS I 49 30.54 -51.26 -45.98
CA LYS I 49 29.52 -52.30 -46.02
C LYS I 49 29.11 -52.74 -44.64
N MET I 50 29.60 -52.05 -43.61
CA MET I 50 29.42 -52.51 -42.23
C MET I 50 29.69 -51.33 -41.31
N TRP I 51 28.80 -51.13 -40.34
CA TRP I 51 28.97 -50.06 -39.37
C TRP I 51 28.33 -50.50 -38.04
N GLY I 52 28.93 -50.05 -36.95
CA GLY I 52 28.48 -50.40 -35.61
C GLY I 52 27.91 -49.18 -34.89
N THR I 53 26.85 -49.41 -34.13
CA THR I 53 26.20 -48.38 -33.34
C THR I 53 25.93 -48.93 -31.94
N TYR I 54 25.46 -48.04 -31.06
CA TYR I 54 25.17 -48.40 -29.68
C TYR I 54 23.79 -47.88 -29.33
N GLU I 55 22.99 -48.73 -28.68
CA GLU I 55 21.64 -48.41 -28.24
C GLU I 55 21.71 -48.36 -26.71
N GLY I 56 22.27 -47.26 -26.19
CA GLY I 56 22.67 -47.24 -24.80
C GLY I 56 24.00 -47.94 -24.67
N GLN I 57 24.00 -49.10 -24.02
CA GLN I 57 25.20 -49.92 -23.92
C GLN I 57 25.17 -51.10 -24.86
N LEU I 58 24.07 -51.31 -25.57
CA LEU I 58 23.92 -52.47 -26.45
C LEU I 58 24.58 -52.18 -27.79
N PRO I 59 25.60 -52.94 -28.18
CA PRO I 59 26.21 -52.73 -29.51
C PRO I 59 25.33 -53.31 -30.61
N VAL I 60 25.27 -52.60 -31.72
CA VAL I 60 24.43 -52.95 -32.86
C VAL I 60 25.31 -52.99 -34.10
N LEU I 61 25.47 -54.19 -34.66
CA LEU I 61 26.30 -54.38 -35.86
C LEU I 61 25.39 -54.60 -37.06
N ALA I 62 25.56 -53.76 -38.09
CA ALA I 62 24.80 -53.86 -39.32
C ALA I 62 25.69 -54.42 -40.42
N ILE I 63 25.24 -55.50 -41.05
CA ILE I 63 26.00 -56.15 -42.12
C ILE I 63 25.23 -56.03 -43.43
N THR I 64 25.97 -55.88 -44.52
CA THR I 64 25.37 -55.84 -45.85
C THR I 64 25.93 -56.87 -46.82
N ASP I 65 26.96 -57.62 -46.44
CA ASP I 65 27.51 -58.68 -47.29
C ASP I 65 26.51 -59.81 -47.38
N PRO I 66 26.01 -60.15 -48.58
CA PRO I 66 24.97 -61.18 -48.68
C PRO I 66 25.39 -62.54 -48.14
N ASP I 67 26.67 -62.90 -48.24
CA ASP I 67 27.11 -64.19 -47.73
C ASP I 67 27.13 -64.21 -46.20
N VAL I 68 27.50 -63.08 -45.59
CA VAL I 68 27.40 -62.98 -44.13
C VAL I 68 25.94 -62.98 -43.69
N ILE I 69 25.07 -62.35 -44.50
CA ILE I 69 23.64 -62.35 -44.18
C ILE I 69 23.08 -63.77 -44.19
N ARG I 70 23.54 -64.61 -45.12
CA ARG I 70 23.06 -65.98 -45.18
C ARG I 70 23.45 -66.75 -43.93
N THR I 71 24.64 -66.47 -43.39
CA THR I 71 25.11 -67.19 -42.21
C THR I 71 24.31 -66.81 -40.96
N VAL I 72 23.96 -65.53 -40.84
CA VAL I 72 23.22 -65.07 -39.66
C VAL I 72 21.76 -65.49 -39.72
N LEU I 73 21.16 -65.51 -40.91
CA LEU I 73 19.72 -65.75 -41.03
C LEU I 73 19.36 -67.22 -41.19
N VAL I 74 20.24 -68.02 -41.80
CA VAL I 74 19.90 -69.40 -42.14
C VAL I 74 20.86 -70.38 -41.49
N LYS I 75 22.15 -70.29 -41.86
CA LYS I 75 23.10 -71.33 -41.50
C LYS I 75 23.32 -71.40 -39.98
N GLU I 76 23.50 -70.26 -39.34
CA GLU I 76 23.77 -70.21 -37.90
C GLU I 76 22.57 -69.71 -37.10
N CYS I 77 21.36 -69.96 -37.59
CA CYS I 77 20.17 -69.48 -36.90
C CYS I 77 20.00 -70.17 -35.55
N TYR I 78 19.79 -71.48 -35.56
CA TYR I 78 19.52 -72.21 -34.33
C TYR I 78 20.71 -72.22 -33.37
N SER I 79 21.93 -72.02 -33.87
CA SER I 79 23.12 -72.11 -33.04
C SER I 79 23.48 -70.80 -32.34
N VAL I 80 23.43 -69.68 -33.05
CA VAL I 80 23.87 -68.40 -32.49
C VAL I 80 22.80 -67.32 -32.60
N PHE I 81 22.23 -67.16 -33.79
CA PHE I 81 21.32 -66.05 -34.06
C PHE I 81 19.87 -66.52 -34.09
N THR I 82 19.42 -67.02 -32.93
CA THR I 82 18.10 -67.61 -32.80
C THR I 82 17.02 -66.59 -32.46
N ASN I 83 17.33 -65.66 -31.55
CA ASN I 83 16.34 -64.74 -31.02
C ASN I 83 16.45 -63.37 -31.68
N ARG I 84 15.31 -62.68 -31.75
CA ARG I 84 15.28 -61.41 -32.48
C ARG I 84 15.75 -60.25 -31.61
N ARG I 85 15.22 -60.13 -30.40
CA ARG I 85 15.52 -58.95 -29.60
C ARG I 85 15.00 -59.14 -28.19
N SER I 86 15.72 -58.55 -27.23
CA SER I 86 15.24 -58.36 -25.87
C SER I 86 14.55 -57.00 -25.86
N LEU I 87 13.21 -57.01 -25.89
CA LEU I 87 12.48 -55.77 -26.10
C LEU I 87 12.51 -54.89 -24.85
N GLY I 88 12.26 -55.46 -23.68
CA GLY I 88 12.19 -54.71 -22.46
C GLY I 88 11.04 -55.20 -21.62
N PRO I 89 10.51 -54.33 -20.74
CA PRO I 89 9.33 -54.71 -19.97
C PRO I 89 8.08 -54.87 -20.84
N VAL I 90 7.73 -56.11 -21.16
CA VAL I 90 6.59 -56.39 -22.02
C VAL I 90 5.50 -57.19 -21.32
N GLY I 91 5.75 -57.71 -20.12
CA GLY I 91 4.71 -58.43 -19.43
C GLY I 91 4.55 -59.82 -19.99
N PHE I 92 3.31 -60.28 -20.08
CA PHE I 92 3.04 -61.60 -20.63
C PHE I 92 3.25 -61.69 -22.13
N MET I 93 3.40 -60.54 -22.81
CA MET I 93 3.70 -60.55 -24.23
C MET I 93 5.07 -61.17 -24.53
N LYS I 94 5.87 -61.50 -23.52
CA LYS I 94 7.12 -62.21 -23.75
C LYS I 94 6.89 -63.57 -24.39
N SER I 95 5.70 -64.14 -24.22
CA SER I 95 5.37 -65.43 -24.80
C SER I 95 4.89 -65.33 -26.24
N ALA I 96 4.69 -64.12 -26.76
CA ALA I 96 4.34 -63.97 -28.17
C ALA I 96 5.45 -64.49 -29.05
N ILE I 97 5.07 -65.03 -30.22
CA ILE I 97 6.03 -65.74 -31.06
C ILE I 97 7.15 -64.82 -31.51
N SER I 98 6.83 -63.56 -31.81
CA SER I 98 7.84 -62.62 -32.25
C SER I 98 8.84 -62.27 -31.15
N LEU I 99 8.50 -62.54 -29.89
CA LEU I 99 9.35 -62.21 -28.76
C LEU I 99 9.89 -63.42 -28.00
N ALA I 100 9.30 -64.59 -28.19
CA ALA I 100 9.79 -65.80 -27.53
C ALA I 100 11.23 -66.08 -27.95
N GLU I 101 11.91 -66.90 -27.15
CA GLU I 101 13.33 -67.14 -27.35
C GLU I 101 13.65 -68.61 -27.25
N ASP I 102 14.60 -69.06 -28.09
CA ASP I 102 15.24 -70.37 -27.97
C ASP I 102 14.19 -71.47 -28.10
N GLU I 103 14.18 -72.48 -27.23
CA GLU I 103 13.27 -73.62 -27.39
C GLU I 103 11.82 -73.20 -27.28
N GLU I 104 11.54 -72.15 -26.50
CA GLU I 104 10.17 -71.70 -26.34
C GLU I 104 9.62 -71.13 -27.65
N TRP I 105 10.48 -70.45 -28.42
CA TRP I 105 10.04 -69.97 -29.74
C TRP I 105 9.86 -71.13 -30.70
N LYS I 106 10.75 -72.13 -30.66
CA LYS I 106 10.60 -73.28 -31.53
C LYS I 106 9.27 -73.99 -31.32
N ARG I 107 8.84 -74.10 -30.06
CA ARG I 107 7.57 -74.76 -29.77
C ARG I 107 6.38 -73.94 -30.27
N ILE I 108 6.42 -72.63 -30.07
CA ILE I 108 5.29 -71.79 -30.48
C ILE I 108 5.22 -71.66 -31.99
N ARG I 109 6.38 -71.48 -32.65
CA ARG I 109 6.41 -71.43 -34.10
C ARG I 109 5.94 -72.75 -34.70
N SER I 110 6.28 -73.86 -34.04
CA SER I 110 5.82 -75.17 -34.50
C SER I 110 4.30 -75.29 -34.39
N LEU I 111 3.75 -74.95 -33.22
CA LEU I 111 2.31 -75.08 -32.99
C LEU I 111 1.51 -74.18 -33.91
N LEU I 112 2.07 -73.05 -34.33
CA LEU I 112 1.35 -72.09 -35.15
C LEU I 112 1.58 -72.27 -36.65
N SER I 113 2.59 -73.04 -37.04
CA SER I 113 2.89 -73.22 -38.46
C SER I 113 1.75 -73.78 -39.30
N PRO I 114 0.91 -74.72 -38.81
CA PRO I 114 -0.19 -75.21 -39.66
C PRO I 114 -1.18 -74.13 -40.07
N THR I 115 -1.15 -72.94 -39.47
CA THR I 115 -2.17 -71.93 -39.75
C THR I 115 -2.16 -71.52 -41.21
N PHE I 116 -0.99 -71.46 -41.84
CA PHE I 116 -0.89 -70.91 -43.18
C PHE I 116 -0.30 -71.90 -44.18
N THR I 117 -0.74 -73.15 -44.14
CA THR I 117 -0.37 -74.11 -45.17
C THR I 117 -1.19 -73.86 -46.42
N SER I 118 -0.77 -74.50 -47.52
CA SER I 118 -1.42 -74.27 -48.82
C SER I 118 -2.93 -74.55 -48.75
N GLY I 119 -3.33 -75.58 -48.00
CA GLY I 119 -4.74 -75.90 -47.92
C GLY I 119 -5.55 -74.85 -47.19
N LYS I 120 -5.13 -74.49 -45.97
CA LYS I 120 -5.90 -73.56 -45.18
C LYS I 120 -5.94 -72.17 -45.77
N LEU I 121 -4.95 -71.80 -46.59
CA LEU I 121 -5.05 -70.57 -47.36
C LEU I 121 -6.18 -70.64 -48.37
N LYS I 122 -6.31 -71.77 -49.06
CA LYS I 122 -7.44 -71.95 -49.97
C LYS I 122 -8.76 -72.06 -49.21
N GLU I 123 -8.73 -72.56 -47.96
CA GLU I 123 -9.95 -72.64 -47.17
C GLU I 123 -10.51 -71.27 -46.84
N MET I 124 -9.63 -70.33 -46.46
CA MET I 124 -10.10 -69.01 -46.03
C MET I 124 -10.35 -68.05 -47.18
N PHE I 125 -10.01 -68.42 -48.42
CA PHE I 125 -10.22 -67.55 -49.56
C PHE I 125 -11.64 -67.00 -49.67
N PRO I 126 -12.72 -67.78 -49.50
CA PRO I 126 -14.05 -67.18 -49.55
C PRO I 126 -14.27 -66.10 -48.50
N ILE I 127 -13.75 -66.30 -47.29
CA ILE I 127 -13.91 -65.30 -46.23
C ILE I 127 -13.24 -63.99 -46.63
N ILE I 128 -12.06 -64.07 -47.24
CA ILE I 128 -11.37 -62.87 -47.67
C ILE I 128 -12.09 -62.22 -48.84
N ALA I 129 -12.60 -63.03 -49.77
CA ALA I 129 -13.31 -62.48 -50.92
C ALA I 129 -14.61 -61.80 -50.50
N GLN I 130 -15.27 -62.30 -49.44
CA GLN I 130 -16.48 -61.65 -48.96
C GLN I 130 -16.19 -60.23 -48.51
N TYR I 131 -15.15 -60.05 -47.68
CA TYR I 131 -14.75 -58.71 -47.27
C TYR I 131 -14.32 -57.87 -48.46
N GLY I 132 -13.77 -58.50 -49.50
CA GLY I 132 -13.40 -57.77 -50.69
C GLY I 132 -14.58 -57.17 -51.41
N ASP I 133 -15.75 -57.82 -51.34
CA ASP I 133 -16.94 -57.24 -51.94
C ASP I 133 -17.47 -56.09 -51.10
N VAL I 134 -17.41 -56.22 -49.78
CA VAL I 134 -17.78 -55.11 -48.91
C VAL I 134 -16.82 -53.94 -49.10
N LEU I 135 -15.57 -54.23 -49.43
CA LEU I 135 -14.61 -53.16 -49.73
C LEU I 135 -15.02 -52.39 -50.97
N VAL I 136 -15.47 -53.10 -52.01
CA VAL I 136 -15.86 -52.42 -53.25
C VAL I 136 -17.15 -51.63 -53.06
N ARG I 137 -18.08 -52.16 -52.28
CA ARG I 137 -19.35 -51.45 -52.04
C ARG I 137 -19.11 -50.14 -51.32
N ASN I 138 -18.37 -50.18 -50.22
CA ASN I 138 -18.14 -48.97 -49.43
C ASN I 138 -17.23 -47.99 -50.18
N LEU I 139 -16.27 -48.50 -50.95
CA LEU I 139 -15.42 -47.63 -51.74
C LEU I 139 -16.18 -47.00 -52.90
N ARG I 140 -17.21 -47.69 -53.40
CA ARG I 140 -18.02 -47.13 -54.46
C ARG I 140 -18.82 -45.92 -53.97
N ARG I 141 -19.31 -45.97 -52.72
CA ARG I 141 -20.04 -44.85 -52.17
C ARG I 141 -19.20 -43.59 -52.13
N GLU I 142 -17.93 -43.71 -51.72
CA GLU I 142 -17.04 -42.56 -51.68
C GLU I 142 -16.67 -42.06 -53.08
N ALA I 143 -16.75 -42.92 -54.10
CA ALA I 143 -16.50 -42.48 -55.47
C ALA I 143 -17.75 -41.86 -56.09
N GLU I 144 -18.94 -42.33 -55.72
CA GLU I 144 -20.17 -41.74 -56.24
C GLU I 144 -20.39 -40.36 -55.64
N LYS I 145 -20.08 -40.17 -54.36
CA LYS I 145 -20.20 -38.88 -53.71
C LYS I 145 -19.06 -37.92 -54.07
N GLY I 146 -18.20 -38.28 -55.01
CA GLY I 146 -17.13 -37.42 -55.45
C GLY I 146 -16.06 -37.12 -54.43
N LYS I 147 -16.05 -37.83 -53.30
CA LYS I 147 -15.11 -37.56 -52.23
C LYS I 147 -13.80 -38.31 -52.46
N PRO I 148 -12.66 -37.67 -52.24
CA PRO I 148 -11.39 -38.41 -52.21
C PRO I 148 -11.39 -39.40 -51.06
N VAL I 149 -10.54 -40.42 -51.19
CA VAL I 149 -10.50 -41.53 -50.24
C VAL I 149 -9.18 -41.50 -49.50
N THR I 150 -9.26 -41.49 -48.17
CA THR I 150 -8.08 -41.71 -47.33
C THR I 150 -7.83 -43.21 -47.30
N LEU I 151 -6.73 -43.64 -47.93
CA LEU I 151 -6.51 -45.06 -48.17
C LEU I 151 -6.38 -45.85 -46.88
N LYS I 152 -5.62 -45.33 -45.92
CA LYS I 152 -5.35 -46.09 -44.69
C LYS I 152 -6.61 -46.33 -43.87
N ASP I 153 -7.63 -45.48 -44.02
CA ASP I 153 -8.85 -45.66 -43.25
C ASP I 153 -9.64 -46.87 -43.73
N ILE I 154 -9.91 -46.92 -45.04
CA ILE I 154 -10.80 -47.96 -45.55
C ILE I 154 -10.07 -49.28 -45.73
N PHE I 155 -8.80 -49.23 -46.16
CA PHE I 155 -8.03 -50.47 -46.27
C PHE I 155 -7.54 -50.97 -44.92
N GLY I 156 -7.43 -50.09 -43.92
CA GLY I 156 -7.21 -50.57 -42.57
C GLY I 156 -8.42 -51.31 -42.03
N ALA I 157 -9.62 -50.80 -42.30
CA ALA I 157 -10.83 -51.50 -41.89
C ALA I 157 -10.95 -52.85 -42.59
N TYR I 158 -10.60 -52.89 -43.87
CA TYR I 158 -10.61 -54.15 -44.60
C TYR I 158 -9.59 -55.13 -44.03
N SER I 159 -8.38 -54.64 -43.74
CA SER I 159 -7.35 -55.52 -43.20
C SER I 159 -7.75 -56.05 -41.83
N MET I 160 -8.32 -55.20 -40.99
CA MET I 160 -8.74 -55.65 -39.66
C MET I 160 -9.89 -56.65 -39.77
N ASP I 161 -10.77 -56.47 -40.75
CA ASP I 161 -11.83 -57.44 -40.98
C ASP I 161 -11.26 -58.78 -41.44
N VAL I 162 -10.29 -58.75 -42.36
CA VAL I 162 -9.76 -59.99 -42.91
C VAL I 162 -9.07 -60.82 -41.84
N ILE I 163 -8.26 -60.17 -41.00
CA ILE I 163 -7.47 -60.92 -40.02
C ILE I 163 -8.36 -61.48 -38.92
N THR I 164 -9.41 -60.76 -38.54
CA THR I 164 -10.29 -61.25 -37.48
C THR I 164 -11.16 -62.40 -37.97
N GLY I 165 -11.73 -62.29 -39.17
CA GLY I 165 -12.59 -63.35 -39.67
C GLY I 165 -11.83 -64.64 -39.94
N THR I 166 -10.64 -64.54 -40.54
CA THR I 166 -9.90 -65.74 -40.88
C THR I 166 -9.27 -66.41 -39.66
N SER I 167 -8.98 -65.63 -38.61
CA SER I 167 -8.27 -66.18 -37.48
C SER I 167 -9.20 -66.62 -36.36
N PHE I 168 -10.28 -65.87 -36.12
CA PHE I 168 -11.15 -66.14 -34.99
C PHE I 168 -12.57 -66.54 -35.38
N GLY I 169 -12.87 -66.60 -36.68
CA GLY I 169 -14.21 -66.98 -37.11
C GLY I 169 -15.30 -66.05 -36.64
N VAL I 170 -14.97 -64.78 -36.42
CA VAL I 170 -15.94 -63.78 -35.99
C VAL I 170 -15.82 -62.57 -36.90
N ASN I 171 -16.96 -62.01 -37.29
CA ASN I 171 -17.00 -60.83 -38.16
C ASN I 171 -17.30 -59.62 -37.30
N ILE I 172 -16.29 -58.76 -37.11
CA ILE I 172 -16.47 -57.51 -36.37
C ILE I 172 -17.00 -56.37 -37.24
N ASP I 173 -17.07 -56.58 -38.56
CA ASP I 173 -17.64 -55.59 -39.48
C ASP I 173 -16.95 -54.23 -39.34
N SER I 174 -15.61 -54.26 -39.33
CA SER I 174 -14.85 -53.03 -39.22
C SER I 174 -15.03 -52.12 -40.43
N LEU I 175 -15.44 -52.67 -41.57
CA LEU I 175 -15.64 -51.83 -42.77
C LEU I 175 -16.91 -51.00 -42.67
N ASN I 176 -17.90 -51.45 -41.90
CA ASN I 176 -19.14 -50.72 -41.72
C ASN I 176 -19.26 -50.14 -40.32
N ASN I 177 -18.14 -49.77 -39.71
CA ASN I 177 -18.13 -49.15 -38.40
C ASN I 177 -17.00 -48.12 -38.34
N PRO I 178 -17.33 -46.83 -38.40
CA PRO I 178 -16.26 -45.81 -38.35
C PRO I 178 -15.53 -45.75 -37.02
N GLN I 179 -16.15 -46.23 -35.93
CA GLN I 179 -15.53 -46.21 -34.62
C GLN I 179 -15.24 -47.63 -34.14
N ASP I 180 -14.56 -48.41 -34.97
CA ASP I 180 -14.24 -49.79 -34.63
C ASP I 180 -13.27 -49.80 -33.44
N PRO I 181 -13.61 -50.45 -32.34
CA PRO I 181 -12.67 -50.50 -31.20
C PRO I 181 -11.39 -51.25 -31.53
N PHE I 182 -11.44 -52.25 -32.42
CA PHE I 182 -10.25 -53.02 -32.74
C PHE I 182 -9.21 -52.17 -33.48
N VAL I 183 -9.65 -51.36 -34.43
CA VAL I 183 -8.71 -50.49 -35.14
C VAL I 183 -8.19 -49.39 -34.22
N GLU I 184 -9.07 -48.82 -33.37
CA GLU I 184 -8.64 -47.78 -32.45
C GLU I 184 -7.55 -48.29 -31.51
N SER I 185 -7.77 -49.47 -30.93
CA SER I 185 -6.80 -50.03 -29.98
C SER I 185 -5.48 -50.34 -30.67
N THR I 186 -5.54 -50.96 -31.86
CA THR I 186 -4.31 -51.37 -32.53
C THR I 186 -3.50 -50.18 -33.01
N LYS I 187 -4.15 -49.04 -33.28
CA LYS I 187 -3.43 -47.83 -33.69
C LYS I 187 -2.50 -47.33 -32.59
N LYS I 188 -2.84 -47.55 -31.33
CA LYS I 188 -1.99 -47.09 -30.23
C LYS I 188 -0.62 -47.77 -30.23
N PHE I 189 -0.49 -48.95 -30.86
CA PHE I 189 0.82 -49.57 -30.99
C PHE I 189 1.77 -48.70 -31.78
N LEU I 190 1.26 -47.90 -32.72
CA LEU I 190 2.09 -47.05 -33.57
C LEU I 190 2.52 -45.76 -32.90
N LYS I 191 2.04 -45.48 -31.69
CA LYS I 191 2.39 -44.25 -30.99
C LYS I 191 3.75 -44.32 -30.30
N PHE I 192 4.28 -45.52 -30.08
CA PHE I 192 5.57 -45.68 -29.43
C PHE I 192 6.66 -44.94 -30.20
N GLY I 193 7.54 -44.27 -29.46
CA GLY I 193 8.65 -43.56 -30.06
C GLY I 193 9.92 -43.79 -29.28
N PHE I 194 11.05 -43.51 -29.94
CA PHE I 194 12.35 -43.75 -29.32
C PHE I 194 12.66 -42.74 -28.22
N LEU I 195 12.04 -41.56 -28.24
CA LEU I 195 12.23 -40.57 -27.19
C LEU I 195 11.16 -40.63 -26.12
N ASP I 196 10.35 -41.68 -26.08
CA ASP I 196 9.34 -41.79 -25.04
C ASP I 196 10.02 -41.98 -23.68
N PRO I 197 9.50 -41.36 -22.63
CA PRO I 197 10.19 -41.44 -21.32
C PRO I 197 10.40 -42.85 -20.81
N LEU I 198 9.42 -43.74 -20.97
CA LEU I 198 9.58 -45.10 -20.47
C LEU I 198 10.68 -45.85 -21.22
N PHE I 199 10.80 -45.64 -22.52
CA PHE I 199 11.88 -46.28 -23.27
C PHE I 199 13.24 -45.72 -22.88
N LEU I 200 13.34 -44.39 -22.75
CA LEU I 200 14.63 -43.77 -22.45
C LEU I 200 15.17 -44.22 -21.09
N SER I 201 14.28 -44.39 -20.11
CA SER I 201 14.73 -44.85 -18.81
C SER I 201 15.31 -46.27 -18.89
N ILE I 202 14.73 -47.10 -19.75
CA ILE I 202 15.28 -48.44 -19.95
C ILE I 202 16.67 -48.37 -20.56
N ILE I 203 16.87 -47.43 -21.48
CA ILE I 203 18.18 -47.26 -22.11
C ILE I 203 19.20 -46.75 -21.09
N LEU I 204 18.82 -45.74 -20.30
CA LEU I 204 19.75 -45.18 -19.31
C LEU I 204 20.00 -46.16 -18.19
N PHE I 205 18.94 -46.77 -17.65
CA PHE I 205 19.02 -47.67 -16.50
C PHE I 205 18.49 -49.05 -16.92
N PRO I 206 19.34 -49.93 -17.43
CA PRO I 206 18.85 -51.26 -17.84
C PRO I 206 18.38 -52.12 -16.69
N PHE I 207 18.80 -51.83 -15.46
CA PHE I 207 18.37 -52.58 -14.30
C PHE I 207 16.92 -52.33 -13.90
N LEU I 208 16.27 -51.32 -14.50
CA LEU I 208 14.88 -51.05 -14.18
C LEU I 208 13.91 -51.96 -14.90
N THR I 209 14.38 -52.67 -15.92
CA THR I 209 13.49 -53.56 -16.67
C THR I 209 12.84 -54.62 -15.79
N PRO I 210 13.57 -55.37 -14.96
CA PRO I 210 12.88 -56.29 -14.05
C PRO I 210 11.98 -55.59 -13.05
N VAL I 211 12.35 -54.38 -12.62
CA VAL I 211 11.51 -53.63 -11.69
C VAL I 211 10.19 -53.27 -12.34
N PHE I 212 10.23 -52.77 -13.57
CA PHE I 212 9.00 -52.45 -14.28
C PHE I 212 8.18 -53.70 -14.54
N GLU I 213 8.85 -54.84 -14.76
CA GLU I 213 8.12 -56.09 -14.93
C GLU I 213 7.35 -56.44 -13.67
N ALA I 214 7.99 -56.28 -12.50
CA ALA I 214 7.31 -56.59 -11.24
C ALA I 214 6.22 -55.57 -10.92
N LEU I 215 6.38 -54.33 -11.36
CA LEU I 215 5.38 -53.31 -11.11
C LEU I 215 4.25 -53.33 -12.14
N ASN I 216 4.28 -54.29 -13.09
CA ASN I 216 3.25 -54.41 -14.10
C ASN I 216 3.21 -53.18 -15.02
N VAL I 217 4.39 -52.76 -15.47
CA VAL I 217 4.54 -51.66 -16.41
C VAL I 217 5.09 -52.22 -17.71
N SER I 218 4.52 -51.79 -18.83
CA SER I 218 4.84 -52.36 -20.13
C SER I 218 5.08 -51.26 -21.16
N LEU I 219 5.93 -51.58 -22.15
CA LEU I 219 6.10 -50.70 -23.31
C LEU I 219 4.82 -50.58 -24.11
N PHE I 220 4.00 -51.64 -24.17
CA PHE I 220 2.81 -51.63 -25.00
C PHE I 220 1.68 -50.89 -24.31
N PRO I 221 0.74 -50.34 -25.07
CA PRO I 221 -0.44 -49.71 -24.45
C PRO I 221 -1.28 -50.75 -23.72
N LYS I 222 -1.43 -50.55 -22.41
CA LYS I 222 -2.12 -51.55 -21.59
C LYS I 222 -3.62 -51.59 -21.88
N ASP I 223 -4.22 -50.46 -22.26
CA ASP I 223 -5.63 -50.48 -22.62
C ASP I 223 -5.86 -51.23 -23.92
N THR I 224 -4.91 -51.18 -24.85
CA THR I 224 -5.00 -51.99 -26.07
C THR I 224 -4.82 -53.46 -25.74
N ILE I 225 -3.80 -53.78 -24.95
CA ILE I 225 -3.56 -55.18 -24.57
C ILE I 225 -4.74 -55.73 -23.79
N ASN I 226 -5.38 -54.88 -22.97
CA ASN I 226 -6.54 -55.34 -22.20
C ASN I 226 -7.72 -55.61 -23.12
N PHE I 227 -8.02 -54.69 -24.04
CA PHE I 227 -9.18 -54.86 -24.90
C PHE I 227 -9.02 -56.07 -25.82
N LEU I 228 -7.82 -56.24 -26.40
CA LEU I 228 -7.63 -57.37 -27.30
C LEU I 228 -7.75 -58.70 -26.57
N SER I 229 -7.04 -58.85 -25.46
CA SER I 229 -7.13 -60.10 -24.70
C SER I 229 -8.54 -60.32 -24.17
N LYS I 230 -9.25 -59.25 -23.81
CA LYS I 230 -10.63 -59.39 -23.36
C LYS I 230 -11.53 -59.86 -24.51
N SER I 231 -11.39 -59.27 -25.69
CA SER I 231 -12.23 -59.64 -26.82
C SER I 231 -11.86 -61.02 -27.35
N VAL I 232 -10.56 -61.34 -27.39
CA VAL I 232 -10.12 -62.65 -27.87
C VAL I 232 -10.70 -63.76 -27.00
N ASN I 233 -10.70 -63.56 -25.67
CA ASN I 233 -11.26 -64.56 -24.78
C ASN I 233 -12.76 -64.72 -24.98
N ARG I 234 -13.47 -63.63 -25.29
CA ARG I 234 -14.88 -63.75 -25.63
C ARG I 234 -15.07 -64.62 -26.87
N MET I 235 -14.18 -64.49 -27.85
CA MET I 235 -14.26 -65.32 -29.06
C MET I 235 -13.93 -66.77 -28.77
N LYS I 236 -12.97 -67.02 -27.86
CA LYS I 236 -12.64 -68.39 -27.51
C LYS I 236 -13.79 -69.07 -26.79
N LYS I 237 -14.44 -68.35 -25.86
CA LYS I 237 -15.62 -68.90 -25.20
C LYS I 237 -16.75 -69.09 -26.20
N SER I 238 -16.86 -68.22 -27.20
CA SER I 238 -17.90 -68.34 -28.21
C SER I 238 -17.80 -69.64 -28.99
N ARG I 239 -16.67 -70.34 -28.90
CA ARG I 239 -16.48 -71.60 -29.60
C ARG I 239 -17.17 -72.78 -28.91
N LEU I 240 -17.83 -72.56 -27.77
CA LEU I 240 -18.64 -73.61 -27.16
C LEU I 240 -20.02 -73.76 -27.80
N ASN I 241 -20.31 -72.98 -28.85
CA ASN I 241 -21.64 -73.03 -29.47
C ASN I 241 -21.94 -74.39 -30.08
N ASP I 242 -20.90 -75.12 -30.52
CA ASP I 242 -21.06 -76.43 -31.12
C ASP I 242 -21.99 -76.39 -32.34
N LYS I 243 -21.91 -75.30 -33.10
CA LYS I 243 -22.64 -75.16 -34.35
C LYS I 243 -21.88 -75.78 -35.53
N GLN I 244 -20.90 -76.64 -35.25
CA GLN I 244 -20.00 -77.17 -36.29
C GLN I 244 -19.31 -76.05 -37.05
N LYS I 245 -19.02 -74.96 -36.35
CA LYS I 245 -18.39 -73.78 -36.93
C LYS I 245 -16.88 -73.95 -37.13
N HIS I 246 -16.32 -75.08 -36.71
CA HIS I 246 -14.88 -75.25 -36.71
C HIS I 246 -14.35 -75.34 -38.13
N ARG I 247 -13.67 -74.29 -38.58
CA ARG I 247 -12.87 -74.35 -39.79
C ARG I 247 -11.44 -74.80 -39.50
N LEU I 248 -11.15 -75.14 -38.25
CA LEU I 248 -9.78 -75.33 -37.78
C LEU I 248 -8.91 -74.12 -38.14
N ASP I 249 -9.39 -72.96 -37.71
CA ASP I 249 -8.74 -71.69 -38.00
C ASP I 249 -7.59 -71.45 -37.03
N PHE I 250 -7.10 -70.21 -36.99
CA PHE I 250 -6.03 -69.85 -36.08
C PHE I 250 -6.45 -70.01 -34.62
N LEU I 251 -7.66 -69.56 -34.28
CA LEU I 251 -8.14 -69.67 -32.91
C LEU I 251 -8.27 -71.13 -32.50
N GLN I 252 -8.89 -71.95 -33.36
CA GLN I 252 -9.10 -73.35 -33.03
C GLN I 252 -7.78 -74.08 -32.83
N LEU I 253 -6.77 -73.74 -33.64
CA LEU I 253 -5.47 -74.40 -33.50
C LEU I 253 -4.87 -74.19 -32.13
N MET I 254 -5.15 -73.03 -31.52
CA MET I 254 -4.66 -72.76 -30.17
C MET I 254 -5.54 -73.38 -29.10
N ILE I 255 -6.85 -73.48 -29.35
CA ILE I 255 -7.74 -74.14 -28.41
C ILE I 255 -7.36 -75.61 -28.25
N ASP I 256 -7.00 -76.26 -29.36
CA ASP I 256 -6.65 -77.67 -29.32
C ASP I 256 -5.39 -77.94 -28.50
N SER I 257 -4.59 -76.91 -28.23
CA SER I 257 -3.37 -77.09 -27.45
C SER I 257 -3.58 -76.93 -25.95
N GLN I 258 -4.68 -76.31 -25.52
CA GLN I 258 -4.91 -76.09 -24.11
C GLN I 258 -5.29 -77.37 -23.36
N ASN I 259 -5.76 -78.39 -24.07
CA ASN I 259 -6.10 -79.68 -23.47
C ASN I 259 -5.13 -80.77 -23.90
N SER I 260 -3.84 -80.46 -23.88
CA SER I 260 -2.80 -81.40 -24.28
C SER I 260 -1.61 -81.28 -23.36
N LYS I 261 -0.82 -82.35 -23.31
CA LYS I 261 0.36 -82.37 -22.45
C LYS I 261 1.44 -81.50 -23.06
N GLU I 262 2.03 -80.62 -22.25
CA GLU I 262 3.10 -79.73 -22.71
C GLU I 262 4.41 -80.50 -22.68
N THR I 263 4.71 -81.20 -23.77
CA THR I 263 5.98 -81.89 -23.93
C THR I 263 7.10 -80.87 -24.11
N GLU I 264 8.34 -81.37 -24.09
CA GLU I 264 9.48 -80.55 -24.46
C GLU I 264 9.41 -80.15 -25.94
N SER I 265 8.71 -80.92 -26.76
CA SER I 265 8.56 -80.65 -28.18
C SER I 265 7.26 -79.97 -28.55
N HIS I 266 6.19 -80.19 -27.80
CA HIS I 266 4.88 -79.63 -28.09
C HIS I 266 4.53 -78.57 -27.05
N LYS I 267 3.91 -77.48 -27.51
CA LYS I 267 3.56 -76.35 -26.65
C LYS I 267 2.07 -76.38 -26.35
N ALA I 268 1.73 -76.24 -25.07
CA ALA I 268 0.35 -76.14 -24.61
C ALA I 268 0.13 -74.70 -24.15
N LEU I 269 -0.72 -73.96 -24.87
CA LEU I 269 -0.87 -72.54 -24.62
C LEU I 269 -1.70 -72.25 -23.38
N SER I 270 -1.31 -71.23 -22.64
CA SER I 270 -2.09 -70.72 -21.54
C SER I 270 -3.17 -69.78 -22.08
N ASP I 271 -4.00 -69.25 -21.18
CA ASP I 271 -4.96 -68.23 -21.60
C ASP I 271 -4.25 -66.94 -22.01
N LEU I 272 -3.18 -66.58 -21.31
CA LEU I 272 -2.42 -65.38 -21.66
C LEU I 272 -1.53 -65.64 -22.87
N GLU I 273 -0.86 -66.79 -22.92
CA GLU I 273 -0.04 -67.12 -24.07
C GLU I 273 -0.88 -67.15 -25.34
N LEU I 274 -2.13 -67.59 -25.24
CA LEU I 274 -3.03 -67.56 -26.38
C LEU I 274 -3.33 -66.13 -26.81
N ALA I 275 -3.65 -65.27 -25.84
CA ALA I 275 -3.92 -63.88 -26.15
C ALA I 275 -2.69 -63.19 -26.74
N ALA I 276 -1.49 -63.65 -26.36
CA ALA I 276 -0.27 -63.03 -26.87
C ALA I 276 -0.16 -63.22 -28.38
N GLN I 277 -0.32 -64.46 -28.85
CA GLN I 277 -0.24 -64.71 -30.29
C GLN I 277 -1.37 -63.99 -31.04
N SER I 278 -2.54 -63.88 -30.42
CA SER I 278 -3.66 -63.21 -31.07
C SER I 278 -3.36 -61.73 -31.27
N ILE I 279 -2.73 -61.09 -30.30
CA ILE I 279 -2.39 -59.68 -30.43
C ILE I 279 -1.39 -59.43 -31.56
N ILE I 280 -0.39 -60.28 -31.67
CA ILE I 280 0.58 -60.15 -32.76
C ILE I 280 -0.07 -60.35 -34.12
N PHE I 281 -0.96 -61.35 -34.21
CA PHE I 281 -1.63 -61.62 -35.49
C PHE I 281 -2.55 -60.46 -35.83
N ILE I 282 -3.28 -59.93 -34.85
CA ILE I 282 -4.19 -58.81 -35.10
C ILE I 282 -3.42 -57.58 -35.57
N PHE I 283 -2.31 -57.27 -34.89
CA PHE I 283 -1.54 -56.09 -35.27
C PHE I 283 -0.89 -56.26 -36.63
N ALA I 284 -0.28 -57.41 -36.88
CA ALA I 284 0.41 -57.63 -38.15
C ALA I 284 -0.56 -57.67 -39.32
N GLY I 285 -1.72 -58.30 -39.13
CA GLY I 285 -2.69 -58.37 -40.20
C GLY I 285 -3.32 -57.03 -40.54
N TYR I 286 -3.40 -56.14 -39.56
CA TYR I 286 -3.98 -54.81 -39.77
C TYR I 286 -2.98 -53.82 -40.35
N GLU I 287 -1.84 -53.62 -39.67
CA GLU I 287 -0.94 -52.53 -40.01
C GLU I 287 -0.19 -52.80 -41.31
N THR I 288 0.54 -53.92 -41.37
CA THR I 288 1.38 -54.19 -42.53
C THR I 288 0.55 -54.30 -43.81
N THR I 289 -0.55 -55.04 -43.75
CA THR I 289 -1.37 -55.26 -44.95
C THR I 289 -1.90 -53.95 -45.51
N SER I 290 -2.48 -53.12 -44.64
CA SER I 290 -3.07 -51.86 -45.10
C SER I 290 -2.01 -50.84 -45.50
N SER I 291 -0.82 -50.89 -44.89
CA SER I 291 0.24 -49.96 -45.26
C SER I 291 0.77 -50.26 -46.67
N VAL I 292 1.05 -51.53 -46.94
CA VAL I 292 1.54 -51.91 -48.27
C VAL I 292 0.48 -51.67 -49.34
N LEU I 293 -0.79 -51.94 -49.01
CA LEU I 293 -1.87 -51.68 -49.95
C LEU I 293 -1.94 -50.21 -50.32
N SER I 294 -1.89 -49.33 -49.31
CA SER I 294 -1.90 -47.90 -49.56
C SER I 294 -0.68 -47.46 -50.38
N PHE I 295 0.49 -48.02 -50.07
CA PHE I 295 1.68 -47.72 -50.85
C PHE I 295 1.53 -48.17 -52.30
N THR I 296 0.96 -49.37 -52.51
CA THR I 296 0.78 -49.88 -53.87
C THR I 296 -0.15 -48.99 -54.67
N LEU I 297 -1.27 -48.58 -54.06
CA LEU I 297 -2.22 -47.73 -54.78
C LEU I 297 -1.63 -46.35 -55.05
N TYR I 298 -0.74 -45.87 -54.19
CA TYR I 298 -0.07 -44.61 -54.47
C TYR I 298 0.82 -44.73 -55.70
N GLU I 299 1.53 -45.86 -55.82
CA GLU I 299 2.40 -46.05 -56.98
C GLU I 299 1.59 -46.22 -58.27
N LEU I 300 0.46 -46.93 -58.19
CA LEU I 300 -0.37 -47.10 -59.38
C LEU I 300 -0.99 -45.77 -59.82
N ALA I 301 -1.29 -44.89 -58.88
CA ALA I 301 -1.90 -43.61 -59.23
C ALA I 301 -0.87 -42.64 -59.80
N THR I 302 0.35 -42.67 -59.30
CA THR I 302 1.40 -41.80 -59.83
C THR I 302 2.10 -42.39 -61.05
N HIS I 303 1.78 -43.64 -61.41
CA HIS I 303 2.31 -44.28 -62.62
C HIS I 303 1.13 -44.90 -63.35
N PRO I 304 0.37 -44.10 -64.09
CA PRO I 304 -0.83 -44.64 -64.76
C PRO I 304 -0.56 -45.71 -65.79
N ASP I 305 0.65 -45.74 -66.37
CA ASP I 305 0.99 -46.81 -67.31
C ASP I 305 1.04 -48.15 -66.60
N VAL I 306 1.51 -48.18 -65.35
CA VAL I 306 1.54 -49.42 -64.59
C VAL I 306 0.12 -49.84 -64.19
N GLN I 307 -0.69 -48.89 -63.74
CA GLN I 307 -2.06 -49.21 -63.36
C GLN I 307 -2.87 -49.70 -64.56
N GLN I 308 -2.63 -49.11 -65.73
CA GLN I 308 -3.35 -49.53 -66.93
C GLN I 308 -2.95 -50.93 -67.35
N LYS I 309 -1.65 -51.25 -67.32
CA LYS I 309 -1.22 -52.58 -67.71
C LYS I 309 -1.71 -53.64 -66.73
N LEU I 310 -1.75 -53.30 -65.43
CA LEU I 310 -2.26 -54.25 -64.45
C LEU I 310 -3.75 -54.51 -64.64
N GLN I 311 -4.54 -53.44 -64.84
CA GLN I 311 -5.96 -53.62 -65.11
C GLN I 311 -6.19 -54.43 -66.38
N LYS I 312 -5.32 -54.26 -67.37
CA LYS I 312 -5.42 -55.08 -68.59
C LYS I 312 -5.19 -56.56 -68.26
N GLU I 313 -4.23 -56.84 -67.38
CA GLU I 313 -3.95 -58.22 -67.01
C GLU I 313 -5.08 -58.81 -66.18
N ILE I 314 -5.64 -58.03 -65.26
CA ILE I 314 -6.76 -58.51 -64.45
C ILE I 314 -7.97 -58.77 -65.33
N ASP I 315 -8.27 -57.85 -66.26
CA ASP I 315 -9.41 -58.04 -67.16
C ASP I 315 -9.18 -59.18 -68.14
N ALA I 316 -7.93 -59.59 -68.36
CA ALA I 316 -7.65 -60.71 -69.25
C ALA I 316 -7.96 -62.04 -68.58
N VAL I 317 -7.68 -62.15 -67.29
CA VAL I 317 -7.94 -63.39 -66.56
C VAL I 317 -9.34 -63.40 -65.93
N LEU I 318 -9.83 -62.24 -65.49
CA LEU I 318 -11.14 -62.10 -64.86
C LEU I 318 -11.93 -61.06 -65.65
N PRO I 319 -12.45 -61.42 -66.82
CA PRO I 319 -13.17 -60.44 -67.64
C PRO I 319 -14.48 -60.04 -67.00
N ASN I 320 -14.84 -58.77 -67.19
CA ASN I 320 -16.13 -58.24 -66.76
C ASN I 320 -16.37 -58.44 -65.27
N LYS I 321 -15.37 -58.06 -64.47
CA LYS I 321 -15.47 -58.10 -63.00
C LYS I 321 -15.75 -59.51 -62.49
N ALA I 322 -15.13 -60.50 -63.12
CA ALA I 322 -15.34 -61.89 -62.71
C ALA I 322 -14.75 -62.11 -61.32
N PRO I 323 -15.46 -62.83 -60.45
CA PRO I 323 -14.94 -63.10 -59.11
C PRO I 323 -13.68 -63.94 -59.17
N PRO I 324 -12.67 -63.63 -58.37
CA PRO I 324 -11.40 -64.35 -58.45
C PRO I 324 -11.48 -65.71 -57.77
N THR I 325 -10.53 -66.56 -58.15
CA THR I 325 -10.28 -67.83 -57.48
C THR I 325 -8.85 -67.84 -56.95
N TYR I 326 -8.56 -68.83 -56.10
CA TYR I 326 -7.25 -68.92 -55.47
C TYR I 326 -6.14 -68.98 -56.52
N ASP I 327 -6.21 -69.97 -57.42
CA ASP I 327 -5.16 -70.14 -58.43
C ASP I 327 -5.07 -68.96 -59.38
N ALA I 328 -6.12 -68.15 -59.49
CA ALA I 328 -6.10 -67.01 -60.40
C ALA I 328 -5.34 -65.82 -59.82
N VAL I 329 -5.41 -65.63 -58.50
CA VAL I 329 -4.75 -64.48 -57.88
C VAL I 329 -3.26 -64.75 -57.66
N VAL I 330 -2.88 -66.02 -57.47
CA VAL I 330 -1.50 -66.38 -57.24
C VAL I 330 -0.79 -66.74 -58.54
N GLN I 331 -1.35 -66.35 -59.68
CA GLN I 331 -0.74 -66.63 -60.97
C GLN I 331 -0.47 -65.39 -61.80
N MET I 332 -1.15 -64.27 -61.55
CA MET I 332 -0.93 -63.04 -62.30
C MET I 332 0.50 -62.55 -62.10
N GLU I 333 1.29 -62.59 -63.17
CA GLU I 333 2.70 -62.27 -63.06
C GLU I 333 2.92 -60.78 -62.81
N TYR I 334 2.21 -59.92 -63.53
CA TYR I 334 2.44 -58.49 -63.37
C TYR I 334 1.94 -57.99 -62.02
N LEU I 335 0.81 -58.51 -61.54
CA LEU I 335 0.36 -58.19 -60.20
C LEU I 335 1.39 -58.61 -59.15
N ASP I 336 2.07 -59.73 -59.40
CA ASP I 336 3.14 -60.15 -58.50
C ASP I 336 4.33 -59.19 -58.57
N MET I 337 4.62 -58.66 -59.76
CA MET I 337 5.70 -57.70 -59.89
C MET I 337 5.35 -56.37 -59.23
N VAL I 338 4.09 -55.94 -59.35
CA VAL I 338 3.66 -54.68 -58.74
C VAL I 338 3.82 -54.75 -57.22
N VAL I 339 3.40 -55.87 -56.62
CA VAL I 339 3.52 -56.01 -55.17
C VAL I 339 4.99 -56.12 -54.77
N ASN I 340 5.76 -56.92 -55.50
CA ASN I 340 7.17 -57.11 -55.14
C ASN I 340 7.96 -55.82 -55.24
N GLU I 341 7.60 -54.93 -56.16
CA GLU I 341 8.30 -53.65 -56.26
C GLU I 341 7.85 -52.70 -55.16
N THR I 342 6.58 -52.74 -54.78
CA THR I 342 6.10 -51.92 -53.67
C THR I 342 6.85 -52.27 -52.40
N LEU I 343 7.06 -53.56 -52.14
CA LEU I 343 7.78 -53.97 -50.94
C LEU I 343 9.26 -53.64 -51.02
N ARG I 344 9.81 -53.53 -52.24
CA ARG I 344 11.18 -53.06 -52.38
C ARG I 344 11.29 -51.60 -51.95
N LEU I 345 10.39 -50.75 -52.45
CA LEU I 345 10.40 -49.34 -52.07
C LEU I 345 9.96 -49.12 -50.64
N PHE I 346 9.10 -50.00 -50.11
CA PHE I 346 8.53 -49.83 -48.77
C PHE I 346 8.53 -51.15 -48.02
N PRO I 347 9.69 -51.61 -47.57
CA PRO I 347 9.70 -52.74 -46.62
C PRO I 347 9.31 -52.25 -45.23
N VAL I 348 8.05 -52.49 -44.84
CA VAL I 348 7.48 -51.84 -43.67
C VAL I 348 8.27 -52.16 -42.40
N ALA I 349 8.85 -53.36 -42.32
CA ALA I 349 9.76 -53.71 -41.22
C ALA I 349 11.13 -53.27 -41.69
N ILE I 350 11.57 -52.10 -41.20
CA ILE I 350 12.71 -51.40 -41.78
C ILE I 350 13.92 -52.31 -41.89
N ARG I 351 14.07 -53.23 -40.95
CA ARG I 351 15.28 -54.00 -40.83
C ARG I 351 14.95 -55.37 -40.27
N LEU I 352 15.91 -56.29 -40.40
CA LEU I 352 15.87 -57.58 -39.74
C LEU I 352 16.84 -57.55 -38.56
N GLU I 353 16.43 -58.15 -37.45
CA GLU I 353 17.20 -58.08 -36.22
C GLU I 353 17.45 -59.48 -35.67
N ARG I 354 18.70 -59.76 -35.34
CA ARG I 354 19.09 -60.99 -34.66
C ARG I 354 20.04 -60.64 -33.51
N THR I 355 20.02 -61.47 -32.47
CA THR I 355 20.88 -61.29 -31.31
C THR I 355 21.91 -62.40 -31.27
N CYS I 356 23.16 -62.03 -30.99
CA CYS I 356 24.29 -62.95 -31.03
C CYS I 356 24.42 -63.65 -29.69
N LYS I 357 24.19 -64.97 -29.66
CA LYS I 357 24.24 -65.71 -28.40
C LYS I 357 25.67 -66.02 -27.97
N LYS I 358 26.52 -66.39 -28.92
CA LYS I 358 27.92 -66.70 -28.65
C LYS I 358 28.78 -65.96 -29.65
N ASP I 359 29.89 -65.39 -29.19
CA ASP I 359 30.76 -64.63 -30.08
C ASP I 359 31.37 -65.53 -31.13
N VAL I 360 31.27 -65.13 -32.40
CA VAL I 360 31.69 -65.91 -33.54
C VAL I 360 32.51 -65.02 -34.47
N GLU I 361 33.04 -65.64 -35.53
CA GLU I 361 33.76 -64.93 -36.58
C GLU I 361 33.28 -65.48 -37.91
N ILE I 362 32.67 -64.63 -38.72
CA ILE I 362 31.99 -65.03 -39.95
C ILE I 362 32.52 -64.19 -41.11
N ASN I 363 33.19 -64.85 -42.06
CA ASN I 363 33.63 -64.20 -43.29
C ASN I 363 34.46 -62.96 -43.01
N GLY I 364 35.42 -63.09 -42.08
CA GLY I 364 36.23 -61.97 -41.70
C GLY I 364 35.52 -60.91 -40.89
N VAL I 365 34.33 -61.21 -40.36
CA VAL I 365 33.56 -60.30 -39.54
C VAL I 365 33.44 -60.92 -38.16
N PHE I 366 33.86 -60.19 -37.15
CA PHE I 366 33.78 -60.65 -35.76
C PHE I 366 32.56 -60.03 -35.10
N ILE I 367 31.75 -60.88 -34.47
CA ILE I 367 30.54 -60.44 -33.79
C ILE I 367 30.61 -60.85 -32.32
N PRO I 368 30.68 -59.92 -31.38
CA PRO I 368 30.77 -60.28 -29.96
C PRO I 368 29.43 -60.73 -29.40
N LYS I 369 29.51 -61.45 -28.27
CA LYS I 369 28.32 -61.99 -27.62
C LYS I 369 27.42 -60.87 -27.12
N GLY I 370 26.11 -61.12 -27.17
CA GLY I 370 25.12 -60.18 -26.69
C GLY I 370 24.79 -59.05 -27.64
N SER I 371 25.54 -58.90 -28.73
CA SER I 371 25.29 -57.84 -29.69
C SER I 371 24.07 -58.17 -30.55
N MET I 372 23.47 -57.12 -31.07
CA MET I 372 22.34 -57.25 -32.00
C MET I 372 22.86 -57.07 -33.41
N VAL I 373 22.54 -58.02 -34.28
CA VAL I 373 22.90 -57.96 -35.69
C VAL I 373 21.69 -57.44 -36.45
N VAL I 374 21.91 -56.47 -37.32
CA VAL I 374 20.84 -55.83 -38.08
C VAL I 374 21.13 -55.99 -39.57
N ILE I 375 20.13 -56.46 -40.31
CA ILE I 375 20.20 -56.49 -41.77
C ILE I 375 19.39 -55.30 -42.28
N PRO I 376 20.05 -54.24 -42.75
CA PRO I 376 19.31 -53.05 -43.18
C PRO I 376 18.50 -53.30 -44.44
N THR I 377 17.32 -53.89 -44.29
CA THR I 377 16.49 -54.22 -45.43
C THR I 377 16.21 -53.00 -46.30
N TYR I 378 15.75 -51.91 -45.67
CA TYR I 378 15.43 -50.71 -46.42
C TYR I 378 16.64 -50.18 -47.18
N ALA I 379 17.80 -50.15 -46.52
CA ALA I 379 19.01 -49.65 -47.18
C ALA I 379 19.39 -50.51 -48.36
N LEU I 380 19.39 -51.84 -48.19
CA LEU I 380 19.75 -52.73 -49.28
C LEU I 380 18.71 -52.70 -50.40
N HIS I 381 17.46 -52.37 -50.07
CA HIS I 381 16.44 -52.27 -51.10
C HIS I 381 16.65 -51.04 -51.98
N HIS I 382 17.22 -49.97 -51.42
CA HIS I 382 17.46 -48.73 -52.16
C HIS I 382 18.92 -48.58 -52.58
N ASP I 383 19.72 -49.64 -52.49
CA ASP I 383 21.13 -49.56 -52.82
C ASP I 383 21.32 -49.40 -54.33
N PRO I 384 21.97 -48.35 -54.81
CA PRO I 384 22.27 -48.25 -56.24
C PRO I 384 23.20 -49.34 -56.74
N LYS I 385 23.96 -49.96 -55.84
CA LYS I 385 24.85 -51.06 -56.24
C LYS I 385 24.06 -52.26 -56.77
N TYR I 386 22.85 -52.48 -56.25
CA TYR I 386 22.06 -53.64 -56.64
C TYR I 386 20.86 -53.32 -57.53
N TRP I 387 20.38 -52.09 -57.53
CA TRP I 387 19.16 -51.72 -58.24
C TRP I 387 19.41 -50.44 -59.01
N THR I 388 19.31 -50.52 -60.34
CA THR I 388 19.37 -49.32 -61.16
C THR I 388 18.15 -48.45 -60.89
N GLU I 389 18.35 -47.13 -60.91
CA GLU I 389 17.36 -46.12 -60.54
C GLU I 389 16.52 -46.56 -59.33
N PRO I 390 17.13 -46.70 -58.16
CA PRO I 390 16.45 -47.39 -57.05
C PRO I 390 15.24 -46.64 -56.50
N GLU I 391 15.21 -45.32 -56.61
CA GLU I 391 14.09 -44.55 -56.07
C GLU I 391 12.87 -44.56 -56.96
N GLU I 392 12.93 -45.21 -58.12
CA GLU I 392 11.84 -45.17 -59.09
C GLU I 392 11.12 -46.51 -59.16
N PHE I 393 9.82 -46.43 -59.45
CA PHE I 393 8.92 -47.57 -59.40
C PHE I 393 8.95 -48.27 -60.75
N ARG I 394 9.74 -49.35 -60.85
CA ARG I 394 9.90 -50.11 -62.08
C ARG I 394 9.55 -51.57 -61.82
N PRO I 395 8.28 -51.95 -61.95
CA PRO I 395 7.89 -53.34 -61.66
C PRO I 395 8.61 -54.38 -62.51
N GLU I 396 9.17 -53.98 -63.66
CA GLU I 396 9.83 -54.92 -64.55
C GLU I 396 11.12 -55.49 -63.97
N ARG I 397 11.55 -55.03 -62.79
CA ARG I 397 12.74 -55.59 -62.14
C ARG I 397 12.58 -57.06 -61.79
N PHE I 398 11.36 -57.59 -61.77
CA PHE I 398 11.08 -58.95 -61.31
C PHE I 398 10.55 -59.77 -62.49
N SER I 399 11.44 -60.47 -63.18
CA SER I 399 11.05 -61.28 -64.33
C SER I 399 11.98 -62.48 -64.52
N ILE I 405 17.48 -62.72 -58.47
CA ILE I 405 17.39 -61.81 -57.33
C ILE I 405 17.82 -62.47 -56.02
N ASP I 406 18.79 -61.85 -55.37
CA ASP I 406 19.40 -62.44 -54.18
C ASP I 406 18.40 -62.43 -53.03
N PRO I 407 18.14 -63.58 -52.39
CA PRO I 407 17.19 -63.59 -51.27
C PRO I 407 17.73 -62.93 -50.01
N TYR I 408 18.98 -62.48 -50.01
CA TYR I 408 19.57 -61.81 -48.85
C TYR I 408 19.76 -60.32 -49.07
N ILE I 409 19.60 -59.83 -50.29
CA ILE I 409 19.54 -58.41 -50.54
C ILE I 409 18.09 -57.90 -50.52
N TYR I 410 17.17 -58.72 -51.02
CA TYR I 410 15.74 -58.41 -51.05
C TYR I 410 15.09 -59.25 -49.96
N THR I 411 14.76 -58.62 -48.83
CA THR I 411 14.25 -59.33 -47.66
C THR I 411 13.04 -58.61 -47.06
N PRO I 412 11.95 -58.45 -47.83
CA PRO I 412 10.77 -57.80 -47.25
C PRO I 412 10.10 -58.64 -46.18
N PHE I 413 10.17 -59.96 -46.30
CA PHE I 413 9.63 -60.87 -45.30
C PHE I 413 10.72 -61.61 -44.54
N GLY I 414 11.98 -61.22 -44.72
CA GLY I 414 13.09 -61.91 -44.10
C GLY I 414 13.38 -63.25 -44.78
N THR I 415 14.33 -63.98 -44.19
CA THR I 415 14.70 -65.29 -44.66
C THR I 415 15.12 -66.13 -43.46
N GLY I 416 15.04 -67.45 -43.63
CA GLY I 416 15.47 -68.37 -42.61
C GLY I 416 14.33 -68.83 -41.74
N PRO I 417 14.64 -69.60 -40.69
CA PRO I 417 13.58 -70.10 -39.81
C PRO I 417 12.81 -69.00 -39.09
N ARG I 418 13.33 -67.78 -39.05
CA ARG I 418 12.70 -66.67 -38.35
C ARG I 418 11.99 -65.70 -39.28
N ASN I 419 11.79 -66.07 -40.55
CA ASN I 419 11.16 -65.15 -41.49
C ASN I 419 9.69 -64.97 -41.14
N CYS I 420 9.00 -64.15 -41.94
CA CYS I 420 7.61 -63.84 -41.67
C CYS I 420 6.74 -65.08 -41.85
N ILE I 421 5.97 -65.43 -40.80
CA ILE I 421 5.11 -66.60 -40.86
C ILE I 421 3.85 -66.35 -41.67
N GLY I 422 3.44 -65.10 -41.84
CA GLY I 422 2.21 -64.79 -42.56
C GLY I 422 2.45 -64.22 -43.95
N MET I 423 3.63 -64.51 -44.51
CA MET I 423 3.96 -63.98 -45.83
C MET I 423 2.94 -64.39 -46.88
N ARG I 424 2.75 -65.70 -47.04
CA ARG I 424 1.80 -66.17 -48.06
C ARG I 424 0.40 -65.64 -47.80
N PHE I 425 0.01 -65.49 -46.53
CA PHE I 425 -1.29 -64.93 -46.22
C PHE I 425 -1.37 -63.46 -46.63
N ALA I 426 -0.37 -62.67 -46.26
CA ALA I 426 -0.38 -61.25 -46.61
C ALA I 426 -0.33 -61.05 -48.12
N LEU I 427 0.49 -61.86 -48.81
CA LEU I 427 0.56 -61.75 -50.26
C LEU I 427 -0.80 -62.02 -50.90
N MET I 428 -1.53 -63.02 -50.40
CA MET I 428 -2.82 -63.36 -50.98
C MET I 428 -3.82 -62.23 -50.82
N ASN I 429 -4.18 -61.91 -49.58
CA ASN I 429 -5.27 -60.97 -49.35
C ASN I 429 -4.95 -59.56 -49.85
N MET I 430 -3.67 -59.20 -49.97
CA MET I 430 -3.33 -57.95 -50.65
C MET I 430 -3.64 -58.05 -52.14
N LYS I 431 -3.30 -59.18 -52.77
CA LYS I 431 -3.61 -59.37 -54.18
C LYS I 431 -5.11 -59.43 -54.42
N LEU I 432 -5.86 -60.11 -53.55
CA LEU I 432 -7.31 -60.16 -53.71
C LEU I 432 -7.93 -58.78 -53.59
N ALA I 433 -7.45 -57.97 -52.65
CA ALA I 433 -7.94 -56.60 -52.53
C ALA I 433 -7.55 -55.78 -53.77
N LEU I 434 -6.29 -55.89 -54.19
CA LEU I 434 -5.84 -55.12 -55.35
C LEU I 434 -6.63 -55.49 -56.60
N ILE I 435 -7.01 -56.77 -56.72
CA ILE I 435 -7.75 -57.21 -57.89
C ILE I 435 -9.16 -56.63 -57.88
N ARG I 436 -9.88 -56.77 -56.77
CA ARG I 436 -11.27 -56.36 -56.72
C ARG I 436 -11.43 -54.86 -56.90
N VAL I 437 -10.51 -54.07 -56.35
CA VAL I 437 -10.64 -52.63 -56.49
C VAL I 437 -10.26 -52.17 -57.89
N LEU I 438 -9.28 -52.82 -58.51
CA LEU I 438 -8.82 -52.37 -59.83
C LEU I 438 -9.79 -52.77 -60.94
N GLN I 439 -10.35 -53.98 -60.89
CA GLN I 439 -11.35 -54.34 -61.89
C GLN I 439 -12.65 -53.59 -61.72
N ASN I 440 -12.77 -52.75 -60.68
CA ASN I 440 -13.92 -51.89 -60.47
C ASN I 440 -13.60 -50.40 -60.49
N PHE I 441 -12.35 -50.01 -60.26
CA PHE I 441 -12.02 -48.60 -60.10
C PHE I 441 -10.66 -48.29 -60.72
N SER I 442 -10.44 -47.01 -60.96
CA SER I 442 -9.13 -46.48 -61.29
C SER I 442 -8.78 -45.40 -60.28
N PHE I 443 -7.51 -45.36 -59.88
CA PHE I 443 -7.04 -44.46 -58.83
C PHE I 443 -6.16 -43.38 -59.43
N LYS I 444 -6.46 -42.13 -59.09
CA LYS I 444 -5.75 -40.98 -59.61
C LYS I 444 -5.52 -39.98 -58.49
N PRO I 445 -4.41 -39.25 -58.53
CA PRO I 445 -4.10 -38.30 -57.46
C PRO I 445 -4.90 -37.00 -57.59
N CYS I 446 -5.36 -36.50 -56.45
CA CYS I 446 -5.99 -35.19 -56.35
C CYS I 446 -4.94 -34.16 -55.93
N LYS I 447 -5.40 -32.96 -55.58
CA LYS I 447 -4.46 -31.91 -55.18
C LYS I 447 -3.79 -32.25 -53.85
N GLU I 448 -4.57 -32.74 -52.88
CA GLU I 448 -4.02 -32.99 -51.55
C GLU I 448 -2.96 -34.10 -51.54
N THR I 449 -2.89 -34.88 -52.63
CA THR I 449 -1.95 -35.99 -52.67
C THR I 449 -0.52 -35.47 -52.64
N GLN I 450 0.23 -35.90 -51.62
CA GLN I 450 1.62 -35.49 -51.47
C GLN I 450 2.47 -36.21 -52.50
N ILE I 451 3.02 -35.45 -53.45
CA ILE I 451 3.89 -36.00 -54.49
C ILE I 451 5.16 -35.16 -54.57
N PRO I 452 6.35 -35.74 -54.39
CA PRO I 452 6.54 -37.16 -54.08
C PRO I 452 6.19 -37.49 -52.62
N LEU I 453 6.19 -38.76 -52.27
CA LEU I 453 5.77 -39.21 -50.95
C LEU I 453 6.93 -39.16 -49.97
N LYS I 454 6.72 -38.46 -48.86
CA LYS I 454 7.72 -38.36 -47.80
C LYS I 454 7.39 -39.37 -46.70
N LEU I 455 8.39 -40.12 -46.27
CA LEU I 455 8.19 -41.12 -45.24
C LEU I 455 8.19 -40.47 -43.86
N ASP I 456 7.33 -40.97 -42.98
CA ASP I 456 7.29 -40.49 -41.61
C ASP I 456 8.55 -40.93 -40.87
N THR I 457 8.83 -40.25 -39.76
CA THR I 457 10.07 -40.46 -39.02
C THR I 457 9.89 -41.38 -37.81
N GLN I 458 8.68 -41.88 -37.55
CA GLN I 458 8.40 -42.67 -36.36
C GLN I 458 7.66 -43.94 -36.73
N GLY I 459 7.86 -44.97 -35.92
CA GLY I 459 7.16 -46.22 -36.09
C GLY I 459 7.58 -46.96 -37.35
N LEU I 460 6.78 -47.97 -37.69
CA LEU I 460 6.98 -48.71 -38.92
C LEU I 460 6.80 -47.78 -40.12
N LEU I 461 7.28 -48.24 -41.27
CA LEU I 461 7.29 -47.42 -42.49
C LEU I 461 5.90 -46.86 -42.79
N GLN I 462 5.73 -45.56 -42.62
CA GLN I 462 4.47 -44.89 -42.81
C GLN I 462 4.70 -43.60 -43.59
N PRO I 463 3.70 -43.13 -44.33
CA PRO I 463 3.83 -41.82 -44.98
C PRO I 463 3.77 -40.71 -43.95
N GLU I 464 4.47 -39.61 -44.25
CA GLU I 464 4.47 -38.47 -43.35
C GLU I 464 3.07 -37.92 -43.16
N LYS I 465 2.37 -37.64 -44.26
CA LYS I 465 0.97 -37.28 -44.22
C LYS I 465 0.13 -38.36 -44.90
N PRO I 466 -1.12 -38.55 -44.48
CA PRO I 466 -1.91 -39.68 -44.97
C PRO I 466 -2.08 -39.65 -46.48
N ILE I 467 -1.95 -40.82 -47.10
CA ILE I 467 -2.13 -40.98 -48.53
C ILE I 467 -3.62 -40.83 -48.85
N VAL I 468 -3.97 -39.77 -49.56
CA VAL I 468 -5.34 -39.53 -49.98
C VAL I 468 -5.35 -39.49 -51.51
N LEU I 469 -6.16 -40.36 -52.10
CA LEU I 469 -6.31 -40.44 -53.55
C LEU I 469 -7.76 -40.24 -53.94
N LYS I 470 -8.00 -40.02 -55.23
CA LYS I 470 -9.33 -39.90 -55.78
C LYS I 470 -9.60 -41.09 -56.68
N VAL I 471 -10.81 -41.65 -56.57
CA VAL I 471 -11.15 -42.92 -57.19
C VAL I 471 -12.38 -42.74 -58.08
N ASP I 472 -12.27 -43.23 -59.31
CA ASP I 472 -13.38 -43.21 -60.27
C ASP I 472 -13.70 -44.64 -60.67
N SER I 473 -14.88 -44.82 -61.28
CA SER I 473 -15.32 -46.14 -61.72
C SER I 473 -14.55 -46.58 -62.96
N ARG I 474 -14.82 -47.82 -63.38
CA ARG I 474 -14.14 -48.45 -64.52
C ARG I 474 -12.63 -48.56 -64.30
N THR J 6 31.76 45.04 -39.83
CA THR J 6 32.45 46.25 -40.28
C THR J 6 33.96 46.08 -40.11
N ARG J 7 34.43 44.83 -40.27
CA ARG J 7 35.86 44.56 -40.17
C ARG J 7 36.63 45.05 -41.38
N THR J 8 35.99 45.04 -42.55
CA THR J 8 36.66 45.42 -43.80
C THR J 8 36.00 46.59 -44.51
N HIS J 9 35.00 47.22 -43.92
CA HIS J 9 34.26 48.29 -44.60
C HIS J 9 35.02 49.62 -44.68
N GLY J 10 36.32 49.65 -44.41
CA GLY J 10 37.06 50.89 -44.55
C GLY J 10 38.16 50.77 -45.58
N LEU J 11 38.40 49.55 -46.07
CA LEU J 11 39.54 49.28 -46.93
C LEU J 11 39.53 50.17 -48.18
N PHE J 12 38.37 50.33 -48.82
CA PHE J 12 38.29 51.20 -49.99
C PHE J 12 38.44 52.67 -49.62
N LYS J 13 38.16 53.04 -48.37
CA LYS J 13 38.45 54.40 -47.92
C LYS J 13 39.92 54.58 -47.57
N ARG J 14 40.59 53.51 -47.11
CA ARG J 14 42.03 53.59 -46.88
C ARG J 14 42.78 53.82 -48.18
N LEU J 15 42.40 53.12 -49.25
CA LEU J 15 43.06 53.25 -50.54
C LEU J 15 42.64 54.51 -51.29
N GLY J 16 41.50 55.09 -50.94
CA GLY J 16 41.01 56.26 -51.65
C GLY J 16 40.22 55.97 -52.89
N ILE J 17 39.55 54.82 -52.95
CA ILE J 17 38.75 54.42 -54.11
C ILE J 17 37.29 54.78 -53.81
N PRO J 18 36.58 55.44 -54.72
CA PRO J 18 35.19 55.82 -54.46
C PRO J 18 34.29 54.60 -54.37
N GLY J 19 33.03 54.87 -54.00
CA GLY J 19 32.05 53.82 -53.90
C GLY J 19 30.93 54.16 -52.93
N PRO J 20 29.83 53.42 -53.01
CA PRO J 20 28.69 53.69 -52.12
C PRO J 20 29.03 53.37 -50.67
N THR J 21 28.37 54.09 -49.77
CA THR J 21 28.61 53.90 -48.34
C THR J 21 28.12 52.52 -47.93
N PRO J 22 29.00 51.62 -47.46
CA PRO J 22 28.55 50.27 -47.11
C PRO J 22 27.74 50.27 -45.82
N LEU J 23 26.58 49.62 -45.86
CA LEU J 23 25.79 49.42 -44.66
C LEU J 23 26.54 48.46 -43.72
N PRO J 24 26.39 48.64 -42.40
CA PRO J 24 27.32 48.00 -41.44
C PRO J 24 27.51 46.51 -41.59
N LEU J 25 26.43 45.74 -41.53
CA LEU J 25 26.53 44.28 -41.58
C LEU J 25 26.39 43.72 -42.99
N LEU J 26 25.75 44.45 -43.89
CA LEU J 26 25.36 43.92 -45.19
C LEU J 26 26.17 44.47 -46.36
N GLY J 27 26.96 45.51 -46.16
CA GLY J 27 27.69 46.11 -47.27
C GLY J 27 26.78 46.90 -48.17
N ASN J 28 26.78 46.57 -49.47
CA ASN J 28 25.97 47.28 -50.45
C ASN J 28 24.92 46.40 -51.11
N VAL J 29 24.72 45.18 -50.61
CA VAL J 29 23.83 44.23 -51.28
C VAL J 29 22.39 44.70 -51.32
N LEU J 30 22.02 45.67 -50.48
CA LEU J 30 20.66 46.20 -50.55
C LEU J 30 20.42 46.96 -51.84
N SER J 31 21.48 47.51 -52.44
CA SER J 31 21.34 48.19 -53.72
C SER J 31 21.15 47.23 -54.88
N TYR J 32 21.34 45.93 -54.66
CA TYR J 32 21.14 44.97 -55.73
C TYR J 32 19.68 44.79 -56.10
N ARG J 33 18.76 45.19 -55.22
CA ARG J 33 17.33 45.01 -55.48
C ARG J 33 16.89 45.74 -56.74
N GLN J 34 17.53 46.88 -57.04
CA GLN J 34 17.27 47.57 -58.30
C GLN J 34 17.62 46.71 -59.49
N GLY J 35 18.52 45.75 -59.32
CA GLY J 35 19.07 45.00 -60.42
C GLY J 35 20.57 45.22 -60.53
N LEU J 36 21.33 44.15 -60.74
CA LEU J 36 22.78 44.29 -60.80
C LEU J 36 23.22 45.06 -62.04
N TRP J 37 22.41 45.02 -63.11
CA TRP J 37 22.74 45.81 -64.29
C TRP J 37 22.53 47.30 -64.02
N LYS J 38 21.52 47.65 -63.23
CA LYS J 38 21.28 49.05 -62.91
C LYS J 38 22.30 49.59 -61.91
N PHE J 39 22.75 48.75 -60.97
CA PHE J 39 23.68 49.20 -59.95
C PHE J 39 25.06 49.50 -60.53
N ASP J 40 25.53 48.65 -61.45
CA ASP J 40 26.82 48.90 -62.08
C ASP J 40 26.79 50.19 -62.90
N THR J 41 25.67 50.45 -63.58
CA THR J 41 25.59 51.64 -64.44
C THR J 41 25.59 52.92 -63.60
N GLU J 42 24.79 52.96 -62.54
CA GLU J 42 24.77 54.14 -61.68
C GLU J 42 26.09 54.34 -60.98
N CYS J 43 26.79 53.25 -60.64
CA CYS J 43 28.11 53.39 -60.04
C CYS J 43 29.16 53.83 -61.04
N TYR J 44 29.00 53.47 -62.32
CA TYR J 44 29.98 53.85 -63.31
C TYR J 44 29.87 55.32 -63.69
N LYS J 45 28.68 55.89 -63.58
CA LYS J 45 28.50 57.31 -63.87
C LYS J 45 28.83 58.20 -62.67
N LYS J 46 28.58 57.73 -61.45
CA LYS J 46 28.87 58.54 -60.27
C LYS J 46 30.35 58.52 -59.91
N TYR J 47 31.03 57.40 -60.16
CA TYR J 47 32.43 57.25 -59.80
C TYR J 47 33.26 57.03 -61.05
N GLY J 48 34.58 57.05 -60.87
CA GLY J 48 35.51 57.00 -61.99
C GLY J 48 35.63 55.66 -62.68
N LYS J 49 36.82 55.36 -63.19
CA LYS J 49 37.08 54.09 -63.85
C LYS J 49 37.14 52.92 -62.87
N MET J 50 37.15 53.18 -61.57
CA MET J 50 37.17 52.15 -60.55
C MET J 50 36.29 52.57 -59.39
N TRP J 51 35.70 51.58 -58.72
CA TRP J 51 34.91 51.82 -57.52
C TRP J 51 34.81 50.52 -56.73
N GLY J 52 34.60 50.65 -55.43
CA GLY J 52 34.58 49.51 -54.53
C GLY J 52 33.22 49.34 -53.88
N THR J 53 32.77 48.09 -53.79
CA THR J 53 31.54 47.74 -53.09
C THR J 53 31.86 46.63 -52.07
N TYR J 54 30.84 46.25 -51.31
CA TYR J 54 30.98 45.21 -50.30
C TYR J 54 29.76 44.30 -50.33
N GLU J 55 30.00 43.00 -50.45
CA GLU J 55 28.95 41.99 -50.29
C GLU J 55 29.16 41.38 -48.91
N GLY J 56 28.50 41.96 -47.93
CA GLY J 56 28.81 41.65 -46.54
C GLY J 56 30.18 42.20 -46.17
N GLN J 57 31.12 41.31 -45.90
CA GLN J 57 32.50 41.71 -45.63
C GLN J 57 33.41 41.57 -46.85
N LEU J 58 32.93 40.94 -47.91
CA LEU J 58 33.76 40.73 -49.09
C LEU J 58 33.95 42.04 -49.84
N PRO J 59 35.18 42.52 -50.01
CA PRO J 59 35.39 43.72 -50.83
C PRO J 59 35.38 43.38 -52.31
N VAL J 60 34.77 44.26 -53.10
CA VAL J 60 34.55 44.06 -54.53
C VAL J 60 35.01 45.30 -55.28
N LEU J 61 36.04 45.14 -56.12
CA LEU J 61 36.58 46.24 -56.91
C LEU J 61 36.15 46.06 -58.36
N ALA J 62 35.46 47.05 -58.90
CA ALA J 62 35.04 47.05 -60.30
C ALA J 62 36.02 47.89 -61.11
N ILE J 63 36.52 47.32 -62.20
CA ILE J 63 37.49 47.99 -63.06
C ILE J 63 36.88 48.16 -64.45
N THR J 64 37.17 49.31 -65.09
CA THR J 64 36.67 49.61 -66.42
C THR J 64 37.75 49.96 -67.43
N ASP J 65 39.00 50.08 -67.01
CA ASP J 65 40.08 50.41 -67.91
C ASP J 65 40.40 49.21 -68.79
N PRO J 66 40.38 49.35 -70.12
CA PRO J 66 40.61 48.17 -70.98
C PRO J 66 41.97 47.52 -70.80
N ASP J 67 43.02 48.30 -70.50
CA ASP J 67 44.31 47.69 -70.23
C ASP J 67 44.30 46.96 -68.88
N VAL J 68 43.62 47.53 -67.89
CA VAL J 68 43.50 46.86 -66.60
C VAL J 68 42.68 45.58 -66.74
N ILE J 69 41.65 45.61 -67.58
CA ILE J 69 40.84 44.42 -67.83
C ILE J 69 41.67 43.32 -68.49
N ARG J 70 42.58 43.69 -69.39
CA ARG J 70 43.42 42.70 -70.05
C ARG J 70 44.28 41.95 -69.05
N THR J 71 44.73 42.62 -67.98
CA THR J 71 45.60 41.97 -67.02
C THR J 71 44.84 40.93 -66.20
N VAL J 72 43.59 41.24 -65.83
CA VAL J 72 42.83 40.37 -64.95
C VAL J 72 42.33 39.12 -65.69
N LEU J 73 41.83 39.31 -66.91
CA LEU J 73 41.23 38.21 -67.66
C LEU J 73 42.23 37.36 -68.43
N VAL J 74 43.32 37.94 -68.91
CA VAL J 74 44.23 37.22 -69.80
C VAL J 74 45.60 37.00 -69.17
N LYS J 75 46.35 38.08 -68.98
CA LYS J 75 47.75 37.93 -68.56
C LYS J 75 47.87 37.21 -67.23
N GLU J 76 47.26 37.75 -66.19
CA GLU J 76 47.35 37.18 -64.85
C GLU J 76 46.13 36.32 -64.51
N CYS J 77 45.62 35.58 -65.49
CA CYS J 77 44.50 34.68 -65.23
C CYS J 77 44.93 33.51 -64.35
N TYR J 78 45.96 32.77 -64.78
CA TYR J 78 46.46 31.66 -63.97
C TYR J 78 47.23 32.15 -62.75
N SER J 79 47.76 33.37 -62.79
CA SER J 79 48.53 33.90 -61.66
C SER J 79 47.63 34.20 -60.47
N VAL J 80 46.59 35.01 -60.68
CA VAL J 80 45.72 35.44 -59.60
C VAL J 80 44.27 35.05 -59.86
N PHE J 81 43.72 35.54 -60.98
CA PHE J 81 42.27 35.46 -61.21
C PHE J 81 41.89 34.17 -61.94
N THR J 82 42.13 33.05 -61.26
CA THR J 82 41.83 31.75 -61.83
C THR J 82 40.36 31.36 -61.59
N ASN J 83 39.84 31.71 -60.42
CA ASN J 83 38.52 31.30 -60.01
C ASN J 83 37.53 32.45 -60.16
N ARG J 84 36.26 32.10 -60.30
CA ARG J 84 35.21 33.09 -60.56
C ARG J 84 34.56 33.58 -59.25
N ARG J 85 34.00 32.67 -58.47
CA ARG J 85 33.30 33.07 -57.26
C ARG J 85 33.24 31.85 -56.34
N SER J 86 33.49 32.09 -55.04
CA SER J 86 33.24 31.06 -54.03
C SER J 86 31.74 31.09 -53.76
N LEU J 87 31.01 30.20 -54.43
CA LEU J 87 29.56 30.35 -54.52
C LEU J 87 28.87 30.02 -53.20
N GLY J 88 29.28 28.95 -52.54
CA GLY J 88 28.64 28.51 -51.32
C GLY J 88 28.28 27.04 -51.37
N PRO J 89 27.31 26.62 -50.54
CA PRO J 89 26.93 25.21 -50.51
C PRO J 89 26.26 24.73 -51.79
N VAL J 90 26.96 23.96 -52.61
CA VAL J 90 26.41 23.48 -53.87
C VAL J 90 26.45 21.96 -54.00
N GLY J 91 27.01 21.27 -53.02
CA GLY J 91 27.05 19.82 -53.08
C GLY J 91 28.02 19.33 -54.13
N PHE J 92 27.62 18.28 -54.85
CA PHE J 92 28.49 17.72 -55.90
C PHE J 92 28.64 18.65 -57.10
N MET J 93 27.82 19.69 -57.19
CA MET J 93 27.92 20.66 -58.28
C MET J 93 29.20 21.50 -58.19
N LYS J 94 30.04 21.28 -57.19
CA LYS J 94 31.33 21.98 -57.14
C LYS J 94 32.24 21.55 -58.27
N SER J 95 32.12 20.32 -58.75
CA SER J 95 32.96 19.83 -59.82
C SER J 95 32.51 20.30 -61.19
N ALA J 96 31.38 20.99 -61.28
CA ALA J 96 30.94 21.54 -62.55
C ALA J 96 31.92 22.60 -63.04
N ILE J 97 32.03 22.74 -64.36
CA ILE J 97 33.10 23.52 -64.96
C ILE J 97 33.04 24.98 -64.54
N SER J 98 31.84 25.57 -64.51
CA SER J 98 31.73 26.99 -64.20
C SER J 98 32.02 27.30 -62.74
N LEU J 99 31.89 26.32 -61.85
CA LEU J 99 32.15 26.51 -60.44
C LEU J 99 33.47 25.90 -59.99
N ALA J 100 34.06 25.03 -60.80
CA ALA J 100 35.34 24.42 -60.46
C ALA J 100 36.42 25.50 -60.31
N GLU J 101 37.45 25.17 -59.54
CA GLU J 101 38.49 26.12 -59.20
C GLU J 101 39.87 25.52 -59.44
N ASP J 102 40.83 26.40 -59.72
CA ASP J 102 42.27 26.08 -59.72
C ASP J 102 42.55 24.93 -60.69
N GLU J 103 43.22 23.87 -60.26
CA GLU J 103 43.68 22.84 -61.19
C GLU J 103 42.56 21.91 -61.64
N GLU J 104 41.54 21.70 -60.80
CA GLU J 104 40.43 20.87 -61.22
C GLU J 104 39.68 21.50 -62.40
N TRP J 105 39.59 22.83 -62.43
CA TRP J 105 38.97 23.51 -63.56
C TRP J 105 39.75 23.27 -64.84
N LYS J 106 41.09 23.40 -64.77
CA LYS J 106 41.91 23.18 -65.97
C LYS J 106 41.70 21.79 -66.53
N ARG J 107 41.57 20.79 -65.65
CA ARG J 107 41.33 19.42 -66.13
C ARG J 107 39.95 19.31 -66.77
N ILE J 108 38.92 19.87 -66.13
CA ILE J 108 37.57 19.81 -66.69
C ILE J 108 37.50 20.58 -68.00
N ARG J 109 38.05 21.80 -68.02
CA ARG J 109 38.00 22.62 -69.23
C ARG J 109 38.76 21.97 -70.37
N SER J 110 39.96 21.45 -70.08
CA SER J 110 40.74 20.79 -71.13
C SER J 110 40.03 19.56 -71.66
N LEU J 111 39.21 18.91 -70.84
CA LEU J 111 38.50 17.72 -71.28
C LEU J 111 37.30 18.07 -72.14
N LEU J 112 36.57 19.13 -71.79
CA LEU J 112 35.34 19.49 -72.46
C LEU J 112 35.54 20.42 -73.67
N SER J 113 36.74 20.99 -73.83
CA SER J 113 36.97 21.90 -74.95
C SER J 113 36.76 21.29 -76.33
N PRO J 114 37.02 20.01 -76.60
CA PRO J 114 36.72 19.47 -77.93
C PRO J 114 35.25 19.43 -78.28
N THR J 115 34.35 19.80 -77.36
CA THR J 115 32.93 19.64 -77.60
C THR J 115 32.43 20.58 -78.69
N PHE J 116 32.87 21.84 -78.66
CA PHE J 116 32.34 22.87 -79.54
C PHE J 116 33.36 23.39 -80.54
N THR J 117 34.19 22.49 -81.05
CA THR J 117 35.14 22.85 -82.10
C THR J 117 34.39 23.15 -83.40
N SER J 118 35.12 23.75 -84.34
CA SER J 118 34.52 24.07 -85.63
C SER J 118 33.98 22.82 -86.31
N GLY J 119 34.73 21.72 -86.25
CA GLY J 119 34.28 20.50 -86.90
C GLY J 119 33.09 19.86 -86.20
N LYS J 120 33.15 19.80 -84.86
CA LYS J 120 32.06 19.19 -84.10
C LYS J 120 30.78 20.01 -84.23
N LEU J 121 30.90 21.32 -84.41
CA LEU J 121 29.73 22.16 -84.65
C LEU J 121 29.11 21.87 -86.02
N LYS J 122 29.96 21.65 -87.04
CA LYS J 122 29.44 21.30 -88.36
C LYS J 122 28.69 19.98 -88.34
N GLU J 123 29.10 19.05 -87.47
CA GLU J 123 28.52 17.72 -87.45
C GLU J 123 27.10 17.72 -86.87
N MET J 124 26.81 18.65 -85.97
CA MET J 124 25.49 18.71 -85.34
C MET J 124 24.52 19.62 -86.09
N PHE J 125 24.93 20.16 -87.24
CA PHE J 125 24.00 20.95 -88.06
C PHE J 125 22.74 20.19 -88.47
N PRO J 126 22.80 18.93 -88.92
CA PRO J 126 21.54 18.22 -89.22
C PRO J 126 20.61 18.10 -88.03
N ILE J 127 21.16 17.90 -86.83
CA ILE J 127 20.33 17.76 -85.65
C ILE J 127 19.56 19.06 -85.38
N ILE J 128 20.28 20.18 -85.39
CA ILE J 128 19.65 21.47 -85.14
C ILE J 128 18.65 21.80 -86.25
N ALA J 129 18.98 21.43 -87.49
CA ALA J 129 18.07 21.71 -88.60
C ALA J 129 16.77 20.92 -88.47
N GLN J 130 16.84 19.70 -87.95
CA GLN J 130 15.62 18.91 -87.74
C GLN J 130 14.74 19.56 -86.68
N TYR J 131 15.33 20.07 -85.61
CA TYR J 131 14.57 20.83 -84.62
C TYR J 131 14.11 22.17 -85.18
N GLY J 132 14.89 22.77 -86.09
CA GLY J 132 14.47 24.01 -86.72
C GLY J 132 13.20 23.85 -87.54
N ASP J 133 13.02 22.71 -88.19
CA ASP J 133 11.78 22.45 -88.92
C ASP J 133 10.60 22.37 -87.97
N VAL J 134 10.75 21.63 -86.87
CA VAL J 134 9.68 21.51 -85.88
C VAL J 134 9.33 22.88 -85.30
N LEU J 135 10.33 23.75 -85.14
CA LEU J 135 10.06 25.10 -84.64
C LEU J 135 9.22 25.90 -85.61
N VAL J 136 9.60 25.90 -86.89
CA VAL J 136 8.82 26.62 -87.90
C VAL J 136 7.42 26.04 -88.00
N ARG J 137 7.29 24.71 -87.87
CA ARG J 137 5.99 24.07 -87.96
C ARG J 137 5.07 24.50 -86.82
N ASN J 138 5.56 24.41 -85.58
CA ASN J 138 4.75 24.81 -84.43
C ASN J 138 4.49 26.30 -84.41
N LEU J 139 5.41 27.10 -84.96
CA LEU J 139 5.20 28.54 -85.02
C LEU J 139 4.18 28.91 -86.09
N ARG J 140 4.07 28.09 -87.14
CA ARG J 140 3.06 28.33 -88.17
C ARG J 140 1.65 28.17 -87.64
N ARG J 141 1.43 27.19 -86.76
CA ARG J 141 0.10 26.96 -86.19
C ARG J 141 -0.38 28.19 -85.43
N GLU J 142 0.49 28.80 -84.64
CA GLU J 142 0.09 29.96 -83.85
C GLU J 142 -0.10 31.20 -84.71
N ALA J 143 0.58 31.27 -85.86
CA ALA J 143 0.43 32.40 -86.76
C ALA J 143 -0.90 32.33 -87.52
N GLU J 144 -1.23 31.14 -88.05
CA GLU J 144 -2.45 30.98 -88.82
C GLU J 144 -3.69 31.07 -87.94
N LYS J 145 -3.59 30.66 -86.68
CA LYS J 145 -4.67 30.87 -85.73
C LYS J 145 -4.77 32.31 -85.23
N GLY J 146 -3.94 33.21 -85.76
CA GLY J 146 -3.95 34.61 -85.41
C GLY J 146 -3.62 34.94 -83.98
N LYS J 147 -3.24 33.94 -83.16
CA LYS J 147 -2.95 34.19 -81.75
C LYS J 147 -1.52 34.74 -81.59
N PRO J 148 -1.32 35.66 -80.65
CA PRO J 148 0.04 36.12 -80.34
C PRO J 148 0.89 34.98 -79.79
N VAL J 149 2.20 35.21 -79.74
CA VAL J 149 3.16 34.18 -79.37
C VAL J 149 4.03 34.71 -78.23
N THR J 150 4.11 33.94 -77.15
CA THR J 150 5.04 34.23 -76.06
C THR J 150 6.40 33.61 -76.43
N LEU J 151 7.39 34.48 -76.67
CA LEU J 151 8.64 34.04 -77.28
C LEU J 151 9.40 33.06 -76.41
N LYS J 152 9.46 33.33 -75.10
CA LYS J 152 10.27 32.49 -74.20
C LYS J 152 9.79 31.04 -74.20
N ASP J 153 8.50 30.82 -74.43
CA ASP J 153 7.95 29.46 -74.39
C ASP J 153 8.41 28.64 -75.58
N ILE J 154 8.15 29.13 -76.80
CA ILE J 154 8.45 28.34 -78.00
C ILE J 154 9.96 28.25 -78.22
N PHE J 155 10.70 29.32 -77.92
CA PHE J 155 12.15 29.28 -78.09
C PHE J 155 12.86 28.60 -76.92
N GLY J 156 12.24 28.61 -75.74
CA GLY J 156 12.78 27.83 -74.65
C GLY J 156 12.74 26.33 -74.94
N ALA J 157 11.65 25.88 -75.57
CA ALA J 157 11.55 24.48 -75.96
C ALA J 157 12.53 24.16 -77.09
N TYR J 158 12.70 25.10 -78.02
CA TYR J 158 13.68 24.90 -79.08
C TYR J 158 15.10 24.77 -78.52
N SER J 159 15.48 25.71 -77.64
CA SER J 159 16.81 25.66 -77.04
C SER J 159 17.00 24.39 -76.22
N MET J 160 15.98 23.99 -75.47
CA MET J 160 16.08 22.76 -74.69
C MET J 160 16.23 21.55 -75.59
N ASP J 161 15.48 21.52 -76.70
CA ASP J 161 15.61 20.41 -77.63
C ASP J 161 16.98 20.40 -78.31
N VAL J 162 17.51 21.58 -78.63
CA VAL J 162 18.80 21.66 -79.30
C VAL J 162 19.91 21.12 -78.40
N ILE J 163 19.97 21.59 -77.15
CA ILE J 163 21.09 21.21 -76.29
C ILE J 163 20.99 19.74 -75.89
N THR J 164 19.77 19.24 -75.70
CA THR J 164 19.62 17.84 -75.30
C THR J 164 19.91 16.91 -76.47
N GLY J 165 19.49 17.29 -77.68
CA GLY J 165 19.69 16.42 -78.83
C GLY J 165 21.14 16.36 -79.28
N THR J 166 21.80 17.51 -79.36
CA THR J 166 23.17 17.55 -79.84
C THR J 166 24.18 17.04 -78.82
N SER J 167 23.84 17.04 -77.54
CA SER J 167 24.77 16.63 -76.49
C SER J 167 24.58 15.20 -76.02
N PHE J 168 23.36 14.67 -76.08
CA PHE J 168 23.06 13.36 -75.53
C PHE J 168 22.49 12.37 -76.54
N GLY J 169 22.16 12.81 -77.75
CA GLY J 169 21.62 11.89 -78.74
C GLY J 169 20.24 11.38 -78.43
N VAL J 170 19.46 12.14 -77.65
CA VAL J 170 18.11 11.75 -77.27
C VAL J 170 17.16 12.89 -77.62
N ASN J 171 16.01 12.55 -78.19
CA ASN J 171 15.00 13.53 -78.56
C ASN J 171 13.92 13.52 -77.49
N ILE J 172 13.94 14.55 -76.63
CA ILE J 172 12.93 14.66 -75.58
C ILE J 172 11.64 15.29 -76.05
N ASP J 173 11.61 15.82 -77.28
CA ASP J 173 10.41 16.39 -77.87
C ASP J 173 9.84 17.52 -77.01
N SER J 174 10.71 18.46 -76.64
CA SER J 174 10.27 19.59 -75.81
C SER J 174 9.37 20.54 -76.59
N LEU J 175 9.53 20.61 -77.91
CA LEU J 175 8.72 21.49 -78.74
C LEU J 175 7.26 21.08 -78.77
N ASN J 176 6.96 19.80 -78.52
CA ASN J 176 5.59 19.29 -78.59
C ASN J 176 5.13 18.72 -77.26
N ASN J 177 5.70 19.21 -76.16
CA ASN J 177 5.29 18.80 -74.81
C ASN J 177 5.05 20.06 -73.98
N PRO J 178 3.79 20.40 -73.69
CA PRO J 178 3.55 21.62 -72.89
C PRO J 178 4.04 21.50 -71.45
N GLN J 179 4.10 20.28 -70.91
CA GLN J 179 4.61 20.07 -69.57
C GLN J 179 5.93 19.32 -69.61
N ASP J 180 6.89 19.86 -70.36
CA ASP J 180 8.20 19.23 -70.48
C ASP J 180 8.91 19.25 -69.14
N PRO J 181 9.25 18.09 -68.56
CA PRO J 181 9.93 18.10 -67.26
C PRO J 181 11.29 18.77 -67.29
N PHE J 182 11.98 18.76 -68.43
CA PHE J 182 13.29 19.39 -68.52
C PHE J 182 13.18 20.91 -68.39
N VAL J 183 12.24 21.51 -69.12
CA VAL J 183 12.04 22.97 -69.02
C VAL J 183 11.49 23.33 -67.65
N GLU J 184 10.63 22.48 -67.08
CA GLU J 184 10.11 22.75 -65.75
C GLU J 184 11.24 22.80 -64.72
N SER J 185 12.15 21.82 -64.78
CA SER J 185 13.25 21.78 -63.82
C SER J 185 14.19 22.97 -64.01
N THR J 186 14.61 23.21 -65.25
CA THR J 186 15.64 24.22 -65.50
C THR J 186 15.18 25.62 -65.15
N LYS J 187 13.88 25.89 -65.27
CA LYS J 187 13.37 27.23 -64.95
C LYS J 187 13.49 27.55 -63.47
N LYS J 188 13.66 26.55 -62.61
CA LYS J 188 13.80 26.81 -61.18
C LYS J 188 15.14 27.45 -60.84
N PHE J 189 16.13 27.36 -61.73
CA PHE J 189 17.38 28.08 -61.51
C PHE J 189 17.18 29.58 -61.60
N LEU J 190 16.15 30.03 -62.32
CA LEU J 190 15.95 31.46 -62.53
C LEU J 190 15.24 32.13 -61.36
N LYS J 191 14.47 31.37 -60.58
CA LYS J 191 13.74 31.95 -59.47
C LYS J 191 14.65 32.41 -58.34
N PHE J 192 15.93 32.01 -58.38
CA PHE J 192 16.89 32.39 -57.36
C PHE J 192 17.04 33.90 -57.29
N GLY J 193 17.11 34.43 -56.06
CA GLY J 193 17.32 35.84 -55.86
C GLY J 193 18.43 36.09 -54.86
N PHE J 194 19.05 37.27 -54.99
CA PHE J 194 20.18 37.63 -54.13
C PHE J 194 19.76 37.98 -52.70
N LEU J 195 18.46 38.13 -52.43
CA LEU J 195 17.96 38.38 -51.09
C LEU J 195 17.35 37.13 -50.44
N ASP J 196 17.36 35.99 -51.13
CA ASP J 196 16.88 34.76 -50.55
C ASP J 196 17.65 34.45 -49.26
N PRO J 197 16.97 34.01 -48.19
CA PRO J 197 17.67 33.84 -46.90
C PRO J 197 18.82 32.86 -46.94
N LEU J 198 18.71 31.76 -47.68
CA LEU J 198 19.83 30.83 -47.79
C LEU J 198 21.03 31.49 -48.44
N PHE J 199 20.81 32.29 -49.48
CA PHE J 199 21.92 32.97 -50.14
C PHE J 199 22.34 34.20 -49.35
N LEU J 200 21.39 34.90 -48.74
CA LEU J 200 21.74 36.06 -47.93
C LEU J 200 22.57 35.66 -46.72
N SER J 201 22.34 34.47 -46.17
CA SER J 201 23.14 34.01 -45.04
C SER J 201 24.58 33.70 -45.45
N ILE J 202 24.78 33.20 -46.68
CA ILE J 202 26.12 32.93 -47.18
C ILE J 202 26.87 34.23 -47.48
N ILE J 203 26.16 35.26 -47.92
CA ILE J 203 26.81 36.55 -48.16
C ILE J 203 27.23 37.19 -46.83
N LEU J 204 26.34 37.19 -45.84
CA LEU J 204 26.64 37.82 -44.56
C LEU J 204 27.57 36.95 -43.71
N PHE J 205 27.38 35.63 -43.73
CA PHE J 205 28.14 34.73 -42.87
C PHE J 205 28.72 33.63 -43.75
N PRO J 206 29.80 33.93 -44.48
CA PRO J 206 30.36 32.92 -45.39
C PRO J 206 30.90 31.70 -44.69
N PHE J 207 31.10 31.74 -43.37
CA PHE J 207 31.56 30.56 -42.64
C PHE J 207 30.48 29.49 -42.52
N LEU J 208 29.24 29.79 -42.90
CA LEU J 208 28.15 28.83 -42.84
C LEU J 208 28.20 27.81 -43.97
N THR J 209 29.01 28.04 -45.00
CA THR J 209 29.05 27.12 -46.13
C THR J 209 29.39 25.69 -45.74
N PRO J 210 30.43 25.41 -44.96
CA PRO J 210 30.70 24.00 -44.62
C PRO J 210 29.62 23.38 -43.76
N VAL J 211 28.87 24.18 -43.00
CA VAL J 211 27.78 23.65 -42.19
C VAL J 211 26.67 23.12 -43.08
N PHE J 212 26.15 23.98 -43.96
CA PHE J 212 25.10 23.56 -44.89
C PHE J 212 25.57 22.41 -45.76
N GLU J 213 26.87 22.38 -46.11
CA GLU J 213 27.39 21.27 -46.88
C GLU J 213 27.33 19.97 -46.09
N ALA J 214 27.65 20.02 -44.80
CA ALA J 214 27.56 18.84 -43.96
C ALA J 214 26.12 18.39 -43.76
N LEU J 215 25.17 19.33 -43.81
CA LEU J 215 23.76 19.01 -43.66
C LEU J 215 23.10 18.65 -44.98
N ASN J 216 23.86 18.59 -46.07
CA ASN J 216 23.34 18.24 -47.39
C ASN J 216 22.37 19.30 -47.93
N VAL J 217 22.55 20.55 -47.53
CA VAL J 217 21.76 21.67 -48.03
C VAL J 217 22.53 22.35 -49.15
N SER J 218 21.81 22.75 -50.21
CA SER J 218 22.41 23.32 -51.41
C SER J 218 21.64 24.56 -51.86
N LEU J 219 22.37 25.50 -52.45
CA LEU J 219 21.74 26.70 -53.02
C LEU J 219 20.87 26.40 -54.22
N PHE J 220 21.11 25.26 -54.90
CA PHE J 220 20.36 24.84 -56.07
C PHE J 220 19.11 24.08 -55.66
N PRO J 221 18.07 24.12 -56.50
CA PRO J 221 16.86 23.33 -56.22
C PRO J 221 17.16 21.84 -56.23
N LYS J 222 16.86 21.17 -55.12
CA LYS J 222 17.17 19.76 -54.99
C LYS J 222 16.36 18.90 -55.97
N ASP J 223 15.13 19.31 -56.27
CA ASP J 223 14.30 18.52 -57.19
C ASP J 223 14.82 18.64 -58.63
N THR J 224 15.24 19.84 -59.03
CA THR J 224 15.82 20.02 -60.36
C THR J 224 17.12 19.25 -60.49
N ILE J 225 18.00 19.35 -59.49
CA ILE J 225 19.27 18.64 -59.52
C ILE J 225 19.04 17.14 -59.61
N ASN J 226 18.13 16.61 -58.78
CA ASN J 226 17.94 15.17 -58.75
C ASN J 226 17.30 14.64 -60.02
N PHE J 227 16.38 15.42 -60.61
CA PHE J 227 15.75 14.96 -61.84
C PHE J 227 16.73 14.93 -63.01
N LEU J 228 17.50 16.00 -63.18
CA LEU J 228 18.48 16.02 -64.26
C LEU J 228 19.53 14.94 -64.09
N SER J 229 19.98 14.72 -62.86
CA SER J 229 21.00 13.70 -62.61
C SER J 229 20.50 12.31 -63.01
N LYS J 230 19.33 11.91 -62.50
CA LYS J 230 18.79 10.61 -62.85
C LYS J 230 18.44 10.51 -64.33
N SER J 231 17.98 11.62 -64.93
CA SER J 231 17.67 11.59 -66.35
C SER J 231 18.94 11.48 -67.19
N VAL J 232 20.00 12.19 -66.82
CA VAL J 232 21.28 12.05 -67.50
C VAL J 232 21.88 10.67 -67.26
N ASN J 233 21.63 10.09 -66.09
CA ASN J 233 22.13 8.75 -65.81
C ASN J 233 21.43 7.70 -66.67
N ARG J 234 20.13 7.89 -66.93
CA ARG J 234 19.41 6.97 -67.79
C ARG J 234 19.93 7.04 -69.23
N MET J 235 20.32 8.23 -69.66
CA MET J 235 20.82 8.40 -71.02
C MET J 235 22.23 7.85 -71.18
N LYS J 236 23.00 7.78 -70.08
CA LYS J 236 24.33 7.20 -70.16
C LYS J 236 24.26 5.68 -70.23
N LYS J 237 23.37 5.08 -69.45
CA LYS J 237 23.18 3.63 -69.52
C LYS J 237 22.57 3.21 -70.85
N SER J 238 21.71 4.05 -71.43
CA SER J 238 21.16 3.76 -72.75
C SER J 238 22.26 3.78 -73.82
N ARG J 239 23.19 4.74 -73.71
CA ARG J 239 24.28 4.83 -74.67
C ARG J 239 25.22 3.64 -74.56
N LEU J 240 25.44 3.12 -73.36
CA LEU J 240 26.39 2.03 -73.16
C LEU J 240 25.84 0.69 -73.61
N ASN J 241 24.53 0.47 -73.48
CA ASN J 241 23.92 -0.81 -73.82
C ASN J 241 23.48 -0.91 -75.27
N ASP J 242 23.74 0.12 -76.08
CA ASP J 242 23.44 0.07 -77.51
C ASP J 242 24.69 0.43 -78.29
N LYS J 243 25.08 -0.43 -79.23
CA LYS J 243 26.27 -0.21 -80.04
C LYS J 243 25.99 0.65 -81.28
N GLN J 244 24.75 0.66 -81.76
CA GLN J 244 24.44 1.34 -83.03
C GLN J 244 24.40 2.85 -82.86
N LYS J 245 23.37 3.35 -82.19
CA LYS J 245 23.15 4.80 -82.05
C LYS J 245 24.24 5.40 -81.17
N HIS J 246 25.40 5.64 -81.79
CA HIS J 246 26.52 6.30 -81.12
C HIS J 246 27.14 7.30 -82.08
N ARG J 247 27.34 8.52 -81.61
CA ARG J 247 28.05 9.55 -82.35
C ARG J 247 28.82 10.37 -81.33
N LEU J 248 30.03 10.77 -81.69
CA LEU J 248 30.89 11.47 -80.74
C LEU J 248 30.30 12.84 -80.43
N ASP J 249 29.82 13.01 -79.20
CA ASP J 249 29.12 14.23 -78.79
C ASP J 249 29.56 14.58 -77.38
N PHE J 250 28.79 15.44 -76.72
CA PHE J 250 29.12 15.86 -75.36
C PHE J 250 29.02 14.71 -74.38
N LEU J 251 28.02 13.84 -74.55
CA LEU J 251 27.86 12.71 -73.64
C LEU J 251 28.96 11.67 -73.86
N GLN J 252 29.21 11.30 -75.12
CA GLN J 252 30.22 10.28 -75.41
C GLN J 252 31.61 10.74 -75.00
N LEU J 253 31.88 12.06 -75.11
CA LEU J 253 33.18 12.57 -74.70
C LEU J 253 33.41 12.35 -73.20
N MET J 254 32.35 12.45 -72.41
CA MET J 254 32.48 12.19 -70.98
C MET J 254 32.47 10.70 -70.67
N ILE J 255 31.78 9.90 -71.47
CA ILE J 255 31.81 8.45 -71.27
C ILE J 255 33.20 7.90 -71.52
N ASP J 256 33.86 8.36 -72.60
CA ASP J 256 35.21 7.90 -72.89
C ASP J 256 36.20 8.29 -71.81
N SER J 257 35.92 9.38 -71.08
CA SER J 257 36.83 9.82 -70.03
C SER J 257 36.78 8.89 -68.83
N GLN J 258 35.67 8.18 -68.63
CA GLN J 258 35.54 7.29 -67.48
C GLN J 258 36.36 6.01 -67.63
N ASN J 259 36.94 5.77 -68.80
CA ASN J 259 37.74 4.55 -69.01
C ASN J 259 39.10 4.62 -68.34
N SER J 260 39.71 5.80 -68.29
CA SER J 260 41.01 5.97 -67.62
C SER J 260 40.88 5.88 -66.11
N ALA J 268 39.57 12.29 -65.97
CA ALA J 268 38.75 11.22 -65.43
C ALA J 268 37.55 11.76 -64.66
N LEU J 269 36.36 11.56 -65.21
CA LEU J 269 35.13 12.05 -64.61
C LEU J 269 34.43 10.95 -63.84
N SER J 270 33.86 11.31 -62.69
CA SER J 270 33.00 10.41 -61.95
C SER J 270 31.55 10.58 -62.41
N ASP J 271 30.68 9.70 -61.93
CA ASP J 271 29.27 9.81 -62.29
C ASP J 271 28.67 11.12 -61.79
N LEU J 272 29.11 11.58 -60.61
CA LEU J 272 28.65 12.87 -60.11
C LEU J 272 29.26 14.01 -60.93
N GLU J 273 30.55 13.92 -61.26
CA GLU J 273 31.18 14.94 -62.07
C GLU J 273 30.56 15.00 -63.47
N LEU J 274 30.16 13.85 -64.00
CA LEU J 274 29.53 13.83 -65.32
C LEU J 274 28.17 14.52 -65.30
N ALA J 275 27.42 14.36 -64.21
CA ALA J 275 26.12 15.02 -64.13
C ALA J 275 26.27 16.53 -63.93
N ALA J 276 27.32 16.94 -63.21
CA ALA J 276 27.52 18.36 -62.97
C ALA J 276 27.72 19.12 -64.27
N GLN J 277 28.50 18.55 -65.20
CA GLN J 277 28.70 19.21 -66.49
C GLN J 277 27.40 19.24 -67.28
N SER J 278 26.63 18.16 -67.23
CA SER J 278 25.39 18.11 -67.98
C SER J 278 24.39 19.13 -67.48
N ILE J 279 24.29 19.30 -66.16
CA ILE J 279 23.33 20.26 -65.60
C ILE J 279 23.63 21.67 -66.05
N ILE J 280 24.91 22.05 -66.07
CA ILE J 280 25.28 23.39 -66.52
C ILE J 280 25.07 23.55 -68.02
N PHE J 281 25.45 22.54 -68.80
CA PHE J 281 25.27 22.61 -70.24
C PHE J 281 23.80 22.69 -70.59
N ILE J 282 22.96 21.93 -69.88
CA ILE J 282 21.52 22.01 -70.11
C ILE J 282 21.01 23.39 -69.74
N PHE J 283 21.47 23.93 -68.61
CA PHE J 283 21.00 25.24 -68.16
C PHE J 283 21.37 26.34 -69.15
N ALA J 284 22.68 26.49 -69.42
CA ALA J 284 23.12 27.55 -70.32
C ALA J 284 22.58 27.35 -71.72
N GLY J 285 22.59 26.12 -72.22
CA GLY J 285 22.06 25.84 -73.55
C GLY J 285 20.59 26.15 -73.70
N TYR J 286 19.84 26.20 -72.60
CA TYR J 286 18.42 26.53 -72.64
C TYR J 286 18.17 28.01 -72.39
N GLU J 287 18.67 28.55 -71.28
CA GLU J 287 18.27 29.87 -70.85
C GLU J 287 18.89 30.97 -71.69
N THR J 288 20.22 30.94 -71.86
CA THR J 288 20.90 32.01 -72.59
C THR J 288 20.42 32.09 -74.03
N THR J 289 20.33 30.94 -74.71
CA THR J 289 19.93 30.93 -76.11
C THR J 289 18.54 31.51 -76.30
N SER J 290 17.56 30.99 -75.55
CA SER J 290 16.18 31.44 -75.72
C SER J 290 16.01 32.89 -75.30
N SER J 291 16.75 33.36 -74.30
CA SER J 291 16.60 34.74 -73.86
C SER J 291 17.12 35.72 -74.89
N VAL J 292 18.34 35.49 -75.38
CA VAL J 292 18.91 36.38 -76.40
C VAL J 292 18.09 36.34 -77.68
N LEU J 293 17.58 35.16 -78.04
CA LEU J 293 16.69 35.06 -79.20
C LEU J 293 15.45 35.91 -79.01
N SER J 294 14.86 35.88 -77.82
CA SER J 294 13.69 36.70 -77.55
C SER J 294 14.04 38.18 -77.60
N PHE J 295 15.23 38.56 -77.13
CA PHE J 295 15.65 39.94 -77.22
C PHE J 295 15.88 40.37 -78.66
N THR J 296 16.44 39.47 -79.48
CA THR J 296 16.68 39.80 -80.88
C THR J 296 15.38 40.03 -81.63
N LEU J 297 14.38 39.16 -81.41
CA LEU J 297 13.12 39.30 -82.14
C LEU J 297 12.29 40.48 -81.64
N TYR J 298 12.43 40.84 -80.36
CA TYR J 298 11.81 42.07 -79.89
C TYR J 298 12.39 43.28 -80.61
N GLU J 299 13.71 43.31 -80.81
CA GLU J 299 14.34 44.43 -81.48
C GLU J 299 14.04 44.44 -82.97
N LEU J 300 13.84 43.26 -83.57
CA LEU J 300 13.47 43.21 -84.99
C LEU J 300 12.03 43.67 -85.21
N ALA J 301 11.13 43.37 -84.29
CA ALA J 301 9.74 43.80 -84.44
C ALA J 301 9.59 45.30 -84.20
N THR J 302 10.43 45.87 -83.34
CA THR J 302 10.41 47.30 -83.08
C THR J 302 11.26 48.09 -84.08
N HIS J 303 12.02 47.42 -84.93
CA HIS J 303 12.80 48.05 -85.99
C HIS J 303 12.53 47.28 -87.27
N PRO J 304 11.41 47.59 -87.96
CA PRO J 304 11.05 46.80 -89.15
C PRO J 304 12.04 46.98 -90.29
N ASP J 305 12.74 48.11 -90.35
CA ASP J 305 13.75 48.29 -91.38
C ASP J 305 14.91 47.31 -91.22
N VAL J 306 15.30 47.03 -89.98
CA VAL J 306 16.38 46.08 -89.73
C VAL J 306 15.91 44.65 -90.01
N GLN J 307 14.70 44.31 -89.57
CA GLN J 307 14.16 42.98 -89.84
C GLN J 307 14.05 42.73 -91.33
N GLN J 308 13.54 43.70 -92.09
CA GLN J 308 13.42 43.53 -93.53
C GLN J 308 14.79 43.45 -94.20
N LYS J 309 15.71 44.33 -93.79
CA LYS J 309 17.06 44.28 -94.36
C LYS J 309 17.74 42.97 -94.06
N LEU J 310 17.49 42.40 -92.87
CA LEU J 310 18.05 41.10 -92.53
C LEU J 310 17.38 39.98 -93.31
N GLN J 311 16.06 40.03 -93.45
CA GLN J 311 15.34 39.03 -94.22
C GLN J 311 15.82 38.98 -95.67
N LYS J 312 16.25 40.13 -96.21
CA LYS J 312 16.74 40.14 -97.58
C LYS J 312 18.11 39.48 -97.69
N GLU J 313 18.97 39.67 -96.68
CA GLU J 313 20.26 38.99 -96.69
C GLU J 313 20.10 37.48 -96.63
N ILE J 314 19.07 37.00 -95.92
CA ILE J 314 18.83 35.57 -95.82
C ILE J 314 18.39 35.02 -97.17
N ASP J 315 17.39 35.64 -97.79
CA ASP J 315 16.89 35.18 -99.09
C ASP J 315 17.95 35.28 -100.18
N ALA J 316 18.93 36.17 -100.02
CA ALA J 316 20.02 36.25 -101.00
C ALA J 316 20.93 35.03 -100.90
N VAL J 317 21.35 34.69 -99.67
CA VAL J 317 22.24 33.56 -99.48
C VAL J 317 21.52 32.24 -99.72
N LEU J 318 20.24 32.17 -99.33
CA LEU J 318 19.42 30.95 -99.44
C LEU J 318 18.16 31.28 -100.23
N PRO J 319 18.24 31.33 -101.56
CA PRO J 319 17.05 31.64 -102.36
C PRO J 319 16.04 30.51 -102.31
N ASN J 320 14.76 30.89 -102.38
CA ASN J 320 13.65 29.93 -102.37
C ASN J 320 13.56 29.17 -101.06
N LYS J 321 13.76 29.88 -99.94
CA LYS J 321 13.74 29.29 -98.61
C LYS J 321 14.65 28.07 -98.51
N ALA J 322 15.85 28.21 -99.07
CA ALA J 322 16.80 27.10 -99.07
C ALA J 322 17.23 26.77 -97.64
N PRO J 323 17.46 25.50 -97.33
CA PRO J 323 17.89 25.14 -95.97
C PRO J 323 19.27 25.68 -95.69
N PRO J 324 19.56 26.07 -94.46
CA PRO J 324 20.86 26.65 -94.16
C PRO J 324 21.95 25.60 -94.09
N THR J 325 23.17 26.04 -94.35
CA THR J 325 24.37 25.23 -94.17
C THR J 325 25.31 25.97 -93.23
N TYR J 326 26.29 25.23 -92.69
CA TYR J 326 27.26 25.84 -91.79
C TYR J 326 27.98 27.00 -92.47
N ASP J 327 28.41 26.82 -93.72
CA ASP J 327 29.12 27.87 -94.43
C ASP J 327 28.18 29.01 -94.81
N ALA J 328 26.89 28.74 -94.97
CA ALA J 328 25.94 29.79 -95.29
C ALA J 328 25.64 30.67 -94.08
N VAL J 329 25.57 30.06 -92.90
CA VAL J 329 25.28 30.82 -91.68
C VAL J 329 26.45 31.74 -91.34
N VAL J 330 27.68 31.23 -91.43
CA VAL J 330 28.85 32.04 -91.09
C VAL J 330 29.13 33.13 -92.10
N GLN J 331 28.47 33.10 -93.27
CA GLN J 331 28.75 34.09 -94.29
C GLN J 331 27.98 35.40 -94.04
N MET J 332 26.76 35.29 -93.51
CA MET J 332 25.88 36.44 -93.40
C MET J 332 26.45 37.52 -92.49
N GLU J 333 26.87 38.64 -93.08
CA GLU J 333 27.48 39.71 -92.28
C GLU J 333 26.44 40.44 -91.45
N TYR J 334 25.28 40.74 -92.04
CA TYR J 334 24.27 41.50 -91.30
C TYR J 334 23.65 40.67 -90.19
N LEU J 335 23.48 39.37 -90.43
CA LEU J 335 22.98 38.49 -89.37
C LEU J 335 23.93 38.49 -88.18
N ASP J 336 25.23 38.45 -88.44
CA ASP J 336 26.21 38.55 -87.37
C ASP J 336 26.12 39.89 -86.66
N MET J 337 25.81 40.96 -87.40
CA MET J 337 25.70 42.28 -86.80
C MET J 337 24.44 42.41 -85.95
N VAL J 338 23.35 41.75 -86.35
CA VAL J 338 22.12 41.80 -85.56
C VAL J 338 22.30 41.09 -84.22
N VAL J 339 23.00 39.96 -84.23
CA VAL J 339 23.21 39.21 -82.99
C VAL J 339 24.17 39.96 -82.07
N ASN J 340 25.28 40.47 -82.61
CA ASN J 340 26.24 41.19 -81.79
C ASN J 340 25.64 42.45 -81.19
N GLU J 341 24.69 43.08 -81.88
CA GLU J 341 24.08 44.28 -81.33
C GLU J 341 23.06 43.95 -80.26
N THR J 342 22.35 42.84 -80.40
CA THR J 342 21.47 42.39 -79.33
C THR J 342 22.28 42.05 -78.08
N LEU J 343 23.44 41.41 -78.26
CA LEU J 343 24.28 41.07 -77.13
C LEU J 343 24.91 42.29 -76.48
N ARG J 344 25.10 43.36 -77.25
CA ARG J 344 25.61 44.59 -76.65
C ARG J 344 24.57 45.24 -75.76
N LEU J 345 23.31 45.29 -76.22
CA LEU J 345 22.25 45.84 -75.40
C LEU J 345 21.87 44.90 -74.26
N PHE J 346 21.94 43.60 -74.48
CA PHE J 346 21.49 42.61 -73.51
C PHE J 346 22.56 41.56 -73.25
N PRO J 347 23.60 41.91 -72.48
CA PRO J 347 24.53 40.89 -71.98
C PRO J 347 23.87 40.16 -70.82
N VAL J 348 23.43 38.93 -71.07
CA VAL J 348 22.64 38.18 -70.07
C VAL J 348 23.41 38.02 -68.77
N ALA J 349 24.73 37.83 -68.85
CA ALA J 349 25.58 37.87 -67.67
C ALA J 349 25.94 39.36 -67.54
N ILE J 350 25.43 40.00 -66.49
CA ILE J 350 25.61 41.45 -66.34
C ILE J 350 27.08 41.83 -66.20
N ARG J 351 27.88 40.93 -65.62
CA ARG J 351 29.25 41.26 -65.25
C ARG J 351 30.13 40.04 -65.39
N LEU J 352 31.43 40.26 -65.31
CA LEU J 352 32.43 39.20 -65.24
C LEU J 352 33.10 39.30 -63.88
N GLU J 353 33.23 38.17 -63.19
CA GLU J 353 33.68 38.14 -61.81
C GLU J 353 34.89 37.24 -61.67
N ARG J 354 35.87 37.69 -60.88
CA ARG J 354 37.08 36.93 -60.59
C ARG J 354 37.43 37.08 -59.11
N THR J 355 38.08 36.04 -58.58
CA THR J 355 38.47 36.00 -57.18
C THR J 355 40.00 36.04 -57.08
N CYS J 356 40.51 36.82 -56.13
CA CYS J 356 41.95 36.95 -55.93
C CYS J 356 42.47 35.74 -55.17
N LYS J 357 43.32 34.95 -55.83
CA LYS J 357 43.92 33.80 -55.16
C LYS J 357 44.92 34.26 -54.10
N LYS J 358 45.63 35.35 -54.37
CA LYS J 358 46.60 35.91 -53.45
C LYS J 358 46.49 37.43 -53.51
N ASP J 359 47.26 38.10 -52.67
CA ASP J 359 47.29 39.56 -52.68
C ASP J 359 47.96 40.05 -53.96
N VAL J 360 47.39 41.10 -54.55
CA VAL J 360 47.84 41.60 -55.85
C VAL J 360 47.64 43.12 -55.88
N GLU J 361 48.44 43.77 -56.73
CA GLU J 361 48.22 45.16 -57.08
C GLU J 361 47.62 45.23 -58.47
N ILE J 362 46.66 46.13 -58.65
CA ILE J 362 45.89 46.24 -59.90
C ILE J 362 46.04 47.67 -60.39
N ASN J 363 47.10 47.95 -61.14
CA ASN J 363 47.40 49.28 -61.65
C ASN J 363 47.48 50.32 -60.53
N GLY J 364 48.04 49.92 -59.40
CA GLY J 364 48.24 50.84 -58.30
C GLY J 364 47.69 50.38 -56.97
N VAL J 365 46.41 50.00 -56.94
CA VAL J 365 45.72 49.69 -55.69
C VAL J 365 46.03 48.27 -55.25
N PHE J 366 46.19 48.07 -53.95
CA PHE J 366 46.45 46.76 -53.37
C PHE J 366 45.13 46.14 -52.94
N ILE J 367 44.92 44.89 -53.31
CA ILE J 367 43.67 44.18 -53.06
C ILE J 367 44.00 42.93 -52.25
N PRO J 368 43.37 42.71 -51.09
CA PRO J 368 43.70 41.54 -50.28
C PRO J 368 43.20 40.25 -50.90
N LYS J 369 43.84 39.15 -50.49
CA LYS J 369 43.49 37.83 -51.00
C LYS J 369 42.03 37.53 -50.70
N GLY J 370 41.36 36.87 -51.66
CA GLY J 370 39.98 36.47 -51.50
C GLY J 370 38.97 37.48 -52.00
N SER J 371 39.38 38.70 -52.28
CA SER J 371 38.45 39.72 -52.74
C SER J 371 38.06 39.44 -54.19
N MET J 372 37.04 40.17 -54.65
CA MET J 372 36.44 39.93 -55.96
C MET J 372 36.71 41.12 -56.87
N VAL J 373 36.95 40.83 -58.14
CA VAL J 373 37.14 41.83 -59.17
C VAL J 373 36.00 41.67 -60.19
N VAL J 374 35.38 42.79 -60.56
CA VAL J 374 34.20 42.80 -61.42
C VAL J 374 34.49 43.58 -62.69
N ILE J 375 34.16 42.98 -63.82
CA ILE J 375 34.20 43.68 -65.10
C ILE J 375 32.77 44.07 -65.45
N PRO J 376 32.33 45.29 -65.13
CA PRO J 376 30.93 45.66 -65.37
C PRO J 376 30.61 45.65 -66.86
N THR J 377 30.28 44.48 -67.39
CA THR J 377 30.02 44.35 -68.82
C THR J 377 28.84 45.21 -69.25
N TYR J 378 27.74 45.16 -68.47
CA TYR J 378 26.56 45.92 -68.86
C TYR J 378 26.82 47.42 -68.81
N ALA J 379 27.59 47.87 -67.83
CA ALA J 379 27.92 49.29 -67.76
C ALA J 379 28.79 49.71 -68.94
N LEU J 380 29.78 48.89 -69.30
CA LEU J 380 30.67 49.23 -70.41
C LEU J 380 29.96 49.13 -71.75
N HIS J 381 28.99 48.23 -71.87
CA HIS J 381 28.22 48.12 -73.11
C HIS J 381 27.28 49.30 -73.31
N HIS J 382 26.88 49.97 -72.23
CA HIS J 382 25.97 51.11 -72.29
C HIS J 382 26.66 52.44 -71.97
N ASP J 383 27.98 52.46 -72.02
CA ASP J 383 28.73 53.69 -71.79
C ASP J 383 28.62 54.59 -73.02
N PRO J 384 28.03 55.78 -72.90
CA PRO J 384 27.92 56.66 -74.08
C PRO J 384 29.26 57.10 -74.64
N LYS J 385 30.35 56.97 -73.89
CA LYS J 385 31.67 57.35 -74.39
C LYS J 385 32.29 56.30 -75.32
N TYR J 386 31.66 55.14 -75.46
CA TYR J 386 32.11 54.13 -76.41
C TYR J 386 31.10 53.83 -77.51
N TRP J 387 29.82 54.11 -77.30
CA TRP J 387 28.77 53.79 -78.26
C TRP J 387 27.89 55.02 -78.44
N THR J 388 27.75 55.47 -79.69
CA THR J 388 26.93 56.64 -80.00
C THR J 388 25.47 56.40 -79.63
N GLU J 389 25.01 57.04 -78.56
CA GLU J 389 23.67 56.86 -78.02
C GLU J 389 23.42 55.39 -77.74
N PRO J 390 23.86 54.90 -76.57
CA PRO J 390 23.92 53.44 -76.37
C PRO J 390 22.56 52.75 -76.35
N GLU J 391 21.51 53.45 -75.91
CA GLU J 391 20.20 52.81 -75.78
C GLU J 391 19.53 52.54 -77.11
N GLU J 392 20.17 52.84 -78.24
CA GLU J 392 19.59 52.66 -79.56
C GLU J 392 20.08 51.35 -80.17
N PHE J 393 19.18 50.66 -80.87
CA PHE J 393 19.50 49.40 -81.54
C PHE J 393 19.93 49.71 -82.96
N ARG J 394 21.24 49.76 -83.19
CA ARG J 394 21.81 50.08 -84.50
C ARG J 394 22.81 49.01 -84.88
N PRO J 395 22.39 47.97 -85.63
CA PRO J 395 23.30 46.89 -86.01
C PRO J 395 24.50 47.35 -86.84
N GLU J 396 24.49 48.58 -87.35
CA GLU J 396 25.56 49.07 -88.21
C GLU J 396 26.85 49.36 -87.46
N ARG J 397 26.85 49.24 -86.13
CA ARG J 397 28.08 49.46 -85.37
C ARG J 397 29.13 48.42 -85.72
N PHE J 398 28.72 47.18 -85.95
CA PHE J 398 29.63 46.07 -86.19
C PHE J 398 29.96 45.88 -87.67
N SER J 399 29.89 46.95 -88.45
CA SER J 399 30.20 46.89 -89.87
C SER J 399 31.65 47.30 -90.14
N SER J 404 37.04 49.72 -85.37
CA SER J 404 37.19 48.44 -84.69
C SER J 404 36.64 48.51 -83.26
N ILE J 405 36.49 47.35 -82.63
CA ILE J 405 35.86 47.23 -81.32
C ILE J 405 36.81 46.53 -80.36
N ASP J 406 36.94 47.09 -79.16
CA ASP J 406 37.90 46.57 -78.19
C ASP J 406 37.39 45.26 -77.59
N PRO J 407 38.23 44.23 -77.50
CA PRO J 407 37.78 42.95 -76.92
C PRO J 407 37.53 42.99 -75.43
N TYR J 408 37.91 44.07 -74.75
CA TYR J 408 37.73 44.18 -73.30
C TYR J 408 36.60 45.12 -72.89
N ILE J 409 36.14 45.98 -73.80
CA ILE J 409 34.94 46.77 -73.53
C ILE J 409 33.70 45.98 -73.90
N TYR J 410 33.75 45.23 -75.00
CA TYR J 410 32.66 44.40 -75.46
C TYR J 410 32.98 42.96 -75.06
N THR J 411 32.36 42.49 -73.98
CA THR J 411 32.62 41.18 -73.41
C THR J 411 31.31 40.44 -73.11
N PRO J 412 30.53 40.13 -74.14
CA PRO J 412 29.29 39.36 -73.91
C PRO J 412 29.55 37.90 -73.59
N PHE J 413 30.70 37.37 -73.98
CA PHE J 413 31.07 36.00 -73.66
C PHE J 413 32.33 35.93 -72.81
N GLY J 414 32.85 37.06 -72.34
CA GLY J 414 34.09 37.08 -71.59
C GLY J 414 35.31 37.01 -72.50
N THR J 415 36.47 37.01 -71.85
CA THR J 415 37.75 36.97 -72.55
C THR J 415 38.73 36.19 -71.69
N GLY J 416 39.67 35.51 -72.35
CA GLY J 416 40.69 34.77 -71.65
C GLY J 416 40.34 33.31 -71.49
N PRO J 417 41.13 32.59 -70.68
CA PRO J 417 40.87 31.15 -70.50
C PRO J 417 39.51 30.84 -69.85
N ARG J 418 38.94 31.78 -69.11
CA ARG J 418 37.67 31.58 -68.42
C ARG J 418 36.48 32.11 -69.22
N ASN J 419 36.65 32.37 -70.50
CA ASN J 419 35.54 32.85 -71.32
C ASN J 419 34.52 31.75 -71.53
N CYS J 420 33.40 32.11 -72.13
CA CYS J 420 32.32 31.15 -72.33
C CYS J 420 32.76 30.06 -73.29
N ILE J 421 32.69 28.80 -72.83
CA ILE J 421 33.11 27.69 -73.66
C ILE J 421 32.10 27.39 -74.76
N GLY J 422 30.87 27.88 -74.62
CA GLY J 422 29.83 27.58 -75.60
C GLY J 422 29.52 28.74 -76.51
N MET J 423 30.45 29.69 -76.60
CA MET J 423 30.22 30.90 -77.40
C MET J 423 29.88 30.55 -78.84
N ARG J 424 30.71 29.74 -79.49
CA ARG J 424 30.46 29.38 -80.88
C ARG J 424 29.22 28.52 -81.01
N PHE J 425 28.95 27.65 -80.03
CA PHE J 425 27.71 26.89 -80.06
C PHE J 425 26.51 27.81 -79.91
N ALA J 426 26.60 28.80 -79.04
CA ALA J 426 25.48 29.71 -78.83
C ALA J 426 25.20 30.54 -80.06
N LEU J 427 26.25 30.97 -80.78
CA LEU J 427 26.05 31.80 -81.96
C LEU J 427 25.42 31.01 -83.11
N MET J 428 25.86 29.77 -83.31
CA MET J 428 25.35 28.98 -84.43
C MET J 428 23.85 28.72 -84.29
N ASN J 429 23.44 28.10 -83.17
CA ASN J 429 22.03 27.72 -83.04
C ASN J 429 21.11 28.91 -82.88
N MET J 430 21.63 30.05 -82.41
CA MET J 430 20.82 31.27 -82.39
C MET J 430 20.60 31.77 -83.81
N LYS J 431 21.67 31.80 -84.62
CA LYS J 431 21.54 32.22 -86.01
C LYS J 431 20.71 31.25 -86.82
N LEU J 432 20.92 29.95 -86.65
CA LEU J 432 20.12 28.97 -87.37
C LEU J 432 18.64 29.14 -87.07
N ALA J 433 18.30 29.43 -85.81
CA ALA J 433 16.90 29.70 -85.47
C ALA J 433 16.42 31.01 -86.05
N LEU J 434 17.30 32.03 -86.09
CA LEU J 434 16.92 33.30 -86.68
C LEU J 434 16.65 33.16 -88.17
N ILE J 435 17.48 32.38 -88.88
CA ILE J 435 17.29 32.21 -90.31
C ILE J 435 15.98 31.49 -90.61
N ARG J 436 15.74 30.37 -89.94
CA ARG J 436 14.55 29.57 -90.25
C ARG J 436 13.26 30.32 -89.96
N VAL J 437 13.27 31.20 -88.97
CA VAL J 437 12.04 31.91 -88.62
C VAL J 437 11.85 33.20 -89.42
N LEU J 438 12.94 33.80 -89.89
CA LEU J 438 12.82 35.04 -90.66
C LEU J 438 12.53 34.78 -92.13
N GLN J 439 13.04 33.67 -92.68
CA GLN J 439 12.73 33.30 -94.05
C GLN J 439 11.33 32.74 -94.21
N ASN J 440 10.62 32.49 -93.10
CA ASN J 440 9.25 31.99 -93.14
C ASN J 440 8.23 32.93 -92.53
N PHE J 441 8.65 33.87 -91.67
CA PHE J 441 7.71 34.68 -90.92
C PHE J 441 8.21 36.11 -90.82
N SER J 442 7.40 36.95 -90.17
CA SER J 442 7.75 38.32 -89.81
C SER J 442 7.05 38.65 -88.50
N PHE J 443 7.74 39.37 -87.62
CA PHE J 443 7.28 39.59 -86.25
C PHE J 443 6.86 41.04 -86.08
N LYS J 444 5.69 41.25 -85.49
CA LYS J 444 5.12 42.57 -85.29
C LYS J 444 4.75 42.76 -83.82
N PRO J 445 4.90 43.97 -83.29
CA PRO J 445 4.39 44.24 -81.94
C PRO J 445 2.87 44.28 -81.91
N CYS J 446 2.30 43.81 -80.80
CA CYS J 446 0.85 43.82 -80.62
C CYS J 446 0.45 44.65 -79.41
N LYS J 447 -0.76 44.42 -78.91
CA LYS J 447 -1.23 45.17 -77.74
C LYS J 447 -0.48 44.76 -76.48
N GLU J 448 -0.20 43.47 -76.33
CA GLU J 448 0.49 42.98 -75.13
C GLU J 448 1.97 43.34 -75.11
N THR J 449 2.53 43.74 -76.26
CA THR J 449 3.95 44.04 -76.33
C THR J 449 4.27 45.29 -75.52
N GLN J 450 5.17 45.16 -74.55
CA GLN J 450 5.57 46.28 -73.71
C GLN J 450 6.64 47.09 -74.43
N ILE J 451 6.39 48.39 -74.61
CA ILE J 451 7.33 49.30 -75.24
C ILE J 451 7.37 50.57 -74.41
N PRO J 452 8.55 51.01 -73.92
CA PRO J 452 9.82 50.30 -74.09
C PRO J 452 9.93 49.11 -73.15
N LEU J 453 11.03 48.37 -73.23
CA LEU J 453 11.21 47.14 -72.48
C LEU J 453 11.92 47.42 -71.16
N LYS J 454 11.36 46.91 -70.08
CA LYS J 454 11.94 47.02 -68.75
C LYS J 454 12.52 45.65 -68.37
N LEU J 455 13.73 45.66 -67.84
CA LEU J 455 14.41 44.44 -67.45
C LEU J 455 14.03 44.04 -66.03
N ASP J 456 14.15 42.74 -65.74
CA ASP J 456 13.84 42.24 -64.41
C ASP J 456 14.96 42.62 -63.44
N THR J 457 14.67 42.48 -62.15
CA THR J 457 15.56 42.95 -61.10
C THR J 457 16.33 41.81 -60.41
N GLN J 458 16.31 40.61 -60.97
CA GLN J 458 16.93 39.45 -60.32
C GLN J 458 17.63 38.57 -61.35
N GLY J 459 18.83 38.13 -61.00
CA GLY J 459 19.53 37.11 -61.75
C GLY J 459 19.97 37.56 -63.14
N LEU J 460 19.96 36.61 -64.07
CA LEU J 460 20.34 36.89 -65.45
C LEU J 460 19.37 37.88 -66.07
N LEU J 461 19.78 38.46 -67.20
CA LEU J 461 18.95 39.43 -67.88
C LEU J 461 17.65 38.80 -68.36
N GLN J 462 16.53 39.32 -67.90
CA GLN J 462 15.20 38.85 -68.26
C GLN J 462 14.27 40.04 -68.37
N PRO J 463 13.31 39.99 -69.29
CA PRO J 463 12.32 41.07 -69.37
C PRO J 463 11.40 41.06 -68.16
N GLU J 464 10.86 42.24 -67.83
CA GLU J 464 9.94 42.34 -66.70
C GLU J 464 8.69 41.51 -66.95
N LYS J 465 8.03 41.74 -68.09
CA LYS J 465 6.90 40.94 -68.53
C LYS J 465 7.29 40.10 -69.73
N PRO J 466 6.73 38.89 -69.87
CA PRO J 466 7.11 38.01 -70.99
C PRO J 466 6.89 38.68 -72.33
N ILE J 467 7.92 38.66 -73.17
CA ILE J 467 7.86 39.27 -74.49
C ILE J 467 6.88 38.48 -75.35
N VAL J 468 5.83 39.16 -75.82
CA VAL J 468 4.81 38.58 -76.67
C VAL J 468 4.72 39.41 -77.93
N LEU J 469 4.71 38.75 -79.09
CA LEU J 469 4.66 39.41 -80.38
C LEU J 469 3.61 38.76 -81.25
N LYS J 470 3.28 39.42 -82.36
CA LYS J 470 2.44 38.85 -83.40
C LYS J 470 3.31 38.46 -84.58
N VAL J 471 3.03 37.28 -85.14
CA VAL J 471 3.84 36.69 -86.19
C VAL J 471 2.94 36.32 -87.37
N ASP J 472 3.32 36.75 -88.57
CA ASP J 472 2.59 36.46 -89.80
C ASP J 472 3.51 35.75 -90.77
N SER J 473 2.99 34.76 -91.47
CA SER J 473 3.79 33.99 -92.41
C SER J 473 4.27 34.89 -93.56
N ARG J 474 5.24 34.37 -94.30
CA ARG J 474 5.84 35.10 -95.43
C ARG J 474 6.46 36.42 -94.99
N THR K 6 11.17 43.36 -45.58
CA THR K 6 10.08 44.12 -46.17
C THR K 6 8.72 43.45 -45.93
N ARG K 7 8.67 42.60 -44.90
CA ARG K 7 7.46 41.83 -44.63
C ARG K 7 6.36 42.68 -44.02
N THR K 8 6.70 43.53 -43.05
CA THR K 8 5.71 44.34 -42.33
C THR K 8 5.87 45.83 -42.57
N HIS K 9 6.66 46.23 -43.57
CA HIS K 9 6.98 47.64 -43.78
C HIS K 9 5.82 48.45 -44.33
N GLY K 10 4.64 47.85 -44.53
CA GLY K 10 3.47 48.56 -44.96
C GLY K 10 2.41 48.74 -43.90
N LEU K 11 2.68 48.38 -42.64
CA LEU K 11 1.66 48.44 -41.60
C LEU K 11 1.24 49.88 -41.32
N PHE K 12 2.20 50.78 -41.17
CA PHE K 12 1.85 52.17 -40.87
C PHE K 12 1.26 52.87 -42.08
N LYS K 13 1.64 52.46 -43.29
CA LYS K 13 0.99 53.00 -44.48
C LYS K 13 -0.46 52.54 -44.58
N ARG K 14 -0.74 51.29 -44.20
CA ARG K 14 -2.10 50.79 -44.21
C ARG K 14 -2.97 51.47 -43.16
N LEU K 15 -2.38 51.83 -42.01
CA LEU K 15 -3.12 52.53 -40.97
C LEU K 15 -3.24 54.03 -41.23
N GLY K 16 -2.35 54.58 -42.04
CA GLY K 16 -2.33 56.01 -42.27
C GLY K 16 -1.43 56.78 -41.33
N ILE K 17 -0.54 56.10 -40.62
CA ILE K 17 0.38 56.76 -39.68
C ILE K 17 1.63 57.19 -40.43
N PRO K 18 2.07 58.43 -40.27
CA PRO K 18 3.30 58.88 -40.94
C PRO K 18 4.53 58.19 -40.38
N GLY K 19 5.67 58.45 -41.03
CA GLY K 19 6.93 57.91 -40.60
C GLY K 19 7.96 57.84 -41.70
N PRO K 20 9.23 57.62 -41.34
CA PRO K 20 10.27 57.52 -42.36
C PRO K 20 10.17 56.22 -43.12
N THR K 21 10.34 56.31 -44.44
CA THR K 21 10.25 55.13 -45.29
C THR K 21 11.33 54.14 -44.90
N PRO K 22 10.98 52.91 -44.53
CA PRO K 22 11.98 51.98 -44.02
C PRO K 22 12.72 51.24 -45.12
N LEU K 23 13.98 50.92 -44.83
CA LEU K 23 14.78 50.09 -45.70
C LEU K 23 14.31 48.63 -45.58
N PRO K 24 14.53 47.82 -46.63
CA PRO K 24 13.93 46.48 -46.67
C PRO K 24 14.21 45.61 -45.46
N LEU K 25 15.48 45.33 -45.19
CA LEU K 25 15.78 44.37 -44.14
C LEU K 25 16.07 45.05 -42.80
N LEU K 26 16.69 46.23 -42.83
CA LEU K 26 17.09 46.92 -41.61
C LEU K 26 15.93 47.65 -40.95
N GLY K 27 15.03 48.22 -41.73
CA GLY K 27 14.02 49.11 -41.20
C GLY K 27 14.58 50.52 -41.07
N ASN K 28 14.35 51.14 -39.91
CA ASN K 28 14.87 52.48 -39.64
C ASN K 28 16.06 52.45 -38.70
N VAL K 29 16.67 51.28 -38.50
CA VAL K 29 17.75 51.15 -37.51
C VAL K 29 18.95 52.01 -37.87
N LEU K 30 19.18 52.25 -39.16
CA LEU K 30 20.29 53.11 -39.55
C LEU K 30 20.13 54.52 -39.02
N SER K 31 18.88 55.00 -38.91
CA SER K 31 18.65 56.35 -38.42
C SER K 31 19.03 56.52 -36.95
N TYR K 32 19.36 55.44 -36.25
CA TYR K 32 19.81 55.54 -34.86
C TYR K 32 21.27 55.95 -34.75
N ARG K 33 22.01 55.99 -35.87
CA ARG K 33 23.43 56.33 -35.83
C ARG K 33 23.65 57.72 -35.26
N GLN K 34 22.83 58.68 -35.67
CA GLN K 34 22.97 60.07 -35.22
C GLN K 34 22.60 60.24 -33.75
N GLY K 35 22.11 59.19 -33.09
CA GLY K 35 21.64 59.28 -31.73
C GLY K 35 20.14 59.14 -31.64
N LEU K 36 19.69 58.29 -30.71
CA LEU K 36 18.26 58.02 -30.60
C LEU K 36 17.50 59.27 -30.18
N TRP K 37 18.11 60.11 -29.35
CA TRP K 37 17.47 61.36 -28.93
C TRP K 37 17.27 62.30 -30.11
N LYS K 38 18.25 62.37 -31.01
CA LYS K 38 18.11 63.23 -32.19
C LYS K 38 17.09 62.68 -33.17
N PHE K 39 17.05 61.35 -33.32
CA PHE K 39 16.08 60.74 -34.24
C PHE K 39 14.65 60.99 -33.77
N ASP K 40 14.42 60.90 -32.47
CA ASP K 40 13.08 61.19 -31.96
C ASP K 40 12.74 62.67 -32.13
N THR K 41 13.73 63.55 -31.94
CA THR K 41 13.48 64.98 -32.07
C THR K 41 13.11 65.35 -33.51
N GLU K 42 13.82 64.79 -34.49
CA GLU K 42 13.52 65.11 -35.89
C GLU K 42 12.18 64.52 -36.31
N CYS K 43 11.84 63.33 -35.82
CA CYS K 43 10.56 62.72 -36.17
C CYS K 43 9.39 63.44 -35.54
N TYR K 44 9.59 64.07 -34.38
CA TYR K 44 8.53 64.86 -33.76
C TYR K 44 8.27 66.15 -34.52
N LYS K 45 9.25 66.66 -35.27
CA LYS K 45 9.06 67.87 -36.05
C LYS K 45 8.49 67.58 -37.44
N LYS K 46 9.08 66.62 -38.16
CA LYS K 46 8.62 66.31 -39.51
C LYS K 46 7.21 65.73 -39.51
N TYR K 47 6.88 64.90 -38.52
CA TYR K 47 5.58 64.26 -38.42
C TYR K 47 4.82 64.84 -37.23
N GLY K 48 3.56 64.44 -37.10
CA GLY K 48 2.69 65.02 -36.11
C GLY K 48 2.89 64.51 -34.70
N LYS K 49 1.81 64.37 -33.95
CA LYS K 49 1.84 63.86 -32.59
C LYS K 49 2.09 62.37 -32.50
N MET K 50 2.33 61.71 -33.64
CA MET K 50 2.43 60.26 -33.66
C MET K 50 3.10 59.84 -34.97
N TRP K 51 4.06 58.92 -34.87
CA TRP K 51 4.76 58.42 -36.04
C TRP K 51 5.23 57.00 -35.78
N GLY K 52 5.47 56.27 -36.86
CA GLY K 52 5.86 54.87 -36.76
C GLY K 52 7.14 54.56 -37.50
N THR K 53 7.99 53.76 -36.87
CA THR K 53 9.24 53.30 -37.46
C THR K 53 9.31 51.78 -37.36
N TYR K 54 10.39 51.20 -37.88
CA TYR K 54 10.57 49.75 -37.87
C TYR K 54 11.99 49.41 -37.46
N GLU K 55 12.14 48.55 -36.45
CA GLU K 55 13.43 47.96 -36.09
C GLU K 55 13.44 46.55 -36.68
N GLY K 56 14.07 46.41 -37.84
CA GLY K 56 13.96 45.19 -38.60
C GLY K 56 12.53 44.98 -39.05
N GLN K 57 11.87 43.96 -38.51
CA GLN K 57 10.47 43.70 -38.79
C GLN K 57 9.55 44.18 -37.68
N LEU K 58 10.11 44.72 -36.59
CA LEU K 58 9.31 45.12 -35.44
C LEU K 58 8.76 46.53 -35.65
N PRO K 59 7.44 46.72 -35.69
CA PRO K 59 6.89 48.07 -35.80
C PRO K 59 6.92 48.80 -34.47
N VAL K 60 7.31 50.07 -34.53
CA VAL K 60 7.49 50.91 -33.35
C VAL K 60 6.64 52.16 -33.52
N LEU K 61 5.65 52.33 -32.65
CA LEU K 61 4.76 53.48 -32.67
C LEU K 61 5.13 54.42 -31.53
N ALA K 62 5.38 55.69 -31.87
CA ALA K 62 5.73 56.71 -30.90
C ALA K 62 4.54 57.64 -30.71
N ILE K 63 4.18 57.89 -29.44
CA ILE K 63 3.02 58.70 -29.10
C ILE K 63 3.47 59.88 -28.25
N THR K 64 2.83 61.03 -28.48
CA THR K 64 3.12 62.24 -27.72
C THR K 64 1.88 62.85 -27.05
N ASP K 65 0.70 62.27 -27.26
CA ASP K 65 -0.51 62.78 -26.63
C ASP K 65 -0.52 62.33 -25.17
N PRO K 66 -0.64 63.25 -24.21
CA PRO K 66 -0.59 62.84 -22.80
C PRO K 66 -1.69 61.88 -22.39
N ASP K 67 -2.88 61.97 -23.00
CA ASP K 67 -3.94 61.04 -22.65
C ASP K 67 -3.65 59.64 -23.15
N VAL K 68 -3.08 59.53 -24.36
CA VAL K 68 -2.67 58.23 -24.86
C VAL K 68 -1.53 57.66 -24.02
N ILE K 69 -0.62 58.54 -23.58
CA ILE K 69 0.47 58.11 -22.70
C ILE K 69 -0.08 57.52 -21.40
N ARG K 70 -1.11 58.16 -20.83
CA ARG K 70 -1.66 57.67 -19.57
C ARG K 70 -2.25 56.27 -19.72
N THR K 71 -2.92 56.01 -20.85
CA THR K 71 -3.50 54.69 -21.04
C THR K 71 -2.42 53.62 -21.20
N VAL K 72 -1.35 53.94 -21.92
CA VAL K 72 -0.28 52.97 -22.15
C VAL K 72 0.52 52.72 -20.88
N LEU K 73 0.79 53.78 -20.11
CA LEU K 73 1.67 53.65 -18.96
C LEU K 73 0.94 53.31 -17.68
N VAL K 74 -0.30 53.78 -17.51
CA VAL K 74 -0.99 53.64 -16.23
C VAL K 74 -2.17 52.69 -16.30
N LYS K 75 -3.23 53.09 -17.01
CA LYS K 75 -4.50 52.37 -16.93
C LYS K 75 -4.37 50.95 -17.45
N GLU K 76 -3.91 50.79 -18.69
CA GLU K 76 -3.80 49.48 -19.31
C GLU K 76 -2.39 48.93 -19.27
N CYS K 77 -1.72 49.06 -18.12
CA CYS K 77 -0.38 48.53 -17.97
C CYS K 77 -0.40 47.01 -17.84
N TYR K 78 -1.20 46.48 -16.91
CA TYR K 78 -1.25 45.04 -16.73
C TYR K 78 -1.98 44.34 -17.86
N SER K 79 -2.98 45.00 -18.46
CA SER K 79 -3.79 44.35 -19.50
C SER K 79 -3.03 44.25 -20.82
N VAL K 80 -2.40 45.34 -21.25
CA VAL K 80 -1.80 45.38 -22.58
C VAL K 80 -0.30 45.63 -22.52
N PHE K 81 0.11 46.70 -21.84
CA PHE K 81 1.48 47.19 -21.92
C PHE K 81 2.24 46.87 -20.64
N THR K 82 2.48 45.58 -20.45
CA THR K 82 3.14 45.11 -19.24
C THR K 82 4.65 45.02 -19.37
N ASN K 83 5.13 44.60 -20.53
CA ASN K 83 6.55 44.35 -20.75
C ASN K 83 7.20 45.52 -21.45
N ARG K 84 8.49 45.74 -21.13
CA ARG K 84 9.23 46.85 -21.69
C ARG K 84 9.75 46.52 -23.09
N ARG K 85 10.58 45.48 -23.21
CA ARG K 85 11.16 45.14 -24.50
C ARG K 85 11.71 43.73 -24.46
N SER K 86 11.62 43.05 -25.60
CA SER K 86 12.32 41.79 -25.83
C SER K 86 13.72 42.13 -26.33
N LEU K 87 14.68 42.15 -25.43
CA LEU K 87 15.98 42.75 -25.73
C LEU K 87 16.78 41.89 -26.72
N GLY K 88 16.87 40.60 -26.45
CA GLY K 88 17.69 39.73 -27.27
C GLY K 88 18.38 38.70 -26.41
N PRO K 89 19.49 38.13 -26.91
CA PRO K 89 20.22 37.12 -26.12
C PRO K 89 20.91 37.77 -24.93
N VAL K 90 20.47 37.41 -23.72
CA VAL K 90 20.98 38.01 -22.51
C VAL K 90 21.44 36.94 -21.52
N GLY K 91 21.10 35.69 -21.79
CA GLY K 91 21.41 34.61 -20.87
C GLY K 91 20.58 34.66 -19.61
N PHE K 92 21.22 34.46 -18.46
CA PHE K 92 20.48 34.46 -17.20
C PHE K 92 19.98 35.85 -16.81
N MET K 93 20.46 36.90 -17.48
CA MET K 93 19.99 38.26 -17.18
C MET K 93 18.53 38.47 -17.59
N LYS K 94 17.90 37.49 -18.22
CA LYS K 94 16.49 37.62 -18.56
C LYS K 94 15.62 37.76 -17.32
N SER K 95 16.10 37.30 -16.16
CA SER K 95 15.36 37.39 -14.91
C SER K 95 15.56 38.73 -14.20
N ALA K 96 16.37 39.63 -14.77
CA ALA K 96 16.50 40.95 -14.18
C ALA K 96 15.18 41.68 -14.24
N ILE K 97 14.93 42.52 -13.23
CA ILE K 97 13.61 43.15 -13.08
C ILE K 97 13.27 44.00 -14.30
N SER K 98 14.25 44.73 -14.83
CA SER K 98 13.99 45.59 -15.98
C SER K 98 13.74 44.79 -17.26
N LEU K 99 14.14 43.52 -17.30
CA LEU K 99 13.95 42.67 -18.47
C LEU K 99 12.89 41.60 -18.27
N ALA K 100 12.56 41.24 -17.03
CA ALA K 100 11.55 40.22 -16.78
C ALA K 100 10.20 40.66 -17.33
N GLU K 101 9.31 39.68 -17.48
CA GLU K 101 8.03 39.92 -18.14
C GLU K 101 6.91 39.24 -17.38
N ASP K 102 5.74 39.88 -17.40
CA ASP K 102 4.47 39.26 -16.97
C ASP K 102 4.57 38.87 -15.51
N GLU K 103 4.19 37.64 -15.13
CA GLU K 103 4.11 37.29 -13.71
C GLU K 103 5.49 37.11 -13.09
N GLU K 104 6.49 36.74 -13.89
CA GLU K 104 7.84 36.66 -13.36
C GLU K 104 8.36 38.05 -12.97
N TRP K 105 7.96 39.07 -13.74
CA TRP K 105 8.30 40.45 -13.38
C TRP K 105 7.62 40.87 -12.09
N LYS K 106 6.36 40.45 -11.89
CA LYS K 106 5.63 40.86 -10.71
C LYS K 106 6.26 40.30 -9.44
N ARG K 107 6.72 39.05 -9.49
CA ARG K 107 7.37 38.47 -8.31
C ARG K 107 8.67 39.17 -7.99
N ILE K 108 9.47 39.50 -9.00
CA ILE K 108 10.75 40.16 -8.77
C ILE K 108 10.53 41.58 -8.23
N ARG K 109 9.62 42.32 -8.86
CA ARG K 109 9.37 43.69 -8.42
C ARG K 109 8.76 43.74 -7.03
N SER K 110 7.93 42.75 -6.68
CA SER K 110 7.25 42.77 -5.39
C SER K 110 8.23 42.64 -4.23
N LEU K 111 9.23 41.77 -4.36
CA LEU K 111 10.19 41.56 -3.28
C LEU K 111 11.36 42.54 -3.30
N LEU K 112 11.57 43.25 -4.40
CA LEU K 112 12.61 44.28 -4.46
C LEU K 112 12.09 45.66 -4.05
N SER K 113 10.79 45.89 -4.15
CA SER K 113 10.23 47.18 -3.74
C SER K 113 10.42 47.51 -2.26
N PRO K 114 10.36 46.56 -1.32
CA PRO K 114 10.64 46.90 0.09
C PRO K 114 12.04 47.48 0.32
N THR K 115 12.94 47.40 -0.66
CA THR K 115 14.29 47.93 -0.49
C THR K 115 14.26 49.44 -0.29
N PHE K 116 13.33 50.13 -0.93
CA PHE K 116 13.36 51.59 -0.94
C PHE K 116 12.12 52.22 -0.31
N THR K 117 11.76 51.78 0.90
CA THR K 117 10.74 52.47 1.67
C THR K 117 11.37 53.63 2.44
N SER K 118 10.51 54.57 2.86
CA SER K 118 11.01 55.78 3.52
C SER K 118 11.83 55.43 4.75
N GLY K 119 11.45 54.36 5.46
CA GLY K 119 12.24 53.94 6.61
C GLY K 119 13.61 53.42 6.22
N LYS K 120 13.68 52.67 5.12
CA LYS K 120 14.97 52.14 4.69
C LYS K 120 15.85 53.21 4.04
N LEU K 121 15.24 54.23 3.43
CA LEU K 121 16.03 55.34 2.91
C LEU K 121 16.61 56.17 4.04
N LYS K 122 15.82 56.46 5.07
CA LYS K 122 16.32 57.19 6.23
C LYS K 122 17.42 56.41 6.94
N GLU K 123 17.38 55.08 6.87
CA GLU K 123 18.38 54.26 7.55
C GLU K 123 19.69 54.18 6.79
N MET K 124 19.65 54.23 5.46
CA MET K 124 20.87 54.24 4.66
C MET K 124 21.44 55.65 4.47
N PHE K 125 20.77 56.67 5.03
CA PHE K 125 21.30 58.03 4.94
C PHE K 125 22.67 58.21 5.61
N PRO K 126 22.94 57.65 6.80
CA PRO K 126 24.30 57.79 7.35
C PRO K 126 25.38 57.14 6.51
N ILE K 127 25.06 56.06 5.79
CA ILE K 127 26.04 55.42 4.92
C ILE K 127 26.43 56.35 3.78
N ILE K 128 25.42 56.97 3.15
CA ILE K 128 25.68 57.89 2.05
C ILE K 128 26.40 59.14 2.53
N ALA K 129 26.16 59.55 3.79
CA ALA K 129 26.82 60.72 4.32
C ALA K 129 28.32 60.50 4.50
N GLN K 130 28.71 59.30 4.96
CA GLN K 130 30.13 59.00 5.15
C GLN K 130 30.87 59.00 3.83
N TYR K 131 30.30 58.36 2.80
CA TYR K 131 30.90 58.41 1.47
C TYR K 131 30.96 59.85 0.96
N GLY K 132 29.98 60.68 1.32
CA GLY K 132 30.00 62.07 0.91
C GLY K 132 31.15 62.85 1.52
N ASP K 133 31.54 62.50 2.74
CA ASP K 133 32.71 63.14 3.35
C ASP K 133 33.99 62.74 2.62
N VAL K 134 34.07 61.48 2.18
CA VAL K 134 35.22 61.04 1.39
C VAL K 134 35.28 61.78 0.06
N LEU K 135 34.12 62.04 -0.54
CA LEU K 135 34.08 62.78 -1.81
C LEU K 135 34.61 64.19 -1.64
N VAL K 136 34.24 64.87 -0.54
CA VAL K 136 34.72 66.23 -0.30
C VAL K 136 36.23 66.22 -0.04
N ARG K 137 36.72 65.19 0.64
CA ARG K 137 38.16 65.11 0.92
C ARG K 137 38.97 64.90 -0.35
N ASN K 138 38.56 63.95 -1.19
CA ASN K 138 39.28 63.70 -2.44
C ASN K 138 39.13 64.88 -3.39
N LEU K 139 37.96 65.51 -3.40
CA LEU K 139 37.76 66.69 -4.25
C LEU K 139 38.60 67.87 -3.76
N ARG K 140 38.82 67.95 -2.44
CA ARG K 140 39.67 69.01 -1.89
C ARG K 140 41.10 68.87 -2.39
N ARG K 141 41.63 67.64 -2.41
CA ARG K 141 43.00 67.43 -2.86
C ARG K 141 43.18 67.89 -4.30
N GLU K 142 42.19 67.63 -5.15
CA GLU K 142 42.31 68.02 -6.55
C GLU K 142 42.22 69.53 -6.72
N ALA K 143 41.50 70.22 -5.83
CA ALA K 143 41.44 71.68 -5.89
C ALA K 143 42.73 72.32 -5.41
N GLU K 144 43.39 71.70 -4.42
CA GLU K 144 44.66 72.25 -3.92
C GLU K 144 45.77 72.06 -4.95
N LYS K 145 45.79 70.93 -5.64
CA LYS K 145 46.79 70.68 -6.66
C LYS K 145 46.53 71.47 -7.94
N GLY K 146 45.44 72.23 -8.01
CA GLY K 146 45.19 73.09 -9.15
C GLY K 146 44.86 72.38 -10.44
N LYS K 147 44.53 71.07 -10.37
CA LYS K 147 44.27 70.38 -11.63
C LYS K 147 42.77 70.32 -11.91
N PRO K 148 42.37 70.42 -13.18
CA PRO K 148 40.95 70.26 -13.52
C PRO K 148 40.47 68.86 -13.20
N VAL K 149 39.18 68.75 -12.91
CA VAL K 149 38.57 67.51 -12.47
C VAL K 149 37.62 67.00 -13.55
N THR K 150 37.80 65.73 -13.91
CA THR K 150 36.84 65.03 -14.77
C THR K 150 35.72 64.51 -13.88
N LEU K 151 34.53 65.11 -14.01
CA LEU K 151 33.45 64.85 -13.06
C LEU K 151 33.05 63.38 -13.02
N LYS K 152 33.03 62.72 -14.18
CA LYS K 152 32.53 61.36 -14.24
C LYS K 152 33.40 60.37 -13.47
N ASP K 153 34.68 60.69 -13.25
CA ASP K 153 35.56 59.78 -12.55
C ASP K 153 35.28 59.77 -11.05
N ILE K 154 35.40 60.92 -10.40
CA ILE K 154 35.31 60.96 -8.94
C ILE K 154 33.87 60.75 -8.48
N PHE K 155 32.91 61.36 -9.18
CA PHE K 155 31.50 61.15 -8.83
C PHE K 155 31.05 59.75 -9.19
N GLY K 156 31.64 59.14 -10.22
CA GLY K 156 31.37 57.75 -10.50
C GLY K 156 31.88 56.84 -9.41
N ALA K 157 33.09 57.13 -8.90
CA ALA K 157 33.60 56.39 -7.74
C ALA K 157 32.71 56.61 -6.54
N TYR K 158 32.20 57.83 -6.37
CA TYR K 158 31.29 58.12 -5.27
C TYR K 158 30.00 57.31 -5.39
N SER K 159 29.39 57.32 -6.58
CA SER K 159 28.13 56.60 -6.77
C SER K 159 28.34 55.10 -6.67
N MET K 160 29.47 54.59 -7.15
CA MET K 160 29.77 53.17 -7.02
C MET K 160 29.98 52.78 -5.56
N ASP K 161 30.55 53.67 -4.75
CA ASP K 161 30.67 53.40 -3.32
C ASP K 161 29.31 53.43 -2.64
N VAL K 162 28.44 54.35 -3.04
CA VAL K 162 27.14 54.49 -2.40
C VAL K 162 26.27 53.28 -2.69
N ILE K 163 26.24 52.83 -3.95
CA ILE K 163 25.36 51.71 -4.31
C ILE K 163 25.85 50.41 -3.68
N THR K 164 27.16 50.24 -3.51
CA THR K 164 27.68 49.01 -2.93
C THR K 164 27.50 48.98 -1.42
N GLY K 165 27.89 50.06 -0.73
CA GLY K 165 27.83 50.07 0.72
C GLY K 165 26.41 49.99 1.27
N THR K 166 25.44 50.58 0.56
CA THR K 166 24.07 50.54 1.04
C THR K 166 23.35 49.23 0.69
N SER K 167 23.74 48.60 -0.42
CA SER K 167 23.04 47.42 -0.89
C SER K 167 23.71 46.11 -0.47
N PHE K 168 24.98 46.15 -0.09
CA PHE K 168 25.70 44.92 0.27
C PHE K 168 26.43 45.00 1.59
N GLY K 169 26.41 46.14 2.28
CA GLY K 169 27.11 46.26 3.55
C GLY K 169 28.60 46.08 3.45
N VAL K 170 29.18 46.42 2.29
CA VAL K 170 30.62 46.29 2.06
C VAL K 170 31.13 47.60 1.50
N ASN K 171 32.28 48.05 2.02
CA ASN K 171 32.91 49.29 1.56
C ASN K 171 34.09 48.91 0.68
N ILE K 172 33.92 49.04 -0.63
CA ILE K 172 34.99 48.68 -1.56
C ILE K 172 35.98 49.81 -1.79
N ASP K 173 35.71 50.99 -1.22
CA ASP K 173 36.62 52.14 -1.28
C ASP K 173 36.97 52.51 -2.73
N SER K 174 35.92 52.72 -3.52
CA SER K 174 36.13 53.12 -4.90
C SER K 174 36.66 54.54 -5.00
N LEU K 175 36.28 55.42 -4.07
CA LEU K 175 36.74 56.80 -4.10
C LEU K 175 38.25 56.93 -3.90
N ASN K 176 38.89 55.91 -3.34
CA ASN K 176 40.34 55.92 -3.11
C ASN K 176 41.04 54.77 -3.83
N ASN K 177 40.48 54.35 -4.97
CA ASN K 177 41.07 53.27 -5.76
C ASN K 177 41.02 53.70 -7.22
N PRO K 178 42.14 54.15 -7.79
CA PRO K 178 42.12 54.60 -9.19
C PRO K 178 41.78 53.50 -10.17
N GLN K 179 42.24 52.28 -9.92
CA GLN K 179 41.91 51.13 -10.76
C GLN K 179 40.82 50.27 -10.13
N ASP K 180 39.71 50.89 -9.76
CA ASP K 180 38.61 50.17 -9.12
C ASP K 180 38.07 49.12 -10.09
N PRO K 181 38.14 47.83 -9.74
CA PRO K 181 37.62 46.80 -10.66
C PRO K 181 36.11 46.88 -10.87
N PHE K 182 35.38 47.49 -9.94
CA PHE K 182 33.94 47.63 -10.11
C PHE K 182 33.59 48.69 -11.15
N VAL K 183 34.28 49.84 -11.11
CA VAL K 183 33.99 50.89 -12.08
C VAL K 183 34.45 50.48 -13.48
N GLU K 184 35.60 49.80 -13.58
CA GLU K 184 36.08 49.36 -14.88
C GLU K 184 35.08 48.44 -15.56
N SER K 185 34.56 47.45 -14.82
CA SER K 185 33.61 46.52 -15.42
C SER K 185 32.32 47.23 -15.82
N THR K 186 31.71 47.95 -14.88
CA THR K 186 30.38 48.50 -15.10
C THR K 186 30.36 49.51 -16.25
N LYS K 187 31.46 50.25 -16.46
CA LYS K 187 31.46 51.21 -17.56
C LYS K 187 31.57 50.55 -18.92
N LYS K 188 31.80 49.24 -18.98
CA LYS K 188 31.79 48.53 -20.26
C LYS K 188 30.37 48.27 -20.78
N PHE K 189 29.35 48.43 -19.94
CA PHE K 189 27.97 48.34 -20.44
C PHE K 189 27.68 49.39 -21.49
N LEU K 190 28.34 50.54 -21.40
CA LEU K 190 28.11 51.66 -22.30
C LEU K 190 28.89 51.54 -23.62
N LYS K 191 29.89 50.66 -23.70
CA LYS K 191 30.71 50.58 -24.90
C LYS K 191 29.91 50.04 -26.09
N PHE K 192 29.01 49.11 -25.85
CA PHE K 192 28.19 48.55 -26.91
C PHE K 192 26.98 49.45 -27.16
N GLY K 193 26.72 49.74 -28.44
CA GLY K 193 25.56 50.50 -28.83
C GLY K 193 24.86 49.86 -30.01
N PHE K 194 23.88 50.56 -30.59
CA PHE K 194 23.21 50.05 -31.78
C PHE K 194 24.22 49.89 -32.92
N LEU K 195 23.86 49.03 -33.88
CA LEU K 195 24.71 48.65 -35.01
C LEU K 195 25.88 47.75 -34.60
N ASP K 196 25.94 47.34 -33.34
CA ASP K 196 26.88 46.30 -32.96
C ASP K 196 26.61 45.05 -33.81
N PRO K 197 27.64 44.41 -34.34
CA PRO K 197 27.41 43.25 -35.22
C PRO K 197 26.52 42.18 -34.61
N LEU K 198 26.59 41.96 -33.30
CA LEU K 198 25.74 40.98 -32.64
C LEU K 198 24.30 41.46 -32.57
N PHE K 199 24.10 42.68 -32.07
CA PHE K 199 22.74 43.21 -31.95
C PHE K 199 22.09 43.44 -33.30
N LEU K 200 22.86 43.86 -34.30
CA LEU K 200 22.27 44.16 -35.61
C LEU K 200 21.76 42.90 -36.30
N SER K 201 22.51 41.80 -36.21
CA SER K 201 22.03 40.55 -36.80
C SER K 201 20.82 40.01 -36.03
N ILE K 202 20.73 40.30 -34.74
CA ILE K 202 19.54 39.93 -33.97
C ILE K 202 18.32 40.70 -34.50
N ILE K 203 18.52 41.96 -34.90
CA ILE K 203 17.42 42.75 -35.45
C ILE K 203 16.92 42.14 -36.75
N LEU K 204 17.85 41.77 -37.63
CA LEU K 204 17.48 41.26 -38.95
C LEU K 204 16.84 39.87 -38.85
N PHE K 205 17.42 38.99 -38.03
CA PHE K 205 16.99 37.60 -37.92
C PHE K 205 16.72 37.30 -36.45
N PRO K 206 15.54 37.64 -35.94
CA PRO K 206 15.25 37.40 -34.51
C PRO K 206 15.29 35.94 -34.11
N PHE K 207 15.19 35.01 -35.06
CA PHE K 207 15.28 33.60 -34.73
C PHE K 207 16.67 33.17 -34.28
N LEU K 208 17.69 34.00 -34.50
CA LEU K 208 19.04 33.70 -34.02
C LEU K 208 19.18 33.89 -32.51
N THR K 209 18.22 34.56 -31.86
CA THR K 209 18.33 34.78 -30.42
C THR K 209 18.49 33.48 -29.62
N PRO K 210 17.64 32.46 -29.79
CA PRO K 210 17.88 31.21 -29.04
C PRO K 210 19.17 30.52 -29.43
N VAL K 211 19.67 30.76 -30.65
CA VAL K 211 20.95 30.18 -31.06
C VAL K 211 22.08 30.74 -30.22
N PHE K 212 22.16 32.08 -30.12
CA PHE K 212 23.21 32.69 -29.31
C PHE K 212 22.99 32.45 -27.83
N GLU K 213 21.73 32.30 -27.41
CA GLU K 213 21.43 32.02 -26.01
C GLU K 213 22.04 30.70 -25.58
N ALA K 214 21.93 29.66 -26.43
CA ALA K 214 22.55 28.37 -26.14
C ALA K 214 24.06 28.39 -26.31
N LEU K 215 24.60 29.28 -27.14
CA LEU K 215 26.04 29.44 -27.30
C LEU K 215 26.68 30.26 -26.20
N ASN K 216 25.91 30.70 -25.20
CA ASN K 216 26.40 31.52 -24.10
C ASN K 216 26.88 32.90 -24.57
N VAL K 217 26.43 33.35 -25.73
CA VAL K 217 26.78 34.66 -26.27
C VAL K 217 25.73 35.66 -25.81
N SER K 218 26.18 36.80 -25.30
CA SER K 218 25.31 37.80 -24.73
C SER K 218 25.58 39.17 -25.34
N LEU K 219 24.56 40.03 -25.32
CA LEU K 219 24.75 41.43 -25.69
C LEU K 219 25.61 42.17 -24.67
N PHE K 220 25.65 41.70 -23.45
CA PHE K 220 26.38 42.33 -22.36
C PHE K 220 27.82 41.83 -22.33
N PRO K 221 28.75 42.66 -21.83
CA PRO K 221 30.15 42.22 -21.72
C PRO K 221 30.28 41.04 -20.77
N LYS K 222 30.80 39.93 -21.30
CA LYS K 222 30.86 38.69 -20.51
C LYS K 222 31.76 38.85 -19.29
N ASP K 223 32.92 39.48 -19.46
CA ASP K 223 33.82 39.65 -18.31
C ASP K 223 33.21 40.56 -17.25
N THR K 224 32.37 41.52 -17.65
CA THR K 224 31.72 42.38 -16.67
C THR K 224 30.64 41.63 -15.91
N ILE K 225 29.85 40.82 -16.62
CA ILE K 225 28.83 40.01 -15.94
C ILE K 225 29.48 39.05 -14.96
N ASN K 226 30.53 38.34 -15.41
CA ASN K 226 31.17 37.34 -14.56
C ASN K 226 31.84 37.99 -13.35
N PHE K 227 32.52 39.12 -13.54
CA PHE K 227 33.18 39.78 -12.42
C PHE K 227 32.18 40.24 -11.38
N LEU K 228 31.12 40.91 -11.81
CA LEU K 228 30.09 41.34 -10.88
C LEU K 228 29.41 40.16 -10.22
N SER K 229 29.10 39.11 -10.98
CA SER K 229 28.41 37.95 -10.43
C SER K 229 29.26 37.25 -9.38
N LYS K 230 30.56 37.06 -9.66
CA LYS K 230 31.42 36.39 -8.70
C LYS K 230 31.68 37.27 -7.48
N SER K 231 31.87 38.57 -7.69
CA SER K 231 32.13 39.46 -6.55
C SER K 231 30.88 39.67 -5.71
N VAL K 232 29.69 39.62 -6.33
CA VAL K 232 28.45 39.68 -5.55
C VAL K 232 28.32 38.45 -4.67
N ASN K 233 28.72 37.28 -5.20
CA ASN K 233 28.68 36.06 -4.40
C ASN K 233 29.65 36.12 -3.23
N ARG K 234 30.78 36.81 -3.37
CA ARG K 234 31.73 36.92 -2.27
C ARG K 234 31.11 37.68 -1.10
N MET K 235 30.41 38.78 -1.39
CA MET K 235 29.75 39.55 -0.33
C MET K 235 28.55 38.82 0.25
N LYS K 236 27.98 37.87 -0.50
CA LYS K 236 26.88 37.07 0.03
C LYS K 236 27.36 36.06 1.06
N LYS K 237 28.38 35.26 0.69
CA LYS K 237 28.93 34.31 1.64
C LYS K 237 29.62 34.99 2.82
N SER K 238 30.11 36.22 2.62
CA SER K 238 30.65 36.98 3.73
C SER K 238 29.54 37.43 4.68
N ARG K 239 28.35 37.69 4.14
CA ARG K 239 27.23 38.06 5.01
C ARG K 239 26.71 36.85 5.78
N LEU K 240 26.70 35.68 5.15
CA LEU K 240 26.20 34.47 5.80
C LEU K 240 27.17 33.90 6.84
N ASN K 241 28.45 34.26 6.77
CA ASN K 241 29.42 33.71 7.72
C ASN K 241 29.34 34.40 9.07
N ASP K 242 29.11 35.71 9.09
CA ASP K 242 29.10 36.48 10.33
C ASP K 242 27.67 36.73 10.79
N LYS K 243 27.45 36.64 12.09
CA LYS K 243 26.15 36.88 12.71
C LYS K 243 26.01 38.28 13.29
N GLN K 244 27.13 38.92 13.65
CA GLN K 244 27.05 40.21 14.34
C GLN K 244 26.65 41.33 13.39
N LYS K 245 27.50 41.63 12.41
CA LYS K 245 27.24 42.73 11.48
C LYS K 245 26.07 42.37 10.58
N HIS K 246 24.86 42.64 11.09
CA HIS K 246 23.62 42.29 10.42
C HIS K 246 22.81 43.57 10.21
N ARG K 247 22.54 43.90 8.95
CA ARG K 247 21.68 45.01 8.58
C ARG K 247 20.75 44.55 7.47
N LEU K 248 19.47 44.91 7.60
CA LEU K 248 18.45 44.51 6.61
C LEU K 248 18.57 45.45 5.42
N ASP K 249 19.18 44.97 4.35
CA ASP K 249 19.42 45.79 3.16
C ASP K 249 19.09 44.96 1.92
N PHE K 250 19.58 45.43 0.76
CA PHE K 250 19.27 44.78 -0.50
C PHE K 250 19.79 43.35 -0.55
N LEU K 251 21.04 43.15 -0.10
CA LEU K 251 21.60 41.80 -0.07
C LEU K 251 20.83 40.92 0.90
N GLN K 252 20.56 41.43 2.10
CA GLN K 252 19.82 40.66 3.09
C GLN K 252 18.40 40.38 2.62
N LEU K 253 17.79 41.34 1.91
CA LEU K 253 16.40 41.17 1.48
C LEU K 253 16.25 40.01 0.51
N MET K 254 17.29 39.73 -0.29
CA MET K 254 17.27 38.57 -1.18
C MET K 254 17.85 37.32 -0.53
N ILE K 255 18.67 37.49 0.51
CA ILE K 255 19.11 36.34 1.30
C ILE K 255 17.93 35.70 2.03
N ASP K 256 17.11 36.52 2.69
CA ASP K 256 15.94 35.99 3.37
C ASP K 256 14.94 35.37 2.41
N SER K 257 14.94 35.78 1.14
CA SER K 257 14.02 35.25 0.14
C SER K 257 14.60 34.05 -0.60
N GLN K 258 15.59 33.38 -0.02
CA GLN K 258 16.23 32.23 -0.67
C GLN K 258 15.83 30.91 -0.04
N ASN K 259 14.82 30.91 0.83
CA ASN K 259 14.36 29.68 1.48
C ASN K 259 13.12 29.10 0.80
N ALA K 268 11.02 31.92 -4.59
CA ALA K 268 12.26 31.18 -4.37
C ALA K 268 13.37 31.70 -5.29
N LEU K 269 14.09 32.72 -4.82
CA LEU K 269 15.11 33.36 -5.64
C LEU K 269 16.34 32.46 -5.75
N SER K 270 16.75 32.15 -6.98
CA SER K 270 17.92 31.33 -7.21
C SER K 270 19.19 32.18 -7.09
N ASP K 271 20.34 31.53 -7.23
CA ASP K 271 21.61 32.26 -7.16
C ASP K 271 21.82 33.12 -8.39
N LEU K 272 21.40 32.64 -9.57
CA LEU K 272 21.51 33.44 -10.78
C LEU K 272 20.56 34.64 -10.74
N GLU K 273 19.34 34.44 -10.25
CA GLU K 273 18.42 35.56 -10.12
C GLU K 273 18.94 36.60 -9.14
N LEU K 274 19.64 36.16 -8.09
CA LEU K 274 20.18 37.10 -7.12
C LEU K 274 21.25 37.98 -7.76
N ALA K 275 22.07 37.39 -8.65
CA ALA K 275 23.13 38.16 -9.29
C ALA K 275 22.56 39.13 -10.32
N ALA K 276 21.50 38.73 -11.02
CA ALA K 276 20.92 39.60 -12.05
C ALA K 276 20.34 40.87 -11.44
N GLN K 277 19.62 40.76 -10.33
CA GLN K 277 19.10 41.95 -9.67
C GLN K 277 20.23 42.83 -9.16
N SER K 278 21.30 42.21 -8.66
CA SER K 278 22.44 42.98 -8.17
C SER K 278 23.11 43.75 -9.30
N ILE K 279 23.15 43.18 -10.51
CA ILE K 279 23.81 43.85 -11.63
C ILE K 279 23.04 45.10 -12.05
N ILE K 280 21.72 45.01 -12.12
CA ILE K 280 20.92 46.19 -12.48
C ILE K 280 21.09 47.29 -11.45
N PHE K 281 21.11 46.92 -10.17
CA PHE K 281 21.25 47.92 -9.11
C PHE K 281 22.62 48.58 -9.16
N ILE K 282 23.67 47.79 -9.43
CA ILE K 282 25.00 48.36 -9.53
C ILE K 282 25.11 49.29 -10.74
N PHE K 283 24.63 48.84 -11.90
CA PHE K 283 24.70 49.66 -13.10
C PHE K 283 23.88 50.94 -12.94
N ALA K 284 22.65 50.83 -12.46
CA ALA K 284 21.81 52.01 -12.26
C ALA K 284 22.38 52.93 -11.19
N GLY K 285 22.92 52.35 -10.11
CA GLY K 285 23.47 53.16 -9.04
C GLY K 285 24.69 53.96 -9.46
N TYR K 286 25.54 53.39 -10.33
CA TYR K 286 26.76 54.06 -10.75
C TYR K 286 26.53 55.02 -11.91
N GLU K 287 25.93 54.55 -13.00
CA GLU K 287 25.89 55.31 -14.24
C GLU K 287 24.93 56.50 -14.18
N THR K 288 23.64 56.24 -13.93
CA THR K 288 22.66 57.32 -13.99
C THR K 288 22.92 58.38 -12.93
N THR K 289 23.34 57.95 -11.73
CA THR K 289 23.60 58.90 -10.66
C THR K 289 24.75 59.83 -11.02
N SER K 290 25.87 59.26 -11.45
CA SER K 290 27.02 60.09 -11.79
C SER K 290 26.82 60.86 -13.08
N SER K 291 26.00 60.34 -13.99
CA SER K 291 25.68 61.09 -15.21
C SER K 291 24.86 62.32 -14.91
N VAL K 292 23.77 62.17 -14.17
CA VAL K 292 22.93 63.30 -13.82
C VAL K 292 23.69 64.30 -12.96
N LEU K 293 24.55 63.80 -12.06
CA LEU K 293 25.39 64.69 -11.27
C LEU K 293 26.32 65.51 -12.16
N SER K 294 26.96 64.85 -13.12
CA SER K 294 27.89 65.55 -14.01
C SER K 294 27.15 66.54 -14.90
N PHE K 295 25.92 66.20 -15.31
CA PHE K 295 25.14 67.14 -16.11
C PHE K 295 24.71 68.34 -15.27
N THR K 296 24.41 68.11 -13.99
CA THR K 296 23.97 69.21 -13.12
C THR K 296 25.12 70.19 -12.87
N LEU K 297 26.30 69.67 -12.53
CA LEU K 297 27.45 70.53 -12.24
C LEU K 297 27.87 71.30 -13.48
N TYR K 298 27.78 70.70 -14.67
CA TYR K 298 28.05 71.42 -15.89
C TYR K 298 27.11 72.61 -16.04
N GLU K 299 25.81 72.39 -15.78
CA GLU K 299 24.85 73.48 -15.90
C GLU K 299 25.08 74.55 -14.84
N LEU K 300 25.48 74.14 -13.64
CA LEU K 300 25.78 75.12 -12.60
C LEU K 300 27.06 75.89 -12.91
N ALA K 301 28.01 75.26 -13.60
CA ALA K 301 29.24 75.95 -13.95
C ALA K 301 29.01 76.98 -15.06
N THR K 302 28.13 76.67 -16.00
CA THR K 302 27.80 77.57 -17.10
C THR K 302 26.70 78.54 -16.72
N HIS K 303 26.14 78.43 -15.51
CA HIS K 303 25.13 79.35 -15.01
C HIS K 303 25.48 79.69 -13.57
N PRO K 304 26.45 80.59 -13.37
CA PRO K 304 26.92 80.88 -12.00
C PRO K 304 25.86 81.51 -11.11
N ASP K 305 24.90 82.23 -11.69
CA ASP K 305 23.82 82.80 -10.88
C ASP K 305 22.98 81.71 -10.22
N VAL K 306 22.68 80.64 -10.97
CA VAL K 306 21.94 79.53 -10.41
C VAL K 306 22.76 78.83 -9.32
N GLN K 307 24.06 78.65 -9.56
CA GLN K 307 24.92 78.03 -8.57
C GLN K 307 25.02 78.87 -7.31
N GLN K 308 25.06 80.19 -7.47
CA GLN K 308 25.15 81.08 -6.30
C GLN K 308 23.84 81.09 -5.54
N LYS K 309 22.70 81.04 -6.24
CA LYS K 309 21.42 80.97 -5.56
C LYS K 309 21.23 79.64 -4.83
N LEU K 310 21.74 78.55 -5.40
CA LEU K 310 21.61 77.25 -4.73
C LEU K 310 22.52 77.17 -3.51
N GLN K 311 23.76 77.65 -3.63
CA GLN K 311 24.63 77.74 -2.47
C GLN K 311 24.04 78.63 -1.39
N LYS K 312 23.32 79.69 -1.79
CA LYS K 312 22.66 80.55 -0.83
C LYS K 312 21.58 79.81 -0.04
N GLU K 313 20.77 79.00 -0.74
CA GLU K 313 19.74 78.24 -0.05
C GLU K 313 20.36 77.17 0.84
N ILE K 314 21.47 76.56 0.39
CA ILE K 314 22.12 75.52 1.18
C ILE K 314 22.77 76.12 2.44
N ASP K 315 23.45 77.26 2.29
CA ASP K 315 24.06 77.90 3.44
C ASP K 315 23.03 78.33 4.48
N ALA K 316 21.82 78.67 4.03
CA ALA K 316 20.78 79.09 4.97
C ALA K 316 20.30 77.92 5.83
N VAL K 317 20.10 76.75 5.22
CA VAL K 317 19.54 75.62 5.95
C VAL K 317 20.61 74.91 6.79
N LEU K 318 21.83 74.78 6.25
CA LEU K 318 22.92 74.07 6.90
C LEU K 318 24.14 74.98 6.94
N PRO K 319 24.17 75.94 7.86
CA PRO K 319 25.31 76.86 7.92
C PRO K 319 26.58 76.16 8.38
N ASN K 320 27.72 76.72 7.96
CA ASN K 320 29.03 76.25 8.38
C ASN K 320 29.30 74.81 7.97
N LYS K 321 28.90 74.46 6.75
CA LYS K 321 29.13 73.11 6.19
C LYS K 321 28.54 72.03 7.10
N ALA K 322 27.30 72.25 7.53
CA ALA K 322 26.66 71.35 8.47
C ALA K 322 26.24 70.06 7.76
N PRO K 323 26.48 68.90 8.38
CA PRO K 323 26.01 67.63 7.79
C PRO K 323 24.50 67.60 7.71
N PRO K 324 23.94 67.32 6.54
CA PRO K 324 22.48 67.42 6.37
C PRO K 324 21.76 66.28 7.08
N THR K 325 20.45 66.40 7.11
CA THR K 325 19.56 65.34 7.55
C THR K 325 18.76 64.84 6.36
N TYR K 326 18.18 63.65 6.50
CA TYR K 326 17.31 63.13 5.45
C TYR K 326 16.18 64.11 5.13
N ASP K 327 15.56 64.68 6.17
CA ASP K 327 14.41 65.55 5.98
C ASP K 327 14.82 66.90 5.40
N ALA K 328 16.00 67.41 5.77
CA ALA K 328 16.45 68.68 5.22
C ALA K 328 16.77 68.58 3.73
N VAL K 329 17.13 67.38 3.26
CA VAL K 329 17.45 67.21 1.85
C VAL K 329 16.18 67.27 0.99
N VAL K 330 15.14 66.54 1.41
CA VAL K 330 13.92 66.45 0.62
C VAL K 330 13.11 67.74 0.60
N GLN K 331 13.45 68.73 1.42
CA GLN K 331 12.66 69.94 1.54
C GLN K 331 13.24 71.12 0.79
N MET K 332 14.51 71.07 0.38
CA MET K 332 15.12 72.19 -0.32
C MET K 332 14.42 72.45 -1.65
N GLU K 333 13.69 73.57 -1.74
CA GLU K 333 12.88 73.82 -2.93
C GLU K 333 13.75 74.07 -4.16
N TYR K 334 14.77 74.92 -4.03
CA TYR K 334 15.57 75.29 -5.19
C TYR K 334 16.48 74.15 -5.63
N LEU K 335 17.03 73.40 -4.69
CA LEU K 335 17.79 72.21 -5.04
C LEU K 335 16.94 71.23 -5.83
N ASP K 336 15.67 71.08 -5.44
CA ASP K 336 14.76 70.22 -6.18
C ASP K 336 14.51 70.75 -7.59
N MET K 337 14.53 72.07 -7.76
CA MET K 337 14.33 72.63 -9.09
C MET K 337 15.54 72.37 -9.98
N VAL K 338 16.75 72.49 -9.44
CA VAL K 338 17.96 72.30 -10.23
C VAL K 338 18.04 70.87 -10.76
N VAL K 339 17.79 69.89 -9.89
CA VAL K 339 17.82 68.49 -10.30
C VAL K 339 16.71 68.21 -11.30
N ASN K 340 15.54 68.80 -11.11
CA ASN K 340 14.44 68.59 -12.05
C ASN K 340 14.72 69.19 -13.41
N GLU K 341 15.40 70.33 -13.46
CA GLU K 341 15.74 70.92 -14.75
C GLU K 341 16.85 70.17 -15.44
N THR K 342 17.77 69.59 -14.69
CA THR K 342 18.81 68.76 -15.30
C THR K 342 18.21 67.50 -15.92
N LEU K 343 17.27 66.86 -15.21
CA LEU K 343 16.60 65.70 -15.75
C LEU K 343 15.74 66.04 -16.96
N ARG K 344 15.25 67.29 -17.05
CA ARG K 344 14.51 67.70 -18.23
C ARG K 344 15.42 67.80 -19.44
N LEU K 345 16.53 68.54 -19.29
CA LEU K 345 17.49 68.66 -20.39
C LEU K 345 18.15 67.33 -20.71
N PHE K 346 18.42 66.51 -19.69
CA PHE K 346 19.18 65.27 -19.84
C PHE K 346 18.48 64.10 -19.14
N PRO K 347 17.41 63.56 -19.74
CA PRO K 347 16.83 62.30 -19.24
C PRO K 347 17.70 61.14 -19.70
N VAL K 348 18.31 60.45 -18.73
CA VAL K 348 19.31 59.44 -19.07
C VAL K 348 18.70 58.30 -19.87
N ALA K 349 17.40 58.09 -19.74
CA ALA K 349 16.65 57.17 -20.60
C ALA K 349 15.98 57.99 -21.68
N ILE K 350 16.39 57.78 -22.94
CA ILE K 350 15.90 58.64 -24.02
C ILE K 350 14.39 58.50 -24.19
N ARG K 351 13.88 57.27 -24.06
CA ARG K 351 12.47 57.01 -24.30
C ARG K 351 11.96 56.02 -23.28
N LEU K 352 10.63 55.92 -23.18
CA LEU K 352 9.96 54.85 -22.46
C LEU K 352 9.36 53.89 -23.48
N GLU K 353 9.49 52.60 -23.21
CA GLU K 353 9.10 51.57 -24.17
C GLU K 353 8.18 50.56 -23.52
N ARG K 354 7.11 50.20 -24.23
CA ARG K 354 6.17 49.18 -23.81
C ARG K 354 5.87 48.27 -24.99
N THR K 355 5.63 47.00 -24.71
CA THR K 355 5.27 46.02 -25.73
C THR K 355 3.77 45.76 -25.66
N CYS K 356 3.12 45.77 -26.81
CA CYS K 356 1.68 45.56 -26.90
C CYS K 356 1.38 44.06 -26.92
N LYS K 357 0.67 43.57 -25.90
CA LYS K 357 0.37 42.14 -25.80
C LYS K 357 -0.81 41.73 -26.67
N LYS K 358 -1.80 42.61 -26.81
CA LYS K 358 -2.94 42.34 -27.68
C LYS K 358 -3.42 43.65 -28.27
N ASP K 359 -4.17 43.55 -29.37
CA ASP K 359 -4.63 44.73 -30.08
C ASP K 359 -5.42 45.63 -29.14
N VAL K 360 -5.29 46.94 -29.36
CA VAL K 360 -5.86 47.95 -28.48
C VAL K 360 -6.14 49.21 -29.29
N GLU K 361 -6.94 50.10 -28.70
CA GLU K 361 -7.27 51.38 -29.33
C GLU K 361 -7.61 52.38 -28.23
N ILE K 362 -6.92 53.52 -28.21
CA ILE K 362 -7.15 54.55 -27.20
C ILE K 362 -8.07 55.62 -27.76
N ASN K 363 -7.59 56.37 -28.75
CA ASN K 363 -8.42 57.34 -29.45
C ASN K 363 -8.52 56.89 -30.91
N GLY K 364 -8.10 57.72 -31.85
CA GLY K 364 -7.97 57.24 -33.22
C GLY K 364 -6.83 56.28 -33.44
N VAL K 365 -6.07 55.96 -32.40
CA VAL K 365 -4.89 55.12 -32.49
C VAL K 365 -5.30 53.66 -32.41
N PHE K 366 -4.70 52.84 -33.28
CA PHE K 366 -4.91 51.40 -33.28
C PHE K 366 -3.54 50.72 -33.34
N ILE K 367 -3.31 49.77 -32.44
CA ILE K 367 -2.01 49.11 -32.33
C ILE K 367 -2.19 47.59 -32.31
N PRO K 368 -1.42 46.83 -33.11
CA PRO K 368 -1.58 45.37 -33.11
C PRO K 368 -0.73 44.64 -32.07
N LYS K 369 -0.77 43.31 -32.08
CA LYS K 369 0.01 42.52 -31.14
C LYS K 369 1.45 42.43 -31.61
N GLY K 370 2.39 42.62 -30.67
CA GLY K 370 3.80 42.57 -30.94
C GLY K 370 4.46 43.90 -31.16
N SER K 371 3.69 44.92 -31.56
CA SER K 371 4.25 46.25 -31.79
C SER K 371 4.77 46.85 -30.49
N MET K 372 5.76 47.73 -30.62
CA MET K 372 6.35 48.43 -29.49
C MET K 372 5.87 49.87 -29.49
N VAL K 373 5.39 50.34 -28.33
CA VAL K 373 4.96 51.71 -28.16
C VAL K 373 6.06 52.47 -27.44
N VAL K 374 6.38 53.66 -27.94
CA VAL K 374 7.50 54.45 -27.45
C VAL K 374 6.99 55.82 -27.02
N ILE K 375 7.33 56.20 -25.79
CA ILE K 375 7.09 57.57 -25.32
C ILE K 375 8.41 58.32 -25.39
N PRO K 376 8.60 59.19 -26.38
CA PRO K 376 9.88 59.89 -26.51
C PRO K 376 10.08 60.95 -25.42
N THR K 377 10.64 60.53 -24.29
CA THR K 377 10.83 61.44 -23.17
C THR K 377 11.68 62.64 -23.56
N TYR K 378 12.79 62.39 -24.25
CA TYR K 378 13.69 63.48 -24.63
C TYR K 378 12.99 64.49 -25.55
N ALA K 379 12.28 63.98 -26.57
CA ALA K 379 11.62 64.88 -27.52
C ALA K 379 10.54 65.71 -26.83
N LEU K 380 9.82 65.11 -25.87
CA LEU K 380 8.81 65.87 -25.14
C LEU K 380 9.44 66.86 -24.18
N HIS K 381 10.54 66.46 -23.53
CA HIS K 381 11.23 67.38 -22.61
C HIS K 381 11.80 68.59 -23.33
N HIS K 382 11.97 68.51 -24.65
CA HIS K 382 12.48 69.62 -25.45
C HIS K 382 11.42 70.17 -26.40
N ASP K 383 10.16 69.85 -26.16
CA ASP K 383 9.08 70.28 -27.04
C ASP K 383 8.85 71.77 -26.87
N PRO K 384 9.02 72.58 -27.91
CA PRO K 384 8.72 74.02 -27.80
C PRO K 384 7.25 74.30 -27.49
N LYS K 385 6.37 73.30 -27.57
CA LYS K 385 4.97 73.53 -27.27
C LYS K 385 4.70 73.55 -25.76
N TYR K 386 5.53 72.88 -24.97
CA TYR K 386 5.31 72.78 -23.53
C TYR K 386 6.30 73.58 -22.70
N TRP K 387 7.44 73.98 -23.27
CA TRP K 387 8.52 74.59 -22.49
C TRP K 387 9.00 75.84 -23.21
N THR K 388 8.93 76.98 -22.52
CA THR K 388 9.50 78.21 -23.05
C THR K 388 11.03 78.12 -22.98
N GLU K 389 11.69 78.38 -24.11
CA GLU K 389 13.13 78.25 -24.23
C GLU K 389 13.55 76.85 -23.83
N PRO K 390 13.26 75.84 -24.66
CA PRO K 390 13.54 74.46 -24.24
C PRO K 390 15.02 74.16 -24.06
N GLU K 391 15.91 74.84 -24.76
CA GLU K 391 17.33 74.52 -24.74
C GLU K 391 18.10 75.25 -23.65
N GLU K 392 17.45 76.10 -22.87
CA GLU K 392 18.11 76.84 -21.80
C GLU K 392 17.83 76.20 -20.45
N PHE K 393 18.79 76.35 -19.54
CA PHE K 393 18.70 75.81 -18.19
C PHE K 393 18.04 76.85 -17.31
N ARG K 394 16.79 76.60 -16.92
CA ARG K 394 16.00 77.55 -16.14
C ARG K 394 15.30 76.83 -15.00
N PRO K 395 15.95 76.67 -13.86
CA PRO K 395 15.34 75.92 -12.74
C PRO K 395 14.04 76.51 -12.24
N GLU K 396 13.71 77.76 -12.58
CA GLU K 396 12.54 78.42 -12.02
C GLU K 396 11.23 77.90 -12.60
N ARG K 397 11.27 77.12 -13.68
CA ARG K 397 10.04 76.59 -14.26
C ARG K 397 9.44 75.46 -13.42
N PHE K 398 10.13 74.99 -12.39
CA PHE K 398 9.62 73.93 -11.53
C PHE K 398 9.15 74.50 -10.18
N SER K 399 8.16 75.39 -10.26
CA SER K 399 7.62 76.03 -9.06
C SER K 399 6.14 75.72 -8.86
N ASP K 403 0.71 76.95 -13.14
CA ASP K 403 1.99 76.55 -13.72
C ASP K 403 2.27 75.06 -13.45
N SER K 404 1.21 74.26 -13.37
CA SER K 404 1.36 72.84 -13.10
C SER K 404 1.92 72.12 -14.32
N ILE K 405 2.74 71.10 -14.07
CA ILE K 405 3.47 70.37 -15.11
C ILE K 405 2.84 69.00 -15.29
N ASP K 406 2.62 68.62 -16.55
CA ASP K 406 1.92 67.38 -16.84
C ASP K 406 2.82 66.19 -16.51
N PRO K 407 2.35 65.22 -15.70
CA PRO K 407 3.18 64.07 -15.35
C PRO K 407 3.43 63.09 -16.48
N TYR K 408 2.85 63.31 -17.66
CA TYR K 408 3.04 62.42 -18.80
C TYR K 408 3.91 63.03 -19.89
N ILE K 409 4.15 64.34 -19.85
CA ILE K 409 5.15 64.97 -20.70
C ILE K 409 6.53 64.95 -20.05
N TYR K 410 6.57 65.19 -18.74
CA TYR K 410 7.81 65.17 -17.95
C TYR K 410 7.89 63.81 -17.26
N THR K 411 8.58 62.87 -17.88
CA THR K 411 8.71 61.50 -17.39
C THR K 411 10.17 61.12 -17.30
N PRO K 412 10.92 61.72 -16.36
CA PRO K 412 12.33 61.31 -16.21
C PRO K 412 12.48 59.95 -15.55
N PHE K 413 11.53 59.57 -14.69
CA PHE K 413 11.54 58.27 -14.02
C PHE K 413 10.39 57.38 -14.48
N GLY K 414 9.63 57.80 -15.49
CA GLY K 414 8.47 57.06 -15.94
C GLY K 414 7.33 57.10 -14.93
N THR K 415 6.17 56.60 -15.33
CA THR K 415 5.01 56.55 -14.46
C THR K 415 4.35 55.19 -14.59
N GLY K 416 3.43 54.90 -13.68
CA GLY K 416 2.71 53.65 -13.68
C GLY K 416 3.46 52.56 -12.94
N PRO K 417 2.96 51.33 -13.00
CA PRO K 417 3.61 50.23 -12.28
C PRO K 417 5.01 49.90 -12.77
N ARG K 418 5.39 50.36 -13.96
CA ARG K 418 6.70 50.09 -14.52
C ARG K 418 7.69 51.23 -14.30
N ASN K 419 7.35 52.20 -13.44
CA ASN K 419 8.20 53.36 -13.24
C ASN K 419 9.50 52.96 -12.52
N CYS K 420 10.38 53.94 -12.33
CA CYS K 420 11.68 53.68 -11.73
C CYS K 420 11.51 53.32 -10.25
N ILE K 421 11.94 52.10 -9.90
CA ILE K 421 11.82 51.63 -8.53
C ILE K 421 12.83 52.31 -7.62
N GLY K 422 13.87 52.95 -8.18
CA GLY K 422 14.88 53.60 -7.37
C GLY K 422 14.92 55.11 -7.54
N MET K 423 13.76 55.71 -7.79
CA MET K 423 13.71 57.15 -8.00
C MET K 423 14.06 57.92 -6.74
N ARG K 424 13.47 57.53 -5.60
CA ARG K 424 13.73 58.26 -4.36
C ARG K 424 15.16 58.05 -3.89
N PHE K 425 15.71 56.85 -4.10
CA PHE K 425 17.10 56.60 -3.73
C PHE K 425 18.04 57.45 -4.58
N ALA K 426 17.72 57.61 -5.87
CA ALA K 426 18.57 58.40 -6.75
C ALA K 426 18.52 59.88 -6.41
N LEU K 427 17.31 60.41 -6.14
CA LEU K 427 17.18 61.82 -5.82
C LEU K 427 17.91 62.17 -4.54
N MET K 428 18.06 61.20 -3.62
CA MET K 428 18.70 61.48 -2.34
C MET K 428 20.21 61.62 -2.50
N ASN K 429 20.88 60.55 -2.92
CA ASN K 429 22.35 60.58 -2.96
C ASN K 429 22.88 61.59 -3.96
N MET K 430 22.11 61.95 -4.98
CA MET K 430 22.49 63.05 -5.85
C MET K 430 22.43 64.37 -5.09
N LYS K 431 21.30 64.62 -4.41
CA LYS K 431 21.15 65.86 -3.65
C LYS K 431 22.13 65.92 -2.48
N LEU K 432 22.37 64.78 -1.82
CA LEU K 432 23.36 64.76 -0.75
C LEU K 432 24.75 65.10 -1.27
N ALA K 433 25.13 64.54 -2.41
CA ALA K 433 26.44 64.86 -2.99
C ALA K 433 26.47 66.31 -3.47
N LEU K 434 25.35 66.82 -4.00
CA LEU K 434 25.32 68.21 -4.43
C LEU K 434 25.46 69.15 -3.25
N ILE K 435 24.82 68.83 -2.13
CA ILE K 435 24.90 69.68 -0.95
C ILE K 435 26.32 69.68 -0.39
N ARG K 436 26.90 68.49 -0.19
CA ARG K 436 28.21 68.39 0.43
C ARG K 436 29.31 69.08 -0.39
N VAL K 437 29.18 69.08 -1.72
CA VAL K 437 30.22 69.68 -2.54
C VAL K 437 29.98 71.18 -2.76
N LEU K 438 28.73 71.63 -2.72
CA LEU K 438 28.46 73.05 -2.96
C LEU K 438 28.72 73.91 -1.73
N GLN K 439 28.53 73.37 -0.54
CA GLN K 439 28.90 74.08 0.67
C GLN K 439 30.40 74.06 0.92
N ASN K 440 31.16 73.33 0.09
CA ASN K 440 32.61 73.26 0.20
C ASN K 440 33.35 73.78 -1.02
N PHE K 441 32.70 73.87 -2.18
CA PHE K 441 33.39 74.18 -3.42
C PHE K 441 32.50 75.03 -4.32
N SER K 442 33.12 75.57 -5.36
CA SER K 442 32.44 76.23 -6.47
C SER K 442 33.04 75.72 -7.77
N PHE K 443 32.19 75.57 -8.79
CA PHE K 443 32.59 74.96 -10.05
C PHE K 443 32.58 76.00 -11.15
N LYS K 444 33.70 76.12 -11.85
CA LYS K 444 33.89 77.06 -12.94
C LYS K 444 34.28 76.33 -14.21
N PRO K 445 33.88 76.84 -15.38
CA PRO K 445 34.37 76.27 -16.64
C PRO K 445 35.85 76.60 -16.82
N CYS K 446 36.53 75.73 -17.56
CA CYS K 446 37.92 75.98 -17.93
C CYS K 446 38.12 75.77 -19.42
N LYS K 447 39.38 75.78 -19.88
CA LYS K 447 39.66 75.60 -21.30
C LYS K 447 39.17 74.24 -21.79
N GLU K 448 39.23 73.22 -20.95
CA GLU K 448 38.84 71.87 -21.36
C GLU K 448 37.33 71.71 -21.47
N THR K 449 36.55 72.59 -20.83
CA THR K 449 35.10 72.43 -20.84
C THR K 449 34.53 72.74 -22.21
N GLN K 450 33.68 71.85 -22.72
CA GLN K 450 33.07 72.00 -24.03
C GLN K 450 31.76 72.78 -23.87
N ILE K 451 31.71 73.99 -24.41
CA ILE K 451 30.51 74.83 -24.38
C ILE K 451 30.24 75.33 -25.80
N PRO K 452 29.07 75.05 -26.38
CA PRO K 452 27.98 74.27 -25.78
C PRO K 452 28.25 72.76 -25.73
N LEU K 453 27.50 72.05 -24.90
CA LEU K 453 27.70 70.62 -24.72
C LEU K 453 27.06 69.85 -25.87
N LYS K 454 27.82 68.94 -26.47
CA LYS K 454 27.34 68.08 -27.54
C LYS K 454 27.09 66.69 -26.99
N LEU K 455 25.88 66.18 -27.18
CA LEU K 455 25.53 64.84 -26.73
C LEU K 455 26.14 63.78 -27.64
N ASP K 456 26.52 62.65 -27.03
CA ASP K 456 27.07 61.56 -27.79
C ASP K 456 25.96 60.86 -28.60
N THR K 457 26.38 60.15 -29.64
CA THR K 457 25.45 59.51 -30.55
C THR K 457 25.14 58.07 -30.19
N GLN K 458 25.74 57.51 -29.14
CA GLN K 458 25.58 56.11 -28.82
C GLN K 458 25.25 55.92 -27.34
N GLY K 459 24.40 54.95 -27.05
CA GLY K 459 24.08 54.57 -25.69
C GLY K 459 23.19 55.57 -24.97
N LEU K 460 23.22 55.47 -23.64
CA LEU K 460 22.50 56.41 -22.79
C LEU K 460 23.04 57.83 -22.99
N LEU K 461 22.29 58.80 -22.49
CA LEU K 461 22.63 60.20 -22.67
C LEU K 461 23.99 60.51 -22.05
N GLN K 462 24.98 60.77 -22.88
CA GLN K 462 26.36 61.01 -22.44
C GLN K 462 26.95 62.16 -23.22
N PRO K 463 27.84 62.93 -22.61
CA PRO K 463 28.52 63.99 -23.36
C PRO K 463 29.49 63.40 -24.37
N GLU K 464 29.68 64.14 -25.47
CA GLU K 464 30.60 63.69 -26.50
C GLU K 464 32.02 63.59 -25.97
N LYS K 465 32.43 64.57 -25.17
CA LYS K 465 33.71 64.60 -24.49
C LYS K 465 33.50 64.68 -22.98
N PRO K 466 34.31 63.99 -22.18
CA PRO K 466 34.07 63.95 -20.73
C PRO K 466 34.02 65.35 -20.14
N ILE K 467 33.01 65.60 -19.31
CA ILE K 467 32.83 66.90 -18.70
C ILE K 467 33.99 67.15 -17.74
N VAL K 468 34.76 68.21 -17.99
CA VAL K 468 35.85 68.62 -17.13
C VAL K 468 35.56 70.01 -16.61
N LEU K 469 35.64 70.20 -15.30
CA LEU K 469 35.46 71.49 -14.68
C LEU K 469 36.58 71.75 -13.69
N LYS K 470 36.81 73.03 -13.41
CA LYS K 470 37.77 73.43 -12.38
C LYS K 470 37.01 73.73 -11.09
N VAL K 471 37.58 73.29 -9.97
CA VAL K 471 36.93 73.36 -8.67
C VAL K 471 37.79 74.19 -7.72
N ASP K 472 37.17 75.18 -7.08
CA ASP K 472 37.81 76.02 -6.07
C ASP K 472 37.17 75.74 -4.71
N SER K 473 37.78 76.29 -3.67
CA SER K 473 37.26 76.12 -2.32
C SER K 473 36.05 77.03 -2.09
N ARG K 474 35.53 77.00 -0.87
CA ARG K 474 34.29 77.71 -0.49
C ARG K 474 33.10 77.20 -1.30
N THR L 6 -21.77 12.67 56.67
CA THR L 6 -20.74 12.30 57.63
C THR L 6 -19.44 13.08 57.40
N ARG L 7 -19.55 14.24 56.74
CA ARG L 7 -18.37 15.00 56.36
C ARG L 7 -17.80 15.80 57.52
N THR L 8 -18.65 16.35 58.38
CA THR L 8 -18.22 17.24 59.46
C THR L 8 -18.24 16.56 60.83
N HIS L 9 -18.36 15.24 60.89
CA HIS L 9 -18.49 14.53 62.16
C HIS L 9 -17.17 14.25 62.84
N GLY L 10 -16.05 14.74 62.29
CA GLY L 10 -14.76 14.65 62.94
C GLY L 10 -14.21 15.96 63.48
N LEU L 11 -15.01 17.03 63.51
CA LEU L 11 -14.50 18.34 63.88
C LEU L 11 -14.12 18.41 65.36
N PHE L 12 -15.04 17.99 66.24
CA PHE L 12 -14.80 18.10 67.68
C PHE L 12 -13.78 17.07 68.17
N LYS L 13 -13.77 15.86 67.60
CA LYS L 13 -12.77 14.88 67.99
C LYS L 13 -11.36 15.33 67.61
N ARG L 14 -11.23 16.05 66.49
CA ARG L 14 -9.95 16.63 66.13
C ARG L 14 -9.55 17.73 67.10
N LEU L 15 -10.48 18.63 67.42
CA LEU L 15 -10.21 19.71 68.37
C LEU L 15 -10.01 19.20 69.80
N GLY L 16 -10.21 17.90 70.05
CA GLY L 16 -10.06 17.35 71.38
C GLY L 16 -11.17 17.69 72.34
N ILE L 17 -12.37 17.98 71.84
CA ILE L 17 -13.50 18.35 72.68
C ILE L 17 -14.38 17.11 72.87
N PRO L 18 -14.77 16.78 74.11
CA PRO L 18 -15.60 15.58 74.33
C PRO L 18 -16.98 15.71 73.70
N GLY L 19 -17.78 14.65 73.81
CA GLY L 19 -19.12 14.64 73.28
C GLY L 19 -19.56 13.26 72.85
N PRO L 20 -20.87 13.04 72.78
CA PRO L 20 -21.37 11.74 72.33
C PRO L 20 -21.02 11.50 70.88
N THR L 21 -20.61 10.27 70.58
CA THR L 21 -20.26 9.91 69.21
C THR L 21 -21.50 9.97 68.32
N PRO L 22 -21.51 10.77 67.27
CA PRO L 22 -22.73 10.95 66.48
C PRO L 22 -22.92 9.84 65.45
N LEU L 23 -24.18 9.67 65.06
CA LEU L 23 -24.55 8.74 64.00
C LEU L 23 -24.34 9.39 62.64
N PRO L 24 -24.02 8.59 61.62
CA PRO L 24 -23.53 9.16 60.34
C PRO L 24 -24.41 10.24 59.71
N LEU L 25 -25.73 10.17 59.85
CA LEU L 25 -26.62 11.10 59.17
C LEU L 25 -27.24 12.12 60.12
N LEU L 26 -27.96 11.65 61.14
CA LEU L 26 -28.67 12.57 62.03
C LEU L 26 -27.77 13.19 63.09
N GLY L 27 -26.62 12.57 63.38
CA GLY L 27 -25.78 13.02 64.46
C GLY L 27 -26.27 12.54 65.81
N ASN L 28 -26.71 13.46 66.66
CA ASN L 28 -27.24 13.13 67.97
C ASN L 28 -28.72 13.48 68.11
N VAL L 29 -29.43 13.60 66.98
CA VAL L 29 -30.85 13.89 67.01
C VAL L 29 -31.63 12.75 67.68
N LEU L 30 -31.12 11.52 67.58
CA LEU L 30 -31.76 10.38 68.24
C LEU L 30 -31.78 10.55 69.76
N SER L 31 -30.77 11.21 70.33
CA SER L 31 -30.73 11.42 71.77
C SER L 31 -31.68 12.52 72.25
N TYR L 32 -32.40 13.18 71.34
CA TYR L 32 -33.34 14.22 71.68
C TYR L 32 -34.74 13.69 72.01
N ARG L 33 -35.02 12.41 71.73
CA ARG L 33 -36.31 11.84 72.06
C ARG L 33 -36.48 11.61 73.55
N GLN L 34 -35.38 11.51 74.30
CA GLN L 34 -35.46 11.39 75.75
C GLN L 34 -35.83 12.70 76.41
N GLY L 35 -35.73 13.82 75.68
CA GLY L 35 -35.96 15.15 76.24
C GLY L 35 -34.68 15.95 76.07
N LEU L 36 -34.83 17.14 75.50
CA LEU L 36 -33.68 18.01 75.29
C LEU L 36 -33.08 18.48 76.61
N TRP L 37 -33.91 18.52 77.66
CA TRP L 37 -33.41 18.86 79.00
C TRP L 37 -32.61 17.71 79.59
N LYS L 38 -33.06 16.47 79.37
CA LYS L 38 -32.36 15.31 79.93
C LYS L 38 -31.07 15.02 79.19
N PHE L 39 -31.01 15.30 77.89
CA PHE L 39 -29.80 15.04 77.12
C PHE L 39 -28.66 15.98 77.53
N ASP L 40 -28.97 17.25 77.79
CA ASP L 40 -27.94 18.17 78.24
C ASP L 40 -27.46 17.83 79.64
N THR L 41 -28.34 17.29 80.49
CA THR L 41 -27.94 16.94 81.84
C THR L 41 -26.97 15.77 81.86
N GLU L 42 -27.21 14.76 81.02
CA GLU L 42 -26.28 13.63 80.93
C GLU L 42 -24.95 14.05 80.31
N CYS L 43 -24.99 14.96 79.33
CA CYS L 43 -23.76 15.44 78.72
C CYS L 43 -22.94 16.28 79.70
N TYR L 44 -23.60 16.98 80.62
CA TYR L 44 -22.88 17.82 81.57
C TYR L 44 -22.12 16.97 82.60
N LYS L 45 -22.59 15.76 82.88
CA LYS L 45 -21.90 14.87 83.82
C LYS L 45 -20.86 14.01 83.13
N LYS L 46 -21.25 13.36 82.02
CA LYS L 46 -20.33 12.48 81.31
C LYS L 46 -19.12 13.22 80.76
N TYR L 47 -19.29 14.51 80.45
CA TYR L 47 -18.24 15.32 79.86
C TYR L 47 -18.04 16.58 80.70
N GLY L 48 -17.01 17.35 80.36
CA GLY L 48 -16.62 18.49 81.16
C GLY L 48 -17.47 19.73 80.97
N LYS L 49 -16.82 20.90 81.02
CA LYS L 49 -17.52 22.16 80.82
C LYS L 49 -17.97 22.36 79.38
N MET L 50 -17.41 21.60 78.44
CA MET L 50 -17.73 21.72 77.02
C MET L 50 -17.90 20.34 76.42
N TRP L 51 -18.96 20.18 75.63
CA TRP L 51 -19.20 18.95 74.89
C TRP L 51 -19.75 19.29 73.51
N GLY L 52 -19.44 18.44 72.54
CA GLY L 52 -19.80 18.67 71.15
C GLY L 52 -20.94 17.78 70.72
N THR L 53 -21.96 18.39 70.12
CA THR L 53 -23.12 17.70 69.59
C THR L 53 -23.26 18.05 68.11
N TYR L 54 -23.93 17.17 67.36
CA TYR L 54 -24.14 17.36 65.94
C TYR L 54 -25.62 17.19 65.63
N GLU L 55 -26.23 18.24 65.07
CA GLU L 55 -27.59 18.15 64.54
C GLU L 55 -27.46 17.93 63.04
N GLY L 56 -27.43 16.66 62.65
CA GLY L 56 -27.12 16.30 61.28
C GLY L 56 -25.66 16.56 60.98
N GLN L 57 -25.38 17.50 60.08
CA GLN L 57 -24.02 17.94 59.82
C GLN L 57 -23.66 19.22 60.57
N LEU L 58 -24.62 19.85 61.24
CA LEU L 58 -24.37 21.09 61.95
C LEU L 58 -23.71 20.79 63.29
N PRO L 59 -22.50 21.27 63.55
CA PRO L 59 -21.89 21.08 64.87
C PRO L 59 -22.45 22.03 65.90
N VAL L 60 -22.54 21.54 67.13
CA VAL L 60 -23.14 22.28 68.24
C VAL L 60 -22.16 22.24 69.40
N LEU L 61 -21.75 23.40 69.87
CA LEU L 61 -20.86 23.51 71.03
C LEU L 61 -21.67 23.97 72.24
N ALA L 62 -21.52 23.25 73.34
CA ALA L 62 -22.20 23.58 74.59
C ALA L 62 -21.16 24.10 75.57
N ILE L 63 -21.46 25.23 76.21
CA ILE L 63 -20.55 25.88 77.14
C ILE L 63 -21.27 26.11 78.46
N THR L 64 -20.54 25.92 79.57
CA THR L 64 -21.07 26.16 80.90
C THR L 64 -20.21 27.12 81.72
N ASP L 65 -19.11 27.62 81.15
CA ASP L 65 -18.24 28.56 81.85
C ASP L 65 -18.87 29.95 81.81
N PRO L 66 -19.18 30.56 82.96
CA PRO L 66 -19.86 31.88 82.93
C PRO L 66 -19.06 32.96 82.21
N ASP L 67 -17.73 32.95 82.33
CA ASP L 67 -16.91 33.90 81.58
C ASP L 67 -17.02 33.62 80.07
N VAL L 68 -17.04 32.36 79.68
CA VAL L 68 -17.24 32.01 78.29
C VAL L 68 -18.66 32.34 77.84
N ILE L 69 -19.63 32.13 78.73
CA ILE L 69 -21.02 32.45 78.41
C ILE L 69 -21.20 33.96 78.21
N ARG L 70 -20.47 34.77 78.98
CA ARG L 70 -20.58 36.22 78.85
C ARG L 70 -20.14 36.68 77.46
N THR L 71 -19.07 36.08 76.93
CA THR L 71 -18.56 36.49 75.63
C THR L 71 -19.57 36.19 74.52
N VAL L 72 -20.32 35.10 74.64
CA VAL L 72 -21.22 34.70 73.57
C VAL L 72 -22.57 35.39 73.68
N LEU L 73 -22.96 35.80 74.89
CA LEU L 73 -24.27 36.39 75.09
C LEU L 73 -24.24 37.91 75.19
N VAL L 74 -23.16 38.50 75.71
CA VAL L 74 -23.12 39.92 75.99
C VAL L 74 -22.11 40.63 75.10
N LYS L 75 -20.82 40.33 75.32
CA LYS L 75 -19.75 41.09 74.67
C LYS L 75 -19.86 41.03 73.15
N GLU L 76 -19.78 39.83 72.59
CA GLU L 76 -19.72 39.64 71.14
C GLU L 76 -21.07 39.29 70.54
N CYS L 77 -22.15 39.85 71.08
CA CYS L 77 -23.49 39.58 70.55
C CYS L 77 -23.79 40.36 69.27
N TYR L 78 -22.88 41.24 68.84
CA TYR L 78 -23.05 41.96 67.57
C TYR L 78 -22.01 41.62 66.53
N SER L 79 -20.82 41.16 66.94
CA SER L 79 -19.75 40.81 66.01
C SER L 79 -19.86 39.41 65.45
N VAL L 80 -20.35 38.45 66.24
CA VAL L 80 -20.37 37.04 65.81
C VAL L 80 -21.67 36.35 66.22
N PHE L 81 -22.01 36.39 67.50
CA PHE L 81 -23.19 35.69 68.02
C PHE L 81 -24.42 36.61 68.02
N THR L 82 -24.86 36.95 66.80
CA THR L 82 -25.98 37.86 66.62
C THR L 82 -27.32 37.13 66.47
N ASN L 83 -27.33 36.02 65.75
CA ASN L 83 -28.57 35.31 65.42
C ASN L 83 -28.72 34.08 66.31
N ARG L 84 -29.96 33.82 66.72
CA ARG L 84 -30.22 32.65 67.58
C ARG L 84 -30.08 31.35 66.79
N ARG L 85 -30.89 31.18 65.75
CA ARG L 85 -30.93 29.91 65.05
C ARG L 85 -31.61 30.06 63.70
N SER L 86 -31.17 29.25 62.74
CA SER L 86 -31.83 29.08 61.46
C SER L 86 -32.78 27.88 61.55
N LEU L 87 -34.07 28.13 61.38
CA LEU L 87 -35.05 27.09 61.69
C LEU L 87 -35.28 26.15 60.51
N GLY L 88 -35.25 26.68 59.29
CA GLY L 88 -35.59 25.92 58.11
C GLY L 88 -36.69 26.60 57.34
N PRO L 89 -37.47 25.83 56.57
CA PRO L 89 -38.61 26.41 55.85
C PRO L 89 -39.68 26.93 56.79
N VAL L 90 -39.84 28.25 56.85
CA VAL L 90 -40.75 28.90 57.78
C VAL L 90 -41.72 29.85 57.11
N GLY L 91 -41.63 30.04 55.79
CA GLY L 91 -42.54 30.95 55.13
C GLY L 91 -42.24 32.40 55.47
N PHE L 92 -43.29 33.20 55.63
CA PHE L 92 -43.15 34.62 55.96
C PHE L 92 -42.81 34.87 57.44
N MET L 93 -42.77 33.83 58.26
CA MET L 93 -42.41 33.96 59.67
C MET L 93 -40.93 34.24 59.88
N LYS L 94 -40.13 34.31 58.81
CA LYS L 94 -38.73 34.68 58.95
C LYS L 94 -38.56 36.12 59.43
N SER L 95 -39.56 36.99 59.21
CA SER L 95 -39.51 38.36 59.67
C SER L 95 -39.94 38.52 61.13
N ALA L 96 -40.31 37.43 61.79
CA ALA L 96 -40.61 37.49 63.22
C ALA L 96 -39.35 37.85 63.98
N ILE L 97 -39.52 38.65 65.04
CA ILE L 97 -38.37 39.13 65.81
C ILE L 97 -37.44 38.06 66.38
N SER L 98 -38.01 36.96 66.89
CA SER L 98 -37.20 35.89 67.45
C SER L 98 -36.49 34.99 66.40
N LEU L 99 -36.88 35.17 65.14
CA LEU L 99 -36.31 34.40 64.03
C LEU L 99 -35.55 35.32 63.09
N ALA L 100 -35.69 36.64 63.24
CA ALA L 100 -35.02 37.58 62.36
C ALA L 100 -33.51 37.57 62.62
N GLU L 101 -32.77 38.08 61.64
CA GLU L 101 -31.32 38.02 61.66
C GLU L 101 -30.71 39.32 61.17
N ASP L 102 -29.52 39.62 61.67
CA ASP L 102 -28.64 40.69 61.17
C ASP L 102 -29.33 42.05 61.36
N GLU L 103 -29.26 42.93 60.37
CA GLU L 103 -29.75 44.29 60.52
C GLU L 103 -31.28 44.37 60.51
N GLU L 104 -31.96 43.38 59.92
CA GLU L 104 -33.41 43.38 59.98
C GLU L 104 -33.91 43.17 61.40
N TRP L 105 -33.25 42.30 62.16
CA TRP L 105 -33.65 42.07 63.55
C TRP L 105 -33.47 43.33 64.39
N LYS L 106 -32.35 44.03 64.19
CA LYS L 106 -32.12 45.26 64.96
C LYS L 106 -33.18 46.31 64.67
N ARG L 107 -33.62 46.41 63.42
CA ARG L 107 -34.67 47.36 63.08
C ARG L 107 -36.02 46.92 63.65
N ILE L 108 -36.27 45.62 63.69
CA ILE L 108 -37.55 45.13 64.20
C ILE L 108 -37.58 45.18 65.73
N ARG L 109 -36.48 44.75 66.37
CA ARG L 109 -36.44 44.74 67.83
C ARG L 109 -36.57 46.14 68.41
N SER L 110 -35.90 47.12 67.79
CA SER L 110 -35.96 48.50 68.29
C SER L 110 -37.38 49.06 68.19
N LEU L 111 -38.08 48.75 67.10
CA LEU L 111 -39.47 49.20 66.95
C LEU L 111 -40.38 48.54 67.97
N LEU L 112 -40.10 47.28 68.34
CA LEU L 112 -40.92 46.55 69.28
C LEU L 112 -40.51 46.75 70.74
N SER L 113 -39.33 47.32 70.99
CA SER L 113 -38.86 47.52 72.36
C SER L 113 -39.75 48.44 73.20
N PRO L 114 -40.29 49.55 72.69
CA PRO L 114 -41.14 50.41 73.55
C PRO L 114 -42.42 49.74 74.03
N THR L 115 -42.73 48.52 73.59
CA THR L 115 -43.98 47.88 73.99
C THR L 115 -44.02 47.60 75.49
N PHE L 116 -42.90 47.15 76.05
CA PHE L 116 -42.85 46.61 77.42
C PHE L 116 -42.07 47.48 78.39
N THR L 117 -42.26 48.79 78.30
CA THR L 117 -41.72 49.71 79.29
C THR L 117 -42.73 49.90 80.42
N SER L 118 -42.22 50.38 81.56
CA SER L 118 -43.07 50.55 82.73
C SER L 118 -44.21 51.54 82.46
N GLY L 119 -44.02 52.45 81.50
CA GLY L 119 -45.08 53.37 81.15
C GLY L 119 -46.29 52.67 80.58
N LYS L 120 -46.06 51.81 79.57
CA LYS L 120 -47.15 51.07 78.95
C LYS L 120 -47.63 49.90 79.81
N LEU L 121 -46.78 49.37 80.68
CA LEU L 121 -47.22 48.27 81.55
C LEU L 121 -48.17 48.77 82.63
N LYS L 122 -47.91 49.95 83.19
CA LYS L 122 -48.84 50.53 84.15
C LYS L 122 -50.15 50.90 83.49
N GLU L 123 -50.14 51.13 82.16
CA GLU L 123 -51.36 51.45 81.44
C GLU L 123 -52.24 50.22 81.26
N MET L 124 -51.64 49.08 80.95
CA MET L 124 -52.39 47.87 80.68
C MET L 124 -52.72 47.06 81.92
N PHE L 125 -52.29 47.51 83.10
CA PHE L 125 -52.67 46.83 84.34
C PHE L 125 -54.18 46.75 84.55
N PRO L 126 -54.97 47.79 84.28
CA PRO L 126 -56.44 47.62 84.37
C PRO L 126 -56.98 46.56 83.43
N ILE L 127 -56.36 46.36 82.27
CA ILE L 127 -56.81 45.31 81.37
C ILE L 127 -56.50 43.93 81.93
N ILE L 128 -55.26 43.75 82.42
CA ILE L 128 -54.86 42.45 82.98
C ILE L 128 -55.68 42.15 84.23
N ALA L 129 -55.98 43.17 85.04
CA ALA L 129 -56.75 42.96 86.24
C ALA L 129 -58.19 42.59 85.93
N GLN L 130 -58.73 43.07 84.81
CA GLN L 130 -60.10 42.74 84.44
C GLN L 130 -60.25 41.27 84.09
N TYR L 131 -59.31 40.72 83.31
CA TYR L 131 -59.32 39.29 83.03
C TYR L 131 -59.05 38.47 84.28
N GLY L 132 -58.34 39.04 85.26
CA GLY L 132 -58.12 38.36 86.52
C GLY L 132 -59.39 38.19 87.32
N ASP L 133 -60.37 39.08 87.13
CA ASP L 133 -61.66 38.90 87.77
C ASP L 133 -62.45 37.78 87.12
N VAL L 134 -62.44 37.72 85.78
CA VAL L 134 -63.10 36.62 85.07
C VAL L 134 -62.42 35.30 85.39
N LEU L 135 -61.12 35.33 85.67
CA LEU L 135 -60.39 34.11 86.03
C LEU L 135 -60.87 33.55 87.36
N VAL L 136 -61.13 34.41 88.34
CA VAL L 136 -61.52 33.95 89.66
C VAL L 136 -62.94 33.39 89.66
N ARG L 137 -63.86 34.06 88.96
CA ARG L 137 -65.25 33.60 88.95
C ARG L 137 -65.39 32.29 88.19
N ASN L 138 -64.73 32.17 87.04
CA ASN L 138 -64.77 30.91 86.30
C ASN L 138 -64.06 29.79 87.06
N LEU L 139 -63.06 30.14 87.87
CA LEU L 139 -62.41 29.15 88.73
C LEU L 139 -63.30 28.80 89.92
N ARG L 140 -64.13 29.75 90.36
CA ARG L 140 -65.07 29.47 91.44
C ARG L 140 -66.12 28.44 91.02
N ARG L 141 -66.53 28.46 89.75
CA ARG L 141 -67.51 27.48 89.28
C ARG L 141 -66.94 26.08 89.21
N GLU L 142 -65.63 25.94 89.00
CA GLU L 142 -65.00 24.64 89.05
C GLU L 142 -64.74 24.18 90.48
N ALA L 143 -64.75 25.10 91.45
CA ALA L 143 -64.78 24.70 92.85
C ALA L 143 -66.16 24.21 93.26
N GLU L 144 -67.23 24.74 92.66
CA GLU L 144 -68.56 24.20 92.88
C GLU L 144 -68.66 22.77 92.38
N LYS L 145 -68.02 22.47 91.24
CA LYS L 145 -67.98 21.10 90.74
C LYS L 145 -67.27 20.16 91.70
N GLY L 146 -66.22 20.63 92.38
CA GLY L 146 -65.50 19.80 93.34
C GLY L 146 -64.62 18.78 92.64
N LYS L 147 -64.69 18.75 91.32
CA LYS L 147 -63.99 17.76 90.53
C LYS L 147 -62.56 18.23 90.29
N PRO L 148 -61.66 17.30 89.99
CA PRO L 148 -60.29 17.69 89.60
C PRO L 148 -60.31 18.51 88.31
N VAL L 149 -59.71 19.70 88.37
CA VAL L 149 -59.77 20.68 87.29
C VAL L 149 -58.41 20.73 86.59
N THR L 150 -58.43 20.72 85.26
CA THR L 150 -57.21 20.81 84.47
C THR L 150 -56.68 22.24 84.49
N LEU L 151 -55.41 22.39 84.87
CA LEU L 151 -54.83 23.72 85.05
C LEU L 151 -54.63 24.44 83.72
N LYS L 152 -54.04 23.76 82.74
CA LYS L 152 -53.68 24.39 81.47
C LYS L 152 -54.89 24.87 80.69
N ASP L 153 -56.08 24.30 80.94
CA ASP L 153 -57.27 24.71 80.20
C ASP L 153 -57.74 26.10 80.64
N ILE L 154 -57.87 26.32 81.94
CA ILE L 154 -58.38 27.60 82.42
C ILE L 154 -57.27 28.63 82.51
N PHE L 155 -56.06 28.22 82.89
CA PHE L 155 -54.93 29.14 82.91
C PHE L 155 -54.46 29.51 81.51
N GLY L 156 -54.74 28.65 80.53
CA GLY L 156 -54.46 29.03 79.15
C GLY L 156 -55.47 30.02 78.62
N ALA L 157 -56.73 29.90 79.04
CA ALA L 157 -57.73 30.86 78.62
C ALA L 157 -57.43 32.25 79.17
N TYR L 158 -56.94 32.31 80.41
CA TYR L 158 -56.53 33.59 80.98
C TYR L 158 -55.33 34.17 80.23
N SER L 159 -54.30 33.35 80.04
CA SER L 159 -53.09 33.82 79.38
C SER L 159 -53.37 34.26 77.94
N MET L 160 -54.28 33.56 77.26
CA MET L 160 -54.65 33.96 75.90
C MET L 160 -55.42 35.28 75.91
N ASP L 161 -56.26 35.49 76.91
CA ASP L 161 -57.00 36.74 77.01
C ASP L 161 -56.09 37.91 77.36
N VAL L 162 -55.11 37.69 78.23
CA VAL L 162 -54.23 38.77 78.66
C VAL L 162 -53.37 39.27 77.50
N ILE L 163 -52.71 38.34 76.79
CA ILE L 163 -51.82 38.74 75.71
C ILE L 163 -52.59 39.35 74.55
N THR L 164 -53.85 38.95 74.34
CA THR L 164 -54.61 39.49 73.22
C THR L 164 -55.28 40.80 73.57
N GLY L 165 -55.78 40.95 74.80
CA GLY L 165 -56.47 42.16 75.17
C GLY L 165 -55.55 43.37 75.30
N THR L 166 -54.31 43.15 75.73
CA THR L 166 -53.37 44.25 75.93
C THR L 166 -52.58 44.58 74.68
N SER L 167 -52.38 43.62 73.78
CA SER L 167 -51.58 43.86 72.58
C SER L 167 -52.42 44.39 71.43
N PHE L 168 -53.68 43.98 71.32
CA PHE L 168 -54.52 44.39 70.20
C PHE L 168 -55.73 45.22 70.64
N GLY L 169 -55.93 45.43 71.94
CA GLY L 169 -57.07 46.20 72.40
C GLY L 169 -58.41 45.58 72.08
N VAL L 170 -58.46 44.26 71.97
CA VAL L 170 -59.69 43.53 71.65
C VAL L 170 -59.87 42.43 72.68
N ASN L 171 -61.11 42.25 73.13
CA ASN L 171 -61.46 41.19 74.08
C ASN L 171 -62.03 40.02 73.29
N ILE L 172 -61.25 38.94 73.18
CA ILE L 172 -61.68 37.76 72.44
C ILE L 172 -62.57 36.83 73.27
N ASP L 173 -62.65 37.05 74.58
CA ASP L 173 -63.48 36.25 75.49
C ASP L 173 -63.06 34.78 75.45
N SER L 174 -61.84 34.53 75.93
CA SER L 174 -61.29 33.19 75.97
C SER L 174 -61.65 32.44 77.25
N LEU L 175 -61.87 33.16 78.35
CA LEU L 175 -62.19 32.49 79.61
C LEU L 175 -63.61 31.92 79.61
N ASN L 176 -64.52 32.50 78.83
CA ASN L 176 -65.91 32.07 78.78
C ASN L 176 -66.29 31.41 77.46
N ASN L 177 -65.30 30.94 76.70
CA ASN L 177 -65.57 30.21 75.46
C ASN L 177 -64.92 28.85 75.54
N PRO L 178 -65.70 27.76 75.67
CA PRO L 178 -65.09 26.43 75.78
C PRO L 178 -64.38 25.99 74.52
N GLN L 179 -64.77 26.51 73.36
CA GLN L 179 -64.12 26.18 72.10
C GLN L 179 -63.46 27.42 71.50
N ASP L 180 -62.48 27.98 72.21
CA ASP L 180 -61.83 29.20 71.75
C ASP L 180 -60.96 28.89 70.54
N PRO L 181 -61.24 29.49 69.37
CA PRO L 181 -60.40 29.23 68.20
C PRO L 181 -58.97 29.72 68.34
N PHE L 182 -58.72 30.68 69.23
CA PHE L 182 -57.37 31.21 69.41
C PHE L 182 -56.49 30.21 70.16
N VAL L 183 -57.03 29.56 71.19
CA VAL L 183 -56.25 28.60 71.96
C VAL L 183 -56.01 27.33 71.16
N GLU L 184 -57.02 26.86 70.43
CA GLU L 184 -56.87 25.65 69.61
C GLU L 184 -55.80 25.84 68.55
N SER L 185 -55.85 26.96 67.83
CA SER L 185 -54.84 27.21 66.80
C SER L 185 -53.45 27.34 67.42
N THR L 186 -53.34 28.05 68.54
CA THR L 186 -52.03 28.30 69.14
C THR L 186 -51.40 27.02 69.69
N LYS L 187 -52.21 26.14 70.29
CA LYS L 187 -51.66 24.91 70.84
C LYS L 187 -51.22 23.92 69.77
N LYS L 188 -51.52 24.19 68.49
CA LYS L 188 -51.02 23.35 67.41
C LYS L 188 -49.52 23.50 67.21
N PHE L 189 -48.92 24.60 67.68
CA PHE L 189 -47.48 24.78 67.55
C PHE L 189 -46.70 23.74 68.34
N LEU L 190 -47.27 23.23 69.43
CA LEU L 190 -46.58 22.28 70.29
C LEU L 190 -46.70 20.83 69.82
N LYS L 191 -47.59 20.55 68.88
CA LYS L 191 -47.77 19.16 68.43
C LYS L 191 -46.53 18.60 67.76
N PHE L 192 -45.78 19.44 67.05
CA PHE L 192 -44.57 18.97 66.37
C PHE L 192 -43.48 18.71 67.40
N GLY L 193 -42.95 17.49 67.41
CA GLY L 193 -41.80 17.16 68.22
C GLY L 193 -40.65 16.66 67.35
N PHE L 194 -39.63 16.09 67.96
CA PHE L 194 -38.55 15.50 67.18
C PHE L 194 -39.05 14.27 66.44
N LEU L 195 -38.28 13.84 65.45
CA LEU L 195 -38.63 12.76 64.55
C LEU L 195 -39.82 13.10 63.64
N ASP L 196 -40.17 14.37 63.54
CA ASP L 196 -41.18 14.80 62.59
C ASP L 196 -40.63 14.62 61.18
N PRO L 197 -41.37 13.97 60.26
CA PRO L 197 -40.84 13.76 58.90
C PRO L 197 -40.34 15.01 58.21
N LEU L 198 -41.04 16.14 58.31
CA LEU L 198 -40.59 17.36 57.66
C LEU L 198 -39.32 17.90 58.31
N PHE L 199 -39.22 17.78 59.64
CA PHE L 199 -38.04 18.23 60.36
C PHE L 199 -36.84 17.30 60.16
N LEU L 200 -37.08 16.00 59.95
CA LEU L 200 -35.98 15.08 59.67
C LEU L 200 -35.40 15.28 58.29
N SER L 201 -36.23 15.64 57.31
CA SER L 201 -35.72 15.88 55.96
C SER L 201 -34.76 17.06 55.92
N ILE L 202 -35.01 18.10 56.73
CA ILE L 202 -34.11 19.24 56.80
C ILE L 202 -32.80 18.86 57.46
N ILE L 203 -32.84 17.96 58.44
CA ILE L 203 -31.63 17.55 59.14
C ILE L 203 -30.71 16.75 58.23
N LEU L 204 -31.28 15.78 57.50
CA LEU L 204 -30.46 14.96 56.60
C LEU L 204 -30.01 15.75 55.38
N PHE L 205 -30.95 16.45 54.74
CA PHE L 205 -30.69 17.23 53.53
C PHE L 205 -30.97 18.70 53.81
N PRO L 206 -29.98 19.45 54.29
CA PRO L 206 -30.23 20.88 54.58
C PRO L 206 -30.47 21.72 53.34
N PHE L 207 -30.06 21.24 52.16
CA PHE L 207 -30.32 21.91 50.89
C PHE L 207 -31.78 21.86 50.47
N LEU L 208 -32.64 21.15 51.19
CA LEU L 208 -34.07 21.14 50.90
C LEU L 208 -34.79 22.36 51.45
N THR L 209 -34.13 23.14 52.33
CA THR L 209 -34.77 24.33 52.89
C THR L 209 -35.18 25.36 51.83
N PRO L 210 -34.35 25.71 50.85
CA PRO L 210 -34.85 26.58 49.77
C PRO L 210 -36.02 26.00 49.00
N VAL L 211 -36.07 24.67 48.87
CA VAL L 211 -37.12 24.05 48.07
C VAL L 211 -38.48 24.24 48.73
N PHE L 212 -38.62 23.80 49.99
CA PHE L 212 -39.88 23.97 50.69
C PHE L 212 -40.28 25.43 50.79
N GLU L 213 -39.30 26.34 50.87
CA GLU L 213 -39.60 27.76 50.97
C GLU L 213 -40.24 28.27 49.68
N ALA L 214 -39.77 27.80 48.53
CA ALA L 214 -40.40 28.14 47.27
C ALA L 214 -41.66 27.33 46.99
N LEU L 215 -41.87 26.24 47.72
CA LEU L 215 -43.04 25.38 47.54
C LEU L 215 -44.12 25.63 48.57
N ASN L 216 -44.01 26.69 49.38
CA ASN L 216 -45.06 27.08 50.32
C ASN L 216 -45.30 26.01 51.39
N VAL L 217 -44.24 25.34 51.82
CA VAL L 217 -44.30 24.34 52.87
C VAL L 217 -43.60 24.89 54.10
N SER L 218 -44.26 24.77 55.26
CA SER L 218 -43.76 25.35 56.50
C SER L 218 -43.74 24.30 57.61
N LEU L 219 -42.81 24.49 58.55
CA LEU L 219 -42.76 23.63 59.74
C LEU L 219 -43.93 23.89 60.68
N PHE L 220 -44.55 25.09 60.61
CA PHE L 220 -45.66 25.56 61.43
C PHE L 220 -46.99 25.15 60.80
N PRO L 221 -48.02 24.94 61.62
CA PRO L 221 -49.34 24.59 61.09
C PRO L 221 -49.88 25.70 60.19
N LYS L 222 -50.06 25.39 58.91
CA LYS L 222 -50.51 26.39 57.95
C LYS L 222 -51.90 26.90 58.27
N ASP L 223 -52.76 26.07 58.86
CA ASP L 223 -54.10 26.52 59.22
C ASP L 223 -54.05 27.53 60.37
N THR L 224 -53.15 27.31 61.34
CA THR L 224 -52.96 28.28 62.41
C THR L 224 -52.38 29.58 61.86
N ILE L 225 -51.38 29.48 60.97
CA ILE L 225 -50.82 30.67 60.33
C ILE L 225 -51.90 31.40 59.53
N ASN L 226 -52.81 30.65 58.90
CA ASN L 226 -53.88 31.26 58.12
C ASN L 226 -54.92 31.92 59.01
N PHE L 227 -55.32 31.23 60.09
CA PHE L 227 -56.37 31.77 60.96
C PHE L 227 -55.89 33.00 61.72
N LEU L 228 -54.70 32.93 62.32
CA LEU L 228 -54.20 34.05 63.10
C LEU L 228 -53.88 35.26 62.24
N SER L 229 -53.51 35.04 60.97
CA SER L 229 -53.25 36.15 60.07
C SER L 229 -54.53 36.87 59.68
N LYS L 230 -55.57 36.10 59.31
CA LYS L 230 -56.86 36.70 59.01
C LYS L 230 -57.47 37.37 60.23
N SER L 231 -57.16 36.87 61.43
CA SER L 231 -57.74 37.42 62.64
C SER L 231 -57.05 38.71 63.07
N VAL L 232 -55.71 38.74 63.02
CA VAL L 232 -54.99 39.98 63.32
C VAL L 232 -55.31 41.05 62.30
N ASN L 233 -55.56 40.66 61.05
CA ASN L 233 -55.83 41.65 60.00
C ASN L 233 -57.20 42.30 60.19
N ARG L 234 -58.20 41.53 60.63
CA ARG L 234 -59.52 42.12 60.82
C ARG L 234 -59.56 43.01 62.05
N MET L 235 -58.68 42.76 63.02
CA MET L 235 -58.60 43.63 64.19
C MET L 235 -57.91 44.95 63.89
N LYS L 236 -57.05 44.99 62.87
CA LYS L 236 -56.47 46.26 62.44
C LYS L 236 -57.50 47.10 61.68
N LYS L 237 -58.29 46.46 60.81
CA LYS L 237 -59.40 47.16 60.16
C LYS L 237 -60.47 47.57 61.17
N SER L 238 -60.60 46.84 62.28
CA SER L 238 -61.50 47.26 63.35
C SER L 238 -60.93 48.44 64.12
N ARG L 239 -59.61 48.53 64.24
CA ARG L 239 -58.98 49.66 64.91
C ARG L 239 -58.95 50.89 64.00
N LEU L 240 -58.55 50.72 62.74
CA LEU L 240 -58.49 51.83 61.80
C LEU L 240 -59.86 52.42 61.49
N ASN L 241 -60.93 51.68 61.74
CA ASN L 241 -62.28 52.18 61.50
C ASN L 241 -62.86 52.80 62.77
N PHE L 250 -49.56 47.64 71.48
CA PHE L 250 -48.75 46.80 70.59
C PHE L 250 -49.27 46.85 69.16
N LEU L 251 -50.59 46.76 68.99
CA LEU L 251 -51.16 46.87 67.65
C LEU L 251 -51.01 48.29 67.11
N GLN L 252 -51.31 49.30 67.93
CA GLN L 252 -51.18 50.67 67.49
C GLN L 252 -49.73 51.07 67.26
N LEU L 253 -48.79 50.42 67.96
CA LEU L 253 -47.38 50.73 67.77
C LEU L 253 -46.90 50.30 66.38
N MET L 254 -47.47 49.22 65.84
CA MET L 254 -47.15 48.79 64.48
C MET L 254 -48.02 49.44 63.42
N ILE L 255 -49.19 49.95 63.81
CA ILE L 255 -50.01 50.75 62.89
C ILE L 255 -49.25 52.00 62.47
N ASP L 256 -48.65 52.69 63.45
CA ASP L 256 -47.83 53.85 63.15
C ASP L 256 -46.53 53.49 62.47
N SER L 257 -46.15 52.21 62.44
CA SER L 257 -44.90 51.80 61.85
C SER L 257 -44.96 51.74 60.33
N GLN L 258 -46.12 51.41 59.76
CA GLN L 258 -46.28 51.31 58.31
C GLN L 258 -46.21 52.66 57.59
N ASN L 259 -45.90 53.76 58.29
CA ASN L 259 -45.74 55.09 57.70
C ASN L 259 -44.31 55.54 57.94
N SER L 260 -43.50 55.54 56.88
CA SER L 260 -42.11 55.96 56.99
C SER L 260 -41.73 56.86 55.82
N ALA L 268 -40.51 50.47 59.30
CA ALA L 268 -41.26 50.13 58.10
C ALA L 268 -41.61 48.65 58.07
N LEU L 269 -42.85 48.33 58.43
CA LEU L 269 -43.34 46.95 58.48
C LEU L 269 -44.28 46.67 57.32
N SER L 270 -44.27 45.43 56.86
CA SER L 270 -45.23 44.95 55.89
C SER L 270 -46.46 44.38 56.59
N ASP L 271 -47.52 44.14 55.82
CA ASP L 271 -48.68 43.47 56.39
C ASP L 271 -48.37 42.05 56.80
N LEU L 272 -47.38 41.42 56.16
CA LEU L 272 -46.88 40.13 56.62
C LEU L 272 -45.94 40.29 57.82
N GLU L 273 -45.06 41.31 57.76
CA GLU L 273 -44.18 41.57 58.90
C GLU L 273 -44.97 41.97 60.14
N LEU L 274 -46.12 42.62 59.95
CA LEU L 274 -47.00 42.95 61.08
C LEU L 274 -47.57 41.69 61.70
N ALA L 275 -48.06 40.75 60.86
CA ALA L 275 -48.64 39.52 61.38
C ALA L 275 -47.60 38.61 62.01
N ALA L 276 -46.37 38.61 61.49
CA ALA L 276 -45.33 37.73 62.02
C ALA L 276 -45.04 38.03 63.49
N GLN L 277 -44.98 39.32 63.84
CA GLN L 277 -44.80 39.68 65.25
C GLN L 277 -46.07 39.43 66.05
N SER L 278 -47.23 39.62 65.44
CA SER L 278 -48.49 39.37 66.14
C SER L 278 -48.66 37.89 66.47
N ILE L 279 -48.09 37.01 65.65
CA ILE L 279 -48.22 35.57 65.91
C ILE L 279 -47.32 35.11 67.05
N ILE L 280 -46.07 35.55 67.06
CA ILE L 280 -45.14 35.16 68.12
C ILE L 280 -45.62 35.65 69.48
N PHE L 281 -46.22 36.84 69.52
CA PHE L 281 -46.73 37.38 70.77
C PHE L 281 -47.90 36.54 71.27
N ILE L 282 -48.84 36.20 70.37
CA ILE L 282 -49.97 35.37 70.77
C ILE L 282 -49.50 34.03 71.31
N PHE L 283 -48.49 33.43 70.66
CA PHE L 283 -47.98 32.14 71.12
C PHE L 283 -47.20 32.28 72.42
N ALA L 284 -46.29 33.26 72.49
CA ALA L 284 -45.44 33.41 73.66
C ALA L 284 -46.24 33.86 74.88
N GLY L 285 -47.20 34.77 74.68
CA GLY L 285 -48.01 35.21 75.79
C GLY L 285 -48.95 34.15 76.33
N TYR L 286 -49.38 33.24 75.46
CA TYR L 286 -50.29 32.18 75.88
C TYR L 286 -49.54 31.01 76.52
N GLU L 287 -48.56 30.46 75.81
CA GLU L 287 -47.96 29.20 76.23
C GLU L 287 -47.08 29.38 77.45
N THR L 288 -46.11 30.31 77.37
CA THR L 288 -45.13 30.44 78.44
C THR L 288 -45.77 30.85 79.76
N THR L 289 -46.75 31.77 79.72
CA THR L 289 -47.39 32.22 80.94
C THR L 289 -48.17 31.09 81.61
N SER L 290 -49.07 30.46 80.85
CA SER L 290 -49.91 29.41 81.44
C SER L 290 -49.10 28.19 81.85
N SER L 291 -48.04 27.85 81.11
CA SER L 291 -47.24 26.70 81.47
C SER L 291 -46.43 26.95 82.74
N VAL L 292 -45.79 28.12 82.83
CA VAL L 292 -45.03 28.45 84.03
C VAL L 292 -45.96 28.65 85.22
N LEU L 293 -47.16 29.19 84.98
CA LEU L 293 -48.15 29.29 86.06
C LEU L 293 -48.62 27.91 86.51
N SER L 294 -48.72 26.96 85.58
CA SER L 294 -49.12 25.61 85.95
C SER L 294 -48.07 24.95 86.84
N PHE L 295 -46.78 25.22 86.58
CA PHE L 295 -45.73 24.67 87.43
C PHE L 295 -45.80 25.25 88.83
N THR L 296 -46.16 26.53 88.96
CA THR L 296 -46.29 27.14 90.27
C THR L 296 -47.37 26.47 91.10
N LEU L 297 -48.57 26.28 90.50
CA LEU L 297 -49.66 25.66 91.24
C LEU L 297 -49.34 24.23 91.65
N TYR L 298 -48.60 23.50 90.83
CA TYR L 298 -48.15 22.17 91.22
C TYR L 298 -47.16 22.26 92.39
N GLU L 299 -46.17 23.15 92.27
CA GLU L 299 -45.16 23.29 93.31
C GLU L 299 -45.77 23.84 94.60
N LEU L 300 -46.74 24.74 94.47
CA LEU L 300 -47.43 25.25 95.66
C LEU L 300 -48.28 24.18 96.32
N ALA L 301 -48.85 23.26 95.52
CA ALA L 301 -49.65 22.19 96.09
C ALA L 301 -48.76 21.16 96.80
N THR L 302 -47.65 20.78 96.17
CA THR L 302 -46.73 19.82 96.77
C THR L 302 -45.91 20.40 97.90
N HIS L 303 -45.99 21.71 98.15
CA HIS L 303 -45.31 22.37 99.25
C HIS L 303 -46.32 23.27 99.95
N PRO L 304 -47.13 22.72 100.84
CA PRO L 304 -48.18 23.53 101.48
C PRO L 304 -47.65 24.64 102.38
N ASP L 305 -46.48 24.45 102.99
CA ASP L 305 -45.90 25.51 103.81
C ASP L 305 -45.53 26.72 102.99
N VAL L 306 -45.22 26.53 101.71
CA VAL L 306 -44.95 27.67 100.81
C VAL L 306 -46.25 28.34 100.39
N GLN L 307 -47.28 27.54 100.13
CA GLN L 307 -48.57 28.11 99.71
C GLN L 307 -49.20 28.94 100.82
N GLN L 308 -48.95 28.59 102.08
CA GLN L 308 -49.51 29.35 103.19
C GLN L 308 -48.69 30.60 103.50
N LYS L 309 -47.36 30.49 103.43
CA LYS L 309 -46.51 31.67 103.68
C LYS L 309 -46.66 32.70 102.57
N LEU L 310 -46.87 32.26 101.33
CA LEU L 310 -47.10 33.20 100.23
C LEU L 310 -48.44 33.90 100.37
N GLN L 311 -49.46 33.22 100.88
CA GLN L 311 -50.74 33.86 101.15
C GLN L 311 -50.71 34.76 102.37
N LYS L 312 -49.62 34.77 103.12
CA LYS L 312 -49.44 35.68 104.25
C LYS L 312 -48.82 37.01 103.82
N GLU L 313 -47.88 36.97 102.87
CA GLU L 313 -47.32 38.21 102.35
C GLU L 313 -48.33 38.97 101.50
N ILE L 314 -49.20 38.25 100.78
CA ILE L 314 -50.21 38.91 99.95
C ILE L 314 -51.28 39.55 100.82
N ASP L 315 -51.71 38.87 101.88
CA ASP L 315 -52.71 39.42 102.78
C ASP L 315 -52.17 40.52 103.68
N ALA L 316 -50.85 40.77 103.66
CA ALA L 316 -50.25 41.84 104.44
C ALA L 316 -50.11 43.13 103.63
N VAL L 317 -49.76 43.02 102.35
CA VAL L 317 -49.64 44.22 101.51
C VAL L 317 -51.00 44.68 101.01
N LEU L 318 -51.87 43.74 100.63
CA LEU L 318 -53.21 44.04 100.14
C LEU L 318 -54.22 43.31 101.02
N PRO L 319 -54.55 43.86 102.19
CA PRO L 319 -55.48 43.20 103.09
C PRO L 319 -56.89 43.14 102.52
N ASN L 320 -57.68 42.20 103.05
CA ASN L 320 -59.09 42.05 102.68
C ASN L 320 -59.26 41.76 101.19
N LYS L 321 -58.32 41.00 100.62
CA LYS L 321 -58.38 40.58 99.22
C LYS L 321 -58.47 41.78 98.28
N ALA L 322 -57.69 42.82 98.57
CA ALA L 322 -57.74 44.04 97.77
C ALA L 322 -57.19 43.78 96.37
N PRO L 323 -57.74 44.44 95.35
CA PRO L 323 -57.20 44.28 94.01
C PRO L 323 -55.79 44.83 93.94
N PRO L 324 -54.92 44.22 93.14
CA PRO L 324 -53.50 44.58 93.15
C PRO L 324 -53.27 45.97 92.56
N THR L 325 -52.03 46.45 92.73
CA THR L 325 -51.53 47.64 92.08
C THR L 325 -50.20 47.31 91.43
N TYR L 326 -49.71 48.23 90.60
CA TYR L 326 -48.40 48.01 90.00
C TYR L 326 -47.29 47.96 91.05
N ASP L 327 -47.36 48.87 92.03
CA ASP L 327 -46.32 48.93 93.05
C ASP L 327 -46.41 47.79 94.05
N ALA L 328 -47.63 47.32 94.35
CA ALA L 328 -47.78 46.23 95.31
C ALA L 328 -47.23 44.92 94.77
N VAL L 329 -47.45 44.66 93.48
CA VAL L 329 -47.03 43.38 92.89
C VAL L 329 -45.51 43.27 92.84
N VAL L 330 -44.83 44.35 92.46
CA VAL L 330 -43.39 44.26 92.17
C VAL L 330 -42.58 44.07 93.45
N GLN L 331 -43.09 44.53 94.59
CA GLN L 331 -42.32 44.52 95.84
C GLN L 331 -42.60 43.30 96.72
N MET L 332 -43.57 42.47 96.37
CA MET L 332 -43.79 41.23 97.11
C MET L 332 -42.61 40.29 96.89
N GLU L 333 -41.61 40.37 97.77
CA GLU L 333 -40.36 39.65 97.55
C GLU L 333 -40.57 38.15 97.56
N TYR L 334 -41.41 37.64 98.48
CA TYR L 334 -41.66 36.21 98.53
C TYR L 334 -42.39 35.73 97.28
N LEU L 335 -43.28 36.56 96.72
CA LEU L 335 -43.90 36.22 95.45
C LEU L 335 -42.88 36.24 94.31
N ASP L 336 -41.91 37.16 94.37
CA ASP L 336 -40.85 37.21 93.37
C ASP L 336 -39.83 36.10 93.56
N MET L 337 -39.62 35.65 94.80
CA MET L 337 -38.71 34.54 95.06
C MET L 337 -39.34 33.18 94.77
N VAL L 338 -40.67 33.08 94.78
CA VAL L 338 -41.32 31.82 94.41
C VAL L 338 -41.26 31.60 92.90
N VAL L 339 -41.51 32.66 92.12
CA VAL L 339 -41.42 32.56 90.67
C VAL L 339 -40.00 32.24 90.23
N ASN L 340 -39.00 32.74 90.95
CA ASN L 340 -37.61 32.47 90.58
C ASN L 340 -37.26 31.00 90.72
N GLU L 341 -37.86 30.31 91.70
CA GLU L 341 -37.62 28.88 91.83
C GLU L 341 -38.42 28.06 90.82
N THR L 342 -39.59 28.56 90.40
CA THR L 342 -40.33 27.91 89.34
C THR L 342 -39.54 27.94 88.03
N LEU L 343 -38.90 29.06 87.74
CA LEU L 343 -38.12 29.19 86.52
C LEU L 343 -36.78 28.47 86.60
N ARG L 344 -36.23 28.30 87.81
CA ARG L 344 -35.02 27.51 87.95
C ARG L 344 -35.31 26.03 87.73
N LEU L 345 -36.38 25.53 88.36
CA LEU L 345 -36.75 24.13 88.17
C LEU L 345 -37.35 23.90 86.79
N PHE L 346 -38.12 24.86 86.27
CA PHE L 346 -38.83 24.70 85.01
C PHE L 346 -38.66 25.93 84.13
N PRO L 347 -37.51 26.07 83.46
CA PRO L 347 -37.38 27.08 82.41
C PRO L 347 -37.92 26.54 81.10
N VAL L 348 -38.94 27.20 80.55
CA VAL L 348 -39.63 26.69 79.36
C VAL L 348 -38.67 26.51 78.20
N ALA L 349 -37.78 27.48 77.98
CA ALA L 349 -36.73 27.33 76.99
C ALA L 349 -35.59 26.58 77.66
N ILE L 350 -35.43 25.30 77.29
CA ILE L 350 -34.48 24.44 77.97
C ILE L 350 -33.06 25.00 77.87
N ARG L 351 -32.75 25.63 76.74
CA ARG L 351 -31.39 26.05 76.45
C ARG L 351 -31.41 27.43 75.81
N LEU L 352 -30.24 28.04 75.73
CA LEU L 352 -30.04 29.27 74.96
C LEU L 352 -29.13 28.94 73.78
N GLU L 353 -29.54 29.36 72.59
CA GLU L 353 -28.88 28.96 71.35
C GLU L 353 -28.43 30.18 70.56
N ARG L 354 -27.23 30.09 69.98
CA ARG L 354 -26.67 31.14 69.15
C ARG L 354 -25.99 30.52 67.95
N THR L 355 -25.88 31.30 66.87
CA THR L 355 -25.27 30.86 65.63
C THR L 355 -24.03 31.70 65.33
N CYS L 356 -22.96 31.03 64.91
CA CYS L 356 -21.72 31.70 64.57
C CYS L 356 -21.83 32.35 63.19
N LYS L 357 -21.71 33.67 63.14
CA LYS L 357 -21.78 34.40 61.88
C LYS L 357 -20.50 34.25 61.06
N LYS L 358 -19.37 33.99 61.72
CA LYS L 358 -18.10 33.77 61.05
C LYS L 358 -17.27 32.79 61.88
N ASP L 359 -16.06 32.51 61.40
CA ASP L 359 -15.14 31.67 62.17
C ASP L 359 -14.72 32.41 63.42
N VAL L 360 -14.84 31.74 64.57
CA VAL L 360 -14.60 32.38 65.87
C VAL L 360 -13.58 31.57 66.65
N GLU L 361 -13.05 32.22 67.70
CA GLU L 361 -12.16 31.57 68.66
C GLU L 361 -12.71 31.85 70.06
N ILE L 362 -13.03 30.77 70.78
CA ILE L 362 -13.55 30.88 72.15
C ILE L 362 -12.79 29.87 73.00
N ASN L 363 -12.06 30.38 74.01
CA ASN L 363 -11.22 29.55 74.87
C ASN L 363 -10.21 28.74 74.06
N GLY L 364 -9.66 29.38 73.02
CA GLY L 364 -8.71 28.70 72.15
C GLY L 364 -9.32 27.55 71.38
N VAL L 365 -10.57 27.69 70.95
CA VAL L 365 -11.29 26.65 70.21
C VAL L 365 -11.87 27.27 68.96
N PHE L 366 -11.48 26.73 67.80
CA PHE L 366 -11.94 27.25 66.52
C PHE L 366 -13.31 26.66 66.19
N ILE L 367 -14.26 27.52 65.83
CA ILE L 367 -15.61 27.13 65.47
C ILE L 367 -15.89 27.68 64.08
N PRO L 368 -16.29 26.86 63.11
CA PRO L 368 -16.54 27.37 61.75
C PRO L 368 -17.80 28.21 61.68
N LYS L 369 -17.97 28.86 60.53
CA LYS L 369 -19.11 29.72 60.30
C LYS L 369 -20.39 28.90 60.14
N GLY L 370 -21.46 29.33 60.81
CA GLY L 370 -22.73 28.68 60.74
C GLY L 370 -23.05 27.77 61.90
N SER L 371 -22.03 27.37 62.67
CA SER L 371 -22.23 26.44 63.78
C SER L 371 -23.09 27.09 64.88
N MET L 372 -23.49 26.26 65.84
CA MET L 372 -24.40 26.68 66.89
C MET L 372 -23.75 26.49 68.25
N VAL L 373 -23.86 27.51 69.10
CA VAL L 373 -23.39 27.44 70.48
C VAL L 373 -24.61 27.40 71.39
N VAL L 374 -24.57 26.52 72.38
CA VAL L 374 -25.71 26.26 73.26
C VAL L 374 -25.29 26.54 74.70
N ILE L 375 -26.14 27.26 75.42
CA ILE L 375 -25.99 27.41 76.86
C ILE L 375 -27.08 26.55 77.52
N PRO L 376 -26.73 25.39 78.09
CA PRO L 376 -27.76 24.51 78.68
C PRO L 376 -28.38 25.11 79.92
N THR L 377 -29.46 25.86 79.74
CA THR L 377 -30.10 26.53 80.87
C THR L 377 -30.62 25.53 81.90
N TYR L 378 -31.27 24.46 81.43
CA TYR L 378 -31.82 23.47 82.35
C TYR L 378 -30.72 22.75 83.11
N ALA L 379 -29.64 22.39 82.44
CA ALA L 379 -28.57 21.64 83.10
C ALA L 379 -27.88 22.48 84.16
N LEU L 380 -27.66 23.77 83.88
CA LEU L 380 -27.00 24.63 84.86
C LEU L 380 -27.93 24.98 86.02
N HIS L 381 -29.23 25.08 85.76
CA HIS L 381 -30.17 25.31 86.85
C HIS L 381 -30.24 24.13 87.82
N HIS L 382 -29.97 22.93 87.33
CA HIS L 382 -29.98 21.72 88.16
C HIS L 382 -28.57 21.25 88.51
N ASP L 383 -27.57 22.10 88.35
CA ASP L 383 -26.19 21.72 88.65
C ASP L 383 -25.98 21.77 90.17
N PRO L 384 -25.59 20.67 90.81
CA PRO L 384 -25.29 20.72 92.25
C PRO L 384 -24.09 21.59 92.59
N LYS L 385 -23.28 21.97 91.60
CA LYS L 385 -22.13 22.85 91.84
C LYS L 385 -22.57 24.23 92.29
N TYR L 386 -23.69 24.73 91.78
CA TYR L 386 -24.16 26.08 92.07
C TYR L 386 -25.34 26.13 93.03
N TRP L 387 -26.15 25.07 93.11
CA TRP L 387 -27.34 25.05 93.94
C TRP L 387 -27.29 23.85 94.88
N THR L 388 -27.56 24.09 96.15
CA THR L 388 -27.56 23.03 97.16
C THR L 388 -28.85 22.22 97.04
N GLU L 389 -28.71 20.93 96.75
CA GLU L 389 -29.84 20.02 96.56
C GLU L 389 -30.80 20.62 95.53
N PRO L 390 -30.41 20.63 94.25
CA PRO L 390 -31.15 21.44 93.26
C PRO L 390 -32.53 20.92 92.93
N GLU L 391 -32.83 19.65 93.18
CA GLU L 391 -34.11 19.10 92.76
C GLU L 391 -35.28 19.52 93.64
N GLU L 392 -35.02 20.14 94.78
CA GLU L 392 -36.08 20.52 95.70
C GLU L 392 -36.49 21.97 95.47
N PHE L 393 -37.69 22.30 95.94
CA PHE L 393 -38.29 23.62 95.70
C PHE L 393 -38.07 24.48 96.95
N ARG L 394 -37.06 25.34 96.89
CA ARG L 394 -36.71 26.21 98.01
C ARG L 394 -36.55 27.65 97.52
N PRO L 395 -37.61 28.47 97.64
CA PRO L 395 -37.51 29.87 97.18
C PRO L 395 -36.52 30.71 97.97
N GLU L 396 -36.03 30.24 99.11
CA GLU L 396 -35.14 31.04 99.95
C GLU L 396 -33.75 31.20 99.36
N ARG L 397 -33.41 30.47 98.29
CA ARG L 397 -32.09 30.58 97.69
C ARG L 397 -31.86 31.98 97.10
N PHE L 398 -32.91 32.61 96.61
CA PHE L 398 -32.81 33.92 95.96
C PHE L 398 -32.85 35.08 96.95
N SER L 399 -33.04 34.81 98.24
CA SER L 399 -33.10 35.87 99.25
C SER L 399 -31.74 36.52 99.44
N ILE L 405 -25.83 34.90 93.22
CA ILE L 405 -26.40 34.39 91.97
C ILE L 405 -25.65 34.96 90.78
N ASP L 406 -25.63 34.23 89.67
CA ASP L 406 -24.90 34.60 88.49
C ASP L 406 -25.85 34.81 87.32
N PRO L 407 -25.77 35.94 86.60
CA PRO L 407 -26.65 36.15 85.44
C PRO L 407 -26.31 35.28 84.22
N TYR L 408 -25.25 34.46 84.30
CA TYR L 408 -24.90 33.55 83.21
C TYR L 408 -25.10 32.08 83.57
N ILE L 409 -25.24 31.75 84.85
CA ILE L 409 -25.66 30.42 85.27
C ILE L 409 -27.17 30.33 85.38
N TYR L 410 -27.79 31.35 85.97
CA TYR L 410 -29.24 31.44 86.11
C TYR L 410 -29.75 32.30 84.96
N THR L 411 -30.26 31.66 83.91
CA THR L 411 -30.69 32.35 82.68
C THR L 411 -32.07 31.87 82.26
N PRO L 412 -33.10 32.17 83.05
CA PRO L 412 -34.46 31.78 82.63
C PRO L 412 -34.99 32.63 81.50
N PHE L 413 -34.59 33.90 81.42
CA PHE L 413 -35.02 34.80 80.35
C PHE L 413 -33.88 35.20 79.44
N GLY L 414 -32.67 34.70 79.66
CA GLY L 414 -31.53 35.05 78.85
C GLY L 414 -30.89 36.36 79.29
N THR L 415 -29.71 36.61 78.69
CA THR L 415 -28.92 37.80 78.99
C THR L 415 -28.27 38.29 77.71
N GLY L 416 -28.26 39.61 77.52
CA GLY L 416 -27.65 40.21 76.37
C GLY L 416 -28.67 40.89 75.46
N PRO L 417 -28.21 41.38 74.32
CA PRO L 417 -29.14 42.00 73.35
C PRO L 417 -30.21 41.06 72.82
N ARG L 418 -29.96 39.74 72.82
CA ARG L 418 -30.92 38.76 72.34
C ARG L 418 -31.76 38.15 73.46
N ASN L 419 -31.82 38.80 74.62
CA ASN L 419 -32.58 38.27 75.74
C ASN L 419 -34.08 38.41 75.46
N CYS L 420 -34.89 37.90 76.40
CA CYS L 420 -36.33 37.90 76.22
C CYS L 420 -36.87 39.33 76.22
N ILE L 421 -37.54 39.71 75.13
CA ILE L 421 -38.09 41.05 75.01
C ILE L 421 -39.39 41.22 75.77
N GLY L 422 -40.01 40.12 76.22
CA GLY L 422 -41.24 40.21 76.96
C GLY L 422 -41.11 39.73 78.39
N MET L 423 -39.94 39.93 78.99
CA MET L 423 -39.69 39.43 80.33
C MET L 423 -40.52 40.18 81.37
N ARG L 424 -40.50 41.51 81.33
CA ARG L 424 -41.22 42.30 82.32
C ARG L 424 -42.73 42.13 82.17
N PHE L 425 -43.23 42.00 80.95
CA PHE L 425 -44.66 41.73 80.75
C PHE L 425 -45.04 40.36 81.29
N ALA L 426 -44.18 39.36 81.09
CA ALA L 426 -44.51 38.00 81.49
C ALA L 426 -44.60 37.88 83.01
N LEU L 427 -43.69 38.55 83.73
CA LEU L 427 -43.68 38.45 85.18
C LEU L 427 -44.91 39.12 85.79
N MET L 428 -45.39 40.21 85.18
CA MET L 428 -46.51 40.95 85.74
C MET L 428 -47.79 40.11 85.72
N ASN L 429 -48.26 39.75 84.52
CA ASN L 429 -49.51 39.00 84.40
C ASN L 429 -49.41 37.60 84.98
N MET L 430 -48.19 37.09 85.20
CA MET L 430 -48.02 35.86 85.97
C MET L 430 -48.26 36.12 87.46
N LYS L 431 -47.61 37.14 88.01
CA LYS L 431 -47.79 37.47 89.41
C LYS L 431 -49.22 37.90 89.69
N LEU L 432 -49.84 38.62 88.74
CA LEU L 432 -51.24 39.02 88.92
C LEU L 432 -52.15 37.79 88.99
N ALA L 433 -51.94 36.83 88.09
CA ALA L 433 -52.75 35.61 88.11
C ALA L 433 -52.54 34.84 89.40
N LEU L 434 -51.31 34.83 89.93
CA LEU L 434 -51.04 34.18 91.21
C LEU L 434 -51.75 34.90 92.35
N ILE L 435 -51.57 36.21 92.44
CA ILE L 435 -52.18 36.99 93.52
C ILE L 435 -53.70 36.85 93.50
N ARG L 436 -54.30 36.95 92.31
CA ARG L 436 -55.75 36.92 92.20
C ARG L 436 -56.32 35.58 92.65
N VAL L 437 -55.66 34.48 92.31
CA VAL L 437 -56.19 33.16 92.68
C VAL L 437 -55.78 32.76 94.10
N LEU L 438 -54.64 33.24 94.57
CA LEU L 438 -54.19 32.87 95.92
C LEU L 438 -54.92 33.66 97.00
N GLN L 439 -55.29 34.91 96.74
CA GLN L 439 -56.07 35.68 97.70
C GLN L 439 -57.53 35.26 97.76
N ASN L 440 -57.96 34.33 96.89
CA ASN L 440 -59.32 33.81 96.91
C ASN L 440 -59.40 32.30 96.92
N PHE L 441 -58.30 31.57 96.75
CA PHE L 441 -58.36 30.12 96.68
C PHE L 441 -57.08 29.53 97.28
N SER L 442 -57.14 28.21 97.53
CA SER L 442 -55.99 27.41 97.90
C SER L 442 -56.02 26.13 97.08
N PHE L 443 -54.84 25.68 96.65
CA PHE L 443 -54.71 24.57 95.72
C PHE L 443 -54.16 23.35 96.44
N LYS L 444 -54.90 22.24 96.37
CA LYS L 444 -54.55 20.98 97.00
C LYS L 444 -54.23 19.92 95.96
N PRO L 445 -53.30 19.02 96.24
CA PRO L 445 -53.06 17.89 95.35
C PRO L 445 -54.15 16.82 95.53
N CYS L 446 -54.50 16.17 94.42
CA CYS L 446 -55.53 15.14 94.46
C CYS L 446 -55.03 13.82 93.89
N LYS L 447 -55.95 12.98 93.42
CA LYS L 447 -55.57 11.68 92.89
C LYS L 447 -54.91 11.81 91.54
N GLU L 448 -55.45 12.66 90.66
CA GLU L 448 -54.84 12.90 89.36
C GLU L 448 -53.53 13.66 89.46
N THR L 449 -53.20 14.23 90.62
CA THR L 449 -51.93 14.93 90.81
C THR L 449 -50.76 13.96 90.65
N GLN L 450 -50.05 14.06 89.54
CA GLN L 450 -48.97 13.15 89.22
C GLN L 450 -47.75 13.49 90.05
N ILE L 451 -47.42 12.62 91.02
CA ILE L 451 -46.26 12.80 91.88
C ILE L 451 -45.43 11.52 91.84
N PRO L 452 -44.13 11.58 91.49
CA PRO L 452 -43.44 12.82 91.09
C PRO L 452 -43.81 13.25 89.67
N LEU L 453 -43.69 14.55 89.40
CA LEU L 453 -44.08 15.09 88.11
C LEU L 453 -43.05 14.70 87.05
N LYS L 454 -43.54 14.15 85.93
CA LYS L 454 -42.67 13.78 84.82
C LYS L 454 -42.78 14.83 83.72
N LEU L 455 -41.63 15.30 83.25
CA LEU L 455 -41.58 16.28 82.18
C LEU L 455 -41.72 15.57 80.84
N ASP L 456 -42.40 16.22 79.90
CA ASP L 456 -42.57 15.65 78.57
C ASP L 456 -41.25 15.77 77.79
N THR L 457 -41.16 14.98 76.72
CA THR L 457 -39.93 14.86 75.96
C THR L 457 -39.96 15.63 74.64
N GLN L 458 -41.01 16.41 74.39
CA GLN L 458 -41.19 17.09 73.11
C GLN L 458 -41.58 18.54 73.33
N GLY L 459 -41.15 19.39 72.40
CA GLY L 459 -41.51 20.80 72.38
C GLY L 459 -41.00 21.53 73.60
N LEU L 460 -41.69 22.63 73.95
CA LEU L 460 -41.35 23.40 75.13
C LEU L 460 -41.55 22.58 76.39
N LEU L 461 -41.02 23.09 77.50
CA LEU L 461 -41.08 22.38 78.76
C LEU L 461 -42.52 22.23 79.23
N GLN L 462 -43.09 21.04 79.07
CA GLN L 462 -44.45 20.73 79.46
C GLN L 462 -44.47 19.42 80.25
N PRO L 463 -45.46 19.23 81.11
CA PRO L 463 -45.58 17.93 81.81
C PRO L 463 -46.02 16.84 80.85
N GLU L 464 -45.78 15.60 81.27
CA GLU L 464 -46.17 14.44 80.47
C GLU L 464 -47.70 14.40 80.29
N LYS L 465 -48.42 14.30 81.41
CA LYS L 465 -49.86 14.34 81.43
C LYS L 465 -50.35 15.68 81.98
N PRO L 466 -51.48 16.19 81.50
CA PRO L 466 -51.95 17.51 81.97
C PRO L 466 -52.11 17.55 83.49
N ILE L 467 -51.56 18.59 84.10
CA ILE L 467 -51.62 18.75 85.55
C ILE L 467 -53.06 19.02 85.96
N VAL L 468 -53.50 18.33 87.01
CA VAL L 468 -54.86 18.46 87.53
C VAL L 468 -54.78 18.66 89.04
N LEU L 469 -55.56 19.60 89.56
CA LEU L 469 -55.59 19.90 90.98
C LEU L 469 -57.04 20.05 91.44
N LYS L 470 -57.20 20.23 92.75
CA LYS L 470 -58.49 20.54 93.35
C LYS L 470 -58.37 21.87 94.07
N VAL L 471 -59.26 22.80 93.74
CA VAL L 471 -59.20 24.18 94.21
C VAL L 471 -60.27 24.38 95.28
N ASP L 472 -59.89 25.01 96.40
CA ASP L 472 -60.78 25.29 97.51
C ASP L 472 -60.77 26.78 97.82
N SER L 473 -61.84 27.23 98.47
CA SER L 473 -61.97 28.64 98.84
C SER L 473 -61.08 28.98 100.02
#